data_8XQW
#
_entry.id   8XQW
#
_cell.length_a   1.00
_cell.length_b   1.00
_cell.length_c   1.00
_cell.angle_alpha   90.00
_cell.angle_beta   90.00
_cell.angle_gamma   90.00
#
_symmetry.space_group_name_H-M   'P 1'
#
loop_
_entity.id
_entity.type
_entity.pdbx_description
1 polymer Fhl1
2 polymer Fhl3
3 polymer Ycf2
4 polymer Ctap1
5 polymer Ctap6
6 polymer ARHL
7 polymer PcyA
8 polymer CrTam39
9 polymer ACP
10 polymer CrTam29
11 polymer CrTam34
12 polymer FADL
13 polymer CrTam15
14 polymer CrTam49
15 polymer Ctap7
16 polymer Tic22
17 polymer DnaJ
18 polymer CrTam35
19 polymer CrTam31
20 polymer UNK
21 polymer UNK
22 non-polymer 1,2-DISTEAROYL-MONOGALACTOSYL-DIGLYCERIDE
23 non-polymer 'PHOSPHOAMINOPHOSPHONIC ACID-ADENYLATE ESTER'
24 non-polymer 'MAGNESIUM ION'
25 non-polymer 1,2-DI-O-ACYL-3-O-[6-DEOXY-6-SULFO-ALPHA-D-GLUCOPYRANOSYL]-SN-GLYCEROL
26 non-polymer 'DIACYL GLYCEROL'
27 non-polymer 'CHOLESTEROL HEMISUCCINATE'
28 non-polymer Beta-Sitosterol
29 non-polymer 'DIGALACTOSYL DIACYL GLYCEROL (DGDG)'
30 non-polymer 'ZINC ION'
#
loop_
_entity_poly.entity_id
_entity_poly.type
_entity_poly.pdbx_seq_one_letter_code
_entity_poly.pdbx_strand_id
1 'polypeptide(L)'
;MQAAMHAQRPAGPPCSSAPSTSYPVAPSPVSSRSRGLHARRGVAEQRSLGCRSTGSSDQHSNTNDGASGPSRPEQGPELD
WSGLPRRQLAAMAMSPFAALSLPLVNDPAWQQSFETYGGKLREVLLGQQEAAKNVAKQLDEGVTYMDWTYRSTGVDLSAV
WDPELWIRFREAVAQNEPAIFWNKLLDRVQYKENLPQAGLVGDMRISYAKFLELLKDQRVKRLVVYGDMRTAVVEVPHPW
SASVLGHPATHPFYEDSAHNRVSMLRPNPAAPEDVTQWFCAEMPEWDMEKYRFYVDLPGDFWESGVLQRHLAAQRAEGAV
WDPASGQYILPYRAQKKVFQVSTEVQLLDPQESWDFLGWLLAPGRLEFYEKAACVAIALRVLGIVIAISTGSPLFKLVNV
GWGKLRGKGKKNATKDPKKMSKQEKKESQWERLTSSRAREFMTKDEKTGKMRDTGVRFEDIAGMEFLVTEMREIVRMLKG
DEAYKRVGAKCPKGIIFQGPPGTGKTYLARAIAGEAEVPFFSSVGSEFVEMFAGVAAARVNSLFYNARKKAPAIIFIDEI
DAIGRARSTLGGDPGSMERESALLAMLVQMDGIANKTEQVLTIGATNLAQELDAALLRPGRFEVVYEVPQPGPSARMAIL
RYHAKGKPLEGDGQRLLLKTAEATQGWSAAALANLMNEAAILTVRRNVPAISLPMVLELVEGLNWGEQAPRIPDSEAKDR
LALITAAKAVAFALTPGLEPIKSVTMWSGRRGLGPSVDFIAMEDKAAMDMHPEETELMGWRTNFKTNAAVVGDEPLGEFA
HVAGLLVPLYAGRAAEVALFGKDGASLATAQPLADCFEIAYYCVRNSQVHPRFKSLPPLHTTMWLGRDDAGRWRRDPLAI
GFDEELGYHKLTLTLLKASWRRALRLVAQRRSAITKVAAEMLAAPEEKITGARLVEIIESTPLDDLGGEGLDGAAAAAVV
EEAGNEFLPLLKEVLGQVPGIILTGESLAQTDDQGRPLPPSSASTSSADAAASDAAASAGPATELRLDDATLAAVSRTLM
GRLDVVDLIGRNTAVEAAERVRDALLHPETRERLLAMRRWVEGGPGAPEFPPSPLSPEQTAAMSPSGPLYGNLALNLDWW
RRRQDNVISWSAMEILMSRRQVDLYKQDADMTEGAIAKLGPPPAAPAAAIGSSSKSSSGQSS
;
A
2 'polypeptide(L)'
;MRMSGMAIRCAASGSLLASPAASSRPAWRAAPVLCSPRVPCTPLELGVSCRRSCMQRRWSRAANVRTLATSRGEQPQDSG
PSTSGRAELPLDSGIGKLISTTAKAIGLVGLMAVAVLSGPTRAAHARDRLSAQPAAEALIHHQQPYQQPHHHQQQHRSAG
AVANPVLSDLAAAPATLEPATLEPATSTTSALTPVEAAYSAYLRRIAEAYLAEHPQMAAPEHAAHVARVVRSRALGTPLS
FDELMRSAVPAPGEVPNRNSRGQVAEQVRAILDQYDREDFDLGIKQFMLEAKVKAKLEAASRGTSRDRAAPKDYEEALAA
ELFAAEEGAAPKEKAK(TPO)EDMVDDAF(TPO)(TPO)EVVEEAMALFGDANSVKTAWRTQEVLRELSYTQLWALVGEG
HVARVRFYGPEKNKVMATTRASAPGGERLCKVVLPPDPELLDHLVSNGVVVDTGVTEDDRLRASLLVQMLRYTVPFMVIS
GLFWMIHTWILDPLPNKFRRQEFIRYRREMLHVASKLNFRTPAREVRIDTGSPDFIKWDDINGIDEVKKEINEIIEYLRN
PALLRSRGVARIGGVLLAGAPGTGKTLLAKAIAAEGGVRMFTCSGTDFYDVYSGVGARRVRETFDRLRNAAPAILFIDEF
DAMGAARGAQASGDESASIINELLVQMDGFEDNRGIVVLGATNRPGAIDSALIRPGRFDRIIYMPLPDALGRAKIMQVHA
RNKAVDPNINWYEVARAMAGFTGADVMGLMARAARMAARQGRHAITEDDIYAAMENKTMEATLEASTAGDGGGLVGGEGV
EGSPDPIPPQLRRAVSVYEAGKALLAYITPDYEEIARVSVCPLNVLTGFTLFVEDEDKNVNAILTRSELEGRMVVHLAGR
CAEKLVMGEGQMTGMGSPDLFHANLIAREMIMSMGMGRRTGPIDLLRVAATSEAASGADTLRAGPAAADGDPFYYHTTDM
STEQARVALAEVVELLDAAEAKAMYGLAINWRALQALTQALLDRGTITGKEVAHILESNGVIHFPDPYTTGFGWDPDGSL
RYPFKPDTPPEGGSGGGGAAAEGSAPQTPDLSGARGKTWFAGTAYDAPRNADGTFKHGWHWNMPFSVKTELPDWYKKEVE
RYSY
;
B,C
3 'polypeptide(L)'
;MTFLNHYTYLFSIPEKQADKVSGILRLAQARPIETLQNERINKQLNAFLKTYKFEKLITNYKKMQSFIPNNSLNGNKTNS
STNKLYATSLNVFPENPPLMVRKAVSDEADKFSKFTYSKVQVVTNNLNNGMNSKEFIKANNLKPSLRAAESLVLNHLTYN
KFKENLYFKTNNIQPTKSKSTSLFFLNILSNSKPRTCSDFLSSPKIRKTWFRNTAWSLQTQQHRSSNGINLSLQLPYALG
PSVPAGASGQNMYELPVAQSSSRFGTYYFLQKLLSKYLDVWNASADNGSVLSNSENIKLNFSMVSLLDSKMAIQTPNSLY
FVFTQLNQKTFLSYWLLPVAGLALLTPTLLTLTGQSVSVQKFNSFINKKTDMMVLSNTEMPSKSFGTPTLFGTSVEIYLP
NSYMPKGEGESGINRVNSSINAVKKNTVTANLVLDSESQEVATSFQNDLISIKYCFNNLYNYISNKTALSTKNLFLFSAI
KSNATKHKRTQSFFSVENTTTLGNNSNFVKGHFKSSINAFSSYLPSTNVHSMIPLTSLPYLKAISPLYSKFMIDHSLKFI
TPKTTLKLLQHKLNKSPKQMYTKTQNFTGLRDLRALNSFSFGQVNFRTNHFLHSNSRPLNHYNQALKLINGYEQYKNNLQ
INCNKTLDLNTKNKLVYQVNKSHLFNQKCSQIVYKQSLYNRDLCTIRGTGTKVVDYFSHGDKLSNKNGIVLDYFVYSNLL
FDNKTNTIINKDGKQNITKLKLNLTKTTVPFKTLIKKYTSINSLVANEQTRNNLNLGLIHFNGHLSVVSNANLLTGRPVK
FIYYKFDKRLNSYLIYVNQNLKKFIQLNNNFLKPKPLSHQKNKPVEDFNQYATNNSSPPKTNVFEKSFVEDSSLRKPLTS
LRGSKQFLNSLTILFKHQKMFKKKTLKAHKWHSDTQGIFRKHTNSSFGSANFSNGPEESSLSTRLHIQKKRKAKKQRLET
RRQKKRTRFFPRPVWLRSRMFLNFLTERNKYYLNSTITKQGFSLPSKDVVTTKLDWLKEDMRRLPLGAYQYKSLLTQKAG
NKFQRQSFTEVVSTMEYINGIHKALNNSIFNKIVRKSLLSSSQNPLKLRLVANYSKMQFMHRVKLPFYRTLKHSEGTKNL
ANKKQNLRDIKIKANYNNFKSQKANNQPQQNDKDKDKDTMFRDFWVWSYNNTQTNAFNQNLWWLLPNLTTKQSNLEFLTS
TYPTAKETQRAKEEIHGNSIPTASKNQIALIRLNWALNKTNINTFTDYSKRNNLWTTQKLRNQSKNNKTKSLEKQFITNW
EKFFLNKNLNIFSKKIISKVKQKKQKLNYMTSYLNVQSEHNVKIFHNSWWTHLNIKNLVNNQDMVIPVREGYFSVGNFNS
EFINSAIIKSINNKTLVENYVYSPSSEKETMQLLLMSSSILLHLCAIISLVSISQVRCFVKFHLILLYKLSNVYNAILNQ
LSNKLQKNLPIYNNINKLNSRYFYMNHQKSQIKQRKKLLTYFSLTLLKKQFVTVKPLQIRNFASIKNQSSNNSNLTYTDM
LPLSLRANKFRGSKYDISIREEEGQSAHIKPSKSMYAKLNILSLKTIFLKQLLMNKKPSALPSNVGLKSNRETQKSQLIQ
RIKTKELQISLKKNIIGFSKVTKNHILKILFNVIEVFQTAVRNISSFFEKPAEFTTTWIAYGFLVEWSSDFITIIPENVD
IYIWNVFSKIYRTIPLSFISTTLGPASTVFDPVTNSTIPIQMGNFNYQKMVAFPILLSLSHLLHRRILYLFDTLFSTITQ
PDTDLIARQEKGTLFWDIWADFLVTAADYYNVNVAALSTIKAEQNSLIENISNDFDNLTMSSKKPFFMPNKGVSNIKNIF
WIKKLKEPQLPESIVQNREVFVRERKRTLKGLFNIYAPQEETLWNNPTSPKNLSDEKISFKLFNQLNLQLFAEKNKIKPY
FEAYFSTTQQKTNIMQSAFPEANLNRWSVNQFITYQSWHSHNGSNNSNGDLFIDYHPPKTFSHIPALKYNSILQQPIGSL
VCQIYSGLFNKQISKNILLVNPKTTSNNLVDYNVLLIQALAGETEMKIITDNAQRYALVNRGFAIGIKLLREVFDAIALN
TPCIFLLEDIHAIGERRPMLISDFGGGMSDDNGSFKEDFFGSQRDEVHEKNQVVYQLTRHAITHYKKPFKGDYSLAIPTN
LYVTDLFLKLPTQSISNLTNVENHNLSIKNKIQHNGTQSLTETKRNLGGDINKNSYLQLTQFTKTLAPPSTSPFSVLLLK
EEKRLKPNKIVEELPWTSLPGEQLATKPRTSYSVRAKVAMLAELSLSNLSAKLDMITDLLVIIDSVRSNKGFVVFATTDI
PHVLDPALRRPGRLDETICLPNIHTSNILNFTKNYEIFKSAKDTSNFGKKIILNEMQNLTTTSTQRDMYLSCLPTNNQTH
KTKREGVLTMNLKDYNILLNQVYFAEGTGGILNSQMHKDSLQKSLNFALISHSKKLKELNVSKLIGSNGTVSQGNVDQLG
VFAGQIVNKQKKSLQQHLPNSKKSFKKKYKDKAIIYYEVGKFVLNYFLNNQLTQSSIIDKPVSVTNKQTNDITIFGNDFL
NLKTINYLSLYNSKNKILLQLMLIFGGKISQLLSSKNLVKSLKQASINSYMVEEESGSISSAGMPLGQTHLLPKALSVLA
KPMIFSDGYNNQNLKTATTLLLSFIHKRYLYRKNLIVPKLLSFADGNILDEPPSPPFSSLLIPAKRFENYKRFFRDTLTG
DKMGQRKSQITLLEKLQYHMQLRSIKQLNATFSSQENLDFQSNAALTSQKLDTLMSLSTNNLLQNPTNINWYYQNRILKR
HGQYLTNQWWNGQLSEHNAETVFLSDIDWRSSFIKNKNINITKSKNLYRLTQQKNNTDGLDVLLDFPDTDQYYNPKRRRW
LLNNGSWNFWFNFDKLYSEEIVTTWILESLIQTYKYLHKNTELLDFVTNKFITLGYIAPENANLQNISGFPSQSELLSTK
EIILTNSFKRF
;
D
4 'polypeptide(L)'
;MRSAELGRPPRLAQSRLRNVSSHHVTNSCLWLRPPGCRRLVASCAASKESSSASLTAERFITDAKELNATGSGLPIIDGP
DWEEQHWAALKAMSAGRPVALPTPHAKFGPEDLQRIAASGPRLEDLTLEHAERLAGPGQLPTAPDGVALAFRYIPRSVLG
DFRQEVEPDWRSLPAMSPAELYAGLRARNWTSAHYDPAAEPWRLQVFSCDYKHTGVTGWPGYRVVVTSRGGRRRWVDLAE
EGELVQLTEQAPPASPADIGYSHVFAQLYQAYEPRYSPEALAALYGSSSSKGKAAAAAAAQHDTPALRHLDVSYHGTGSA
VAPGSGTAFLMQPSWDAVTGAIRWGLERSGLPELRALRDSLLPEWRPPALELNRSNNNLGVVYFAVCLTLGIVIPALRRS
RILDIRTLEEDPGAAMEFARSKSEARKEGLTGVEFRDVAGLGPILNEVVEVVEFLKDPGTFSKLGARPPKGILLEGDPGT
GKTLLAKALAGEAMVPFYQMSGTEFTEGIVGLGAARVRDLFKRARATAPCVIFVDEIDALGLRRAENDSAKTNEEREQTL
NQLLTEMDGFTPDTGVVFLGATNRADLLDPALMRPGRFDRKIRMPKPDTEGRLEILKLHLRNKQVAPDVDLLQLARDLPG
LVGADLANIVNEAAMTAVRSGRQQLTARDIYAGVDRFTQGEVRPSLPTAHKLPVLCFAAKEIGIALVAGELRDRYGRVEL
VERVSIQPKGRAYSRTMFQRGTDEEYQLMTRGRLLDRIRLALAGGFAVRTALGEETNFTAADIKRATRMAKKYVFYYGFS
EAGGAGITTWANQPYSGDFVIGQQRARKVVSTDAMDAFADWPTVSEDFRFDAPSPSDVTWHRYTDEVRRVLKGCSEDVLG
ILAERQEAMWAGIKALSDRKELLGSELRDIFDAHPAATSRDRDARAELAAAKLDMTIFTEGANSRWPYGIEWLDDAYPKP
YWVQQQEAEAAEAQAKQPAAAL
;
E
5 'polypeptide(L)'
;MKATGLPSLPARALGAAGCSTSPRPAALGWSSRGCASGRRRACARVHVADAEAVASGVAATEAAAAVPALPARATAVVAP
LPEKNYGSLRGGRWPFLYDNVYGLPVVRQVASYGEVLEGIRTGRISQVLWFQAPRAVTASAAAPPPGLGGPQQPQPPPLA
SPDGRCLVRFANGQVKQAVIPPGEPRISQALQQYGTAVSYIPLEPRYMPELAAMRARGAQEAVLGEVDTGAVATPVELPE
DERRGAAVGPTAFEAVAAYGSPEQLAAALDDNYQAAAGQVAALLAEREAWVAEQEALEAAARAERSMSDRAGGGGGGGGT
ALVPSGGFSVGAWLDSIQLTNEQQAMVLKYVPILGPILGSGFIIGLYLLARLVKGDLTDRLKMMDSEADKKKKTALKEAR
IAFLEEEVPGLVAKGASLDDVRKRVQPVNARLGTKLAIGDGEIQSTYEACRLLLSEGVDLSAASSTAASGALAQMESDER
RAAAGAAEGGGEGGDAMNAMMEMGKLNTARIRKATDPKIMDVKKRVRDVRRKLKRESKVQLSDEIIFFDDIAGNKQAKVE
LMEVVDFFRTPEKFKASGARAPKGVLLVGPPGNGKTLMARAVAGESGVAFISSSAAEFIEMYMGLGAARVRDLFNTARSV
APCIIFIDELDAVGRQRQGGGRSNDERDNTVNQLLTEMDGFEAEQQGIVVMGATNRKDVLDAALTRPGRFDRSIEVRRPD
FQGRLEAVKVHLRDKPVAAEIDYVSLASLMGGMSGAQIAGVANTACFLASRDGRSEVNQTDLTLAVEQAKYGRAYDQSRF
VGAGRKKRFAVMEASIALAATLLPAIEPVEYATIIPSTRSPLGRTVLKPHVGRYTTGVWTYRYLREQLLVALAGRAGEEL
VLGRDELSSLNQHRLQMARQVAWKIMNSGMSSHPDYQHLRGLGSNYFDGSSEPGRFQQTTVVMDANQTRSEAVDADMEVE
GLLNGGYKQVFELLVRNRAALDALTELLLEREKISGEEVVQVVEELGHPEDLARRAQWAGYELL
;
F
6 'polypeptide(L)'
;MRQSVRSPGTRASLQSGRAASSCLPVTPLCPLVASTTSAPATSISSSDALLRSTAVASTSTSSPATVPIAARRRHQPRSR
SVAAATPAAAPSPAAAAAPAWRGPGEVGDEDKAVGCLLGAAVGNVLAAPYQGDRHFEVIRLRRNGVTDFWKYDIGAQPVQ
YGQYTGDFANLLAVATSLSASRGVEPAHLLGALTRAYAEGGSSVEVEDASGGSSSGFLPARRYSPYDRLVMDAVLAGTDP
LKVPELAERYLAETTRRHASSSSDRPDREPHGPSDLGAAARAAPIGLAYRRAGGERLLAAVRRSLEFSHPTPLGLDAAHV
VAAAAAWCGRQQPGDAVGATPAALLSHLLNDVAVTAEQCGKLRLLRDNLFQLDEVTDWRAFYAGPQWARLTALFSRLSFH
GLATAGSEFASVVLLALLSSWGRPEQAVIVAASLGGHAPATAQTVGALAGTLYGQSWVPERWWRGLGEGVEGEAGREAVV
QAGRALAAVELADGL
;
G
7 'polypeptide(L)'
;MMSSIPKSIGAQRSAASTRAHALARPVVLAPAASIPARSQGVTSTSGRCLAPPPRAAAGAGAPGTAGPTNAGAAAHEVEV
DAVESPLSPEDIMRLVQQHEDVAAAAESEQLVAQFRDDPQGLYEYVNRAYAEGPRRVTTPISLLQEEITGAVTESYPAAV
ANDIIGMGSWRLKDDVDPVIEFLVARLEGCWREILDTDLCLYPREKWKEQGWDLVDSMDPHQELEGFSYADIPDPAKGEA
GYPRLQLENRVYCSKVFRKLHVEVGLRQDGLQVLHVVVYPRYSYDMPIFGMDIVMVDGRVTLAVVDCCPVRADLKLQPHY
METMALLQRTFLEGTDPALRRIPEWGSKIFSPLALCITPSGPEELAAFAKYAVALHRAYLTMSLNAVPVVAGPGDRREAA
RLQEIQDGQKRFCDNQLVNKKTRRVLEVAMGVEWTEAYMSQLMFDFDPKYEPPYFDASFEKLYTYFDENPSFGEMADEAM
ELERGAEAERANETMAAALSGRSVSREKLAMAMGFLFQNDATFRAAVQTLSGGQVDGNIEERLTDDLMQLLERSE
;
H
8 'polypeptide(L)'
;MSPGALYQLAPERLRASSRRSAAATIFRRDRMRLLRCSAAAQPGEPGEAAGPSTSGSDNSNWWASINRKTGIRGPDPAPA
EEHTNGPARDIIGDRMSRRLEDINKAERQRVWDAMRVAAAHRYASGQMPAWFDPEWLQQEEAPLNAMDRMRGEQRRIEEQ
QQQQGEASSSDKLAMEGGGGDSGAGAGGWSGGGSGGGWWREDDPYWPLRDWGDHPMRWWTLAFAAIMAAGGLATSVATGY
VEPVQAGLGAGALLALAGAAMSDARCVPGALGVKLAWAVCALIVLKEVSVGWQHKRKRRLAASAPRLELTGLAAAALCAG
YMLTDMSGMGEVALPPNPGAVFKSPDVAYRASVWQKWGYGQVQMRV
;
I
9 'polypeptide(L)'
;MALSMIRKSAAAPVRRAAAAPVVVRGRRVITFAAVDKAKVLEDVRSIISTQLGTELEKVAPEAKFVDLGAD(4HH)LDTV
EIMMALEEKFEIALEEEGAEKIATVQDAADMIAAQIAAKGN
;
J
10 'polypeptide(L)'
;MRPCPAVHRRVPPGPVAGHKQLLPLQRSCRGAPLVCRTAAPMAPSWAETRSAAASAPILEPDMLPSTSAPFISPMTPYVP
EEEPTRTPPSIKDTGTLRPASEWYPQWMQYRRREDNYVFWQDKFMRCSTDIPWAEKRWTLFSTVWYLVQQLRFVGTPPAL
RYVAFLGWRALMFQVYAAHKALVLWQCKLDAGLARIGSGGATATFSKTMALRRLHWRNSPLAEALYALNLYKTGRVHLLP
PVAKPIPRPTFFWLF
;
K
11 'polypeptide(L)'
;MQSAARGCHAPAGLSSSLLRSRTYVPPCAPSSSGRVVGSRHITARAAGGKGGGKDDKAKEKADFSALWALRIKNFFSSRR
KYLQQAEQVGDDDKEKAFKAEIAKEERSIRELKDELVAISMEEIEEQEKQGDPRPALAATDIAQARMDLQTSPLTRAVLA
VVRVRELLRALLLLPFSAVGGAVAAWQGLFNSQRYENFLMSEGERIWAWRNRSENERWFWEVFAWDRLIFPILVIVAWEY
LVPNHLVWAVLAPLALLTWMSGRLPTPATPEFWMLAYFGFYRKVWPDAAAWLQGYVVPLMGFA
;
L
12 'polypeptide(L)'
;MNTTRQMAASTSCSSFTSLVAPGTRLRTTVRAPAMQLRNGQRESGAAGTAASASSSSCWRLAATALGQAQLHSGARVSCM
GGVIRSPAVLLRAGVPTRLPQSAHASPLAAVQPVTSTSGSVGELGAASRRTSSGAACSSSSSGSRSAVCTSGPVRGLGRP
LPSAGLRRRRGASPIAAVGTPAVGSGSGVADSGANGSTGSGNGADAAAAATAAAAPSNHHPPGSSNGDNGSSAAASASTS
SATAASASDPAPEPEPAAASTSLDGLPETQKYVYADEWGFSRVGADFPPGSHPSLFSQLLPQALFAFDARAAVAAVAVPL
AAMAAGYGWLWYMHSIAPVWQQALCAALIGTGYAGLFKVAHECAMMRFIPQMPGLQAALGTLLMAPALYSLPSWRLHHLH
HLLHTNMLWQDVWGWHPLTKVELADEMVRSGGSGGAAMAAARLVLTTPIKLFASVGHWLRSWDGLDLRHFHPASYVEVLS
GWAAPLAFAGLVLPAVVSAGGLSGFVSCYLAPWLVFHFWLSVLSLTAHTAPHIPWRAEGDGWDAGRAAVAGTVTLRLPRP
LEVLLNNANYMLPQAVAPGLPMWSAPAAYAVLAARLGPYLTEASMSLKLLTNHVTRWQIYDEEAHTYRPMEEVVDEIEAD
LQQLAAAAQQAQQQLAAQDQEARAQQVEGREEGSGGGVPAVA
;
M
13 'polypeptide(L)'
;MGGELAERKASSASAGPRVVQMRREAIPAELLLVKEDPSKLPAGVLQTREQLKQAQRDINWAGKREQVFAAVAAGWHLAS
FALNLAFWGVEGMPPDRYWPTSPRIRLQIRPGRYGNMDGGQRVYMDYLARSEGVPLN
;
N
14 'polypeptide(L)'
;MQSSIAHRSLAACPVQRNRFVPARCKLASNRIGPKLLSAAIAGTPEQPATSTSTPSSEAGTKDAAVVVGPALVAKEVVST
SGHSDAVPDPNFPELPLSTNRAAGTQYLAIGAAYAVAAGAVAVAALQGPQLLLASPAAADPWSSVLLGCVAATYLRAAGV
FLQLKAASDAAELLCWRHQRLALTAAAYGMVAVLTQAAGLASPQLLGLQLLLSVASAAVVANVARSAWAVRPFVSSLTEG
RSPGGVLAAVAGAMTGSVSTVAGLLLTTTIVVSLYGLFAAVFAPAPALPVAVGAWPGTAAAAAVMDGSAAGLRRLAAGGL
LLTAAASHGLFDFAGSVKQQGPIDVAQAVKKMVVMDMAAPRIRTLKYFLPNPTIYSLLNLGFVAAAVLQSYFLYIAPAWG
VNVNWDTALWGPMYGTAFLGLVYGLVALTKFDWSSVVDAVLRVACWFAELTMWFWDTFVWKFSWSEKTRRA
;
O
15 'polypeptide(L)'
;MATTSAPTSEPWTFDLVGQLRQKFGLGPENWDRFKGQAAEVPGADVPPSGAHVTLKDLSRPAESLPARADEAAVQAALAD
DGGWVGTPDPSKYAAGTTQLSARELQEEVAKGNVMTWKDFKQQVSGLQGPEREALLALVAQRVAAERMFFTLEDGSKVSL
WDLQQYVDNNPELAALAASVRRIAVADPEDPAGRPLPGGGASGLDRSRGLTGAAHMSGQEAEELELDWGQVGRGALWRRR
PTRWLLGGLDGVKDWELEAYAHEPLANQLLGAKYGGRDPRAVVADPAYAADVLRAGPLLGMTFVLRAARDLPLQEVASSW
RGLLGNYLQRQAPLSLPKAVRPAHLDPTDLNGVAWPALLSRPAAAAHAAAEAEAAGAVPDDEMGVAWRVQSGKEAAASVA
AAQQLLQSLPDALCPGPSPAAWPLTGTKLVDEGGRNWRRGGSVWVTLQPEGGVLVQAQTGGVVGEQESYLLTHVQGQEAL
AGAVMSAFMGPQPLDPELAAAARSVLLVPANGFTAANKERDPNHPLYPSFTGVRPGRAPRDVAAYTLAGGRTPLLAAGGP
GEAKLASELRTVMEAALAAAARAEAEALADAATSPSSTSSRAAPAAALAEAEAAEARRARGRAAAAAVMAEGLRRLGPDA
VAMLERTAAEAEAPQGGGAVVVAGAGSASGEKGVGLTSSDIFSLARTLEQE
;
P
16 'polypeptide(L)'
;MDQAPGPLGHLQRSFEHVGRGLASQLEQVEQAFVPMREGVTRWLERTPLAQIIRNAQEGVATQQRQRDQGPWAPMLASIA
MSGAGPRPQPVMDLAMAKDEVKARLAPVPVYTVANPKNEFVLVAGENNTQLGFFFFRKEDAEALIEKIREENPRLARDSK
ILRVPMDNVYEVFTTPREQTGLQGIHFRFMPDMKQVAHALQLYKDAGVPTRQFIGVPVFQAEGLTVTTRDMQYVPLFLCK
EDLDIAVQSAYVQRNAAQIKLYKDKADKYQADYDQIASQLEAAANGRERGGLESRLAKARVKLEAARDKVESVERAPLPK
VEVGSFEEVVMRMTASAGNELAAWSQVMFVAPELLRDSAGAGGKK
;
Q
17 'polypeptide(L)'
;MGQFYSREFDGDPYVDLMRSLPERELVWWAQKVIWLAEGFTFVDHFARTYPRLLQHKCQRCKGAGVMTCPACLGDARVSG
GARRRAALAGLGGVAEGRSAHDHDHEAGADGGCRVCGTACAWDAE(SEP)EWMERWGEWESRLAYYDKATGPLMDEWYED
VLNAGNLEED(TPO)PPVEDDPPGPEVTGRWAEHDRALHKDKKRMAALMRRWGHPYDADANLGYQIVDPTASMGENVWNM
AQVYNSLPPELNPLRTQHLADRGGGNTQAAVEAARSAFDAQVVMEAALLQNLEAAAQDLPKPHRLPPTAGTVACNECGGA
AWGYSFFPNTAVMFGLERPFWGDTLARLSKYWNPTQVADPARTGQLLPYGEGGLRRLLAAGGGGEDEEGGALEAVVGKAP
ATTGRYRRDLELLLAHPELRDGALRVPGGWGPEGGLQTYLRGQQEEQARMQRRRDLAAEASPLELAPAGK
;
R
18 'polypeptide(L)'
;MVHVPFFGIDLPEPRLAAVMPDAVYALVQGTHKLGEYAHDLVFPPTPEDLRKLEQQVNATIPREFDRVRQRYAEGKIAND
EQL(SEP)(SEP)ELEDASFNWYRRQLRTSVVGA(TPO)DEELEDVAVRKLRLEPPALQASLQERALAAAVTAAGGVDLA
AEVADAAALAALAEQEAETRRLLAARQARLADLRKQLRPAHRQAIGTITNASAGMLVGVLVVKSVLTLVRRLFRKKRPAG
AKAPAGAAARRQGSVQSSAAQLQSLAAPAARQQQQSAAAALASAQQAAMRPQAGASASAAAAASGKAAASKEQPKAGAAA
AAADAGAKKTRIVKKR
;
S
19 'polypeptide(L)'
;MASTARRKPVPEAMSED(SEP)VEQEFGGDY(SEP)EASLEYIRALGPKKGAPFAEVDPAEQAAALPPSQAECEAAKAVL
ENYKRDIDALKTYRPSEQERAAIDARRALALEATPEELTWLKMREYYATQRAAAADGAASTSAPGAGDAASAAADNDVAA
LRAEMLRVAMEALGSATETEELEARARSHLAASSAGRQWSRGVAGGAGAAASGEASAAVLAAAADAAVASVMVGTGARYR
DDYLEEERLTRQVAKQRGQRSQAFALSLAAAVGVSVARWWLRRGRGGAGAGGGSGGPSRSRSTQQMQ
;
T
20 'polypeptide(L)'
;(UNK)(UNK)(UNK)(UNK)(UNK)(UNK)(UNK)(UNK)(UNK)(UNK)(UNK)(UNK)(UNK)(UNK)(UNK)(UNK)
(UNK)(UNK)(UNK)(UNK)(UNK)(UNK)(UNK)(UNK)(UNK)(UNK)(UNK)(UNK)(UNK)(UNK)(UNK)(UNK)
(UNK)(UNK)(UNK)(UNK)(UNK)(UNK)(UNK)(UNK)(UNK)(UNK)(UNK)(UNK)(UNK)(UNK)(UNK)(UNK)
(UNK)(UNK)(UNK)(UNK)(UNK)(UNK)(UNK)(UNK)(UNK)(UNK)(UNK)(UNK)(UNK)(UNK)(UNK)(UNK)
(UNK)(UNK)(UNK)(UNK)(UNK)(UNK)(UNK)(UNK)(UNK)(UNK)(UNK)(UNK)(UNK)(UNK)(UNK)(UNK)
(UNK)(UNK)(UNK)(UNK)(UNK)(UNK)
;
V
21 'polypeptide(L)'
;(UNK)(UNK)(UNK)(UNK)(UNK)(UNK)(UNK)(UNK)(UNK)(UNK)(UNK)(UNK)(UNK)(UNK)(UNK)(UNK)
(UNK)(UNK)(UNK)(UNK)(UNK)(UNK)(UNK)(UNK)(UNK)(UNK)(UNK)(UNK)(UNK)(UNK)(UNK)(UNK)
Y(UNK)(UNK)(UNK)(UNK)(UNK)(UNK)(UNK)(UNK)(UNK)(UNK)(UNK)(UNK)(UNK)(UNK)(UNK)
(UNK)(UNK)(UNK)(UNK)(UNK)(UNK)(UNK)(UNK)(UNK)(UNK)(UNK)(UNK)(UNK)(UNK)(UNK)(UNK)
(UNK)(UNK)(UNK)(UNK)(UNK)(UNK)VHVFRK(UNK)(UNK)(UNK)(UNK)(UNK)(UNK)(UNK)(UNK)
(UNK)(UNK)(UNK)(UNK)(UNK)(UNK)(UNK)(UNK)(UNK)(UNK)(UNK)(UNK)(UNK)(UNK)(UNK)(UNK)
(UNK)(UNK)(UNK)(UNK)(UNK)(UNK)(UNK)(UNK)(UNK)(UNK)(UNK)(UNK)(UNK)(UNK)(UNK)(UNK)
(UNK)(UNK)(UNK)(UNK)(UNK)(UNK)(UNK)(UNK)(UNK)(UNK)(UNK)(UNK)(UNK)(UNK)(UNK)(UNK)
(UNK)(UNK)(UNK)(UNK)(UNK)(UNK)(UNK)(UNK)(UNK)(UNK)(UNK)(UNK)(UNK)(UNK)(UNK)(UNK)
(UNK)(UNK)(UNK)(UNK)(UNK)(UNK)(UNK)(UNK)
;
U
#
# COMPACT_ATOMS: atom_id res chain seq x y z
N ALA A 109 -3.01 -45.88 43.29
CA ALA A 109 -4.21 -45.44 44.00
C ALA A 109 -5.47 -45.99 43.32
N TRP A 110 -5.32 -46.42 42.07
CA TRP A 110 -6.43 -47.03 41.35
C TRP A 110 -6.76 -48.40 41.92
N GLN A 111 -5.79 -49.07 42.54
CA GLN A 111 -6.03 -50.41 43.07
C GLN A 111 -6.94 -50.39 44.30
N GLN A 112 -6.75 -49.41 45.18
CA GLN A 112 -7.56 -49.33 46.40
C GLN A 112 -9.03 -49.07 46.07
N SER A 113 -9.32 -48.16 45.13
CA SER A 113 -10.70 -47.93 44.72
C SER A 113 -11.21 -49.06 43.85
N PHE A 114 -10.31 -49.71 43.10
CA PHE A 114 -10.71 -50.83 42.26
C PHE A 114 -11.19 -52.01 43.11
N GLU A 115 -10.56 -52.20 44.27
CA GLU A 115 -11.03 -53.25 45.18
C GLU A 115 -12.46 -52.98 45.64
N THR A 116 -12.79 -51.74 45.97
CA THR A 116 -14.14 -51.42 46.43
C THR A 116 -15.14 -51.45 45.28
N TYR A 117 -14.68 -51.13 44.07
CA TYR A 117 -15.56 -51.17 42.92
C TYR A 117 -15.84 -52.61 42.48
N GLY A 118 -14.88 -53.51 42.67
CA GLY A 118 -15.07 -54.88 42.25
C GLY A 118 -16.27 -55.55 42.89
N GLY A 119 -16.25 -55.68 44.22
CA GLY A 119 -17.37 -56.30 44.89
C GLY A 119 -18.66 -55.51 44.74
N LYS A 120 -18.54 -54.18 44.61
CA LYS A 120 -19.74 -53.34 44.47
C LYS A 120 -20.46 -53.64 43.17
N LEU A 121 -19.71 -53.81 42.07
CA LEU A 121 -20.34 -54.08 40.79
C LEU A 121 -20.53 -55.57 40.53
N ARG A 122 -19.90 -56.45 41.30
CA ARG A 122 -19.96 -57.88 41.03
C ARG A 122 -21.39 -58.40 41.17
N GLU A 123 -22.06 -58.04 42.27
CA GLU A 123 -23.43 -58.50 42.47
C GLU A 123 -24.37 -57.84 41.46
N VAL A 124 -24.15 -56.56 41.16
CA VAL A 124 -24.99 -55.85 40.20
C VAL A 124 -24.90 -56.49 38.83
N LEU A 125 -23.73 -57.03 38.48
CA LEU A 125 -23.55 -57.68 37.19
C LEU A 125 -24.06 -59.11 37.22
N LEU A 126 -23.92 -59.79 38.36
CA LEU A 126 -24.41 -61.16 38.48
C LEU A 126 -25.92 -61.21 38.55
N GLY A 127 -26.57 -60.11 38.93
CA GLY A 127 -28.02 -60.08 38.96
C GLY A 127 -28.68 -60.30 37.62
N GLN A 128 -28.32 -59.49 36.63
CA GLN A 128 -29.01 -59.52 35.34
C GLN A 128 -28.71 -60.79 34.57
N GLN A 129 -27.44 -60.96 34.18
CA GLN A 129 -26.93 -62.20 33.57
C GLN A 129 -27.59 -62.50 32.22
N GLU A 130 -28.55 -61.67 31.81
CA GLU A 130 -29.12 -61.77 30.48
C GLU A 130 -28.96 -60.49 29.67
N ALA A 131 -29.32 -59.34 30.23
CA ALA A 131 -28.97 -58.08 29.60
C ALA A 131 -27.46 -57.92 29.54
N ALA A 132 -26.76 -58.36 30.58
CA ALA A 132 -25.30 -58.32 30.60
C ALA A 132 -24.68 -59.14 29.48
N LYS A 133 -25.40 -60.11 28.92
CA LYS A 133 -24.91 -60.89 27.80
C LYS A 133 -25.59 -60.53 26.50
N ASN A 134 -26.54 -59.59 26.52
CA ASN A 134 -27.09 -58.97 25.32
C ASN A 134 -26.30 -57.71 24.94
N VAL A 135 -26.03 -56.85 25.92
CA VAL A 135 -25.25 -55.65 25.65
C VAL A 135 -23.84 -56.01 25.24
N ALA A 136 -23.25 -57.04 25.84
CA ALA A 136 -21.89 -57.44 25.46
C ALA A 136 -21.87 -57.93 24.02
N LYS A 137 -22.85 -58.73 23.64
CA LYS A 137 -22.97 -59.18 22.25
C LYS A 137 -23.12 -58.01 21.28
N GLN A 138 -24.02 -57.07 21.58
CA GLN A 138 -24.21 -55.94 20.70
C GLN A 138 -22.95 -55.09 20.61
N LEU A 139 -22.32 -54.81 21.75
CA LEU A 139 -21.13 -53.99 21.76
C LEU A 139 -20.01 -54.63 20.95
N ASP A 140 -19.82 -55.95 21.11
CA ASP A 140 -18.76 -56.63 20.37
C ASP A 140 -19.05 -56.62 18.88
N GLU A 141 -20.27 -56.97 18.50
CA GLU A 141 -20.59 -57.00 17.07
C GLU A 141 -20.59 -55.61 16.46
N GLY A 142 -20.73 -54.57 17.28
CA GLY A 142 -20.71 -53.23 16.75
C GLY A 142 -19.32 -52.66 16.67
N VAL A 143 -18.41 -53.13 17.52
CA VAL A 143 -17.04 -52.68 17.40
C VAL A 143 -16.31 -53.50 16.35
N THR A 144 -16.78 -54.71 16.05
CA THR A 144 -16.16 -55.50 14.98
C THR A 144 -16.29 -54.79 13.64
N TYR A 145 -17.51 -54.62 13.14
CA TYR A 145 -17.77 -53.86 11.93
C TYR A 145 -18.26 -52.48 12.34
N MET A 146 -17.44 -51.47 12.14
CA MET A 146 -17.82 -50.14 12.60
C MET A 146 -18.83 -49.48 11.67
N ASP A 147 -20.00 -50.10 11.48
CA ASP A 147 -20.96 -49.64 10.50
C ASP A 147 -22.02 -48.73 11.08
N TRP A 148 -21.97 -48.46 12.38
CA TRP A 148 -22.85 -47.49 13.01
C TRP A 148 -22.29 -46.08 12.97
N THR A 149 -21.13 -45.89 12.34
CA THR A 149 -20.36 -44.67 12.55
C THR A 149 -20.88 -43.52 11.71
N TYR A 150 -21.42 -43.81 10.52
CA TYR A 150 -21.83 -42.70 9.66
C TYR A 150 -23.04 -41.98 10.23
N ARG A 151 -24.09 -42.73 10.59
CA ARG A 151 -25.30 -42.10 11.08
C ARG A 151 -25.11 -41.42 12.43
N SER A 152 -24.05 -41.75 13.16
CA SER A 152 -23.89 -41.22 14.50
C SER A 152 -22.81 -40.14 14.60
N THR A 153 -21.78 -40.19 13.77
CA THR A 153 -20.71 -39.20 13.82
C THR A 153 -20.48 -38.46 12.52
N GLY A 154 -20.92 -38.99 11.38
CA GLY A 154 -20.68 -38.36 10.10
C GLY A 154 -19.46 -38.85 9.34
N VAL A 155 -18.53 -39.51 10.02
CA VAL A 155 -17.35 -40.09 9.39
C VAL A 155 -17.56 -41.59 9.27
N ASP A 156 -17.56 -42.09 8.04
CA ASP A 156 -17.86 -43.50 7.76
C ASP A 156 -16.60 -44.34 7.95
N LEU A 157 -16.42 -44.82 9.17
CA LEU A 157 -15.19 -45.53 9.49
C LEU A 157 -15.16 -46.95 8.96
N SER A 158 -16.25 -47.42 8.36
CA SER A 158 -16.26 -48.78 7.85
C SER A 158 -15.40 -48.96 6.61
N ALA A 159 -14.91 -47.87 6.02
CA ALA A 159 -14.13 -47.97 4.81
C ALA A 159 -12.66 -48.24 5.09
N VAL A 160 -12.18 -47.97 6.29
CA VAL A 160 -10.76 -48.13 6.60
C VAL A 160 -10.58 -49.14 7.73
N TRP A 161 -11.66 -49.76 8.16
CA TRP A 161 -11.62 -50.68 9.28
C TRP A 161 -11.51 -52.11 8.77
N ASP A 162 -10.69 -52.91 9.44
CA ASP A 162 -10.47 -54.29 9.06
C ASP A 162 -11.09 -55.21 10.09
N PRO A 163 -12.26 -55.79 9.84
CA PRO A 163 -12.84 -56.73 10.80
C PRO A 163 -11.99 -57.94 11.07
N GLU A 164 -11.25 -58.44 10.07
CA GLU A 164 -10.48 -59.65 10.31
C GLU A 164 -9.35 -59.40 11.30
N LEU A 165 -8.68 -58.27 11.20
CA LEU A 165 -7.61 -57.98 12.14
C LEU A 165 -8.14 -57.83 13.56
N TRP A 166 -9.33 -57.27 13.71
CA TRP A 166 -9.90 -57.15 15.06
C TRP A 166 -10.30 -58.51 15.61
N ILE A 167 -10.88 -59.36 14.76
CA ILE A 167 -11.25 -60.70 15.23
C ILE A 167 -10.01 -61.47 15.65
N ARG A 168 -8.92 -61.34 14.88
CA ARG A 168 -7.71 -62.05 15.23
C ARG A 168 -7.09 -61.49 16.50
N PHE A 169 -7.14 -60.18 16.70
CA PHE A 169 -6.69 -59.61 17.96
C PHE A 169 -7.47 -60.17 19.13
N ARG A 170 -8.79 -60.20 19.00
CA ARG A 170 -9.64 -60.74 20.05
C ARG A 170 -9.26 -62.17 20.40
N GLU A 171 -9.16 -63.03 19.39
CA GLU A 171 -8.86 -64.44 19.65
C GLU A 171 -7.44 -64.62 20.18
N ALA A 172 -6.51 -63.78 19.75
CA ALA A 172 -5.15 -63.89 20.25
C ALA A 172 -5.10 -63.56 21.73
N VAL A 173 -5.72 -62.46 22.16
CA VAL A 173 -5.70 -62.17 23.58
C VAL A 173 -6.55 -63.14 24.38
N ALA A 174 -7.52 -63.79 23.74
CA ALA A 174 -8.31 -64.79 24.45
C ALA A 174 -7.52 -66.06 24.69
N GLN A 175 -6.67 -66.46 23.75
CA GLN A 175 -5.90 -67.68 23.89
C GLN A 175 -4.47 -67.44 24.34
N ASN A 176 -4.05 -66.17 24.46
CA ASN A 176 -2.66 -65.83 24.77
C ASN A 176 -1.70 -66.51 23.80
N GLU A 177 -1.83 -66.19 22.52
CA GLU A 177 -0.93 -66.68 21.49
C GLU A 177 -0.68 -65.55 20.50
N PRO A 178 0.37 -64.76 20.73
CA PRO A 178 0.60 -63.57 19.90
C PRO A 178 0.70 -63.86 18.42
N ALA A 179 1.31 -64.99 18.03
CA ALA A 179 1.49 -65.29 16.61
C ALA A 179 0.19 -65.16 15.85
N ILE A 180 -0.88 -65.77 16.36
CA ILE A 180 -2.19 -65.73 15.71
C ILE A 180 -2.51 -64.33 15.19
N PHE A 181 -2.24 -63.32 16.00
CA PHE A 181 -2.50 -61.97 15.54
C PHE A 181 -1.36 -61.44 14.68
N TRP A 182 -0.13 -61.53 15.19
CA TRP A 182 0.99 -60.87 14.53
C TRP A 182 1.18 -61.41 13.12
N ASN A 183 1.11 -62.72 12.96
CA ASN A 183 1.23 -63.32 11.64
C ASN A 183 0.32 -62.65 10.63
N LYS A 184 -0.92 -62.32 11.00
CA LYS A 184 -1.80 -61.62 10.08
C LYS A 184 -1.28 -60.23 9.78
N LEU A 185 -0.99 -59.46 10.83
CA LEU A 185 -0.54 -58.09 10.65
C LEU A 185 0.63 -58.02 9.70
N LEU A 186 1.62 -58.89 9.90
CA LEU A 186 2.81 -58.87 9.07
C LEU A 186 2.52 -59.19 7.61
N ASP A 187 1.51 -60.01 7.32
CA ASP A 187 1.19 -60.28 5.93
C ASP A 187 0.66 -59.06 5.20
N ARG A 188 0.21 -58.04 5.92
CA ARG A 188 -0.30 -56.86 5.25
C ARG A 188 0.77 -55.83 5.01
N VAL A 189 1.68 -55.65 5.97
CA VAL A 189 2.77 -54.70 5.77
C VAL A 189 3.73 -55.20 4.71
N GLN A 190 4.12 -56.46 4.79
CA GLN A 190 5.05 -57.04 3.83
C GLN A 190 4.30 -57.87 2.79
N TYR A 191 3.48 -57.20 2.00
CA TYR A 191 2.69 -57.90 1.00
C TYR A 191 3.47 -58.15 -0.27
N LYS A 192 4.60 -57.48 -0.46
CA LYS A 192 5.37 -57.64 -1.68
C LYS A 192 6.25 -58.87 -1.64
N GLU A 193 6.59 -59.33 -0.44
CA GLU A 193 7.41 -60.53 -0.35
C GLU A 193 6.60 -61.78 -0.59
N ASN A 194 5.31 -61.66 -0.88
CA ASN A 194 4.45 -62.83 -1.02
C ASN A 194 3.96 -63.05 -2.43
N LEU A 195 4.35 -62.22 -3.37
CA LEU A 195 4.09 -62.55 -4.76
C LEU A 195 4.85 -63.82 -5.11
N PRO A 196 4.25 -64.73 -5.87
CA PRO A 196 4.84 -66.07 -6.02
C PRO A 196 6.21 -66.00 -6.69
N GLN A 197 7.23 -66.35 -5.94
CA GLN A 197 8.59 -66.39 -6.45
C GLN A 197 9.14 -67.81 -6.39
N ALA A 198 8.28 -68.78 -6.48
CA ALA A 198 8.78 -70.15 -6.38
C ALA A 198 8.67 -70.91 -7.69
N GLY A 199 7.48 -71.04 -8.24
CA GLY A 199 7.31 -71.85 -9.42
C GLY A 199 7.40 -71.04 -10.69
N LEU A 200 7.60 -69.74 -10.56
CA LEU A 200 7.59 -68.81 -11.68
C LEU A 200 9.03 -68.35 -11.90
N VAL A 201 9.60 -68.69 -13.05
CA VAL A 201 11.03 -68.58 -13.27
C VAL A 201 11.38 -67.52 -14.32
N GLY A 202 10.83 -67.65 -15.52
CA GLY A 202 11.20 -66.72 -16.56
C GLY A 202 10.00 -66.04 -17.17
N ASP A 203 9.92 -66.01 -18.49
CA ASP A 203 8.72 -65.57 -19.18
C ASP A 203 7.70 -66.70 -19.04
N MET A 204 6.89 -66.63 -18.00
CA MET A 204 6.00 -67.72 -17.63
C MET A 204 4.57 -67.51 -18.11
N ARG A 205 4.35 -66.61 -19.06
CA ARG A 205 3.01 -66.37 -19.55
C ARG A 205 2.47 -67.56 -20.31
N ILE A 206 1.15 -67.71 -20.27
CA ILE A 206 0.43 -68.57 -21.20
C ILE A 206 -0.63 -67.71 -21.87
N SER A 207 -1.13 -68.19 -23.00
CA SER A 207 -2.14 -67.48 -23.75
C SER A 207 -3.51 -67.73 -23.13
N TYR A 208 -4.46 -66.88 -23.50
CA TYR A 208 -5.80 -67.02 -22.93
C TYR A 208 -6.49 -68.25 -23.47
N ALA A 209 -6.23 -68.61 -24.72
CA ALA A 209 -6.83 -69.82 -25.27
C ALA A 209 -6.28 -71.07 -24.59
N LYS A 210 -4.98 -71.10 -24.32
CA LYS A 210 -4.40 -72.25 -23.64
C LYS A 210 -4.91 -72.37 -22.22
N PHE A 211 -5.06 -71.24 -21.53
CA PHE A 211 -5.62 -71.26 -20.19
C PHE A 211 -7.04 -71.82 -20.21
N LEU A 212 -7.86 -71.37 -21.16
CA LEU A 212 -9.21 -71.92 -21.28
C LEU A 212 -9.18 -73.41 -21.55
N GLU A 213 -8.27 -73.85 -22.42
CA GLU A 213 -8.23 -75.26 -22.76
C GLU A 213 -7.79 -76.12 -21.59
N LEU A 214 -6.84 -75.63 -20.79
CA LEU A 214 -6.47 -76.34 -19.58
C LEU A 214 -7.61 -76.38 -18.59
N LEU A 215 -8.31 -75.25 -18.42
CA LEU A 215 -9.40 -75.19 -17.47
C LEU A 215 -10.52 -76.17 -17.82
N LYS A 216 -10.87 -76.26 -19.11
CA LYS A 216 -12.00 -77.11 -19.49
C LYS A 216 -11.71 -78.59 -19.32
N ASP A 217 -10.45 -79.00 -19.22
CA ASP A 217 -10.10 -80.40 -19.02
C ASP A 217 -9.67 -80.69 -17.60
N GLN A 218 -9.86 -79.75 -16.69
CA GLN A 218 -9.64 -79.97 -15.27
C GLN A 218 -8.19 -80.34 -14.98
N ARG A 219 -7.27 -79.56 -15.51
CA ARG A 219 -5.87 -79.73 -15.21
C ARG A 219 -5.33 -78.70 -14.22
N VAL A 220 -6.05 -77.60 -13.99
CA VAL A 220 -5.59 -76.53 -13.14
C VAL A 220 -5.97 -76.83 -11.70
N LYS A 221 -5.01 -76.71 -10.78
CA LYS A 221 -5.33 -77.05 -9.40
C LYS A 221 -5.85 -75.86 -8.61
N ARG A 222 -5.24 -74.69 -8.78
CA ARG A 222 -5.65 -73.50 -8.06
C ARG A 222 -5.63 -72.33 -9.02
N LEU A 223 -6.61 -71.46 -8.90
CA LEU A 223 -6.68 -70.24 -9.69
C LEU A 223 -6.81 -69.07 -8.75
N VAL A 224 -5.96 -68.07 -8.91
CA VAL A 224 -5.87 -66.96 -7.97
C VAL A 224 -6.11 -65.68 -8.74
N VAL A 225 -7.33 -65.21 -8.78
CA VAL A 225 -7.61 -63.94 -9.42
C VAL A 225 -7.08 -62.84 -8.50
N TYR A 226 -6.73 -61.71 -9.07
CA TYR A 226 -6.04 -60.70 -8.30
C TYR A 226 -6.92 -59.48 -8.08
N GLY A 227 -6.38 -58.51 -7.37
CA GLY A 227 -7.19 -57.43 -6.85
C GLY A 227 -8.02 -56.71 -7.90
N ASP A 228 -7.45 -56.51 -9.08
CA ASP A 228 -8.15 -55.70 -10.07
C ASP A 228 -9.04 -56.54 -10.99
N MET A 229 -9.07 -57.85 -10.79
CA MET A 229 -9.88 -58.78 -11.57
C MET A 229 -9.43 -58.91 -13.01
N ARG A 230 -8.22 -58.46 -13.35
CA ARG A 230 -7.71 -58.57 -14.71
C ARG A 230 -6.37 -59.28 -14.78
N THR A 231 -6.06 -60.17 -13.85
CA THR A 231 -4.80 -60.88 -13.85
C THR A 231 -4.95 -62.12 -13.01
N ALA A 232 -4.43 -63.23 -13.48
CA ALA A 232 -4.51 -64.44 -12.70
C ALA A 232 -3.16 -65.14 -12.70
N VAL A 233 -2.92 -65.92 -11.64
CA VAL A 233 -1.77 -66.80 -11.55
C VAL A 233 -2.29 -68.21 -11.50
N VAL A 234 -2.17 -68.92 -12.60
CA VAL A 234 -2.71 -70.28 -12.74
C VAL A 234 -1.65 -71.26 -12.25
N GLU A 235 -2.05 -72.17 -11.38
CA GLU A 235 -1.13 -73.16 -10.83
C GLU A 235 -1.51 -74.53 -11.34
N VAL A 236 -0.61 -75.14 -12.09
CA VAL A 236 -0.84 -76.42 -12.75
C VAL A 236 0.18 -77.42 -12.23
N PRO A 237 -0.23 -78.58 -11.73
CA PRO A 237 0.74 -79.52 -11.18
C PRO A 237 1.56 -80.20 -12.25
N HIS A 238 2.78 -80.59 -11.87
CA HIS A 238 3.63 -81.35 -12.79
C HIS A 238 2.94 -82.66 -13.12
N PRO A 239 2.91 -83.06 -14.40
CA PRO A 239 2.05 -84.18 -14.81
C PRO A 239 2.14 -85.43 -13.97
N TRP A 240 3.30 -85.75 -13.40
CA TRP A 240 3.41 -86.96 -12.61
C TRP A 240 3.05 -86.76 -11.15
N SER A 241 2.96 -85.51 -10.69
CA SER A 241 2.51 -85.21 -9.34
C SER A 241 1.02 -84.92 -9.28
N ALA A 242 0.30 -85.14 -10.36
CA ALA A 242 -1.12 -84.83 -10.39
C ALA A 242 -1.95 -85.94 -9.77
N SER A 243 -1.61 -87.18 -10.06
CA SER A 243 -2.31 -88.35 -9.56
C SER A 243 -1.46 -89.04 -8.51
N VAL A 244 -1.93 -90.20 -8.06
CA VAL A 244 -1.18 -90.94 -7.05
C VAL A 244 -0.64 -92.20 -7.75
N LEU A 245 -0.35 -92.06 -9.03
CA LEU A 245 0.42 -93.08 -9.71
C LEU A 245 1.75 -93.28 -9.00
N GLY A 246 2.30 -94.47 -9.12
CA GLY A 246 3.61 -94.70 -8.56
C GLY A 246 4.71 -94.45 -9.56
N HIS A 247 4.72 -93.28 -10.18
CA HIS A 247 5.73 -93.02 -11.19
C HIS A 247 7.05 -92.66 -10.52
N PRO A 248 8.15 -93.29 -10.90
CA PRO A 248 9.41 -93.03 -10.21
C PRO A 248 10.15 -91.81 -10.72
N ALA A 249 9.43 -90.70 -10.91
CA ALA A 249 10.06 -89.42 -11.12
C ALA A 249 9.72 -88.43 -10.01
N THR A 250 8.93 -88.86 -9.03
CA THR A 250 8.49 -88.01 -7.94
C THR A 250 9.13 -88.46 -6.64
N HIS A 251 9.07 -87.59 -5.65
CA HIS A 251 9.60 -87.94 -4.34
C HIS A 251 8.77 -89.06 -3.72
N PRO A 252 9.41 -90.04 -3.10
CA PRO A 252 8.66 -91.16 -2.49
C PRO A 252 7.94 -90.75 -1.21
N PHE A 253 6.78 -90.11 -1.38
CA PHE A 253 6.02 -89.62 -0.24
C PHE A 253 5.38 -90.77 0.52
N TYR A 254 4.73 -91.69 -0.20
CA TYR A 254 3.89 -92.72 0.40
C TYR A 254 4.38 -94.09 -0.03
N GLU A 255 4.77 -94.91 0.94
CA GLU A 255 5.45 -96.17 0.67
C GLU A 255 4.74 -97.32 1.38
N ASP A 256 4.86 -98.49 0.76
CA ASP A 256 4.41 -99.76 1.31
C ASP A 256 5.40 -100.19 2.39
N SER A 257 5.12 -101.32 3.06
CA SER A 257 6.10 -101.87 4.00
C SER A 257 7.39 -102.24 3.27
N ALA A 258 7.30 -103.16 2.32
CA ALA A 258 8.31 -103.22 1.28
C ALA A 258 8.30 -101.90 0.54
N HIS A 259 9.43 -101.18 0.56
CA HIS A 259 9.39 -99.76 0.28
C HIS A 259 9.09 -99.48 -1.20
N ASN A 260 7.85 -99.72 -1.61
CA ASN A 260 7.38 -99.41 -2.95
C ASN A 260 6.33 -98.31 -2.90
N ARG A 261 6.41 -97.38 -3.84
CA ARG A 261 5.40 -96.34 -3.94
C ARG A 261 4.03 -96.97 -4.16
N VAL A 262 3.01 -96.38 -3.53
CA VAL A 262 1.66 -96.91 -3.70
C VAL A 262 1.02 -96.33 -4.95
N SER A 263 0.05 -97.06 -5.48
CA SER A 263 -0.73 -96.63 -6.63
C SER A 263 -2.21 -96.81 -6.30
N MET A 264 -3.06 -96.11 -7.05
CA MET A 264 -4.49 -96.13 -6.78
C MET A 264 -5.31 -96.26 -8.05
N LEU A 265 -4.71 -96.72 -9.15
CA LEU A 265 -5.43 -96.83 -10.40
C LEU A 265 -6.62 -97.78 -10.27
N ARG A 266 -7.66 -97.51 -11.05
CA ARG A 266 -8.82 -98.37 -11.13
C ARG A 266 -9.19 -98.49 -12.61
N PRO A 267 -9.64 -99.67 -13.04
CA PRO A 267 -9.57 -100.03 -14.46
C PRO A 267 -10.67 -99.49 -15.37
N ASN A 268 -11.60 -98.68 -14.89
CA ASN A 268 -12.60 -98.06 -15.78
C ASN A 268 -13.32 -99.08 -16.65
N PRO A 269 -14.28 -99.81 -16.11
CA PRO A 269 -14.87 -100.94 -16.85
C PRO A 269 -15.43 -100.58 -18.21
N ALA A 270 -15.85 -99.33 -18.42
CA ALA A 270 -16.53 -99.00 -19.66
C ALA A 270 -15.56 -98.91 -20.84
N ALA A 271 -14.30 -98.59 -20.58
CA ALA A 271 -13.31 -98.41 -21.64
C ALA A 271 -11.97 -98.97 -21.19
N PRO A 272 -11.78 -100.28 -21.27
CA PRO A 272 -10.44 -100.84 -21.10
C PRO A 272 -9.61 -100.62 -22.35
N GLU A 273 -8.39 -101.15 -22.37
CA GLU A 273 -7.47 -101.04 -23.51
C GLU A 273 -6.91 -99.63 -23.66
N ASP A 274 -7.31 -98.69 -22.79
CA ASP A 274 -6.79 -97.33 -22.84
C ASP A 274 -6.59 -96.88 -21.39
N VAL A 275 -5.33 -96.74 -20.98
CA VAL A 275 -5.02 -96.44 -19.60
C VAL A 275 -5.28 -94.99 -19.25
N THR A 276 -5.20 -94.08 -20.21
CA THR A 276 -5.43 -92.67 -19.90
C THR A 276 -6.87 -92.36 -19.56
N GLN A 277 -7.76 -93.34 -19.63
CA GLN A 277 -9.15 -93.13 -19.26
C GLN A 277 -9.51 -93.89 -17.99
N TRP A 278 -8.54 -94.22 -17.17
CA TRP A 278 -8.82 -94.90 -15.91
C TRP A 278 -9.01 -93.87 -14.80
N PHE A 279 -9.49 -94.34 -13.67
CA PHE A 279 -9.77 -93.47 -12.53
C PHE A 279 -8.62 -93.56 -11.53
N CYS A 280 -8.35 -92.44 -10.85
CA CYS A 280 -7.29 -92.42 -9.87
C CYS A 280 -7.52 -91.27 -8.91
N ALA A 281 -7.19 -91.49 -7.65
CA ALA A 281 -7.29 -90.44 -6.66
C ALA A 281 -6.17 -89.43 -6.86
N GLU A 282 -6.41 -88.21 -6.40
CA GLU A 282 -5.43 -87.16 -6.59
C GLU A 282 -4.65 -86.89 -5.31
N MET A 283 -3.41 -86.49 -5.48
CA MET A 283 -2.49 -86.23 -4.40
C MET A 283 -2.96 -85.04 -3.57
N PRO A 284 -2.69 -85.05 -2.26
CA PRO A 284 -3.01 -83.87 -1.46
C PRO A 284 -2.24 -82.66 -1.95
N GLU A 285 -2.88 -81.50 -1.89
CA GLU A 285 -2.32 -80.34 -2.57
C GLU A 285 -0.99 -79.90 -1.97
N TRP A 286 -0.72 -80.23 -0.72
CA TRP A 286 0.53 -79.78 -0.14
C TRP A 286 1.73 -80.60 -0.59
N ASP A 287 1.52 -81.71 -1.26
CA ASP A 287 2.58 -82.58 -1.74
C ASP A 287 2.82 -82.46 -3.23
N MET A 288 2.39 -81.38 -3.86
CA MET A 288 2.43 -81.24 -5.31
C MET A 288 3.56 -80.32 -5.74
N GLU A 289 4.15 -80.63 -6.88
CA GLU A 289 4.97 -79.67 -7.60
C GLU A 289 4.06 -78.92 -8.57
N LYS A 290 4.32 -77.64 -8.75
CA LYS A 290 3.39 -76.81 -9.49
C LYS A 290 4.11 -75.76 -10.32
N TYR A 291 3.76 -75.68 -11.61
CA TYR A 291 4.05 -74.48 -12.37
C TYR A 291 3.09 -73.38 -11.97
N ARG A 292 3.59 -72.15 -11.98
CA ARG A 292 2.77 -70.98 -11.67
C ARG A 292 2.83 -70.01 -12.83
N PHE A 293 1.92 -70.15 -13.77
CA PHE A 293 1.87 -69.31 -14.97
C PHE A 293 1.12 -68.03 -14.69
N TYR A 294 1.39 -67.02 -15.50
CA TYR A 294 0.77 -65.71 -15.40
C TYR A 294 -0.14 -65.53 -16.60
N VAL A 295 -1.35 -65.03 -16.39
CA VAL A 295 -2.26 -64.86 -17.51
C VAL A 295 -3.00 -63.54 -17.36
N ASP A 296 -3.21 -62.87 -18.49
CA ASP A 296 -3.94 -61.61 -18.55
C ASP A 296 -5.35 -61.87 -19.06
N LEU A 297 -6.29 -61.49 -18.33
CA LEU A 297 -7.65 -61.78 -18.72
C LEU A 297 -8.24 -60.61 -19.50
N PRO A 298 -9.10 -60.88 -20.47
CA PRO A 298 -9.65 -59.79 -21.27
C PRO A 298 -10.62 -58.93 -20.47
N GLY A 299 -11.09 -57.88 -21.12
CA GLY A 299 -11.96 -56.92 -20.45
C GLY A 299 -13.34 -57.44 -20.16
N ASP A 300 -13.79 -58.47 -20.86
CA ASP A 300 -15.10 -59.07 -20.66
C ASP A 300 -14.98 -60.48 -20.11
N PHE A 301 -14.07 -60.69 -19.18
CA PHE A 301 -13.88 -62.03 -18.66
C PHE A 301 -15.05 -62.46 -17.79
N TRP A 302 -15.66 -61.52 -17.08
CA TRP A 302 -16.71 -61.88 -16.14
C TRP A 302 -18.06 -62.02 -16.82
N GLU A 303 -18.37 -61.16 -17.78
CA GLU A 303 -19.65 -61.27 -18.45
C GLU A 303 -19.65 -62.32 -19.54
N SER A 304 -18.52 -62.94 -19.87
CA SER A 304 -18.55 -64.03 -20.82
C SER A 304 -18.93 -65.35 -20.17
N GLY A 305 -18.73 -65.48 -18.87
CA GLY A 305 -19.28 -66.58 -18.12
C GLY A 305 -18.49 -67.86 -18.17
N VAL A 306 -17.23 -67.83 -18.60
CA VAL A 306 -16.45 -69.05 -18.70
C VAL A 306 -16.22 -69.66 -17.32
N LEU A 307 -15.74 -68.85 -16.38
CA LEU A 307 -15.54 -69.33 -15.02
C LEU A 307 -16.83 -69.82 -14.42
N GLN A 308 -17.94 -69.12 -14.68
CA GLN A 308 -19.21 -69.54 -14.12
C GLN A 308 -19.65 -70.89 -14.68
N ARG A 309 -19.51 -71.09 -15.99
CA ARG A 309 -19.86 -72.38 -16.57
C ARG A 309 -19.01 -73.49 -15.97
N HIS A 310 -17.71 -73.26 -15.84
CA HIS A 310 -16.84 -74.29 -15.28
C HIS A 310 -17.26 -74.64 -13.86
N LEU A 311 -17.41 -73.64 -13.00
CA LEU A 311 -17.83 -73.88 -11.63
C LEU A 311 -19.14 -74.64 -11.59
N ALA A 312 -20.16 -74.14 -12.30
CA ALA A 312 -21.49 -74.71 -12.21
C ALA A 312 -21.51 -76.14 -12.71
N ALA A 313 -20.64 -76.48 -13.65
CA ALA A 313 -20.58 -77.87 -14.09
C ALA A 313 -19.87 -78.74 -13.08
N GLN A 314 -18.74 -78.27 -12.52
CA GLN A 314 -17.92 -79.17 -11.73
C GLN A 314 -18.47 -79.33 -10.32
N ARG A 315 -19.35 -78.42 -9.89
CA ARG A 315 -19.93 -78.56 -8.56
C ARG A 315 -21.32 -79.19 -8.59
N ALA A 316 -21.80 -79.59 -9.76
CA ALA A 316 -23.14 -80.14 -9.88
C ALA A 316 -23.18 -81.65 -9.79
N GLU A 317 -22.16 -82.28 -9.21
CA GLU A 317 -22.10 -83.73 -9.09
C GLU A 317 -21.74 -84.11 -7.67
N GLY A 318 -22.34 -85.18 -7.19
CA GLY A 318 -22.06 -85.64 -5.85
C GLY A 318 -22.59 -87.04 -5.63
N ALA A 319 -22.64 -87.43 -4.36
CA ALA A 319 -23.17 -88.73 -4.01
C ALA A 319 -24.69 -88.74 -4.20
N VAL A 320 -25.21 -89.90 -4.58
CA VAL A 320 -26.65 -90.05 -4.79
C VAL A 320 -27.10 -91.33 -4.12
N TRP A 321 -28.42 -91.46 -3.98
CA TRP A 321 -29.03 -92.67 -3.45
C TRP A 321 -29.64 -93.44 -4.59
N ASP A 322 -29.27 -94.71 -4.74
CA ASP A 322 -29.91 -95.55 -5.74
C ASP A 322 -30.86 -96.52 -5.04
N PRO A 323 -32.16 -96.44 -5.31
CA PRO A 323 -33.10 -97.35 -4.66
C PRO A 323 -33.17 -98.70 -5.36
N ALA A 324 -32.72 -98.75 -6.61
CA ALA A 324 -32.67 -100.02 -7.32
C ALA A 324 -31.69 -100.97 -6.68
N SER A 325 -30.64 -100.45 -6.04
CA SER A 325 -29.74 -101.25 -5.24
C SER A 325 -29.78 -100.89 -3.77
N GLY A 326 -30.53 -99.86 -3.39
CA GLY A 326 -30.61 -99.45 -2.01
C GLY A 326 -29.26 -99.08 -1.43
N GLN A 327 -28.51 -98.25 -2.15
CA GLN A 327 -27.16 -97.95 -1.72
C GLN A 327 -26.86 -96.47 -1.95
N TYR A 328 -25.73 -96.05 -1.40
CA TYR A 328 -25.20 -94.72 -1.66
C TYR A 328 -24.07 -94.84 -2.68
N ILE A 329 -24.28 -94.24 -3.85
CA ILE A 329 -23.40 -94.41 -4.99
C ILE A 329 -22.69 -93.09 -5.25
N LEU A 330 -21.37 -93.16 -5.44
CA LEU A 330 -20.64 -92.03 -5.98
C LEU A 330 -20.47 -92.27 -7.47
N PRO A 331 -21.28 -91.67 -8.33
CA PRO A 331 -21.29 -92.06 -9.74
C PRO A 331 -19.96 -91.84 -10.41
N TYR A 332 -19.74 -92.58 -11.50
CA TYR A 332 -18.46 -92.52 -12.19
C TYR A 332 -18.23 -91.15 -12.80
N ARG A 333 -19.28 -90.52 -13.31
CA ARG A 333 -19.05 -89.24 -13.97
C ARG A 333 -18.78 -88.13 -13.00
N ALA A 334 -18.59 -88.45 -11.72
CA ALA A 334 -18.18 -87.47 -10.72
C ALA A 334 -16.82 -87.79 -10.13
N GLN A 335 -16.09 -88.74 -10.70
CA GLN A 335 -14.77 -89.09 -10.22
C GLN A 335 -13.70 -88.59 -11.18
N LYS A 336 -12.50 -88.41 -10.65
CA LYS A 336 -11.38 -87.86 -11.40
C LYS A 336 -10.67 -88.96 -12.17
N LYS A 337 -10.45 -88.73 -13.45
CA LYS A 337 -9.67 -89.66 -14.26
C LYS A 337 -8.19 -89.40 -14.01
N VAL A 338 -7.32 -89.98 -14.82
CA VAL A 338 -5.89 -89.78 -14.62
C VAL A 338 -5.52 -88.37 -15.06
N PHE A 339 -4.72 -87.71 -14.23
CA PHE A 339 -4.15 -86.38 -14.41
C PHE A 339 -5.13 -85.24 -14.16
N GLN A 340 -6.41 -85.51 -13.91
CA GLN A 340 -7.37 -84.45 -13.62
C GLN A 340 -7.37 -84.12 -12.14
N VAL A 341 -7.61 -82.85 -11.82
CA VAL A 341 -7.67 -82.40 -10.45
C VAL A 341 -8.92 -81.56 -10.25
N SER A 342 -9.10 -81.10 -9.03
CA SER A 342 -10.26 -80.29 -8.65
C SER A 342 -9.82 -78.86 -8.40
N THR A 343 -10.37 -77.93 -9.17
CA THR A 343 -9.94 -76.54 -9.17
C THR A 343 -10.40 -75.85 -7.90
N GLU A 344 -9.54 -75.00 -7.34
CA GLU A 344 -9.90 -74.14 -6.22
C GLU A 344 -9.71 -72.70 -6.65
N VAL A 345 -10.80 -71.94 -6.68
CA VAL A 345 -10.77 -70.56 -7.11
C VAL A 345 -10.68 -69.66 -5.89
N GLN A 346 -9.80 -68.67 -5.95
CA GLN A 346 -9.58 -67.78 -4.82
C GLN A 346 -9.35 -66.38 -5.35
N LEU A 347 -10.00 -65.41 -4.72
CA LEU A 347 -9.87 -64.01 -5.08
C LEU A 347 -9.19 -63.24 -3.96
N LEU A 348 -8.46 -62.21 -4.32
CA LEU A 348 -7.70 -61.43 -3.36
C LEU A 348 -8.37 -60.08 -3.14
N ASP A 349 -8.11 -59.50 -1.98
CA ASP A 349 -8.73 -58.24 -1.61
C ASP A 349 -7.74 -57.10 -1.77
N PRO A 350 -8.04 -56.06 -2.53
CA PRO A 350 -7.12 -54.92 -2.61
C PRO A 350 -6.88 -54.24 -1.30
N GLN A 351 -7.79 -54.33 -0.34
CA GLN A 351 -7.61 -53.64 0.92
C GLN A 351 -6.66 -54.37 1.86
N GLU A 352 -6.20 -55.56 1.48
CA GLU A 352 -5.24 -56.31 2.28
C GLU A 352 -3.81 -56.02 1.84
N SER A 353 -3.54 -54.84 1.32
CA SER A 353 -2.21 -54.56 0.80
C SER A 353 -1.40 -53.66 1.72
N TRP A 354 -2.00 -52.61 2.29
CA TRP A 354 -1.32 -51.72 3.22
C TRP A 354 0.02 -51.25 2.64
N ASP A 355 -0.07 -50.61 1.50
CA ASP A 355 1.11 -50.18 0.77
C ASP A 355 1.85 -49.05 1.45
N PHE A 356 1.16 -48.16 2.16
CA PHE A 356 1.84 -47.03 2.78
C PHE A 356 2.83 -47.49 3.84
N LEU A 357 2.40 -48.36 4.75
CA LEU A 357 3.32 -48.84 5.76
C LEU A 357 4.40 -49.73 5.18
N GLY A 358 4.08 -50.49 4.14
CA GLY A 358 5.11 -51.25 3.47
C GLY A 358 6.18 -50.36 2.86
N TRP A 359 5.81 -49.14 2.48
CA TRP A 359 6.81 -48.20 1.98
C TRP A 359 7.53 -47.49 3.11
N LEU A 360 6.84 -47.24 4.21
CA LEU A 360 7.45 -46.47 5.29
C LEU A 360 8.43 -47.29 6.11
N LEU A 361 8.13 -48.57 6.34
CA LEU A 361 8.98 -49.45 7.13
C LEU A 361 9.78 -50.37 6.23
N ALA A 362 10.26 -49.85 5.11
CA ALA A 362 11.15 -50.60 4.26
C ALA A 362 12.48 -50.81 4.97
N PRO A 363 13.25 -51.84 4.61
CA PRO A 363 14.51 -52.11 5.32
C PRO A 363 15.49 -50.95 5.33
N GLY A 364 15.69 -50.27 4.21
CA GLY A 364 16.59 -49.13 4.22
C GLY A 364 16.15 -48.04 5.18
N ARG A 365 14.87 -47.69 5.15
CA ARG A 365 14.37 -46.74 6.11
C ARG A 365 14.50 -47.25 7.53
N LEU A 366 14.33 -48.55 7.74
CA LEU A 366 14.47 -49.11 9.07
C LEU A 366 15.89 -48.93 9.59
N GLU A 367 16.89 -49.19 8.77
CA GLU A 367 18.26 -49.03 9.23
C GLU A 367 18.59 -47.56 9.48
N PHE A 368 18.02 -46.65 8.67
CA PHE A 368 18.22 -45.23 8.95
C PHE A 368 17.63 -44.86 10.30
N TYR A 369 16.42 -45.32 10.58
CA TYR A 369 15.80 -45.00 11.87
C TYR A 369 16.62 -45.56 13.01
N GLU A 370 17.18 -46.76 12.83
CA GLU A 370 18.01 -47.36 13.86
C GLU A 370 19.26 -46.51 14.14
N LYS A 371 19.98 -46.15 13.08
CA LYS A 371 21.18 -45.34 13.24
C LYS A 371 20.87 -44.01 13.92
N ALA A 372 19.83 -43.33 13.46
CA ALA A 372 19.49 -42.03 14.03
C ALA A 372 19.11 -42.17 15.50
N ALA A 373 18.36 -43.21 15.84
CA ALA A 373 17.99 -43.39 17.24
C ALA A 373 19.22 -43.64 18.10
N CYS A 374 20.17 -44.45 17.59
CA CYS A 374 21.39 -44.71 18.35
C CYS A 374 22.16 -43.42 18.61
N VAL A 375 22.36 -42.61 17.56
CA VAL A 375 23.13 -41.38 17.72
C VAL A 375 22.41 -40.42 18.65
N ALA A 376 21.08 -40.36 18.59
CA ALA A 376 20.35 -39.46 19.46
C ALA A 376 20.48 -39.88 20.92
N ILE A 377 20.38 -41.18 21.19
CA ILE A 377 20.58 -41.67 22.56
C ILE A 377 21.98 -41.33 23.04
N ALA A 378 22.98 -41.52 22.17
CA ALA A 378 24.35 -41.21 22.54
C ALA A 378 24.51 -39.75 22.93
N LEU A 379 24.02 -38.85 22.08
CA LEU A 379 24.18 -37.42 22.38
C LEU A 379 23.42 -37.01 23.63
N ARG A 380 22.23 -37.56 23.86
CA ARG A 380 21.49 -37.23 25.07
C ARG A 380 22.24 -37.69 26.31
N VAL A 381 22.77 -38.91 26.29
CA VAL A 381 23.45 -39.39 27.48
C VAL A 381 24.76 -38.65 27.69
N LEU A 382 25.40 -38.19 26.60
CA LEU A 382 26.60 -37.39 26.75
C LEU A 382 26.29 -36.03 27.34
N GLY A 383 25.15 -35.45 26.95
CA GLY A 383 24.71 -34.23 27.59
C GLY A 383 24.51 -34.41 29.08
N ILE A 384 23.85 -35.52 29.46
CA ILE A 384 23.71 -35.85 30.88
C ILE A 384 25.06 -35.98 31.57
N VAL A 385 26.01 -36.68 30.96
CA VAL A 385 27.30 -36.93 31.58
C VAL A 385 28.07 -35.64 31.79
N ILE A 386 28.15 -34.79 30.76
CA ILE A 386 28.90 -33.55 30.90
C ILE A 386 28.16 -32.54 31.78
N ALA A 387 26.84 -32.68 31.92
CA ALA A 387 26.10 -31.77 32.78
C ALA A 387 26.22 -32.14 34.25
N ILE A 388 26.12 -33.42 34.61
CA ILE A 388 26.14 -33.78 36.01
C ILE A 388 27.55 -33.71 36.60
N SER A 389 28.57 -33.86 35.77
CA SER A 389 29.96 -33.78 36.23
C SER A 389 30.45 -32.35 36.32
N THR A 390 29.57 -31.38 36.10
CA THR A 390 29.92 -29.97 36.17
C THR A 390 29.67 -29.41 37.58
N SER A 421 52.91 -18.40 27.12
CA SER A 421 51.89 -18.81 26.18
C SER A 421 51.80 -17.87 24.99
N LYS A 422 50.62 -17.76 24.40
CA LYS A 422 50.36 -16.85 23.30
C LYS A 422 49.08 -16.05 23.49
N GLN A 423 48.10 -16.59 24.21
CA GLN A 423 46.84 -15.88 24.44
C GLN A 423 46.84 -15.02 25.69
N GLU A 424 47.29 -15.53 26.83
CA GLU A 424 47.22 -14.77 28.07
C GLU A 424 48.40 -13.85 28.30
N LYS A 425 49.41 -13.85 27.42
CA LYS A 425 50.40 -12.78 27.45
C LYS A 425 49.73 -11.42 27.43
N LYS A 426 48.81 -11.23 26.48
CA LYS A 426 48.17 -9.92 26.34
C LYS A 426 47.10 -9.70 27.40
N GLU A 427 46.57 -10.78 27.98
CA GLU A 427 45.71 -10.63 29.15
C GLU A 427 46.50 -10.05 30.32
N SER A 428 47.69 -10.59 30.56
CA SER A 428 48.54 -10.07 31.63
C SER A 428 48.95 -8.62 31.33
N GLN A 429 49.39 -8.36 30.10
CA GLN A 429 49.73 -7.01 29.70
C GLN A 429 48.56 -6.06 29.89
N TRP A 430 47.34 -6.54 29.61
CA TRP A 430 46.15 -5.72 29.77
C TRP A 430 45.92 -5.38 31.22
N GLU A 431 45.69 -6.40 32.05
CA GLU A 431 45.34 -6.11 33.43
C GLU A 431 46.49 -5.46 34.19
N ARG A 432 47.72 -5.51 33.66
CA ARG A 432 48.78 -4.65 34.16
C ARG A 432 48.57 -3.21 33.72
N LEU A 433 48.40 -2.99 32.42
CA LEU A 433 48.03 -1.66 31.93
C LEU A 433 46.75 -1.17 32.58
N THR A 434 45.74 -2.02 32.69
CA THR A 434 44.44 -1.64 33.22
C THR A 434 44.28 -2.03 34.69
N SER A 435 45.33 -1.91 35.49
CA SER A 435 45.23 -2.20 36.91
C SER A 435 44.73 -1.00 37.69
N SER A 436 44.48 -1.23 38.98
CA SER A 436 44.23 -0.13 39.89
C SER A 436 45.54 0.56 40.22
N ARG A 437 45.53 1.89 40.20
CA ARG A 437 46.72 2.69 40.46
C ARG A 437 46.50 3.74 41.54
N ALA A 438 45.39 3.67 42.26
CA ALA A 438 45.15 4.58 43.37
C ALA A 438 45.96 4.16 44.58
N ARG A 439 46.65 5.11 45.19
CA ARG A 439 47.36 4.83 46.43
C ARG A 439 46.35 4.56 47.54
N GLU A 440 46.55 3.45 48.25
CA GLU A 440 45.62 3.03 49.30
C GLU A 440 46.19 3.45 50.65
N PHE A 441 45.41 4.20 51.41
CA PHE A 441 45.78 4.65 52.73
C PHE A 441 44.77 4.14 53.76
N MET A 442 45.21 4.10 55.01
CA MET A 442 44.45 3.65 56.17
C MET A 442 43.96 2.20 56.05
N THR A 443 44.48 1.44 55.10
CA THR A 443 44.33 -0.01 55.10
C THR A 443 45.66 -0.63 55.49
N LYS A 444 45.62 -1.90 55.89
CA LYS A 444 46.80 -2.56 56.42
C LYS A 444 47.79 -2.81 55.28
N ASP A 445 48.76 -1.91 55.14
CA ASP A 445 49.85 -2.08 54.19
C ASP A 445 50.89 -3.01 54.81
N GLU A 446 50.42 -4.22 55.14
CA GLU A 446 51.23 -5.17 55.89
C GLU A 446 52.10 -6.05 54.99
N LYS A 447 52.43 -5.58 53.78
CA LYS A 447 53.56 -6.18 53.06
C LYS A 447 54.74 -6.37 53.99
N THR A 448 55.03 -5.36 54.81
CA THR A 448 56.03 -5.46 55.86
C THR A 448 55.44 -5.33 57.26
N GLY A 449 54.17 -4.96 57.40
CA GLY A 449 53.55 -4.84 58.71
C GLY A 449 53.17 -3.41 59.04
N LYS A 450 52.91 -2.61 58.00
CA LYS A 450 52.64 -1.20 58.14
C LYS A 450 51.20 -0.91 57.72
N MET A 451 50.82 0.37 57.80
CA MET A 451 49.60 0.86 57.15
C MET A 451 49.82 2.34 56.87
N ARG A 452 49.71 2.73 55.60
CA ARG A 452 50.11 4.05 55.15
C ARG A 452 49.24 5.10 55.83
N ASP A 453 49.89 6.12 56.40
CA ASP A 453 49.18 7.21 57.08
C ASP A 453 49.60 8.56 56.51
N THR A 454 48.71 9.53 56.65
CA THR A 454 48.96 10.89 56.21
C THR A 454 49.51 11.77 57.31
N GLY A 455 48.97 11.66 58.51
CA GLY A 455 49.56 12.29 59.69
C GLY A 455 49.17 13.72 59.93
N VAL A 456 47.99 14.13 59.49
CA VAL A 456 47.44 15.45 59.81
C VAL A 456 45.97 15.27 60.15
N ARG A 457 45.51 15.99 61.17
CA ARG A 457 44.15 15.86 61.67
C ARG A 457 43.48 17.23 61.69
N PHE A 458 42.33 17.30 62.36
CA PHE A 458 41.56 18.53 62.40
C PHE A 458 42.15 19.56 63.34
N GLU A 459 43.36 19.36 63.84
CA GLU A 459 44.01 20.34 64.70
C GLU A 459 45.15 21.08 64.02
N ASP A 460 45.88 20.42 63.13
CA ASP A 460 46.92 21.09 62.35
C ASP A 460 46.36 21.76 61.10
N ILE A 461 45.07 22.11 61.11
CA ILE A 461 44.45 22.91 60.01
C ILE A 461 43.87 24.15 60.70
N ALA A 462 44.48 25.34 60.52
CA ALA A 462 44.03 26.53 61.27
C ALA A 462 43.45 27.62 60.37
N GLY A 463 42.13 27.72 60.26
CA GLY A 463 41.54 28.81 59.47
C GLY A 463 40.19 28.45 58.90
N MET A 464 40.06 27.26 58.31
CA MET A 464 38.78 26.87 57.65
C MET A 464 37.77 26.35 58.67
N GLU A 465 37.55 27.08 59.77
CA GLU A 465 36.61 26.63 60.83
C GLU A 465 35.34 26.02 60.24
N PHE A 466 34.72 26.67 59.24
CA PHE A 466 33.45 26.19 58.72
C PHE A 466 33.62 24.86 58.01
N LEU A 467 34.66 24.73 57.20
CA LEU A 467 34.89 23.47 56.50
C LEU A 467 35.21 22.35 57.48
N VAL A 468 36.01 22.63 58.51
CA VAL A 468 36.36 21.56 59.44
C VAL A 468 35.14 21.12 60.22
N THR A 469 34.22 22.04 60.54
CA THR A 469 32.99 21.62 61.19
C THR A 469 32.13 20.75 60.27
N GLU A 470 31.99 21.18 59.02
CA GLU A 470 31.23 20.41 58.05
C GLU A 470 31.75 18.98 57.96
N MET A 471 33.07 18.82 57.80
CA MET A 471 33.60 17.47 57.64
C MET A 471 33.64 16.71 58.96
N ARG A 472 33.78 17.39 60.09
CA ARG A 472 33.63 16.72 61.37
C ARG A 472 32.29 16.02 61.43
N GLU A 473 31.21 16.74 61.12
CA GLU A 473 29.91 16.09 61.23
C GLU A 473 29.69 15.07 60.11
N ILE A 474 30.25 15.28 58.92
CA ILE A 474 30.00 14.27 57.89
C ILE A 474 30.77 12.98 58.20
N VAL A 475 31.93 13.06 58.83
CA VAL A 475 32.64 11.83 59.16
C VAL A 475 32.12 11.20 60.45
N ARG A 476 31.46 11.98 61.32
CA ARG A 476 30.74 11.37 62.41
C ARG A 476 29.52 10.61 61.90
N MET A 477 28.88 11.14 60.85
CA MET A 477 27.76 10.44 60.24
C MET A 477 28.21 9.21 59.45
N LEU A 478 29.35 9.29 58.78
CA LEU A 478 29.81 8.21 57.93
C LEU A 478 30.32 7.00 58.71
N LYS A 479 30.65 7.18 59.99
CA LYS A 479 31.37 6.18 60.78
C LYS A 479 30.55 5.64 61.93
N GLY A 480 29.31 5.24 61.69
CA GLY A 480 28.46 4.82 62.78
C GLY A 480 27.79 6.01 63.42
N ASP A 481 26.95 6.68 62.61
CA ASP A 481 26.22 7.86 63.06
C ASP A 481 25.42 7.59 64.32
N GLU A 482 24.48 6.65 64.25
CA GLU A 482 23.71 6.17 65.40
C GLU A 482 22.86 7.26 66.03
N ALA A 483 22.93 8.48 65.50
CA ALA A 483 22.06 9.58 65.90
C ALA A 483 21.52 10.36 64.71
N TYR A 484 22.23 10.32 63.58
CA TYR A 484 21.79 10.98 62.36
C TYR A 484 20.77 10.13 61.60
N LYS A 485 20.93 8.81 61.63
CA LYS A 485 19.92 7.90 61.08
C LYS A 485 18.58 8.04 61.78
N ARG A 486 18.57 8.51 63.03
CA ARG A 486 17.33 8.63 63.77
C ARG A 486 16.41 9.67 63.14
N VAL A 487 16.97 10.73 62.56
CA VAL A 487 16.19 11.70 61.82
C VAL A 487 16.36 11.55 60.31
N GLY A 488 16.89 10.43 59.85
CA GLY A 488 16.96 10.17 58.42
C GLY A 488 17.87 11.09 57.64
N ALA A 489 18.67 11.90 58.31
CA ALA A 489 19.60 12.80 57.64
C ALA A 489 20.61 11.98 56.86
N LYS A 490 20.55 12.08 55.53
CA LYS A 490 21.41 11.28 54.68
C LYS A 490 22.68 12.04 54.30
N CYS A 491 23.74 11.29 54.06
CA CYS A 491 25.01 11.89 53.71
C CYS A 491 25.00 12.33 52.25
N PRO A 492 25.76 13.37 51.89
CA PRO A 492 25.92 13.71 50.47
C PRO A 492 26.82 12.71 49.76
N LYS A 493 26.36 12.21 48.60
CA LYS A 493 27.05 11.16 47.88
C LYS A 493 28.34 11.64 47.21
N GLY A 494 28.65 12.92 47.28
CA GLY A 494 29.82 13.45 46.62
C GLY A 494 30.09 14.90 46.97
N ILE A 495 31.35 15.30 47.02
CA ILE A 495 31.73 16.66 47.36
C ILE A 495 32.73 17.15 46.32
N ILE A 496 32.71 18.45 46.06
CA ILE A 496 33.73 19.11 45.25
C ILE A 496 34.30 20.26 46.06
N PHE A 497 35.63 20.33 46.11
CA PHE A 497 36.32 21.46 46.72
C PHE A 497 36.91 22.29 45.61
N GLN A 498 36.53 23.56 45.54
CA GLN A 498 37.00 24.45 44.50
C GLN A 498 37.48 25.76 45.11
N GLY A 499 38.46 26.36 44.46
CA GLY A 499 39.05 27.58 44.93
C GLY A 499 40.36 27.84 44.22
N PRO A 500 40.96 29.00 44.48
CA PRO A 500 42.22 29.35 43.82
C PRO A 500 43.33 28.41 44.28
N PRO A 501 44.55 28.45 43.66
CA PRO A 501 45.67 27.68 44.18
C PRO A 501 46.20 28.20 45.51
N GLY A 502 46.74 27.32 46.35
CA GLY A 502 47.36 27.71 47.64
C GLY A 502 46.36 27.85 48.75
N THR A 503 45.14 27.35 48.56
CA THR A 503 44.07 27.61 49.54
C THR A 503 44.08 26.57 50.65
N GLY A 504 44.22 25.30 50.30
CA GLY A 504 44.32 24.26 51.33
C GLY A 504 43.37 23.13 51.07
N LYS A 505 43.29 22.68 49.83
CA LYS A 505 42.30 21.62 49.50
C LYS A 505 42.96 20.25 49.71
N THR A 506 44.21 20.07 49.27
CA THR A 506 44.93 18.80 49.52
C THR A 506 45.24 18.67 50.99
N TYR A 507 45.85 19.66 51.60
CA TYR A 507 46.06 19.60 53.07
C TYR A 507 44.80 19.10 53.72
N LEU A 508 43.66 19.74 53.43
CA LEU A 508 42.40 19.37 54.07
C LEU A 508 42.00 17.93 53.75
N ALA A 509 42.27 17.50 52.52
CA ALA A 509 41.99 16.11 52.16
C ALA A 509 42.78 15.15 53.04
N ARG A 510 44.07 15.37 53.17
CA ARG A 510 44.89 14.53 54.03
C ARG A 510 44.40 14.59 55.47
N ALA A 511 43.94 15.76 55.92
CA ALA A 511 43.42 15.86 57.28
C ALA A 511 42.21 14.95 57.49
N ILE A 512 41.24 15.03 56.59
CA ILE A 512 40.04 14.21 56.75
C ILE A 512 40.38 12.75 56.57
N ALA A 513 41.39 12.45 55.76
CA ALA A 513 41.85 11.06 55.64
C ALA A 513 42.37 10.56 56.97
N GLY A 514 43.30 11.30 57.57
CA GLY A 514 43.86 10.93 58.85
C GLY A 514 42.80 10.72 59.90
N GLU A 515 41.81 11.60 59.93
CA GLU A 515 40.75 11.42 60.92
C GLU A 515 39.61 10.54 60.39
N ALA A 516 39.80 9.87 59.26
CA ALA A 516 38.74 9.10 58.63
C ALA A 516 38.76 7.63 58.99
N GLU A 517 39.92 7.06 59.33
CA GLU A 517 40.06 5.69 59.84
C GLU A 517 39.40 4.66 58.92
N VAL A 518 39.31 4.99 57.64
CA VAL A 518 38.66 4.12 56.66
C VAL A 518 39.54 4.05 55.41
N PRO A 519 39.37 3.04 54.55
CA PRO A 519 40.18 2.99 53.33
C PRO A 519 40.07 4.28 52.55
N PHE A 520 41.21 4.77 52.07
CA PHE A 520 41.30 6.06 51.42
C PHE A 520 42.06 5.87 50.12
N PHE A 521 41.35 5.95 49.00
CA PHE A 521 41.96 5.70 47.70
C PHE A 521 42.25 7.04 47.03
N SER A 522 43.52 7.35 46.85
CA SER A 522 43.90 8.65 46.24
C SER A 522 44.36 8.47 44.80
N SER A 523 43.86 9.28 43.85
CA SER A 523 44.41 9.24 42.47
C SER A 523 44.42 10.65 41.87
N VAL A 524 44.86 10.78 40.62
CA VAL A 524 44.83 12.10 39.93
C VAL A 524 44.10 11.89 38.59
N GLY A 525 43.44 12.93 38.09
CA GLY A 525 42.64 12.76 36.86
C GLY A 525 43.48 12.71 35.61
N SER A 526 44.76 12.37 35.73
CA SER A 526 45.65 12.41 34.54
C SER A 526 46.25 11.02 34.31
N GLU A 527 46.37 10.23 35.37
CA GLU A 527 46.99 8.88 35.25
C GLU A 527 46.10 7.93 34.45
N PHE A 528 44.90 8.37 34.06
CA PHE A 528 43.94 7.46 33.40
C PHE A 528 44.32 7.25 31.93
N VAL A 529 44.57 8.32 31.18
CA VAL A 529 44.82 8.15 29.76
C VAL A 529 46.27 7.75 29.55
N GLU A 530 46.51 6.82 28.62
CA GLU A 530 47.87 6.41 28.26
C GLU A 530 47.84 5.96 26.80
N MET A 531 48.89 5.23 26.41
CA MET A 531 49.10 4.81 25.02
C MET A 531 47.81 4.34 24.34
N PHE A 532 47.08 3.44 24.98
CA PHE A 532 46.09 2.64 24.26
C PHE A 532 44.66 3.06 24.60
N ALA A 533 43.72 2.34 24.00
CA ALA A 533 42.31 2.68 24.07
C ALA A 533 41.58 1.78 25.08
N GLY A 534 40.58 2.35 25.74
CA GLY A 534 39.80 1.62 26.72
C GLY A 534 40.46 1.45 28.05
N VAL A 535 41.73 1.85 28.18
CA VAL A 535 42.48 1.61 29.40
C VAL A 535 41.99 2.52 30.53
N ALA A 536 41.65 3.77 30.21
CA ALA A 536 41.21 4.70 31.23
C ALA A 536 39.87 4.26 31.80
N ALA A 537 38.97 3.81 30.94
CA ALA A 537 37.68 3.30 31.41
C ALA A 537 37.86 2.10 32.32
N ALA A 538 38.70 1.14 31.92
CA ALA A 538 38.94 -0.02 32.78
C ALA A 538 39.58 0.41 34.09
N ARG A 539 40.42 1.45 34.07
CA ARG A 539 41.07 1.89 35.30
C ARG A 539 40.07 2.48 36.28
N VAL A 540 39.21 3.37 35.81
CA VAL A 540 38.22 3.96 36.71
C VAL A 540 37.22 2.88 37.14
N ASN A 541 36.95 1.92 36.27
CA ASN A 541 36.09 0.80 36.64
C ASN A 541 36.69 0.02 37.80
N SER A 542 37.97 -0.34 37.69
CA SER A 542 38.62 -1.11 38.74
C SER A 542 38.68 -0.31 40.04
N LEU A 543 39.05 0.97 39.94
CA LEU A 543 39.09 1.82 41.12
C LEU A 543 37.74 1.84 41.83
N PHE A 544 36.68 2.23 41.12
CA PHE A 544 35.38 2.36 41.75
C PHE A 544 34.85 1.01 42.24
N TYR A 545 35.17 -0.06 41.50
CA TYR A 545 34.66 -1.37 41.86
C TYR A 545 35.29 -1.87 43.15
N ASN A 546 36.62 -1.90 43.22
CA ASN A 546 37.25 -2.35 44.45
C ASN A 546 36.99 -1.40 45.60
N ALA A 547 36.68 -0.14 45.29
CA ALA A 547 36.23 0.77 46.35
C ALA A 547 34.87 0.35 46.88
N ARG A 548 33.97 -0.04 45.98
CA ARG A 548 32.67 -0.56 46.39
C ARG A 548 32.81 -1.88 47.14
N LYS A 549 33.90 -2.60 46.90
CA LYS A 549 34.09 -3.91 47.53
C LYS A 549 34.46 -3.77 49.00
N LYS A 550 35.27 -2.76 49.33
CA LYS A 550 35.72 -2.53 50.70
C LYS A 550 34.93 -1.43 51.40
N ALA A 551 33.65 -1.29 51.07
CA ALA A 551 32.84 -0.23 51.64
C ALA A 551 32.67 -0.43 53.14
N PRO A 552 32.50 0.66 53.91
CA PRO A 552 32.50 2.06 53.48
C PRO A 552 33.91 2.63 53.40
N ALA A 553 34.18 3.46 52.39
CA ALA A 553 35.51 3.96 52.13
C ALA A 553 35.41 5.41 51.67
N ILE A 554 36.54 5.95 51.20
CA ILE A 554 36.59 7.28 50.63
C ILE A 554 37.47 7.24 49.39
N ILE A 555 36.98 7.82 48.30
CA ILE A 555 37.77 8.02 47.09
C ILE A 555 38.12 9.50 47.03
N PHE A 556 39.29 9.80 46.47
CA PHE A 556 39.73 11.18 46.33
C PHE A 556 40.49 11.29 45.02
N ILE A 557 39.88 11.92 44.03
CA ILE A 557 40.56 12.23 42.78
C ILE A 557 40.91 13.71 42.80
N ASP A 558 42.17 14.02 43.05
CA ASP A 558 42.65 15.38 42.96
C ASP A 558 42.79 15.76 41.49
N GLU A 559 42.39 17.00 41.18
CA GLU A 559 42.50 17.53 39.82
C GLU A 559 41.71 16.70 38.82
N ILE A 560 40.39 16.65 39.01
CA ILE A 560 39.52 15.98 38.05
C ILE A 560 39.37 16.85 36.81
N ASP A 561 39.92 18.07 36.86
CA ASP A 561 39.87 18.95 35.71
C ASP A 561 40.42 18.30 34.45
N ALA A 562 41.43 17.45 34.59
CA ALA A 562 41.99 16.76 33.46
C ALA A 562 41.17 15.56 33.02
N ILE A 563 40.24 15.10 33.85
CA ILE A 563 39.37 14.00 33.50
C ILE A 563 37.90 14.39 33.43
N GLY A 564 37.44 15.31 34.29
CA GLY A 564 36.05 15.70 34.29
C GLY A 564 35.80 16.95 33.49
N ARG A 565 36.63 17.18 32.47
CA ARG A 565 36.46 18.34 31.62
C ARG A 565 35.20 18.20 30.79
N ALA A 566 34.55 19.33 30.54
CA ALA A 566 33.34 19.34 29.72
C ALA A 566 33.66 18.85 28.32
N ARG A 567 32.82 17.95 27.81
CA ARG A 567 32.99 17.41 26.47
C ARG A 567 32.71 18.51 25.46
N SER A 568 33.62 18.69 24.51
CA SER A 568 33.45 19.69 23.47
C SER A 568 32.61 19.10 22.34
N THR A 569 32.39 19.89 21.29
CA THR A 569 31.75 19.41 20.07
C THR A 569 32.72 19.28 18.90
N LEU A 570 33.96 19.75 19.08
CA LEU A 570 34.98 19.71 18.06
C LEU A 570 36.15 18.83 18.49
N GLY A 571 36.84 18.27 17.49
CA GLY A 571 38.07 17.54 17.74
C GLY A 571 37.98 16.04 17.60
N GLY A 572 38.37 15.51 16.44
CA GLY A 572 38.34 14.08 16.23
C GLY A 572 39.66 13.39 16.53
N ASP A 573 40.25 13.69 17.69
CA ASP A 573 41.50 13.07 18.06
C ASP A 573 41.26 11.95 19.04
N PRO A 574 42.13 10.93 19.10
CA PRO A 574 41.92 9.83 20.05
C PRO A 574 41.88 10.27 21.49
N GLY A 575 42.63 11.33 21.84
CA GLY A 575 42.66 11.78 23.22
C GLY A 575 41.29 12.14 23.74
N SER A 576 40.52 12.88 22.95
CA SER A 576 39.14 13.18 23.32
C SER A 576 38.35 11.90 23.50
N MET A 577 38.54 10.93 22.61
CA MET A 577 37.83 9.67 22.72
C MET A 577 38.05 9.03 24.08
N GLU A 578 39.32 8.84 24.44
CA GLU A 578 39.61 8.16 25.70
C GLU A 578 39.16 9.01 26.89
N ARG A 579 39.33 10.32 26.80
CA ARG A 579 38.95 11.18 27.93
C ARG A 579 37.45 11.12 28.19
N GLU A 580 36.63 11.26 27.15
CA GLU A 580 35.19 11.24 27.44
C GLU A 580 34.71 9.82 27.72
N SER A 581 35.43 8.80 27.23
CA SER A 581 35.06 7.44 27.61
C SER A 581 35.30 7.20 29.09
N ALA A 582 36.46 7.64 29.58
CA ALA A 582 36.69 7.61 31.02
C ALA A 582 35.65 8.44 31.76
N LEU A 583 35.20 9.54 31.14
CA LEU A 583 34.19 10.37 31.77
C LEU A 583 32.87 9.61 31.89
N LEU A 584 32.47 8.93 30.81
CA LEU A 584 31.26 8.11 30.85
C LEU A 584 31.35 7.06 31.94
N ALA A 585 32.50 6.38 32.03
CA ALA A 585 32.66 5.34 33.05
C ALA A 585 32.56 5.93 34.44
N MET A 586 33.31 7.01 34.69
CA MET A 586 33.21 7.78 35.92
C MET A 586 31.76 8.08 36.28
N LEU A 587 30.99 8.59 35.31
CA LEU A 587 29.59 8.91 35.55
C LEU A 587 28.82 7.67 35.98
N VAL A 588 28.71 6.69 35.07
CA VAL A 588 27.85 5.53 35.31
C VAL A 588 28.25 4.82 36.59
N GLN A 589 29.52 4.90 36.99
CA GLN A 589 29.93 4.30 38.25
C GLN A 589 29.42 5.11 39.43
N MET A 590 29.60 6.44 39.39
CA MET A 590 29.25 7.22 40.57
C MET A 590 27.74 7.29 40.77
N ASP A 591 26.98 7.40 39.68
CA ASP A 591 25.54 7.19 39.80
C ASP A 591 25.21 5.72 39.96
N GLY A 592 26.21 4.84 39.79
CA GLY A 592 26.04 3.44 40.08
C GLY A 592 25.76 3.15 41.54
N ILE A 593 25.86 4.16 42.40
CA ILE A 593 25.34 4.03 43.77
C ILE A 593 23.88 4.42 43.69
N ALA A 594 23.07 3.46 43.24
CA ALA A 594 21.64 3.45 43.44
C ALA A 594 21.24 2.53 44.58
N ASN A 595 22.13 1.62 44.95
CA ASN A 595 22.05 0.90 46.21
C ASN A 595 22.47 1.86 47.31
N LYS A 596 21.50 2.63 47.79
CA LYS A 596 21.70 3.68 48.79
C LYS A 596 22.57 3.32 49.99
N THR A 597 22.60 2.05 50.37
CA THR A 597 23.38 1.64 51.52
C THR A 597 24.88 1.65 51.21
N GLU A 598 25.23 1.62 49.93
CA GLU A 598 26.63 1.78 49.55
C GLU A 598 27.12 3.13 50.05
N GLN A 599 28.06 3.09 50.99
CA GLN A 599 28.51 4.28 51.69
C GLN A 599 29.84 4.76 51.13
N VAL A 600 30.01 4.63 49.82
CA VAL A 600 31.19 5.16 49.15
C VAL A 600 31.03 6.67 49.00
N LEU A 601 31.98 7.42 49.53
CA LEU A 601 31.98 8.86 49.44
C LEU A 601 33.11 9.32 48.53
N THR A 602 32.82 10.30 47.68
CA THR A 602 33.79 10.77 46.70
C THR A 602 34.08 12.24 46.95
N ILE A 603 35.32 12.65 46.69
CA ILE A 603 35.74 14.03 46.85
C ILE A 603 36.66 14.38 45.69
N GLY A 604 36.42 15.53 45.09
CA GLY A 604 37.30 16.08 44.06
C GLY A 604 37.77 17.46 44.49
N ALA A 605 38.93 17.85 44.00
CA ALA A 605 39.47 19.18 44.28
C ALA A 605 39.91 19.80 42.96
N THR A 606 39.49 21.02 42.71
CA THR A 606 39.79 21.71 41.46
C THR A 606 40.03 23.19 41.73
N ASN A 607 40.78 23.81 40.83
CA ASN A 607 40.87 25.26 40.76
C ASN A 607 40.34 25.77 39.42
N LEU A 608 39.76 24.89 38.61
CA LEU A 608 39.21 25.18 37.29
C LEU A 608 37.76 24.73 37.23
N ALA A 609 36.97 25.15 38.21
CA ALA A 609 35.63 24.60 38.36
C ALA A 609 34.73 24.83 37.15
N GLN A 610 35.01 25.86 36.34
CA GLN A 610 34.12 26.17 35.23
C GLN A 610 34.31 25.20 34.05
N GLU A 611 35.39 24.43 34.05
CA GLU A 611 35.66 23.50 32.96
C GLU A 611 34.94 22.17 33.13
N LEU A 612 34.26 21.98 34.25
CA LEU A 612 33.60 20.72 34.52
C LEU A 612 32.36 20.57 33.63
N ASP A 613 32.09 19.33 33.24
CA ASP A 613 30.90 19.00 32.47
C ASP A 613 29.70 19.02 33.40
N ALA A 614 28.60 19.61 32.93
CA ALA A 614 27.41 19.72 33.76
C ALA A 614 26.78 18.37 34.04
N ALA A 615 27.17 17.31 33.33
CA ALA A 615 26.67 15.98 33.65
C ALA A 615 27.22 15.48 34.97
N LEU A 616 28.33 16.06 35.42
CA LEU A 616 28.91 15.67 36.70
C LEU A 616 28.17 16.31 37.86
N LEU A 617 27.82 17.59 37.72
CA LEU A 617 27.21 18.32 38.83
C LEU A 617 25.72 18.11 38.94
N ARG A 618 25.13 17.27 38.10
CA ARG A 618 23.72 16.92 38.25
C ARG A 618 23.49 16.31 39.62
N PRO A 619 22.33 16.56 40.25
CA PRO A 619 22.06 15.97 41.56
C PRO A 619 22.17 14.45 41.53
N GLY A 620 22.49 13.89 42.70
CA GLY A 620 22.74 12.47 42.81
C GLY A 620 24.13 12.04 42.46
N ARG A 621 24.96 12.91 41.89
CA ARG A 621 26.34 12.58 41.59
C ARG A 621 27.33 13.42 42.38
N PHE A 622 27.30 14.73 42.24
CA PHE A 622 28.11 15.64 43.06
C PHE A 622 27.13 16.65 43.66
N GLU A 623 26.53 16.27 44.79
CA GLU A 623 25.47 17.08 45.36
C GLU A 623 25.96 18.45 45.82
N VAL A 624 27.14 18.51 46.42
CA VAL A 624 27.62 19.73 47.06
C VAL A 624 28.98 20.11 46.50
N VAL A 625 29.22 21.42 46.39
CA VAL A 625 30.54 21.97 46.17
C VAL A 625 30.82 22.97 47.28
N TYR A 626 32.06 23.01 47.72
CA TYR A 626 32.50 23.96 48.74
C TYR A 626 33.58 24.84 48.17
N GLU A 627 33.51 26.12 48.48
CA GLU A 627 34.51 27.07 48.00
C GLU A 627 35.47 27.38 49.15
N VAL A 628 36.76 27.25 48.88
CA VAL A 628 37.79 27.60 49.86
C VAL A 628 38.27 29.01 49.54
N PRO A 629 37.84 30.01 50.29
CA PRO A 629 38.25 31.38 50.00
C PRO A 629 39.65 31.65 50.52
N GLN A 630 40.25 32.68 50.00
CA GLN A 630 41.51 33.08 50.59
C GLN A 630 41.25 33.77 51.94
N PRO A 631 42.18 33.64 52.88
CA PRO A 631 41.86 34.00 54.26
C PRO A 631 41.77 35.50 54.47
N GLY A 632 40.91 35.88 55.42
CA GLY A 632 40.81 37.27 55.83
C GLY A 632 41.82 37.56 56.91
N PRO A 633 41.70 38.72 57.57
CA PRO A 633 42.68 39.09 58.59
C PRO A 633 42.78 38.11 59.74
N SER A 634 41.65 37.71 60.34
CA SER A 634 41.70 36.80 61.48
C SER A 634 42.25 35.44 61.08
N ALA A 635 41.82 34.93 59.93
CA ALA A 635 42.34 33.64 59.48
C ALA A 635 43.83 33.72 59.19
N ARG A 636 44.29 34.85 58.67
CA ARG A 636 45.72 35.01 58.43
C ARG A 636 46.49 35.01 59.75
N MET A 637 45.95 35.69 60.77
CA MET A 637 46.64 35.67 62.05
C MET A 637 46.67 34.27 62.63
N ALA A 638 45.58 33.52 62.48
CA ALA A 638 45.57 32.14 62.99
C ALA A 638 46.57 31.26 62.26
N ILE A 639 46.70 31.44 60.95
CA ILE A 639 47.68 30.64 60.21
C ILE A 639 49.10 30.99 60.63
N LEU A 640 49.39 32.27 60.78
CA LEU A 640 50.73 32.65 61.20
C LEU A 640 50.98 32.29 62.67
N ARG A 641 49.91 32.10 63.45
CA ARG A 641 50.10 31.60 64.80
C ARG A 641 50.47 30.13 64.79
N TYR A 642 49.73 29.32 64.03
CA TYR A 642 50.01 27.89 63.99
C TYR A 642 51.39 27.62 63.40
N HIS A 643 51.73 28.29 62.32
CA HIS A 643 53.00 28.03 61.64
C HIS A 643 54.17 28.73 62.29
N ALA A 644 54.02 29.22 63.51
CA ALA A 644 55.11 29.84 64.24
C ALA A 644 55.49 29.08 65.50
N LYS A 645 54.76 28.03 65.85
CA LYS A 645 55.17 27.18 66.95
C LYS A 645 56.44 26.44 66.56
N GLY A 646 57.50 26.60 67.34
CA GLY A 646 58.77 26.01 67.02
C GLY A 646 59.75 26.95 66.34
N LYS A 647 59.59 28.26 66.50
CA LYS A 647 60.51 29.23 65.95
C LYS A 647 60.78 30.33 66.96
N PRO A 648 61.96 30.96 66.91
CA PRO A 648 62.28 32.02 67.88
C PRO A 648 61.70 33.35 67.42
N LEU A 649 60.97 34.01 68.31
CA LEU A 649 60.33 35.29 68.02
C LEU A 649 60.84 36.35 68.97
N GLU A 650 61.36 37.44 68.40
CA GLU A 650 61.85 38.55 69.21
C GLU A 650 60.70 39.18 70.00
N GLY A 651 60.97 39.49 71.26
CA GLY A 651 60.03 40.10 72.17
C GLY A 651 58.67 39.41 72.12
N ASP A 652 57.64 40.22 72.29
CA ASP A 652 56.27 39.76 72.15
C ASP A 652 56.02 39.38 70.70
N GLY A 653 55.71 38.09 70.46
CA GLY A 653 55.38 37.67 69.12
C GLY A 653 54.00 38.11 68.68
N GLN A 654 53.13 38.46 69.63
CA GLN A 654 51.77 38.82 69.30
C GLN A 654 51.72 40.02 68.37
N ARG A 655 52.37 41.12 68.76
CA ARG A 655 52.29 42.32 67.93
C ARG A 655 52.92 42.09 66.57
N LEU A 656 53.97 41.27 66.51
CA LEU A 656 54.56 40.94 65.23
C LEU A 656 53.55 40.22 64.34
N LEU A 657 52.87 39.20 64.88
CA LEU A 657 51.87 38.48 64.11
C LEU A 657 50.74 39.41 63.67
N LEU A 658 50.31 40.30 64.55
CA LEU A 658 49.25 41.24 64.21
C LEU A 658 49.65 42.12 63.05
N LYS A 659 50.84 42.71 63.13
CA LYS A 659 51.31 43.59 62.07
C LYS A 659 51.41 42.85 60.74
N THR A 660 52.04 41.67 60.73
CA THR A 660 52.20 40.97 59.47
C THR A 660 50.89 40.36 58.98
N ALA A 661 49.88 40.26 59.85
CA ALA A 661 48.57 39.81 59.39
C ALA A 661 47.82 40.95 58.72
N GLU A 662 47.90 42.15 59.28
CA GLU A 662 47.28 43.29 58.61
C GLU A 662 48.18 43.89 57.53
N ALA A 663 49.33 43.29 57.26
CA ALA A 663 50.19 43.75 56.17
C ALA A 663 50.27 42.77 55.00
N THR A 664 49.81 41.53 55.19
CA THR A 664 49.79 40.55 54.11
C THR A 664 48.38 40.41 53.54
N GLN A 665 47.89 41.47 52.92
CA GLN A 665 46.57 41.41 52.32
C GLN A 665 46.63 40.81 50.92
N GLY A 666 45.70 39.91 50.65
CA GLY A 666 45.68 39.23 49.37
C GLY A 666 46.54 38.00 49.28
N TRP A 667 47.06 37.52 50.41
CA TRP A 667 47.93 36.36 50.40
C TRP A 667 47.13 35.08 50.61
N SER A 668 47.72 33.97 50.18
CA SER A 668 47.13 32.66 50.40
C SER A 668 47.67 32.08 51.72
N ALA A 669 47.45 30.79 51.93
CA ALA A 669 47.97 30.13 53.13
C ALA A 669 49.39 29.59 52.91
N ALA A 670 49.59 28.91 51.79
CA ALA A 670 50.93 28.43 51.45
C ALA A 670 51.93 29.55 51.46
N ALA A 671 51.54 30.74 51.02
CA ALA A 671 52.46 31.87 51.00
C ALA A 671 52.85 32.30 52.41
N LEU A 672 51.89 32.28 53.34
CA LEU A 672 52.23 32.65 54.71
C LEU A 672 53.16 31.63 55.35
N ALA A 673 52.91 30.34 55.10
CA ALA A 673 53.81 29.31 55.60
C ALA A 673 55.22 29.50 55.06
N ASN A 674 55.33 29.71 53.74
CA ASN A 674 56.63 29.95 53.14
C ASN A 674 57.30 31.19 53.71
N LEU A 675 56.51 32.21 54.04
CA LEU A 675 57.06 33.42 54.64
C LEU A 675 57.71 33.10 55.98
N MET A 676 57.01 32.32 56.81
CA MET A 676 57.59 31.95 58.10
C MET A 676 58.88 31.14 57.92
N ASN A 677 58.89 30.18 57.01
CA ASN A 677 60.10 29.34 56.84
C ASN A 677 61.28 30.22 56.44
N GLU A 678 61.12 31.03 55.40
CA GLU A 678 62.24 31.86 54.88
C GLU A 678 62.79 32.74 56.00
N ALA A 679 61.91 33.30 56.83
CA ALA A 679 62.37 34.15 57.95
C ALA A 679 63.37 33.37 58.80
N ALA A 680 63.04 32.13 59.14
CA ALA A 680 63.93 31.36 60.04
C ALA A 680 65.27 31.12 59.34
N ILE A 681 65.25 30.66 58.09
CA ILE A 681 66.52 30.50 57.31
C ILE A 681 67.32 31.81 57.43
N LEU A 682 66.66 32.94 57.24
CA LEU A 682 67.38 34.23 57.27
C LEU A 682 68.07 34.39 58.63
N THR A 683 67.33 34.26 59.72
CA THR A 683 67.95 34.53 61.05
C THR A 683 69.31 33.88 61.08
N VAL A 684 69.40 32.59 60.79
CA VAL A 684 70.72 31.89 60.73
C VAL A 684 71.65 32.66 59.78
N ARG A 685 71.33 32.68 58.49
CA ARG A 685 72.18 33.34 57.47
C ARG A 685 72.83 34.62 58.01
N ARG A 686 72.13 35.43 58.80
CA ARG A 686 72.73 36.73 59.20
C ARG A 686 72.95 36.83 60.72
N ASN A 687 73.17 35.72 61.43
CA ASN A 687 73.55 35.76 62.88
C ASN A 687 72.60 36.61 63.74
N VAL A 688 71.33 36.22 63.83
CA VAL A 688 70.33 36.88 64.65
C VAL A 688 69.57 35.82 65.44
N PRO A 689 69.33 36.03 66.74
CA PRO A 689 68.67 34.97 67.53
C PRO A 689 67.25 34.67 67.08
N ALA A 690 66.38 35.67 67.05
CA ALA A 690 64.98 35.49 66.73
C ALA A 690 64.58 36.49 65.66
N ILE A 691 63.36 36.33 65.15
CA ILE A 691 62.88 37.13 64.03
C ILE A 691 62.21 38.38 64.58
N SER A 692 62.62 39.54 64.06
CA SER A 692 62.09 40.83 64.49
C SER A 692 61.16 41.37 63.41
N LEU A 693 60.64 42.58 63.63
CA LEU A 693 59.64 43.14 62.72
C LEU A 693 60.23 43.74 61.44
N PRO A 694 61.31 44.53 61.51
CA PRO A 694 61.87 45.06 60.25
C PRO A 694 62.34 43.99 59.28
N MET A 695 62.91 42.90 59.78
CA MET A 695 63.37 41.85 58.88
C MET A 695 62.20 41.20 58.15
N VAL A 696 61.14 40.87 58.87
CA VAL A 696 60.00 40.23 58.22
C VAL A 696 59.28 41.22 57.30
N LEU A 697 59.31 42.51 57.64
CA LEU A 697 58.72 43.50 56.73
C LEU A 697 59.51 43.58 55.42
N GLU A 698 60.84 43.66 55.51
CA GLU A 698 61.62 43.65 54.28
C GLU A 698 61.40 42.37 53.51
N LEU A 699 61.24 41.25 54.22
CA LEU A 699 60.94 39.98 53.57
C LEU A 699 59.66 40.06 52.76
N VAL A 700 58.57 40.50 53.41
CA VAL A 700 57.28 40.50 52.73
C VAL A 700 57.28 41.50 51.59
N GLU A 701 57.93 42.65 51.75
CA GLU A 701 58.02 43.59 50.64
C GLU A 701 58.78 43.00 49.46
N GLY A 702 60.01 42.55 49.69
CA GLY A 702 60.79 42.00 48.61
C GLY A 702 60.18 40.76 47.97
N LEU A 703 59.31 40.07 48.70
CA LEU A 703 58.61 38.95 48.09
C LEU A 703 57.44 39.44 47.25
N ASN A 704 56.78 40.52 47.67
CA ASN A 704 55.73 41.11 46.86
C ASN A 704 56.28 41.62 45.53
N TRP A 705 57.35 42.43 45.58
CA TRP A 705 57.82 43.13 44.41
C TRP A 705 59.06 42.55 43.77
N GLY A 706 60.03 42.11 44.56
CA GLY A 706 61.29 41.63 44.01
C GLY A 706 62.47 42.29 44.67
N GLU A 707 63.59 42.41 43.96
CA GLU A 707 64.76 43.04 44.55
C GLU A 707 64.53 44.54 44.69
N GLN A 708 65.35 45.17 45.52
CA GLN A 708 65.14 46.56 45.91
C GLN A 708 66.04 47.45 45.07
N ALA A 709 65.46 48.14 44.08
CA ALA A 709 66.23 48.94 43.15
C ALA A 709 67.05 50.00 43.87
N PRO A 710 68.14 50.47 43.27
CA PRO A 710 68.99 51.44 43.94
C PRO A 710 68.40 52.85 43.88
N ARG A 711 68.86 53.70 44.79
CA ARG A 711 68.37 55.06 44.87
C ARG A 711 68.86 55.86 43.66
N ILE A 712 68.50 57.13 43.65
CA ILE A 712 68.78 57.99 42.49
C ILE A 712 70.13 58.68 42.71
N PRO A 713 71.00 58.70 41.71
CA PRO A 713 72.31 59.34 41.88
C PRO A 713 72.18 60.83 42.10
N ASP A 714 73.11 61.38 42.86
CA ASP A 714 73.07 62.79 43.17
C ASP A 714 73.48 63.62 41.95
N SER A 715 72.77 64.71 41.73
CA SER A 715 73.02 65.57 40.59
C SER A 715 72.39 66.94 40.89
N GLU A 716 72.37 67.80 39.87
CA GLU A 716 71.53 68.98 39.97
C GLU A 716 70.13 68.69 39.45
N ALA A 717 69.94 67.59 38.72
CA ALA A 717 68.59 67.19 38.37
C ALA A 717 67.85 66.67 39.58
N LYS A 718 68.56 66.03 40.51
CA LYS A 718 67.90 65.54 41.71
C LYS A 718 67.42 66.67 42.60
N ASP A 719 68.12 67.80 42.59
CA ASP A 719 67.66 68.94 43.38
C ASP A 719 66.36 69.49 42.84
N ARG A 720 66.23 69.60 41.52
CA ARG A 720 64.99 70.07 40.95
C ARG A 720 63.86 69.06 41.14
N LEU A 721 64.19 67.77 41.04
CA LEU A 721 63.17 66.77 41.33
C LEU A 721 62.67 66.88 42.76
N ALA A 722 63.59 67.03 43.72
CA ALA A 722 63.19 67.19 45.10
C ALA A 722 62.36 68.44 45.30
N LEU A 723 62.72 69.53 44.61
CA LEU A 723 61.94 70.75 44.75
C LEU A 723 60.51 70.57 44.27
N ILE A 724 60.33 69.96 43.09
CA ILE A 724 58.96 69.83 42.60
C ILE A 724 58.17 68.85 43.45
N THR A 725 58.81 67.81 43.98
CA THR A 725 58.07 66.89 44.84
C THR A 725 57.70 67.53 46.16
N ALA A 726 58.57 68.38 46.69
CA ALA A 726 58.23 69.10 47.91
C ALA A 726 57.10 70.09 47.67
N ALA A 727 57.09 70.73 46.50
CA ALA A 727 55.99 71.65 46.21
C ALA A 727 54.68 70.89 46.10
N LYS A 728 54.70 69.71 45.48
CA LYS A 728 53.49 68.90 45.43
C LYS A 728 53.04 68.49 46.82
N ALA A 729 53.98 68.16 47.71
CA ALA A 729 53.60 67.77 49.06
C ALA A 729 52.99 68.94 49.83
N VAL A 730 53.66 70.09 49.82
CA VAL A 730 53.14 71.25 50.53
C VAL A 730 51.78 71.66 49.98
N ALA A 731 51.55 71.50 48.67
CA ALA A 731 50.22 71.81 48.16
C ALA A 731 49.19 70.76 48.53
N PHE A 732 49.59 69.51 48.70
CA PHE A 732 48.65 68.50 49.16
C PHE A 732 48.30 68.71 50.62
N ALA A 733 49.18 69.32 51.39
CA ALA A 733 48.93 69.47 52.81
C ALA A 733 48.19 70.75 53.15
N LEU A 734 47.91 71.61 52.18
CA LEU A 734 47.18 72.85 52.43
C LEU A 734 45.82 72.86 51.75
N THR A 735 45.40 71.77 51.15
CA THR A 735 44.11 71.75 50.51
C THR A 735 43.05 71.39 51.54
N PRO A 736 41.96 72.12 51.64
CA PRO A 736 40.95 71.82 52.66
C PRO A 736 40.16 70.59 52.29
N GLY A 737 40.08 69.65 53.22
CA GLY A 737 39.21 68.51 53.03
C GLY A 737 39.85 67.32 52.35
N LEU A 738 41.08 66.99 52.70
CA LEU A 738 41.68 65.77 52.11
C LEU A 738 42.04 64.79 53.22
N GLU A 739 42.30 63.53 52.89
CA GLU A 739 42.65 62.51 53.90
C GLU A 739 44.00 62.86 54.53
N PRO A 740 44.35 62.32 55.73
CA PRO A 740 45.68 62.56 56.29
C PRO A 740 46.87 62.02 55.49
N ILE A 741 48.00 62.74 55.45
CA ILE A 741 49.20 62.32 54.67
C ILE A 741 50.11 61.54 55.60
N LYS A 742 50.52 60.33 55.22
CA LYS A 742 51.34 59.46 56.04
C LYS A 742 52.83 59.74 55.88
N SER A 743 53.32 59.83 54.65
CA SER A 743 54.75 60.00 54.43
C SER A 743 54.99 60.61 53.07
N VAL A 744 56.16 61.24 52.93
CA VAL A 744 56.65 61.76 51.66
C VAL A 744 58.02 61.15 51.41
N THR A 745 58.13 60.35 50.37
CA THR A 745 59.35 59.59 50.10
C THR A 745 60.09 60.16 48.90
N MET A 746 61.34 59.75 48.76
CA MET A 746 62.18 60.18 47.66
C MET A 746 62.83 59.00 46.95
N TRP A 747 62.65 57.79 47.45
CA TRP A 747 63.38 56.62 46.98
C TRP A 747 62.48 55.60 46.32
N SER A 748 61.50 55.08 47.04
CA SER A 748 60.44 54.24 46.47
C SER A 748 60.89 52.84 46.06
N GLY A 749 62.18 52.58 46.05
CA GLY A 749 62.72 51.24 45.89
C GLY A 749 62.12 50.37 44.79
N ARG A 750 61.40 50.97 43.85
CA ARG A 750 60.80 50.23 42.75
C ARG A 750 61.49 50.62 41.46
N ARG A 751 61.22 49.88 40.40
CA ARG A 751 61.80 50.17 39.10
C ARG A 751 60.77 50.87 38.24
N GLY A 752 61.14 52.03 37.70
CA GLY A 752 60.26 52.85 36.94
C GLY A 752 59.65 54.00 37.70
N LEU A 753 59.48 53.88 39.01
CA LEU A 753 58.78 54.87 39.81
C LEU A 753 59.76 55.77 40.53
N GLY A 754 59.32 56.99 40.81
CA GLY A 754 60.14 57.97 41.47
C GLY A 754 59.58 58.35 42.82
N PRO A 755 59.69 59.62 43.18
CA PRO A 755 59.15 60.07 44.47
C PRO A 755 57.65 59.87 44.54
N SER A 756 57.12 59.95 45.76
CA SER A 756 55.70 59.73 45.96
C SER A 756 55.21 60.52 47.16
N VAL A 757 53.91 60.74 47.20
CA VAL A 757 53.22 61.27 48.36
C VAL A 757 52.19 60.23 48.75
N ASP A 758 52.19 59.83 50.01
CA ASP A 758 51.40 58.69 50.42
C ASP A 758 50.40 59.07 51.51
N PHE A 759 49.22 58.46 51.44
CA PHE A 759 48.13 58.71 52.38
C PHE A 759 47.81 57.43 53.14
N ILE A 760 47.13 57.60 54.27
CA ILE A 760 46.88 56.47 55.16
C ILE A 760 45.96 55.45 54.50
N ALA A 761 46.13 54.20 54.90
CA ALA A 761 45.38 53.08 54.36
C ALA A 761 44.29 52.65 55.34
N MET A 762 43.63 51.53 55.04
CA MET A 762 42.52 51.06 55.88
C MET A 762 42.98 50.77 57.30
N GLU A 763 44.22 50.31 57.45
CA GLU A 763 44.71 50.00 58.79
C GLU A 763 44.76 51.23 59.67
N ASP A 764 45.31 52.32 59.16
CA ASP A 764 45.39 53.54 59.96
C ASP A 764 44.02 54.16 60.15
N LYS A 765 43.09 53.92 59.23
CA LYS A 765 41.72 54.35 59.44
C LYS A 765 41.10 53.63 60.61
N ALA A 766 41.24 52.30 60.65
CA ALA A 766 40.71 51.55 61.79
C ALA A 766 41.38 51.97 63.09
N ALA A 767 42.70 52.17 63.06
CA ALA A 767 43.41 52.58 64.26
C ALA A 767 43.02 53.98 64.72
N MET A 768 42.62 54.85 63.81
CA MET A 768 42.20 56.21 64.14
C MET A 768 40.69 56.35 64.27
N ASP A 769 39.94 55.34 63.84
CA ASP A 769 38.47 55.33 63.91
C ASP A 769 37.86 56.44 63.06
N MET A 770 38.13 56.42 61.76
CA MET A 770 37.45 57.29 60.83
C MET A 770 36.45 56.50 60.00
N HIS A 771 35.37 57.17 59.62
CA HIS A 771 34.38 56.54 58.76
C HIS A 771 35.04 56.10 57.46
N PRO A 772 34.70 54.92 56.94
CA PRO A 772 35.39 54.43 55.74
C PRO A 772 35.43 55.42 54.59
N GLU A 773 34.32 56.10 54.30
CA GLU A 773 34.30 57.15 53.29
C GLU A 773 34.38 58.52 53.95
N GLU A 774 35.50 58.79 54.60
CA GLU A 774 35.59 60.05 55.32
C GLU A 774 35.86 61.22 54.39
N THR A 775 36.54 61.00 53.27
CA THR A 775 36.85 62.10 52.37
C THR A 775 35.61 62.64 51.70
N GLU A 776 34.54 61.85 51.62
CA GLU A 776 33.28 62.39 51.11
C GLU A 776 32.58 63.23 52.16
N LEU A 777 32.43 62.71 53.38
CA LEU A 777 31.81 63.50 54.43
C LEU A 777 32.56 64.79 54.69
N MET A 778 33.87 64.81 54.45
CA MET A 778 34.65 66.00 54.74
C MET A 778 34.21 67.21 53.95
N GLY A 779 33.33 67.02 52.97
CA GLY A 779 32.80 68.16 52.26
C GLY A 779 31.67 68.87 52.95
N TRP A 780 31.23 68.38 54.11
CA TRP A 780 30.11 68.98 54.81
C TRP A 780 30.34 69.28 56.28
N ARG A 781 31.42 68.82 56.89
CA ARG A 781 31.72 69.25 58.24
C ARG A 781 32.01 70.74 58.25
N THR A 782 32.13 71.30 59.45
CA THR A 782 32.14 72.74 59.56
C THR A 782 33.32 73.32 60.33
N ASN A 783 33.83 72.64 61.35
CA ASN A 783 34.92 73.20 62.16
C ASN A 783 35.96 72.13 62.39
N PHE A 784 36.95 72.04 61.50
CA PHE A 784 37.93 70.97 61.66
C PHE A 784 39.21 71.31 60.89
N LYS A 785 40.17 70.39 60.98
CA LYS A 785 41.55 70.57 60.59
C LYS A 785 42.12 69.20 60.27
N THR A 786 42.68 69.03 59.07
CA THR A 786 43.08 67.69 58.64
C THR A 786 44.60 67.53 58.53
N ASN A 787 45.28 68.30 57.69
CA ASN A 787 46.74 68.27 57.69
C ASN A 787 47.31 69.62 58.10
N ALA A 788 47.06 70.66 57.33
CA ALA A 788 47.33 72.02 57.76
C ALA A 788 46.25 72.97 57.29
N ALA A 789 45.13 72.46 56.82
CA ALA A 789 44.02 73.25 56.34
C ALA A 789 42.89 73.21 57.35
N VAL A 790 42.40 74.38 57.73
CA VAL A 790 41.27 74.53 58.64
C VAL A 790 40.06 74.96 57.82
N VAL A 791 38.90 74.40 58.16
CA VAL A 791 37.63 74.93 57.70
C VAL A 791 36.79 75.28 58.92
N GLY A 792 36.14 76.43 58.85
CA GLY A 792 35.41 76.96 59.98
C GLY A 792 33.96 77.32 59.70
N ASP A 793 33.05 76.57 60.34
CA ASP A 793 31.61 76.87 60.42
C ASP A 793 30.99 77.25 59.08
N GLU A 794 31.56 76.80 57.98
CA GLU A 794 30.93 76.99 56.68
C GLU A 794 31.47 75.93 55.72
N PRO A 795 30.62 75.01 55.27
CA PRO A 795 31.13 73.84 54.55
C PRO A 795 31.54 74.17 53.13
N LEU A 796 32.32 73.27 52.55
CA LEU A 796 32.54 73.29 51.12
C LEU A 796 31.37 72.58 50.45
N GLY A 797 31.29 72.66 49.13
CA GLY A 797 30.04 72.23 48.54
C GLY A 797 30.11 71.35 47.32
N GLU A 798 31.11 70.47 47.26
CA GLU A 798 31.28 69.57 46.13
C GLU A 798 31.64 70.33 44.87
N PHE A 799 31.63 71.66 44.93
CA PHE A 799 32.22 72.48 43.89
C PHE A 799 33.55 73.05 44.39
N ALA A 800 33.54 73.74 45.52
CA ALA A 800 34.80 74.16 46.11
C ALA A 800 35.61 72.94 46.53
N HIS A 801 34.93 71.89 46.96
CA HIS A 801 35.63 70.71 47.45
C HIS A 801 36.39 70.01 46.33
N VAL A 802 35.79 69.91 45.14
CA VAL A 802 36.47 69.26 44.04
C VAL A 802 37.39 70.23 43.32
N ALA A 803 36.93 71.45 43.07
CA ALA A 803 37.81 72.44 42.45
C ALA A 803 38.94 72.86 43.37
N GLY A 804 39.01 72.33 44.58
CA GLY A 804 40.19 72.54 45.38
C GLY A 804 41.31 71.59 45.01
N LEU A 805 41.00 70.58 44.20
CA LEU A 805 42.02 69.62 43.77
C LEU A 805 42.91 70.16 42.67
N LEU A 806 42.53 71.26 42.03
CA LEU A 806 43.30 71.72 40.88
C LEU A 806 44.54 72.47 41.30
N VAL A 807 44.65 72.85 42.56
CA VAL A 807 45.84 73.58 43.02
C VAL A 807 46.99 72.62 43.31
N PRO A 808 46.78 71.46 43.96
CA PRO A 808 47.91 70.54 44.11
C PRO A 808 48.38 69.93 42.81
N LEU A 809 47.59 69.97 41.75
CA LEU A 809 48.03 69.48 40.46
C LEU A 809 48.83 70.50 39.68
N TYR A 810 48.75 71.77 40.06
CA TYR A 810 49.52 72.83 39.43
C TYR A 810 50.71 73.26 40.26
N ALA A 811 51.01 72.58 41.35
CA ALA A 811 52.03 73.08 42.26
C ALA A 811 53.44 72.89 41.71
N GLY A 812 53.75 71.73 41.14
CA GLY A 812 55.08 71.53 40.60
C GLY A 812 55.41 72.50 39.49
N ARG A 813 54.55 72.57 38.47
CA ARG A 813 54.77 73.48 37.37
C ARG A 813 54.84 74.92 37.85
N ALA A 814 54.08 75.27 38.87
CA ALA A 814 54.12 76.63 39.37
C ALA A 814 55.42 76.93 40.07
N ALA A 815 55.94 75.97 40.83
CA ALA A 815 57.25 76.12 41.46
C ALA A 815 58.32 76.36 40.41
N GLU A 816 58.31 75.54 39.35
CA GLU A 816 59.29 75.70 38.28
C GLU A 816 59.18 77.06 37.62
N VAL A 817 57.98 77.40 37.12
CA VAL A 817 57.81 78.67 36.43
C VAL A 817 58.11 79.86 37.36
N ALA A 818 57.97 79.67 38.67
CA ALA A 818 58.26 80.79 39.56
C ALA A 818 59.76 80.95 39.79
N LEU A 819 60.49 79.83 39.84
CA LEU A 819 61.92 79.93 40.14
C LEU A 819 62.77 80.13 38.89
N PHE A 820 62.38 79.52 37.76
CA PHE A 820 63.22 79.54 36.59
C PHE A 820 62.61 80.27 35.39
N GLY A 821 61.31 80.25 35.22
CA GLY A 821 60.71 80.76 34.02
C GLY A 821 60.36 79.65 33.07
N LYS A 822 59.75 80.02 31.94
CA LYS A 822 59.28 79.02 30.99
C LYS A 822 60.39 78.08 30.56
N ASP A 823 61.64 78.53 30.57
CA ASP A 823 62.75 77.65 30.22
C ASP A 823 62.91 76.50 31.20
N GLY A 824 62.41 76.65 32.42
CA GLY A 824 62.49 75.62 33.42
C GLY A 824 61.35 74.64 33.44
N ALA A 825 60.32 74.87 32.66
CA ALA A 825 59.21 73.93 32.58
C ALA A 825 59.67 72.61 32.00
N SER A 826 59.50 71.53 32.74
CA SER A 826 60.07 70.24 32.38
C SER A 826 58.98 69.28 31.96
N LEU A 827 59.39 68.07 31.59
CA LEU A 827 58.46 66.99 31.35
C LEU A 827 58.11 66.25 32.63
N ALA A 828 58.76 66.56 33.74
CA ALA A 828 58.41 65.90 34.99
C ALA A 828 57.09 66.39 35.53
N THR A 829 56.76 67.66 35.29
CA THR A 829 55.60 68.30 35.87
C THR A 829 54.42 68.35 34.91
N ALA A 830 54.55 67.74 33.74
CA ALA A 830 53.52 67.87 32.71
C ALA A 830 52.43 66.84 32.83
N GLN A 831 52.71 65.70 33.44
CA GLN A 831 51.70 64.64 33.48
C GLN A 831 50.58 64.93 34.46
N PRO A 832 50.82 65.48 35.65
CA PRO A 832 49.68 65.93 36.46
C PRO A 832 48.90 67.00 35.78
N LEU A 833 49.57 68.08 35.39
CA LEU A 833 48.94 69.19 34.69
C LEU A 833 48.06 68.73 33.54
N ALA A 834 48.43 67.68 32.85
CA ALA A 834 47.61 67.24 31.72
C ALA A 834 46.37 66.47 32.14
N ASP A 835 45.99 66.50 33.41
CA ASP A 835 44.80 65.80 33.89
C ASP A 835 43.84 66.71 34.65
N CYS A 836 43.88 68.01 34.37
CA CYS A 836 43.00 68.95 35.04
C CYS A 836 41.78 69.34 34.22
N PHE A 837 41.84 69.22 32.90
CA PHE A 837 40.65 69.53 32.13
C PHE A 837 39.53 68.54 32.42
N GLU A 838 39.86 67.30 32.74
CA GLU A 838 38.80 66.35 33.05
C GLU A 838 38.09 66.71 34.34
N ILE A 839 38.85 67.05 35.37
CA ILE A 839 38.27 67.44 36.65
C ILE A 839 37.44 68.71 36.48
N ALA A 840 37.96 69.71 35.78
CA ALA A 840 37.20 70.93 35.63
C ALA A 840 35.99 70.74 34.73
N TYR A 841 36.08 69.85 33.75
CA TYR A 841 34.92 69.57 32.92
C TYR A 841 33.83 68.92 33.74
N TYR A 842 34.19 68.02 34.65
CA TYR A 842 33.18 67.48 35.55
C TYR A 842 32.57 68.59 36.38
N CYS A 843 33.41 69.40 37.01
CA CYS A 843 32.89 70.46 37.89
C CYS A 843 31.91 71.36 37.16
N VAL A 844 32.16 71.63 35.88
CA VAL A 844 31.33 72.62 35.19
C VAL A 844 30.13 71.98 34.52
N ARG A 845 30.31 70.85 33.86
CA ARG A 845 29.26 70.30 33.03
C ARG A 845 28.47 69.17 33.66
N ASN A 846 29.13 68.12 34.12
CA ASN A 846 28.41 66.95 34.60
C ASN A 846 27.92 67.08 36.02
N SER A 847 28.57 67.90 36.85
CA SER A 847 28.22 67.92 38.26
C SER A 847 26.86 68.51 38.51
N GLN A 848 26.42 69.45 37.69
CA GLN A 848 25.11 70.09 37.82
C GLN A 848 25.00 70.90 39.10
N VAL A 849 26.11 71.43 39.60
CA VAL A 849 26.08 72.29 40.77
C VAL A 849 26.84 73.57 40.49
N HIS A 850 26.97 73.94 39.23
CA HIS A 850 27.65 75.17 38.89
C HIS A 850 26.72 76.35 39.13
N PRO A 851 27.16 77.38 39.82
CA PRO A 851 26.24 78.49 40.15
C PRO A 851 25.56 79.14 38.97
N ARG A 852 25.96 78.84 37.74
CA ARG A 852 25.35 79.52 36.62
C ARG A 852 24.15 78.75 36.09
N PHE A 853 24.18 77.43 36.18
CA PHE A 853 23.13 76.60 35.62
C PHE A 853 22.15 76.10 36.66
N LYS A 854 22.25 76.56 37.91
CA LYS A 854 21.30 76.16 38.92
C LYS A 854 19.94 76.82 38.73
N SER A 855 19.87 77.91 37.97
CA SER A 855 18.66 78.69 37.85
C SER A 855 18.00 78.56 36.49
N LEU A 856 18.06 77.42 35.87
CA LEU A 856 17.36 77.17 34.62
C LEU A 856 16.28 76.12 34.82
N PRO A 857 15.34 76.01 33.90
CA PRO A 857 14.37 74.92 33.95
C PRO A 857 15.07 73.58 33.98
N PRO A 858 14.44 72.57 34.52
CA PRO A 858 15.11 71.28 34.77
C PRO A 858 15.43 70.48 33.51
N LEU A 859 16.09 71.12 32.56
CA LEU A 859 16.48 70.44 31.33
C LEU A 859 17.82 69.74 31.52
N HIS A 860 17.97 68.60 30.89
CA HIS A 860 19.17 67.78 30.98
C HIS A 860 19.88 67.87 29.64
N THR A 861 20.88 68.73 29.55
CA THR A 861 21.53 69.03 28.29
C THR A 861 22.61 68.05 27.91
N THR A 862 22.73 66.93 28.63
CA THR A 862 23.85 66.01 28.50
C THR A 862 23.39 64.56 28.49
N MET A 863 22.40 64.23 27.66
CA MET A 863 21.77 62.93 27.75
C MET A 863 22.22 62.01 26.61
N TRP A 864 22.65 60.81 26.97
CA TRP A 864 22.92 59.74 26.03
C TRP A 864 21.95 58.60 26.29
N LEU A 865 21.45 58.00 25.23
CA LEU A 865 20.32 57.07 25.33
C LEU A 865 20.71 55.61 25.20
N GLY A 866 21.88 55.23 25.69
CA GLY A 866 22.23 53.84 25.87
C GLY A 866 22.87 53.21 24.65
N ARG A 867 23.37 51.99 24.85
CA ARG A 867 24.12 51.27 23.84
C ARG A 867 23.31 50.10 23.31
N ASP A 868 23.48 49.80 22.03
CA ASP A 868 22.89 48.60 21.48
C ASP A 868 23.83 47.43 21.70
N ASP A 869 23.45 46.27 21.19
CA ASP A 869 24.26 45.08 21.34
C ASP A 869 25.57 45.16 20.57
N ALA A 870 25.60 45.91 19.46
CA ALA A 870 26.86 46.17 18.78
C ALA A 870 27.75 47.14 19.56
N GLY A 871 27.25 47.71 20.65
CA GLY A 871 28.08 48.46 21.56
C GLY A 871 28.24 49.92 21.27
N ARG A 872 27.39 50.51 20.43
CA ARG A 872 27.55 51.90 20.04
C ARG A 872 26.53 52.79 20.74
N TRP A 873 27.02 53.88 21.32
CA TRP A 873 26.17 54.83 22.02
C TRP A 873 25.43 55.69 21.02
N ARG A 874 24.45 56.43 21.52
CA ARG A 874 23.70 57.39 20.72
C ARG A 874 23.29 58.55 21.60
N ARG A 875 22.89 59.64 20.96
CA ARG A 875 22.76 60.92 21.62
C ARG A 875 21.31 61.38 21.63
N ASP A 876 21.00 62.22 22.59
CA ASP A 876 19.72 62.91 22.65
C ASP A 876 19.50 63.70 21.38
N PRO A 877 18.50 63.40 20.56
CA PRO A 877 18.40 64.02 19.24
C PRO A 877 18.02 65.48 19.26
N LEU A 878 17.69 66.05 20.41
CA LEU A 878 17.34 67.46 20.49
C LEU A 878 18.53 68.37 20.71
N ALA A 879 19.72 67.80 20.90
CA ALA A 879 20.85 68.51 21.46
C ALA A 879 21.72 69.17 20.41
N ILE A 880 21.12 69.66 19.33
CA ILE A 880 21.89 70.28 18.26
C ILE A 880 22.48 71.58 18.76
N GLY A 881 23.78 71.57 19.02
CA GLY A 881 24.48 72.79 19.36
C GLY A 881 24.41 73.21 20.80
N PHE A 882 24.17 72.29 21.73
CA PHE A 882 24.00 72.68 23.13
C PHE A 882 25.32 73.12 23.74
N ASP A 883 26.39 72.36 23.49
CA ASP A 883 27.66 72.64 24.15
C ASP A 883 28.30 73.90 23.60
N GLU A 884 27.87 74.34 22.43
CA GLU A 884 28.42 75.55 21.84
C GLU A 884 27.71 76.78 22.35
N GLU A 885 26.40 76.68 22.55
CA GLU A 885 25.64 77.85 22.99
C GLU A 885 25.66 78.02 24.50
N LEU A 886 25.69 76.94 25.26
CA LEU A 886 25.71 77.12 26.71
C LEU A 886 27.08 77.54 27.21
N GLY A 887 28.14 77.25 26.47
CA GLY A 887 29.44 77.79 26.81
C GLY A 887 30.23 76.99 27.82
N TYR A 888 30.29 75.68 27.66
CA TYR A 888 30.99 74.86 28.64
C TYR A 888 32.50 75.03 28.54
N HIS A 889 33.02 75.25 27.34
CA HIS A 889 34.45 75.33 27.16
C HIS A 889 35.05 76.58 27.80
N LYS A 890 34.44 77.74 27.56
CA LYS A 890 35.00 78.96 28.13
C LYS A 890 34.88 78.97 29.64
N LEU A 891 33.83 78.36 30.17
CA LEU A 891 33.70 78.24 31.61
C LEU A 891 34.80 77.36 32.19
N THR A 892 35.06 76.22 31.56
CA THR A 892 36.14 75.36 32.03
C THR A 892 37.46 76.10 32.02
N LEU A 893 37.72 76.88 30.98
CA LEU A 893 38.99 77.59 30.94
C LEU A 893 39.07 78.67 31.99
N THR A 894 37.96 79.34 32.29
CA THR A 894 37.95 80.31 33.37
C THR A 894 38.33 79.65 34.69
N LEU A 895 37.75 78.49 34.94
CA LEU A 895 38.10 77.74 36.15
C LEU A 895 39.59 77.42 36.17
N LEU A 896 40.13 76.96 35.04
CA LEU A 896 41.54 76.54 35.00
C LEU A 896 42.47 77.73 35.18
N LYS A 897 42.15 78.88 34.61
CA LYS A 897 43.02 80.03 34.76
C LYS A 897 43.01 80.56 36.19
N ALA A 898 41.82 80.60 36.81
CA ALA A 898 41.76 80.98 38.22
C ALA A 898 42.58 80.03 39.07
N SER A 899 42.49 78.73 38.80
CA SER A 899 43.28 77.77 39.57
C SER A 899 44.77 77.99 39.38
N TRP A 900 45.20 78.27 38.15
CA TRP A 900 46.61 78.52 37.91
C TRP A 900 47.11 79.71 38.71
N ARG A 901 46.36 80.81 38.73
CA ARG A 901 46.80 81.96 39.50
C ARG A 901 46.85 81.63 40.99
N ARG A 902 45.87 80.87 41.48
CA ARG A 902 45.90 80.46 42.88
C ARG A 902 47.17 79.68 43.20
N ALA A 903 47.52 78.73 42.33
CA ALA A 903 48.71 77.92 42.58
C ALA A 903 49.98 78.77 42.57
N LEU A 904 50.07 79.71 41.63
CA LEU A 904 51.21 80.61 41.60
C LEU A 904 51.35 81.37 42.91
N ARG A 905 50.24 81.90 43.42
CA ARG A 905 50.33 82.68 44.67
C ARG A 905 50.70 81.78 45.84
N LEU A 906 50.12 80.59 45.92
CA LEU A 906 50.46 79.67 47.00
C LEU A 906 51.94 79.34 46.98
N VAL A 907 52.49 79.11 45.79
CA VAL A 907 53.90 78.74 45.67
C VAL A 907 54.79 79.92 46.00
N ALA A 908 54.36 81.13 45.65
CA ALA A 908 55.19 82.30 45.98
C ALA A 908 55.16 82.60 47.47
N GLN A 909 54.09 82.22 48.17
CA GLN A 909 54.01 82.54 49.58
C GLN A 909 54.77 81.51 50.43
N ARG A 910 54.65 80.24 50.08
CA ARG A 910 55.25 79.15 50.86
C ARG A 910 56.63 78.78 50.34
N ARG A 911 57.38 79.75 49.83
CA ARG A 911 58.66 79.45 49.20
C ARG A 911 59.63 78.81 50.19
N SER A 912 59.84 79.46 51.33
CA SER A 912 60.79 78.95 52.31
C SER A 912 60.37 77.59 52.83
N ALA A 913 59.07 77.37 53.02
CA ALA A 913 58.62 76.07 53.48
C ALA A 913 58.96 74.97 52.49
N ILE A 914 58.78 75.23 51.19
CA ILE A 914 59.11 74.24 50.18
C ILE A 914 60.61 73.99 50.16
N THR A 915 61.40 75.06 50.26
CA THR A 915 62.85 74.90 50.36
C THR A 915 63.23 73.97 51.50
N LYS A 916 62.66 74.20 52.69
CA LYS A 916 63.05 73.41 53.85
C LYS A 916 62.59 71.98 53.73
N VAL A 917 61.39 71.75 53.19
CA VAL A 917 60.93 70.37 53.03
C VAL A 917 61.85 69.61 52.08
N ALA A 918 62.23 70.25 50.97
CA ALA A 918 63.13 69.62 50.03
C ALA A 918 64.47 69.30 50.68
N ALA A 919 65.08 70.30 51.31
CA ALA A 919 66.37 70.10 51.94
C ALA A 919 66.32 69.00 52.99
N GLU A 920 65.21 68.90 53.72
CA GLU A 920 65.14 67.93 54.81
C GLU A 920 64.91 66.52 54.28
N MET A 921 64.10 66.37 53.23
CA MET A 921 63.91 65.03 52.69
C MET A 921 65.10 64.58 51.86
N LEU A 922 65.96 65.50 51.44
CA LEU A 922 67.17 65.10 50.74
C LEU A 922 68.22 64.54 51.69
N ALA A 923 68.38 65.15 52.85
CA ALA A 923 69.38 64.74 53.83
C ALA A 923 68.78 63.87 54.92
N ALA A 924 67.86 62.99 54.58
CA ALA A 924 67.23 62.09 55.52
C ALA A 924 67.91 60.72 55.48
N PRO A 925 67.73 59.91 56.51
CA PRO A 925 68.29 58.55 56.48
C PRO A 925 67.80 57.72 55.30
N GLU A 926 66.48 57.51 55.21
CA GLU A 926 65.88 56.77 54.11
C GLU A 926 65.35 57.69 53.03
N GLU A 927 65.75 58.96 53.03
CA GLU A 927 65.19 59.96 52.13
C GLU A 927 63.68 60.00 52.23
N LYS A 928 63.18 59.85 53.46
CA LYS A 928 61.74 59.82 53.70
C LYS A 928 61.42 60.71 54.88
N ILE A 929 60.35 61.48 54.75
CA ILE A 929 59.88 62.37 55.79
C ILE A 929 58.48 61.94 56.17
N THR A 930 58.08 62.20 57.41
CA THR A 930 56.78 61.75 57.90
C THR A 930 55.77 62.89 57.92
N GLY A 931 54.50 62.52 57.78
CA GLY A 931 53.46 63.52 57.61
C GLY A 931 53.39 64.51 58.76
N ALA A 932 53.56 64.03 59.98
CA ALA A 932 53.55 64.93 61.13
C ALA A 932 54.67 65.95 61.03
N ARG A 933 55.87 65.52 60.63
CA ARG A 933 56.98 66.45 60.52
C ARG A 933 56.76 67.45 59.39
N LEU A 934 56.17 66.99 58.29
CA LEU A 934 55.87 67.91 57.18
C LEU A 934 54.88 68.97 57.62
N VAL A 935 53.83 68.57 58.32
CA VAL A 935 52.85 69.53 58.82
C VAL A 935 53.51 70.49 59.78
N GLU A 936 54.40 69.98 60.63
CA GLU A 936 55.11 70.85 61.55
C GLU A 936 55.93 71.90 60.82
N ILE A 937 56.60 71.50 59.73
CA ILE A 937 57.40 72.46 58.97
C ILE A 937 56.50 73.51 58.33
N ILE A 938 55.39 73.08 57.72
CA ILE A 938 54.50 74.04 57.07
C ILE A 938 53.94 75.02 58.08
N GLU A 939 53.65 74.56 59.29
CA GLU A 939 53.05 75.43 60.29
C GLU A 939 54.08 76.35 60.93
N SER A 940 55.33 75.92 61.04
CA SER A 940 56.29 76.62 61.87
C SER A 940 56.98 77.79 61.18
N THR A 941 56.95 77.87 59.87
CA THR A 941 57.69 78.97 59.24
C THR A 941 56.72 80.04 58.72
N PRO A 942 57.06 81.32 58.83
CA PRO A 942 56.13 82.36 58.40
C PRO A 942 56.10 82.51 56.88
N LEU A 943 55.09 83.23 56.42
CA LEU A 943 54.93 83.45 54.99
C LEU A 943 55.95 84.46 54.47
N ASP A 944 56.18 84.40 53.16
CA ASP A 944 57.07 85.32 52.47
C ASP A 944 56.32 86.62 52.20
N ASP A 945 56.91 87.48 51.37
CA ASP A 945 56.40 88.85 51.22
C ASP A 945 55.96 89.21 49.81
N LEU A 946 55.99 88.27 48.86
CA LEU A 946 55.55 88.51 47.49
C LEU A 946 56.34 89.62 46.81
N GLY A 947 57.58 89.86 47.23
CA GLY A 947 58.35 91.00 46.80
C GLY A 947 59.36 90.76 45.70
N GLY A 948 59.30 89.62 45.02
CA GLY A 948 60.20 89.38 43.90
C GLY A 948 61.63 89.09 44.26
N GLU A 949 61.87 88.24 45.26
CA GLU A 949 63.24 87.91 45.64
C GLU A 949 63.88 86.97 44.62
N GLY A 950 63.13 85.95 44.20
CA GLY A 950 63.60 85.05 43.17
C GLY A 950 62.48 84.65 42.23
N LEU A 951 61.52 85.54 42.02
CA LEU A 951 60.28 85.20 41.35
C LEU A 951 60.30 85.45 39.85
N ASP A 952 61.47 85.29 39.21
CA ASP A 952 61.55 85.17 37.76
C ASP A 952 61.18 86.47 37.04
N GLY A 953 60.71 87.46 37.77
CA GLY A 953 60.33 88.71 37.10
C GLY A 953 59.05 88.65 36.30
N ALA A 954 58.91 87.64 35.45
CA ALA A 954 57.66 87.48 34.70
C ALA A 954 56.54 86.98 35.59
N ALA A 955 56.78 85.87 36.31
CA ALA A 955 55.81 85.38 37.27
C ALA A 955 55.68 86.28 38.49
N ALA A 956 56.56 87.28 38.62
CA ALA A 956 56.47 88.23 39.71
C ALA A 956 55.43 89.31 39.48
N ALA A 957 54.85 89.37 38.28
CA ALA A 957 53.75 90.29 37.99
C ALA A 957 52.39 89.62 38.15
N ALA A 958 52.27 88.37 37.72
CA ALA A 958 51.02 87.64 37.86
C ALA A 958 50.76 87.17 39.28
N VAL A 959 51.60 87.58 40.25
CA VAL A 959 51.40 87.17 41.63
C VAL A 959 50.87 88.31 42.49
N VAL A 960 50.85 89.53 41.98
CA VAL A 960 50.28 90.67 42.68
C VAL A 960 49.02 91.05 41.93
N GLU A 961 48.36 90.04 41.36
CA GLU A 961 47.22 90.25 40.48
C GLU A 961 46.06 90.98 41.15
N GLU A 962 46.03 91.06 42.47
CA GLU A 962 44.85 91.50 43.20
C GLU A 962 43.66 90.58 42.89
N ALA A 963 43.79 89.35 43.40
CA ALA A 963 42.92 88.23 43.10
C ALA A 963 41.45 88.59 42.93
N GLY A 964 40.88 89.34 43.87
CA GLY A 964 39.47 89.63 43.83
C GLY A 964 38.67 88.38 44.12
N ASN A 965 38.75 87.91 45.36
CA ASN A 965 38.26 86.58 45.68
C ASN A 965 36.79 86.58 46.10
N GLU A 966 36.40 87.53 46.94
CA GLU A 966 35.13 87.43 47.66
C GLU A 966 34.01 88.20 46.97
N PHE A 967 32.80 87.96 47.46
CA PHE A 967 31.55 88.35 46.82
C PHE A 967 30.94 89.61 47.40
N LEU A 968 31.09 89.85 48.69
CA LEU A 968 30.45 90.99 49.33
C LEU A 968 30.94 92.32 48.79
N PRO A 969 32.25 92.57 48.67
CA PRO A 969 32.69 93.82 48.05
C PRO A 969 32.21 93.96 46.62
N LEU A 970 31.81 92.87 45.98
CA LEU A 970 31.18 92.97 44.68
C LEU A 970 29.70 93.28 44.79
N LEU A 971 29.04 92.79 45.84
CA LEU A 971 27.62 93.01 45.99
C LEU A 971 27.32 94.43 46.45
N LYS A 972 28.19 95.00 47.28
CA LYS A 972 27.95 96.36 47.75
C LYS A 972 28.09 97.36 46.63
N GLU A 973 28.94 97.09 45.65
CA GLU A 973 29.04 98.00 44.51
C GLU A 973 27.84 97.89 43.59
N VAL A 974 27.04 96.85 43.71
CA VAL A 974 25.76 96.78 43.03
C VAL A 974 24.68 97.48 43.85
N LEU A 975 24.67 97.23 45.15
CA LEU A 975 23.66 97.83 46.01
C LEU A 975 23.80 99.35 46.09
N GLY A 976 25.02 99.86 45.94
CA GLY A 976 25.21 101.29 45.92
C GLY A 976 24.61 102.01 44.75
N GLN A 977 23.84 101.32 43.90
CA GLN A 977 23.19 101.94 42.77
C GLN A 977 21.74 102.29 43.05
N VAL A 978 21.16 101.76 44.12
CA VAL A 978 19.78 102.09 44.48
C VAL A 978 19.81 103.03 45.68
N PRO A 979 18.97 104.05 45.71
CA PRO A 979 19.13 105.14 46.68
C PRO A 979 18.61 104.83 48.08
N GLY A 980 17.66 103.91 48.19
CA GLY A 980 17.02 103.68 49.47
C GLY A 980 17.90 103.02 50.51
N ILE A 981 18.92 102.29 50.09
CA ILE A 981 19.65 101.40 50.98
C ILE A 981 20.85 102.11 51.57
N ILE A 982 21.02 101.96 52.88
CA ILE A 982 22.23 102.37 53.58
C ILE A 982 22.83 101.13 54.21
N LEU A 983 24.16 101.02 54.12
CA LEU A 983 24.87 99.83 54.52
C LEU A 983 25.76 100.13 55.72
N THR A 984 25.84 99.18 56.64
CA THR A 984 26.69 99.29 57.82
C THR A 984 27.74 98.18 57.78
N GLY A 985 28.51 98.05 58.85
CA GLY A 985 29.52 97.02 58.94
C GLY A 985 29.37 96.11 60.14
N GLU A 1024 13.81 103.42 52.68
CA GLU A 1024 14.97 103.36 53.57
C GLU A 1024 15.06 101.99 54.23
N LEU A 1025 16.19 101.32 54.00
CA LEU A 1025 16.44 100.01 54.57
C LEU A 1025 17.85 99.95 55.12
N ARG A 1026 18.00 99.26 56.25
CA ARG A 1026 19.30 99.14 56.93
C ARG A 1026 19.75 97.69 56.83
N LEU A 1027 20.96 97.48 56.30
CA LEU A 1027 21.49 96.15 56.08
C LEU A 1027 22.94 96.09 56.54
N ASP A 1028 23.27 95.08 57.33
CA ASP A 1028 24.62 94.88 57.81
C ASP A 1028 25.20 93.60 57.21
N ASP A 1029 26.41 93.26 57.65
CA ASP A 1029 27.14 92.10 57.12
C ASP A 1029 26.38 90.80 57.26
N ALA A 1030 25.71 90.58 58.40
CA ALA A 1030 25.15 89.26 58.67
C ALA A 1030 23.97 88.95 57.75
N THR A 1031 23.07 89.91 57.56
CA THR A 1031 21.92 89.66 56.70
C THR A 1031 22.35 89.46 55.26
N LEU A 1032 23.32 90.25 54.79
CA LEU A 1032 23.83 90.06 53.44
C LEU A 1032 24.44 88.69 53.28
N ALA A 1033 25.29 88.30 54.23
CA ALA A 1033 25.90 86.98 54.16
C ALA A 1033 24.86 85.87 54.13
N ALA A 1034 23.83 85.97 54.97
CA ALA A 1034 22.85 84.89 55.05
C ALA A 1034 21.99 84.82 53.79
N VAL A 1035 21.48 85.97 53.35
CA VAL A 1035 20.69 85.99 52.12
C VAL A 1035 21.51 85.43 50.96
N SER A 1036 22.76 85.86 50.82
CA SER A 1036 23.58 85.38 49.72
C SER A 1036 23.85 83.89 49.81
N ARG A 1037 24.26 83.42 50.99
CA ARG A 1037 24.56 82.00 51.13
C ARG A 1037 23.33 81.14 50.87
N THR A 1038 22.14 81.68 51.11
CA THR A 1038 20.96 80.93 50.71
C THR A 1038 20.76 80.96 49.20
N LEU A 1039 21.01 82.11 48.57
CA LEU A 1039 20.69 82.26 47.15
C LEU A 1039 21.81 81.84 46.22
N MET A 1040 23.07 81.88 46.64
CA MET A 1040 24.15 81.64 45.70
C MET A 1040 25.07 80.50 46.07
N GLY A 1041 25.43 80.35 47.35
CA GLY A 1041 26.28 79.26 47.76
C GLY A 1041 27.51 79.74 48.51
N ARG A 1042 28.66 79.15 48.26
CA ARG A 1042 29.89 79.61 48.87
C ARG A 1042 30.24 81.01 48.35
N LEU A 1043 30.82 81.82 49.23
CA LEU A 1043 30.92 83.25 48.96
C LEU A 1043 32.34 83.71 48.64
N ASP A 1044 33.28 82.80 48.44
CA ASP A 1044 34.66 83.17 48.13
C ASP A 1044 35.15 82.40 46.93
N VAL A 1045 34.31 82.26 45.91
CA VAL A 1045 34.69 81.59 44.68
C VAL A 1045 34.35 82.47 43.49
N VAL A 1046 34.36 83.79 43.69
CA VAL A 1046 33.96 84.70 42.62
C VAL A 1046 34.86 84.54 41.40
N ASP A 1047 36.12 84.19 41.62
CA ASP A 1047 37.02 84.04 40.48
C ASP A 1047 36.83 82.72 39.75
N LEU A 1048 36.63 81.63 40.49
CA LEU A 1048 36.45 80.33 39.86
C LEU A 1048 35.22 80.26 38.96
N ILE A 1049 34.25 81.16 39.14
CA ILE A 1049 33.03 81.09 38.36
C ILE A 1049 32.87 82.28 37.42
N GLY A 1050 33.84 83.16 37.37
CA GLY A 1050 33.71 84.27 36.45
C GLY A 1050 32.97 85.43 37.06
N ARG A 1051 33.30 86.63 36.61
CA ARG A 1051 32.65 87.82 37.15
C ARG A 1051 31.23 87.97 36.61
N ASN A 1052 30.94 87.38 35.46
CA ASN A 1052 29.59 87.54 34.91
C ASN A 1052 28.58 86.75 35.71
N THR A 1053 28.90 85.52 36.09
CA THR A 1053 28.01 84.76 36.94
C THR A 1053 27.80 85.46 38.26
N ALA A 1054 28.85 86.07 38.80
CA ALA A 1054 28.71 86.79 40.06
C ALA A 1054 27.83 88.01 39.91
N VAL A 1055 27.94 88.73 38.79
CA VAL A 1055 27.09 89.90 38.60
C VAL A 1055 25.64 89.50 38.47
N GLU A 1056 25.36 88.43 37.73
CA GLU A 1056 23.99 87.96 37.64
C GLU A 1056 23.45 87.55 39.01
N ALA A 1057 24.24 86.82 39.79
CA ALA A 1057 23.80 86.43 41.11
C ALA A 1057 23.58 87.65 42.00
N ALA A 1058 24.38 88.69 41.81
CA ALA A 1058 24.19 89.89 42.61
C ALA A 1058 22.89 90.59 42.25
N GLU A 1059 22.54 90.59 40.96
CA GLU A 1059 21.25 91.14 40.56
C GLU A 1059 20.11 90.38 41.22
N ARG A 1060 20.17 89.05 41.19
CA ARG A 1060 19.13 88.25 41.82
C ARG A 1060 19.04 88.52 43.31
N VAL A 1061 20.19 88.61 43.99
CA VAL A 1061 20.18 88.84 45.42
C VAL A 1061 19.62 90.21 45.76
N ARG A 1062 20.01 91.22 44.99
CA ARG A 1062 19.47 92.56 45.23
C ARG A 1062 17.95 92.56 45.06
N ASP A 1063 17.44 91.84 44.07
CA ASP A 1063 16.00 91.76 43.94
C ASP A 1063 15.36 90.93 45.05
N ALA A 1064 16.09 90.01 45.66
CA ALA A 1064 15.51 89.20 46.72
C ALA A 1064 15.39 89.98 48.02
N LEU A 1065 16.21 91.01 48.20
CA LEU A 1065 15.95 92.01 49.21
C LEU A 1065 14.87 92.94 48.67
N LEU A 1066 14.70 94.10 49.30
CA LEU A 1066 13.77 95.14 48.86
C LEU A 1066 12.32 94.71 48.95
N HIS A 1067 11.99 93.66 49.70
CA HIS A 1067 10.66 93.48 50.27
C HIS A 1067 10.76 92.37 51.30
N PRO A 1068 10.21 92.56 52.50
CA PRO A 1068 10.60 91.70 53.63
C PRO A 1068 9.95 90.34 53.65
N GLU A 1069 8.85 90.14 52.93
CA GLU A 1069 8.18 88.85 52.94
C GLU A 1069 9.09 87.74 52.46
N THR A 1070 10.06 88.06 51.61
CA THR A 1070 11.01 87.05 51.16
C THR A 1070 12.28 87.08 52.00
N ARG A 1071 12.74 88.27 52.39
CA ARG A 1071 13.95 88.39 53.17
C ARG A 1071 13.83 87.60 54.49
N GLU A 1072 12.68 87.70 55.13
CA GLU A 1072 12.51 87.00 56.40
C GLU A 1072 12.51 85.50 56.21
N ARG A 1073 11.89 85.02 55.14
CA ARG A 1073 11.91 83.59 54.87
C ARG A 1073 13.31 83.10 54.57
N LEU A 1074 14.09 83.90 53.83
CA LEU A 1074 15.47 83.51 53.54
C LEU A 1074 16.28 83.41 54.81
N LEU A 1075 16.15 84.39 55.71
CA LEU A 1075 16.88 84.33 56.97
C LEU A 1075 16.45 83.13 57.80
N ALA A 1076 15.16 82.80 57.79
CA ALA A 1076 14.69 81.65 58.56
C ALA A 1076 15.24 80.35 57.98
N MET A 1077 15.25 80.22 56.66
CA MET A 1077 15.82 79.02 56.03
C MET A 1077 17.30 78.89 56.38
N ARG A 1078 18.04 79.99 56.30
CA ARG A 1078 19.45 79.95 56.64
C ARG A 1078 19.65 79.48 58.07
N ARG A 1079 18.86 80.03 59.00
CA ARG A 1079 19.08 79.69 60.40
C ARG A 1079 18.61 78.28 60.73
N TRP A 1080 17.70 77.72 59.94
CA TRP A 1080 17.38 76.31 60.16
C TRP A 1080 18.47 75.41 59.60
N VAL A 1081 19.03 75.76 58.45
CA VAL A 1081 20.06 74.94 57.85
C VAL A 1081 21.28 74.89 58.74
N GLU A 1082 21.80 76.06 59.15
CA GLU A 1082 22.96 76.08 60.02
C GLU A 1082 22.72 75.29 61.30
N GLY A 1083 21.49 75.27 61.79
CA GLY A 1083 21.17 74.42 62.93
C GLY A 1083 21.79 74.84 64.24
N GLY A 1084 21.83 76.14 64.51
CA GLY A 1084 22.34 76.63 65.77
C GLY A 1084 21.37 76.36 66.90
N PRO A 1085 21.47 77.13 67.98
CA PRO A 1085 20.50 77.00 69.06
C PRO A 1085 19.12 77.51 68.71
N GLY A 1086 19.03 78.49 67.79
CA GLY A 1086 17.75 79.08 67.45
C GLY A 1086 17.15 78.56 66.16
N ALA A 1087 17.27 77.26 65.92
CA ALA A 1087 16.66 76.68 64.74
C ALA A 1087 15.15 76.57 64.94
N PRO A 1088 14.35 77.35 64.21
CA PRO A 1088 12.93 77.42 64.53
C PRO A 1088 12.13 76.25 64.00
N GLU A 1089 12.70 75.04 64.12
CA GLU A 1089 12.00 73.78 63.91
C GLU A 1089 11.50 73.59 62.49
N PHE A 1090 11.48 74.67 61.69
CA PHE A 1090 11.24 74.65 60.26
C PHE A 1090 11.22 76.08 59.74
N PRO A 1091 11.38 76.29 58.45
CA PRO A 1091 11.13 77.60 57.87
C PRO A 1091 9.64 77.84 57.71
N PRO A 1092 9.22 79.08 57.45
CA PRO A 1092 7.81 79.33 57.17
C PRO A 1092 7.42 78.83 55.80
N SER A 1093 6.15 78.56 55.64
CA SER A 1093 5.70 78.06 54.35
C SER A 1093 5.67 79.19 53.32
N PRO A 1094 5.80 78.86 52.03
CA PRO A 1094 5.80 79.91 51.01
C PRO A 1094 4.45 80.54 50.81
N LEU A 1095 3.38 79.91 51.28
CA LEU A 1095 2.02 80.38 51.06
C LEU A 1095 1.44 80.85 52.38
N SER A 1096 0.73 81.97 52.34
CA SER A 1096 -0.01 82.44 53.50
C SER A 1096 -1.06 81.40 53.89
N PRO A 1097 -1.43 81.33 55.17
CA PRO A 1097 -2.46 80.36 55.60
C PRO A 1097 -3.84 80.64 55.04
N GLU A 1098 -3.99 81.67 54.22
CA GLU A 1098 -5.26 81.93 53.55
C GLU A 1098 -5.37 81.19 52.23
N GLN A 1099 -4.38 81.36 51.34
CA GLN A 1099 -4.41 80.60 50.09
C GLN A 1099 -4.32 79.11 50.33
N THR A 1100 -3.70 78.70 51.43
CA THR A 1100 -3.66 77.27 51.75
C THR A 1100 -5.05 76.73 52.00
N ALA A 1101 -5.92 77.53 52.61
CA ALA A 1101 -7.30 77.11 52.79
C ALA A 1101 -8.11 77.25 51.52
N ALA A 1102 -7.78 78.25 50.69
CA ALA A 1102 -8.51 78.42 49.44
C ALA A 1102 -8.15 77.35 48.42
N MET A 1103 -7.29 76.39 48.78
CA MET A 1103 -6.97 75.27 47.91
C MET A 1103 -7.17 73.92 48.61
N SER A 1104 -7.69 73.93 49.83
CA SER A 1104 -8.07 72.70 50.48
C SER A 1104 -9.37 72.17 49.87
N PRO A 1105 -9.72 70.90 50.12
CA PRO A 1105 -10.91 70.34 49.44
C PRO A 1105 -12.15 71.17 49.62
N SER A 1106 -12.30 71.84 50.75
CA SER A 1106 -13.40 72.77 50.97
C SER A 1106 -13.02 74.17 50.54
N GLY A 1107 -12.54 74.30 49.30
CA GLY A 1107 -12.11 75.58 48.78
C GLY A 1107 -12.61 75.82 47.38
N PRO A 1108 -12.57 77.06 46.96
CA PRO A 1108 -13.03 77.39 45.60
C PRO A 1108 -12.00 77.13 44.51
N LEU A 1109 -10.80 76.72 44.85
CA LEU A 1109 -9.76 76.50 43.85
C LEU A 1109 -9.26 75.07 43.80
N TYR A 1110 -9.95 74.14 44.45
CA TYR A 1110 -9.46 72.76 44.46
C TYR A 1110 -9.41 72.18 43.06
N GLY A 1111 -10.38 72.52 42.22
CA GLY A 1111 -10.43 71.93 40.88
C GLY A 1111 -9.19 72.20 40.06
N ASN A 1112 -8.56 73.37 40.24
CA ASN A 1112 -7.36 73.68 39.49
C ASN A 1112 -6.22 72.70 39.75
N LEU A 1113 -6.29 71.91 40.80
CA LEU A 1113 -5.25 70.92 41.01
C LEU A 1113 -5.41 69.70 40.11
N ALA A 1114 -6.43 69.69 39.25
CA ALA A 1114 -6.72 68.53 38.42
C ALA A 1114 -6.54 68.79 36.94
N LEU A 1115 -6.18 70.00 36.55
CA LEU A 1115 -6.03 70.31 35.14
C LEU A 1115 -4.73 69.74 34.60
N ASN A 1116 -4.54 69.86 33.29
CA ASN A 1116 -3.36 69.31 32.63
C ASN A 1116 -2.11 70.01 33.10
N LEU A 1117 -0.98 69.57 32.54
CA LEU A 1117 0.21 70.39 32.64
C LEU A 1117 0.22 71.51 31.63
N ASP A 1118 -0.84 71.65 30.84
CA ASP A 1118 -0.90 72.76 29.92
C ASP A 1118 -1.52 73.98 30.54
N TRP A 1119 -2.22 73.82 31.64
CA TRP A 1119 -2.80 74.95 32.35
C TRP A 1119 -1.86 75.55 33.38
N TRP A 1120 -0.67 74.99 33.56
CA TRP A 1120 0.28 75.47 34.53
C TRP A 1120 1.47 76.18 33.92
N ARG A 1121 1.61 76.19 32.60
CA ARG A 1121 2.80 76.72 31.98
C ARG A 1121 2.91 78.22 32.20
N ARG A 1122 4.11 78.68 32.49
CA ARG A 1122 4.37 80.08 32.77
C ARG A 1122 5.04 80.81 31.62
N ARG A 1123 4.90 80.33 30.39
CA ARG A 1123 5.61 80.92 29.27
C ARG A 1123 4.90 80.54 27.98
N GLN A 1124 4.56 81.54 27.17
CA GLN A 1124 3.89 81.30 25.89
C GLN A 1124 4.63 82.09 24.82
N ASP A 1125 5.31 81.38 23.93
CA ASP A 1125 6.12 82.00 22.88
C ASP A 1125 5.66 81.49 21.52
N ASN A 1126 5.38 82.43 20.61
CA ASN A 1126 4.89 82.06 19.30
C ASN A 1126 5.92 82.18 18.21
N VAL A 1127 7.09 82.75 18.50
CA VAL A 1127 8.23 82.74 17.60
C VAL A 1127 9.37 82.01 18.30
N ILE A 1128 9.90 81.00 17.65
CA ILE A 1128 10.96 80.17 18.20
C ILE A 1128 12.25 80.52 17.48
N SER A 1129 13.30 80.77 18.25
CA SER A 1129 14.55 81.26 17.70
C SER A 1129 15.45 80.11 17.30
N TRP A 1130 16.34 80.38 16.35
CA TRP A 1130 17.26 79.36 15.87
C TRP A 1130 18.27 78.92 16.91
N SER A 1131 18.37 79.62 18.03
CA SER A 1131 19.38 79.33 19.04
C SER A 1131 18.74 78.74 20.28
N ALA A 1132 19.41 77.76 20.86
CA ALA A 1132 18.92 77.16 22.09
C ALA A 1132 19.12 78.05 23.29
N MET A 1133 20.07 78.98 23.23
CA MET A 1133 20.28 79.89 24.35
C MET A 1133 19.07 80.78 24.56
N GLU A 1134 18.42 81.20 23.48
CA GLU A 1134 17.29 82.12 23.61
C GLU A 1134 16.03 81.42 24.05
N ILE A 1135 15.98 80.09 24.03
CA ILE A 1135 14.79 79.38 24.44
C ILE A 1135 14.76 79.16 25.94
N LEU A 1136 15.84 78.67 26.52
CA LEU A 1136 15.86 78.35 27.94
C LEU A 1136 16.63 79.37 28.77
N MET A 1137 16.62 80.64 28.40
CA MET A 1137 17.24 81.69 29.20
C MET A 1137 16.40 82.95 29.12
N SER A 1138 16.53 83.79 30.14
CA SER A 1138 15.87 85.08 30.14
C SER A 1138 16.70 86.09 29.36
N ARG A 1139 16.04 87.15 28.91
CA ARG A 1139 16.73 88.15 28.09
C ARG A 1139 17.93 88.73 28.82
N ARG A 1140 17.77 89.02 30.11
CA ARG A 1140 18.88 89.54 30.89
C ARG A 1140 20.03 88.55 30.93
N GLN A 1141 19.71 87.29 31.24
CA GLN A 1141 20.75 86.27 31.29
C GLN A 1141 21.46 86.15 29.96
N VAL A 1142 20.72 86.22 28.86
CA VAL A 1142 21.37 86.09 27.55
C VAL A 1142 22.32 87.25 27.30
N ASP A 1143 21.85 88.48 27.54
CA ASP A 1143 22.73 89.63 27.32
C ASP A 1143 23.94 89.57 28.22
N LEU A 1144 23.85 88.86 29.33
CA LEU A 1144 25.02 88.76 30.20
C LEU A 1144 25.96 87.63 29.81
N TYR A 1145 25.43 86.53 29.30
CA TYR A 1145 26.18 85.31 29.13
C TYR A 1145 26.60 85.04 27.69
N LYS A 1146 26.06 85.76 26.71
CA LYS A 1146 26.28 85.37 25.33
C LYS A 1146 27.72 85.54 24.87
N GLN A 1147 28.56 86.21 25.64
CA GLN A 1147 29.95 86.35 25.23
C GLN A 1147 30.76 85.08 25.49
N ASP A 1148 30.25 84.14 26.25
CA ASP A 1148 30.92 82.87 26.52
C ASP A 1148 30.49 81.76 25.59
N ALA A 1149 29.92 82.09 24.43
CA ALA A 1149 29.49 81.05 23.53
C ALA A 1149 30.58 80.74 22.51
N ASP A 1150 30.44 79.58 21.88
CA ASP A 1150 31.45 79.05 20.96
C ASP A 1150 31.10 79.32 19.51
N MET A 1151 30.58 80.49 19.21
CA MET A 1151 30.14 80.81 17.87
C MET A 1151 30.92 82.01 17.34
N THR A 1152 30.81 82.21 16.03
CA THR A 1152 31.47 83.34 15.39
C THR A 1152 30.85 84.64 15.88
N GLU A 1153 31.54 85.75 15.61
CA GLU A 1153 31.05 87.03 16.07
C GLU A 1153 29.76 87.44 15.38
N GLY A 1154 29.61 87.13 14.09
CA GLY A 1154 28.37 87.46 13.41
C GLY A 1154 27.18 86.72 13.97
N ALA A 1155 27.40 85.57 14.60
CA ALA A 1155 26.30 84.87 15.24
C ALA A 1155 25.97 85.49 16.59
N ILE A 1156 26.99 85.74 17.41
CA ILE A 1156 26.77 86.34 18.72
C ILE A 1156 26.09 87.69 18.58
N ALA A 1157 26.40 88.43 17.52
CA ALA A 1157 25.76 89.73 17.35
C ALA A 1157 24.28 89.63 17.02
N LYS A 1158 23.71 88.44 16.89
CA LYS A 1158 22.31 88.28 16.54
C LYS A 1158 21.45 87.86 17.73
N LEU A 1159 21.99 87.87 18.93
CA LEU A 1159 21.28 87.38 20.11
C LEU A 1159 21.12 88.49 21.12
N GLY A 1160 19.96 88.55 21.75
CA GLY A 1160 19.70 89.54 22.77
C GLY A 1160 19.00 90.77 22.24
N PRO A 1161 19.35 91.94 22.78
CA PRO A 1161 18.71 93.17 22.34
C PRO A 1161 19.15 93.53 20.94
N PRO A 1162 18.20 93.80 20.05
CA PRO A 1162 18.57 94.03 18.64
C PRO A 1162 19.47 95.23 18.42
N PRO A 1163 19.85 95.96 19.48
CA PRO A 1163 20.70 97.12 19.31
C PRO A 1163 22.00 96.76 18.61
N ALA A 1164 22.63 95.68 19.04
CA ALA A 1164 23.90 95.23 18.50
C ALA A 1164 24.94 96.34 18.50
N THR B 193 -29.96 -99.95 -32.24
CA THR B 193 -28.77 -99.16 -32.02
C THR B 193 -27.65 -100.01 -31.42
N PRO B 194 -26.41 -99.79 -31.87
CA PRO B 194 -25.28 -100.53 -31.31
C PRO B 194 -24.90 -100.11 -29.91
N VAL B 195 -25.35 -98.94 -29.44
CA VAL B 195 -25.01 -98.51 -28.09
C VAL B 195 -25.68 -99.41 -27.06
N GLU B 196 -26.83 -99.99 -27.41
CA GLU B 196 -27.46 -100.97 -26.52
C GLU B 196 -26.62 -102.24 -26.44
N ALA B 197 -26.09 -102.69 -27.58
CA ALA B 197 -25.16 -103.81 -27.56
C ALA B 197 -23.95 -103.50 -26.68
N ALA B 198 -23.41 -102.29 -26.80
CA ALA B 198 -22.24 -101.92 -26.02
C ALA B 198 -22.56 -101.90 -24.53
N TYR B 199 -23.71 -101.34 -24.16
CA TYR B 199 -24.10 -101.32 -22.76
C TYR B 199 -24.30 -102.72 -22.23
N SER B 200 -24.90 -103.60 -23.03
CA SER B 200 -25.09 -104.97 -22.57
C SER B 200 -23.75 -105.66 -22.38
N ALA B 201 -22.80 -105.42 -23.29
CA ALA B 201 -21.49 -106.05 -23.14
C ALA B 201 -20.73 -105.47 -21.96
N TYR B 202 -20.97 -104.20 -21.65
CA TYR B 202 -20.37 -103.59 -20.47
C TYR B 202 -20.90 -104.22 -19.20
N LEU B 203 -22.23 -104.35 -19.11
CA LEU B 203 -22.85 -105.10 -18.02
C LEU B 203 -22.29 -106.52 -17.95
N ARG B 204 -22.12 -107.15 -19.11
CA ARG B 204 -21.58 -108.51 -19.17
C ARG B 204 -20.20 -108.57 -18.54
N ARG B 205 -19.30 -107.70 -18.98
CA ARG B 205 -17.95 -107.67 -18.43
C ARG B 205 -17.98 -107.54 -16.92
N ILE B 206 -18.73 -106.55 -16.43
CA ILE B 206 -18.82 -106.36 -14.98
C ILE B 206 -19.34 -107.63 -14.31
N ALA B 207 -20.33 -108.27 -14.92
CA ALA B 207 -20.98 -109.40 -14.29
C ALA B 207 -20.05 -110.60 -14.16
N GLU B 208 -19.44 -111.02 -15.28
CA GLU B 208 -18.57 -112.18 -15.19
C GLU B 208 -17.31 -111.86 -14.40
N ALA B 209 -16.86 -110.61 -14.42
CA ALA B 209 -15.73 -110.24 -13.58
C ALA B 209 -16.07 -110.44 -12.10
N TYR B 210 -17.25 -109.96 -11.70
CA TYR B 210 -17.63 -110.08 -10.29
C TYR B 210 -17.84 -111.53 -9.89
N LEU B 211 -18.49 -112.32 -10.75
CA LEU B 211 -18.77 -113.70 -10.37
C LEU B 211 -17.51 -114.55 -10.36
N ALA B 212 -16.56 -114.28 -11.26
CA ALA B 212 -15.24 -114.88 -11.16
C ALA B 212 -14.51 -114.42 -9.92
N GLU B 213 -14.79 -113.20 -9.46
CA GLU B 213 -14.21 -112.74 -8.20
C GLU B 213 -14.75 -113.56 -7.03
N HIS B 214 -16.06 -113.75 -6.95
CA HIS B 214 -16.70 -114.43 -5.83
C HIS B 214 -17.44 -115.66 -6.32
N PRO B 215 -16.74 -116.79 -6.48
CA PRO B 215 -17.42 -118.03 -6.88
C PRO B 215 -18.40 -118.54 -5.84
N GLN B 216 -18.32 -118.09 -4.60
CA GLN B 216 -19.19 -118.62 -3.55
C GLN B 216 -20.64 -118.24 -3.79
N MET B 217 -20.97 -116.96 -3.73
CA MET B 217 -22.33 -116.54 -4.08
C MET B 217 -22.52 -116.38 -5.57
N ALA B 218 -21.59 -116.88 -6.39
CA ALA B 218 -21.82 -117.04 -7.81
C ALA B 218 -22.85 -118.12 -8.10
N ALA B 219 -23.29 -118.86 -7.07
CA ALA B 219 -24.35 -119.82 -7.23
C ALA B 219 -25.65 -119.12 -7.66
N PRO B 220 -26.52 -119.82 -8.38
CA PRO B 220 -27.75 -119.16 -8.87
C PRO B 220 -28.68 -118.72 -7.75
N GLU B 221 -28.46 -119.18 -6.52
CA GLU B 221 -29.28 -118.73 -5.41
C GLU B 221 -29.27 -117.22 -5.29
N HIS B 222 -28.11 -116.60 -5.42
CA HIS B 222 -27.96 -115.16 -5.38
C HIS B 222 -28.18 -114.50 -6.72
N ALA B 223 -28.92 -115.14 -7.64
CA ALA B 223 -29.15 -114.56 -8.96
C ALA B 223 -29.81 -113.18 -8.88
N ALA B 224 -30.70 -112.96 -7.92
CA ALA B 224 -31.26 -111.63 -7.71
C ALA B 224 -30.37 -110.75 -6.85
N HIS B 225 -29.57 -111.35 -5.97
CA HIS B 225 -28.62 -110.60 -5.17
C HIS B 225 -27.48 -110.07 -6.03
N VAL B 226 -26.95 -110.92 -6.92
CA VAL B 226 -25.91 -110.47 -7.82
C VAL B 226 -26.43 -109.40 -8.76
N ALA B 227 -27.74 -109.37 -9.03
CA ALA B 227 -28.28 -108.26 -9.80
C ALA B 227 -28.22 -106.97 -9.00
N ARG B 228 -28.56 -107.03 -7.71
CA ARG B 228 -28.45 -105.86 -6.85
C ARG B 228 -27.02 -105.35 -6.78
N VAL B 229 -26.04 -106.25 -6.81
CA VAL B 229 -24.66 -105.80 -6.69
C VAL B 229 -24.13 -105.29 -8.03
N VAL B 230 -24.55 -105.89 -9.14
CA VAL B 230 -24.06 -105.46 -10.45
C VAL B 230 -24.67 -104.12 -10.82
N ARG B 231 -25.94 -103.90 -10.48
CA ARG B 231 -26.54 -102.60 -10.72
C ARG B 231 -25.81 -101.51 -9.94
N SER B 232 -25.33 -101.84 -8.75
CA SER B 232 -24.57 -100.87 -7.97
C SER B 232 -23.19 -100.64 -8.56
N ARG B 233 -22.52 -101.70 -8.97
CA ARG B 233 -21.16 -101.60 -9.48
C ARG B 233 -21.11 -101.02 -10.90
N ALA B 234 -22.23 -100.97 -11.61
CA ALA B 234 -22.25 -100.45 -12.96
C ALA B 234 -22.38 -98.94 -13.03
N LEU B 235 -22.66 -98.27 -11.91
CA LEU B 235 -22.78 -96.82 -11.89
C LEU B 235 -21.61 -96.12 -11.25
N GLY B 236 -21.16 -96.58 -10.08
CA GLY B 236 -20.06 -95.92 -9.41
C GLY B 236 -19.62 -96.74 -8.22
N THR B 237 -18.94 -96.08 -7.29
CA THR B 237 -18.60 -96.97 -6.20
C THR B 237 -19.56 -96.80 -5.05
N PRO B 238 -19.91 -97.88 -4.36
CA PRO B 238 -20.78 -97.76 -3.20
C PRO B 238 -20.06 -97.10 -2.04
N LEU B 239 -20.81 -96.31 -1.28
CA LEU B 239 -20.27 -95.55 -0.15
C LEU B 239 -20.77 -96.13 1.16
N SER B 240 -19.89 -96.20 2.14
CA SER B 240 -20.30 -96.50 3.50
C SER B 240 -20.91 -95.24 4.12
N PHE B 241 -21.23 -95.31 5.40
CA PHE B 241 -21.76 -94.12 6.06
C PHE B 241 -20.66 -93.17 6.47
N ASP B 242 -19.53 -93.70 6.94
CA ASP B 242 -18.44 -92.86 7.40
C ASP B 242 -17.81 -92.07 6.27
N GLU B 243 -17.93 -92.56 5.03
CA GLU B 243 -17.42 -91.83 3.88
C GLU B 243 -18.46 -90.91 3.26
N LEU B 244 -19.75 -91.16 3.50
CA LEU B 244 -20.77 -90.27 2.96
C LEU B 244 -20.81 -88.94 3.70
N MET B 245 -20.53 -88.94 5.00
CA MET B 245 -20.59 -87.73 5.80
C MET B 245 -19.22 -87.13 6.06
N ARG B 246 -18.29 -87.25 5.12
CA ARG B 246 -16.99 -86.62 5.23
C ARG B 246 -16.93 -85.37 4.36
N SER B 247 -16.10 -84.41 4.78
CA SER B 247 -16.29 -83.04 4.34
C SER B 247 -15.68 -82.76 2.97
N ALA B 248 -14.46 -83.22 2.74
CA ALA B 248 -13.60 -82.90 1.59
C ALA B 248 -12.95 -81.53 1.73
N VAL B 249 -13.31 -80.73 2.73
CA VAL B 249 -12.57 -79.55 3.13
C VAL B 249 -11.76 -79.94 4.36
N PRO B 250 -10.45 -80.10 4.27
CA PRO B 250 -9.75 -80.96 5.23
C PRO B 250 -9.85 -80.52 6.68
N ALA B 251 -9.16 -79.44 7.03
CA ALA B 251 -9.13 -78.88 8.37
C ALA B 251 -8.15 -77.71 8.32
N PRO B 252 -8.12 -76.84 9.33
CA PRO B 252 -6.96 -75.96 9.46
C PRO B 252 -5.78 -76.65 10.09
N GLY B 253 -6.00 -77.75 10.81
CA GLY B 253 -4.95 -78.38 11.59
C GLY B 253 -4.13 -79.42 10.87
N GLU B 254 -4.73 -80.22 9.99
CA GLU B 254 -4.02 -81.32 9.37
C GLU B 254 -3.30 -80.91 8.09
N VAL B 255 -2.89 -79.66 7.99
CA VAL B 255 -2.07 -79.21 6.88
C VAL B 255 -0.62 -79.13 7.34
N PRO B 256 0.26 -79.97 6.86
CA PRO B 256 1.64 -79.99 7.35
C PRO B 256 2.48 -78.90 6.71
N ASN B 257 3.48 -78.45 7.44
CA ASN B 257 4.39 -77.43 6.96
C ASN B 257 5.22 -77.95 5.80
N ARG B 258 5.56 -77.05 4.88
CA ARG B 258 6.49 -77.35 3.80
C ARG B 258 7.31 -76.11 3.55
N ASN B 259 8.63 -76.25 3.59
CA ASN B 259 9.53 -75.11 3.50
C ASN B 259 9.94 -74.88 2.05
N SER B 260 10.11 -73.61 1.69
CA SER B 260 10.69 -73.26 0.42
C SER B 260 12.21 -73.39 0.50
N ARG B 261 12.91 -72.88 -0.50
CA ARG B 261 14.36 -73.02 -0.50
C ARG B 261 15.01 -72.10 0.53
N GLY B 262 14.52 -70.87 0.66
CA GLY B 262 15.07 -69.97 1.65
C GLY B 262 14.91 -70.50 3.07
N GLN B 263 13.76 -71.11 3.36
CA GLN B 263 13.57 -71.68 4.68
C GLN B 263 14.43 -72.92 4.87
N VAL B 264 14.70 -73.67 3.81
CA VAL B 264 15.65 -74.79 3.93
C VAL B 264 17.04 -74.27 4.29
N ALA B 265 17.46 -73.18 3.66
CA ALA B 265 18.76 -72.60 4.00
C ALA B 265 18.79 -72.14 5.45
N GLU B 266 17.76 -71.43 5.88
CA GLU B 266 17.67 -71.01 7.28
C GLU B 266 17.72 -72.22 8.20
N GLN B 267 17.09 -73.33 7.80
CA GLN B 267 17.08 -74.51 8.63
C GLN B 267 18.46 -75.10 8.79
N VAL B 268 19.20 -75.27 7.69
CA VAL B 268 20.52 -75.88 7.81
C VAL B 268 21.44 -74.96 8.60
N ARG B 269 21.29 -73.65 8.45
CA ARG B 269 22.14 -72.75 9.23
C ARG B 269 21.83 -72.87 10.72
N ALA B 270 20.55 -72.90 11.08
CA ALA B 270 20.18 -73.00 12.49
C ALA B 270 20.52 -74.36 13.07
N ILE B 271 20.67 -75.37 12.22
CA ILE B 271 21.11 -76.68 12.72
C ILE B 271 22.61 -76.73 12.91
N LEU B 272 23.38 -76.08 12.02
CA LEU B 272 24.82 -76.16 12.16
C LEU B 272 25.35 -75.23 13.25
N ASP B 273 24.79 -74.03 13.39
CA ASP B 273 25.30 -73.14 14.43
C ASP B 273 24.64 -73.48 15.77
N GLN B 274 24.13 -74.70 15.89
CA GLN B 274 23.43 -75.11 17.09
C GLN B 274 24.32 -75.13 18.33
N TYR B 275 25.62 -75.35 18.14
CA TYR B 275 26.53 -75.53 19.26
C TYR B 275 27.67 -74.52 19.25
N LYS B 334 24.52 -92.77 39.15
CA LYS B 334 24.61 -92.24 37.79
C LYS B 334 23.70 -93.00 36.85
N ALA B 335 23.48 -92.42 35.67
CA ALA B 335 22.64 -93.07 34.66
C ALA B 335 23.47 -94.01 33.80
N LYS B 336 22.91 -95.17 33.47
CA LYS B 336 23.59 -96.10 32.58
C LYS B 336 22.60 -97.01 31.84
N GLU B 338 20.42 -100.10 29.84
CA GLU B 338 19.19 -100.77 30.31
C GLU B 338 18.35 -99.88 31.21
N ASP B 339 18.49 -98.57 31.01
CA ASP B 339 17.58 -97.58 31.55
C ASP B 339 17.25 -96.51 30.52
N MET B 340 17.93 -96.49 29.39
CA MET B 340 17.58 -95.62 28.28
C MET B 340 16.45 -96.22 27.47
N VAL B 341 15.61 -95.35 26.93
CA VAL B 341 14.51 -95.79 26.07
C VAL B 341 14.99 -95.89 24.63
N ASP B 342 14.43 -96.83 23.90
CA ASP B 342 15.03 -97.26 22.62
C ASP B 342 14.79 -96.25 21.50
N ASP B 343 15.22 -95.02 21.72
CA ASP B 343 15.27 -94.00 20.69
C ASP B 343 16.58 -93.22 20.82
N ALA B 344 17.67 -93.97 20.98
CA ALA B 344 18.95 -93.41 21.40
C ALA B 344 19.91 -93.13 20.26
N PHE B 345 19.40 -92.73 19.10
CA PHE B 345 20.27 -92.33 18.01
C PHE B 345 20.86 -90.95 18.31
N GLU B 348 21.43 -84.74 16.34
CA GLU B 348 21.65 -83.70 15.35
C GLU B 348 22.25 -84.21 14.04
N VAL B 349 22.10 -85.50 13.76
CA VAL B 349 22.44 -86.01 12.44
C VAL B 349 21.19 -86.49 11.69
N VAL B 350 20.20 -87.03 12.40
CA VAL B 350 18.92 -87.32 11.75
C VAL B 350 18.21 -86.02 11.41
N GLU B 351 18.41 -84.99 12.23
CA GLU B 351 17.87 -83.68 11.91
C GLU B 351 18.40 -83.20 10.58
N GLU B 352 19.67 -83.43 10.30
CA GLU B 352 20.21 -82.98 9.03
C GLU B 352 19.78 -83.92 7.90
N ALA B 353 19.67 -85.22 8.18
CA ALA B 353 19.12 -86.12 7.17
C ALA B 353 17.74 -85.65 6.72
N MET B 354 16.94 -85.20 7.66
CA MET B 354 15.55 -84.77 7.33
C MET B 354 15.55 -83.37 6.73
N ALA B 355 16.59 -82.58 6.96
CA ALA B 355 16.68 -81.24 6.32
C ALA B 355 17.42 -81.36 5.00
N LEU B 356 17.20 -82.46 4.29
CA LEU B 356 17.83 -82.63 2.95
C LEU B 356 16.95 -83.56 2.11
N PHE B 357 16.53 -84.69 2.67
CA PHE B 357 15.73 -85.66 1.90
C PHE B 357 14.42 -85.87 2.62
N GLY B 358 14.05 -84.91 3.45
CA GLY B 358 12.84 -85.09 4.26
C GLY B 358 11.62 -84.54 3.56
N ASP B 359 10.44 -85.04 3.93
CA ASP B 359 9.20 -84.64 3.22
C ASP B 359 9.03 -83.12 3.29
N ALA B 360 9.22 -82.51 4.46
CA ALA B 360 8.95 -81.05 4.55
C ALA B 360 9.92 -80.27 3.68
N ASN B 361 10.98 -80.88 3.17
CA ASN B 361 12.00 -80.11 2.42
C ASN B 361 12.21 -80.76 1.05
N SER B 362 11.22 -81.48 0.53
CA SER B 362 11.38 -82.19 -0.72
C SER B 362 10.53 -81.65 -1.85
N VAL B 363 9.73 -80.61 -1.61
CA VAL B 363 8.94 -79.99 -2.66
C VAL B 363 9.63 -78.69 -3.04
N LYS B 364 10.28 -78.69 -4.19
CA LYS B 364 11.13 -77.56 -4.56
C LYS B 364 10.35 -76.31 -4.94
N THR B 365 9.07 -76.45 -5.25
CA THR B 365 8.22 -75.33 -5.66
C THR B 365 7.11 -75.07 -4.64
N ALA B 366 7.46 -75.09 -3.36
CA ALA B 366 6.50 -74.81 -2.31
C ALA B 366 6.72 -73.37 -1.86
N TRP B 367 5.68 -72.54 -1.96
CA TRP B 367 5.90 -71.13 -1.66
C TRP B 367 5.52 -70.77 -0.23
N ARG B 368 4.25 -70.90 0.13
CA ARG B 368 3.86 -70.75 1.53
C ARG B 368 2.56 -71.53 1.69
N THR B 369 2.69 -72.77 2.15
CA THR B 369 1.57 -73.70 2.04
C THR B 369 0.65 -73.61 3.24
N GLN B 370 1.19 -73.52 4.45
CA GLN B 370 0.33 -73.56 5.62
C GLN B 370 -0.64 -72.39 5.65
N GLU B 371 -0.15 -71.18 5.45
CA GLU B 371 -1.02 -70.01 5.50
C GLU B 371 -2.02 -70.02 4.34
N VAL B 372 -1.54 -70.12 3.11
CA VAL B 372 -2.49 -69.98 2.00
C VAL B 372 -3.30 -71.25 1.82
N LEU B 373 -3.06 -72.28 2.62
CA LEU B 373 -3.86 -73.49 2.53
C LEU B 373 -4.77 -73.68 3.73
N ARG B 374 -4.61 -72.90 4.80
CA ARG B 374 -5.51 -72.99 5.93
C ARG B 374 -6.72 -72.08 5.82
N GLU B 375 -6.62 -71.00 5.05
CA GLU B 375 -7.77 -70.17 4.74
C GLU B 375 -8.63 -70.87 3.70
N LEU B 376 -9.93 -70.59 3.71
CA LEU B 376 -10.82 -71.22 2.76
C LEU B 376 -11.23 -70.25 1.67
N SER B 377 -11.34 -70.76 0.45
CA SER B 377 -11.62 -70.02 -0.76
C SER B 377 -13.10 -70.13 -1.10
N TYR B 378 -13.47 -69.66 -2.29
CA TYR B 378 -14.88 -69.60 -2.65
C TYR B 378 -15.47 -70.98 -2.87
N THR B 379 -14.77 -71.84 -3.60
CA THR B 379 -15.28 -73.17 -3.85
C THR B 379 -15.37 -73.99 -2.57
N GLN B 380 -14.44 -73.78 -1.65
CA GLN B 380 -14.51 -74.49 -0.38
C GLN B 380 -15.66 -74.00 0.48
N LEU B 381 -15.95 -72.70 0.47
CA LEU B 381 -17.13 -72.23 1.17
C LEU B 381 -18.40 -72.80 0.57
N TRP B 382 -18.47 -72.84 -0.76
CA TRP B 382 -19.63 -73.46 -1.39
C TRP B 382 -19.79 -74.91 -0.97
N ALA B 383 -18.69 -75.65 -0.87
CA ALA B 383 -18.81 -77.04 -0.46
C ALA B 383 -19.20 -77.16 1.00
N LEU B 384 -18.71 -76.26 1.85
CA LEU B 384 -19.08 -76.29 3.26
C LEU B 384 -20.56 -76.00 3.45
N VAL B 385 -21.09 -74.97 2.80
CA VAL B 385 -22.49 -74.62 2.93
C VAL B 385 -23.37 -75.80 2.52
N GLY B 386 -23.05 -76.44 1.41
CA GLY B 386 -23.82 -77.54 0.90
C GLY B 386 -23.93 -78.74 1.82
N GLU B 387 -23.17 -78.76 2.91
CA GLU B 387 -23.28 -79.81 3.92
C GLU B 387 -23.86 -79.29 5.22
N GLY B 388 -24.32 -78.06 5.24
CA GLY B 388 -24.87 -77.49 6.46
C GLY B 388 -23.86 -77.34 7.58
N HIS B 389 -22.66 -76.85 7.28
CA HIS B 389 -21.68 -76.56 8.31
C HIS B 389 -21.60 -75.09 8.65
N VAL B 390 -22.08 -74.20 7.79
CA VAL B 390 -21.99 -72.76 8.01
C VAL B 390 -23.27 -72.31 8.69
N ALA B 391 -23.14 -71.46 9.70
CA ALA B 391 -24.28 -70.98 10.46
C ALA B 391 -24.75 -69.61 9.99
N ARG B 392 -23.82 -68.69 9.79
CA ARG B 392 -24.16 -67.29 9.57
C ARG B 392 -23.09 -66.67 8.69
N VAL B 393 -23.51 -65.84 7.73
CA VAL B 393 -22.58 -65.05 6.95
C VAL B 393 -22.94 -63.58 7.13
N ARG B 394 -21.93 -62.72 7.10
CA ARG B 394 -22.10 -61.30 7.34
C ARG B 394 -21.37 -60.54 6.24
N PHE B 395 -22.12 -59.95 5.32
CA PHE B 395 -21.53 -59.13 4.27
C PHE B 395 -20.96 -57.87 4.89
N TYR B 396 -19.71 -57.55 4.57
CA TYR B 396 -19.14 -56.32 5.07
C TYR B 396 -18.32 -55.65 3.98
N GLY B 397 -17.80 -54.49 4.30
CA GLY B 397 -17.06 -53.70 3.35
C GLY B 397 -17.88 -52.52 2.89
N PRO B 398 -17.26 -51.59 2.18
CA PRO B 398 -18.03 -50.47 1.63
C PRO B 398 -18.81 -50.84 0.38
N GLU B 399 -18.40 -51.88 -0.34
CA GLU B 399 -19.13 -52.33 -1.51
C GLU B 399 -19.64 -53.76 -1.38
N LYS B 400 -19.50 -54.36 -0.20
CA LYS B 400 -20.26 -55.54 0.18
C LYS B 400 -19.98 -56.73 -0.71
N ASN B 401 -18.71 -57.09 -0.87
CA ASN B 401 -18.35 -58.30 -1.57
C ASN B 401 -17.50 -59.25 -0.76
N LYS B 402 -17.16 -58.90 0.47
CA LYS B 402 -16.51 -59.81 1.39
C LYS B 402 -17.54 -60.31 2.38
N VAL B 403 -17.36 -61.53 2.86
CA VAL B 403 -18.22 -62.07 3.89
C VAL B 403 -17.35 -62.66 4.99
N MET B 404 -17.89 -62.66 6.20
CA MET B 404 -17.27 -63.29 7.35
C MET B 404 -18.11 -64.48 7.77
N ALA B 405 -17.76 -65.66 7.27
CA ALA B 405 -18.55 -66.85 7.50
C ALA B 405 -18.20 -67.46 8.85
N THR B 406 -19.21 -67.93 9.56
CA THR B 406 -19.04 -68.62 10.83
C THR B 406 -19.45 -70.07 10.67
N THR B 407 -18.66 -70.98 11.22
CA THR B 407 -18.88 -72.40 11.04
C THR B 407 -19.51 -73.01 12.28
N ARG B 408 -20.30 -74.06 12.07
CA ARG B 408 -20.95 -74.76 13.17
C ARG B 408 -19.94 -75.58 13.96
N ALA B 409 -20.45 -76.33 14.93
CA ALA B 409 -19.61 -77.21 15.72
C ALA B 409 -19.25 -78.49 14.98
N SER B 410 -20.07 -78.89 14.02
CA SER B 410 -19.82 -80.11 13.26
C SER B 410 -18.83 -79.92 12.13
N ALA B 411 -18.35 -78.71 11.91
CA ALA B 411 -17.45 -78.42 10.81
C ALA B 411 -16.05 -78.95 11.11
N PRO B 412 -15.25 -79.19 10.07
CA PRO B 412 -13.87 -79.62 10.29
C PRO B 412 -13.02 -78.52 10.90
N GLY B 413 -12.62 -78.69 12.16
CA GLY B 413 -11.92 -77.65 12.88
C GLY B 413 -12.75 -76.90 13.89
N GLY B 414 -14.02 -77.28 14.07
CA GLY B 414 -14.84 -76.63 15.06
C GLY B 414 -15.46 -75.34 14.55
N GLU B 415 -15.50 -74.35 15.43
CA GLU B 415 -16.10 -73.06 15.10
C GLU B 415 -15.03 -72.00 14.91
N ARG B 416 -14.96 -71.45 13.70
CA ARG B 416 -14.04 -70.37 13.37
C ARG B 416 -14.81 -69.27 12.66
N LEU B 417 -14.12 -68.16 12.39
CA LEU B 417 -14.63 -67.10 11.54
C LEU B 417 -13.64 -66.90 10.40
N CYS B 418 -14.12 -67.08 9.18
CA CYS B 418 -13.25 -67.04 8.01
C CYS B 418 -13.73 -65.99 7.03
N LYS B 419 -12.79 -65.24 6.47
CA LYS B 419 -13.13 -64.20 5.50
C LYS B 419 -13.06 -64.76 4.09
N VAL B 420 -14.08 -64.45 3.29
CA VAL B 420 -14.14 -64.93 1.91
C VAL B 420 -14.45 -63.74 1.02
N VAL B 421 -13.77 -63.65 -0.12
CA VAL B 421 -14.03 -62.61 -1.11
C VAL B 421 -14.82 -63.23 -2.24
N LEU B 422 -15.81 -62.53 -2.73
CA LEU B 422 -16.79 -63.21 -3.56
C LEU B 422 -16.73 -62.74 -4.99
N PRO B 423 -16.84 -63.65 -5.94
CA PRO B 423 -16.93 -63.26 -7.33
C PRO B 423 -18.36 -63.03 -7.73
N PRO B 424 -18.61 -62.41 -8.86
CA PRO B 424 -20.00 -62.17 -9.27
C PRO B 424 -20.73 -63.43 -9.67
N ASP B 425 -21.27 -64.15 -8.68
CA ASP B 425 -22.01 -65.38 -8.93
C ASP B 425 -23.47 -65.18 -8.57
N PRO B 426 -24.38 -65.17 -9.53
CA PRO B 426 -25.79 -64.91 -9.22
C PRO B 426 -26.55 -66.09 -8.65
N GLU B 427 -25.90 -67.21 -8.39
CA GLU B 427 -26.56 -68.35 -7.77
C GLU B 427 -26.17 -68.53 -6.31
N LEU B 428 -25.43 -67.58 -5.74
CA LEU B 428 -24.94 -67.77 -4.39
C LEU B 428 -26.04 -67.60 -3.35
N LEU B 429 -26.95 -66.66 -3.57
CA LEU B 429 -27.89 -66.30 -2.52
C LEU B 429 -28.98 -67.36 -2.36
N ASP B 430 -29.42 -67.96 -3.47
CA ASP B 430 -30.34 -69.08 -3.37
C ASP B 430 -29.70 -70.23 -2.61
N HIS B 431 -28.43 -70.53 -2.92
CA HIS B 431 -27.72 -71.59 -2.23
C HIS B 431 -27.58 -71.26 -0.75
N LEU B 432 -27.44 -69.99 -0.41
CA LEU B 432 -27.30 -69.61 0.98
C LEU B 432 -28.61 -69.78 1.73
N VAL B 433 -29.72 -69.34 1.14
CA VAL B 433 -30.97 -69.39 1.89
C VAL B 433 -31.53 -70.81 1.94
N SER B 434 -31.39 -71.58 0.87
CA SER B 434 -31.98 -72.90 0.86
C SER B 434 -31.19 -73.92 1.66
N ASN B 435 -30.25 -73.47 2.49
CA ASN B 435 -29.51 -74.34 3.39
C ASN B 435 -29.56 -73.84 4.82
N GLY B 436 -30.49 -72.94 5.12
CA GLY B 436 -30.65 -72.47 6.48
C GLY B 436 -29.47 -71.72 7.03
N VAL B 437 -28.96 -70.74 6.29
CA VAL B 437 -27.85 -69.91 6.73
C VAL B 437 -28.40 -68.53 7.05
N VAL B 438 -28.03 -68.00 8.22
CA VAL B 438 -28.42 -66.65 8.58
C VAL B 438 -27.55 -65.68 7.78
N VAL B 439 -28.09 -65.16 6.68
CA VAL B 439 -27.36 -64.22 5.84
C VAL B 439 -27.69 -62.82 6.32
N ASP B 440 -26.67 -62.03 6.59
CA ASP B 440 -26.81 -60.71 7.16
C ASP B 440 -26.04 -59.70 6.32
N THR B 441 -26.58 -58.50 6.22
CA THR B 441 -26.00 -57.45 5.41
C THR B 441 -25.66 -56.27 6.33
N GLY B 442 -25.29 -55.15 5.74
CA GLY B 442 -24.85 -54.00 6.49
C GLY B 442 -25.92 -52.93 6.61
N VAL B 443 -25.45 -51.69 6.58
CA VAL B 443 -26.42 -50.56 6.61
C VAL B 443 -26.53 -50.02 5.18
N THR B 444 -25.40 -49.89 4.49
CA THR B 444 -25.38 -49.41 3.08
C THR B 444 -26.02 -48.04 2.97
N GLU B 445 -25.23 -46.98 3.07
CA GLU B 445 -25.76 -45.62 2.87
C GLU B 445 -26.02 -45.39 1.37
N ASP B 446 -26.99 -44.55 1.02
CA ASP B 446 -27.41 -44.38 -0.41
C ASP B 446 -26.62 -43.28 -1.12
N ASP B 447 -26.01 -42.36 -0.38
CA ASP B 447 -25.30 -41.22 -1.01
C ASP B 447 -24.10 -41.72 -1.80
N ARG B 448 -23.13 -42.33 -1.13
CA ARG B 448 -21.89 -42.81 -1.77
C ARG B 448 -20.92 -41.63 -1.87
N LEU B 449 -21.38 -40.40 -2.05
CA LEU B 449 -20.38 -39.31 -2.18
C LEU B 449 -20.40 -38.45 -0.92
N ARG B 450 -21.52 -38.34 -0.21
CA ARG B 450 -21.46 -37.57 1.05
C ARG B 450 -21.01 -38.52 2.16
N ALA B 451 -21.28 -39.81 2.01
CA ALA B 451 -20.81 -40.80 2.99
C ALA B 451 -19.29 -40.84 2.99
N SER B 452 -18.70 -41.15 1.85
CA SER B 452 -17.23 -41.11 1.73
C SER B 452 -16.80 -39.73 1.27
N LEU B 453 -16.40 -38.86 2.18
CA LEU B 453 -15.89 -37.55 1.77
C LEU B 453 -15.12 -37.00 2.96
N LEU B 454 -15.48 -37.45 4.15
CA LEU B 454 -14.76 -37.03 5.36
C LEU B 454 -13.77 -38.13 5.70
N VAL B 455 -14.03 -39.35 5.28
CA VAL B 455 -13.08 -40.43 5.45
C VAL B 455 -12.01 -40.39 4.38
N GLN B 456 -12.34 -39.92 3.17
CA GLN B 456 -11.33 -39.78 2.14
C GLN B 456 -10.39 -38.62 2.44
N MET B 457 -10.93 -37.51 2.94
CA MET B 457 -10.04 -36.43 3.38
C MET B 457 -9.05 -36.95 4.40
N LEU B 458 -9.51 -37.80 5.32
CA LEU B 458 -8.59 -38.36 6.31
C LEU B 458 -7.57 -39.28 5.67
N ARG B 459 -7.99 -40.10 4.70
CA ARG B 459 -7.05 -40.97 4.02
C ARG B 459 -5.94 -40.19 3.36
N TYR B 460 -6.22 -38.97 2.92
CA TYR B 460 -5.17 -38.18 2.31
C TYR B 460 -4.34 -37.39 3.30
N THR B 461 -4.91 -36.98 4.43
CA THR B 461 -4.17 -36.11 5.34
C THR B 461 -3.38 -36.85 6.40
N VAL B 462 -3.76 -38.06 6.78
CA VAL B 462 -3.13 -38.74 7.92
C VAL B 462 -1.68 -39.13 7.66
N PRO B 463 -1.30 -39.61 6.47
CA PRO B 463 0.11 -39.97 6.25
C PRO B 463 1.10 -38.90 6.65
N PHE B 464 0.84 -37.63 6.35
CA PHE B 464 1.76 -36.59 6.75
C PHE B 464 1.86 -36.51 8.26
N MET B 465 0.74 -36.72 8.94
CA MET B 465 0.73 -36.72 10.40
C MET B 465 1.58 -37.86 10.95
N VAL B 466 1.49 -39.04 10.35
CA VAL B 466 2.29 -40.17 10.79
C VAL B 466 3.77 -39.90 10.59
N ILE B 467 4.14 -39.41 9.41
CA ILE B 467 5.55 -39.15 9.15
C ILE B 467 6.10 -38.11 10.12
N SER B 468 5.37 -37.02 10.33
CA SER B 468 5.84 -35.98 11.22
C SER B 468 5.94 -36.49 12.65
N GLY B 469 4.98 -37.29 13.10
CA GLY B 469 5.05 -37.83 14.45
C GLY B 469 6.23 -38.75 14.65
N LEU B 470 6.51 -39.60 13.66
CA LEU B 470 7.65 -40.51 13.78
C LEU B 470 8.98 -39.75 13.86
N PHE B 471 9.20 -38.83 12.94
CA PHE B 471 10.45 -38.08 13.00
C PHE B 471 10.52 -37.17 14.22
N TRP B 472 9.37 -36.70 14.70
CA TRP B 472 9.38 -35.91 15.94
C TRP B 472 9.83 -36.76 17.10
N MET B 473 9.26 -37.95 17.24
CA MET B 473 9.72 -38.87 18.26
C MET B 473 11.23 -38.93 18.26
N ILE B 474 11.80 -39.29 17.11
CA ILE B 474 13.25 -39.46 17.02
C ILE B 474 13.98 -38.18 17.45
N HIS B 475 13.74 -37.07 16.75
CA HIS B 475 14.64 -35.93 16.91
C HIS B 475 14.26 -34.99 18.04
N THR B 476 13.17 -35.22 18.76
CA THR B 476 12.87 -34.35 19.89
C THR B 476 12.52 -35.10 21.16
N TRP B 477 11.78 -36.21 21.07
CA TRP B 477 11.45 -36.89 22.31
C TRP B 477 12.66 -37.62 22.89
N ILE B 478 13.70 -37.79 22.09
CA ILE B 478 14.96 -38.36 22.57
C ILE B 478 15.96 -37.22 22.70
N LEU B 479 16.25 -36.56 21.59
CA LEU B 479 17.21 -35.45 21.55
C LEU B 479 16.58 -34.17 22.09
N ASP B 480 16.07 -34.26 23.31
CA ASP B 480 15.32 -33.17 23.93
C ASP B 480 16.09 -31.85 23.91
N TYR B 494 21.49 -26.15 31.52
CA TYR B 494 21.43 -26.06 33.01
C TYR B 494 22.45 -25.03 33.47
N ARG B 495 23.02 -25.24 34.66
CA ARG B 495 23.96 -24.25 35.23
C ARG B 495 25.03 -23.90 34.19
N ARG B 496 25.64 -24.91 33.56
CA ARG B 496 26.75 -24.62 32.63
C ARG B 496 26.38 -23.45 31.72
N GLU B 497 25.13 -23.41 31.22
CA GLU B 497 24.69 -22.35 30.28
C GLU B 497 24.53 -21.03 31.04
N MET B 498 23.82 -21.05 32.15
CA MET B 498 23.67 -19.84 32.99
C MET B 498 25.01 -19.07 32.99
N LEU B 499 26.11 -19.76 33.26
CA LEU B 499 27.39 -19.06 33.32
C LEU B 499 27.67 -18.32 32.02
N HIS B 500 27.42 -18.97 30.89
CA HIS B 500 27.65 -18.31 29.61
C HIS B 500 26.77 -17.09 29.42
N VAL B 501 25.51 -17.17 29.83
CA VAL B 501 24.62 -16.01 29.72
C VAL B 501 25.08 -14.89 30.64
N ALA B 502 25.35 -15.21 31.90
CA ALA B 502 25.83 -14.21 32.84
C ALA B 502 27.13 -13.57 32.38
N SER B 503 27.92 -14.28 31.58
CA SER B 503 29.12 -13.68 31.01
C SER B 503 28.80 -12.62 29.97
N LYS B 504 27.62 -12.69 29.36
CA LYS B 504 27.22 -11.75 28.32
C LYS B 504 26.17 -10.74 28.80
N LEU B 505 25.83 -10.76 30.08
CA LEU B 505 24.70 -10.00 30.59
C LEU B 505 24.85 -8.50 30.40
N ASN B 506 25.97 -8.04 29.87
CA ASN B 506 26.16 -6.62 29.62
C ASN B 506 25.78 -6.21 28.20
N PHE B 507 25.85 -7.13 27.24
CA PHE B 507 25.62 -6.82 25.84
C PHE B 507 24.16 -6.93 25.44
N ARG B 508 23.25 -7.12 26.39
CA ARG B 508 21.90 -7.53 26.03
C ARG B 508 20.95 -6.35 25.87
N THR B 509 20.70 -5.61 26.96
CA THR B 509 19.78 -4.48 26.94
C THR B 509 19.82 -3.75 28.28
N PRO B 510 19.74 -2.44 28.28
CA PRO B 510 19.80 -1.69 29.54
C PRO B 510 18.44 -1.31 30.09
N ALA B 511 17.37 -1.80 29.47
CA ALA B 511 16.02 -1.39 29.84
C ALA B 511 15.60 -2.12 31.11
N ARG B 512 15.51 -1.39 32.21
CA ARG B 512 15.08 -1.96 33.48
C ARG B 512 13.60 -1.65 33.65
N GLU B 513 12.79 -2.70 33.72
CA GLU B 513 11.39 -2.52 34.07
C GLU B 513 11.28 -1.87 35.44
N VAL B 514 10.19 -1.16 35.68
CA VAL B 514 9.98 -0.45 36.92
C VAL B 514 8.69 -0.92 37.57
N ARG B 515 8.79 -1.35 38.83
CA ARG B 515 7.61 -1.73 39.58
C ARG B 515 7.16 -0.54 40.41
N ILE B 516 6.20 0.23 39.87
CA ILE B 516 5.72 1.43 40.50
C ILE B 516 4.62 1.06 41.49
N ASP B 517 4.51 1.84 42.55
CA ASP B 517 3.48 1.64 43.56
C ASP B 517 2.42 2.72 43.44
N THR B 518 1.18 2.33 43.73
CA THR B 518 0.05 3.27 43.74
C THR B 518 -0.62 3.40 45.09
N GLY B 519 -0.29 2.53 46.06
CA GLY B 519 -0.76 2.65 47.41
C GLY B 519 0.36 3.02 48.36
N SER B 520 1.56 3.24 47.80
CA SER B 520 2.70 3.64 48.59
C SER B 520 2.38 4.94 49.34
N PRO B 521 3.07 5.19 50.46
CA PRO B 521 2.82 6.46 51.18
C PRO B 521 3.29 7.69 50.43
N ASP B 522 4.48 7.66 49.86
CA ASP B 522 4.99 8.81 49.11
C ASP B 522 4.71 8.71 47.62
N PHE B 523 3.97 7.71 47.17
CA PHE B 523 3.57 7.65 45.77
C PHE B 523 2.82 8.92 45.41
N ILE B 524 3.28 9.57 44.34
CA ILE B 524 2.78 10.87 43.95
C ILE B 524 1.59 10.67 43.02
N LYS B 525 0.42 11.16 43.44
CA LYS B 525 -0.72 11.22 42.55
C LYS B 525 -0.39 12.13 41.37
N TRP B 526 -1.32 12.21 40.42
CA TRP B 526 -1.05 13.03 39.24
C TRP B 526 -1.04 14.51 39.60
N ASP B 527 -2.18 15.05 40.02
CA ASP B 527 -2.25 16.48 40.27
C ASP B 527 -1.75 16.91 41.65
N ASP B 528 -1.17 16.02 42.44
CA ASP B 528 -0.54 16.47 43.68
C ASP B 528 0.68 17.33 43.37
N ILE B 529 1.33 17.06 42.23
CA ILE B 529 2.32 18.00 41.71
C ILE B 529 1.58 19.17 41.08
N ASN B 530 2.10 20.38 41.30
CA ASN B 530 1.46 21.58 40.78
C ASN B 530 2.52 22.46 40.10
N GLY B 531 2.09 23.68 39.75
CA GLY B 531 2.89 24.53 38.89
C GLY B 531 3.02 24.02 37.47
N ILE B 532 2.21 23.04 37.10
CA ILE B 532 2.35 22.38 35.80
C ILE B 532 1.01 22.35 35.07
N ASP B 533 0.17 23.36 35.29
CA ASP B 533 -1.20 23.31 34.78
C ASP B 533 -1.25 23.44 33.26
N GLU B 534 -0.43 24.32 32.70
CA GLU B 534 -0.36 24.41 31.24
C GLU B 534 0.09 23.09 30.63
N VAL B 535 1.13 22.48 31.23
CA VAL B 535 1.54 21.18 30.71
C VAL B 535 0.63 20.08 31.24
N LYS B 536 -0.12 20.33 32.32
CA LYS B 536 -1.26 19.47 32.64
C LYS B 536 -2.16 19.31 31.42
N LYS B 537 -2.54 20.44 30.82
CA LYS B 537 -3.27 20.40 29.56
C LYS B 537 -2.47 19.66 28.49
N GLU B 538 -1.19 20.00 28.35
CA GLU B 538 -0.42 19.48 27.22
C GLU B 538 -0.21 17.97 27.28
N ILE B 539 -0.23 17.38 28.47
CA ILE B 539 0.06 15.95 28.63
C ILE B 539 -1.14 15.12 29.03
N ASN B 540 -2.29 15.74 29.34
CA ASN B 540 -3.51 14.96 29.31
C ASN B 540 -3.78 14.37 27.94
N GLU B 541 -3.05 14.82 26.92
CA GLU B 541 -3.06 14.21 25.60
C GLU B 541 -2.32 12.90 25.57
N ILE B 542 -1.12 12.84 26.16
CA ILE B 542 -0.38 11.58 26.22
C ILE B 542 -1.13 10.57 27.06
N ILE B 543 -1.68 11.03 28.19
CA ILE B 543 -2.45 10.12 29.05
C ILE B 543 -3.60 9.50 28.26
N GLU B 544 -4.34 10.33 27.53
CA GLU B 544 -5.52 9.83 26.83
C GLU B 544 -5.15 9.03 25.60
N TYR B 545 -3.97 9.29 25.02
CA TYR B 545 -3.49 8.41 23.97
C TYR B 545 -3.19 7.03 24.53
N LEU B 546 -2.68 6.98 25.76
CA LEU B 546 -2.37 5.68 26.35
C LEU B 546 -3.63 4.94 26.76
N ARG B 547 -4.64 5.62 27.29
CA ARG B 547 -5.87 4.91 27.63
C ARG B 547 -6.69 4.56 26.40
N ASN B 548 -6.98 5.54 25.56
CA ASN B 548 -8.04 5.44 24.56
C ASN B 548 -7.62 6.20 23.30
N PRO B 549 -6.96 5.53 22.35
CA PRO B 549 -6.45 6.24 21.18
C PRO B 549 -7.53 6.65 20.20
N ALA B 550 -8.64 5.92 20.19
CA ALA B 550 -9.73 6.25 19.28
C ALA B 550 -10.28 7.63 19.57
N LEU B 551 -10.34 8.02 20.84
CA LEU B 551 -10.78 9.37 21.18
C LEU B 551 -9.78 10.41 20.78
N LEU B 552 -8.50 10.06 20.75
CA LEU B 552 -7.49 11.03 20.37
C LEU B 552 -7.36 11.17 18.86
N ARG B 553 -7.85 10.21 18.09
CA ARG B 553 -7.93 10.41 16.64
C ARG B 553 -9.03 11.39 16.29
N SER B 554 -10.10 11.42 17.09
CA SER B 554 -11.20 12.35 16.85
C SER B 554 -10.83 13.78 17.17
N ARG B 555 -9.65 14.03 17.74
CA ARG B 555 -9.19 15.37 18.05
C ARG B 555 -8.12 15.84 17.09
N GLY B 556 -7.91 15.13 15.99
CA GLY B 556 -6.97 15.56 14.99
C GLY B 556 -5.56 15.06 15.19
N VAL B 557 -5.30 14.27 16.23
CA VAL B 557 -3.96 13.79 16.54
C VAL B 557 -3.86 12.35 16.09
N ALA B 558 -3.03 12.10 15.08
CA ALA B 558 -2.93 10.75 14.52
C ALA B 558 -2.30 9.79 15.51
N ARG B 559 -1.13 10.14 16.02
CA ARG B 559 -0.39 9.26 16.92
C ARG B 559 0.65 10.08 17.65
N ILE B 560 0.98 9.64 18.85
CA ILE B 560 2.08 10.20 19.62
C ILE B 560 3.16 9.13 19.72
N GLY B 561 4.31 9.40 19.11
CA GLY B 561 5.32 8.37 19.03
C GLY B 561 6.57 8.67 19.81
N GLY B 562 6.84 9.96 20.04
CA GLY B 562 8.03 10.34 20.77
C GLY B 562 7.92 11.73 21.34
N VAL B 563 8.20 11.86 22.63
CA VAL B 563 8.04 13.11 23.33
C VAL B 563 9.38 13.52 23.91
N LEU B 564 9.58 14.82 24.06
CA LEU B 564 10.78 15.37 24.67
C LEU B 564 10.41 16.05 25.98
N LEU B 565 11.28 15.94 26.95
CA LEU B 565 11.12 16.60 28.24
C LEU B 565 12.33 17.49 28.47
N ALA B 566 12.19 18.76 28.10
CA ALA B 566 13.22 19.76 28.35
C ALA B 566 12.79 20.61 29.54
N GLY B 567 13.68 21.49 29.97
CA GLY B 567 13.32 22.41 31.03
C GLY B 567 14.53 23.03 31.67
N ALA B 568 14.28 23.68 32.80
CA ALA B 568 15.29 24.32 33.61
C ALA B 568 16.21 23.27 34.25
N PRO B 569 17.41 23.68 34.68
CA PRO B 569 18.31 22.70 35.29
C PRO B 569 17.72 22.08 36.55
N GLY B 570 17.68 20.75 36.56
CA GLY B 570 17.27 20.02 37.74
C GLY B 570 15.82 20.23 38.12
N THR B 571 14.91 19.73 37.30
CA THR B 571 13.49 19.83 37.58
C THR B 571 12.86 18.52 38.06
N GLY B 572 13.63 17.43 38.07
CA GLY B 572 13.09 16.14 38.48
C GLY B 572 12.15 15.55 37.46
N LYS B 573 12.68 15.28 36.26
CA LYS B 573 11.86 14.76 35.18
C LYS B 573 11.43 13.32 35.40
N THR B 574 12.15 12.58 36.26
CA THR B 574 11.79 11.20 36.54
C THR B 574 10.48 11.10 37.33
N LEU B 575 10.12 12.15 38.07
CA LEU B 575 8.99 12.04 38.98
C LEU B 575 7.66 11.99 38.22
N LEU B 576 7.51 12.83 37.19
CA LEU B 576 6.22 12.93 36.52
C LEU B 576 5.95 11.71 35.64
N ALA B 577 7.01 11.08 35.14
CA ALA B 577 6.83 9.87 34.35
C ALA B 577 6.16 8.78 35.17
N LYS B 578 6.57 8.64 36.43
CA LYS B 578 5.89 7.74 37.35
C LYS B 578 4.39 8.05 37.39
N ALA B 579 4.06 9.32 37.59
CA ALA B 579 2.66 9.70 37.74
C ALA B 579 1.86 9.38 36.49
N ILE B 580 2.40 9.69 35.32
CA ILE B 580 1.64 9.51 34.09
C ILE B 580 1.48 8.03 33.78
N ALA B 581 2.51 7.23 34.07
CA ALA B 581 2.36 5.80 33.89
C ALA B 581 1.36 5.22 34.87
N ALA B 582 1.22 5.85 36.05
CA ALA B 582 0.27 5.38 37.04
C ALA B 582 -1.16 5.72 36.64
N GLU B 583 -1.38 6.93 36.11
CA GLU B 583 -2.73 7.32 35.72
C GLU B 583 -3.17 6.59 34.46
N GLY B 584 -2.28 6.46 33.47
CA GLY B 584 -2.60 5.66 32.30
C GLY B 584 -2.70 4.18 32.58
N GLY B 585 -2.19 3.73 33.74
CA GLY B 585 -2.21 2.33 34.10
C GLY B 585 -1.47 1.45 33.11
N VAL B 586 -0.18 1.71 32.92
CA VAL B 586 0.61 1.01 31.92
C VAL B 586 2.02 0.75 32.47
N ARG B 587 2.62 -0.34 32.00
CA ARG B 587 3.95 -0.73 32.45
C ARG B 587 4.97 0.33 32.06
N MET B 588 6.04 0.46 32.83
CA MET B 588 7.05 1.48 32.59
C MET B 588 8.43 0.85 32.58
N PHE B 589 9.27 1.30 31.65
CA PHE B 589 10.65 0.89 31.59
C PHE B 589 11.53 2.12 31.71
N THR B 590 12.78 1.91 32.09
CA THR B 590 13.71 3.01 32.26
C THR B 590 15.07 2.63 31.72
N CYS B 591 15.77 3.63 31.20
CA CYS B 591 17.11 3.41 30.64
C CYS B 591 17.91 4.70 30.81
N SER B 592 18.91 4.93 29.98
CA SER B 592 19.78 6.11 30.12
C SER B 592 20.69 6.25 28.89
N GLY B 593 21.02 7.47 28.50
CA GLY B 593 21.81 7.67 27.27
C GLY B 593 23.16 7.01 27.36
N THR B 594 23.84 7.13 28.51
CA THR B 594 25.20 6.58 28.67
C THR B 594 25.28 5.15 28.21
N ASP B 595 24.32 4.32 28.60
CA ASP B 595 24.36 2.88 28.28
C ASP B 595 24.68 2.65 26.81
N PHE B 596 23.70 2.85 25.94
CA PHE B 596 23.91 2.55 24.50
C PHE B 596 25.22 3.16 24.02
N TYR B 597 25.70 4.22 24.69
CA TYR B 597 26.92 4.86 24.20
C TYR B 597 28.13 4.09 24.68
N ASP B 598 28.95 3.66 23.72
CA ASP B 598 30.18 2.94 24.02
C ASP B 598 31.03 2.92 22.75
N VAL B 599 32.29 3.34 22.88
CA VAL B 599 33.09 3.65 21.69
C VAL B 599 33.45 2.41 20.89
N TYR B 600 33.44 1.24 21.50
CA TYR B 600 33.75 0.02 20.76
C TYR B 600 32.60 -0.37 19.84
N SER B 601 32.93 -1.10 18.80
CA SER B 601 32.03 -1.34 17.67
C SER B 601 31.05 -2.48 17.95
N GLY B 602 29.95 -2.47 17.18
CA GLY B 602 29.06 -3.61 17.11
C GLY B 602 28.14 -3.81 18.29
N VAL B 603 27.69 -2.73 18.93
CA VAL B 603 26.88 -2.81 20.13
C VAL B 603 25.59 -2.01 20.00
N GLY B 604 25.71 -0.70 19.71
CA GLY B 604 24.57 0.20 19.84
C GLY B 604 23.33 -0.29 19.11
N ALA B 605 23.47 -0.60 17.81
CA ALA B 605 22.31 -1.03 17.02
C ALA B 605 21.63 -2.25 17.64
N ARG B 606 22.42 -3.21 18.11
CA ARG B 606 21.83 -4.40 18.73
C ARG B 606 21.13 -4.06 20.04
N ARG B 607 21.70 -3.18 20.86
CA ARG B 607 21.03 -2.80 22.10
C ARG B 607 19.71 -2.09 21.81
N VAL B 608 19.69 -1.22 20.80
CA VAL B 608 18.47 -0.49 20.47
C VAL B 608 17.40 -1.45 19.96
N ARG B 609 17.77 -2.35 19.04
CA ARG B 609 16.82 -3.35 18.57
C ARG B 609 16.29 -4.18 19.72
N GLU B 610 17.16 -4.54 20.67
CA GLU B 610 16.72 -5.35 21.81
C GLU B 610 15.71 -4.60 22.65
N THR B 611 16.02 -3.34 22.97
CA THR B 611 15.09 -2.55 23.77
C THR B 611 13.74 -2.44 23.10
N PHE B 612 13.73 -2.20 21.79
CA PHE B 612 12.45 -1.98 21.13
C PHE B 612 11.67 -3.28 20.98
N ASP B 613 12.32 -4.41 20.74
CA ASP B 613 11.56 -5.65 20.65
C ASP B 613 11.00 -6.04 22.03
N ARG B 614 11.77 -5.81 23.10
CA ARG B 614 11.23 -6.03 24.43
C ARG B 614 9.98 -5.18 24.65
N LEU B 615 10.07 -3.89 24.32
CA LEU B 615 8.90 -3.02 24.45
C LEU B 615 7.72 -3.55 23.67
N ARG B 616 7.95 -3.93 22.41
CA ARG B 616 6.88 -4.43 21.57
C ARG B 616 6.20 -5.63 22.20
N ASN B 617 6.97 -6.62 22.62
CA ASN B 617 6.40 -7.79 23.26
C ASN B 617 5.70 -7.45 24.58
N ALA B 618 6.05 -6.32 25.21
CA ALA B 618 5.47 -5.94 26.48
C ALA B 618 4.48 -4.78 26.36
N ALA B 619 4.00 -4.50 25.16
CA ALA B 619 3.13 -3.35 24.94
C ALA B 619 1.75 -3.60 25.53
N PRO B 620 1.05 -2.54 25.98
CA PRO B 620 1.44 -1.12 25.97
C PRO B 620 2.48 -0.83 27.03
N ALA B 621 3.26 0.23 26.83
CA ALA B 621 4.35 0.55 27.73
C ALA B 621 4.75 2.00 27.49
N ILE B 622 5.80 2.42 28.18
CA ILE B 622 6.37 3.75 28.02
C ILE B 622 7.83 3.68 28.44
N LEU B 623 8.72 4.02 27.53
CA LEU B 623 10.16 3.88 27.74
C LEU B 623 10.74 5.24 28.10
N PHE B 624 10.87 5.51 29.39
CA PHE B 624 11.57 6.70 29.81
C PHE B 624 13.06 6.51 29.62
N ILE B 625 13.70 7.47 28.97
CA ILE B 625 15.13 7.39 28.72
C ILE B 625 15.76 8.73 29.07
N ASP B 626 16.53 8.75 30.16
CA ASP B 626 17.04 9.98 30.71
C ASP B 626 18.31 10.42 30.01
N GLU B 627 18.48 11.74 29.92
CA GLU B 627 19.60 12.37 29.21
C GLU B 627 19.71 11.85 27.78
N PHE B 628 18.65 12.11 27.02
CA PHE B 628 18.58 11.63 25.64
C PHE B 628 19.72 12.17 24.80
N ASP B 629 20.18 13.38 25.11
CA ASP B 629 21.21 14.04 24.32
C ASP B 629 22.51 13.26 24.25
N ALA B 630 22.75 12.34 25.19
CA ALA B 630 23.94 11.51 25.10
C ALA B 630 23.93 10.66 23.85
N MET B 631 22.77 10.13 23.47
CA MET B 631 22.63 9.49 22.17
C MET B 631 22.10 10.47 21.12
N GLY B 632 21.19 11.33 21.52
CA GLY B 632 20.59 12.28 20.61
C GLY B 632 21.47 13.49 20.36
N ALA B 633 22.77 13.27 20.20
CA ALA B 633 23.64 14.35 19.75
C ALA B 633 23.50 14.51 18.24
N ALA B 634 23.78 15.72 17.77
CA ALA B 634 23.66 16.00 16.35
C ALA B 634 24.77 15.30 15.57
N ARG B 635 24.71 15.42 14.24
CA ARG B 635 25.77 14.92 13.40
C ARG B 635 27.06 15.71 13.67
N GLY B 636 28.14 15.27 13.02
CA GLY B 636 29.43 15.84 13.33
C GLY B 636 29.86 15.60 14.76
N ALA B 637 29.28 14.60 15.41
CA ALA B 637 29.65 14.24 16.76
C ALA B 637 30.92 13.40 16.70
N GLN B 638 31.34 12.89 17.86
CA GLN B 638 32.58 12.12 17.91
C GLN B 638 32.32 10.74 17.32
N ALA B 639 32.45 10.66 16.00
CA ALA B 639 32.37 9.40 15.26
C ALA B 639 32.96 9.66 13.87
N SER B 640 32.99 8.62 13.06
CA SER B 640 33.37 8.74 11.65
C SER B 640 32.28 8.19 10.75
N GLY B 641 31.05 8.19 11.24
CA GLY B 641 29.96 7.51 10.57
C GLY B 641 29.78 6.08 10.97
N ASP B 642 30.26 5.67 12.15
CA ASP B 642 30.30 4.27 12.54
C ASP B 642 29.43 3.94 13.73
N GLU B 643 29.64 4.57 14.89
CA GLU B 643 28.93 4.17 16.09
C GLU B 643 27.69 5.03 16.35
N SER B 644 27.88 6.32 16.58
CA SER B 644 26.72 7.17 16.90
C SER B 644 25.80 7.30 15.69
N ALA B 645 26.38 7.34 14.49
CA ALA B 645 25.56 7.29 13.29
C ALA B 645 24.68 6.06 13.28
N SER B 646 25.24 4.89 13.61
CA SER B 646 24.46 3.67 13.55
C SER B 646 23.35 3.66 14.60
N ILE B 647 23.60 4.20 15.78
CA ILE B 647 22.56 4.16 16.82
C ILE B 647 21.46 5.16 16.50
N ILE B 648 21.81 6.29 15.87
CA ILE B 648 20.76 7.21 15.43
C ILE B 648 19.93 6.57 14.32
N ASN B 649 20.58 5.92 13.35
CA ASN B 649 19.82 5.29 12.27
C ASN B 649 18.94 4.18 12.82
N GLU B 650 19.38 3.50 13.87
CA GLU B 650 18.56 2.45 14.46
C GLU B 650 17.37 3.03 15.19
N LEU B 651 17.58 4.13 15.92
CA LEU B 651 16.46 4.81 16.54
C LEU B 651 15.43 5.22 15.50
N LEU B 652 15.89 5.76 14.37
CA LEU B 652 14.98 6.11 13.29
C LEU B 652 14.20 4.89 12.81
N VAL B 653 14.93 3.85 12.38
CA VAL B 653 14.28 2.66 11.84
C VAL B 653 13.26 2.10 12.82
N GLN B 654 13.53 2.17 14.11
CA GLN B 654 12.57 1.67 15.08
C GLN B 654 11.39 2.60 15.28
N MET B 655 11.59 3.90 15.11
CA MET B 655 10.47 4.83 15.27
C MET B 655 9.67 4.98 13.98
N ASP B 656 10.29 4.76 12.82
CA ASP B 656 9.65 5.05 11.55
C ASP B 656 9.43 3.86 10.64
N GLY B 657 10.47 3.14 10.26
CA GLY B 657 10.45 2.28 9.08
C GLY B 657 9.29 1.32 8.94
N PHE B 658 9.26 0.28 9.77
CA PHE B 658 8.19 -0.70 9.75
C PHE B 658 7.56 -0.79 11.11
N GLU B 659 7.22 0.38 11.65
CA GLU B 659 6.67 0.49 12.99
C GLU B 659 5.44 -0.40 13.20
N ASP B 660 5.46 -1.16 14.29
CA ASP B 660 4.26 -1.75 14.87
C ASP B 660 3.96 -1.14 16.22
N ASN B 661 4.46 0.07 16.45
CA ASN B 661 4.53 0.66 17.79
C ASN B 661 3.14 1.10 18.23
N ARG B 662 2.35 0.13 18.67
CA ARG B 662 1.05 0.39 19.27
C ARG B 662 1.24 0.61 20.76
N GLY B 663 0.76 1.74 21.26
CA GLY B 663 0.82 2.03 22.67
C GLY B 663 2.19 2.46 23.16
N ILE B 664 3.25 2.17 22.42
CA ILE B 664 4.60 2.49 22.87
C ILE B 664 4.83 3.99 22.78
N VAL B 665 5.42 4.55 23.84
CA VAL B 665 5.78 5.96 23.88
C VAL B 665 7.22 6.07 24.33
N VAL B 666 8.03 6.81 23.58
CA VAL B 666 9.42 7.06 23.93
C VAL B 666 9.50 8.45 24.52
N LEU B 667 9.65 8.51 25.84
CA LEU B 667 9.52 9.75 26.61
C LEU B 667 10.91 10.30 26.92
N GLY B 668 11.63 10.71 25.87
CA GLY B 668 13.01 11.12 26.06
C GLY B 668 13.12 12.38 26.89
N ALA B 669 14.29 12.54 27.53
CA ALA B 669 14.51 13.66 28.44
C ALA B 669 15.89 14.25 28.20
N THR B 670 15.97 15.59 28.25
CA THR B 670 17.23 16.31 28.09
C THR B 670 17.03 17.70 28.67
N ASN B 671 18.07 18.54 28.58
CA ASN B 671 17.99 19.90 29.07
C ASN B 671 18.43 20.94 28.07
N ARG B 672 19.08 20.55 26.97
CA ARG B 672 19.50 21.49 25.95
C ARG B 672 18.98 21.00 24.60
N PRO B 673 17.68 21.15 24.33
CA PRO B 673 17.07 20.51 23.16
C PRO B 673 17.61 20.97 21.82
N GLY B 674 18.39 22.06 21.78
CA GLY B 674 18.92 22.51 20.50
C GLY B 674 19.97 21.58 19.92
N ALA B 675 20.63 20.79 20.76
CA ALA B 675 21.72 19.94 20.32
C ALA B 675 21.26 18.67 19.61
N ILE B 676 20.00 18.29 19.76
CA ILE B 676 19.51 17.05 19.16
C ILE B 676 19.56 17.15 17.64
N ASP B 677 19.89 16.04 17.00
CA ASP B 677 20.05 16.00 15.54
C ASP B 677 18.79 16.48 14.84
N SER B 678 18.97 16.94 13.59
CA SER B 678 17.84 17.40 12.81
C SER B 678 16.97 16.24 12.37
N ALA B 679 17.57 15.10 12.08
CA ALA B 679 16.77 13.98 11.59
C ALA B 679 15.85 13.40 12.65
N LEU B 680 15.97 13.81 13.90
CA LEU B 680 15.19 13.18 14.96
C LEU B 680 13.96 13.99 15.36
N ILE B 681 13.94 15.29 15.08
CA ILE B 681 12.81 16.12 15.47
C ILE B 681 11.86 16.38 14.31
N ARG B 682 12.06 15.72 13.17
CA ARG B 682 11.17 15.88 12.04
C ARG B 682 9.79 15.32 12.38
N PRO B 683 8.75 15.77 11.66
CA PRO B 683 7.38 15.34 12.00
C PRO B 683 7.24 13.83 11.98
N GLY B 684 6.66 13.30 13.05
CA GLY B 684 6.47 11.87 13.19
C GLY B 684 7.38 11.25 14.23
N ARG B 685 8.63 11.68 14.26
CA ARG B 685 9.61 11.07 15.15
C ARG B 685 9.55 11.65 16.55
N PHE B 686 9.91 12.92 16.70
CA PHE B 686 9.98 13.58 18.00
C PHE B 686 9.48 15.00 17.81
N ASP B 687 8.20 15.22 18.03
CA ASP B 687 7.59 16.49 17.74
C ASP B 687 7.12 17.24 18.97
N ARG B 688 6.39 16.58 19.86
CA ARG B 688 5.99 17.23 21.09
C ARG B 688 7.22 17.56 21.91
N ILE B 689 7.31 18.81 22.34
CA ILE B 689 8.36 19.26 23.25
C ILE B 689 7.67 19.96 24.40
N ILE B 690 8.04 19.59 25.62
CA ILE B 690 7.41 20.15 26.81
C ILE B 690 8.49 20.78 27.67
N TYR B 691 8.19 21.96 28.19
CA TYR B 691 9.15 22.73 28.97
C TYR B 691 8.68 22.84 30.42
N MET B 692 9.63 22.74 31.33
CA MET B 692 9.39 22.91 32.75
C MET B 692 10.11 24.15 33.24
N PRO B 693 9.39 25.13 33.77
CA PRO B 693 10.04 26.37 34.21
C PRO B 693 10.40 26.34 35.69
N LEU B 694 11.09 27.36 36.16
CA LEU B 694 11.41 27.47 37.57
C LEU B 694 10.14 27.55 38.40
N PRO B 695 9.98 26.71 39.42
CA PRO B 695 8.80 26.83 40.28
C PRO B 695 8.77 28.19 40.98
N ASP B 696 7.57 28.60 41.35
CA ASP B 696 7.34 29.85 42.04
C ASP B 696 6.99 29.57 43.50
N ALA B 697 6.63 30.62 44.23
CA ALA B 697 6.34 30.51 45.65
C ALA B 697 5.41 29.33 45.94
N LEU B 698 4.25 29.32 45.29
CA LEU B 698 3.32 28.20 45.45
C LEU B 698 3.90 26.89 44.93
N GLY B 699 4.67 26.93 43.83
CA GLY B 699 5.27 25.72 43.32
C GLY B 699 6.21 25.08 44.32
N ARG B 700 7.18 25.83 44.83
CA ARG B 700 8.12 25.27 45.79
C ARG B 700 7.47 24.99 47.12
N ALA B 701 6.41 25.73 47.48
CA ALA B 701 5.65 25.41 48.67
C ALA B 701 5.03 24.02 48.54
N LYS B 702 4.42 23.74 47.39
CA LYS B 702 3.86 22.41 47.16
C LYS B 702 4.95 21.35 47.14
N ILE B 703 6.11 21.70 46.59
CA ILE B 703 7.25 20.77 46.62
C ILE B 703 7.60 20.40 48.06
N MET B 704 7.71 21.40 48.93
CA MET B 704 8.08 21.14 50.32
C MET B 704 7.00 20.35 51.04
N GLN B 705 5.73 20.63 50.71
CA GLN B 705 4.65 19.83 51.29
C GLN B 705 4.75 18.38 50.87
N VAL B 706 4.88 18.12 49.57
CA VAL B 706 4.87 16.74 49.07
C VAL B 706 6.10 15.99 49.55
N HIS B 707 7.22 16.69 49.75
CA HIS B 707 8.40 16.02 50.27
C HIS B 707 8.27 15.71 51.76
N ALA B 708 7.39 16.43 52.47
CA ALA B 708 7.27 16.25 53.92
C ALA B 708 6.56 14.96 54.30
N ARG B 709 6.22 14.13 53.31
CA ARG B 709 5.41 12.93 53.60
C ARG B 709 6.22 11.82 54.29
N ASN B 710 7.29 11.35 53.64
CA ASN B 710 8.06 10.20 54.18
C ASN B 710 9.08 10.59 55.26
N LYS B 711 8.97 11.80 55.83
CA LYS B 711 10.03 12.23 56.77
C LYS B 711 9.44 12.52 58.17
N ALA B 712 10.29 13.00 59.08
CA ALA B 712 9.85 13.29 60.47
C ALA B 712 9.77 14.81 60.67
N VAL B 713 9.21 15.51 59.69
CA VAL B 713 9.15 17.00 59.78
C VAL B 713 8.13 17.41 60.85
N ASP B 714 8.22 18.66 61.31
CA ASP B 714 7.26 19.18 62.30
C ASP B 714 5.84 18.75 61.91
N PRO B 715 5.01 18.31 62.88
CA PRO B 715 3.63 17.87 62.62
C PRO B 715 2.83 18.87 61.81
N ASN B 716 3.10 20.16 62.01
CA ASN B 716 2.36 21.21 61.33
C ASN B 716 3.16 22.51 61.33
N ILE B 717 3.65 22.91 60.16
CA ILE B 717 4.45 24.13 60.03
C ILE B 717 4.02 24.86 58.77
N ASN B 718 3.62 26.11 58.94
CA ASN B 718 3.31 26.96 57.80
C ASN B 718 4.60 27.43 57.14
N TRP B 719 4.71 27.20 55.83
CA TRP B 719 5.97 27.38 55.16
C TRP B 719 5.92 28.02 53.77
N TYR B 720 4.78 28.57 53.34
CA TYR B 720 4.81 29.28 52.07
C TYR B 720 5.59 30.58 52.19
N GLU B 721 5.55 31.23 53.36
CA GLU B 721 6.39 32.37 53.59
C GLU B 721 7.86 31.99 53.68
N VAL B 722 8.16 30.78 54.14
CA VAL B 722 9.52 30.24 54.04
C VAL B 722 9.93 30.10 52.58
N ALA B 723 8.99 29.71 51.72
CA ALA B 723 9.29 29.58 50.30
C ALA B 723 9.66 30.92 49.69
N ARG B 724 9.10 32.01 50.23
CA ARG B 724 9.45 33.33 49.74
C ARG B 724 10.92 33.64 49.96
N ALA B 725 11.50 33.10 51.03
CA ALA B 725 12.93 33.25 51.27
C ALA B 725 13.77 32.40 50.32
N MET B 726 13.15 31.54 49.53
CA MET B 726 13.85 30.63 48.61
C MET B 726 13.76 31.13 47.18
N ALA B 727 13.86 32.44 46.98
CA ALA B 727 13.76 33.01 45.64
C ALA B 727 14.94 32.59 44.78
N GLY B 728 14.65 32.25 43.53
CA GLY B 728 15.67 31.88 42.58
C GLY B 728 16.13 30.44 42.65
N PHE B 729 15.47 29.61 43.44
CA PHE B 729 15.88 28.22 43.61
C PHE B 729 15.23 27.34 42.55
N THR B 730 15.57 26.06 42.61
CA THR B 730 14.96 25.02 41.79
C THR B 730 14.48 23.88 42.70
N GLY B 731 13.77 22.93 42.12
CA GLY B 731 13.30 21.79 42.90
C GLY B 731 14.43 21.00 43.52
N ALA B 732 15.51 20.79 42.75
CA ALA B 732 16.67 20.07 43.27
C ALA B 732 17.26 20.80 44.47
N ASP B 733 17.33 22.13 44.40
CA ASP B 733 17.86 22.88 45.52
C ASP B 733 16.92 22.82 46.72
N VAL B 734 15.62 22.66 46.48
CA VAL B 734 14.70 22.51 47.59
C VAL B 734 14.90 21.18 48.29
N MET B 735 15.06 20.10 47.51
CA MET B 735 15.42 18.82 48.11
C MET B 735 16.70 18.93 48.92
N GLY B 736 17.74 19.51 48.33
CA GLY B 736 18.99 19.67 49.03
C GLY B 736 18.87 20.50 50.30
N LEU B 737 18.03 21.52 50.27
CA LEU B 737 17.87 22.37 51.45
C LEU B 737 17.13 21.64 52.56
N MET B 738 16.12 20.85 52.22
CA MET B 738 15.46 20.11 53.30
C MET B 738 16.36 19.01 53.85
N ALA B 739 17.22 18.43 53.01
CA ALA B 739 18.21 17.48 53.53
C ALA B 739 19.22 18.18 54.44
N ARG B 740 19.66 19.38 54.07
CA ARG B 740 20.54 20.15 54.93
C ARG B 740 19.87 20.48 56.25
N ALA B 741 18.57 20.77 56.22
CA ALA B 741 17.84 21.03 57.45
C ALA B 741 17.78 19.79 58.32
N ALA B 742 17.56 18.63 57.70
CA ALA B 742 17.60 17.37 58.45
C ALA B 742 18.95 17.20 59.14
N ARG B 743 20.04 17.40 58.40
CA ARG B 743 21.37 17.28 58.99
C ARG B 743 21.60 18.30 60.09
N MET B 744 21.04 19.50 59.94
CA MET B 744 21.23 20.53 60.94
C MET B 744 20.48 20.19 62.22
N ALA B 745 19.30 19.61 62.09
CA ALA B 745 18.57 19.15 63.27
C ALA B 745 19.31 18.00 63.94
N ALA B 746 19.82 17.06 63.14
CA ALA B 746 20.60 15.97 63.69
C ALA B 746 21.85 16.45 64.42
N ARG B 747 22.48 17.53 63.93
CA ARG B 747 23.63 18.09 64.61
C ARG B 747 23.25 18.63 65.99
N GLN B 748 22.02 19.13 66.12
CA GLN B 748 21.50 19.59 67.39
C GLN B 748 21.06 18.46 68.30
N GLY B 749 21.25 17.20 67.87
CA GLY B 749 20.84 16.05 68.65
C GLY B 749 19.35 15.76 68.63
N ARG B 750 18.53 16.70 68.18
CA ARG B 750 17.08 16.47 68.12
C ARG B 750 16.74 15.50 67.00
N HIS B 751 15.88 14.54 67.31
CA HIS B 751 15.39 13.61 66.31
C HIS B 751 14.16 14.14 65.56
N ALA B 752 13.68 15.32 65.92
CA ALA B 752 12.55 15.94 65.24
C ALA B 752 13.01 17.24 64.59
N ILE B 753 12.96 17.27 63.26
CA ILE B 753 13.38 18.45 62.52
C ILE B 753 12.39 19.59 62.76
N THR B 754 12.87 20.71 63.28
CA THR B 754 12.04 21.86 63.54
C THR B 754 12.16 22.85 62.40
N GLU B 755 11.43 23.97 62.53
CA GLU B 755 11.41 24.97 61.48
C GLU B 755 12.74 25.71 61.36
N ASP B 756 13.40 26.03 62.47
CA ASP B 756 14.58 26.87 62.42
C ASP B 756 15.70 26.22 61.62
N ASP B 757 15.76 24.88 61.61
CA ASP B 757 16.71 24.17 60.76
C ASP B 757 16.65 24.67 59.34
N ILE B 758 15.44 24.86 58.81
CA ILE B 758 15.27 25.47 57.49
C ILE B 758 16.11 26.73 57.41
N TYR B 759 15.81 27.70 58.28
CA TYR B 759 16.61 28.92 58.33
C TYR B 759 18.07 28.61 58.54
N ALA B 760 18.37 27.68 59.46
CA ALA B 760 19.75 27.28 59.71
C ALA B 760 20.48 26.91 58.43
N ALA B 761 19.81 26.22 57.51
CA ALA B 761 20.43 25.92 56.22
C ALA B 761 21.03 27.18 55.59
N MET B 762 20.18 28.19 55.37
CA MET B 762 20.59 29.43 54.73
C MET B 762 21.76 30.07 55.45
N GLU B 763 21.85 29.87 56.77
CA GLU B 763 22.89 30.54 57.52
C GLU B 763 24.24 29.84 57.37
N ASN B 764 24.24 28.51 57.23
CA ASN B 764 25.52 27.84 57.09
C ASN B 764 26.06 27.90 55.67
N LYS B 765 25.19 27.95 54.67
CA LYS B 765 25.65 28.21 53.30
C LYS B 765 26.33 29.58 53.19
N THR B 766 25.95 30.53 54.04
CA THR B 766 26.46 31.89 53.92
C THR B 766 27.93 31.97 54.32
N MET B 767 28.30 31.42 55.47
CA MET B 767 29.66 31.54 55.97
C MET B 767 30.62 30.72 55.11
N PRO B 792 26.97 57.79 68.75
CA PRO B 792 27.48 58.94 68.02
C PRO B 792 26.87 59.04 66.62
N ASP B 793 27.44 59.90 65.78
CA ASP B 793 26.94 60.05 64.40
C ASP B 793 28.10 60.35 63.46
N PRO B 794 28.58 59.36 62.69
CA PRO B 794 29.60 59.64 61.71
C PRO B 794 29.19 60.75 60.75
N ILE B 795 27.90 60.84 60.39
CA ILE B 795 27.43 61.82 59.38
C ILE B 795 27.26 63.22 59.97
N PRO B 796 27.71 64.31 59.30
CA PRO B 796 27.54 65.68 59.77
C PRO B 796 26.07 66.06 59.79
N PRO B 797 25.73 67.19 60.43
CA PRO B 797 24.31 67.58 60.46
C PRO B 797 23.75 67.96 59.12
N GLN B 798 24.40 68.86 58.39
CA GLN B 798 23.78 69.45 57.21
C GLN B 798 23.55 68.40 56.12
N LEU B 799 24.41 67.40 56.04
CA LEU B 799 24.19 66.35 55.06
C LEU B 799 22.96 65.53 55.42
N ARG B 800 22.79 65.20 56.70
CA ARG B 800 21.60 64.50 57.13
C ARG B 800 20.35 65.31 56.84
N ARG B 801 20.41 66.61 57.10
CA ARG B 801 19.27 67.48 56.79
C ARG B 801 18.92 67.44 55.31
N ALA B 802 19.92 67.61 54.45
CA ALA B 802 19.64 67.66 53.02
C ALA B 802 19.04 66.36 52.51
N VAL B 803 19.66 65.23 52.84
CA VAL B 803 19.15 63.96 52.36
C VAL B 803 17.74 63.71 52.89
N SER B 804 17.50 64.06 54.15
CA SER B 804 16.18 63.82 54.73
C SER B 804 15.12 64.67 54.07
N VAL B 805 15.43 65.93 53.77
CA VAL B 805 14.44 66.77 53.09
C VAL B 805 14.15 66.22 51.71
N TYR B 806 15.18 65.74 51.01
CA TYR B 806 14.95 65.15 49.69
C TYR B 806 13.99 63.97 49.78
N GLU B 807 14.27 63.03 50.67
CA GLU B 807 13.44 61.84 50.76
C GLU B 807 12.03 62.18 51.23
N ALA B 808 11.91 63.17 52.13
CA ALA B 808 10.59 63.59 52.59
C ALA B 808 9.76 64.13 51.44
N GLY B 809 10.33 65.05 50.66
CA GLY B 809 9.59 65.56 49.52
C GLY B 809 9.15 64.47 48.57
N LYS B 810 10.07 63.56 48.24
CA LYS B 810 9.72 62.54 47.26
C LYS B 810 8.64 61.60 47.77
N ALA B 811 8.73 61.19 49.03
CA ALA B 811 7.72 60.28 49.58
C ALA B 811 6.38 60.97 49.71
N LEU B 812 6.37 62.22 50.17
CA LEU B 812 5.12 62.96 50.27
C LEU B 812 4.42 63.02 48.93
N LEU B 813 5.13 63.41 47.88
CA LEU B 813 4.43 63.54 46.62
C LEU B 813 4.09 62.19 46.01
N ALA B 814 4.86 61.15 46.30
CA ALA B 814 4.44 59.84 45.80
C ALA B 814 3.24 59.31 46.57
N TYR B 815 2.93 59.92 47.71
CA TYR B 815 1.78 59.46 48.48
C TYR B 815 0.48 60.10 48.03
N ILE B 816 0.49 61.39 47.73
CA ILE B 816 -0.74 62.11 47.42
C ILE B 816 -1.07 62.06 45.94
N THR B 817 -0.32 61.33 45.16
CA THR B 817 -0.62 61.32 43.74
C THR B 817 -1.49 60.14 43.39
N PRO B 818 -2.60 60.36 42.68
CA PRO B 818 -3.53 59.26 42.41
C PRO B 818 -2.91 58.23 41.47
N ASP B 819 -3.08 56.96 41.84
CA ASP B 819 -2.68 55.79 41.06
C ASP B 819 -1.18 55.57 41.02
N TYR B 820 -0.45 55.94 42.06
CA TYR B 820 0.97 55.62 42.14
C TYR B 820 1.18 54.38 42.99
N GLU B 821 2.37 53.80 42.88
CA GLU B 821 2.73 52.65 43.70
C GLU B 821 2.81 53.05 45.17
N GLU B 822 2.84 52.05 46.03
CA GLU B 822 2.86 52.26 47.47
C GLU B 822 4.27 52.16 48.01
N ILE B 823 4.61 53.07 48.91
CA ILE B 823 5.95 53.11 49.48
C ILE B 823 6.18 51.88 50.33
N ALA B 824 7.36 51.29 50.21
CA ALA B 824 7.74 50.11 50.98
C ALA B 824 8.74 50.43 52.07
N ARG B 825 9.59 51.43 51.85
CA ARG B 825 10.60 51.79 52.83
C ARG B 825 11.18 53.13 52.43
N VAL B 826 11.58 53.92 53.42
CA VAL B 826 12.25 55.19 53.22
C VAL B 826 13.36 55.26 54.24
N SER B 827 14.60 55.29 53.78
CA SER B 827 15.73 55.27 54.68
C SER B 827 16.74 56.31 54.27
N VAL B 828 17.40 56.88 55.27
CA VAL B 828 18.40 57.93 55.08
C VAL B 828 19.67 57.48 55.77
N CYS B 829 20.69 57.17 54.97
CA CYS B 829 21.98 56.71 55.48
C CYS B 829 21.84 55.50 56.40
N PRO B 830 21.32 54.38 55.89
CA PRO B 830 21.21 53.18 56.72
C PRO B 830 22.58 52.61 57.00
N LEU B 831 22.80 52.21 58.26
CA LEU B 831 24.08 51.66 58.70
C LEU B 831 25.22 52.63 58.46
N ASN B 832 24.91 53.91 58.44
CA ASN B 832 25.89 54.98 58.20
C ASN B 832 26.54 54.89 56.83
N VAL B 833 26.05 54.03 55.95
CA VAL B 833 26.48 54.04 54.56
C VAL B 833 25.86 55.25 53.90
N LEU B 834 26.70 56.11 53.33
CA LEU B 834 26.25 57.38 52.78
C LEU B 834 25.39 57.13 51.55
N THR B 835 24.08 57.25 51.72
CA THR B 835 23.10 56.86 50.70
C THR B 835 21.71 57.20 51.23
N GLY B 836 20.76 57.38 50.32
CA GLY B 836 19.37 57.51 50.69
C GLY B 836 18.49 57.05 49.56
N PHE B 837 17.34 56.50 49.89
CA PHE B 837 16.45 56.03 48.84
C PHE B 837 15.02 55.93 49.35
N THR B 838 14.14 55.50 48.44
CA THR B 838 12.71 55.42 48.67
C THR B 838 12.17 54.28 47.83
N LEU B 839 12.05 53.10 48.42
CA LEU B 839 11.61 51.93 47.67
C LEU B 839 10.09 51.94 47.50
N PHE B 840 9.65 51.47 46.34
CA PHE B 840 8.23 51.28 46.08
C PHE B 840 7.96 49.79 45.92
N VAL B 841 6.81 49.34 46.42
CA VAL B 841 6.52 47.92 46.45
C VAL B 841 6.30 47.44 45.02
N GLU B 842 7.01 46.37 44.65
CA GLU B 842 6.87 45.81 43.31
C GLU B 842 5.79 44.74 43.32
N ASP B 843 4.93 44.77 42.31
CA ASP B 843 3.82 43.84 42.19
C ASP B 843 3.91 43.12 40.86
N GLU B 844 3.32 41.94 40.79
CA GLU B 844 3.14 41.24 39.53
C GLU B 844 1.78 41.50 38.92
N ASP B 845 0.96 42.33 39.57
CA ASP B 845 -0.38 42.63 39.05
C ASP B 845 -0.34 43.59 37.87
N LYS B 846 0.68 44.46 37.80
CA LYS B 846 0.75 45.42 36.70
C LYS B 846 0.94 44.70 35.38
N ASN B 847 0.01 44.93 34.46
CA ASN B 847 0.06 44.38 33.11
C ASN B 847 0.58 45.48 32.20
N VAL B 848 1.75 45.25 31.59
CA VAL B 848 2.39 46.28 30.80
C VAL B 848 1.70 46.49 29.47
N ASN B 849 0.85 45.56 29.03
CA ASN B 849 0.14 45.74 27.77
C ASN B 849 -0.83 46.91 27.84
N ALA B 850 -1.37 47.23 29.00
CA ALA B 850 -2.27 48.37 29.12
C ALA B 850 -1.54 49.66 28.77
N ILE B 851 -2.23 50.53 28.04
CA ILE B 851 -1.63 51.77 27.55
C ILE B 851 -1.42 52.75 28.70
N LEU B 852 -0.66 53.80 28.44
CA LEU B 852 -0.37 54.82 29.43
C LEU B 852 -1.14 56.07 29.04
N THR B 853 -2.04 56.51 29.90
CA THR B 853 -2.75 57.75 29.65
C THR B 853 -1.77 58.92 29.72
N ARG B 854 -2.25 60.11 29.39
CA ARG B 854 -1.43 61.29 29.53
C ARG B 854 -1.34 61.71 30.99
N SER B 855 -2.42 61.54 31.74
CA SER B 855 -2.44 61.95 33.14
C SER B 855 -1.44 61.16 33.96
N GLU B 856 -1.31 59.86 33.69
CA GLU B 856 -0.37 59.05 34.43
C GLU B 856 1.06 59.50 34.18
N LEU B 857 1.39 59.77 32.93
CA LEU B 857 2.75 60.21 32.61
C LEU B 857 3.07 61.53 33.28
N GLU B 858 2.14 62.48 33.25
CA GLU B 858 2.44 63.74 33.91
C GLU B 858 2.58 63.57 35.41
N GLY B 859 1.78 62.69 36.01
CA GLY B 859 1.94 62.42 37.43
C GLY B 859 3.31 61.87 37.76
N ARG B 860 3.82 60.97 36.91
CA ARG B 860 5.16 60.44 37.16
C ARG B 860 6.22 61.52 37.03
N MET B 861 6.09 62.40 36.04
CA MET B 861 7.04 63.49 35.90
C MET B 861 7.07 64.35 37.17
N VAL B 862 5.91 64.64 37.73
CA VAL B 862 5.86 65.49 38.91
C VAL B 862 6.49 64.78 40.10
N VAL B 863 6.17 63.50 40.28
CA VAL B 863 6.79 62.75 41.37
C VAL B 863 8.30 62.77 41.26
N HIS B 864 8.83 62.74 40.04
CA HIS B 864 10.28 62.75 39.89
C HIS B 864 10.89 64.09 40.23
N LEU B 865 10.25 65.19 39.84
CA LEU B 865 10.81 66.51 40.20
C LEU B 865 10.58 66.89 41.66
N ALA B 866 9.78 66.10 42.38
CA ALA B 866 9.41 66.45 43.75
C ALA B 866 10.61 66.72 44.65
N GLY B 867 11.60 65.83 44.65
CA GLY B 867 12.68 65.96 45.62
C GLY B 867 13.54 67.19 45.41
N ARG B 868 13.91 67.46 44.17
CA ARG B 868 14.64 68.67 43.88
C ARG B 868 13.84 69.90 44.28
N CYS B 869 12.53 69.89 44.03
CA CYS B 869 11.74 71.07 44.40
C CYS B 869 11.67 71.24 45.91
N ALA B 870 11.59 70.12 46.65
CA ALA B 870 11.59 70.20 48.11
C ALA B 870 12.88 70.80 48.62
N GLU B 871 14.02 70.35 48.09
CA GLU B 871 15.30 70.93 48.49
C GLU B 871 15.33 72.41 48.22
N LYS B 872 14.94 72.81 47.00
CA LYS B 872 14.95 74.22 46.65
C LYS B 872 14.06 75.04 47.57
N LEU B 873 12.95 74.47 48.02
CA LEU B 873 12.00 75.23 48.82
C LEU B 873 12.46 75.35 50.27
N VAL B 874 12.99 74.28 50.85
CA VAL B 874 13.34 74.31 52.25
C VAL B 874 14.71 74.92 52.50
N MET B 875 15.74 74.49 51.75
CA MET B 875 17.10 74.90 52.06
C MET B 875 17.64 76.01 51.19
N GLY B 876 17.02 76.29 50.06
CA GLY B 876 17.54 77.35 49.22
C GLY B 876 18.34 76.83 48.06
N GLU B 877 18.43 77.65 47.02
CA GLU B 877 19.13 77.24 45.80
C GLU B 877 20.60 76.96 46.05
N GLY B 878 21.28 77.86 46.74
CA GLY B 878 22.71 77.72 46.96
C GLY B 878 23.13 76.49 47.72
N GLN B 879 22.20 75.73 48.28
CA GLN B 879 22.52 74.51 49.00
C GLN B 879 22.07 73.27 48.27
N MET B 880 21.51 73.42 47.08
CA MET B 880 21.11 72.25 46.30
C MET B 880 22.32 71.50 45.79
N THR B 881 22.33 70.19 45.98
CA THR B 881 23.41 69.34 45.54
C THR B 881 23.02 68.65 44.23
N GLY B 882 23.83 67.69 43.83
CA GLY B 882 23.56 66.96 42.60
C GLY B 882 23.07 65.57 42.84
N MET B 883 22.51 65.32 44.02
CA MET B 883 22.07 63.97 44.36
C MET B 883 20.78 63.59 43.66
N GLY B 884 20.01 64.56 43.18
CA GLY B 884 18.76 64.26 42.53
C GLY B 884 18.88 64.15 41.02
N SER B 885 19.95 63.53 40.56
CA SER B 885 20.22 63.44 39.13
C SER B 885 19.46 62.33 38.41
N PRO B 886 19.34 61.10 38.96
CA PRO B 886 18.60 60.08 38.22
C PRO B 886 17.12 60.41 38.05
N ASP B 887 16.54 61.05 39.05
CA ASP B 887 15.17 61.53 38.90
C ASP B 887 15.07 62.55 37.78
N LEU B 888 16.04 63.45 37.71
CA LEU B 888 16.05 64.42 36.62
C LEU B 888 16.14 63.72 35.27
N PHE B 889 16.99 62.70 35.16
CA PHE B 889 17.11 61.97 33.92
C PHE B 889 15.78 61.34 33.54
N HIS B 890 15.10 60.72 34.48
CA HIS B 890 13.85 60.03 34.13
C HIS B 890 12.75 61.01 33.80
N ALA B 891 12.71 62.15 34.47
CA ALA B 891 11.74 63.17 34.10
C ALA B 891 11.97 63.64 32.67
N ASN B 892 13.23 63.89 32.29
CA ASN B 892 13.49 64.35 30.94
C ASN B 892 13.18 63.27 29.92
N LEU B 893 13.43 62.02 30.27
CA LEU B 893 13.10 60.92 29.38
C LEU B 893 11.60 60.84 29.11
N ILE B 894 10.80 60.94 30.17
CA ILE B 894 9.35 60.92 29.99
C ILE B 894 8.91 62.11 29.13
N ALA B 895 9.49 63.28 29.37
CA ALA B 895 9.05 64.46 28.64
C ALA B 895 9.43 64.38 27.17
N ARG B 896 10.54 63.74 26.84
CA ARG B 896 10.88 63.60 25.43
C ARG B 896 10.03 62.53 24.75
N GLU B 897 9.69 61.47 25.47
CA GLU B 897 8.87 60.43 24.85
C GLU B 897 7.44 60.89 24.65
N MET B 898 6.92 61.76 25.50
CA MET B 898 5.58 62.25 25.27
C MET B 898 5.48 63.12 24.03
N ILE B 899 6.58 63.70 23.58
CA ILE B 899 6.54 64.68 22.51
C ILE B 899 6.95 64.05 21.21
N MET B 900 8.01 63.24 21.25
CA MET B 900 8.59 62.70 20.03
C MET B 900 8.19 61.26 19.74
N SER B 901 7.41 60.63 20.59
CA SER B 901 7.07 59.24 20.39
C SER B 901 5.59 58.94 20.52
N MET B 902 4.80 59.84 21.08
CA MET B 902 3.36 59.64 21.17
C MET B 902 2.57 60.78 20.56
N GLY B 903 3.23 61.74 19.93
CA GLY B 903 2.51 62.82 19.29
C GLY B 903 1.56 63.56 20.20
N MET B 904 1.98 63.87 21.42
CA MET B 904 1.18 64.67 22.33
C MET B 904 1.56 66.13 22.32
N GLY B 905 2.33 66.57 21.35
CA GLY B 905 2.67 67.97 21.24
C GLY B 905 1.87 68.64 20.15
N ARG B 906 1.24 69.77 20.45
CA ARG B 906 0.35 70.37 19.46
C ARG B 906 1.10 70.98 18.29
N ARG B 907 2.41 71.18 18.39
CA ARG B 907 3.15 71.83 17.34
C ARG B 907 3.95 70.89 16.47
N THR B 908 4.45 69.77 17.01
CA THR B 908 5.17 68.82 16.18
C THR B 908 4.22 67.96 15.36
N GLY B 909 3.11 67.54 15.95
CA GLY B 909 2.13 66.76 15.23
C GLY B 909 2.30 65.29 15.52
N PRO B 910 1.63 64.46 14.75
CA PRO B 910 1.76 63.01 14.92
C PRO B 910 2.89 62.42 14.08
N ILE B 911 4.11 62.83 14.38
CA ILE B 911 5.30 62.32 13.71
C ILE B 911 6.09 61.53 14.72
N ASP B 912 6.67 60.42 14.29
CA ASP B 912 7.34 59.48 15.18
C ASP B 912 8.85 59.60 15.03
N LEU B 913 9.54 60.01 16.10
CA LEU B 913 10.95 60.27 16.06
C LEU B 913 11.78 59.51 17.07
N LEU B 914 11.17 58.76 17.98
CA LEU B 914 11.87 57.94 18.94
C LEU B 914 11.26 56.56 18.93
N ARG B 915 12.04 55.55 19.28
CA ARG B 915 11.54 54.19 19.34
C ARG B 915 12.30 53.44 20.42
N VAL B 916 11.65 53.12 21.53
CA VAL B 916 12.31 52.29 22.52
C VAL B 916 12.60 50.92 21.92
N ALA B 917 13.65 50.27 22.42
CA ALA B 917 13.98 48.93 21.98
C ALA B 917 14.70 48.22 23.11
N ALA B 918 14.57 46.91 23.14
CA ALA B 918 15.13 46.11 24.22
C ALA B 918 16.42 45.45 23.78
N THR B 919 17.36 45.33 24.71
CA THR B 919 18.65 44.75 24.40
C THR B 919 18.54 43.23 24.33
N SER B 920 19.61 42.61 23.83
CA SER B 920 19.64 41.16 23.62
C SER B 920 19.82 40.42 24.93
N GLU B 921 18.77 40.34 25.73
CA GLU B 921 18.81 39.63 27.01
C GLU B 921 17.40 39.39 27.54
N GLY B 938 24.82 46.70 32.35
CA GLY B 938 24.26 47.64 31.39
C GLY B 938 22.86 48.08 31.73
N ASP B 939 22.00 48.12 30.72
CA ASP B 939 20.61 48.50 30.88
C ASP B 939 19.72 47.54 30.10
N PRO B 940 18.43 47.52 30.38
CA PRO B 940 17.54 46.66 29.60
C PRO B 940 17.19 47.23 28.24
N PHE B 941 17.29 48.54 28.04
CA PHE B 941 16.73 49.14 26.85
C PHE B 941 17.68 50.20 26.31
N TYR B 942 17.45 50.53 25.04
CA TYR B 942 18.04 51.70 24.42
C TYR B 942 17.00 52.29 23.49
N TYR B 943 17.40 53.28 22.70
CA TYR B 943 16.44 53.96 21.83
C TYR B 943 16.93 53.97 20.40
N HIS B 944 15.99 54.17 19.49
CA HIS B 944 16.26 54.42 18.08
C HIS B 944 15.85 55.84 17.79
N THR B 945 16.77 56.62 17.24
CA THR B 945 16.58 58.03 17.04
C THR B 945 16.49 58.34 15.55
N THR B 946 16.22 59.59 15.25
CA THR B 946 16.08 60.07 13.88
C THR B 946 16.80 61.39 13.75
N ASP B 947 17.47 61.59 12.62
CA ASP B 947 18.23 62.82 12.40
C ASP B 947 17.27 63.93 12.02
N MET B 948 17.19 64.96 12.86
CA MET B 948 16.29 66.08 12.65
C MET B 948 17.07 67.31 12.20
N SER B 949 16.36 68.26 11.61
CA SER B 949 16.99 69.52 11.26
C SER B 949 16.86 70.50 12.41
N THR B 950 17.45 71.67 12.24
CA THR B 950 17.42 72.65 13.31
C THR B 950 16.02 73.17 13.55
N GLU B 951 15.23 73.35 12.50
CA GLU B 951 13.86 73.81 12.68
C GLU B 951 13.05 72.84 13.53
N GLN B 952 13.01 71.58 13.11
CA GLN B 952 12.25 70.59 13.84
C GLN B 952 12.75 70.41 15.26
N ALA B 953 14.08 70.39 15.43
CA ALA B 953 14.64 70.18 16.76
C ALA B 953 14.30 71.33 17.69
N ARG B 954 14.31 72.56 17.17
CA ARG B 954 13.96 73.70 18.03
C ARG B 954 12.49 73.69 18.38
N VAL B 955 11.64 73.34 17.42
CA VAL B 955 10.20 73.29 17.71
C VAL B 955 9.90 72.22 18.74
N ALA B 956 10.65 71.13 18.75
CA ALA B 956 10.41 70.10 19.76
C ALA B 956 10.99 70.49 21.11
N LEU B 957 12.14 71.16 21.12
CA LEU B 957 12.75 71.56 22.37
C LEU B 957 11.87 72.57 23.10
N ALA B 958 11.23 73.48 22.36
CA ALA B 958 10.33 74.43 23.02
C ALA B 958 9.27 73.72 23.84
N GLU B 959 8.63 72.70 23.26
CA GLU B 959 7.57 72.00 23.96
C GLU B 959 8.10 71.19 25.13
N VAL B 960 9.23 70.53 24.95
CA VAL B 960 9.80 69.77 26.07
C VAL B 960 10.06 70.70 27.25
N VAL B 961 10.57 71.90 26.97
CA VAL B 961 10.86 72.83 28.05
C VAL B 961 9.58 73.30 28.72
N GLU B 962 8.53 73.54 27.94
CA GLU B 962 7.26 73.94 28.54
C GLU B 962 6.71 72.87 29.47
N LEU B 963 6.77 71.61 29.04
CA LEU B 963 6.28 70.51 29.87
C LEU B 963 7.04 70.44 31.18
N LEU B 964 8.37 70.52 31.11
CA LEU B 964 9.16 70.39 32.33
C LEU B 964 8.92 71.56 33.27
N ASP B 965 8.77 72.76 32.74
CA ASP B 965 8.52 73.91 33.60
C ASP B 965 7.17 73.81 34.30
N ALA B 966 6.14 73.38 33.56
CA ALA B 966 4.85 73.21 34.20
C ALA B 966 4.88 72.13 35.27
N ALA B 967 5.60 71.04 35.00
CA ALA B 967 5.70 69.98 36.01
C ALA B 967 6.36 70.49 37.28
N GLU B 968 7.41 71.30 37.13
CA GLU B 968 8.05 71.85 38.31
C GLU B 968 7.11 72.75 39.09
N ALA B 969 6.32 73.58 38.40
CA ALA B 969 5.39 74.45 39.11
C ALA B 969 4.35 73.65 39.88
N LYS B 970 3.78 72.63 39.27
CA LYS B 970 2.80 71.83 39.97
C LYS B 970 3.40 71.14 41.17
N ALA B 971 4.65 70.66 41.07
CA ALA B 971 5.29 70.06 42.23
C ALA B 971 5.45 71.06 43.35
N MET B 972 5.85 72.29 43.02
CA MET B 972 6.02 73.30 44.06
C MET B 972 4.72 73.57 44.78
N TYR B 973 3.62 73.64 44.05
CA TYR B 973 2.33 73.88 44.72
C TYR B 973 1.92 72.70 45.58
N GLY B 974 2.03 71.49 45.04
CA GLY B 974 1.66 70.33 45.81
C GLY B 974 2.48 70.16 47.08
N LEU B 975 3.68 70.73 47.10
CA LEU B 975 4.45 70.70 48.35
C LEU B 975 4.08 71.86 49.26
N ALA B 976 3.84 73.04 48.69
CA ALA B 976 3.59 74.20 49.53
C ALA B 976 2.27 74.10 50.28
N ILE B 977 1.28 73.40 49.71
CA ILE B 977 0.02 73.28 50.44
C ILE B 977 0.01 72.16 51.45
N ASN B 978 1.12 71.45 51.62
CA ASN B 978 1.24 70.39 52.61
C ASN B 978 2.42 70.62 53.53
N TRP B 979 2.62 71.87 53.94
CA TRP B 979 3.84 72.22 54.66
C TRP B 979 3.90 71.51 56.00
N ARG B 980 2.77 71.33 56.67
CA ARG B 980 2.81 70.70 57.97
C ARG B 980 3.14 69.22 57.88
N ALA B 981 2.55 68.55 56.90
CA ALA B 981 2.88 67.14 56.72
C ALA B 981 4.34 66.97 56.32
N LEU B 982 4.86 67.89 55.49
CA LEU B 982 6.26 67.82 55.12
C LEU B 982 7.15 68.00 56.34
N GLN B 983 6.82 68.96 57.20
CA GLN B 983 7.63 69.18 58.40
C GLN B 983 7.61 67.95 59.29
N ALA B 984 6.43 67.38 59.53
CA ALA B 984 6.35 66.21 60.37
C ALA B 984 7.16 65.06 59.81
N LEU B 985 7.07 64.85 58.49
CA LEU B 985 7.76 63.72 57.90
C LEU B 985 9.27 63.88 57.96
N THR B 986 9.77 65.09 57.65
CA THR B 986 11.22 65.26 57.70
C THR B 986 11.75 65.18 59.12
N GLN B 987 10.97 65.60 60.12
CA GLN B 987 11.42 65.43 61.49
C GLN B 987 11.43 63.97 61.90
N ALA B 988 10.43 63.20 61.46
CA ALA B 988 10.44 61.77 61.72
C ALA B 988 11.65 61.10 61.11
N LEU B 989 12.04 61.52 59.91
CA LEU B 989 13.21 60.95 59.27
C LEU B 989 14.49 61.39 59.96
N LEU B 990 14.53 62.63 60.44
CA LEU B 990 15.72 63.13 61.10
C LEU B 990 15.95 62.45 62.44
N ASP B 991 14.90 61.95 63.08
CA ASP B 991 15.13 61.31 64.37
C ASP B 991 15.15 59.78 64.29
N ARG B 992 14.44 59.17 63.36
CA ARG B 992 14.36 57.71 63.32
C ARG B 992 15.27 57.05 62.32
N GLY B 993 15.60 57.70 61.21
CA GLY B 993 16.49 57.16 60.22
C GLY B 993 15.83 56.27 59.17
N THR B 994 14.79 55.53 59.53
CA THR B 994 14.16 54.61 58.59
C THR B 994 12.69 54.45 58.94
N ILE B 995 11.84 54.38 57.92
CA ILE B 995 10.40 54.26 58.07
C ILE B 995 9.90 53.28 57.03
N THR B 996 8.79 52.61 57.32
CA THR B 996 8.13 51.77 56.34
C THR B 996 6.90 52.48 55.79
N GLY B 997 6.14 51.76 54.97
CA GLY B 997 4.99 52.37 54.31
C GLY B 997 3.86 52.69 55.26
N LYS B 998 3.51 51.75 56.14
CA LYS B 998 2.41 51.98 57.06
C LYS B 998 2.69 53.18 57.96
N GLU B 999 3.91 53.26 58.49
CA GLU B 999 4.23 54.33 59.42
C GLU B 999 4.23 55.69 58.74
N VAL B 1000 4.71 55.77 57.50
CA VAL B 1000 4.70 57.07 56.81
C VAL B 1000 3.28 57.44 56.43
N ALA B 1001 2.46 56.46 56.06
CA ALA B 1001 1.05 56.74 55.81
C ALA B 1001 0.40 57.31 57.05
N HIS B 1002 0.68 56.73 58.21
CA HIS B 1002 0.06 57.21 59.44
C HIS B 1002 0.56 58.60 59.81
N ILE B 1003 1.86 58.83 59.68
CA ILE B 1003 2.40 60.16 59.98
C ILE B 1003 1.77 61.20 59.08
N LEU B 1004 1.56 60.86 57.81
CA LEU B 1004 0.99 61.82 56.88
C LEU B 1004 -0.48 62.07 57.15
N GLU B 1005 -1.23 61.01 57.52
CA GLU B 1005 -2.65 61.20 57.78
C GLU B 1005 -2.90 61.96 59.06
N SER B 1006 -2.08 61.76 60.09
CA SER B 1006 -2.32 62.45 61.35
C SER B 1006 -1.92 63.92 61.32
N ASN B 1007 -1.63 64.49 60.15
CA ASN B 1007 -1.18 65.87 60.07
C ASN B 1007 -1.94 66.67 59.02
N GLY B 1008 -3.01 66.11 58.46
CA GLY B 1008 -3.78 66.85 57.49
C GLY B 1008 -3.12 66.92 56.12
N VAL B 1009 -3.02 65.78 55.46
CA VAL B 1009 -2.49 65.75 54.10
C VAL B 1009 -3.63 65.98 53.13
N ILE B 1010 -3.32 66.59 51.99
CA ILE B 1010 -4.30 67.00 51.00
C ILE B 1010 -4.00 66.30 49.69
N HIS B 1011 -4.84 65.35 49.30
CA HIS B 1011 -4.62 64.59 48.09
C HIS B 1011 -4.96 65.41 46.85
N PHE B 1012 -4.21 65.16 45.79
CA PHE B 1012 -4.57 65.70 44.49
C PHE B 1012 -5.91 65.09 44.05
N PRO B 1013 -6.74 65.85 43.36
CA PRO B 1013 -7.98 65.27 42.82
C PRO B 1013 -7.66 64.28 41.71
N ASP B 1014 -8.69 63.57 41.29
CA ASP B 1014 -8.61 62.75 40.09
C ASP B 1014 -9.82 63.03 39.23
N PRO B 1015 -9.69 63.75 38.12
CA PRO B 1015 -10.88 64.17 37.39
C PRO B 1015 -11.60 63.04 36.69
N TYR B 1016 -10.96 61.90 36.48
CA TYR B 1016 -11.57 60.77 35.81
C TYR B 1016 -12.09 59.73 36.79
N THR B 1017 -12.54 60.16 37.96
CA THR B 1017 -13.18 59.27 38.92
C THR B 1017 -14.40 59.91 39.54
N THR B 1018 -14.90 61.01 39.00
CA THR B 1018 -16.04 61.71 39.55
C THR B 1018 -17.16 61.79 38.52
N GLY B 1019 -18.34 62.14 39.00
CA GLY B 1019 -19.53 62.15 38.18
C GLY B 1019 -19.60 63.29 37.19
N PHE B 1020 -19.73 64.52 37.70
CA PHE B 1020 -19.86 65.76 36.94
C PHE B 1020 -21.20 65.89 36.25
N GLY B 1021 -22.06 64.88 36.30
CA GLY B 1021 -23.38 64.98 35.72
C GLY B 1021 -24.45 65.21 36.76
N TRP B 1022 -25.60 65.65 36.27
CA TRP B 1022 -26.76 65.93 37.12
C TRP B 1022 -27.69 64.74 37.05
N ASP B 1023 -27.93 64.10 38.18
CA ASP B 1023 -28.95 63.08 38.16
C ASP B 1023 -29.90 63.28 39.33
N PRO B 1024 -31.20 63.01 39.15
CA PRO B 1024 -32.19 63.43 40.14
C PRO B 1024 -32.04 62.79 41.51
N ASP B 1025 -31.03 61.95 41.73
CA ASP B 1025 -30.77 61.40 43.04
C ASP B 1025 -29.55 62.05 43.70
N GLY B 1026 -29.33 63.33 43.46
CA GLY B 1026 -28.19 64.02 44.02
C GLY B 1026 -26.88 63.58 43.40
N HIS B 1085 -11.89 87.74 24.65
CA HIS B 1085 -10.94 87.16 23.72
C HIS B 1085 -9.82 86.46 24.46
N GLY B 1086 -8.63 87.04 24.42
CA GLY B 1086 -7.47 86.42 25.03
C GLY B 1086 -6.79 85.48 24.06
N TRP B 1087 -5.89 84.64 24.57
CA TRP B 1087 -5.21 83.71 23.69
C TRP B 1087 -6.14 82.58 23.29
N HIS B 1088 -5.68 81.77 22.34
CA HIS B 1088 -6.31 80.53 21.97
C HIS B 1088 -5.27 79.42 22.11
N TRP B 1089 -5.71 78.23 22.49
CA TRP B 1089 -4.73 77.18 22.73
C TRP B 1089 -4.11 76.67 21.44
N ASN B 1090 -4.48 77.18 20.29
CA ASN B 1090 -4.14 76.60 18.99
C ASN B 1090 -3.65 77.67 18.05
N MET B 1091 -2.79 78.52 18.53
CA MET B 1091 -2.32 79.60 17.68
C MET B 1091 -1.22 79.11 16.75
N PRO B 1092 -1.14 79.64 15.53
CA PRO B 1092 -0.04 79.29 14.66
C PRO B 1092 1.27 79.82 15.21
N PHE B 1093 2.37 79.18 14.80
CA PHE B 1093 3.68 79.53 15.28
C PHE B 1093 4.61 79.78 14.09
N SER B 1094 5.88 80.05 14.39
CA SER B 1094 6.85 80.31 13.35
C SER B 1094 8.25 80.18 13.94
N VAL B 1095 9.21 79.93 13.07
CA VAL B 1095 10.61 79.80 13.44
C VAL B 1095 11.40 80.78 12.60
N LYS B 1096 12.29 81.54 13.24
CA LYS B 1096 13.05 82.57 12.55
C LYS B 1096 14.47 82.09 12.30
N THR B 1097 14.91 82.14 11.05
CA THR B 1097 16.26 81.80 10.66
C THR B 1097 16.75 82.83 9.64
N GLU B 1098 18.06 83.06 9.63
CA GLU B 1098 18.67 84.05 8.76
C GLU B 1098 19.79 83.40 7.96
N LEU B 1099 19.52 83.01 6.80
CA LEU B 1099 20.58 82.33 6.10
C LEU B 1099 21.37 83.31 5.24
N PRO B 1100 22.67 83.07 5.08
CA PRO B 1100 23.47 83.92 4.20
C PRO B 1100 23.04 83.75 2.75
N ASP B 1101 23.79 84.39 1.85
CA ASP B 1101 23.41 84.32 0.44
C ASP B 1101 24.06 83.16 -0.28
N TRP B 1102 25.32 82.83 0.07
CA TRP B 1102 25.93 81.66 -0.53
C TRP B 1102 25.15 80.41 -0.19
N TYR B 1103 24.56 80.38 1.01
CA TYR B 1103 23.74 79.23 1.40
C TYR B 1103 22.49 79.14 0.54
N LYS B 1104 21.87 80.26 0.23
CA LYS B 1104 20.68 80.22 -0.60
C LYS B 1104 21.03 79.81 -2.01
N LYS B 1105 22.17 80.24 -2.52
CA LYS B 1105 22.64 79.74 -3.81
C LYS B 1105 22.79 78.23 -3.78
N GLU B 1106 23.38 77.69 -2.72
CA GLU B 1106 23.58 76.25 -2.65
C GLU B 1106 22.26 75.50 -2.58
N VAL B 1107 21.31 75.99 -1.78
CA VAL B 1107 20.06 75.24 -1.67
C VAL B 1107 19.21 75.42 -2.91
N GLU B 1108 19.43 76.46 -3.70
CA GLU B 1108 18.66 76.58 -4.92
C GLU B 1108 19.31 75.82 -6.06
N ARG B 1109 20.58 75.44 -5.91
CA ARG B 1109 21.20 74.61 -6.94
C ARG B 1109 20.69 73.17 -6.88
N TYR B 1110 20.47 72.64 -5.68
CA TYR B 1110 20.00 71.28 -5.51
C TYR B 1110 18.50 71.18 -5.38
N SER B 1111 17.78 72.25 -5.68
CA SER B 1111 16.32 72.24 -5.65
C SER B 1111 15.75 72.04 -7.02
N TYR B 1112 16.40 71.23 -7.85
CA TYR B 1112 16.02 71.07 -9.24
C TYR B 1112 16.24 69.63 -9.70
N SER C 362 -56.73 -20.04 -12.63
CA SER C 362 -56.90 -19.83 -14.06
C SER C 362 -55.76 -19.02 -14.64
N VAL C 363 -55.68 -18.99 -15.96
CA VAL C 363 -54.71 -18.13 -16.66
C VAL C 363 -55.18 -16.69 -16.70
N LYS C 364 -56.48 -16.44 -16.61
CA LYS C 364 -57.06 -15.12 -16.78
C LYS C 364 -56.88 -14.21 -15.57
N THR C 365 -56.45 -14.74 -14.43
CA THR C 365 -56.42 -13.97 -13.19
C THR C 365 -55.03 -13.97 -12.59
N ALA C 366 -54.01 -13.78 -13.41
CA ALA C 366 -52.65 -13.74 -12.93
C ALA C 366 -51.79 -12.97 -13.92
N TRP C 367 -50.62 -12.54 -13.46
CA TRP C 367 -49.67 -11.80 -14.26
C TRP C 367 -48.71 -12.76 -14.95
N ARG C 368 -48.38 -12.48 -16.20
CA ARG C 368 -47.45 -13.35 -16.90
C ARG C 368 -46.07 -13.14 -16.30
N THR C 369 -45.38 -14.24 -15.98
CA THR C 369 -44.15 -14.18 -15.19
C THR C 369 -43.15 -15.25 -15.63
N GLN C 370 -42.13 -14.84 -16.38
CA GLN C 370 -40.86 -15.56 -16.44
C GLN C 370 -41.03 -17.03 -16.80
N GLU C 371 -41.28 -17.26 -18.08
CA GLU C 371 -41.42 -18.60 -18.66
C GLU C 371 -40.50 -19.64 -18.03
N VAL C 372 -41.09 -20.70 -17.46
CA VAL C 372 -40.33 -21.79 -16.87
C VAL C 372 -40.95 -23.11 -17.28
N LEU C 373 -40.44 -24.21 -16.72
CA LEU C 373 -40.84 -25.56 -17.11
C LEU C 373 -41.98 -26.02 -16.22
N ARG C 374 -43.10 -26.40 -16.84
CA ARG C 374 -44.19 -26.99 -16.09
C ARG C 374 -43.78 -28.38 -15.60
N GLU C 375 -44.67 -29.03 -14.85
CA GLU C 375 -44.38 -30.35 -14.31
C GLU C 375 -45.58 -31.27 -14.46
N LEU C 376 -45.39 -32.36 -15.19
CA LEU C 376 -46.38 -33.42 -15.28
C LEU C 376 -45.91 -34.60 -14.42
N SER C 377 -46.85 -35.39 -13.91
CA SER C 377 -46.43 -36.34 -12.89
C SER C 377 -45.80 -37.59 -13.49
N TYR C 378 -46.62 -38.48 -14.05
CA TYR C 378 -46.15 -39.47 -15.01
C TYR C 378 -47.31 -39.82 -15.94
N THR C 379 -48.49 -39.30 -15.64
CA THR C 379 -49.73 -39.84 -16.18
C THR C 379 -50.38 -38.95 -17.22
N GLN C 380 -50.50 -37.66 -16.95
CA GLN C 380 -50.98 -36.77 -18.01
C GLN C 380 -49.97 -36.70 -19.14
N LEU C 381 -48.71 -37.05 -18.86
CA LEU C 381 -47.77 -37.27 -19.95
C LEU C 381 -48.23 -38.42 -20.83
N TRP C 382 -48.66 -39.52 -20.20
CA TRP C 382 -49.14 -40.67 -20.95
C TRP C 382 -50.35 -40.29 -21.81
N ALA C 383 -51.35 -39.66 -21.19
CA ALA C 383 -52.55 -39.27 -21.92
C ALA C 383 -52.22 -38.29 -23.03
N LEU C 384 -51.28 -37.38 -22.77
CA LEU C 384 -50.96 -36.34 -23.74
C LEU C 384 -50.22 -36.92 -24.94
N VAL C 385 -49.27 -37.81 -24.69
CA VAL C 385 -48.56 -38.43 -25.80
C VAL C 385 -49.48 -39.41 -26.51
N GLY C 386 -50.51 -39.91 -25.82
CA GLY C 386 -51.50 -40.73 -26.49
C GLY C 386 -52.36 -39.92 -27.44
N GLU C 387 -52.88 -38.78 -26.96
CA GLU C 387 -53.74 -37.96 -27.79
C GLU C 387 -52.99 -37.28 -28.92
N GLY C 388 -51.71 -37.57 -29.09
CA GLY C 388 -50.94 -37.02 -30.20
C GLY C 388 -50.47 -35.61 -29.99
N HIS C 389 -50.36 -35.15 -28.75
CA HIS C 389 -50.07 -33.75 -28.50
C HIS C 389 -48.61 -33.46 -28.19
N VAL C 390 -47.91 -34.36 -27.53
CA VAL C 390 -46.48 -34.17 -27.32
C VAL C 390 -45.78 -34.20 -28.67
N ALA C 391 -44.85 -33.29 -28.88
CA ALA C 391 -44.21 -33.14 -30.18
C ALA C 391 -42.75 -33.51 -30.19
N ARG C 392 -42.04 -33.36 -29.08
CA ARG C 392 -40.65 -33.74 -29.05
C ARG C 392 -40.22 -33.98 -27.61
N VAL C 393 -39.29 -34.89 -27.42
CA VAL C 393 -38.89 -35.33 -26.09
C VAL C 393 -37.37 -35.35 -26.02
N ARG C 394 -36.81 -34.83 -24.94
CA ARG C 394 -35.38 -34.93 -24.71
C ARG C 394 -35.14 -35.56 -23.36
N PHE C 395 -34.26 -36.56 -23.33
CA PHE C 395 -33.95 -37.24 -22.09
C PHE C 395 -32.74 -36.59 -21.43
N TYR C 396 -32.77 -36.53 -20.10
CA TYR C 396 -31.67 -35.97 -19.34
C TYR C 396 -31.78 -36.52 -17.92
N GLY C 397 -30.78 -36.19 -17.11
CA GLY C 397 -30.64 -36.73 -15.79
C GLY C 397 -29.39 -37.59 -15.75
N PRO C 398 -28.63 -37.50 -14.65
CA PRO C 398 -27.39 -38.29 -14.57
C PRO C 398 -27.65 -39.78 -14.66
N GLU C 399 -28.86 -40.24 -14.37
CA GLU C 399 -29.23 -41.64 -14.54
C GLU C 399 -30.20 -41.82 -15.70
N LYS C 400 -30.43 -40.77 -16.48
CA LYS C 400 -31.28 -40.84 -17.67
C LYS C 400 -32.69 -41.30 -17.33
N ASN C 401 -33.33 -40.60 -16.40
CA ASN C 401 -34.72 -40.89 -16.05
C ASN C 401 -35.54 -39.61 -15.89
N LYS C 402 -35.14 -38.52 -16.53
CA LYS C 402 -35.94 -37.30 -16.54
C LYS C 402 -36.19 -36.89 -17.97
N VAL C 403 -37.37 -36.36 -18.24
CA VAL C 403 -37.78 -36.00 -19.60
C VAL C 403 -38.16 -34.54 -19.63
N MET C 404 -37.72 -33.85 -20.67
CA MET C 404 -38.21 -32.51 -21.00
C MET C 404 -39.00 -32.64 -22.29
N ALA C 405 -40.30 -32.44 -22.21
CA ALA C 405 -41.18 -32.65 -23.34
C ALA C 405 -41.76 -31.33 -23.82
N THR C 406 -41.64 -31.09 -25.13
CA THR C 406 -42.20 -29.90 -25.75
C THR C 406 -43.39 -30.30 -26.58
N THR C 407 -44.55 -29.70 -26.26
CA THR C 407 -45.83 -29.99 -26.86
C THR C 407 -45.93 -29.29 -28.21
N ARG C 408 -47.08 -29.44 -28.86
CA ARG C 408 -47.34 -28.80 -30.14
C ARG C 408 -48.51 -27.82 -29.98
N ALA C 409 -48.63 -26.92 -30.96
CA ALA C 409 -49.59 -25.83 -30.85
C ALA C 409 -51.01 -26.32 -30.64
N SER C 410 -51.37 -27.43 -31.25
CA SER C 410 -52.74 -27.92 -31.20
C SER C 410 -53.19 -28.28 -29.79
N ALA C 411 -52.27 -28.44 -28.86
CA ALA C 411 -52.64 -28.89 -27.52
C ALA C 411 -53.41 -27.81 -26.78
N PRO C 412 -54.14 -28.17 -25.72
CA PRO C 412 -54.80 -27.14 -24.90
C PRO C 412 -53.78 -26.41 -24.04
N GLY C 413 -53.42 -25.19 -24.44
CA GLY C 413 -52.41 -24.42 -23.75
C GLY C 413 -51.24 -24.02 -24.62
N GLY C 414 -51.19 -24.48 -25.87
CA GLY C 414 -50.12 -24.09 -26.77
C GLY C 414 -48.82 -24.80 -26.44
N GLU C 415 -47.79 -24.42 -27.17
CA GLU C 415 -46.47 -25.01 -26.97
C GLU C 415 -45.94 -24.61 -25.60
N ARG C 416 -45.71 -25.60 -24.74
CA ARG C 416 -45.06 -25.37 -23.47
C ARG C 416 -43.92 -26.37 -23.32
N LEU C 417 -43.15 -26.21 -22.25
CA LEU C 417 -42.01 -27.05 -21.95
C LEU C 417 -42.25 -27.70 -20.60
N CYS C 418 -42.52 -28.99 -20.58
CA CYS C 418 -42.88 -29.68 -19.36
C CYS C 418 -41.76 -30.61 -18.93
N LYS C 419 -41.77 -30.96 -17.65
CA LYS C 419 -40.80 -31.84 -17.04
C LYS C 419 -41.50 -33.04 -16.45
N VAL C 420 -40.95 -34.23 -16.69
CA VAL C 420 -41.52 -35.47 -16.17
C VAL C 420 -40.42 -36.32 -15.57
N VAL C 421 -40.77 -37.05 -14.52
CA VAL C 421 -39.77 -37.98 -13.91
C VAL C 421 -40.14 -39.38 -14.38
N LEU C 422 -39.17 -40.15 -14.88
CA LEU C 422 -39.49 -41.46 -15.48
C LEU C 422 -39.10 -42.59 -14.54
N PRO C 423 -40.04 -43.42 -14.05
CA PRO C 423 -39.67 -44.60 -13.29
C PRO C 423 -39.72 -45.78 -14.26
N PRO C 424 -38.62 -46.55 -14.44
CA PRO C 424 -38.57 -47.64 -15.41
C PRO C 424 -39.86 -48.25 -15.95
N ASP C 425 -40.11 -48.08 -17.26
CA ASP C 425 -41.32 -48.68 -17.91
C ASP C 425 -40.96 -49.07 -19.35
N PRO C 426 -40.78 -50.37 -19.65
CA PRO C 426 -40.40 -50.80 -20.99
C PRO C 426 -41.42 -50.60 -22.10
N GLU C 427 -42.61 -50.09 -21.79
CA GLU C 427 -43.59 -49.79 -22.82
C GLU C 427 -43.42 -48.38 -23.36
N LEU C 428 -42.56 -47.57 -22.75
CA LEU C 428 -42.47 -46.17 -23.11
C LEU C 428 -42.05 -45.96 -24.55
N LEU C 429 -41.01 -46.66 -25.00
CA LEU C 429 -40.41 -46.36 -26.29
C LEU C 429 -41.38 -46.64 -27.42
N ASP C 430 -42.07 -47.77 -27.36
CA ASP C 430 -43.05 -48.11 -28.39
C ASP C 430 -44.20 -47.11 -28.40
N HIS C 431 -44.67 -46.71 -27.22
CA HIS C 431 -45.72 -45.71 -27.13
C HIS C 431 -45.30 -44.41 -27.81
N LEU C 432 -44.11 -43.91 -27.49
CA LEU C 432 -43.62 -42.69 -28.09
C LEU C 432 -43.50 -42.82 -29.60
N VAL C 433 -42.72 -43.80 -30.06
CA VAL C 433 -42.40 -43.86 -31.49
C VAL C 433 -43.64 -44.19 -32.29
N SER C 434 -44.67 -44.77 -31.66
CA SER C 434 -45.89 -45.11 -32.38
C SER C 434 -46.67 -43.85 -32.76
N ASN C 435 -46.66 -42.84 -31.90
CA ASN C 435 -47.48 -41.64 -32.08
C ASN C 435 -46.70 -40.48 -32.70
N GLY C 436 -45.67 -40.76 -33.49
CA GLY C 436 -44.97 -39.73 -34.23
C GLY C 436 -44.04 -38.83 -33.44
N VAL C 437 -43.89 -39.08 -32.13
CA VAL C 437 -42.99 -38.29 -31.30
C VAL C 437 -41.57 -38.38 -31.84
N VAL C 438 -40.79 -37.31 -31.66
CA VAL C 438 -39.41 -37.25 -32.12
C VAL C 438 -38.51 -37.15 -30.91
N VAL C 439 -37.80 -38.23 -30.62
CA VAL C 439 -36.82 -38.22 -29.50
C VAL C 439 -35.63 -37.36 -29.90
N ASP C 440 -34.71 -37.08 -28.97
CA ASP C 440 -33.60 -36.15 -29.31
C ASP C 440 -32.44 -36.29 -28.32
N THR C 441 -31.22 -35.98 -28.77
CA THR C 441 -30.06 -35.99 -27.86
C THR C 441 -29.44 -34.63 -27.94
N GLY C 442 -29.00 -34.09 -26.80
CA GLY C 442 -28.45 -32.73 -26.79
C GLY C 442 -27.02 -32.70 -27.29
N VAL C 443 -26.82 -33.04 -28.56
CA VAL C 443 -25.47 -32.96 -29.16
C VAL C 443 -25.63 -32.88 -30.68
N THR C 444 -24.89 -31.97 -31.31
CA THR C 444 -24.91 -31.84 -32.77
C THR C 444 -23.49 -32.00 -33.22
N GLU C 445 -23.21 -32.46 -34.44
CA GLU C 445 -21.78 -32.56 -34.80
C GLU C 445 -21.12 -31.21 -34.47
N ASP C 446 -21.78 -30.11 -34.75
CA ASP C 446 -21.21 -28.76 -34.50
C ASP C 446 -20.66 -28.68 -33.07
N ASP C 447 -21.41 -29.16 -32.09
CA ASP C 447 -20.94 -29.02 -30.68
C ASP C 447 -19.72 -29.89 -30.45
N ARG C 448 -19.77 -31.16 -30.85
CA ARG C 448 -18.61 -32.05 -30.71
C ARG C 448 -17.41 -31.42 -31.38
N LEU C 449 -17.61 -30.78 -32.52
CA LEU C 449 -16.45 -30.23 -33.27
C LEU C 449 -15.85 -29.06 -32.50
N ARG C 450 -16.61 -28.40 -31.65
CA ARG C 450 -16.05 -27.30 -30.82
C ARG C 450 -15.29 -27.92 -29.64
N ALA C 451 -15.78 -29.01 -29.07
CA ALA C 451 -15.05 -29.72 -28.02
C ALA C 451 -13.71 -30.20 -28.53
N SER C 452 -13.66 -30.69 -29.76
CA SER C 452 -12.38 -31.09 -30.35
C SER C 452 -11.42 -29.91 -30.41
N LEU C 453 -11.92 -28.74 -30.84
CA LEU C 453 -11.09 -27.55 -30.90
C LEU C 453 -10.53 -27.21 -29.52
N LEU C 454 -11.35 -27.31 -28.50
CA LEU C 454 -10.87 -27.00 -27.16
C LEU C 454 -9.80 -27.98 -26.70
N VAL C 455 -9.98 -29.27 -26.99
CA VAL C 455 -8.97 -30.24 -26.63
C VAL C 455 -7.65 -29.93 -27.33
N GLN C 456 -7.71 -29.49 -28.58
CA GLN C 456 -6.48 -29.15 -29.29
C GLN C 456 -5.78 -27.94 -28.67
N MET C 457 -6.55 -26.93 -28.29
CA MET C 457 -5.94 -25.79 -27.61
C MET C 457 -5.25 -26.22 -26.33
N LEU C 458 -5.90 -27.08 -25.55
CA LEU C 458 -5.26 -27.56 -24.34
C LEU C 458 -4.01 -28.36 -24.66
N ARG C 459 -4.00 -29.04 -25.81
CA ARG C 459 -2.81 -29.76 -26.20
C ARG C 459 -1.65 -28.81 -26.47
N TYR C 460 -1.92 -27.70 -27.13
CA TYR C 460 -0.86 -26.77 -27.50
C TYR C 460 -0.42 -25.85 -26.39
N THR C 461 -1.20 -25.71 -25.31
CA THR C 461 -0.93 -24.62 -24.38
C THR C 461 0.44 -24.67 -23.73
N VAL C 462 1.07 -25.84 -23.63
CA VAL C 462 2.32 -25.92 -22.86
C VAL C 462 3.53 -25.42 -23.64
N PRO C 463 3.79 -25.88 -24.86
CA PRO C 463 4.94 -25.35 -25.60
C PRO C 463 4.87 -23.85 -25.83
N PHE C 464 3.69 -23.34 -26.17
CA PHE C 464 3.57 -21.89 -26.32
C PHE C 464 3.88 -21.19 -25.01
N MET C 465 3.47 -21.78 -23.88
CA MET C 465 3.77 -21.18 -22.60
C MET C 465 5.26 -21.11 -22.35
N VAL C 466 6.00 -22.18 -22.69
CA VAL C 466 7.42 -22.17 -22.40
C VAL C 466 8.17 -21.22 -23.34
N ILE C 467 7.73 -21.10 -24.60
CA ILE C 467 8.45 -20.18 -25.46
C ILE C 467 8.14 -18.74 -25.10
N SER C 468 6.93 -18.48 -24.61
CA SER C 468 6.64 -17.14 -24.11
C SER C 468 7.48 -16.84 -22.88
N GLY C 469 7.60 -17.80 -21.96
CA GLY C 469 8.43 -17.58 -20.80
C GLY C 469 9.89 -17.31 -21.15
N LEU C 470 10.44 -18.08 -22.08
CA LEU C 470 11.82 -17.84 -22.49
C LEU C 470 11.97 -16.46 -23.13
N PHE C 471 11.06 -16.11 -24.04
CA PHE C 471 11.19 -14.84 -24.71
C PHE C 471 11.13 -13.69 -23.72
N TRP C 472 10.27 -13.77 -22.72
CA TRP C 472 10.17 -12.66 -21.78
C TRP C 472 11.35 -12.63 -20.83
N MET C 473 11.91 -13.79 -20.50
CA MET C 473 13.15 -13.78 -19.72
C MET C 473 14.25 -13.04 -20.46
N ILE C 474 14.48 -13.39 -21.72
CA ILE C 474 15.61 -12.77 -22.42
C ILE C 474 15.30 -11.32 -22.76
N HIS C 475 14.02 -10.98 -22.91
CA HIS C 475 13.67 -9.58 -23.14
C HIS C 475 13.97 -8.75 -21.92
N THR C 476 13.43 -9.13 -20.76
CA THR C 476 13.71 -8.40 -19.54
C THR C 476 15.20 -8.33 -19.25
N TRP C 477 15.94 -9.39 -19.59
CA TRP C 477 17.31 -9.49 -19.10
C TRP C 477 18.25 -8.54 -19.84
N ILE C 478 18.19 -8.51 -21.17
CA ILE C 478 19.14 -7.74 -21.97
C ILE C 478 18.46 -6.67 -22.80
N LEU C 479 17.50 -7.06 -23.64
CA LEU C 479 17.09 -6.12 -24.68
C LEU C 479 16.06 -5.10 -24.23
N ASP C 480 15.80 -4.98 -22.92
CA ASP C 480 15.04 -3.85 -22.40
C ASP C 480 15.22 -3.77 -20.89
N PRO C 481 16.41 -3.48 -20.39
CA PRO C 481 16.63 -3.50 -18.94
C PRO C 481 16.28 -2.18 -18.27
N LEU C 482 16.59 -2.06 -16.99
CA LEU C 482 16.47 -0.81 -16.28
C LEU C 482 17.53 0.18 -16.76
N PRO C 483 17.30 1.49 -16.58
CA PRO C 483 18.03 2.45 -17.42
C PRO C 483 19.48 2.68 -17.05
N ASN C 484 19.92 2.37 -15.83
CA ASN C 484 21.27 2.74 -15.44
C ASN C 484 22.16 1.52 -15.21
N LYS C 485 22.09 0.54 -16.12
CA LYS C 485 22.81 -0.71 -15.93
C LYS C 485 24.30 -0.48 -15.78
N PHE C 486 24.86 0.45 -16.54
CA PHE C 486 26.30 0.68 -16.51
C PHE C 486 26.75 1.18 -15.14
N ARG C 487 26.04 2.16 -14.59
CA ARG C 487 26.38 2.64 -13.26
C ARG C 487 26.21 1.55 -12.21
N ARG C 488 25.21 0.69 -12.38
CA ARG C 488 25.02 -0.40 -11.44
C ARG C 488 26.20 -1.36 -11.47
N GLN C 489 26.67 -1.71 -12.67
CA GLN C 489 27.83 -2.59 -12.79
C GLN C 489 29.05 -1.97 -12.14
N GLU C 490 29.32 -0.70 -12.44
CA GLU C 490 30.49 -0.06 -11.84
C GLU C 490 30.38 0.00 -10.33
N PHE C 491 29.17 0.24 -9.82
CA PHE C 491 28.98 0.29 -8.38
C PHE C 491 29.29 -1.05 -7.74
N ILE C 492 28.75 -2.13 -8.31
CA ILE C 492 29.01 -3.46 -7.76
C ILE C 492 30.50 -3.73 -7.74
N ARG C 493 31.17 -3.50 -8.87
CA ARG C 493 32.61 -3.72 -8.98
C ARG C 493 33.37 -2.96 -7.90
N TYR C 494 33.15 -1.65 -7.84
CA TYR C 494 33.87 -0.81 -6.88
C TYR C 494 33.59 -1.24 -5.45
N ARG C 495 32.36 -1.61 -5.13
CA ARG C 495 32.02 -1.92 -3.74
C ARG C 495 32.62 -3.24 -3.30
N ARG C 496 32.64 -4.23 -4.19
CA ARG C 496 33.35 -5.47 -3.86
C ARG C 496 34.83 -5.20 -3.65
N GLU C 497 35.47 -4.52 -4.60
CA GLU C 497 36.90 -4.27 -4.49
C GLU C 497 37.22 -3.39 -3.28
N MET C 498 36.25 -2.61 -2.82
CA MET C 498 36.45 -1.76 -1.66
C MET C 498 36.32 -2.51 -0.35
N LEU C 499 35.20 -3.19 -0.11
CA LEU C 499 35.08 -3.89 1.15
C LEU C 499 36.04 -5.07 1.25
N HIS C 500 36.62 -5.51 0.13
CA HIS C 500 37.66 -6.53 0.18
C HIS C 500 38.97 -6.02 0.79
N VAL C 501 39.04 -4.75 1.18
CA VAL C 501 40.28 -4.16 1.71
C VAL C 501 40.87 -4.99 2.86
N THR C 509 42.30 2.18 -10.43
CA THR C 509 42.59 3.18 -11.46
C THR C 509 41.31 3.84 -11.97
N PRO C 510 41.26 5.18 -11.93
CA PRO C 510 40.12 5.90 -12.50
C PRO C 510 40.21 6.15 -13.99
N ALA C 511 41.13 5.50 -14.70
CA ALA C 511 41.32 5.74 -16.13
C ALA C 511 40.18 5.09 -16.91
N ARG C 512 39.34 5.94 -17.50
CA ARG C 512 38.21 5.49 -18.31
C ARG C 512 38.42 6.01 -19.73
N GLU C 513 38.59 5.08 -20.67
CA GLU C 513 38.85 5.46 -22.06
C GLU C 513 37.57 5.48 -22.87
N VAL C 514 37.47 6.43 -23.79
CA VAL C 514 36.36 6.52 -24.75
C VAL C 514 36.95 6.67 -26.14
N ARG C 515 36.50 5.82 -27.05
CA ARG C 515 37.13 5.69 -28.36
C ARG C 515 36.86 6.90 -29.26
N ILE C 516 37.62 6.96 -30.34
CA ILE C 516 37.59 8.09 -31.27
C ILE C 516 37.02 7.61 -32.60
N ASP C 517 35.71 7.75 -32.77
CA ASP C 517 35.06 7.45 -34.03
C ASP C 517 35.06 8.68 -34.93
N THR C 518 35.28 8.45 -36.23
CA THR C 518 35.48 9.54 -37.16
C THR C 518 34.26 9.73 -38.05
N GLY C 519 33.44 8.68 -38.18
CA GLY C 519 32.23 8.79 -38.99
C GLY C 519 31.08 9.47 -38.30
N SER C 520 31.14 9.61 -36.98
CA SER C 520 30.05 10.20 -36.23
C SER C 520 29.88 11.67 -36.59
N PRO C 521 28.67 12.22 -36.42
CA PRO C 521 28.52 13.69 -36.49
C PRO C 521 29.13 14.41 -35.30
N ASP C 522 29.38 13.69 -34.20
CA ASP C 522 30.16 14.25 -33.10
C ASP C 522 31.60 14.47 -33.50
N PHE C 523 32.05 13.84 -34.58
CA PHE C 523 33.47 13.78 -34.89
C PHE C 523 34.09 15.16 -34.94
N ILE C 524 35.31 15.24 -34.44
CA ILE C 524 36.06 16.47 -34.34
C ILE C 524 37.05 16.51 -35.50
N LYS C 525 36.74 17.29 -36.53
CA LYS C 525 37.68 17.49 -37.61
C LYS C 525 38.98 18.07 -37.07
N TRP C 526 40.08 17.81 -37.78
CA TRP C 526 41.40 18.25 -37.33
C TRP C 526 41.39 19.73 -36.99
N ASP C 527 40.80 20.55 -37.85
CA ASP C 527 40.68 21.98 -37.62
C ASP C 527 39.22 22.38 -37.37
N ASP C 528 38.49 21.53 -36.63
CA ASP C 528 37.14 21.88 -36.20
C ASP C 528 37.15 23.09 -35.28
N ILE C 529 38.18 23.20 -34.43
CA ILE C 529 38.28 24.31 -33.50
C ILE C 529 38.54 25.61 -34.25
N ASN C 530 38.23 26.73 -33.59
CA ASN C 530 38.33 28.06 -34.19
C ASN C 530 39.45 28.84 -33.53
N GLY C 531 39.91 29.86 -34.25
CA GLY C 531 40.81 30.87 -33.70
C GLY C 531 42.07 30.33 -33.06
N ILE C 532 42.52 29.15 -33.48
CA ILE C 532 43.68 28.53 -32.85
C ILE C 532 44.80 28.38 -33.88
N ASP C 533 44.89 29.34 -34.80
CA ASP C 533 45.88 29.29 -35.86
C ASP C 533 47.30 29.17 -35.30
N GLU C 534 47.64 30.02 -34.33
CA GLU C 534 48.96 29.93 -33.71
C GLU C 534 49.20 28.54 -33.13
N VAL C 535 48.29 28.06 -32.29
CA VAL C 535 48.53 26.76 -31.67
C VAL C 535 48.24 25.64 -32.66
N LYS C 536 47.58 25.92 -33.78
CA LYS C 536 47.54 24.93 -34.85
C LYS C 536 48.93 24.71 -35.45
N LYS C 537 49.54 25.79 -35.93
CA LYS C 537 50.92 25.76 -36.42
C LYS C 537 51.89 25.28 -35.35
N GLU C 538 51.49 25.30 -34.09
CA GLU C 538 52.33 24.73 -33.04
C GLU C 538 52.09 23.23 -32.85
N ILE C 539 50.84 22.80 -32.65
CA ILE C 539 50.57 21.40 -32.35
C ILE C 539 50.72 20.48 -33.55
N ASN C 540 50.96 21.04 -34.74
CA ASN C 540 51.39 20.17 -35.83
C ASN C 540 52.57 19.30 -35.41
N GLU C 541 53.49 19.83 -34.59
CA GLU C 541 54.68 19.08 -34.24
C GLU C 541 54.41 18.06 -33.14
N ILE C 542 53.51 18.34 -32.21
CA ILE C 542 53.18 17.30 -31.24
C ILE C 542 52.42 16.17 -31.92
N ILE C 543 51.61 16.49 -32.93
CA ILE C 543 50.99 15.41 -33.71
C ILE C 543 52.05 14.65 -34.48
N GLU C 544 53.04 15.37 -35.03
CA GLU C 544 54.19 14.73 -35.66
C GLU C 544 54.85 13.71 -34.73
N TYR C 545 55.05 14.08 -33.47
CA TYR C 545 55.60 13.14 -32.50
C TYR C 545 54.65 11.97 -32.26
N LEU C 546 53.37 12.25 -32.08
CA LEU C 546 52.41 11.19 -31.77
C LEU C 546 52.24 10.22 -32.92
N ARG C 547 52.62 10.61 -34.13
CA ARG C 547 52.51 9.71 -35.27
C ARG C 547 53.70 8.75 -35.33
N ASN C 548 54.90 9.27 -35.08
CA ASN C 548 56.13 8.49 -35.21
C ASN C 548 57.20 9.08 -34.29
N PRO C 549 57.51 8.44 -33.17
CA PRO C 549 58.42 9.05 -32.19
C PRO C 549 59.84 9.21 -32.69
N ALA C 550 60.46 8.16 -33.23
CA ALA C 550 61.86 8.25 -33.63
C ALA C 550 62.06 9.16 -34.85
N LEU C 551 60.97 9.75 -35.36
CA LEU C 551 61.10 10.68 -36.48
C LEU C 551 61.71 12.01 -36.04
N LEU C 552 61.34 12.49 -34.86
CA LEU C 552 61.89 13.73 -34.33
C LEU C 552 62.48 13.58 -32.94
N ARG C 553 62.41 12.39 -32.33
CA ARG C 553 63.08 12.16 -31.05
C ARG C 553 64.60 12.29 -31.19
N SER C 554 65.13 12.07 -32.39
CA SER C 554 66.55 12.28 -32.66
C SER C 554 66.82 13.47 -33.57
N ARG C 555 65.78 14.04 -34.19
CA ARG C 555 65.90 15.12 -35.17
C ARG C 555 66.25 16.47 -34.54
N GLY C 556 66.59 16.54 -33.26
CA GLY C 556 67.01 17.77 -32.63
C GLY C 556 66.04 18.31 -31.60
N VAL C 557 64.73 18.19 -31.84
CA VAL C 557 63.75 18.68 -30.88
C VAL C 557 63.72 17.75 -29.66
N ALA C 558 63.44 18.33 -28.51
CA ALA C 558 63.47 17.61 -27.25
C ALA C 558 62.33 16.58 -27.18
N ARG C 559 62.29 15.87 -26.07
CA ARG C 559 61.22 14.91 -25.83
C ARG C 559 59.96 15.64 -25.41
N ILE C 560 58.88 15.46 -26.18
CA ILE C 560 57.57 15.98 -25.81
C ILE C 560 57.02 15.08 -24.71
N GLY C 561 57.13 15.55 -23.48
CA GLY C 561 56.72 14.74 -22.34
C GLY C 561 55.36 15.09 -21.80
N GLY C 562 55.07 16.39 -21.68
CA GLY C 562 53.80 16.81 -21.12
C GLY C 562 53.38 18.19 -21.59
N VAL C 563 52.07 18.37 -21.78
CA VAL C 563 51.50 19.63 -22.22
C VAL C 563 50.35 19.99 -21.29
N LEU C 564 50.12 21.30 -21.16
CA LEU C 564 49.00 21.83 -20.39
C LEU C 564 48.03 22.55 -21.33
N LEU C 565 46.74 22.37 -21.08
CA LEU C 565 45.68 23.05 -21.79
C LEU C 565 45.10 24.12 -20.88
N ALA C 566 45.35 25.37 -21.24
CA ALA C 566 44.83 26.50 -20.43
C ALA C 566 43.72 27.19 -21.23
N GLY C 567 42.68 27.62 -20.54
CA GLY C 567 41.60 28.37 -21.21
C GLY C 567 40.81 29.09 -20.15
N ALA C 568 39.52 28.78 -20.03
CA ALA C 568 38.64 29.45 -19.04
C ALA C 568 37.43 28.56 -18.75
N PRO C 569 36.83 28.66 -17.56
CA PRO C 569 35.63 27.90 -17.28
C PRO C 569 34.71 27.91 -18.48
N GLY C 570 34.54 26.76 -19.14
CA GLY C 570 33.59 26.67 -20.26
C GLY C 570 34.30 26.51 -21.58
N THR C 571 35.59 26.21 -21.55
CA THR C 571 36.35 26.12 -22.81
C THR C 571 36.20 24.73 -23.40
N GLY C 572 35.82 23.76 -22.57
CA GLY C 572 35.60 22.39 -23.08
C GLY C 572 36.80 21.95 -23.87
N LYS C 573 37.94 21.81 -23.20
CA LYS C 573 39.19 21.52 -23.90
C LYS C 573 39.27 20.06 -24.33
N THR C 574 38.56 19.17 -23.63
CA THR C 574 38.46 17.76 -24.03
C THR C 574 38.27 17.64 -25.54
N LEU C 575 37.36 18.44 -26.09
CA LEU C 575 37.12 18.46 -27.52
C LEU C 575 38.43 18.46 -28.31
N LEU C 576 39.25 19.49 -28.11
CA LEU C 576 40.52 19.56 -28.83
C LEU C 576 41.30 18.27 -28.69
N ALA C 577 41.43 17.77 -27.46
CA ALA C 577 42.19 16.55 -27.23
C ALA C 577 41.76 15.44 -28.18
N LYS C 578 40.45 15.21 -28.29
CA LYS C 578 39.96 14.12 -29.13
C LYS C 578 40.51 14.24 -30.54
N ALA C 579 40.49 15.46 -31.10
CA ALA C 579 40.97 15.65 -32.47
C ALA C 579 42.39 15.12 -32.63
N ILE C 580 43.28 15.44 -31.67
CA ILE C 580 44.66 15.00 -31.79
C ILE C 580 44.72 13.48 -31.81
N ALA C 581 43.91 12.82 -30.99
CA ALA C 581 43.86 11.37 -30.99
C ALA C 581 43.41 10.85 -32.35
N ALA C 582 42.48 11.56 -32.98
CA ALA C 582 42.06 11.19 -34.32
C ALA C 582 43.16 11.37 -35.34
N GLU C 583 44.13 12.23 -35.09
CA GLU C 583 45.27 12.42 -35.97
C GLU C 583 46.54 11.81 -35.41
N GLY C 584 46.50 11.26 -34.21
CA GLY C 584 47.66 10.60 -33.65
C GLY C 584 47.64 9.11 -33.89
N GLY C 585 46.51 8.60 -34.36
CA GLY C 585 46.35 7.17 -34.59
C GLY C 585 46.49 6.36 -33.31
N VAL C 586 46.30 7.03 -32.17
CA VAL C 586 46.60 6.45 -30.87
C VAL C 586 45.31 6.31 -30.07
N ARG C 587 45.44 5.77 -28.87
CA ARG C 587 44.31 5.55 -27.99
C ARG C 587 44.14 6.74 -27.07
N MET C 588 42.88 7.05 -26.74
CA MET C 588 42.54 8.16 -25.88
C MET C 588 42.05 7.66 -24.52
N PHE C 589 42.53 8.30 -23.46
CA PHE C 589 42.16 7.93 -22.09
C PHE C 589 41.81 9.18 -21.33
N THR C 590 40.76 9.11 -20.51
CA THR C 590 40.24 10.26 -19.80
C THR C 590 39.99 9.92 -18.33
N CYS C 591 40.23 10.89 -17.45
CA CYS C 591 39.79 10.82 -16.06
C CYS C 591 39.81 12.24 -15.49
N SER C 592 39.48 12.37 -14.21
CA SER C 592 39.48 13.67 -13.56
C SER C 592 40.54 13.74 -12.47
N GLY C 593 40.95 14.96 -12.14
CA GLY C 593 42.01 15.18 -11.17
C GLY C 593 41.69 14.68 -9.77
N THR C 594 40.62 15.21 -9.18
CA THR C 594 40.23 14.86 -7.83
C THR C 594 39.99 13.36 -7.65
N ASP C 595 39.91 12.61 -8.75
CA ASP C 595 39.83 11.16 -8.66
C ASP C 595 41.00 10.56 -7.89
N PHE C 596 42.11 11.28 -7.79
CA PHE C 596 43.29 10.76 -7.10
C PHE C 596 43.33 11.15 -5.63
N TYR C 597 42.53 12.13 -5.22
CA TYR C 597 42.41 12.46 -3.81
C TYR C 597 41.73 11.31 -3.08
N ASP C 598 42.33 10.88 -1.97
CA ASP C 598 41.87 9.68 -1.27
C ASP C 598 41.76 9.95 0.23
N VAL C 599 40.63 9.54 0.80
CA VAL C 599 40.48 9.52 2.25
C VAL C 599 41.40 8.49 2.90
N TYR C 600 41.91 7.54 2.12
CA TYR C 600 42.91 6.60 2.58
C TYR C 600 44.30 7.07 2.17
N SER C 601 45.22 7.06 3.13
CA SER C 601 46.59 7.51 2.89
C SER C 601 47.22 6.66 1.80
N GLY C 602 48.04 7.28 0.96
CA GLY C 602 48.88 6.55 0.03
C GLY C 602 48.14 5.85 -1.09
N VAL C 603 46.84 5.61 -0.96
CA VAL C 603 46.09 4.98 -2.04
C VAL C 603 46.02 5.92 -3.23
N GLY C 604 46.14 7.22 -3.00
CA GLY C 604 46.37 8.12 -4.10
C GLY C 604 47.65 7.79 -4.85
N ALA C 605 48.72 7.53 -4.12
CA ALA C 605 49.98 7.14 -4.75
C ALA C 605 49.84 5.81 -5.50
N ARG C 606 49.13 4.85 -4.92
CA ARG C 606 48.95 3.56 -5.59
C ARG C 606 48.12 3.71 -6.85
N ARG C 607 47.07 4.53 -6.81
CA ARG C 607 46.24 4.71 -8.00
C ARG C 607 46.98 5.52 -9.05
N VAL C 608 47.86 6.42 -8.63
CA VAL C 608 48.76 7.09 -9.57
C VAL C 608 49.62 6.05 -10.29
N ARG C 609 50.22 5.16 -9.51
CA ARG C 609 51.01 4.08 -10.09
C ARG C 609 50.17 3.26 -11.06
N GLU C 610 48.95 2.93 -10.66
CA GLU C 610 48.10 2.08 -11.48
C GLU C 610 47.76 2.73 -12.80
N THR C 611 47.30 3.98 -12.76
CA THR C 611 47.03 4.71 -14.00
C THR C 611 48.26 4.79 -14.88
N PHE C 612 49.42 5.07 -14.28
CA PHE C 612 50.64 5.23 -15.06
C PHE C 612 51.01 3.93 -15.76
N ASP C 613 50.94 2.81 -15.05
CA ASP C 613 51.27 1.54 -15.70
C ASP C 613 50.20 1.13 -16.71
N ARG C 614 48.92 1.44 -16.43
CA ARG C 614 47.85 1.19 -17.38
C ARG C 614 48.12 1.88 -18.70
N LEU C 615 48.51 3.14 -18.65
CA LEU C 615 48.86 3.85 -19.87
C LEU C 615 50.17 3.37 -20.47
N ARG C 616 51.11 2.94 -19.63
CA ARG C 616 52.41 2.47 -20.12
C ARG C 616 52.25 1.23 -20.97
N ASN C 617 51.40 0.30 -20.55
CA ASN C 617 51.22 -0.93 -21.30
C ASN C 617 50.42 -0.74 -22.59
N ALA C 618 49.82 0.42 -22.80
CA ALA C 618 49.03 0.69 -24.00
C ALA C 618 49.66 1.80 -24.83
N ALA C 619 50.99 1.87 -24.82
CA ALA C 619 51.67 2.89 -25.59
C ALA C 619 51.68 2.52 -27.07
N PRO C 620 51.62 3.53 -27.97
CA PRO C 620 51.49 4.96 -27.68
C PRO C 620 50.04 5.38 -27.48
N ALA C 621 49.82 6.48 -26.77
CA ALA C 621 48.48 6.94 -26.47
C ALA C 621 48.57 8.36 -25.92
N ILE C 622 47.40 8.97 -25.73
CA ILE C 622 47.26 10.28 -25.11
C ILE C 622 46.53 10.08 -23.79
N LEU C 623 47.02 10.72 -22.74
CA LEU C 623 46.38 10.66 -21.43
C LEU C 623 45.99 12.09 -21.05
N PHE C 624 44.71 12.42 -21.25
CA PHE C 624 44.19 13.74 -20.96
C PHE C 624 43.54 13.77 -19.59
N ILE C 625 43.87 14.79 -18.81
CA ILE C 625 43.42 14.91 -17.42
C ILE C 625 42.74 16.27 -17.27
N ASP C 626 41.41 16.25 -17.21
CA ASP C 626 40.66 17.42 -16.80
C ASP C 626 40.79 17.61 -15.29
N GLU C 627 40.34 18.76 -14.80
CA GLU C 627 40.38 19.06 -13.36
C GLU C 627 41.80 19.02 -12.83
N PHE C 628 42.75 19.50 -13.63
CA PHE C 628 44.16 19.20 -13.36
C PHE C 628 44.66 19.94 -12.13
N ASP C 629 44.23 21.18 -11.94
CA ASP C 629 44.74 21.95 -10.82
C ASP C 629 44.42 21.34 -9.47
N ALA C 630 43.46 20.40 -9.41
CA ALA C 630 43.20 19.68 -8.16
C ALA C 630 44.43 18.90 -7.73
N MET C 631 44.89 17.98 -8.57
CA MET C 631 46.09 17.21 -8.25
C MET C 631 47.35 18.06 -8.39
N GLY C 632 47.40 18.91 -9.40
CA GLY C 632 48.58 19.72 -9.63
C GLY C 632 48.57 21.02 -8.87
N ALA C 633 47.92 21.03 -7.71
CA ALA C 633 47.87 22.24 -6.89
C ALA C 633 49.24 22.54 -6.31
N ALA C 634 49.44 23.79 -5.90
CA ALA C 634 50.71 24.19 -5.30
C ALA C 634 50.85 23.57 -3.91
N ARG C 635 52.07 23.61 -3.40
CA ARG C 635 52.34 23.08 -2.07
C ARG C 635 52.00 24.11 -1.01
N GLY C 636 51.47 23.63 0.12
CA GLY C 636 51.18 24.47 1.26
C GLY C 636 49.95 25.34 1.13
N ALA C 637 49.54 25.67 -0.09
CA ALA C 637 48.36 26.51 -0.28
C ALA C 637 47.06 25.80 0.04
N GLN C 638 47.11 24.50 0.37
CA GLN C 638 45.94 23.74 0.76
C GLN C 638 46.22 23.07 2.10
N ALA C 639 45.16 22.55 2.72
CA ALA C 639 45.26 21.87 4.01
C ALA C 639 45.57 20.39 3.87
N SER C 640 46.08 19.97 2.70
CA SER C 640 46.32 18.56 2.38
C SER C 640 47.80 18.33 2.08
N GLY C 641 48.66 18.85 2.93
CA GLY C 641 50.10 18.71 2.78
C GLY C 641 50.55 17.28 2.51
N ASP C 642 50.24 16.38 3.43
CA ASP C 642 50.58 14.97 3.27
C ASP C 642 50.04 14.42 1.96
N GLU C 643 48.73 14.52 1.74
CA GLU C 643 48.10 13.82 0.63
C GLU C 643 48.53 14.41 -0.72
N SER C 644 48.38 15.72 -0.87
CA SER C 644 48.75 16.35 -2.14
C SER C 644 50.24 16.26 -2.39
N ALA C 645 51.06 16.44 -1.35
CA ALA C 645 52.49 16.23 -1.46
C ALA C 645 52.79 14.83 -1.99
N SER C 646 52.15 13.81 -1.41
CA SER C 646 52.35 12.45 -1.87
C SER C 646 51.94 12.29 -3.32
N ILE C 647 50.80 12.86 -3.68
CA ILE C 647 50.31 12.76 -5.05
C ILE C 647 51.35 13.33 -6.01
N ILE C 648 51.84 14.54 -5.73
CA ILE C 648 52.71 15.21 -6.70
C ILE C 648 54.07 14.54 -6.76
N ASN C 649 54.64 14.17 -5.61
CA ASN C 649 55.96 13.54 -5.66
C ASN C 649 55.89 12.18 -6.33
N GLU C 650 54.84 11.40 -6.06
CA GLU C 650 54.71 10.09 -6.69
C GLU C 650 54.52 10.23 -8.19
N LEU C 651 53.69 11.19 -8.63
CA LEU C 651 53.51 11.36 -10.06
C LEU C 651 54.78 11.85 -10.73
N LEU C 652 55.53 12.73 -10.08
CA LEU C 652 56.75 13.22 -10.72
C LEU C 652 57.80 12.12 -10.81
N VAL C 653 58.06 11.42 -9.70
CA VAL C 653 59.01 10.31 -9.76
C VAL C 653 58.54 9.23 -10.71
N GLN C 654 57.22 9.15 -10.99
CA GLN C 654 56.77 8.26 -12.03
C GLN C 654 57.14 8.78 -13.42
N MET C 655 56.93 10.07 -13.66
CA MET C 655 57.26 10.64 -14.96
C MET C 655 58.64 11.26 -15.00
N ASP C 656 59.36 11.28 -13.87
CA ASP C 656 60.77 11.65 -13.89
C ASP C 656 61.59 10.57 -14.60
N GLY C 657 61.58 9.36 -14.05
CA GLY C 657 62.21 8.21 -14.67
C GLY C 657 61.51 7.70 -15.89
N PHE C 658 60.52 8.44 -16.40
CA PHE C 658 59.86 8.05 -17.63
C PHE C 658 60.77 8.30 -18.81
N GLU C 659 61.58 7.29 -19.15
CA GLU C 659 62.35 7.33 -20.37
C GLU C 659 61.75 6.46 -21.47
N ASP C 660 60.92 5.49 -21.10
CA ASP C 660 60.25 4.62 -22.06
C ASP C 660 58.95 5.23 -22.58
N ASN C 661 59.00 6.48 -23.03
CA ASN C 661 57.85 7.11 -23.65
C ASN C 661 57.78 6.65 -25.09
N ARG C 662 56.82 5.78 -25.41
CA ARG C 662 56.74 5.14 -26.71
C ARG C 662 55.85 5.92 -27.67
N GLY C 663 55.84 7.24 -27.56
CA GLY C 663 54.98 8.08 -28.36
C GLY C 663 53.77 8.60 -27.63
N ILE C 664 53.67 8.39 -26.34
CA ILE C 664 52.54 8.83 -25.54
C ILE C 664 52.69 10.30 -25.23
N VAL C 665 51.60 10.90 -24.71
CA VAL C 665 51.63 12.26 -24.18
C VAL C 665 50.72 12.34 -22.98
N VAL C 666 51.00 13.32 -22.12
CA VAL C 666 50.19 13.62 -20.95
C VAL C 666 49.72 15.07 -21.07
N LEU C 667 48.41 15.26 -21.15
CA LEU C 667 47.82 16.57 -21.38
C LEU C 667 46.97 16.93 -20.18
N GLY C 668 47.49 17.79 -19.31
CA GLY C 668 46.73 18.25 -18.17
C GLY C 668 46.06 19.58 -18.43
N ALA C 669 44.76 19.68 -18.17
CA ALA C 669 44.00 20.87 -18.52
C ALA C 669 43.58 21.61 -17.26
N THR C 670 43.88 22.90 -17.20
CA THR C 670 43.45 23.71 -16.08
C THR C 670 43.39 25.17 -16.50
N ASN C 671 42.69 25.97 -15.68
CA ASN C 671 42.44 27.36 -15.99
C ASN C 671 43.51 28.30 -15.45
N ARG C 672 44.16 27.92 -14.35
CA ARG C 672 45.17 28.75 -13.70
C ARG C 672 46.55 28.16 -13.97
N PRO C 673 47.25 28.58 -15.01
CA PRO C 673 48.61 28.06 -15.23
C PRO C 673 49.64 28.62 -14.29
N GLY C 674 49.39 29.78 -13.67
CA GLY C 674 50.37 30.37 -12.77
C GLY C 674 50.35 29.80 -11.37
N ALA C 675 49.18 29.37 -10.89
CA ALA C 675 49.06 28.73 -9.58
C ALA C 675 49.61 27.32 -9.56
N ILE C 676 50.17 26.85 -10.67
CA ILE C 676 50.72 25.50 -10.74
C ILE C 676 52.00 25.43 -9.93
N ASP C 677 52.37 24.21 -9.54
CA ASP C 677 53.57 24.02 -8.76
C ASP C 677 54.80 24.15 -9.65
N SER C 678 55.80 24.88 -9.16
CA SER C 678 57.01 25.17 -9.93
C SER C 678 57.90 23.96 -10.13
N ALA C 679 57.52 22.76 -9.70
CA ALA C 679 58.37 21.59 -9.90
C ALA C 679 58.09 20.95 -11.26
N LEU C 680 56.82 20.91 -11.65
CA LEU C 680 56.42 20.26 -12.89
C LEU C 680 56.70 21.11 -14.12
N ILE C 681 56.94 22.41 -13.94
CA ILE C 681 57.19 23.30 -15.06
C ILE C 681 58.63 23.24 -15.55
N ARG C 682 59.43 22.33 -15.00
CA ARG C 682 60.80 22.17 -15.45
C ARG C 682 60.83 21.37 -16.76
N PRO C 683 61.91 21.46 -17.53
CA PRO C 683 61.94 20.84 -18.85
C PRO C 683 61.69 19.34 -18.79
N GLY C 684 61.04 18.82 -19.85
CA GLY C 684 60.74 17.42 -19.99
C GLY C 684 59.43 17.02 -19.34
N ARG C 685 59.16 17.53 -18.14
CA ARG C 685 57.94 17.21 -17.41
C ARG C 685 56.73 17.93 -17.99
N PHE C 686 56.76 19.26 -17.98
CA PHE C 686 55.72 20.06 -18.60
C PHE C 686 56.37 21.31 -19.16
N ASP C 687 56.71 21.27 -20.46
CA ASP C 687 57.40 22.37 -21.11
C ASP C 687 56.57 23.01 -22.21
N ARG C 688 55.28 22.70 -22.29
CA ARG C 688 54.43 23.26 -23.33
C ARG C 688 53.07 23.58 -22.74
N ILE C 689 52.59 24.78 -23.02
CA ILE C 689 51.25 25.19 -22.61
C ILE C 689 50.54 25.77 -23.82
N ILE C 690 49.29 25.36 -24.01
CA ILE C 690 48.47 25.77 -25.14
C ILE C 690 47.23 26.47 -24.64
N TYR C 691 46.97 27.65 -25.18
CA TYR C 691 45.87 28.50 -24.74
C TYR C 691 44.70 28.39 -25.72
N MET C 692 43.55 27.98 -25.20
CA MET C 692 42.35 27.84 -26.01
C MET C 692 41.42 29.01 -25.73
N PRO C 693 41.21 29.91 -26.69
CA PRO C 693 40.48 31.14 -26.40
C PRO C 693 38.98 31.01 -26.57
N LEU C 694 38.28 32.06 -26.15
CA LEU C 694 36.84 32.11 -26.31
C LEU C 694 36.47 32.32 -27.78
N PRO C 695 35.38 31.72 -28.23
CA PRO C 695 35.02 31.81 -29.64
C PRO C 695 34.65 33.22 -30.08
N ASP C 696 34.46 33.40 -31.37
CA ASP C 696 34.04 34.66 -31.97
C ASP C 696 32.70 34.44 -32.65
N ALA C 697 32.27 35.43 -33.43
CA ALA C 697 31.00 35.34 -34.14
C ALA C 697 30.88 34.04 -34.92
N LEU C 698 31.81 33.80 -35.84
CA LEU C 698 31.72 32.62 -36.69
C LEU C 698 31.86 31.34 -35.87
N GLY C 699 32.70 31.35 -34.85
CA GLY C 699 32.85 30.17 -34.02
C GLY C 699 31.57 29.82 -33.30
N ARG C 700 30.90 30.82 -32.74
CA ARG C 700 29.64 30.58 -32.05
C ARG C 700 28.57 30.13 -33.02
N ALA C 701 28.55 30.72 -34.22
CA ALA C 701 27.59 30.29 -35.22
C ALA C 701 27.77 28.81 -35.55
N LYS C 702 29.03 28.38 -35.74
CA LYS C 702 29.28 26.97 -35.99
C LYS C 702 28.86 26.13 -34.80
N ILE C 703 29.09 26.61 -33.59
CA ILE C 703 28.73 25.83 -32.41
C ILE C 703 27.23 25.57 -32.36
N MET C 704 26.44 26.61 -32.65
CA MET C 704 25.00 26.41 -32.53
C MET C 704 24.41 25.74 -33.76
N GLN C 705 25.13 25.75 -34.88
CA GLN C 705 24.64 25.00 -36.04
C GLN C 705 24.71 23.50 -35.82
N VAL C 706 25.44 23.05 -34.80
CA VAL C 706 25.52 21.62 -34.54
C VAL C 706 24.62 21.22 -33.39
N HIS C 707 24.33 22.14 -32.48
CA HIS C 707 23.32 21.88 -31.46
C HIS C 707 21.91 21.88 -32.05
N ALA C 708 21.79 22.08 -33.37
CA ALA C 708 20.51 22.01 -34.05
C ALA C 708 20.34 20.72 -34.85
N ARG C 709 21.42 19.97 -35.06
CA ARG C 709 21.34 18.72 -35.80
C ARG C 709 20.50 17.66 -35.09
N ASN C 710 20.30 17.78 -33.78
CA ASN C 710 19.44 16.86 -33.06
C ASN C 710 18.04 17.42 -32.85
N LYS C 711 17.93 18.61 -32.27
CA LYS C 711 16.64 19.20 -31.97
C LYS C 711 15.91 19.59 -33.25
N ALA C 712 14.68 20.04 -33.09
CA ALA C 712 13.87 20.59 -34.18
C ALA C 712 14.09 22.10 -34.18
N VAL C 713 14.36 22.67 -35.34
CA VAL C 713 14.67 24.08 -35.48
C VAL C 713 14.12 24.56 -36.82
N ASP C 714 13.50 25.74 -36.81
CA ASP C 714 13.16 26.40 -38.05
C ASP C 714 14.41 26.61 -38.88
N PRO C 715 14.50 26.06 -40.09
CA PRO C 715 15.80 26.04 -40.79
C PRO C 715 16.37 27.42 -41.11
N ASN C 716 15.58 28.32 -41.67
CA ASN C 716 16.11 29.59 -42.16
C ASN C 716 16.34 30.58 -41.01
N ILE C 717 17.35 30.29 -40.20
CA ILE C 717 17.75 31.15 -39.09
C ILE C 717 19.09 31.78 -39.46
N ASN C 718 19.15 33.10 -39.39
CA ASN C 718 20.38 33.84 -39.68
C ASN C 718 21.35 33.63 -38.52
N TRP C 719 21.99 32.46 -38.51
CA TRP C 719 22.84 32.08 -37.39
C TRP C 719 23.91 33.12 -37.10
N TYR C 720 24.39 33.81 -38.13
CA TYR C 720 25.45 34.79 -37.89
C TYR C 720 24.96 35.94 -37.02
N GLU C 721 23.74 36.42 -37.26
CA GLU C 721 23.27 37.57 -36.50
C GLU C 721 22.93 37.19 -35.07
N VAL C 722 22.26 36.06 -34.87
CA VAL C 722 22.00 35.66 -33.50
C VAL C 722 23.29 35.29 -32.78
N ALA C 723 24.37 35.03 -33.52
CA ALA C 723 25.66 34.83 -32.85
C ALA C 723 26.38 36.12 -32.58
N ARG C 724 26.08 37.19 -33.35
CA ARG C 724 26.73 38.46 -33.09
C ARG C 724 26.30 39.04 -31.75
N ALA C 725 25.09 38.73 -31.30
CA ALA C 725 24.57 39.29 -30.07
C ALA C 725 24.89 38.46 -28.84
N MET C 726 25.80 37.49 -28.95
CA MET C 726 26.11 36.64 -27.80
C MET C 726 27.56 36.84 -27.39
N ALA C 727 28.03 38.08 -27.43
CA ALA C 727 29.43 38.38 -27.19
C ALA C 727 29.86 37.89 -25.82
N GLY C 728 31.10 37.40 -25.73
CA GLY C 728 31.67 36.96 -24.48
C GLY C 728 31.20 35.62 -23.99
N PHE C 729 30.46 34.87 -24.80
CA PHE C 729 29.93 33.58 -24.37
C PHE C 729 30.94 32.49 -24.65
N THR C 730 30.70 31.34 -24.07
CA THR C 730 31.45 30.11 -24.35
C THR C 730 30.52 29.09 -24.96
N GLY C 731 31.02 27.87 -25.15
CA GLY C 731 30.16 26.81 -25.66
C GLY C 731 29.08 26.42 -24.69
N ALA C 732 29.40 26.38 -23.40
CA ALA C 732 28.41 26.08 -22.38
C ALA C 732 27.27 27.08 -22.41
N ASP C 733 27.61 28.36 -22.58
CA ASP C 733 26.58 29.38 -22.66
C ASP C 733 25.66 29.15 -23.85
N VAL C 734 26.23 28.74 -24.98
CA VAL C 734 25.42 28.53 -26.17
C VAL C 734 24.48 27.35 -25.99
N MET C 735 24.97 26.27 -25.38
CA MET C 735 24.08 25.12 -25.19
C MET C 735 22.99 25.41 -24.16
N GLY C 736 23.34 26.12 -23.07
CA GLY C 736 22.33 26.53 -22.13
C GLY C 736 21.29 27.44 -22.75
N LEU C 737 21.74 28.35 -23.62
CA LEU C 737 20.82 29.23 -24.32
C LEU C 737 19.89 28.44 -25.21
N MET C 738 20.38 27.37 -25.85
CA MET C 738 19.50 26.60 -26.73
C MET C 738 18.46 25.83 -25.92
N ALA C 739 18.83 25.30 -24.76
CA ALA C 739 17.81 24.65 -23.93
C ALA C 739 16.76 25.65 -23.47
N ARG C 740 17.21 26.82 -23.00
CA ARG C 740 16.27 27.86 -22.61
C ARG C 740 15.38 28.27 -23.77
N ALA C 741 15.92 28.28 -24.99
CA ALA C 741 15.11 28.63 -26.15
C ALA C 741 14.06 27.58 -26.42
N ALA C 742 14.37 26.32 -26.18
CA ALA C 742 13.33 25.30 -26.29
C ALA C 742 12.19 25.56 -25.32
N ARG C 743 12.52 25.92 -24.09
CA ARG C 743 11.48 26.27 -23.12
C ARG C 743 10.66 27.46 -23.60
N MET C 744 11.32 28.48 -24.12
CA MET C 744 10.63 29.67 -24.58
C MET C 744 9.79 29.41 -25.82
N ALA C 745 10.13 28.38 -26.59
CA ALA C 745 9.30 28.00 -27.72
C ALA C 745 8.09 27.21 -27.28
N ALA C 746 8.25 26.42 -26.22
CA ALA C 746 7.08 25.77 -25.63
C ALA C 746 6.08 26.80 -25.16
N ARG C 747 6.54 27.82 -24.47
CA ARG C 747 5.61 28.81 -23.92
C ARG C 747 4.82 29.58 -24.96
N GLN C 748 5.06 29.40 -26.25
CA GLN C 748 4.26 30.07 -27.27
C GLN C 748 3.48 29.09 -28.12
N GLY C 749 3.35 27.85 -27.68
CA GLY C 749 2.62 26.89 -28.49
C GLY C 749 3.31 26.53 -29.78
N ARG C 750 4.60 26.25 -29.72
CA ARG C 750 5.35 25.80 -30.89
C ARG C 750 6.28 24.67 -30.49
N HIS C 751 6.79 23.97 -31.50
CA HIS C 751 7.73 22.88 -31.27
C HIS C 751 9.12 23.20 -31.76
N ALA C 752 9.26 23.98 -32.81
CA ALA C 752 10.56 24.27 -33.39
C ALA C 752 11.05 25.65 -32.96
N ILE C 753 12.35 25.73 -32.69
CA ILE C 753 12.95 26.98 -32.25
C ILE C 753 13.08 27.93 -33.42
N THR C 754 12.59 29.15 -33.23
CA THR C 754 12.80 30.26 -34.16
C THR C 754 13.85 31.20 -33.59
N GLU C 755 14.01 32.34 -34.25
CA GLU C 755 15.05 33.31 -33.83
C GLU C 755 14.53 34.14 -32.67
N ASP C 756 13.26 34.52 -32.73
CA ASP C 756 12.71 35.35 -31.66
C ASP C 756 12.63 34.56 -30.37
N ASP C 757 12.64 33.23 -30.46
CA ASP C 757 12.74 32.44 -29.24
C ASP C 757 14.12 32.51 -28.64
N ILE C 758 15.16 32.67 -29.46
CA ILE C 758 16.50 32.88 -28.93
C ILE C 758 16.61 34.26 -28.29
N TYR C 759 16.10 35.29 -28.96
CA TYR C 759 16.11 36.61 -28.34
C TYR C 759 15.32 36.63 -27.04
N ALA C 760 14.17 35.96 -27.02
CA ALA C 760 13.37 35.90 -25.81
C ALA C 760 14.10 35.15 -24.72
N ALA C 761 14.89 34.15 -25.09
CA ALA C 761 15.69 33.45 -24.08
C ALA C 761 16.69 34.38 -23.44
N MET C 762 17.37 35.21 -24.23
CA MET C 762 18.31 36.17 -23.65
C MET C 762 17.61 37.14 -22.71
N GLU C 763 16.54 37.77 -23.19
CA GLU C 763 15.79 38.69 -22.36
C GLU C 763 15.32 38.04 -21.07
N ASN C 764 14.88 36.78 -21.16
CA ASN C 764 14.35 36.10 -19.99
C ASN C 764 15.44 35.78 -18.99
N LYS C 765 16.61 35.39 -19.48
CA LYS C 765 17.75 35.20 -18.59
C LYS C 765 18.01 36.47 -17.78
N THR C 766 18.08 37.61 -18.46
CA THR C 766 18.39 38.86 -17.76
C THR C 766 17.31 39.22 -16.74
N MET C 767 16.05 39.18 -17.17
CA MET C 767 14.98 39.58 -16.26
C MET C 767 14.87 38.64 -15.08
N GLU C 768 15.06 37.34 -15.30
CA GLU C 768 15.12 36.41 -14.19
C GLU C 768 16.19 36.82 -13.20
N ALA C 769 17.38 37.16 -13.70
CA ALA C 769 18.47 37.51 -12.79
C ALA C 769 18.13 38.70 -11.93
N THR C 770 17.57 39.76 -12.53
CA THR C 770 17.22 40.92 -11.70
C THR C 770 16.10 40.60 -10.73
N LEU C 771 14.99 40.10 -11.26
CA LEU C 771 13.81 39.82 -10.45
C LEU C 771 14.12 38.91 -9.28
N GLU C 772 15.12 38.04 -9.42
CA GLU C 772 15.45 37.14 -8.32
C GLU C 772 16.30 37.83 -7.29
N ALA C 773 16.95 38.94 -7.65
CA ALA C 773 17.78 39.65 -6.70
C ALA C 773 16.99 40.71 -5.96
N SER C 774 15.97 41.28 -6.59
CA SER C 774 15.12 42.21 -5.88
C SER C 774 14.26 41.51 -4.84
N THR C 775 13.41 40.58 -5.25
CA THR C 775 12.49 39.91 -4.28
C THR C 775 13.27 38.92 -3.48
N ALA C 776 13.48 39.20 -2.19
CA ALA C 776 14.34 38.32 -1.37
C ALA C 776 14.15 38.65 0.10
N GLY C 777 12.98 38.31 0.65
CA GLY C 777 12.72 38.54 2.09
C GLY C 777 11.34 39.14 2.26
N ASP C 778 11.20 40.13 3.14
CA ASP C 778 9.89 40.82 3.28
C ASP C 778 9.87 41.98 2.28
N GLY C 779 10.95 42.14 1.52
CA GLY C 779 11.05 43.27 0.60
C GLY C 779 10.16 43.08 -0.59
N GLY C 780 10.73 43.03 -1.77
CA GLY C 780 9.79 42.98 -2.86
C GLY C 780 9.30 44.33 -3.30
N GLY C 781 8.49 44.31 -4.36
CA GLY C 781 7.84 45.52 -4.82
C GLY C 781 8.01 45.79 -6.31
N LEU C 782 8.71 44.90 -7.01
CA LEU C 782 9.02 45.07 -8.41
C LEU C 782 8.19 44.21 -9.34
N VAL C 783 8.01 42.94 -9.06
CA VAL C 783 7.23 42.03 -9.88
C VAL C 783 5.76 42.39 -9.71
N GLY C 784 4.95 42.05 -10.70
CA GLY C 784 3.58 42.53 -10.68
C GLY C 784 2.49 41.59 -11.13
N GLY C 785 2.61 40.28 -10.87
CA GLY C 785 1.53 39.41 -11.28
C GLY C 785 1.22 38.24 -10.37
N GLU C 786 1.59 38.30 -9.10
CA GLU C 786 1.55 37.13 -8.25
C GLU C 786 0.27 36.98 -7.45
N GLY C 787 -0.56 38.02 -7.37
CA GLY C 787 -1.80 37.92 -6.64
C GLY C 787 -1.77 38.51 -5.24
N VAL C 788 -0.66 38.40 -4.53
CA VAL C 788 -0.59 38.84 -3.14
C VAL C 788 -0.71 40.35 -3.08
N GLU C 789 -0.84 40.88 -1.87
CA GLU C 789 -1.17 42.29 -1.68
C GLU C 789 -0.22 43.21 -2.45
N GLY C 790 1.07 42.99 -2.35
CA GLY C 790 2.00 43.89 -3.00
C GLY C 790 1.84 44.02 -4.51
N SER C 791 1.47 42.95 -5.20
CA SER C 791 1.54 42.88 -6.65
C SER C 791 0.20 42.56 -7.26
N PRO C 792 -0.41 43.46 -8.02
CA PRO C 792 -1.73 43.19 -8.59
C PRO C 792 -1.66 42.17 -9.71
N ASP C 793 -2.84 41.66 -10.07
CA ASP C 793 -2.93 40.54 -11.01
C ASP C 793 -2.82 40.97 -12.47
N PRO C 794 -3.69 41.86 -12.96
CA PRO C 794 -3.64 42.19 -14.40
C PRO C 794 -2.87 43.46 -14.76
N ILE C 795 -2.10 44.05 -13.85
CA ILE C 795 -1.26 45.20 -14.17
C ILE C 795 -2.09 46.33 -14.78
N PRO C 796 -2.70 47.19 -13.96
CA PRO C 796 -3.66 48.18 -14.44
C PRO C 796 -3.22 48.84 -15.73
N PRO C 797 -4.16 49.20 -16.60
CA PRO C 797 -3.76 49.75 -17.91
C PRO C 797 -3.12 51.12 -17.81
N GLN C 798 -3.51 51.94 -16.85
CA GLN C 798 -2.87 53.23 -16.67
C GLN C 798 -1.40 53.08 -16.34
N LEU C 799 -1.03 51.96 -15.71
CA LEU C 799 0.35 51.68 -15.40
C LEU C 799 1.06 50.94 -16.52
N ARG C 800 0.36 50.60 -17.59
CA ARG C 800 1.00 50.01 -18.76
C ARG C 800 1.26 51.07 -19.82
N ARG C 801 0.36 52.03 -19.93
CA ARG C 801 0.61 53.16 -20.81
C ARG C 801 1.91 53.85 -20.44
N ALA C 802 2.18 53.98 -19.14
CA ALA C 802 3.38 54.67 -18.70
C ALA C 802 4.63 53.92 -19.07
N VAL C 803 4.63 52.60 -18.94
CA VAL C 803 5.80 51.82 -19.33
C VAL C 803 6.01 51.90 -20.83
N SER C 804 4.93 51.94 -21.59
CA SER C 804 5.08 52.09 -23.03
C SER C 804 5.71 53.43 -23.38
N VAL C 805 5.30 54.50 -22.70
CA VAL C 805 5.88 55.82 -22.95
C VAL C 805 7.36 55.82 -22.59
N TYR C 806 7.68 55.29 -21.42
CA TYR C 806 9.06 55.19 -20.99
C TYR C 806 9.92 54.50 -22.04
N GLU C 807 9.50 53.32 -22.46
CA GLU C 807 10.34 52.52 -23.35
C GLU C 807 10.40 53.12 -24.75
N ALA C 808 9.31 53.74 -25.20
CA ALA C 808 9.34 54.42 -26.49
C ALA C 808 10.35 55.55 -26.49
N GLY C 809 10.34 56.38 -25.44
CA GLY C 809 11.32 57.44 -25.37
C GLY C 809 12.75 56.93 -25.34
N LYS C 810 12.99 55.89 -24.55
CA LYS C 810 14.36 55.37 -24.45
C LYS C 810 14.85 54.80 -25.77
N ALA C 811 14.00 54.04 -26.48
CA ALA C 811 14.43 53.46 -27.74
C ALA C 811 14.56 54.50 -28.83
N LEU C 812 13.70 55.52 -28.83
CA LEU C 812 13.85 56.58 -29.81
C LEU C 812 15.16 57.31 -29.62
N LEU C 813 15.51 57.63 -28.37
CA LEU C 813 16.78 58.32 -28.15
C LEU C 813 17.95 57.44 -28.51
N ALA C 814 17.88 56.14 -28.22
CA ALA C 814 18.97 55.27 -28.62
C ALA C 814 19.06 55.08 -30.12
N TYR C 815 18.02 55.44 -30.87
CA TYR C 815 18.09 55.24 -32.31
C TYR C 815 18.69 56.45 -33.02
N ILE C 816 18.48 57.65 -32.50
CA ILE C 816 18.91 58.86 -33.20
C ILE C 816 20.27 59.34 -32.70
N THR C 817 20.91 58.57 -31.84
CA THR C 817 22.24 58.92 -31.35
C THR C 817 23.28 58.22 -32.21
N PRO C 818 24.20 58.93 -32.84
CA PRO C 818 25.15 58.28 -33.74
C PRO C 818 26.17 57.44 -32.97
N ASP C 819 26.44 56.25 -33.49
CA ASP C 819 27.44 55.32 -32.99
C ASP C 819 27.01 54.56 -31.75
N TYR C 820 25.76 54.69 -31.34
CA TYR C 820 25.27 53.90 -30.23
C TYR C 820 25.14 52.44 -30.64
N GLU C 821 25.01 51.57 -29.66
CA GLU C 821 24.76 50.17 -29.93
C GLU C 821 23.45 50.01 -30.70
N GLU C 822 23.20 48.79 -31.18
CA GLU C 822 22.02 48.62 -32.02
C GLU C 822 20.96 47.80 -31.31
N ILE C 823 19.71 48.12 -31.60
CA ILE C 823 18.57 47.56 -30.90
C ILE C 823 18.21 46.23 -31.53
N ALA C 824 18.01 45.22 -30.69
CA ALA C 824 17.59 43.92 -31.17
C ALA C 824 16.15 43.59 -30.82
N ARG C 825 15.63 44.16 -29.76
CA ARG C 825 14.31 43.77 -29.25
C ARG C 825 13.90 44.75 -28.18
N VAL C 826 12.65 45.19 -28.21
CA VAL C 826 12.10 46.13 -27.25
C VAL C 826 10.84 45.51 -26.67
N SER C 827 10.75 45.47 -25.35
CA SER C 827 9.69 44.72 -24.70
C SER C 827 9.07 45.55 -23.58
N VAL C 828 7.84 45.22 -23.24
CA VAL C 828 7.07 45.92 -22.22
C VAL C 828 6.64 44.91 -21.17
N CYS C 829 7.05 45.14 -19.93
CA CYS C 829 6.71 44.27 -18.80
C CYS C 829 7.01 42.79 -19.10
N PRO C 830 8.27 42.44 -19.36
CA PRO C 830 8.61 41.04 -19.52
C PRO C 830 8.62 40.34 -18.18
N LEU C 831 8.10 39.11 -18.15
CA LEU C 831 7.95 38.33 -16.93
C LEU C 831 7.09 39.04 -15.90
N ASN C 832 6.28 40.00 -16.34
CA ASN C 832 5.35 40.79 -15.53
C ASN C 832 6.04 41.82 -14.66
N VAL C 833 7.35 42.01 -14.75
CA VAL C 833 7.98 43.07 -13.97
C VAL C 833 7.44 44.41 -14.43
N LEU C 834 7.42 45.39 -13.54
CA LEU C 834 6.83 46.67 -13.86
C LEU C 834 7.86 47.64 -14.44
N THR C 835 8.60 47.18 -15.45
CA THR C 835 9.50 48.05 -16.20
C THR C 835 9.43 47.67 -17.66
N GLY C 836 10.19 48.40 -18.47
CA GLY C 836 10.44 48.00 -19.83
C GLY C 836 11.72 47.20 -19.93
N PHE C 837 12.17 47.01 -21.16
CA PHE C 837 13.45 46.34 -21.39
C PHE C 837 13.82 46.51 -22.84
N THR C 838 15.05 46.93 -23.10
CA THR C 838 15.58 47.03 -24.44
C THR C 838 16.86 46.23 -24.53
N LEU C 839 16.96 45.37 -25.52
CA LEU C 839 18.11 44.49 -25.68
C LEU C 839 19.05 45.12 -26.70
N PHE C 840 20.24 45.49 -26.25
CA PHE C 840 21.22 46.17 -27.09
C PHE C 840 22.30 45.16 -27.45
N VAL C 841 22.60 45.06 -28.73
CA VAL C 841 23.75 44.29 -29.16
C VAL C 841 24.84 45.25 -29.64
N GLU C 842 26.08 44.96 -29.25
CA GLU C 842 27.22 45.83 -29.51
C GLU C 842 28.27 45.07 -30.32
N ASP C 843 29.39 45.74 -30.54
CA ASP C 843 30.49 45.18 -31.31
C ASP C 843 31.74 45.08 -30.44
N GLU C 844 32.28 43.87 -30.33
CA GLU C 844 33.43 43.63 -29.48
C GLU C 844 34.75 43.85 -30.21
N ASP C 845 34.71 44.10 -31.50
CA ASP C 845 35.92 44.37 -32.26
C ASP C 845 36.19 45.86 -32.43
N LYS C 846 35.46 46.71 -31.71
CA LYS C 846 35.68 48.15 -31.78
C LYS C 846 36.36 48.71 -30.55
N ASN C 847 35.88 48.35 -29.36
CA ASN C 847 36.55 48.67 -28.11
C ASN C 847 36.66 47.34 -27.38
N VAL C 848 37.86 46.78 -27.34
CA VAL C 848 37.97 45.37 -27.04
C VAL C 848 37.93 45.20 -25.54
N ASN C 849 36.73 45.25 -24.99
CA ASN C 849 36.46 45.09 -23.56
C ASN C 849 37.29 46.01 -22.68
N ALA C 850 37.88 47.06 -23.23
CA ALA C 850 38.72 47.92 -22.41
C ALA C 850 38.59 49.42 -22.67
N ILE C 851 38.04 49.88 -23.79
CA ILE C 851 38.14 51.27 -24.17
C ILE C 851 36.80 51.96 -23.90
N LEU C 852 36.87 53.22 -23.52
CA LEU C 852 35.69 54.02 -23.21
C LEU C 852 36.02 55.47 -23.51
N THR C 853 35.55 55.96 -24.65
CA THR C 853 35.77 57.35 -25.00
C THR C 853 34.78 58.24 -24.28
N ARG C 854 34.84 59.53 -24.57
CA ARG C 854 33.96 60.47 -23.90
C ARG C 854 32.61 60.57 -24.61
N SER C 855 32.63 60.49 -25.94
CA SER C 855 31.38 60.52 -26.69
C SER C 855 30.44 59.42 -26.25
N GLU C 856 30.97 58.21 -26.04
CA GLU C 856 30.15 57.10 -25.62
C GLU C 856 29.50 57.37 -24.27
N LEU C 857 30.26 57.93 -23.33
CA LEU C 857 29.72 58.19 -22.01
C LEU C 857 28.62 59.23 -22.03
N GLU C 858 28.82 60.31 -22.79
CA GLU C 858 27.77 61.32 -22.86
C GLU C 858 26.52 60.76 -23.53
N GLY C 859 26.69 59.97 -24.60
CA GLY C 859 25.54 59.36 -25.23
C GLY C 859 24.77 58.47 -24.28
N ARG C 860 25.48 57.69 -23.46
CA ARG C 860 24.81 56.80 -22.52
C ARG C 860 24.02 57.60 -21.49
N MET C 861 24.59 58.69 -20.99
CA MET C 861 23.85 59.52 -20.04
C MET C 861 22.54 60.02 -20.66
N VAL C 862 22.61 60.53 -21.88
CA VAL C 862 21.40 61.04 -22.53
C VAL C 862 20.36 59.93 -22.67
N VAL C 863 20.80 58.76 -23.12
CA VAL C 863 19.84 57.68 -23.34
C VAL C 863 19.20 57.24 -22.04
N HIS C 864 19.95 57.24 -20.93
CA HIS C 864 19.36 56.80 -19.68
C HIS C 864 18.41 57.82 -19.08
N LEU C 865 18.56 59.10 -19.40
CA LEU C 865 17.57 60.08 -18.93
C LEU C 865 16.38 60.25 -19.86
N ALA C 866 16.48 59.72 -21.08
CA ALA C 866 15.39 59.89 -22.05
C ALA C 866 14.05 59.40 -21.53
N GLY C 867 14.03 58.27 -20.83
CA GLY C 867 12.75 57.71 -20.41
C GLY C 867 12.02 58.61 -19.43
N ARG C 868 12.73 59.06 -18.40
CA ARG C 868 12.16 60.02 -17.46
C ARG C 868 11.64 61.24 -18.19
N CYS C 869 12.42 61.80 -19.11
CA CYS C 869 11.98 63.00 -19.79
C CYS C 869 10.72 62.75 -20.61
N ALA C 870 10.63 61.61 -21.29
CA ALA C 870 9.45 61.33 -22.09
C ALA C 870 8.21 61.14 -21.24
N GLU C 871 8.35 60.42 -20.13
CA GLU C 871 7.22 60.25 -19.22
C GLU C 871 6.73 61.58 -18.71
N LYS C 872 7.66 62.48 -18.35
CA LYS C 872 7.27 63.79 -17.85
C LYS C 872 6.62 64.63 -18.93
N LEU C 873 7.12 64.56 -20.15
CA LEU C 873 6.58 65.36 -21.24
C LEU C 873 5.18 64.90 -21.63
N VAL C 874 4.92 63.59 -21.59
CA VAL C 874 3.64 63.09 -22.04
C VAL C 874 2.61 63.06 -20.92
N MET C 875 2.88 62.32 -19.85
CA MET C 875 1.86 62.08 -18.83
C MET C 875 1.83 63.15 -17.75
N GLY C 876 2.38 64.32 -18.00
CA GLY C 876 2.36 65.37 -17.01
C GLY C 876 3.42 65.18 -15.94
N GLU C 877 3.89 66.29 -15.36
CA GLU C 877 5.00 66.25 -14.43
C GLU C 877 4.64 65.69 -13.07
N GLY C 878 3.36 65.52 -12.78
CA GLY C 878 2.94 65.08 -11.46
C GLY C 878 2.57 63.62 -11.38
N GLN C 879 2.30 63.00 -12.53
CA GLN C 879 1.91 61.60 -12.57
C GLN C 879 3.07 60.68 -12.92
N MET C 880 4.29 61.17 -12.83
CA MET C 880 5.46 60.33 -13.04
C MET C 880 5.54 59.29 -11.92
N THR C 881 6.26 58.21 -12.20
CA THR C 881 6.40 57.10 -11.25
C THR C 881 7.86 56.88 -10.93
N GLY C 882 8.10 55.94 -10.02
CA GLY C 882 9.44 55.57 -9.63
C GLY C 882 10.09 54.56 -10.53
N MET C 883 9.41 54.20 -11.61
CA MET C 883 9.93 53.17 -12.52
C MET C 883 11.29 53.53 -13.08
N GLY C 884 11.53 54.79 -13.36
CA GLY C 884 12.83 55.20 -13.84
C GLY C 884 13.79 55.62 -12.77
N SER C 885 13.66 55.10 -11.58
CA SER C 885 14.53 55.53 -10.50
C SER C 885 15.90 54.85 -10.54
N PRO C 886 16.03 53.59 -10.98
CA PRO C 886 17.39 53.05 -11.16
C PRO C 886 18.13 53.66 -12.32
N ASP C 887 17.48 53.87 -13.46
CA ASP C 887 18.13 54.49 -14.60
C ASP C 887 18.73 55.83 -14.22
N LEU C 888 17.97 56.66 -13.50
CA LEU C 888 18.51 57.90 -12.98
C LEU C 888 19.82 57.66 -12.25
N PHE C 889 19.82 56.74 -11.29
CA PHE C 889 21.05 56.52 -10.55
C PHE C 889 22.19 56.07 -11.46
N HIS C 890 21.88 55.35 -12.52
CA HIS C 890 22.96 54.95 -13.42
C HIS C 890 23.58 56.18 -14.06
N ALA C 891 22.75 57.08 -14.57
CA ALA C 891 23.28 58.28 -15.21
C ALA C 891 24.18 59.04 -14.26
N ASN C 892 23.66 59.37 -13.07
CA ASN C 892 24.46 59.99 -12.03
C ASN C 892 25.79 59.28 -11.87
N LEU C 893 25.76 57.96 -11.75
CA LEU C 893 26.99 57.21 -11.52
C LEU C 893 28.03 57.53 -12.59
N ILE C 894 27.63 57.54 -13.86
CA ILE C 894 28.57 57.87 -14.92
C ILE C 894 29.18 59.24 -14.66
N ALA C 895 28.33 60.23 -14.41
CA ALA C 895 28.85 61.57 -14.19
C ALA C 895 29.80 61.62 -13.01
N ARG C 896 29.61 60.74 -12.04
CA ARG C 896 30.54 60.72 -10.92
C ARG C 896 31.91 60.25 -11.38
N GLU C 897 31.96 59.12 -12.08
CA GLU C 897 33.24 58.59 -12.52
C GLU C 897 33.94 59.53 -13.48
N MET C 898 33.19 60.23 -14.32
CA MET C 898 33.83 61.13 -15.26
C MET C 898 34.52 62.29 -14.56
N ILE C 899 34.14 62.58 -13.32
CA ILE C 899 34.68 63.76 -12.66
C ILE C 899 35.68 63.38 -11.59
N MET C 900 35.32 62.43 -10.74
CA MET C 900 36.12 62.08 -9.59
C MET C 900 37.03 60.90 -9.82
N SER C 901 37.00 60.27 -10.98
CA SER C 901 37.83 59.10 -11.18
C SER C 901 38.58 59.07 -12.50
N MET C 902 38.14 59.76 -13.54
CA MET C 902 38.87 59.79 -14.79
C MET C 902 39.38 61.18 -15.16
N GLY C 903 39.10 62.19 -14.35
CA GLY C 903 39.64 63.50 -14.62
C GLY C 903 39.16 64.14 -15.90
N MET C 904 37.89 63.96 -16.25
CA MET C 904 37.30 64.68 -17.35
C MET C 904 36.64 65.96 -16.91
N GLY C 905 36.88 66.41 -15.69
CA GLY C 905 36.32 67.63 -15.19
C GLY C 905 37.24 68.82 -15.44
N ARG C 906 36.64 69.97 -15.66
CA ARG C 906 37.43 71.13 -16.05
C ARG C 906 38.12 71.77 -14.84
N ARG C 907 37.35 72.14 -13.82
CA ARG C 907 37.94 72.78 -12.66
C ARG C 907 38.57 71.78 -11.71
N THR C 908 38.16 70.52 -11.77
CA THR C 908 38.72 69.52 -10.89
C THR C 908 40.05 68.97 -11.41
N GLY C 909 40.20 68.87 -12.72
CA GLY C 909 41.45 68.46 -13.31
C GLY C 909 41.73 66.99 -13.09
N PRO C 910 42.92 66.56 -13.48
CA PRO C 910 43.33 65.15 -13.38
C PRO C 910 43.85 64.72 -12.00
N ILE C 911 42.93 64.37 -11.11
CA ILE C 911 43.29 63.84 -9.80
C ILE C 911 42.24 62.84 -9.36
N ASP C 912 42.67 61.80 -8.67
CA ASP C 912 41.82 60.70 -8.25
C ASP C 912 41.31 60.95 -6.84
N LEU C 913 40.02 60.79 -6.63
CA LEU C 913 39.40 61.18 -5.38
C LEU C 913 38.67 60.05 -4.66
N LEU C 914 38.05 59.13 -5.37
CA LEU C 914 37.18 58.14 -4.75
C LEU C 914 37.95 56.93 -4.28
N ARG C 915 37.34 56.21 -3.35
CA ARG C 915 37.84 54.95 -2.86
C ARG C 915 36.66 54.02 -2.69
N VAL C 916 36.88 52.73 -2.84
CA VAL C 916 35.81 51.76 -2.65
C VAL C 916 35.87 51.26 -1.22
N ALA C 917 34.79 51.52 -0.47
CA ALA C 917 34.72 51.10 0.92
C ALA C 917 34.61 49.58 0.98
N ALA C 918 35.54 48.93 1.67
CA ALA C 918 35.52 47.48 1.78
C ALA C 918 34.39 47.03 2.69
N THR C 919 33.37 46.41 2.11
CA THR C 919 32.20 45.93 2.83
C THR C 919 32.05 44.44 2.57
N SER C 920 30.98 43.86 3.13
CA SER C 920 30.71 42.44 2.98
C SER C 920 29.26 42.12 3.32
N PRO C 940 23.17 51.73 6.95
CA PRO C 940 23.47 52.63 5.85
C PRO C 940 24.56 52.09 4.96
N PHE C 941 24.22 51.77 3.72
CA PHE C 941 25.17 51.19 2.79
C PHE C 941 25.87 52.29 2.01
N TYR C 942 27.18 52.13 1.84
CA TYR C 942 28.01 53.09 1.14
C TYR C 942 28.96 52.33 0.24
N TYR C 943 29.08 52.78 -0.99
CA TYR C 943 29.95 52.10 -1.95
C TYR C 943 31.25 52.83 -2.17
N HIS C 944 31.23 54.16 -2.19
CA HIS C 944 32.42 54.96 -2.37
C HIS C 944 32.80 55.63 -1.06
N THR C 945 33.93 56.30 -1.05
CA THR C 945 34.38 57.05 0.11
C THR C 945 35.34 58.12 -0.35
N THR C 946 35.30 59.26 0.31
CA THR C 946 36.15 60.37 -0.05
C THR C 946 36.61 61.07 1.21
N ASP C 947 37.78 61.69 1.14
CA ASP C 947 38.27 62.52 2.23
C ASP C 947 38.76 63.87 1.72
N MET C 948 38.25 64.33 0.59
CA MET C 948 38.60 65.65 0.14
C MET C 948 37.91 66.68 1.01
N SER C 949 38.53 67.85 1.11
CA SER C 949 37.98 68.92 1.93
C SER C 949 36.60 69.31 1.40
N THR C 950 35.89 70.10 2.21
CA THR C 950 34.53 70.49 1.85
C THR C 950 34.54 71.47 0.69
N GLU C 951 35.57 72.31 0.62
CA GLU C 951 35.62 73.29 -0.46
C GLU C 951 35.94 72.67 -1.81
N GLN C 952 36.50 71.46 -1.83
CA GLN C 952 36.67 70.79 -3.10
C GLN C 952 35.47 69.90 -3.42
N ALA C 953 34.82 69.38 -2.38
CA ALA C 953 33.59 68.63 -2.59
C ALA C 953 32.50 69.50 -3.18
N ARG C 954 32.41 70.76 -2.75
CA ARG C 954 31.46 71.68 -3.34
C ARG C 954 31.65 71.78 -4.84
N VAL C 955 32.89 72.02 -5.27
CA VAL C 955 33.17 72.19 -6.69
C VAL C 955 32.91 70.91 -7.47
N ALA C 956 33.37 69.77 -6.95
CA ALA C 956 33.15 68.51 -7.64
C ALA C 956 31.67 68.23 -7.83
N LEU C 957 30.86 68.44 -6.80
CA LEU C 957 29.44 68.17 -6.95
C LEU C 957 28.77 69.16 -7.88
N ALA C 958 29.22 70.41 -7.89
CA ALA C 958 28.66 71.36 -8.86
C ALA C 958 28.92 70.88 -10.28
N GLU C 959 30.11 70.33 -10.54
CA GLU C 959 30.40 69.85 -11.88
C GLU C 959 29.54 68.65 -12.25
N VAL C 960 29.37 67.69 -11.32
CA VAL C 960 28.49 66.57 -11.57
C VAL C 960 27.08 67.06 -11.90
N VAL C 961 26.58 68.02 -11.15
CA VAL C 961 25.22 68.48 -11.34
C VAL C 961 25.06 69.13 -12.71
N GLU C 962 26.05 69.90 -13.15
CA GLU C 962 25.85 70.56 -14.45
C GLU C 962 26.00 69.58 -15.60
N LEU C 963 26.80 68.52 -15.43
CA LEU C 963 26.78 67.43 -16.41
C LEU C 963 25.38 66.84 -16.54
N LEU C 964 24.77 66.51 -15.41
CA LEU C 964 23.43 65.93 -15.45
C LEU C 964 22.43 66.88 -16.08
N ASP C 965 22.56 68.18 -15.83
CA ASP C 965 21.62 69.14 -16.40
C ASP C 965 21.77 69.21 -17.90
N ALA C 966 23.00 69.20 -18.41
CA ALA C 966 23.19 69.19 -19.85
C ALA C 966 22.56 67.95 -20.49
N ALA C 967 22.75 66.79 -19.86
CA ALA C 967 22.17 65.56 -20.43
C ALA C 967 20.65 65.64 -20.44
N GLU C 968 20.06 66.13 -19.36
CA GLU C 968 18.61 66.23 -19.32
C GLU C 968 18.08 67.20 -20.37
N ALA C 969 18.79 68.30 -20.61
CA ALA C 969 18.35 69.25 -21.62
C ALA C 969 18.42 68.64 -23.00
N LYS C 970 19.49 67.90 -23.31
CA LYS C 970 19.58 67.28 -24.62
C LYS C 970 18.49 66.24 -24.82
N ALA C 971 18.16 65.48 -23.78
CA ALA C 971 17.09 64.50 -23.92
C ALA C 971 15.75 65.17 -24.17
N MET C 972 15.45 66.24 -23.43
CA MET C 972 14.19 66.96 -23.66
C MET C 972 14.12 67.49 -25.07
N TYR C 973 15.20 68.05 -25.57
CA TYR C 973 15.19 68.61 -26.92
C TYR C 973 14.99 67.52 -27.97
N GLY C 974 15.72 66.42 -27.82
CA GLY C 974 15.62 65.35 -28.80
C GLY C 974 14.27 64.68 -28.82
N LEU C 975 13.58 64.63 -27.68
CA LEU C 975 12.22 64.11 -27.70
C LEU C 975 11.23 65.14 -28.20
N ALA C 976 11.47 66.42 -27.96
CA ALA C 976 10.49 67.41 -28.34
C ALA C 976 10.45 67.63 -29.84
N ILE C 977 11.60 67.54 -30.51
CA ILE C 977 11.54 67.74 -31.96
C ILE C 977 11.06 66.52 -32.72
N ASN C 978 10.82 65.40 -32.06
CA ASN C 978 10.38 64.15 -32.68
C ASN C 978 9.07 63.69 -32.08
N TRP C 979 8.14 64.61 -31.91
CA TRP C 979 6.90 64.29 -31.20
C TRP C 979 6.08 63.26 -31.94
N ARG C 980 5.94 63.44 -33.25
CA ARG C 980 5.12 62.54 -34.05
C ARG C 980 5.66 61.11 -34.00
N ALA C 981 6.96 60.95 -34.21
CA ALA C 981 7.55 59.61 -34.17
C ALA C 981 7.46 59.00 -32.78
N LEU C 982 7.57 59.83 -31.75
CA LEU C 982 7.44 59.30 -30.39
C LEU C 982 6.05 58.73 -30.16
N GLN C 983 5.02 59.45 -30.59
CA GLN C 983 3.66 58.96 -30.39
C GLN C 983 3.38 57.71 -31.22
N ALA C 984 3.87 57.67 -32.46
CA ALA C 984 3.69 56.47 -33.26
C ALA C 984 4.32 55.26 -32.60
N LEU C 985 5.55 55.38 -32.12
CA LEU C 985 6.22 54.24 -31.50
C LEU C 985 5.53 53.85 -30.20
N THR C 986 5.02 54.83 -29.45
CA THR C 986 4.28 54.50 -28.24
C THR C 986 3.06 53.66 -28.56
N GLN C 987 2.30 54.04 -29.60
CA GLN C 987 1.11 53.27 -29.94
C GLN C 987 1.47 51.87 -30.41
N ALA C 988 2.52 51.74 -31.22
CA ALA C 988 2.94 50.43 -31.67
C ALA C 988 3.31 49.54 -30.50
N LEU C 989 4.04 50.07 -29.54
CA LEU C 989 4.40 49.26 -28.38
C LEU C 989 3.18 48.92 -27.53
N LEU C 990 2.22 49.83 -27.45
CA LEU C 990 1.04 49.58 -26.63
C LEU C 990 0.20 48.46 -27.20
N ASP C 991 0.06 48.41 -28.51
CA ASP C 991 -0.80 47.38 -29.08
C ASP C 991 -0.08 46.09 -29.43
N ARG C 992 1.22 46.12 -29.69
CA ARG C 992 1.96 44.94 -30.10
C ARG C 992 2.70 44.22 -29.00
N GLY C 993 2.97 44.88 -27.87
CA GLY C 993 3.72 44.26 -26.80
C GLY C 993 5.21 44.28 -27.01
N THR C 994 5.70 43.56 -28.00
CA THR C 994 7.13 43.43 -28.27
C THR C 994 7.41 43.81 -29.70
N ILE C 995 8.57 44.42 -29.92
CA ILE C 995 8.96 44.87 -31.25
C ILE C 995 10.41 44.47 -31.46
N THR C 996 10.78 44.26 -32.72
CA THR C 996 12.16 44.02 -33.06
C THR C 996 12.82 45.33 -33.48
N GLY C 997 14.14 45.30 -33.61
CA GLY C 997 14.85 46.50 -33.99
C GLY C 997 14.50 46.98 -35.38
N LYS C 998 14.26 46.04 -36.29
CA LYS C 998 13.97 46.41 -37.70
C LYS C 998 12.60 47.07 -37.79
N GLU C 999 11.61 46.62 -37.03
CA GLU C 999 10.32 47.30 -37.00
C GLU C 999 10.44 48.66 -36.35
N VAL C 1000 11.31 48.80 -35.35
CA VAL C 1000 11.54 50.10 -34.74
C VAL C 1000 12.08 51.07 -35.77
N ALA C 1001 13.10 50.64 -36.52
CA ALA C 1001 13.64 51.49 -37.56
C ALA C 1001 12.57 51.87 -38.58
N HIS C 1002 11.73 50.92 -38.95
CA HIS C 1002 10.71 51.21 -39.96
C HIS C 1002 9.70 52.24 -39.44
N ILE C 1003 9.16 52.00 -38.24
CA ILE C 1003 8.18 52.93 -37.68
C ILE C 1003 8.78 54.32 -37.56
N LEU C 1004 10.02 54.41 -37.12
CA LEU C 1004 10.61 55.73 -36.91
C LEU C 1004 10.86 56.43 -38.24
N GLU C 1005 11.35 55.71 -39.24
CA GLU C 1005 11.69 56.36 -40.49
C GLU C 1005 10.47 56.72 -41.32
N SER C 1006 9.36 56.01 -41.14
CA SER C 1006 8.15 56.37 -41.88
C SER C 1006 7.45 57.57 -41.25
N ASN C 1007 7.92 58.05 -40.10
CA ASN C 1007 7.34 59.21 -39.44
C ASN C 1007 8.29 60.39 -39.42
N GLY C 1008 9.41 60.33 -40.12
CA GLY C 1008 10.29 61.47 -40.23
C GLY C 1008 11.00 61.86 -38.95
N VAL C 1009 11.96 61.05 -38.52
CA VAL C 1009 12.78 61.43 -37.39
C VAL C 1009 13.86 62.42 -37.84
N ILE C 1010 14.47 63.08 -36.88
CA ILE C 1010 15.53 64.04 -37.11
C ILE C 1010 16.72 63.65 -36.25
N HIS C 1011 17.73 63.04 -36.84
CA HIS C 1011 18.85 62.53 -36.09
C HIS C 1011 19.65 63.66 -35.45
N PHE C 1012 20.45 63.30 -34.46
CA PHE C 1012 21.41 64.19 -33.85
C PHE C 1012 22.65 64.30 -34.73
N PRO C 1013 23.29 65.46 -34.80
CA PRO C 1013 24.55 65.52 -35.56
C PRO C 1013 25.72 64.85 -34.88
N ASP C 1014 25.79 64.87 -33.55
CA ASP C 1014 26.92 64.31 -32.82
C ASP C 1014 26.46 63.92 -31.44
N PRO C 1015 27.23 63.12 -30.71
CA PRO C 1015 26.76 62.62 -29.42
C PRO C 1015 27.14 63.49 -28.23
N TYR C 1016 27.75 64.65 -28.47
CA TYR C 1016 28.24 65.51 -27.40
C TYR C 1016 27.15 66.42 -26.88
N THR C 1017 27.08 66.55 -25.56
CA THR C 1017 26.09 67.38 -24.90
C THR C 1017 26.59 68.80 -24.65
N THR C 1018 27.70 69.19 -25.26
CA THR C 1018 28.24 70.51 -25.04
C THR C 1018 27.35 71.56 -25.68
N GLY C 1019 27.09 72.64 -24.95
CA GLY C 1019 26.24 73.69 -25.43
C GLY C 1019 24.81 73.62 -24.96
N PHE C 1020 24.39 72.50 -24.38
CA PHE C 1020 23.04 72.33 -23.88
C PHE C 1020 23.02 72.63 -22.40
N GLY C 1021 21.83 72.88 -21.86
CA GLY C 1021 21.70 73.18 -20.46
C GLY C 1021 20.49 74.04 -20.23
N TRP C 1022 20.33 74.46 -18.98
CA TRP C 1022 19.20 75.26 -18.57
C TRP C 1022 19.68 76.66 -18.22
N ASP C 1023 18.94 77.66 -18.66
CA ASP C 1023 19.27 79.03 -18.32
C ASP C 1023 18.87 79.33 -16.88
N PRO C 1024 19.44 80.35 -16.26
CA PRO C 1024 19.12 80.62 -14.85
C PRO C 1024 17.70 81.08 -14.63
N ASP C 1025 17.01 81.56 -15.66
CA ASP C 1025 15.59 81.88 -15.54
C ASP C 1025 14.70 80.68 -15.80
N GLY C 1026 15.26 79.54 -16.18
CA GLY C 1026 14.51 78.33 -16.36
C GLY C 1026 14.40 77.82 -17.77
N SER C 1027 14.78 78.61 -18.78
CA SER C 1027 14.52 78.26 -20.16
C SER C 1027 15.61 77.35 -20.69
N LEU C 1028 15.22 76.48 -21.62
CA LEU C 1028 16.14 75.54 -22.23
C LEU C 1028 17.15 76.29 -23.08
N ARG C 1029 18.35 75.73 -23.21
CA ARG C 1029 19.44 76.36 -23.94
C ARG C 1029 20.01 75.39 -24.97
N TYR C 1030 19.67 75.61 -26.23
CA TYR C 1030 20.24 74.87 -27.34
C TYR C 1030 21.67 75.36 -27.57
N PRO C 1031 22.45 74.70 -28.45
CA PRO C 1031 23.90 74.99 -28.52
C PRO C 1031 24.28 76.45 -28.70
N PHE C 1032 23.74 77.13 -29.71
CA PHE C 1032 24.10 78.51 -29.99
C PHE C 1032 22.92 79.41 -29.67
N LYS C 1033 23.03 80.19 -28.60
CA LYS C 1033 21.99 81.10 -28.14
C LYS C 1033 20.71 80.35 -27.78
N THR C 1056 -4.02 88.88 -2.48
CA THR C 1056 -4.38 89.01 -1.07
C THR C 1056 -5.73 88.38 -0.78
N PRO C 1057 -5.83 87.69 0.35
CA PRO C 1057 -7.09 87.04 0.73
C PRO C 1057 -8.23 88.04 0.91
N ASP C 1058 -9.44 87.52 0.87
CA ASP C 1058 -10.66 88.32 0.91
C ASP C 1058 -11.42 88.02 2.20
N LEU C 1059 -11.28 88.88 3.18
CA LEU C 1059 -11.99 88.73 4.45
C LEU C 1059 -13.26 89.59 4.43
N SER C 1060 -14.17 89.20 3.54
CA SER C 1060 -15.36 90.00 3.30
C SER C 1060 -16.53 89.56 4.18
N GLY C 1061 -16.96 88.32 4.03
CA GLY C 1061 -18.18 87.87 4.68
C GLY C 1061 -17.96 87.40 6.09
N ALA C 1062 -18.42 86.17 6.38
CA ALA C 1062 -18.21 85.61 7.70
C ALA C 1062 -16.78 85.13 7.90
N ARG C 1063 -16.06 84.86 6.81
CA ARG C 1063 -14.68 84.44 6.92
C ARG C 1063 -13.79 85.51 7.53
N GLY C 1064 -14.28 86.73 7.67
CA GLY C 1064 -13.50 87.77 8.28
C GLY C 1064 -13.75 87.96 9.76
N LYS C 1065 -14.54 87.10 10.38
CA LYS C 1065 -14.84 87.21 11.80
C LYS C 1065 -14.21 86.10 12.62
N THR C 1066 -13.26 85.37 12.06
CA THR C 1066 -12.63 84.26 12.75
C THR C 1066 -11.73 84.82 13.83
N TRP C 1067 -10.94 83.96 14.47
CA TRP C 1067 -10.45 84.28 15.80
C TRP C 1067 -9.58 85.52 15.83
N PHE C 1068 -8.65 85.66 14.91
CA PHE C 1068 -7.88 86.89 14.94
C PHE C 1068 -8.04 87.75 13.71
N ALA C 1069 -8.19 87.13 12.53
CA ALA C 1069 -8.85 87.76 11.40
C ALA C 1069 -8.23 89.11 11.03
N GLY C 1070 -7.01 89.04 10.54
CA GLY C 1070 -6.39 90.22 10.00
C GLY C 1070 -5.09 90.60 10.67
N THR C 1071 -4.98 90.32 11.96
CA THR C 1071 -3.75 90.64 12.67
C THR C 1071 -2.64 89.67 12.26
N ALA C 1072 -1.50 89.81 12.91
CA ALA C 1072 -0.34 88.99 12.57
C ALA C 1072 -0.44 87.57 13.07
N TYR C 1073 -1.36 87.29 14.00
CA TYR C 1073 -1.50 85.96 14.59
C TYR C 1073 -2.47 85.09 13.83
N ASP C 1074 -3.04 85.57 12.74
CA ASP C 1074 -4.00 84.81 11.97
C ASP C 1074 -3.32 83.68 11.22
N ALA C 1075 -4.07 82.62 10.98
CA ALA C 1075 -3.56 81.47 10.27
C ALA C 1075 -3.50 81.75 8.77
N PRO C 1076 -2.52 81.17 8.08
CA PRO C 1076 -2.37 81.46 6.64
C PRO C 1076 -3.59 81.00 5.86
N ARG C 1077 -4.01 81.82 4.91
CA ARG C 1077 -5.25 81.58 4.18
C ARG C 1077 -4.96 81.28 2.72
N ASN C 1078 -6.04 81.04 1.99
CA ASN C 1078 -5.98 80.84 0.56
C ASN C 1078 -6.43 82.12 -0.16
N ALA C 1079 -6.54 82.03 -1.48
CA ALA C 1079 -6.94 83.20 -2.26
C ALA C 1079 -8.39 83.58 -2.00
N ASP C 1080 -9.23 82.62 -1.62
CA ASP C 1080 -10.65 82.90 -1.44
C ASP C 1080 -11.05 83.11 0.01
N GLY C 1081 -10.13 82.96 0.96
CA GLY C 1081 -10.44 83.19 2.35
C GLY C 1081 -10.45 81.96 3.22
N THR C 1082 -10.42 80.77 2.62
CA THR C 1082 -10.33 79.56 3.40
C THR C 1082 -8.93 79.41 3.96
N PHE C 1083 -8.83 78.68 5.07
CA PHE C 1083 -7.53 78.41 5.64
C PHE C 1083 -6.76 77.47 4.73
N LYS C 1084 -5.51 77.16 5.10
CA LYS C 1084 -4.59 76.62 4.13
C LYS C 1084 -5.00 75.23 3.66
N HIS C 1085 -4.97 74.24 4.54
CA HIS C 1085 -5.27 72.87 4.16
C HIS C 1085 -6.69 72.49 4.57
N GLY C 1086 -7.62 73.43 4.53
CA GLY C 1086 -8.91 73.19 5.12
C GLY C 1086 -8.87 73.16 6.61
N TRP C 1087 -7.81 73.68 7.22
CA TRP C 1087 -7.67 73.74 8.65
C TRP C 1087 -8.82 74.51 9.27
N HIS C 1088 -9.06 74.28 10.55
CA HIS C 1088 -10.09 74.96 11.32
C HIS C 1088 -9.63 74.98 12.75
N TRP C 1089 -10.01 76.01 13.50
CA TRP C 1089 -9.48 76.16 14.85
C TRP C 1089 -9.89 75.03 15.76
N ASN C 1090 -10.61 74.04 15.23
CA ASN C 1090 -11.02 72.89 16.00
C ASN C 1090 -9.96 71.79 16.02
N MET C 1091 -9.25 71.62 14.91
CA MET C 1091 -8.35 70.49 14.73
C MET C 1091 -7.32 70.42 15.85
N PRO C 1092 -6.82 69.23 16.16
CA PRO C 1092 -5.97 69.05 17.34
C PRO C 1092 -4.50 69.37 17.15
N PHE C 1093 -4.10 70.04 16.07
CA PHE C 1093 -2.70 70.31 15.79
C PHE C 1093 -2.60 71.70 15.19
N SER C 1094 -1.51 72.39 15.50
CA SER C 1094 -1.35 73.75 15.02
C SER C 1094 -0.78 73.76 13.62
N VAL C 1095 -0.85 74.93 12.99
CA VAL C 1095 -0.33 75.13 11.66
C VAL C 1095 0.77 76.18 11.74
N LYS C 1096 1.65 76.20 10.75
CA LYS C 1096 2.81 77.06 10.79
C LYS C 1096 2.61 78.30 9.93
N THR C 1097 2.80 79.47 10.52
CA THR C 1097 2.71 80.70 9.77
C THR C 1097 3.88 80.81 8.80
N GLU C 1098 3.62 81.43 7.65
CA GLU C 1098 4.69 81.61 6.68
C GLU C 1098 5.71 82.63 7.16
N LEU C 1099 5.23 83.73 7.75
CA LEU C 1099 6.12 84.80 8.19
C LEU C 1099 5.40 85.74 9.16
N THR D 35 -65.86 19.87 27.50
CA THR D 35 -66.57 21.09 27.13
C THR D 35 -65.62 22.23 26.87
N LEU D 36 -64.32 21.99 27.07
CA LEU D 36 -63.32 23.01 26.83
C LEU D 36 -62.56 22.81 25.54
N GLN D 37 -62.35 21.55 25.14
CA GLN D 37 -61.63 21.28 23.90
C GLN D 37 -62.41 21.79 22.69
N ASN D 38 -63.74 21.84 22.79
CA ASN D 38 -64.50 22.39 21.70
C ASN D 38 -64.65 23.91 21.79
N GLU D 39 -64.71 24.45 23.00
CA GLU D 39 -64.82 25.90 23.14
C GLU D 39 -63.54 26.60 22.69
N ARG D 40 -62.39 25.99 22.96
CA ARG D 40 -61.13 26.53 22.46
C ARG D 40 -61.13 26.63 20.94
N ILE D 41 -61.48 25.53 20.26
CA ILE D 41 -61.57 25.54 18.81
C ILE D 41 -62.58 26.57 18.34
N ASN D 42 -63.71 26.69 19.04
CA ASN D 42 -64.73 27.63 18.64
C ASN D 42 -64.20 29.05 18.65
N LYS D 43 -63.57 29.45 19.75
CA LYS D 43 -63.10 30.83 19.84
C LYS D 43 -61.96 31.10 18.86
N GLN D 44 -61.09 30.11 18.62
CA GLN D 44 -60.02 30.31 17.64
C GLN D 44 -60.58 30.53 16.25
N LEU D 45 -61.49 29.65 15.83
CA LEU D 45 -62.09 29.79 14.51
C LEU D 45 -62.84 31.10 14.39
N ASN D 46 -63.51 31.53 15.45
CA ASN D 46 -64.25 32.79 15.38
C ASN D 46 -63.31 33.97 15.20
N ALA D 47 -62.21 33.99 15.96
CA ALA D 47 -61.23 35.06 15.79
C ALA D 47 -60.71 35.11 14.37
N PHE D 48 -60.32 33.95 13.83
CA PHE D 48 -59.80 33.91 12.47
C PHE D 48 -60.83 34.42 11.47
N LEU D 49 -62.06 33.92 11.58
CA LEU D 49 -63.10 34.26 10.62
C LEU D 49 -63.42 35.75 10.65
N LYS D 50 -63.38 36.37 11.83
CA LYS D 50 -63.79 37.77 11.88
C LYS D 50 -62.65 38.72 11.58
N THR D 51 -61.39 38.30 11.79
CA THR D 51 -60.29 39.23 11.51
C THR D 51 -59.68 39.05 10.13
N TYR D 52 -60.05 37.99 9.40
CA TYR D 52 -59.49 37.80 8.06
C TYR D 52 -59.69 39.02 7.17
N LYS D 53 -60.87 39.63 7.23
CA LYS D 53 -61.18 40.73 6.31
C LYS D 53 -60.25 41.91 6.52
N PHE D 54 -59.95 42.24 7.78
CA PHE D 54 -59.09 43.38 8.04
C PHE D 54 -57.62 43.07 7.83
N GLU D 55 -57.19 41.83 8.09
CA GLU D 55 -55.81 41.51 7.78
C GLU D 55 -55.57 41.40 6.28
N LYS D 56 -56.62 41.13 5.50
CA LYS D 56 -56.47 41.19 4.05
C LYS D 56 -56.23 42.62 3.58
N LEU D 57 -56.61 43.61 4.39
CA LEU D 57 -56.39 45.02 4.09
C LEU D 57 -55.07 45.54 4.63
N ILE D 58 -54.68 45.06 5.82
CA ILE D 58 -53.46 45.58 6.44
C ILE D 58 -52.23 45.24 5.61
N THR D 59 -52.26 44.11 4.87
CA THR D 59 -51.13 43.79 4.02
C THR D 59 -51.03 44.75 2.85
N ASN D 60 -52.15 45.02 2.17
CA ASN D 60 -52.12 45.98 1.07
C ASN D 60 -51.92 47.40 1.59
N TYR D 61 -52.02 47.61 2.90
CA TYR D 61 -51.58 48.87 3.48
C TYR D 61 -50.06 48.90 3.61
N LYS D 62 -49.49 47.91 4.30
CA LYS D 62 -48.05 47.76 4.44
C LYS D 62 -47.35 47.66 3.07
N LYS D 63 -48.13 47.45 2.02
CA LYS D 63 -47.61 47.42 0.66
C LYS D 63 -46.80 48.67 0.31
N MET D 64 -46.86 49.71 1.15
CA MET D 64 -46.35 51.03 0.78
C MET D 64 -45.05 51.43 1.45
N GLN D 65 -44.67 50.83 2.58
CA GLN D 65 -43.85 51.57 3.53
C GLN D 65 -42.36 51.21 3.46
N SER D 66 -42.03 49.92 3.57
CA SER D 66 -40.62 49.54 3.72
C SER D 66 -39.79 49.97 2.52
N PHE D 67 -38.52 50.25 2.77
CA PHE D 67 -37.62 50.77 1.74
C PHE D 67 -36.19 50.82 2.24
N PHE D 264 -52.23 32.34 -9.64
CA PHE D 264 -51.47 31.50 -8.73
C PHE D 264 -51.38 32.13 -7.35
N GLY D 265 -50.88 31.35 -6.38
CA GLY D 265 -50.80 31.81 -5.01
C GLY D 265 -52.14 32.23 -4.45
N THR D 266 -53.22 31.54 -4.83
CA THR D 266 -54.56 31.95 -4.44
C THR D 266 -54.90 31.57 -3.01
N TYR D 267 -54.33 30.48 -2.49
CA TYR D 267 -54.56 30.12 -1.10
C TYR D 267 -53.39 30.49 -0.21
N TYR D 268 -52.45 31.30 -0.72
CA TYR D 268 -51.30 31.66 0.08
C TYR D 268 -51.71 32.39 1.34
N PHE D 269 -52.47 33.47 1.19
CA PHE D 269 -52.83 34.29 2.33
C PHE D 269 -53.75 33.54 3.29
N LEU D 270 -54.70 32.78 2.76
CA LEU D 270 -55.60 32.02 3.61
C LEU D 270 -54.83 31.04 4.47
N GLN D 271 -53.92 30.30 3.87
CA GLN D 271 -53.17 29.29 4.63
C GLN D 271 -52.27 29.95 5.65
N LYS D 272 -51.68 31.09 5.31
CA LYS D 272 -50.82 31.79 6.26
C LYS D 272 -51.61 32.26 7.47
N LEU D 273 -52.74 32.94 7.24
CA LEU D 273 -53.61 33.35 8.33
C LEU D 273 -54.04 32.16 9.18
N LEU D 274 -54.45 31.07 8.54
CA LEU D 274 -54.97 29.95 9.29
C LEU D 274 -53.90 29.34 10.18
N SER D 275 -52.70 29.12 9.65
CA SER D 275 -51.64 28.55 10.45
C SER D 275 -51.24 29.48 11.58
N LYS D 276 -51.33 30.78 11.36
CA LYS D 276 -51.03 31.70 12.46
C LYS D 276 -52.07 31.58 13.57
N TYR D 277 -53.35 31.54 13.22
CA TYR D 277 -54.39 31.62 14.24
C TYR D 277 -54.70 30.30 14.90
N LEU D 278 -54.35 29.18 14.30
CA LEU D 278 -54.74 27.90 14.88
C LEU D 278 -53.72 27.33 15.84
N ASP D 279 -52.44 27.36 15.49
CA ASP D 279 -51.41 26.62 16.23
C ASP D 279 -50.64 27.53 17.18
N VAL D 280 -51.33 28.45 17.83
CA VAL D 280 -50.73 29.27 18.85
C VAL D 280 -51.09 28.73 20.23
N SER D 318 -21.36 0.77 15.60
CA SER D 318 -20.99 1.80 14.64
C SER D 318 -20.40 1.22 13.37
N LEU D 319 -20.44 -0.10 13.23
CA LEU D 319 -19.89 -0.78 12.08
C LEU D 319 -20.96 -0.93 10.99
N TYR D 320 -20.50 -1.34 9.81
CA TYR D 320 -21.41 -1.67 8.73
C TYR D 320 -21.72 -3.16 8.77
N PHE D 321 -22.52 -3.61 7.80
CA PHE D 321 -22.92 -5.01 7.70
C PHE D 321 -22.11 -5.68 6.59
N VAL D 322 -20.89 -6.08 6.93
CA VAL D 322 -19.96 -6.60 5.94
C VAL D 322 -19.21 -7.78 6.54
N PHE D 323 -18.79 -8.69 5.67
CA PHE D 323 -17.99 -9.84 6.09
C PHE D 323 -16.61 -9.39 6.56
N THR D 324 -15.86 -10.32 7.12
CA THR D 324 -14.46 -10.08 7.46
C THR D 324 -13.58 -10.87 6.50
N GLN D 325 -12.28 -10.63 6.54
CA GLN D 325 -11.42 -11.02 5.43
C GLN D 325 -11.29 -12.53 5.27
N LEU D 326 -11.06 -13.26 6.36
CA LEU D 326 -11.12 -14.72 6.37
C LEU D 326 -9.91 -15.40 5.74
N ASN D 327 -8.99 -14.66 5.13
CA ASN D 327 -7.80 -15.33 4.63
C ASN D 327 -6.50 -14.62 5.04
N GLN D 328 -6.54 -13.77 6.06
CA GLN D 328 -5.32 -13.11 6.51
C GLN D 328 -4.47 -14.04 7.36
N LYS D 329 -5.04 -15.12 7.87
CA LYS D 329 -4.32 -16.04 8.73
C LYS D 329 -3.74 -17.22 7.96
N THR D 330 -4.58 -17.96 7.23
CA THR D 330 -4.14 -19.19 6.58
C THR D 330 -4.47 -19.18 5.10
N PHE D 331 -4.35 -20.34 4.46
CA PHE D 331 -4.73 -20.53 3.08
C PHE D 331 -5.63 -21.74 2.89
N LEU D 332 -5.98 -22.45 3.98
CA LEU D 332 -6.69 -23.70 3.85
C LEU D 332 -8.04 -23.53 3.17
N SER D 333 -8.66 -22.38 3.33
CA SER D 333 -10.01 -22.19 2.80
C SER D 333 -10.09 -22.48 1.32
N TYR D 334 -9.06 -22.13 0.55
CA TYR D 334 -9.10 -22.36 -0.89
C TYR D 334 -9.36 -23.81 -1.22
N TRP D 335 -9.02 -24.72 -0.33
CA TRP D 335 -9.19 -26.14 -0.61
C TRP D 335 -10.64 -26.51 -0.86
N LEU D 336 -11.59 -25.64 -0.52
CA LEU D 336 -12.97 -25.98 -0.78
C LEU D 336 -13.43 -25.56 -2.16
N LEU D 337 -12.71 -24.70 -2.84
CA LEU D 337 -13.25 -24.22 -4.10
C LEU D 337 -13.08 -25.28 -5.19
N PRO D 338 -11.91 -25.89 -5.37
CA PRO D 338 -11.83 -26.99 -6.32
C PRO D 338 -12.69 -28.18 -5.95
N VAL D 339 -12.62 -28.64 -4.70
CA VAL D 339 -13.31 -29.86 -4.29
C VAL D 339 -14.80 -29.76 -4.58
N ALA D 340 -15.44 -28.71 -4.07
CA ALA D 340 -16.85 -28.50 -4.39
C ALA D 340 -17.07 -28.45 -5.89
N GLY D 341 -16.21 -27.73 -6.61
CA GLY D 341 -16.36 -27.66 -8.05
C GLY D 341 -16.29 -29.01 -8.72
N LEU D 342 -15.55 -29.95 -8.13
CA LEU D 342 -15.44 -31.28 -8.71
C LEU D 342 -16.48 -32.24 -8.17
N ALA D 343 -17.19 -31.85 -7.12
CA ALA D 343 -18.30 -32.68 -6.66
C ALA D 343 -19.59 -32.34 -7.37
N LEU D 344 -19.64 -31.21 -8.07
CA LEU D 344 -20.79 -30.93 -8.92
C LEU D 344 -20.78 -31.79 -10.17
N LEU D 345 -19.62 -31.95 -10.79
CA LEU D 345 -19.49 -32.68 -12.03
C LEU D 345 -19.32 -34.18 -11.84
N THR D 346 -19.20 -34.64 -10.60
CA THR D 346 -18.90 -36.05 -10.38
C THR D 346 -20.01 -36.98 -10.86
N PRO D 347 -21.30 -36.68 -10.65
CA PRO D 347 -22.32 -37.53 -11.27
C PRO D 347 -22.21 -37.60 -12.78
N THR D 348 -21.79 -36.50 -13.42
CA THR D 348 -21.58 -36.53 -14.86
C THR D 348 -20.38 -37.39 -15.23
N LEU D 349 -19.24 -37.16 -14.57
CA LEU D 349 -18.01 -37.87 -14.89
C LEU D 349 -18.01 -39.31 -14.41
N LEU D 350 -19.03 -39.74 -13.68
CA LEU D 350 -19.05 -41.12 -13.24
C LEU D 350 -19.69 -42.05 -14.24
N THR D 351 -19.92 -41.61 -15.47
CA THR D 351 -20.31 -42.53 -16.53
C THR D 351 -19.10 -43.13 -17.23
N LEU D 352 -17.95 -42.45 -17.18
CA LEU D 352 -16.72 -43.00 -17.75
C LEU D 352 -16.25 -44.25 -17.02
N THR D 353 -16.90 -44.59 -15.90
CA THR D 353 -16.61 -45.81 -15.16
C THR D 353 -17.75 -46.81 -15.17
N GLY D 354 -18.96 -46.39 -15.51
CA GLY D 354 -20.09 -47.29 -15.62
C GLY D 354 -21.02 -47.34 -14.43
N GLN D 355 -20.76 -46.55 -13.40
CA GLN D 355 -21.58 -46.56 -12.19
C GLN D 355 -22.52 -45.35 -12.16
N SER D 356 -23.27 -45.23 -11.07
CA SER D 356 -24.26 -44.18 -10.93
C SER D 356 -23.78 -43.09 -9.97
N ASN D 447 -55.80 -51.12 14.27
CA ASN D 447 -55.82 -50.64 12.89
C ASN D 447 -56.43 -51.68 11.97
N ASP D 448 -56.71 -52.87 12.52
CA ASP D 448 -57.41 -53.89 11.76
C ASP D 448 -58.85 -53.50 11.47
N LEU D 449 -59.43 -52.62 12.29
CA LEU D 449 -60.85 -52.33 12.20
C LEU D 449 -61.21 -51.78 10.82
N ILE D 450 -60.35 -50.95 10.25
CA ILE D 450 -60.66 -50.34 8.96
C ILE D 450 -60.70 -51.40 7.86
N SER D 451 -59.70 -52.29 7.86
CA SER D 451 -59.72 -53.41 6.92
C SER D 451 -60.96 -54.26 7.12
N ILE D 452 -61.42 -54.40 8.37
CA ILE D 452 -62.63 -55.16 8.61
C ILE D 452 -63.84 -54.47 8.00
N LYS D 453 -63.90 -53.14 8.13
CA LYS D 453 -64.98 -52.39 7.49
C LYS D 453 -65.02 -52.68 6.01
N TYR D 454 -63.85 -52.61 5.35
CA TYR D 454 -63.81 -52.85 3.91
C TYR D 454 -64.18 -54.29 3.59
N CYS D 455 -63.77 -55.23 4.44
CA CYS D 455 -64.13 -56.62 4.23
C CYS D 455 -65.65 -56.80 4.26
N PHE D 456 -66.31 -56.21 5.25
CA PHE D 456 -67.75 -56.40 5.36
C PHE D 456 -68.48 -55.70 4.23
N ASN D 457 -68.01 -54.52 3.82
CA ASN D 457 -68.58 -53.86 2.66
C ASN D 457 -68.51 -54.77 1.43
N ASN D 458 -67.33 -55.29 1.13
CA ASN D 458 -67.18 -56.12 -0.06
C ASN D 458 -67.97 -57.41 0.04
N LEU D 459 -68.05 -57.98 1.24
CA LEU D 459 -68.81 -59.21 1.41
C LEU D 459 -70.29 -58.99 1.15
N TYR D 460 -70.84 -57.90 1.69
CA TYR D 460 -72.25 -57.60 1.43
C TYR D 460 -72.48 -57.34 -0.05
N ASN D 461 -71.58 -56.60 -0.69
CA ASN D 461 -71.71 -56.37 -2.12
C ASN D 461 -71.70 -57.67 -2.89
N TYR D 462 -70.84 -58.60 -2.48
CA TYR D 462 -70.75 -59.91 -3.12
C TYR D 462 -72.08 -60.64 -3.03
N ILE D 463 -72.58 -60.82 -1.80
CA ILE D 463 -73.84 -61.51 -1.60
C ILE D 463 -74.95 -60.85 -2.41
N SER D 464 -75.07 -59.53 -2.31
CA SER D 464 -76.18 -58.83 -2.95
C SER D 464 -76.11 -58.93 -4.46
N ASN D 465 -74.92 -58.75 -5.04
CA ASN D 465 -74.78 -58.82 -6.49
C ASN D 465 -75.14 -60.21 -7.00
N LYS D 466 -74.70 -61.25 -6.29
CA LYS D 466 -75.01 -62.60 -6.75
C LYS D 466 -76.49 -62.91 -6.61
N THR D 467 -77.12 -62.48 -5.51
CA THR D 467 -78.56 -62.71 -5.38
C THR D 467 -79.33 -61.97 -6.48
N ALA D 468 -78.94 -60.73 -6.76
CA ALA D 468 -79.64 -59.96 -7.78
C ALA D 468 -79.49 -60.62 -9.14
N LEU D 469 -78.27 -61.04 -9.49
CA LEU D 469 -78.06 -61.67 -10.79
C LEU D 469 -78.77 -63.01 -10.86
N SER D 470 -78.84 -63.74 -9.74
CA SER D 470 -79.56 -65.00 -9.74
C SER D 470 -81.04 -64.79 -10.05
N THR D 471 -81.68 -63.89 -9.31
CA THR D 471 -83.08 -63.59 -9.58
C THR D 471 -83.27 -63.16 -11.03
N LYS D 472 -82.42 -62.26 -11.52
CA LYS D 472 -82.61 -61.73 -12.87
C LYS D 472 -82.49 -62.83 -13.92
N ASN D 473 -81.44 -63.65 -13.84
CA ASN D 473 -81.24 -64.66 -14.86
C ASN D 473 -82.30 -65.74 -14.81
N LEU D 474 -82.66 -66.20 -13.60
CA LEU D 474 -83.67 -67.25 -13.51
C LEU D 474 -85.03 -66.73 -13.93
N PHE D 475 -85.31 -65.44 -13.71
CA PHE D 475 -86.54 -64.85 -14.20
C PHE D 475 -86.53 -64.74 -15.72
N LEU D 476 -85.37 -64.40 -16.29
CA LEU D 476 -85.26 -64.33 -17.74
C LEU D 476 -85.46 -65.71 -18.38
N PHE D 477 -84.98 -66.76 -17.72
CA PHE D 477 -85.23 -68.11 -18.21
C PHE D 477 -86.72 -68.45 -18.14
N SER D 478 -87.32 -68.29 -16.97
CA SER D 478 -88.73 -68.54 -16.78
C SER D 478 -89.58 -67.41 -17.34
N LEU D 538 -49.38 -56.66 8.24
CA LEU D 538 -50.70 -57.08 7.76
C LEU D 538 -51.35 -58.02 8.77
N PRO D 539 -52.68 -57.99 8.86
CA PRO D 539 -53.35 -58.50 10.05
C PRO D 539 -53.79 -59.96 10.06
N TYR D 540 -53.98 -60.62 8.92
CA TYR D 540 -54.61 -61.94 8.99
C TYR D 540 -53.91 -62.95 8.07
N LEU D 541 -52.63 -62.74 7.80
CA LEU D 541 -51.88 -63.66 6.95
C LEU D 541 -50.97 -64.55 7.79
N LYS D 542 -51.55 -65.57 8.42
CA LYS D 542 -50.77 -66.52 9.19
C LYS D 542 -51.48 -67.86 9.21
N ALA D 543 -50.81 -68.85 9.80
CA ALA D 543 -51.39 -70.17 10.00
C ALA D 543 -50.54 -70.94 11.00
N ILE D 544 -51.17 -71.89 11.70
CA ILE D 544 -50.46 -72.80 12.59
C ILE D 544 -51.09 -74.18 12.48
N SER D 545 -50.57 -75.11 13.27
CA SER D 545 -51.15 -76.44 13.41
C SER D 545 -50.68 -77.06 14.72
N PRO D 546 -51.44 -76.94 15.81
CA PRO D 546 -51.03 -77.56 17.07
C PRO D 546 -51.35 -79.04 17.12
N LEU D 547 -52.30 -79.51 16.31
CA LEU D 547 -52.61 -80.91 16.17
C LEU D 547 -52.90 -81.19 14.70
N TYR D 548 -52.78 -82.45 14.31
CA TYR D 548 -53.08 -82.82 12.94
C TYR D 548 -54.55 -82.58 12.65
N SER D 549 -54.85 -82.18 11.41
CA SER D 549 -56.19 -81.70 11.10
C SER D 549 -57.23 -82.80 11.22
N LYS D 550 -56.93 -83.99 10.70
CA LYS D 550 -57.90 -85.07 10.71
C LYS D 550 -58.31 -85.45 12.13
N PHE D 551 -57.37 -85.39 13.07
CA PHE D 551 -57.67 -85.75 14.44
C PHE D 551 -58.66 -84.80 15.06
N MET D 552 -58.40 -83.49 14.95
CA MET D 552 -59.35 -82.50 15.44
C MET D 552 -60.69 -82.63 14.73
N ILE D 553 -60.66 -82.90 13.43
CA ILE D 553 -61.89 -82.97 12.66
C ILE D 553 -62.78 -84.08 13.18
N ASP D 554 -62.22 -85.27 13.43
CA ASP D 554 -63.07 -86.36 13.88
C ASP D 554 -63.41 -86.25 15.37
N HIS D 555 -62.49 -85.70 16.17
CA HIS D 555 -62.84 -85.46 17.57
C HIS D 555 -63.94 -84.42 17.69
N SER D 556 -64.11 -83.60 16.66
CA SER D 556 -65.23 -82.66 16.67
C SER D 556 -66.49 -83.30 16.09
N LEU D 557 -66.36 -84.03 15.00
CA LEU D 557 -67.51 -84.71 14.40
C LEU D 557 -68.07 -85.80 15.29
N LYS D 558 -67.40 -86.14 16.38
CA LYS D 558 -68.06 -86.92 17.42
C LYS D 558 -69.24 -86.18 18.04
N PHE D 559 -69.45 -84.91 17.71
CA PHE D 559 -70.50 -84.11 18.31
C PHE D 559 -71.36 -83.34 17.31
N ILE D 560 -71.31 -83.68 16.03
CA ILE D 560 -72.03 -82.94 15.00
C ILE D 560 -72.76 -83.91 14.09
N THR D 561 -74.02 -83.59 13.79
CA THR D 561 -74.84 -84.33 12.83
C THR D 561 -74.96 -83.50 11.57
N PRO D 562 -74.19 -83.80 10.53
CA PRO D 562 -74.18 -82.97 9.31
C PRO D 562 -75.25 -83.42 8.34
N LYS D 563 -76.02 -82.45 7.82
CA LYS D 563 -76.95 -82.76 6.73
C LYS D 563 -76.22 -82.83 5.39
N THR D 564 -75.08 -82.16 5.28
CA THR D 564 -74.29 -82.09 4.06
C THR D 564 -72.95 -81.47 4.42
N THR D 565 -71.93 -81.79 3.62
CA THR D 565 -70.62 -81.18 3.77
C THR D 565 -70.54 -79.92 2.92
N LEU D 566 -69.88 -78.90 3.44
CA LEU D 566 -69.80 -77.62 2.75
C LEU D 566 -68.42 -77.46 2.10
N LYS D 567 -68.16 -76.30 1.52
CA LYS D 567 -67.09 -76.14 0.53
C LYS D 567 -65.73 -76.56 1.08
N LEU D 568 -65.39 -76.10 2.28
CA LEU D 568 -64.06 -76.37 2.80
C LEU D 568 -63.85 -77.86 3.07
N LEU D 569 -64.72 -78.46 3.88
CA LEU D 569 -64.64 -79.89 4.12
C LEU D 569 -64.79 -80.70 2.84
N GLN D 570 -65.59 -80.18 1.90
CA GLN D 570 -65.72 -80.86 0.62
C GLN D 570 -64.39 -80.91 -0.12
N HIS D 571 -63.68 -79.80 -0.19
CA HIS D 571 -62.38 -79.81 -0.85
C HIS D 571 -61.38 -80.67 -0.08
N LYS D 572 -61.51 -80.68 1.25
CA LYS D 572 -60.60 -81.52 2.03
C LYS D 572 -60.75 -82.99 1.69
N LEU D 573 -61.97 -83.52 1.75
CA LEU D 573 -62.10 -84.95 1.44
C LEU D 573 -62.00 -85.19 -0.06
N ASN D 574 -62.11 -84.13 -0.86
CA ASN D 574 -61.83 -84.24 -2.28
C ASN D 574 -60.35 -84.49 -2.52
N LYS D 575 -59.49 -83.75 -1.83
CA LYS D 575 -58.06 -83.96 -1.92
C LYS D 575 -57.57 -85.06 -0.99
N SER D 576 -58.48 -85.71 -0.26
CA SER D 576 -58.11 -86.85 0.56
C SER D 576 -57.59 -88.01 -0.28
N PRO D 577 -58.30 -88.46 -1.33
CA PRO D 577 -57.70 -89.54 -2.11
C PRO D 577 -56.76 -89.03 -3.21
N HIS D 613 -41.36 -93.38 -6.68
CA HIS D 613 -40.04 -93.58 -6.12
C HIS D 613 -39.30 -92.26 -5.96
N SER D 614 -39.97 -91.17 -6.35
CA SER D 614 -39.38 -89.85 -6.31
C SER D 614 -38.99 -89.41 -4.91
N ASN D 615 -39.52 -90.04 -3.86
CA ASN D 615 -39.24 -89.67 -2.49
C ASN D 615 -38.81 -90.90 -1.69
N SER D 616 -38.05 -91.80 -2.31
CA SER D 616 -37.69 -93.06 -1.70
C SER D 616 -36.45 -92.97 -0.83
N ARG D 617 -35.96 -91.77 -0.55
CA ARG D 617 -34.78 -91.63 0.27
C ARG D 617 -35.07 -92.03 1.72
N PRO D 618 -34.08 -92.56 2.43
CA PRO D 618 -34.31 -92.96 3.83
C PRO D 618 -34.72 -91.82 4.72
N LEU D 619 -34.27 -90.59 4.44
CA LEU D 619 -34.68 -89.45 5.24
C LEU D 619 -36.18 -89.24 5.19
N ASN D 620 -36.79 -89.45 4.02
CA ASN D 620 -38.23 -89.24 3.91
C ASN D 620 -39.00 -90.28 4.71
N HIS D 621 -38.55 -91.53 4.71
CA HIS D 621 -39.20 -92.55 5.51
C HIS D 621 -39.03 -92.25 6.99
N TYR D 622 -37.85 -91.77 7.39
CA TYR D 622 -37.66 -91.37 8.78
C TYR D 622 -38.61 -90.27 9.17
N ASN D 623 -38.83 -89.30 8.27
CA ASN D 623 -39.75 -88.21 8.56
C ASN D 623 -41.18 -88.73 8.70
N GLN D 624 -41.59 -89.65 7.82
CA GLN D 624 -42.93 -90.20 7.93
C GLN D 624 -43.11 -90.94 9.25
N ALA D 625 -42.07 -91.66 9.70
CA ALA D 625 -42.17 -92.35 10.98
C ALA D 625 -42.27 -91.36 12.13
N LEU D 626 -41.50 -90.27 12.07
CA LEU D 626 -41.62 -89.23 13.08
C LEU D 626 -43.04 -88.67 13.12
N LYS D 627 -43.63 -88.46 11.94
CA LYS D 627 -45.00 -87.96 11.88
C LYS D 627 -45.96 -88.94 12.54
N LEU D 628 -45.84 -90.22 12.22
CA LEU D 628 -46.72 -91.23 12.81
C LEU D 628 -46.61 -91.23 14.32
N ILE D 629 -45.39 -91.26 14.85
CA ILE D 629 -45.25 -91.38 16.30
C ILE D 629 -45.71 -90.11 16.99
N ASN D 630 -45.50 -88.95 16.36
CA ASN D 630 -46.03 -87.72 16.93
C ASN D 630 -47.55 -87.76 17.00
N GLY D 631 -48.20 -88.22 15.93
CA GLY D 631 -49.65 -88.32 15.95
C GLY D 631 -50.16 -89.26 17.02
N TYR D 632 -49.48 -90.40 17.19
CA TYR D 632 -49.88 -91.34 18.23
C TYR D 632 -49.71 -90.74 19.61
N GLU D 633 -48.62 -90.02 19.85
CA GLU D 633 -48.44 -89.40 21.16
C GLU D 633 -49.48 -88.30 21.39
N GLN D 634 -49.91 -87.65 20.31
CA GLN D 634 -50.93 -86.60 20.43
C GLN D 634 -52.28 -87.20 20.84
N TYR D 635 -52.71 -88.23 20.12
CA TYR D 635 -54.02 -88.84 20.39
C TYR D 635 -53.91 -90.16 21.14
N LYS D 636 -52.92 -90.29 22.03
CA LYS D 636 -52.77 -91.49 22.84
C LYS D 636 -53.39 -91.33 24.22
N ASN D 637 -53.30 -90.15 24.82
CA ASN D 637 -53.74 -89.96 26.21
C ASN D 637 -55.21 -90.34 26.38
N ASN D 638 -56.10 -89.74 25.57
CA ASN D 638 -57.51 -90.03 25.66
C ASN D 638 -58.04 -90.58 24.34
N GLN D 735 -38.51 -85.13 35.51
CA GLN D 735 -38.55 -83.72 35.12
C GLN D 735 -39.99 -83.29 34.80
N ASN D 736 -40.79 -84.25 34.35
CA ASN D 736 -42.22 -84.05 34.13
C ASN D 736 -42.53 -82.93 33.12
N ILE D 737 -41.64 -82.73 32.15
CA ILE D 737 -41.90 -81.84 31.02
C ILE D 737 -41.25 -82.49 29.80
N THR D 738 -42.06 -82.84 28.80
CA THR D 738 -41.56 -83.57 27.64
C THR D 738 -41.41 -82.65 26.44
N LYS D 739 -40.47 -82.99 25.58
CA LYS D 739 -40.15 -82.20 24.40
C LYS D 739 -40.61 -82.92 23.14
N LEU D 740 -41.41 -82.24 22.32
CA LEU D 740 -41.84 -82.84 21.07
C LEU D 740 -40.64 -83.09 20.16
N LYS D 741 -40.86 -83.94 19.17
CA LYS D 741 -39.80 -84.26 18.23
C LYS D 741 -39.90 -83.39 16.98
N LEU D 742 -41.07 -82.86 16.69
CA LEU D 742 -41.26 -81.94 15.58
C LEU D 742 -41.61 -80.55 16.11
N ASN D 743 -40.94 -79.55 15.57
CA ASN D 743 -41.22 -78.17 15.94
C ASN D 743 -42.61 -77.77 15.46
N LEU D 744 -43.36 -77.10 16.32
CA LEU D 744 -44.67 -76.59 15.93
C LEU D 744 -44.50 -75.56 14.82
N THR D 745 -45.23 -75.74 13.74
CA THR D 745 -45.03 -74.95 12.53
C THR D 745 -45.98 -73.77 12.49
N LYS D 746 -45.44 -72.57 12.72
CA LYS D 746 -46.16 -71.32 12.47
C LYS D 746 -45.68 -70.75 11.15
N THR D 747 -46.62 -70.21 10.37
CA THR D 747 -46.40 -69.94 8.97
C THR D 747 -47.03 -68.63 8.56
N THR D 748 -46.50 -68.04 7.50
CA THR D 748 -47.06 -66.84 6.89
C THR D 748 -47.31 -67.09 5.41
N VAL D 749 -48.39 -66.52 4.89
CA VAL D 749 -48.82 -66.71 3.52
C VAL D 749 -48.69 -65.38 2.79
N PRO D 750 -48.28 -65.36 1.53
CA PRO D 750 -48.12 -64.08 0.83
C PRO D 750 -49.47 -63.52 0.43
N PHE D 751 -49.56 -62.18 0.40
CA PHE D 751 -50.70 -61.54 -0.19
C PHE D 751 -50.35 -61.07 -1.59
N LYS D 752 -51.38 -60.69 -2.35
CA LYS D 752 -51.23 -60.17 -3.71
C LYS D 752 -50.52 -61.20 -4.60
N THR D 753 -51.20 -62.31 -4.82
CA THR D 753 -50.75 -63.33 -5.74
C THR D 753 -51.65 -63.37 -6.97
N LEU D 754 -51.38 -64.32 -7.85
CA LEU D 754 -52.14 -64.46 -9.08
C LEU D 754 -52.98 -65.73 -9.04
N ILE D 755 -53.84 -65.88 -10.05
CA ILE D 755 -54.79 -66.99 -10.10
C ILE D 755 -54.05 -68.29 -10.42
N LYS D 756 -54.72 -69.42 -10.20
CA LYS D 756 -54.06 -70.71 -10.36
C LYS D 756 -53.70 -71.00 -11.80
N LYS D 757 -54.65 -70.82 -12.71
CA LYS D 757 -54.40 -71.10 -14.12
C LYS D 757 -54.02 -69.84 -14.87
N ASN D 782 -20.83 -62.90 -29.36
CA ASN D 782 -21.07 -61.85 -30.33
C ASN D 782 -20.12 -61.95 -31.52
N GLY D 783 -19.41 -60.86 -31.79
CA GLY D 783 -18.51 -60.75 -32.92
C GLY D 783 -18.49 -59.33 -33.43
N HIS D 784 -17.27 -58.84 -33.65
CA HIS D 784 -17.08 -57.41 -33.86
C HIS D 784 -16.89 -57.08 -35.34
N LEU D 785 -17.11 -55.81 -35.66
CA LEU D 785 -17.31 -55.39 -37.04
C LEU D 785 -16.42 -54.23 -37.45
N SER D 786 -15.31 -53.99 -36.77
CA SER D 786 -14.41 -52.93 -37.16
C SER D 786 -13.74 -53.26 -38.50
N VAL D 787 -13.62 -52.26 -39.35
CA VAL D 787 -13.01 -52.42 -40.66
C VAL D 787 -12.12 -51.20 -40.91
N VAL D 788 -10.91 -51.46 -41.35
CA VAL D 788 -10.00 -50.41 -41.76
C VAL D 788 -10.15 -50.22 -43.26
N SER D 789 -9.91 -49.00 -43.74
CA SER D 789 -10.12 -48.75 -45.16
C SER D 789 -8.99 -49.34 -45.99
N ASN D 790 -7.75 -49.13 -45.58
CA ASN D 790 -6.60 -49.67 -46.27
C ASN D 790 -5.80 -50.52 -45.30
N ALA D 791 -5.70 -51.81 -45.60
CA ALA D 791 -4.84 -52.68 -44.81
C ALA D 791 -3.42 -52.17 -44.83
N ASN D 792 -2.85 -52.04 -43.65
CA ASN D 792 -1.53 -51.43 -43.50
C ASN D 792 -0.48 -52.48 -43.82
N LEU D 793 -0.06 -52.52 -45.07
CA LEU D 793 1.10 -53.31 -45.47
C LEU D 793 2.32 -52.51 -45.06
N LEU D 794 3.23 -53.12 -44.31
CA LEU D 794 4.29 -52.35 -43.68
C LEU D 794 5.32 -51.85 -44.69
N THR D 795 4.89 -50.95 -45.56
CA THR D 795 5.77 -50.36 -46.57
C THR D 795 6.24 -49.00 -46.09
N GLY D 796 7.40 -48.59 -46.60
CA GLY D 796 7.96 -47.29 -46.27
C GLY D 796 9.06 -47.37 -45.24
N LYS D 808 19.86 -56.42 -40.51
CA LYS D 808 18.65 -55.72 -40.93
C LYS D 808 17.65 -56.69 -41.55
N ARG D 809 17.28 -56.42 -42.80
CA ARG D 809 16.42 -57.34 -43.54
C ARG D 809 17.18 -58.55 -44.03
N LEU D 810 18.50 -58.42 -44.20
CA LEU D 810 19.33 -59.56 -44.55
C LEU D 810 19.13 -60.71 -43.58
N ASN D 811 19.11 -60.43 -42.28
CA ASN D 811 18.96 -61.51 -41.31
C ASN D 811 17.60 -62.19 -41.46
N SER D 812 16.56 -61.42 -41.76
CA SER D 812 15.26 -62.02 -42.01
C SER D 812 15.33 -63.00 -43.18
N TYR D 813 15.94 -62.56 -44.28
CA TYR D 813 16.10 -63.43 -45.44
C TYR D 813 16.88 -64.70 -45.07
N LEU D 814 17.97 -64.53 -44.33
CA LEU D 814 18.82 -65.66 -43.99
C LEU D 814 18.10 -66.66 -43.11
N ILE D 815 17.36 -66.17 -42.11
CA ILE D 815 16.64 -67.08 -41.23
C ILE D 815 15.54 -67.79 -41.99
N TYR D 816 14.92 -67.10 -42.93
CA TYR D 816 13.91 -67.76 -43.77
C TYR D 816 14.50 -68.94 -44.51
N VAL D 817 15.62 -68.72 -45.21
CA VAL D 817 16.21 -69.79 -46.00
C VAL D 817 16.75 -70.89 -45.09
N ASN D 818 17.28 -70.53 -43.91
CA ASN D 818 17.78 -71.55 -42.99
C ASN D 818 16.64 -72.44 -42.50
N GLN D 819 15.54 -71.84 -42.07
CA GLN D 819 14.40 -72.62 -41.59
C GLN D 819 13.89 -73.55 -42.67
N ASN D 820 13.71 -73.04 -43.89
CA ASN D 820 13.19 -73.90 -44.95
C ASN D 820 14.16 -75.03 -45.28
N LEU D 821 15.46 -74.73 -45.37
CA LEU D 821 16.42 -75.76 -45.70
C LEU D 821 16.49 -76.82 -44.60
N LYS D 822 16.40 -76.41 -43.34
CA LYS D 822 16.42 -77.37 -42.26
C LYS D 822 15.19 -78.26 -42.29
N LYS D 823 14.03 -77.69 -42.59
CA LYS D 823 12.85 -78.53 -42.78
C LYS D 823 13.07 -79.53 -43.92
N PHE D 824 13.72 -79.08 -45.00
CA PHE D 824 13.96 -79.98 -46.12
C PHE D 824 14.85 -81.14 -45.70
N ILE D 825 15.96 -80.85 -45.02
CA ILE D 825 16.87 -81.93 -44.64
C ILE D 825 16.23 -82.84 -43.61
N GLN D 826 15.36 -82.31 -42.75
CA GLN D 826 14.62 -83.17 -41.84
C GLN D 826 13.52 -83.95 -42.52
N LEU D 827 13.14 -83.59 -43.74
CA LEU D 827 12.20 -84.42 -44.47
C LEU D 827 12.82 -85.75 -44.88
N ASN D 828 14.13 -85.79 -45.09
CA ASN D 828 14.82 -87.04 -45.40
C ASN D 828 15.46 -87.64 -44.15
N LEU D 878 27.41 -94.49 -23.59
CA LEU D 878 26.86 -95.36 -22.55
C LEU D 878 26.46 -94.53 -21.34
N THR D 879 27.36 -93.66 -20.89
CA THR D 879 27.13 -92.81 -19.72
C THR D 879 26.08 -91.78 -20.07
N SER D 880 24.84 -92.02 -19.64
CA SER D 880 23.74 -91.09 -19.76
C SER D 880 23.01 -91.02 -18.43
N LEU D 881 22.67 -89.80 -18.00
CA LEU D 881 22.06 -89.61 -16.69
C LEU D 881 20.72 -90.32 -16.62
N ARG D 882 20.65 -91.39 -15.84
CA ARG D 882 19.44 -92.18 -15.72
C ARG D 882 19.09 -92.61 -14.30
N GLY D 883 20.01 -92.51 -13.35
CA GLY D 883 19.75 -92.99 -12.01
C GLY D 883 19.66 -94.50 -11.94
N SER D 884 19.89 -95.03 -10.75
CA SER D 884 19.84 -96.47 -10.55
C SER D 884 19.49 -96.76 -9.10
N LYS D 885 19.08 -98.00 -8.84
CA LYS D 885 18.60 -98.37 -7.52
C LYS D 885 19.69 -98.37 -6.48
N GLN D 886 20.95 -98.15 -6.86
CA GLN D 886 22.02 -98.13 -5.88
C GLN D 886 21.93 -96.93 -4.96
N PHE D 887 21.65 -95.75 -5.49
CA PHE D 887 21.51 -94.57 -4.65
C PHE D 887 20.18 -94.65 -3.94
N LEU D 888 20.17 -95.09 -2.68
CA LEU D 888 18.93 -95.26 -1.95
C LEU D 888 18.35 -93.89 -1.64
N ASN D 889 17.48 -93.41 -2.51
CA ASN D 889 16.86 -92.10 -2.36
C ASN D 889 15.55 -92.17 -1.57
N SER D 890 15.63 -92.60 -0.32
CA SER D 890 14.45 -92.66 0.53
C SER D 890 14.88 -92.71 1.98
N LEU D 891 14.31 -91.82 2.78
CA LEU D 891 14.74 -91.69 4.16
C LEU D 891 14.23 -92.82 5.05
N THR D 892 13.12 -93.45 4.68
CA THR D 892 12.68 -94.61 5.44
C THR D 892 13.72 -95.72 5.42
N ILE D 893 14.32 -95.96 4.27
CA ILE D 893 15.33 -97.01 4.15
C ILE D 893 16.54 -96.69 5.03
N LEU D 894 17.10 -95.49 4.88
CA LEU D 894 18.28 -95.14 5.64
C LEU D 894 18.01 -95.16 7.13
N PHE D 895 16.84 -94.67 7.55
CA PHE D 895 16.57 -94.61 8.98
C PHE D 895 16.28 -95.99 9.56
N LYS D 896 15.63 -96.88 8.81
CA LYS D 896 15.40 -98.22 9.31
C LYS D 896 16.63 -99.08 9.26
N HIS D 897 17.63 -98.70 8.47
CA HIS D 897 18.85 -99.50 8.42
C HIS D 897 19.99 -98.93 9.26
N GLN D 898 19.89 -97.69 9.72
CA GLN D 898 20.99 -97.08 10.44
C GLN D 898 20.61 -96.32 11.69
N LYS D 899 19.34 -96.03 11.92
CA LYS D 899 19.09 -95.18 13.07
C LYS D 899 17.99 -95.67 13.99
N MET D 900 16.92 -96.26 13.47
CA MET D 900 15.72 -96.54 14.26
C MET D 900 15.44 -98.03 14.23
N PHE D 901 15.60 -98.69 15.40
CA PHE D 901 15.46 -100.14 15.48
C PHE D 901 14.47 -100.59 16.55
N LYS D 902 13.90 -99.67 17.34
CA LYS D 902 12.91 -100.07 18.32
C LYS D 902 11.69 -100.63 17.60
N LYS D 903 11.45 -101.93 17.76
CA LYS D 903 10.45 -102.60 16.95
C LYS D 903 9.05 -102.42 17.51
N LYS D 904 8.07 -102.94 16.79
CA LYS D 904 6.67 -102.58 16.94
C LYS D 904 5.82 -103.80 17.26
N THR D 905 4.72 -103.55 17.98
CA THR D 905 3.73 -104.57 18.31
C THR D 905 2.83 -104.76 17.09
N LEU D 906 3.05 -105.86 16.37
CA LEU D 906 2.42 -106.07 15.07
C LEU D 906 1.08 -106.79 15.20
N LYS D 907 0.17 -106.46 14.29
CA LYS D 907 -1.13 -107.11 14.19
C LYS D 907 -1.65 -106.93 12.77
N ALA D 908 -2.73 -107.64 12.44
CA ALA D 908 -3.23 -107.67 11.08
C ALA D 908 -3.77 -106.31 10.66
N HIS D 909 -3.41 -105.88 9.46
CA HIS D 909 -3.80 -104.59 8.91
C HIS D 909 -5.10 -104.71 8.14
N LYS D 910 -5.46 -103.63 7.46
CA LYS D 910 -6.66 -103.64 6.63
C LYS D 910 -6.35 -103.12 5.23
N TRP D 911 -5.38 -102.23 5.13
CA TRP D 911 -4.92 -101.69 3.86
C TRP D 911 -3.64 -102.39 3.45
N HIS D 912 -3.56 -102.75 2.17
CA HIS D 912 -2.39 -103.47 1.69
C HIS D 912 -2.31 -103.37 0.17
N SER D 913 -1.09 -103.45 -0.34
CA SER D 913 -0.84 -103.45 -1.77
C SER D 913 -1.07 -104.86 -2.28
N ASP D 914 -2.31 -105.14 -2.66
CA ASP D 914 -2.70 -106.48 -3.06
C ASP D 914 -2.45 -106.67 -4.56
N THR D 915 -3.09 -107.70 -5.13
CA THR D 915 -2.90 -108.05 -6.53
C THR D 915 -3.15 -106.84 -7.42
N GLN D 916 -2.61 -106.91 -8.64
CA GLN D 916 -2.62 -105.83 -9.62
C GLN D 916 -1.86 -104.60 -9.14
N GLY D 917 -1.01 -104.74 -8.11
CA GLY D 917 -0.23 -103.64 -7.59
C GLY D 917 -1.05 -102.50 -7.03
N ILE D 918 -2.30 -102.80 -6.67
CA ILE D 918 -3.27 -101.78 -6.27
C ILE D 918 -3.35 -101.77 -4.76
N PHE D 919 -3.40 -100.57 -4.19
CA PHE D 919 -3.50 -100.39 -2.75
C PHE D 919 -4.96 -100.43 -2.35
N ARG D 920 -5.39 -101.52 -1.71
CA ARG D 920 -6.80 -101.70 -1.39
C ARG D 920 -6.99 -101.99 0.08
N LYS D 921 -8.22 -101.74 0.54
CA LYS D 921 -8.67 -102.05 1.88
C LYS D 921 -9.51 -103.32 1.85
N HIS D 922 -9.42 -104.10 2.93
CA HIS D 922 -10.17 -105.34 3.02
C HIS D 922 -11.05 -105.38 4.27
N GLU D 937 16.05 -110.94 10.05
CA GLU D 937 17.30 -110.23 10.23
C GLU D 937 17.30 -109.41 11.53
N GLU D 938 16.48 -109.84 12.49
CA GLU D 938 16.42 -109.16 13.78
C GLU D 938 17.76 -109.22 14.51
N SER D 939 18.67 -110.08 14.07
CA SER D 939 20.01 -110.12 14.66
C SER D 939 20.69 -108.76 14.56
N SER D 940 20.85 -108.25 13.34
CA SER D 940 21.50 -106.95 13.16
C SER D 940 20.70 -105.84 13.84
N LEU D 941 19.37 -105.93 13.76
CA LEU D 941 18.53 -104.94 14.41
C LEU D 941 18.84 -104.85 15.90
N SER D 942 18.75 -105.98 16.62
CA SER D 942 18.97 -105.95 18.06
C SER D 942 20.41 -105.62 18.40
N THR D 943 21.35 -106.10 17.58
CA THR D 943 22.76 -105.76 17.80
C THR D 943 22.99 -104.27 17.75
N ARG D 944 22.59 -103.63 16.65
CA ARG D 944 22.76 -102.19 16.51
C ARG D 944 21.98 -101.45 17.59
N LEU D 945 20.81 -101.96 17.99
CA LEU D 945 20.04 -101.31 19.03
C LEU D 945 20.80 -101.27 20.34
N HIS D 946 21.38 -102.40 20.74
CA HIS D 946 22.12 -102.42 22.00
C HIS D 946 23.39 -101.60 21.88
N ILE D 947 24.02 -101.60 20.70
CA ILE D 947 25.18 -100.74 20.47
C ILE D 947 24.81 -99.28 20.72
N GLN D 948 23.70 -98.84 20.15
CA GLN D 948 23.29 -97.45 20.28
C GLN D 948 22.96 -97.11 21.72
N LYS D 949 22.28 -98.03 22.41
CA LYS D 949 21.97 -97.78 23.82
C LYS D 949 23.25 -97.67 24.64
N LYS D 950 24.25 -98.50 24.35
CA LYS D 950 25.51 -98.44 25.08
C LYS D 950 26.23 -97.13 24.82
N ARG D 951 26.29 -96.71 23.56
CA ARG D 951 27.00 -95.47 23.25
C ARG D 951 26.32 -94.27 23.89
N LYS D 952 24.99 -94.26 23.91
CA LYS D 952 24.31 -93.11 24.50
C LYS D 952 24.41 -93.12 26.01
N ALA D 953 24.36 -94.29 26.64
CA ALA D 953 24.67 -94.37 28.06
C ALA D 953 26.06 -93.85 28.35
N LYS D 954 27.03 -94.17 27.50
CA LYS D 954 28.39 -93.68 27.70
C LYS D 954 28.44 -92.17 27.64
N LYS D 955 27.96 -91.59 26.53
CA LYS D 955 28.05 -90.14 26.39
C LYS D 955 27.09 -89.38 27.29
N GLN D 956 26.19 -90.08 27.98
CA GLN D 956 25.37 -89.44 29.00
C GLN D 956 26.15 -89.15 30.27
N ARG D 957 27.04 -90.05 30.67
CA ARG D 957 27.85 -89.86 31.86
C ARG D 957 29.07 -88.99 31.61
N LEU D 958 29.07 -88.22 30.53
CA LEU D 958 30.15 -87.30 30.19
C LEU D 958 31.48 -88.02 29.98
N GLU D 959 31.44 -89.35 29.91
CA GLU D 959 32.64 -90.15 29.68
C GLU D 959 33.25 -89.95 28.30
N THR D 960 32.62 -89.16 27.44
CA THR D 960 33.08 -89.00 26.07
C THR D 960 34.39 -88.21 26.07
N ARG D 961 34.89 -87.92 24.87
CA ARG D 961 36.25 -87.44 24.73
C ARG D 961 36.46 -86.07 25.37
N ARG D 962 35.73 -85.04 24.94
CA ARG D 962 36.13 -83.72 25.44
C ARG D 962 35.55 -83.43 26.82
N GLN D 963 34.30 -82.97 26.90
CA GLN D 963 33.39 -83.16 28.02
C GLN D 963 32.02 -82.60 27.70
N LYS D 964 31.04 -83.42 27.33
CA LYS D 964 29.67 -82.93 27.10
C LYS D 964 28.71 -84.03 26.67
N LYS D 965 27.43 -83.69 26.58
CA LYS D 965 26.39 -84.61 26.16
C LYS D 965 25.94 -84.41 24.72
N ARG D 966 26.11 -83.21 24.18
CA ARG D 966 25.65 -82.90 22.80
C ARG D 966 26.70 -82.05 22.07
N THR D 967 27.40 -82.64 21.09
CA THR D 967 28.34 -81.83 20.28
C THR D 967 28.44 -82.41 18.89
N ARG D 968 29.09 -81.70 17.98
CA ARG D 968 29.19 -82.17 16.58
C ARG D 968 30.40 -83.11 16.43
N PHE D 969 30.22 -84.41 16.68
CA PHE D 969 31.32 -85.41 16.57
C PHE D 969 32.04 -85.25 15.25
N PHE D 970 33.15 -84.51 15.23
CA PHE D 970 33.94 -84.24 13.99
C PHE D 970 33.79 -85.36 12.93
N PRO D 971 34.16 -86.64 13.17
CA PRO D 971 33.94 -87.68 12.18
C PRO D 971 32.47 -87.77 11.76
N ARG D 972 32.10 -87.21 10.59
CA ARG D 972 30.68 -87.17 10.15
C ARG D 972 30.36 -88.34 9.21
N PRO D 973 29.13 -88.93 9.28
CA PRO D 973 28.78 -90.08 8.46
C PRO D 973 29.05 -89.88 6.98
N VAL D 974 29.57 -90.89 6.29
CA VAL D 974 29.94 -90.63 4.90
C VAL D 974 28.75 -90.85 3.97
N TRP D 975 27.79 -91.66 4.37
CA TRP D 975 26.62 -91.88 3.52
C TRP D 975 25.86 -90.58 3.29
N LEU D 976 25.77 -89.73 4.30
CA LEU D 976 25.15 -88.42 4.15
C LEU D 976 25.83 -87.62 3.06
N ARG D 977 27.16 -87.50 3.14
CA ARG D 977 27.90 -86.69 2.17
C ARG D 977 27.80 -87.30 0.78
N SER D 978 27.82 -88.62 0.69
CA SER D 978 27.68 -89.28 -0.60
C SER D 978 26.33 -88.97 -1.24
N ARG D 979 25.26 -89.07 -0.45
CA ARG D 979 23.94 -88.74 -0.97
C ARG D 979 23.84 -87.29 -1.40
N MET D 980 24.38 -86.37 -0.59
CA MET D 980 24.33 -84.96 -0.94
C MET D 980 25.02 -84.70 -2.27
N PHE D 981 26.24 -85.23 -2.43
CA PHE D 981 26.94 -85.05 -3.69
C PHE D 981 26.19 -85.72 -4.83
N LEU D 982 25.56 -86.87 -4.57
CA LEU D 982 24.80 -87.56 -5.60
C LEU D 982 23.69 -86.67 -6.14
N ASN D 983 22.88 -86.10 -5.24
CA ASN D 983 21.76 -85.29 -5.69
C ASN D 983 22.23 -84.03 -6.40
N PHE D 984 23.26 -83.36 -5.86
CA PHE D 984 23.80 -82.21 -6.54
C PHE D 984 24.24 -82.57 -7.95
N LEU D 985 24.95 -83.68 -8.10
CA LEU D 985 25.47 -84.09 -9.39
C LEU D 985 24.34 -84.37 -10.37
N THR D 986 23.31 -85.08 -9.92
CA THR D 986 22.19 -85.38 -10.81
C THR D 986 21.53 -84.10 -11.30
N GLU D 987 21.21 -83.19 -10.38
CA GLU D 987 20.51 -81.98 -10.80
C GLU D 987 21.37 -81.06 -11.64
N ARG D 988 22.69 -81.09 -11.49
CA ARG D 988 23.53 -80.30 -12.38
C ARG D 988 23.78 -80.97 -13.72
N ASN D 989 23.81 -82.29 -13.77
CA ASN D 989 24.05 -83.01 -15.00
C ASN D 989 22.79 -83.18 -15.83
N LYS D 990 21.63 -82.79 -15.30
CA LYS D 990 20.44 -82.69 -16.13
C LYS D 990 20.65 -81.78 -17.35
N TYR D 991 21.74 -81.02 -17.36
CA TYR D 991 22.03 -80.12 -18.47
C TYR D 991 22.14 -80.84 -19.80
N TYR D 992 22.57 -82.10 -19.79
CA TYR D 992 22.82 -82.84 -21.01
C TYR D 992 21.60 -83.61 -21.49
N LEU D 993 20.43 -83.38 -20.90
CA LEU D 993 19.26 -84.18 -21.23
C LEU D 993 18.51 -83.69 -22.45
N ASN D 994 18.96 -82.61 -23.09
CA ASN D 994 18.27 -82.10 -24.25
C ASN D 994 18.60 -82.92 -25.49
N GLN D 1125 41.41 -69.72 -20.19
CA GLN D 1125 42.16 -70.76 -19.50
C GLN D 1125 41.25 -71.51 -18.53
N ASN D 1126 41.72 -71.74 -17.31
CA ASN D 1126 40.93 -72.40 -16.29
C ASN D 1126 40.19 -71.35 -15.48
N LEU D 1127 38.86 -71.50 -15.37
CA LEU D 1127 38.07 -70.48 -14.69
C LEU D 1127 38.46 -70.35 -13.23
N ARG D 1128 38.98 -71.42 -12.62
CA ARG D 1128 39.35 -71.36 -11.22
C ARG D 1128 40.56 -70.45 -11.01
N ASP D 1129 41.57 -70.55 -11.88
CA ASP D 1129 42.80 -69.79 -11.66
C ASP D 1129 42.58 -68.30 -11.89
N ILE D 1130 41.56 -67.95 -12.66
CA ILE D 1130 41.22 -66.53 -12.79
C ILE D 1130 40.29 -66.11 -11.67
N LYS D 1131 39.45 -67.02 -11.19
CA LYS D 1131 38.57 -66.71 -10.07
C LYS D 1131 39.32 -66.57 -8.75
N ILE D 1132 40.53 -67.11 -8.64
CA ILE D 1132 41.30 -66.91 -7.41
C ILE D 1132 41.90 -65.51 -7.37
N LYS D 1133 42.02 -64.83 -8.50
CA LYS D 1133 42.53 -63.46 -8.53
C LYS D 1133 41.39 -62.49 -8.80
N ALA D 1134 40.73 -62.08 -7.72
CA ALA D 1134 39.62 -61.13 -7.79
C ALA D 1134 39.52 -60.38 -6.47
N ASN D 1135 38.89 -59.21 -6.51
CA ASN D 1135 38.75 -58.33 -5.35
C ASN D 1135 37.46 -58.72 -4.63
N TYR D 1136 37.60 -59.45 -3.54
CA TYR D 1136 36.46 -59.90 -2.75
C TYR D 1136 36.51 -59.29 -1.35
N ASN D 1137 35.33 -58.95 -0.83
CA ASN D 1137 35.24 -58.41 0.51
C ASN D 1137 35.33 -59.54 1.53
N ASN D 1138 36.39 -59.53 2.34
CA ASN D 1138 36.59 -60.57 3.35
C ASN D 1138 35.49 -60.48 4.39
N PHE D 1139 34.70 -61.55 4.52
CA PHE D 1139 33.60 -61.56 5.46
C PHE D 1139 34.09 -61.92 6.85
N THR D 1159 42.54 -51.00 -3.93
CA THR D 1159 41.22 -51.49 -3.55
C THR D 1159 40.54 -50.53 -2.59
N MET D 1160 40.82 -49.24 -2.73
CA MET D 1160 40.14 -48.23 -1.95
C MET D 1160 38.98 -47.59 -2.67
N PHE D 1161 39.00 -47.58 -4.01
CA PHE D 1161 37.81 -47.21 -4.76
C PHE D 1161 36.68 -48.20 -4.55
N ARG D 1162 37.03 -49.47 -4.29
CA ARG D 1162 36.01 -50.47 -3.99
C ARG D 1162 35.26 -50.13 -2.71
N ASP D 1163 36.01 -49.83 -1.64
CA ASP D 1163 35.36 -49.47 -0.39
C ASP D 1163 34.57 -48.19 -0.52
N PHE D 1164 35.10 -47.23 -1.28
CA PHE D 1164 34.34 -46.01 -1.56
C PHE D 1164 33.00 -46.34 -2.20
N TRP D 1165 33.02 -47.16 -3.25
CA TRP D 1165 31.79 -47.50 -3.95
C TRP D 1165 30.82 -48.22 -3.02
N VAL D 1166 31.32 -49.15 -2.22
CA VAL D 1166 30.44 -49.93 -1.35
C VAL D 1166 29.78 -49.03 -0.33
N TRP D 1167 30.56 -48.13 0.30
CA TRP D 1167 29.98 -47.24 1.29
C TRP D 1167 28.97 -46.29 0.65
N SER D 1168 29.32 -45.73 -0.50
CA SER D 1168 28.42 -44.78 -1.16
C SER D 1168 27.13 -45.46 -1.59
N TYR D 1169 27.22 -46.73 -1.99
CA TYR D 1169 26.01 -47.47 -2.30
C TYR D 1169 25.17 -47.67 -1.06
N ASN D 1170 25.75 -48.22 0.00
CA ASN D 1170 24.98 -48.53 1.19
C ASN D 1170 24.45 -47.29 1.89
N ASN D 1171 24.92 -46.09 1.53
CA ASN D 1171 24.39 -44.88 2.13
C ASN D 1171 23.22 -44.26 1.37
N THR D 1172 23.20 -44.36 0.04
CA THR D 1172 22.13 -43.79 -0.77
C THR D 1172 21.10 -44.84 -1.18
N GLN D 1173 20.80 -45.79 -0.30
CA GLN D 1173 20.04 -46.97 -0.70
C GLN D 1173 18.63 -46.63 -1.18
N THR D 1174 17.99 -45.66 -0.53
CA THR D 1174 16.57 -45.39 -0.75
C THR D 1174 16.31 -44.36 -1.83
N ASN D 1175 17.17 -43.37 -1.98
CA ASN D 1175 16.96 -42.30 -2.94
C ASN D 1175 17.22 -42.78 -4.37
N ALA D 1176 16.67 -42.05 -5.34
CA ALA D 1176 16.85 -42.41 -6.74
C ALA D 1176 18.28 -42.15 -7.20
N PHE D 1177 19.00 -41.26 -6.52
CA PHE D 1177 20.41 -41.03 -6.78
C PHE D 1177 21.21 -42.32 -6.77
N ASN D 1178 20.74 -43.33 -6.01
CA ASN D 1178 21.39 -44.63 -5.99
C ASN D 1178 21.63 -45.18 -7.39
N GLN D 1179 20.68 -44.98 -8.30
CA GLN D 1179 20.82 -45.54 -9.63
C GLN D 1179 22.08 -45.04 -10.32
N ASN D 1180 22.48 -43.79 -10.03
CA ASN D 1180 23.69 -43.25 -10.61
C ASN D 1180 24.92 -44.10 -10.29
N LEU D 1181 24.96 -44.73 -9.12
CA LEU D 1181 26.10 -45.55 -8.77
C LEU D 1181 26.14 -46.85 -9.56
N TRP D 1182 24.99 -47.32 -10.04
CA TRP D 1182 24.95 -48.62 -10.68
C TRP D 1182 25.86 -48.68 -11.90
N TRP D 1183 26.02 -47.54 -12.58
CA TRP D 1183 26.85 -47.49 -13.76
C TRP D 1183 28.32 -47.26 -13.45
N LEU D 1184 28.75 -47.54 -12.22
CA LEU D 1184 30.16 -47.47 -11.86
C LEU D 1184 30.77 -48.85 -11.66
N LEU D 1185 30.28 -49.86 -12.35
CA LEU D 1185 30.91 -51.16 -12.15
C LEU D 1185 31.54 -51.66 -13.44
N PRO D 1186 32.66 -52.39 -13.35
CA PRO D 1186 33.36 -52.97 -14.51
C PRO D 1186 32.65 -54.19 -15.08
N SER D 1219 22.09 -55.06 -33.04
CA SER D 1219 20.76 -55.22 -32.49
C SER D 1219 20.37 -54.04 -31.60
N ILE D 1220 20.86 -54.03 -30.37
CA ILE D 1220 20.47 -53.01 -29.40
C ILE D 1220 21.72 -52.22 -28.99
N PRO D 1221 21.57 -50.99 -28.51
CA PRO D 1221 22.74 -50.21 -28.10
C PRO D 1221 23.43 -50.82 -26.88
N THR D 1222 24.42 -50.09 -26.37
CA THR D 1222 25.23 -50.60 -25.27
C THR D 1222 24.64 -50.27 -23.91
N ALA D 1223 23.94 -49.13 -23.78
CA ALA D 1223 23.29 -48.81 -22.52
C ALA D 1223 22.26 -49.86 -22.16
N SER D 1224 21.52 -50.36 -23.15
CA SER D 1224 20.59 -51.44 -22.90
C SER D 1224 21.31 -52.66 -22.35
N LYS D 1225 22.49 -52.96 -22.89
CA LYS D 1225 23.23 -54.12 -22.41
C LYS D 1225 23.71 -53.93 -20.98
N ASN D 1226 24.15 -52.72 -20.63
CA ASN D 1226 24.53 -52.45 -19.25
C ASN D 1226 23.35 -52.63 -18.31
N GLN D 1227 22.19 -52.09 -18.67
CA GLN D 1227 21.01 -52.22 -17.83
C GLN D 1227 20.63 -53.67 -17.66
N ILE D 1228 20.66 -54.44 -18.74
CA ILE D 1228 20.32 -55.85 -18.67
C ILE D 1228 21.30 -56.59 -17.76
N ALA D 1229 22.58 -56.24 -17.84
CA ALA D 1229 23.56 -56.86 -16.96
C ALA D 1229 23.27 -56.57 -15.51
N LEU D 1230 22.84 -55.35 -15.19
CA LEU D 1230 22.53 -55.04 -13.80
C LEU D 1230 21.30 -55.79 -13.30
N ILE D 1231 20.28 -55.92 -14.15
CA ILE D 1231 19.11 -56.68 -13.74
C ILE D 1231 19.47 -58.15 -13.53
N ARG D 1232 20.33 -58.70 -14.39
CA ARG D 1232 20.78 -60.08 -14.22
C ARG D 1232 21.55 -60.23 -12.93
N LEU D 1233 22.33 -59.21 -12.56
CA LEU D 1233 23.04 -59.24 -11.30
C LEU D 1233 22.08 -59.34 -10.14
N ASN D 1234 21.03 -58.53 -10.15
CA ASN D 1234 20.05 -58.56 -9.06
C ASN D 1234 19.33 -59.91 -8.99
N TRP D 1235 18.86 -60.40 -10.14
CA TRP D 1235 18.18 -61.69 -10.17
C TRP D 1235 19.07 -62.78 -9.61
N ALA D 1236 20.34 -62.81 -10.02
CA ALA D 1236 21.27 -63.82 -9.54
C ALA D 1236 21.51 -63.71 -8.05
N LEU D 1237 21.68 -62.50 -7.53
CA LEU D 1237 21.88 -62.37 -6.09
C LEU D 1237 20.65 -62.79 -5.31
N ASN D 1238 19.46 -62.66 -5.90
CA ASN D 1238 18.28 -63.16 -5.21
C ASN D 1238 18.19 -64.67 -5.25
N LYS D 1239 18.63 -65.28 -6.35
CA LYS D 1239 18.43 -66.71 -6.54
C LYS D 1239 19.26 -67.58 -5.61
N THR D 1240 20.04 -67.01 -4.69
CA THR D 1240 20.92 -67.80 -3.85
C THR D 1240 20.29 -68.19 -2.52
N ASN D 1241 19.05 -67.80 -2.26
CA ASN D 1241 18.32 -68.24 -1.07
C ASN D 1241 19.04 -67.85 0.21
N ILE D 1242 19.49 -66.61 0.30
CA ILE D 1242 20.10 -66.11 1.53
C ILE D 1242 19.37 -64.91 2.09
N ASN D 1243 18.27 -64.48 1.48
CA ASN D 1243 17.62 -63.26 1.89
C ASN D 1243 16.68 -63.43 3.08
N THR D 1244 16.18 -64.63 3.32
CA THR D 1244 15.29 -64.85 4.45
C THR D 1244 16.02 -64.97 5.77
N PHE D 1245 17.34 -65.10 5.75
CA PHE D 1245 18.06 -65.33 7.00
C PHE D 1245 18.15 -64.04 7.82
N THR D 1246 17.54 -64.07 9.00
CA THR D 1246 17.67 -63.02 9.98
C THR D 1246 18.04 -63.67 11.32
N ASP D 1247 19.15 -63.25 11.89
CA ASP D 1247 19.66 -63.92 13.09
C ASP D 1247 18.79 -63.68 14.31
N TYR D 1248 17.93 -62.66 14.29
CA TYR D 1248 17.02 -62.41 15.40
C TYR D 1248 15.70 -63.15 15.23
N SER D 1249 15.64 -64.13 14.35
CA SER D 1249 14.43 -64.87 14.08
C SER D 1249 13.98 -65.66 15.31
N LYS D 1250 12.82 -66.30 15.20
CA LYS D 1250 12.39 -67.27 16.19
C LYS D 1250 12.82 -68.68 15.79
N ARG D 1251 12.79 -68.98 14.50
CA ARG D 1251 13.34 -70.24 14.02
C ARG D 1251 14.82 -70.33 14.34
N ASN D 1252 15.48 -69.19 14.54
CA ASN D 1252 16.88 -69.22 14.93
C ASN D 1252 17.04 -69.36 16.43
N ASN D 1253 16.22 -68.66 17.21
CA ASN D 1253 16.34 -68.74 18.67
C ASN D 1253 15.75 -70.03 19.22
N LEU D 1254 15.13 -70.84 18.37
CA LEU D 1254 14.67 -72.15 18.84
C LEU D 1254 15.82 -73.13 18.96
N TRP D 1255 16.85 -72.99 18.13
CA TRP D 1255 17.95 -73.94 18.12
C TRP D 1255 19.20 -73.42 18.80
N THR D 1256 19.29 -72.12 19.05
CA THR D 1256 20.43 -71.58 19.78
C THR D 1256 20.07 -71.15 21.19
N THR D 1257 19.06 -71.77 21.80
CA THR D 1257 18.75 -71.50 23.20
C THR D 1257 19.68 -72.22 24.15
N GLN D 1258 19.97 -73.50 23.90
CA GLN D 1258 20.87 -74.25 24.76
C GLN D 1258 22.27 -73.66 24.73
N LYS D 1259 22.69 -73.14 23.57
CA LYS D 1259 24.03 -72.57 23.47
C LYS D 1259 24.18 -71.39 24.42
N LEU D 1260 23.21 -70.48 24.42
CA LEU D 1260 23.27 -69.33 25.30
C LEU D 1260 23.10 -69.76 26.76
N ARG D 1261 22.23 -70.74 27.01
CA ARG D 1261 22.05 -71.20 28.39
C ARG D 1261 23.34 -71.75 28.96
N ASN D 1262 24.06 -72.55 28.15
CA ASN D 1262 25.31 -73.13 28.63
C ASN D 1262 26.43 -72.10 28.61
N GLN D 1263 26.29 -71.04 27.81
CA GLN D 1263 27.24 -69.93 27.91
C GLN D 1263 27.06 -69.16 29.20
N SER D 1264 25.81 -69.09 29.67
CA SER D 1264 25.53 -68.36 30.92
C SER D 1264 25.85 -69.20 32.14
N LYS D 1265 25.62 -70.53 32.06
CA LYS D 1265 25.92 -71.37 33.20
C LYS D 1265 27.39 -71.79 33.22
N ASN D 1266 28.07 -71.71 32.08
CA ASN D 1266 29.51 -71.89 32.05
C ASN D 1266 30.25 -70.66 32.56
N ASN D 1267 29.57 -69.52 32.61
CA ASN D 1267 30.15 -68.29 33.13
C ASN D 1267 30.10 -68.27 34.65
N ASN D 1290 1.26 -73.16 40.80
CA ASN D 1290 1.97 -74.27 40.18
C ASN D 1290 3.07 -73.77 39.25
N ILE D 1291 4.29 -74.29 39.44
CA ILE D 1291 5.40 -73.91 38.57
C ILE D 1291 5.87 -75.11 37.77
N PHE D 1292 5.82 -76.30 38.37
CA PHE D 1292 6.29 -77.51 37.70
C PHE D 1292 5.58 -77.72 36.36
N SER D 1293 4.24 -77.67 36.37
CA SER D 1293 3.50 -77.84 35.13
C SER D 1293 3.83 -76.72 34.15
N LYS D 1294 4.04 -75.51 34.65
CA LYS D 1294 4.42 -74.42 33.77
C LYS D 1294 5.71 -74.73 33.01
N LYS D 1295 6.72 -75.20 33.72
CA LYS D 1295 8.01 -75.45 33.09
C LYS D 1295 7.92 -76.61 32.10
N ILE D 1296 7.20 -77.68 32.48
CA ILE D 1296 7.12 -78.81 31.57
C ILE D 1296 6.30 -78.44 30.32
N ILE D 1297 5.28 -77.61 30.49
CA ILE D 1297 4.48 -77.18 29.35
C ILE D 1297 5.31 -76.29 28.43
N SER D 1298 6.13 -75.41 29.00
CA SER D 1298 6.98 -74.57 28.16
C SER D 1298 7.98 -75.41 27.37
N LYS D 1299 8.57 -76.41 28.01
CA LYS D 1299 9.50 -77.29 27.31
C LYS D 1299 8.81 -78.01 26.16
N VAL D 1300 7.63 -78.58 26.41
CA VAL D 1300 6.97 -79.32 25.34
C VAL D 1300 6.50 -78.37 24.24
N LYS D 1301 6.18 -77.12 24.57
CA LYS D 1301 5.79 -76.18 23.52
C LYS D 1301 6.97 -75.88 22.61
N GLN D 1302 8.13 -75.59 23.18
CA GLN D 1302 9.30 -75.38 22.33
C GLN D 1302 9.60 -76.60 21.48
N LYS D 1303 9.41 -77.80 22.04
CA LYS D 1303 9.67 -79.00 21.26
C LYS D 1303 8.68 -79.13 20.10
N LYS D 1304 7.40 -78.79 20.34
CA LYS D 1304 6.42 -78.81 19.27
C LYS D 1304 6.80 -77.84 18.16
N GLN D 1305 7.21 -76.62 18.53
CA GLN D 1305 7.61 -75.65 17.52
C GLN D 1305 8.77 -76.19 16.69
N LYS D 1306 9.77 -76.77 17.34
CA LYS D 1306 10.86 -77.40 16.61
C LYS D 1306 10.33 -78.42 15.61
N LEU D 1307 9.50 -79.35 16.09
CA LEU D 1307 9.00 -80.40 15.22
C LEU D 1307 8.30 -79.83 14.01
N ASN D 1308 7.48 -78.80 14.22
CA ASN D 1308 6.73 -78.23 13.11
C ASN D 1308 7.65 -77.55 12.11
N TYR D 1309 8.68 -76.85 12.59
CA TYR D 1309 9.66 -76.28 11.66
C TYR D 1309 10.43 -77.37 10.94
N MET D 1310 10.43 -78.59 11.47
CA MET D 1310 11.29 -79.63 10.95
C MET D 1310 10.58 -80.61 10.02
N THR D 1311 9.37 -81.06 10.34
CA THR D 1311 8.72 -82.07 9.53
C THR D 1311 7.21 -82.01 9.76
N SER D 1312 6.51 -83.07 9.35
CA SER D 1312 5.05 -83.11 9.32
C SER D 1312 4.51 -83.30 10.73
N TYR D 1313 4.33 -82.18 11.44
CA TYR D 1313 3.58 -82.15 12.68
C TYR D 1313 2.25 -81.46 12.42
N LEU D 1314 1.18 -81.98 13.06
CA LEU D 1314 -0.16 -81.72 12.55
C LEU D 1314 -1.07 -80.90 13.47
N ASN D 1315 -0.54 -80.20 14.46
CA ASN D 1315 -1.34 -79.13 15.05
C ASN D 1315 -0.50 -78.04 15.70
N VAL D 1316 -0.10 -77.03 14.93
CA VAL D 1316 0.67 -75.90 15.45
C VAL D 1316 0.65 -74.79 14.41
N GLN D 1317 0.97 -73.57 14.85
CA GLN D 1317 1.09 -72.43 13.92
C GLN D 1317 2.45 -71.77 14.11
N SER D 1318 3.25 -71.67 13.06
CA SER D 1318 4.61 -71.06 13.16
C SER D 1318 4.51 -69.54 13.25
N GLU D 1319 5.58 -68.86 13.69
CA GLU D 1319 5.58 -67.37 13.69
C GLU D 1319 6.44 -66.92 12.51
N HIS D 1320 6.10 -65.78 11.90
CA HIS D 1320 6.84 -65.31 10.69
C HIS D 1320 7.78 -64.19 11.11
N ASN D 1321 8.75 -63.86 10.27
CA ASN D 1321 9.77 -62.87 10.67
C ASN D 1321 9.88 -61.74 9.65
N VAL D 1322 10.35 -60.57 10.08
CA VAL D 1322 10.61 -59.48 9.15
C VAL D 1322 11.77 -59.86 8.25
N LYS D 1323 11.63 -59.57 6.95
CA LYS D 1323 12.68 -59.83 5.98
C LYS D 1323 13.45 -58.54 5.71
N ILE D 1324 14.70 -58.49 6.16
CA ILE D 1324 15.52 -57.31 5.92
C ILE D 1324 16.76 -57.70 5.13
N PHE D 1325 16.62 -57.73 3.81
CA PHE D 1325 17.71 -58.02 2.90
C PHE D 1325 17.31 -57.57 1.50
N HIS D 1326 17.85 -58.23 0.47
CA HIS D 1326 17.57 -57.84 -0.90
C HIS D 1326 16.09 -58.03 -1.14
N ASN D 1327 15.28 -57.20 -0.48
CA ASN D 1327 13.80 -57.40 -0.52
C ASN D 1327 13.27 -56.79 -1.81
N SER D 1328 12.30 -57.45 -2.45
CA SER D 1328 11.69 -56.94 -3.70
C SER D 1328 12.60 -57.20 -4.90
N TRP D 1329 13.78 -56.63 -5.00
CA TRP D 1329 14.68 -56.97 -6.13
C TRP D 1329 14.13 -56.47 -7.46
N TRP D 1330 12.81 -56.42 -7.67
CA TRP D 1330 12.26 -56.08 -9.00
C TRP D 1330 11.94 -54.60 -9.06
N THR D 1331 12.34 -53.82 -8.07
CA THR D 1331 11.98 -52.39 -8.01
C THR D 1331 13.20 -51.52 -8.15
N HIS D 1332 14.39 -52.06 -7.88
CA HIS D 1332 15.64 -51.34 -8.00
C HIS D 1332 15.89 -50.85 -9.42
N LEU D 1333 15.06 -51.23 -10.37
CA LEU D 1333 15.38 -51.09 -11.78
C LEU D 1333 14.23 -50.42 -12.51
N ASN D 1334 14.57 -49.50 -13.40
CA ASN D 1334 13.58 -48.92 -14.31
C ASN D 1334 13.74 -49.61 -15.66
N ILE D 1335 12.78 -50.45 -16.01
CA ILE D 1335 12.82 -51.23 -17.23
C ILE D 1335 11.70 -50.86 -18.17
N LYS D 1336 11.06 -49.71 -17.96
CA LYS D 1336 9.97 -49.31 -18.83
C LYS D 1336 10.42 -49.11 -20.26
N ASN D 1337 11.68 -48.71 -20.46
CA ASN D 1337 12.15 -48.37 -21.80
C ASN D 1337 12.57 -49.60 -22.59
N LEU D 1338 12.79 -50.72 -21.91
CA LEU D 1338 13.19 -51.93 -22.63
C LEU D 1338 11.98 -52.69 -23.15
N VAL D 1339 10.92 -52.76 -22.35
CA VAL D 1339 9.80 -53.63 -22.68
C VAL D 1339 8.94 -53.03 -23.78
N ASN D 1340 8.92 -51.70 -23.93
CA ASN D 1340 8.12 -51.08 -24.98
C ASN D 1340 8.92 -50.85 -26.25
N ASN D 1341 10.16 -51.34 -26.31
CA ASN D 1341 10.98 -51.30 -27.53
C ASN D 1341 11.22 -49.87 -28.01
N GLN D 1342 11.50 -48.97 -27.08
CA GLN D 1342 11.77 -47.58 -27.44
C GLN D 1342 13.21 -47.38 -27.90
N ASP D 1343 13.89 -48.44 -28.32
CA ASP D 1343 15.29 -48.35 -28.72
C ASP D 1343 15.58 -49.23 -29.93
N SER D 1360 -3.04 -41.08 -25.26
CA SER D 1360 -3.77 -40.46 -24.16
C SER D 1360 -4.74 -39.42 -24.68
N GLU D 1361 -5.36 -39.71 -25.81
CA GLU D 1361 -6.32 -38.82 -26.44
C GLU D 1361 -7.74 -39.24 -26.13
N PHE D 1362 -7.97 -40.55 -26.07
CA PHE D 1362 -9.27 -41.05 -25.64
C PHE D 1362 -9.64 -40.47 -24.28
N ILE D 1363 -8.65 -40.19 -23.43
CA ILE D 1363 -8.90 -39.67 -22.09
C ILE D 1363 -9.65 -38.35 -22.16
N ASN D 1364 -8.99 -37.33 -22.72
CA ASN D 1364 -9.58 -36.00 -22.72
C ASN D 1364 -10.83 -35.97 -23.60
N SER D 1365 -10.78 -36.65 -24.74
CA SER D 1365 -11.96 -36.73 -25.58
C SER D 1365 -13.16 -37.23 -24.78
N ALA D 1366 -12.99 -38.31 -24.02
CA ALA D 1366 -14.11 -38.89 -23.31
C ALA D 1366 -14.59 -37.99 -22.20
N ILE D 1367 -13.67 -37.40 -21.44
CA ILE D 1367 -14.07 -36.50 -20.35
C ILE D 1367 -14.96 -35.39 -20.90
N ILE D 1368 -14.46 -34.67 -21.90
CA ILE D 1368 -15.17 -33.50 -22.37
C ILE D 1368 -16.48 -33.90 -23.04
N LYS D 1369 -16.46 -34.97 -23.83
CA LYS D 1369 -17.70 -35.40 -24.47
C LYS D 1369 -18.73 -35.81 -23.44
N SER D 1370 -18.31 -36.38 -22.32
CA SER D 1370 -19.30 -36.78 -21.32
C SER D 1370 -19.94 -35.57 -20.67
N ILE D 1371 -19.13 -34.59 -20.30
CA ILE D 1371 -19.79 -33.43 -19.67
C ILE D 1371 -20.58 -32.63 -20.70
N ASN D 1372 -20.27 -32.76 -21.98
CA ASN D 1372 -21.12 -32.16 -23.00
C ASN D 1372 -22.45 -32.91 -23.10
N ASN D 1373 -22.38 -34.24 -23.20
CA ASN D 1373 -23.57 -35.05 -23.43
C ASN D 1373 -24.54 -34.99 -22.28
N LYS D 1374 -24.06 -35.04 -21.04
CA LYS D 1374 -25.03 -35.18 -19.96
C LYS D 1374 -25.80 -33.88 -19.74
N THR D 1375 -25.15 -32.85 -19.22
CA THR D 1375 -25.86 -31.61 -18.92
C THR D 1375 -25.67 -30.60 -20.05
N SER D 1385 -28.20 -21.72 -25.42
CA SER D 1385 -28.27 -21.85 -23.97
C SER D 1385 -26.98 -21.39 -23.31
N SER D 1386 -25.86 -21.91 -23.81
CA SER D 1386 -24.53 -21.68 -23.22
C SER D 1386 -24.45 -22.26 -21.81
N GLU D 1387 -24.67 -23.56 -21.69
CA GLU D 1387 -24.42 -24.27 -20.46
C GLU D 1387 -23.19 -25.16 -20.55
N LYS D 1388 -22.92 -25.69 -21.75
CA LYS D 1388 -21.70 -26.46 -21.96
C LYS D 1388 -20.48 -25.61 -21.70
N GLU D 1389 -20.53 -24.32 -22.05
CA GLU D 1389 -19.39 -23.46 -21.80
C GLU D 1389 -19.19 -23.20 -20.33
N THR D 1390 -20.27 -22.97 -19.59
CA THR D 1390 -20.15 -22.84 -18.14
C THR D 1390 -19.54 -24.09 -17.53
N MET D 1391 -20.01 -25.27 -17.94
CA MET D 1391 -19.48 -26.49 -17.36
C MET D 1391 -18.01 -26.69 -17.71
N GLN D 1392 -17.62 -26.37 -18.94
CA GLN D 1392 -16.23 -26.56 -19.33
C GLN D 1392 -15.31 -25.61 -18.59
N LEU D 1393 -15.72 -24.35 -18.44
CA LEU D 1393 -14.91 -23.41 -17.69
C LEU D 1393 -14.80 -23.82 -16.23
N LEU D 1394 -15.89 -24.33 -15.65
CA LEU D 1394 -15.83 -24.82 -14.27
C LEU D 1394 -14.85 -25.96 -14.15
N LEU D 1395 -14.87 -26.88 -15.11
CA LEU D 1395 -13.96 -28.02 -15.09
C LEU D 1395 -12.50 -27.56 -15.11
N MET D 1396 -12.14 -26.75 -16.11
CA MET D 1396 -10.75 -26.31 -16.22
C MET D 1396 -10.31 -25.53 -14.99
N SER D 1397 -11.15 -24.62 -14.52
CA SER D 1397 -10.79 -23.82 -13.36
C SER D 1397 -10.54 -24.68 -12.14
N SER D 1398 -11.43 -25.62 -11.84
CA SER D 1398 -11.26 -26.42 -10.64
C SER D 1398 -10.04 -27.32 -10.74
N SER D 1399 -9.72 -27.80 -11.95
CA SER D 1399 -8.51 -28.62 -12.09
C SER D 1399 -7.24 -27.83 -11.78
N ILE D 1400 -7.11 -26.66 -12.39
CA ILE D 1400 -5.90 -25.86 -12.14
C ILE D 1400 -5.81 -25.49 -10.67
N LEU D 1401 -6.94 -25.17 -10.05
CA LEU D 1401 -6.91 -24.82 -8.64
C LEU D 1401 -6.51 -26.00 -7.78
N LEU D 1402 -6.92 -27.20 -8.14
CA LEU D 1402 -6.50 -28.37 -7.37
C LEU D 1402 -4.99 -28.51 -7.39
N HIS D 1403 -4.39 -28.39 -8.57
CA HIS D 1403 -2.93 -28.55 -8.64
C HIS D 1403 -2.23 -27.47 -7.84
N LEU D 1404 -2.69 -26.22 -7.94
CA LEU D 1404 -2.03 -25.15 -7.21
C LEU D 1404 -2.16 -25.32 -5.70
N CYS D 1405 -3.35 -25.68 -5.22
CA CYS D 1405 -3.53 -25.88 -3.79
C CYS D 1405 -2.63 -27.01 -3.30
N ALA D 1406 -2.52 -28.09 -4.07
CA ALA D 1406 -1.64 -29.18 -3.67
C ALA D 1406 -0.21 -28.70 -3.48
N ILE D 1407 0.30 -27.98 -4.48
CA ILE D 1407 1.68 -27.50 -4.40
C ILE D 1407 1.89 -26.60 -3.18
N ILE D 1408 1.01 -25.62 -2.99
CA ILE D 1408 1.21 -24.69 -1.89
C ILE D 1408 1.15 -25.40 -0.55
N SER D 1409 0.14 -26.23 -0.35
CA SER D 1409 0.04 -26.96 0.91
C SER D 1409 1.28 -27.80 1.17
N LEU D 1410 1.83 -28.44 0.13
CA LEU D 1410 3.06 -29.18 0.33
C LEU D 1410 4.17 -28.27 0.80
N VAL D 1411 4.38 -27.15 0.11
CA VAL D 1411 5.53 -26.32 0.39
C VAL D 1411 5.37 -25.58 1.71
N SER D 1412 4.22 -25.70 2.35
CA SER D 1412 3.99 -25.05 3.63
C SER D 1412 4.45 -25.87 4.84
N ILE D 1413 5.22 -26.93 4.66
CA ILE D 1413 5.77 -27.68 5.78
C ILE D 1413 7.24 -27.30 5.94
N SER D 1414 7.67 -27.07 7.19
CA SER D 1414 8.98 -26.47 7.43
C SER D 1414 10.10 -27.31 6.85
N GLN D 1415 10.06 -28.63 7.09
CA GLN D 1415 11.13 -29.48 6.59
C GLN D 1415 11.21 -29.47 5.08
N VAL D 1416 10.08 -29.30 4.40
CA VAL D 1416 10.13 -29.19 2.94
C VAL D 1416 10.83 -27.91 2.53
N ARG D 1417 10.72 -26.86 3.32
CA ARG D 1417 11.46 -25.65 3.02
C ARG D 1417 12.94 -25.84 3.26
N CYS D 1418 13.33 -26.60 4.29
CA CYS D 1418 14.75 -26.92 4.43
C CYS D 1418 15.26 -27.71 3.22
N PHE D 1419 14.48 -28.67 2.76
CA PHE D 1419 14.84 -29.43 1.56
C PHE D 1419 15.05 -28.50 0.37
N VAL D 1420 14.12 -27.58 0.17
CA VAL D 1420 14.22 -26.65 -0.95
C VAL D 1420 15.47 -25.78 -0.83
N LYS D 1421 15.75 -25.29 0.38
CA LYS D 1421 16.91 -24.42 0.58
C LYS D 1421 18.22 -25.16 0.28
N PHE D 1422 18.35 -26.37 0.81
CA PHE D 1422 19.54 -27.17 0.56
C PHE D 1422 19.74 -27.38 -0.94
N HIS D 1423 18.67 -27.74 -1.65
CA HIS D 1423 18.78 -27.93 -3.09
C HIS D 1423 19.18 -26.64 -3.79
N LEU D 1424 18.64 -25.51 -3.33
CA LEU D 1424 18.95 -24.24 -3.98
C LEU D 1424 20.43 -23.92 -3.89
N ILE D 1425 21.02 -24.08 -2.70
CA ILE D 1425 22.43 -23.71 -2.58
C ILE D 1425 23.31 -24.70 -3.35
N LEU D 1426 22.96 -25.99 -3.35
CA LEU D 1426 23.75 -26.93 -4.13
C LEU D 1426 23.73 -26.57 -5.61
N LEU D 1427 22.54 -26.30 -6.14
CA LEU D 1427 22.42 -25.95 -7.55
C LEU D 1427 23.15 -24.65 -7.85
N TYR D 1428 23.15 -23.69 -6.92
CA TYR D 1428 23.84 -22.44 -7.19
C TYR D 1428 25.35 -22.67 -7.30
N LYS D 1429 25.91 -23.51 -6.43
CA LYS D 1429 27.34 -23.79 -6.54
C LYS D 1429 27.68 -24.51 -7.85
N LEU D 1430 26.83 -25.45 -8.26
CA LEU D 1430 27.09 -26.12 -9.54
C LEU D 1430 27.00 -25.15 -10.71
N SER D 1431 26.05 -24.21 -10.67
CA SER D 1431 25.97 -23.21 -11.71
C SER D 1431 27.21 -22.33 -11.72
N ASN D 1432 27.70 -21.98 -10.54
CA ASN D 1432 28.93 -21.20 -10.45
C ASN D 1432 30.07 -21.91 -11.16
N VAL D 1433 30.25 -23.19 -10.85
CA VAL D 1433 31.32 -23.97 -11.50
C VAL D 1433 31.17 -23.96 -13.01
N TYR D 1434 29.99 -24.33 -13.51
CA TYR D 1434 29.81 -24.46 -14.95
C TYR D 1434 29.99 -23.12 -15.65
N ASN D 1435 29.45 -22.05 -15.06
CA ASN D 1435 29.55 -20.74 -15.65
C ASN D 1435 30.99 -20.25 -15.67
N ALA D 1436 31.75 -20.52 -14.60
CA ALA D 1436 33.16 -20.13 -14.58
C ALA D 1436 33.92 -20.84 -15.69
N ILE D 1437 33.68 -22.14 -15.85
CA ILE D 1437 34.37 -22.89 -16.89
C ILE D 1437 34.06 -22.29 -18.27
N LEU D 1438 32.78 -22.09 -18.58
CA LEU D 1438 32.43 -21.59 -19.90
C LEU D 1438 32.96 -20.17 -20.11
N ASN D 1439 32.89 -19.34 -19.07
CA ASN D 1439 33.35 -17.96 -19.20
C ASN D 1439 34.84 -17.92 -19.49
N GLN D 1440 35.64 -18.69 -18.74
CA GLN D 1440 37.08 -18.65 -18.94
C GLN D 1440 37.47 -19.21 -20.30
N LEU D 1441 36.87 -20.33 -20.71
CA LEU D 1441 37.27 -20.93 -21.97
C LEU D 1441 36.78 -20.10 -23.17
N SER D 1442 35.62 -19.45 -23.03
CA SER D 1442 35.15 -18.56 -24.09
C SER D 1442 35.99 -17.29 -24.15
N ASN D 1443 36.47 -16.81 -23.00
CA ASN D 1443 37.44 -15.73 -22.99
C ASN D 1443 38.70 -16.12 -23.74
N LYS D 1444 39.20 -17.34 -23.54
CA LYS D 1444 40.37 -17.82 -24.27
C LYS D 1444 40.11 -17.84 -25.77
N LEU D 1445 39.00 -18.46 -26.19
CA LEU D 1445 38.78 -18.61 -27.63
C LEU D 1445 38.24 -17.34 -28.29
N GLN D 1446 37.82 -16.34 -27.52
CA GLN D 1446 37.54 -15.03 -28.11
C GLN D 1446 38.82 -14.21 -28.21
N LYS D 1447 39.76 -14.42 -27.28
CA LYS D 1447 41.13 -13.97 -27.51
C LYS D 1447 41.70 -14.62 -28.78
N ASN D 1448 41.26 -15.84 -29.07
CA ASN D 1448 41.59 -16.47 -30.35
C ASN D 1448 40.80 -15.83 -31.49
N LEU D 1449 39.47 -15.95 -31.44
CA LEU D 1449 38.60 -15.39 -32.48
C LEU D 1449 37.86 -14.17 -31.99
N GLY D 1662 32.45 -20.87 3.15
CA GLY D 1662 32.02 -21.98 2.33
C GLY D 1662 30.52 -22.18 2.34
N PHE D 1663 30.09 -23.44 2.31
CA PHE D 1663 28.68 -23.77 2.26
C PHE D 1663 27.96 -23.58 3.58
N LEU D 1664 28.68 -23.54 4.70
CA LEU D 1664 28.04 -23.54 6.00
C LEU D 1664 27.48 -22.17 6.36
N VAL D 1665 28.16 -21.10 5.94
CA VAL D 1665 27.65 -19.77 6.25
C VAL D 1665 26.32 -19.53 5.57
N GLU D 1666 26.09 -20.17 4.42
CA GLU D 1666 24.77 -20.14 3.81
C GLU D 1666 23.81 -21.09 4.50
N TRP D 1667 24.25 -22.34 4.69
CA TRP D 1667 23.39 -23.36 5.27
C TRP D 1667 22.95 -23.06 6.69
N SER D 1668 23.55 -22.06 7.35
CA SER D 1668 23.25 -21.79 8.74
C SER D 1668 22.69 -20.40 8.99
N SER D 1669 22.29 -19.69 7.94
CA SER D 1669 21.76 -18.35 8.08
C SER D 1669 20.35 -18.27 7.51
N ASP D 1670 19.74 -17.11 7.68
CA ASP D 1670 18.46 -16.85 7.04
C ASP D 1670 18.66 -16.71 5.53
N PHE D 1671 17.58 -16.90 4.78
CA PHE D 1671 17.75 -16.96 3.33
C PHE D 1671 17.28 -15.70 2.63
N ILE D 1672 16.38 -14.94 3.24
CA ILE D 1672 15.95 -13.69 2.62
C ILE D 1672 16.95 -12.56 2.84
N THR D 1673 17.88 -12.71 3.78
CA THR D 1673 18.92 -11.72 3.97
C THR D 1673 20.16 -12.01 3.15
N ILE D 1674 20.36 -13.25 2.72
CA ILE D 1674 21.46 -13.60 1.83
C ILE D 1674 21.14 -13.25 0.39
N ILE D 1675 19.87 -13.39 0.00
CA ILE D 1675 19.46 -13.16 -1.39
C ILE D 1675 19.09 -11.71 -1.57
N PRO D 1676 19.57 -11.05 -2.63
CA PRO D 1676 19.22 -9.64 -2.83
C PRO D 1676 17.77 -9.47 -3.25
N GLU D 1677 17.33 -8.21 -3.30
CA GLU D 1677 15.99 -7.93 -3.81
C GLU D 1677 15.95 -7.87 -5.31
N ASN D 1678 17.11 -7.75 -5.95
CA ASN D 1678 17.18 -7.67 -7.40
C ASN D 1678 16.52 -8.87 -8.05
N VAL D 1679 16.75 -10.06 -7.50
CA VAL D 1679 16.21 -11.26 -8.12
C VAL D 1679 14.70 -11.33 -7.93
N ASP D 1680 14.19 -10.86 -6.78
CA ASP D 1680 12.75 -10.84 -6.60
C ASP D 1680 12.10 -9.90 -7.59
N ILE D 1681 12.71 -8.74 -7.82
CA ILE D 1681 12.17 -7.81 -8.79
C ILE D 1681 12.21 -8.41 -10.19
N TYR D 1682 13.28 -9.14 -10.51
CA TYR D 1682 13.34 -9.75 -11.84
C TYR D 1682 12.26 -10.80 -12.02
N ILE D 1683 12.07 -11.67 -11.03
CA ILE D 1683 11.04 -12.70 -11.14
C ILE D 1683 9.67 -12.05 -11.28
N TRP D 1684 9.40 -11.04 -10.47
CA TRP D 1684 8.10 -10.38 -10.54
C TRP D 1684 7.88 -9.72 -11.89
N ASN D 1685 8.92 -9.09 -12.44
CA ASN D 1685 8.76 -8.46 -13.75
C ASN D 1685 8.43 -9.48 -14.82
N VAL D 1686 9.16 -10.59 -14.83
CA VAL D 1686 8.91 -11.60 -15.86
C VAL D 1686 7.50 -12.16 -15.74
N PHE D 1687 7.08 -12.48 -14.51
CA PHE D 1687 5.73 -13.01 -14.30
C PHE D 1687 4.67 -12.02 -14.74
N SER D 1688 4.78 -10.78 -14.28
CA SER D 1688 3.85 -9.73 -14.68
C SER D 1688 3.74 -9.64 -16.19
N LYS D 1689 4.88 -9.60 -16.89
CA LYS D 1689 4.83 -9.48 -18.34
C LYS D 1689 4.21 -10.70 -18.99
N ILE D 1690 4.38 -11.87 -18.40
CA ILE D 1690 3.80 -13.06 -19.01
C ILE D 1690 2.28 -13.01 -18.94
N TYR D 1691 1.73 -12.68 -17.78
CA TYR D 1691 0.31 -12.88 -17.55
C TYR D 1691 -0.53 -11.62 -17.71
N ARG D 1692 -0.04 -10.61 -18.41
CA ARG D 1692 -0.75 -9.34 -18.46
C ARG D 1692 -1.76 -9.25 -19.59
N THR D 1693 -1.79 -10.23 -20.50
CA THR D 1693 -2.71 -10.20 -21.61
C THR D 1693 -3.93 -11.07 -21.37
N ILE D 1694 -4.15 -11.52 -20.14
CA ILE D 1694 -5.21 -12.46 -19.83
C ILE D 1694 -6.60 -11.83 -19.92
N PRO D 1695 -6.82 -10.60 -19.43
CA PRO D 1695 -8.17 -10.03 -19.56
C PRO D 1695 -8.66 -9.90 -20.99
N LEU D 1696 -7.84 -9.35 -21.88
CA LEU D 1696 -8.27 -9.19 -23.26
C LEU D 1696 -8.44 -10.53 -23.96
N SER D 1697 -7.54 -11.47 -23.69
CA SER D 1697 -7.67 -12.81 -24.26
C SER D 1697 -8.95 -13.49 -23.82
N PHE D 1698 -9.20 -13.52 -22.52
CA PHE D 1698 -10.42 -14.09 -21.97
C PHE D 1698 -11.67 -13.44 -22.57
N ILE D 1699 -11.69 -12.10 -22.60
CA ILE D 1699 -12.86 -11.39 -23.12
C ILE D 1699 -13.10 -11.76 -24.58
N SER D 1700 -12.05 -11.74 -25.39
CA SER D 1700 -12.24 -11.99 -26.82
C SER D 1700 -12.57 -13.45 -27.09
N THR D 1701 -12.16 -14.36 -26.20
CA THR D 1701 -12.55 -15.75 -26.36
C THR D 1701 -14.03 -15.94 -26.07
N THR D 1702 -14.48 -15.51 -24.88
CA THR D 1702 -15.83 -15.85 -24.46
C THR D 1702 -16.91 -15.11 -25.24
N LEU D 1703 -16.56 -14.05 -25.96
CA LEU D 1703 -17.55 -13.29 -26.73
C LEU D 1703 -17.59 -13.78 -28.18
N GLY D 1704 -17.91 -15.06 -28.34
CA GLY D 1704 -18.05 -15.64 -29.67
C GLY D 1704 -16.78 -15.57 -30.50
N GLN D 1728 -31.04 -10.43 -25.90
CA GLN D 1728 -30.61 -10.82 -24.56
C GLN D 1728 -29.22 -11.46 -24.60
N LYS D 1729 -28.47 -11.14 -25.66
CA LYS D 1729 -27.08 -11.57 -25.74
C LYS D 1729 -26.14 -10.57 -25.07
N MET D 1730 -26.64 -9.43 -24.65
CA MET D 1730 -25.83 -8.36 -24.10
C MET D 1730 -26.07 -8.12 -22.61
N VAL D 1731 -26.76 -9.04 -21.94
CA VAL D 1731 -26.83 -9.02 -20.48
C VAL D 1731 -25.62 -9.69 -19.87
N ALA D 1732 -24.74 -10.25 -20.69
CA ALA D 1732 -23.58 -10.99 -20.23
C ALA D 1732 -22.29 -10.20 -20.26
N PHE D 1733 -22.30 -9.00 -20.81
CA PHE D 1733 -21.06 -8.23 -20.89
C PHE D 1733 -20.53 -7.80 -19.52
N PRO D 1734 -21.32 -7.22 -18.62
CA PRO D 1734 -20.76 -6.87 -17.30
C PRO D 1734 -20.18 -8.05 -16.56
N ILE D 1735 -20.78 -9.24 -16.68
CA ILE D 1735 -20.28 -10.37 -15.94
C ILE D 1735 -18.98 -10.87 -16.54
N LEU D 1736 -18.83 -10.79 -17.86
CA LEU D 1736 -17.56 -11.18 -18.45
C LEU D 1736 -16.46 -10.21 -18.06
N LEU D 1737 -16.76 -8.92 -18.01
CA LEU D 1737 -15.78 -7.96 -17.52
C LEU D 1737 -15.38 -8.28 -16.08
N SER D 1738 -16.35 -8.57 -15.22
CA SER D 1738 -16.06 -8.88 -13.83
C SER D 1738 -15.16 -10.09 -13.73
N LEU D 1739 -15.46 -11.13 -14.50
CA LEU D 1739 -14.68 -12.36 -14.43
C LEU D 1739 -13.26 -12.13 -14.91
N SER D 1740 -13.08 -11.35 -15.98
CA SER D 1740 -11.73 -11.05 -16.45
C SER D 1740 -10.91 -10.39 -15.37
N HIS D 1741 -11.47 -9.35 -14.75
CA HIS D 1741 -10.72 -8.63 -13.72
C HIS D 1741 -10.39 -9.55 -12.55
N LEU D 1742 -11.40 -10.26 -12.03
CA LEU D 1742 -11.16 -11.10 -10.87
C LEU D 1742 -10.15 -12.19 -11.16
N LEU D 1743 -10.19 -12.78 -12.36
CA LEU D 1743 -9.26 -13.85 -12.71
C LEU D 1743 -7.83 -13.33 -12.76
N HIS D 1744 -7.62 -12.21 -13.43
CA HIS D 1744 -6.27 -11.65 -13.49
C HIS D 1744 -5.73 -11.37 -12.10
N ARG D 1745 -6.54 -10.74 -11.25
CA ARG D 1745 -6.05 -10.42 -9.91
C ARG D 1745 -5.81 -11.68 -9.10
N ARG D 1746 -6.58 -12.74 -9.33
CA ARG D 1746 -6.34 -13.97 -8.59
C ARG D 1746 -5.01 -14.59 -8.97
N ILE D 1747 -4.64 -14.52 -10.24
CA ILE D 1747 -3.33 -15.05 -10.64
C ILE D 1747 -2.20 -14.29 -9.96
N LEU D 1748 -2.28 -12.96 -9.99
CA LEU D 1748 -1.25 -12.18 -9.30
C LEU D 1748 -1.18 -12.54 -7.82
N TYR D 1749 -2.33 -12.68 -7.17
CA TYR D 1749 -2.31 -12.99 -5.75
C TYR D 1749 -1.80 -14.39 -5.47
N LEU D 1750 -1.97 -15.32 -6.40
CA LEU D 1750 -1.44 -16.66 -6.16
C LEU D 1750 0.09 -16.65 -6.25
N PHE D 1751 0.63 -15.88 -7.19
CA PHE D 1751 2.07 -15.62 -7.13
C PHE D 1751 2.47 -15.08 -5.76
N ASP D 1752 1.71 -14.10 -5.27
CA ASP D 1752 2.05 -13.49 -3.98
C ASP D 1752 2.06 -14.51 -2.85
N THR D 1753 1.04 -15.35 -2.78
CA THR D 1753 0.94 -16.27 -1.64
C THR D 1753 1.98 -17.38 -1.75
N LEU D 1754 2.28 -17.84 -2.96
CA LEU D 1754 3.34 -18.82 -3.08
C LEU D 1754 4.68 -18.22 -2.71
N PHE D 1755 4.89 -16.94 -3.01
CA PHE D 1755 6.14 -16.30 -2.64
C PHE D 1755 6.24 -16.13 -1.14
N SER D 1756 5.16 -15.69 -0.51
CA SER D 1756 5.22 -15.44 0.94
C SER D 1756 5.12 -16.71 1.75
N THR D 1757 4.86 -17.85 1.12
CA THR D 1757 4.88 -19.10 1.86
C THR D 1757 6.27 -19.71 1.90
N ILE D 1758 6.96 -19.77 0.75
CA ILE D 1758 8.25 -20.44 0.71
C ILE D 1758 9.39 -19.58 1.24
N THR D 1759 9.12 -18.37 1.70
CA THR D 1759 10.15 -17.57 2.34
C THR D 1759 9.92 -17.42 3.83
N GLN D 1760 9.21 -18.35 4.45
CA GLN D 1760 9.11 -18.37 5.89
C GLN D 1760 10.33 -19.08 6.47
N PRO D 1761 10.64 -18.83 7.75
CA PRO D 1761 11.79 -19.51 8.36
C PRO D 1761 11.53 -21.01 8.49
N ASP D 1762 12.53 -21.79 8.12
CA ASP D 1762 12.43 -23.24 8.18
C ASP D 1762 12.66 -23.72 9.61
N THR D 1763 12.82 -25.03 9.79
CA THR D 1763 12.85 -25.60 11.13
C THR D 1763 14.00 -25.06 11.97
N ASP D 1764 15.16 -24.87 11.34
CA ASP D 1764 16.32 -24.39 12.08
C ASP D 1764 16.04 -23.05 12.74
N LEU D 1765 15.53 -22.09 11.98
CA LEU D 1765 15.32 -20.75 12.52
C LEU D 1765 14.20 -20.74 13.56
N ILE D 1766 13.16 -21.52 13.34
CA ILE D 1766 12.08 -21.59 14.32
C ILE D 1766 12.59 -22.16 15.65
N ALA D 1767 13.37 -23.23 15.57
CA ALA D 1767 13.94 -23.79 16.79
C ALA D 1767 14.88 -22.81 17.47
N ARG D 1768 15.66 -22.07 16.68
CA ARG D 1768 16.54 -21.07 17.25
C ARG D 1768 15.74 -19.99 17.97
N GLN D 1769 14.63 -19.57 17.38
CA GLN D 1769 13.78 -18.58 18.06
C GLN D 1769 13.26 -19.12 19.38
N GLU D 1770 12.73 -20.35 19.39
CA GLU D 1770 12.19 -20.89 20.62
C GLU D 1770 13.27 -21.00 21.70
N LYS D 1771 14.45 -21.51 21.34
CA LYS D 1771 15.52 -21.65 22.31
C LYS D 1771 16.02 -20.29 22.80
N GLY D 1772 16.07 -19.30 21.91
CA GLY D 1772 16.48 -17.97 22.31
C GLY D 1772 15.50 -17.34 23.28
N THR D 1773 14.20 -17.52 23.07
CA THR D 1773 13.24 -17.00 24.04
C THR D 1773 13.33 -17.74 25.36
N LEU D 1774 13.62 -19.04 25.33
CA LEU D 1774 13.74 -19.77 26.58
C LEU D 1774 14.97 -19.32 27.36
N PHE D 1775 16.06 -19.00 26.65
CA PHE D 1775 17.30 -18.66 27.34
C PHE D 1775 17.39 -17.19 27.69
N TRP D 1776 16.66 -16.32 27.00
CA TRP D 1776 16.84 -14.88 27.13
C TRP D 1776 15.58 -14.15 27.58
N ASP D 1777 14.41 -14.70 27.29
CA ASP D 1777 13.20 -14.01 27.70
C ASP D 1777 12.79 -14.32 29.14
N ILE D 1778 13.31 -15.40 29.72
CA ILE D 1778 13.03 -15.71 31.11
C ILE D 1778 14.32 -15.81 31.90
N TRP D 1779 15.28 -16.57 31.37
CA TRP D 1779 16.46 -16.86 32.16
C TRP D 1779 17.36 -15.63 32.29
N ALA D 1780 17.38 -14.78 31.27
CA ALA D 1780 18.27 -13.62 31.32
C ALA D 1780 17.76 -12.59 32.32
N ASP D 1781 16.50 -12.18 32.21
CA ASP D 1781 16.00 -11.14 33.10
C ASP D 1781 15.90 -11.64 34.54
N PHE D 1782 15.66 -12.94 34.73
CA PHE D 1782 15.62 -13.47 36.09
C PHE D 1782 16.96 -13.35 36.78
N LEU D 1783 18.04 -13.80 36.12
CA LEU D 1783 19.35 -13.67 36.73
C LEU D 1783 19.77 -12.21 36.79
N VAL D 1784 19.21 -11.35 35.93
CA VAL D 1784 19.41 -9.91 36.09
C VAL D 1784 18.84 -9.43 37.41
N THR D 1785 17.61 -9.85 37.73
CA THR D 1785 17.02 -9.51 39.02
C THR D 1785 17.87 -10.04 40.17
N ALA D 1786 18.34 -11.28 40.04
CA ALA D 1786 19.22 -11.85 41.07
C ALA D 1786 20.49 -11.02 41.21
N ALA D 1787 21.09 -10.60 40.10
CA ALA D 1787 22.30 -9.79 40.13
C ALA D 1787 22.06 -8.47 40.86
N ASP D 1788 20.96 -7.78 40.56
CA ASP D 1788 20.73 -6.52 41.25
C ASP D 1788 20.46 -6.75 42.73
N TYR D 1789 19.83 -7.88 43.07
CA TYR D 1789 19.65 -8.23 44.47
C TYR D 1789 20.99 -8.58 45.13
N TYR D 1790 21.99 -8.96 44.34
CA TYR D 1790 23.28 -9.37 44.89
C TYR D 1790 24.41 -8.42 44.57
N ASN D 1791 24.19 -7.43 43.71
CA ASN D 1791 25.22 -6.42 43.48
C ASN D 1791 25.00 -5.25 44.41
N GLU D 1803 36.35 -11.57 35.13
CA GLU D 1803 35.22 -11.24 36.00
C GLU D 1803 34.46 -12.51 36.35
N GLN D 1804 35.05 -13.67 36.01
CA GLN D 1804 34.36 -14.94 36.17
C GLN D 1804 34.07 -15.24 37.65
N ASN D 1805 34.84 -14.64 38.56
CA ASN D 1805 34.61 -14.88 39.98
C ASN D 1805 33.24 -14.42 40.41
N SER D 1806 32.81 -13.24 39.95
CA SER D 1806 31.46 -12.77 40.27
C SER D 1806 30.40 -13.68 39.65
N LEU D 1807 30.69 -14.21 38.46
CA LEU D 1807 29.81 -15.20 37.85
C LEU D 1807 29.58 -16.36 38.80
N ILE D 1808 30.67 -16.99 39.24
CA ILE D 1808 30.55 -18.11 40.16
C ILE D 1808 29.84 -17.68 41.44
N GLU D 1809 30.16 -16.50 41.96
CA GLU D 1809 29.55 -16.03 43.19
C GLU D 1809 28.03 -15.98 43.07
N ASN D 1810 27.53 -15.26 42.06
CA ASN D 1810 26.09 -15.05 42.00
C ASN D 1810 25.36 -16.34 41.62
N ILE D 1811 25.94 -17.15 40.72
CA ILE D 1811 25.26 -18.40 40.39
C ILE D 1811 25.15 -19.27 41.62
N SER D 1812 26.21 -19.34 42.42
CA SER D 1812 26.18 -20.18 43.62
C SER D 1812 25.15 -19.65 44.61
N ASN D 1813 25.15 -18.34 44.84
CA ASN D 1813 24.26 -17.80 45.86
C ASN D 1813 22.79 -17.96 45.47
N ASP D 1814 22.42 -17.52 44.26
CA ASP D 1814 21.03 -17.65 43.87
C ASP D 1814 20.63 -19.09 43.62
N PHE D 1815 21.57 -19.97 43.32
CA PHE D 1815 21.25 -21.39 43.28
C PHE D 1815 20.87 -21.88 44.68
N ASP D 1816 21.66 -21.51 45.69
CA ASP D 1816 21.37 -21.96 47.04
C ASP D 1816 20.01 -21.47 47.54
N ASN D 1817 19.81 -20.14 47.54
CA ASN D 1817 18.61 -19.56 48.22
C ASN D 1817 17.36 -19.45 47.35
N LEU D 1818 17.36 -19.95 46.12
CA LEU D 1818 16.11 -19.92 45.34
C LEU D 1818 15.31 -21.17 45.64
N ASN D 1915 -6.55 -24.83 23.60
CA ASN D 1915 -7.10 -23.65 24.23
C ASN D 1915 -6.77 -22.40 23.45
N LYS D 1916 -7.09 -22.43 22.15
CA LYS D 1916 -6.85 -21.28 21.29
C LYS D 1916 -8.11 -20.47 21.05
N ILE D 1917 -9.27 -21.00 21.46
CA ILE D 1917 -10.55 -20.46 21.05
C ILE D 1917 -11.48 -20.18 22.22
N LYS D 1918 -11.07 -20.51 23.44
CA LYS D 1918 -11.87 -20.28 24.64
C LYS D 1918 -12.12 -18.79 24.91
N PRO D 1919 -11.11 -17.91 24.80
CA PRO D 1919 -11.35 -16.50 25.12
C PRO D 1919 -12.50 -15.86 24.34
N TYR D 1920 -12.72 -16.26 23.10
CA TYR D 1920 -13.81 -15.69 22.33
C TYR D 1920 -15.18 -16.07 22.87
N PHE D 1921 -15.26 -17.11 23.70
CA PHE D 1921 -16.51 -17.45 24.35
C PHE D 1921 -16.59 -16.93 25.78
N GLU D 1922 -15.43 -16.83 26.45
CA GLU D 1922 -15.41 -16.18 27.76
C GLU D 1922 -15.74 -14.71 27.64
N ALA D 1923 -15.45 -14.11 26.48
CA ALA D 1923 -15.81 -12.71 26.29
C ALA D 1923 -17.31 -12.50 26.28
N TYR D 1924 -18.09 -13.58 26.27
CA TYR D 1924 -19.53 -13.47 26.24
C TYR D 1924 -20.20 -14.07 27.48
N PHE D 1925 -19.85 -15.29 27.88
CA PHE D 1925 -20.56 -15.80 29.05
C PHE D 1925 -19.91 -15.39 30.37
N SER D 1926 -19.12 -14.33 30.37
CA SER D 1926 -18.52 -13.81 31.59
C SER D 1926 -19.54 -13.02 32.42
N LEU D 1944 -4.25 -7.20 10.89
CA LEU D 1944 -5.40 -6.62 10.20
C LEU D 1944 -5.07 -6.26 8.76
N ASN D 1945 -3.86 -6.60 8.32
CA ASN D 1945 -3.41 -6.28 6.96
C ASN D 1945 -3.46 -4.77 6.73
N ARG D 1946 -2.56 -4.09 7.40
CA ARG D 1946 -2.35 -2.66 7.25
C ARG D 1946 -2.31 -2.23 5.78
N TRP D 1947 -1.86 -3.10 4.89
CA TRP D 1947 -1.76 -2.75 3.48
C TRP D 1947 -3.11 -2.59 2.79
N SER D 1948 -4.20 -2.79 3.49
CA SER D 1948 -5.51 -2.66 2.87
C SER D 1948 -6.02 -1.24 2.88
N VAL D 1949 -5.55 -0.40 3.80
CA VAL D 1949 -6.09 0.94 3.94
C VAL D 1949 -4.98 1.97 4.01
N ASN D 1950 -3.74 1.53 4.04
CA ASN D 1950 -2.61 2.42 4.24
C ASN D 1950 -1.42 1.86 3.47
N GLN D 1951 -1.19 2.40 2.27
CA GLN D 1951 -0.10 1.95 1.43
C GLN D 1951 1.07 2.92 1.42
N PHE D 1952 1.36 3.53 2.56
CA PHE D 1952 2.46 4.49 2.70
C PHE D 1952 3.59 3.81 3.46
N ILE D 1953 4.77 3.76 2.86
CA ILE D 1953 5.83 2.93 3.42
C ILE D 1953 7.14 3.71 3.47
N THR D 1954 7.95 3.43 4.48
CA THR D 1954 9.33 3.89 4.52
C THR D 1954 10.26 2.68 4.52
N TYR D 1955 11.22 2.68 3.60
CA TYR D 1955 11.95 1.48 3.25
C TYR D 1955 13.42 1.81 3.07
N GLN D 1956 14.27 0.80 3.23
CA GLN D 1956 15.69 0.94 2.98
C GLN D 1956 16.03 0.02 1.81
N SER D 1957 16.40 0.62 0.68
CA SER D 1957 16.24 -0.05 -0.60
C SER D 1957 17.55 -0.26 -1.34
N TRP D 1958 17.66 -1.45 -1.94
CA TRP D 1958 18.64 -1.89 -2.94
C TRP D 1958 20.02 -2.14 -2.37
N HIS D 1959 20.27 -1.76 -1.12
CA HIS D 1959 21.54 -2.04 -0.48
C HIS D 1959 21.31 -1.94 1.02
N SER D 1960 21.16 -3.09 1.66
CA SER D 1960 20.68 -3.13 3.04
C SER D 1960 21.52 -3.99 3.96
N HIS D 1961 22.28 -4.94 3.42
CA HIS D 1961 23.02 -5.91 4.23
C HIS D 1961 23.77 -5.29 5.41
N LEU D 1971 18.68 4.11 3.08
CA LEU D 1971 18.61 5.42 2.43
C LEU D 1971 17.23 6.04 2.63
N PHE D 1972 16.28 5.25 3.11
CA PHE D 1972 14.97 5.73 3.53
C PHE D 1972 14.20 6.36 2.37
N ILE D 1973 13.82 5.50 1.43
CA ILE D 1973 12.84 5.87 0.42
C ILE D 1973 11.46 5.88 1.04
N ASP D 1974 10.62 6.85 0.65
CA ASP D 1974 9.21 6.84 1.02
C ASP D 1974 8.37 6.50 -0.19
N TYR D 1975 7.53 5.49 -0.05
CA TYR D 1975 6.61 5.07 -1.09
C TYR D 1975 5.23 5.62 -0.79
N HIS D 1976 4.68 6.33 -1.77
CA HIS D 1976 3.31 6.81 -1.85
C HIS D 1976 2.94 7.71 -0.68
N PRO D 1977 3.48 8.91 -0.58
CA PRO D 1977 3.03 9.83 0.45
C PRO D 1977 1.56 10.14 0.28
N PRO D 1978 0.82 10.28 1.35
CA PRO D 1978 -0.62 10.52 1.27
C PRO D 1978 -1.01 11.97 1.06
N LYS D 1979 -0.35 12.65 0.14
CA LYS D 1979 -0.60 14.06 -0.12
C LYS D 1979 -1.01 14.23 -1.58
N THR D 1980 -1.72 15.32 -1.84
CA THR D 1980 -2.19 15.62 -3.18
C THR D 1980 -2.12 17.12 -3.37
N PHE D 1981 -2.43 17.56 -4.59
CA PHE D 1981 -2.36 18.98 -4.88
C PHE D 1981 -3.44 19.79 -4.19
N SER D 1982 -4.34 19.14 -3.47
CA SER D 1982 -5.34 19.87 -2.72
C SER D 1982 -4.91 20.19 -1.31
N HIS D 1983 -3.68 19.85 -0.94
CA HIS D 1983 -3.09 20.32 0.30
C HIS D 1983 -2.38 21.65 0.14
N ILE D 1984 -2.26 22.14 -1.09
CA ILE D 1984 -1.62 23.42 -1.38
C ILE D 1984 -2.50 24.18 -2.35
N PRO D 1985 -3.54 24.85 -1.88
CA PRO D 1985 -4.29 25.73 -2.79
C PRO D 1985 -3.48 26.87 -3.34
N ALA D 1986 -2.36 27.22 -2.70
CA ALA D 1986 -1.55 28.32 -3.17
C ALA D 1986 -0.94 28.04 -4.53
N LEU D 1987 -0.88 26.78 -4.95
CA LEU D 1987 -0.38 26.46 -6.27
C LEU D 1987 -1.38 26.86 -7.34
N LYS D 1988 -2.65 27.01 -6.97
CA LYS D 1988 -3.67 27.34 -7.96
C LYS D 1988 -3.56 28.79 -8.41
N TYR D 1989 -2.95 29.65 -7.62
CA TYR D 1989 -2.89 31.07 -7.91
C TYR D 1989 -1.49 31.53 -8.30
N ASN D 1990 -0.52 30.64 -8.35
CA ASN D 1990 0.85 31.00 -8.69
C ASN D 1990 1.10 30.60 -10.14
N SER D 1991 1.14 31.59 -11.02
CA SER D 1991 1.14 31.35 -12.45
C SER D 1991 2.47 30.89 -13.01
N ILE D 1992 3.54 30.86 -12.21
CA ILE D 1992 4.84 30.53 -12.76
C ILE D 1992 5.24 29.12 -12.38
N LEU D 1993 4.39 28.46 -11.60
CA LEU D 1993 4.61 27.07 -11.23
C LEU D 1993 3.88 26.09 -12.12
N GLN D 1994 3.02 26.57 -13.00
CA GLN D 1994 2.14 25.67 -13.73
C GLN D 1994 2.91 24.85 -14.76
N GLN D 1995 3.85 25.47 -15.46
CA GLN D 1995 4.48 24.74 -16.56
C GLN D 1995 5.49 23.71 -16.08
N PRO D 1996 6.44 24.02 -15.20
CA PRO D 1996 7.37 22.95 -14.77
C PRO D 1996 6.67 21.79 -14.07
N ILE D 1997 5.81 22.09 -13.10
CA ILE D 1997 5.11 21.03 -12.39
C ILE D 1997 4.19 20.25 -13.32
N GLY D 1998 3.49 20.96 -14.21
CA GLY D 1998 2.60 20.28 -15.13
C GLY D 1998 3.33 19.38 -16.09
N SER D 1999 4.48 19.82 -16.59
CA SER D 1999 5.27 18.97 -17.46
C SER D 1999 5.73 17.73 -16.73
N LEU D 2000 6.20 17.89 -15.49
CA LEU D 2000 6.64 16.72 -14.72
C LEU D 2000 5.52 15.73 -14.53
N VAL D 2001 4.31 16.22 -14.26
CA VAL D 2001 3.20 15.30 -14.01
C VAL D 2001 2.80 14.58 -15.28
N CYS D 2002 2.69 15.30 -16.39
CA CYS D 2002 2.25 14.64 -17.62
C CYS D 2002 3.31 13.65 -18.10
N GLN D 2003 4.58 13.92 -17.80
CA GLN D 2003 5.62 12.95 -18.14
C GLN D 2003 5.53 11.71 -17.27
N ILE D 2004 5.36 11.89 -15.97
CA ILE D 2004 5.32 10.72 -15.09
C ILE D 2004 4.12 9.84 -15.40
N TYR D 2005 2.99 10.45 -15.78
CA TYR D 2005 1.81 9.64 -16.03
C TYR D 2005 1.91 8.91 -17.37
N SER D 2006 2.59 9.48 -18.35
CA SER D 2006 2.68 8.84 -19.65
C SER D 2006 3.75 7.77 -19.72
N GLY D 2007 4.40 7.45 -18.61
CA GLY D 2007 5.46 6.46 -18.62
C GLY D 2007 6.77 6.91 -19.22
N LEU D 2008 6.85 8.12 -19.75
CA LEU D 2008 8.06 8.60 -20.42
C LEU D 2008 9.10 9.14 -19.45
N PHE D 2009 8.88 9.03 -18.16
CA PHE D 2009 9.81 9.61 -17.21
C PHE D 2009 11.04 8.75 -17.01
N ASN D 2010 10.93 7.43 -17.16
CA ASN D 2010 12.05 6.54 -16.91
C ASN D 2010 13.11 6.59 -17.99
N LYS D 2011 12.95 7.43 -19.01
CA LYS D 2011 13.92 7.48 -20.10
C LYS D 2011 14.34 8.90 -20.44
N GLN D 2012 13.93 9.87 -19.63
CA GLN D 2012 14.39 11.23 -19.82
C GLN D 2012 15.76 11.41 -19.20
N ILE D 2013 16.41 12.49 -19.55
CA ILE D 2013 17.69 12.85 -18.96
C ILE D 2013 17.43 13.53 -17.63
N SER D 2014 18.20 13.16 -16.62
CA SER D 2014 17.99 13.69 -15.28
C SER D 2014 18.16 15.20 -15.26
N LYS D 2015 17.41 15.85 -14.37
CA LYS D 2015 17.34 17.29 -14.30
C LYS D 2015 17.85 17.80 -12.95
N ASN D 2016 18.15 19.09 -12.93
CA ASN D 2016 18.43 19.83 -11.69
C ASN D 2016 17.51 21.03 -11.68
N ILE D 2017 16.82 21.24 -10.56
CA ILE D 2017 15.89 22.34 -10.43
C ILE D 2017 16.12 22.99 -9.07
N LEU D 2018 16.08 24.32 -9.04
CA LEU D 2018 16.36 25.08 -7.84
C LEU D 2018 15.09 25.79 -7.39
N LEU D 2019 14.61 25.47 -6.20
CA LEU D 2019 13.43 26.09 -5.63
C LEU D 2019 13.86 27.07 -4.55
N VAL D 2020 13.55 28.35 -4.73
CA VAL D 2020 13.87 29.37 -3.75
C VAL D 2020 12.57 29.81 -3.10
N ASN D 2021 12.63 30.12 -1.82
CA ASN D 2021 11.49 30.68 -1.12
C ASN D 2021 11.98 31.68 -0.08
N PRO D 2022 11.38 32.86 -0.03
CA PRO D 2022 11.83 33.87 0.94
C PRO D 2022 11.90 33.32 2.36
N LYS D 2023 12.66 34.06 3.17
CA LYS D 2023 13.15 33.57 4.47
C LYS D 2023 11.99 33.04 5.32
N THR D 2024 12.31 32.10 6.18
CA THR D 2024 11.35 31.48 7.08
C THR D 2024 11.67 31.89 8.52
N THR D 2025 11.01 32.95 9.00
CA THR D 2025 11.06 33.34 10.39
C THR D 2025 9.66 33.37 11.00
N SER D 2026 8.81 32.44 10.58
CA SER D 2026 7.45 32.35 11.07
C SER D 2026 7.41 31.64 12.43
N ASN D 2027 6.30 31.84 13.14
CA ASN D 2027 6.03 31.07 14.35
C ASN D 2027 5.79 29.60 14.04
N ASN D 2028 5.43 29.28 12.81
CA ASN D 2028 5.13 27.92 12.39
C ASN D 2028 6.40 27.27 11.86
N LEU D 2029 6.38 25.95 11.74
CA LEU D 2029 7.41 25.23 11.01
C LEU D 2029 6.89 24.64 9.70
N VAL D 2030 5.94 25.31 9.04
CA VAL D 2030 5.45 24.86 7.75
C VAL D 2030 6.37 25.36 6.65
N ASP D 2031 6.71 24.47 5.73
CA ASP D 2031 7.64 24.77 4.65
C ASP D 2031 7.05 24.28 3.35
N TYR D 2032 6.76 25.21 2.45
CA TYR D 2032 5.99 24.89 1.26
C TYR D 2032 6.82 24.29 0.15
N ASN D 2033 8.15 24.35 0.22
CA ASN D 2033 8.95 23.57 -0.72
C ASN D 2033 8.73 22.09 -0.50
N VAL D 2034 8.94 21.63 0.73
CA VAL D 2034 8.80 20.21 1.02
C VAL D 2034 7.38 19.77 0.79
N LEU D 2035 6.42 20.61 1.17
CA LEU D 2035 5.02 20.24 0.97
C LEU D 2035 4.69 20.13 -0.51
N LEU D 2036 5.20 21.06 -1.32
CA LEU D 2036 4.90 21.00 -2.75
C LEU D 2036 5.51 19.77 -3.40
N ILE D 2037 6.73 19.41 -3.00
CA ILE D 2037 7.34 18.26 -3.65
C ILE D 2037 6.69 16.96 -3.18
N GLN D 2038 6.27 16.89 -1.92
CA GLN D 2038 5.57 15.69 -1.49
C GLN D 2038 4.20 15.59 -2.13
N ALA D 2039 3.55 16.72 -2.40
CA ALA D 2039 2.30 16.68 -3.15
C ALA D 2039 2.53 16.19 -4.57
N LEU D 2040 3.63 16.61 -5.20
CA LEU D 2040 3.94 16.08 -6.53
C LEU D 2040 4.21 14.59 -6.48
N ALA D 2041 4.86 14.11 -5.42
CA ALA D 2041 5.19 12.68 -5.35
C ALA D 2041 4.01 11.84 -4.90
N GLY D 2042 3.00 12.44 -4.28
CA GLY D 2042 1.83 11.68 -3.89
C GLY D 2042 0.72 11.72 -4.91
N GLU D 2043 0.61 12.81 -5.67
CA GLU D 2043 -0.38 12.85 -6.73
C GLU D 2043 -0.10 11.80 -7.79
N THR D 2044 1.16 11.54 -8.08
CA THR D 2044 1.55 10.59 -9.12
C THR D 2044 1.89 9.21 -8.57
N GLU D 2045 2.00 9.07 -7.25
CA GLU D 2045 2.24 7.79 -6.58
C GLU D 2045 3.64 7.26 -6.86
N MET D 2046 4.62 8.13 -6.80
CA MET D 2046 6.01 7.75 -6.95
C MET D 2046 6.66 7.61 -5.58
N LYS D 2047 7.98 7.44 -5.57
CA LYS D 2047 8.73 7.34 -4.33
C LYS D 2047 9.68 8.52 -4.25
N ILE D 2048 9.88 9.00 -3.03
CA ILE D 2048 10.63 10.22 -2.80
C ILE D 2048 11.73 9.97 -1.79
N ILE D 2049 12.86 10.62 -2.00
CA ILE D 2049 14.02 10.50 -1.13
C ILE D 2049 14.37 11.89 -0.63
N THR D 2050 14.58 12.03 0.67
CA THR D 2050 14.83 13.32 1.27
C THR D 2050 16.11 13.26 2.08
N ASP D 2051 16.88 14.36 2.04
CA ASP D 2051 18.09 14.45 2.83
C ASP D 2051 18.50 15.91 2.91
N ASN D 2052 19.08 16.28 4.05
CA ASN D 2052 19.43 17.66 4.35
C ASN D 2052 20.91 17.87 4.16
N ALA D 2053 21.29 19.00 3.57
CA ALA D 2053 22.68 19.25 3.24
C ALA D 2053 23.52 19.67 4.45
N GLN D 2054 22.89 20.17 5.51
CA GLN D 2054 23.64 20.57 6.69
C GLN D 2054 24.38 19.39 7.29
N ARG D 2055 23.90 18.18 7.06
CA ARG D 2055 24.59 17.01 7.57
C ARG D 2055 25.92 16.76 6.89
N TYR D 2056 26.28 17.56 5.88
CA TYR D 2056 27.53 17.37 5.14
C TYR D 2056 28.40 18.61 5.22
N ALA D 2057 28.06 19.56 6.08
CA ALA D 2057 28.82 20.79 6.27
C ALA D 2057 29.91 20.60 7.31
N LEU D 2058 30.37 19.38 7.50
CA LEU D 2058 31.35 19.06 8.53
C LEU D 2058 32.68 18.76 7.87
N VAL D 2059 33.69 19.55 8.21
CA VAL D 2059 35.04 19.37 7.70
C VAL D 2059 36.01 19.41 8.87
N ASN D 2060 37.01 18.52 8.83
CA ASN D 2060 38.12 18.58 9.78
C ASN D 2060 39.41 18.42 8.99
N ARG D 2061 40.47 19.06 9.47
CA ARG D 2061 41.81 18.91 8.88
C ARG D 2061 41.83 19.43 7.44
N GLY D 2062 40.78 20.15 7.06
CA GLY D 2062 40.69 20.61 5.69
C GLY D 2062 40.33 19.55 4.68
N PHE D 2063 39.70 18.46 5.11
CA PHE D 2063 39.13 17.47 4.20
C PHE D 2063 37.62 17.53 4.31
N ALA D 2064 36.98 18.15 3.33
CA ALA D 2064 35.52 18.22 3.32
C ALA D 2064 35.02 16.82 2.97
N ILE D 2065 34.92 15.97 3.97
CA ILE D 2065 34.50 14.58 3.74
C ILE D 2065 33.02 14.51 3.40
N GLY D 2066 32.27 15.53 3.80
CA GLY D 2066 30.85 15.56 3.47
C GLY D 2066 30.61 15.53 1.98
N ILE D 2067 31.50 16.13 1.20
CA ILE D 2067 31.31 16.19 -0.24
C ILE D 2067 31.74 14.90 -0.93
N LYS D 2068 32.15 13.89 -0.17
CA LYS D 2068 32.31 12.55 -0.73
C LYS D 2068 31.20 11.62 -0.26
N LEU D 2069 30.78 11.75 0.99
CA LEU D 2069 29.54 11.11 1.41
C LEU D 2069 28.40 11.51 0.49
N LEU D 2070 28.37 12.76 0.05
CA LEU D 2070 27.35 13.20 -0.88
C LEU D 2070 27.50 12.51 -2.23
N ARG D 2071 28.74 12.27 -2.67
CA ARG D 2071 28.92 11.48 -3.89
C ARG D 2071 28.32 10.10 -3.72
N GLU D 2072 28.52 9.49 -2.56
CA GLU D 2072 27.96 8.16 -2.33
C GLU D 2072 26.44 8.19 -2.29
N VAL D 2073 25.86 9.29 -1.81
CA VAL D 2073 24.41 9.41 -1.82
C VAL D 2073 23.89 9.58 -3.25
N PHE D 2074 24.56 10.40 -4.06
CA PHE D 2074 24.10 10.66 -5.41
C PHE D 2074 24.17 9.40 -6.27
N ASP D 2075 25.29 8.69 -6.20
CA ASP D 2075 25.40 7.50 -7.03
C ASP D 2075 24.54 6.37 -6.51
N ALA D 2076 24.03 6.47 -5.30
CA ALA D 2076 23.00 5.55 -4.84
C ALA D 2076 21.64 5.92 -5.36
N ILE D 2077 21.32 7.22 -5.41
CA ILE D 2077 20.08 7.66 -6.01
C ILE D 2077 19.99 7.18 -7.45
N ALA D 2078 21.11 7.23 -8.17
CA ALA D 2078 21.08 6.81 -9.57
C ALA D 2078 20.72 5.34 -9.76
N LEU D 2079 20.49 4.59 -8.68
CA LEU D 2079 20.23 3.16 -8.76
C LEU D 2079 18.78 2.80 -8.50
N ASN D 2080 17.98 3.73 -7.98
CA ASN D 2080 16.64 3.43 -7.52
C ASN D 2080 15.57 4.06 -8.40
N THR D 2081 15.92 4.39 -9.63
CA THR D 2081 15.03 5.11 -10.51
C THR D 2081 13.76 4.31 -10.77
N PRO D 2082 12.62 4.98 -11.03
CA PRO D 2082 12.41 6.43 -11.08
C PRO D 2082 12.15 7.05 -9.72
N CYS D 2083 12.71 8.23 -9.46
CA CYS D 2083 12.54 8.81 -8.14
C CYS D 2083 12.75 10.31 -8.18
N ILE D 2084 12.20 10.96 -7.18
CA ILE D 2084 12.42 12.36 -6.89
C ILE D 2084 13.38 12.44 -5.72
N PHE D 2085 14.33 13.35 -5.78
CA PHE D 2085 15.34 13.48 -4.75
C PHE D 2085 15.33 14.92 -4.24
N LEU D 2086 14.77 15.12 -3.07
CA LEU D 2086 14.71 16.45 -2.46
C LEU D 2086 15.98 16.67 -1.64
N LEU D 2087 16.47 17.90 -1.65
CA LEU D 2087 17.72 18.24 -0.99
C LEU D 2087 17.60 19.67 -0.48
N GLU D 2088 17.45 19.85 0.82
CA GLU D 2088 17.10 21.16 1.33
C GLU D 2088 18.29 21.88 1.95
N ASP D 2089 18.24 23.20 1.84
CA ASP D 2089 19.28 24.10 2.35
C ASP D 2089 20.63 23.77 1.72
N ILE D 2090 20.70 23.94 0.41
CA ILE D 2090 21.95 23.77 -0.30
C ILE D 2090 22.91 24.92 -0.04
N HIS D 2091 22.38 26.08 0.37
CA HIS D 2091 23.22 27.21 0.71
C HIS D 2091 24.24 26.89 1.78
N ALA D 2092 23.98 25.86 2.59
CA ALA D 2092 24.93 25.48 3.62
C ALA D 2092 26.26 25.02 3.03
N ILE D 2093 26.28 24.54 1.79
CA ILE D 2093 27.54 24.04 1.23
C ILE D 2093 27.80 24.67 -0.13
N GLY D 2094 27.11 25.76 -0.43
CA GLY D 2094 27.27 26.38 -1.74
C GLY D 2094 27.64 27.84 -1.68
N GLU D 2095 28.33 28.24 -0.62
CA GLU D 2095 28.64 29.66 -0.42
C GLU D 2095 29.76 30.11 -1.33
N ARG D 2096 29.98 31.42 -1.36
CA ARG D 2096 30.97 32.03 -2.23
C ARG D 2096 32.37 31.73 -1.72
N ARG D 2097 33.17 31.07 -2.54
CA ARG D 2097 34.56 30.82 -2.18
C ARG D 2097 35.32 32.15 -2.13
N PRO D 2098 36.33 32.25 -1.24
CA PRO D 2098 37.17 33.45 -1.17
C PRO D 2098 37.94 33.71 -2.47
N ASN D 2112 38.31 42.32 -5.46
CA ASN D 2112 39.71 42.69 -5.25
C ASN D 2112 39.83 43.69 -4.12
N GLY D 2113 41.05 43.85 -3.60
CA GLY D 2113 41.29 44.78 -2.53
C GLY D 2113 42.53 45.64 -2.75
N SER D 2114 42.32 46.95 -2.86
CA SER D 2114 43.42 47.88 -3.10
C SER D 2114 44.11 48.34 -1.83
N PHE D 2115 43.61 47.96 -0.66
CA PHE D 2115 44.19 48.43 0.58
C PHE D 2115 45.59 47.89 0.83
N LYS D 2116 46.07 46.97 -0.01
CA LYS D 2116 47.43 46.47 0.14
C LYS D 2116 48.46 47.43 -0.43
N GLU D 2117 48.14 48.10 -1.52
CA GLU D 2117 49.07 49.05 -2.11
C GLU D 2117 48.96 50.44 -1.50
N ASP D 2118 47.99 50.66 -0.62
CA ASP D 2118 47.93 51.94 0.09
C ASP D 2118 48.77 51.91 1.36
N PHE D 2119 48.54 50.94 2.24
CA PHE D 2119 49.15 50.94 3.56
C PHE D 2119 50.27 49.93 3.73
N PHE D 2120 50.29 48.84 2.98
CA PHE D 2120 51.31 47.82 3.16
C PHE D 2120 52.34 47.80 2.05
N GLY D 2121 52.16 48.59 0.99
CA GLY D 2121 53.15 48.73 -0.04
C GLY D 2121 53.59 47.45 -0.72
N SER D 2122 52.77 46.39 -0.69
CA SER D 2122 53.13 45.10 -1.26
C SER D 2122 53.58 45.25 -2.71
N GLN D 2123 52.68 45.71 -3.57
CA GLN D 2123 53.00 46.10 -4.95
C GLN D 2123 53.72 44.97 -5.69
N ARG D 2124 53.18 43.76 -5.58
CA ARG D 2124 53.74 42.63 -6.33
C ARG D 2124 52.91 42.33 -7.58
N ASP D 2125 52.90 43.27 -8.51
CA ASP D 2125 52.29 43.04 -9.82
C ASP D 2125 52.81 44.09 -10.79
N GLU D 2126 52.94 43.68 -12.04
CA GLU D 2126 53.53 44.58 -13.03
C GLU D 2126 52.56 45.67 -13.42
N VAL D 2127 53.11 46.79 -13.88
CA VAL D 2127 52.29 47.98 -14.10
C VAL D 2127 51.25 47.73 -15.18
N HIS D 2128 51.60 46.98 -16.22
CA HIS D 2128 50.62 46.75 -17.28
C HIS D 2128 49.45 45.92 -16.79
N GLU D 2129 49.69 44.98 -15.87
CA GLU D 2129 48.59 44.18 -15.34
C GLU D 2129 47.63 45.03 -14.53
N LYS D 2130 48.16 45.90 -13.68
CA LYS D 2130 47.31 46.79 -12.92
C LYS D 2130 46.50 47.70 -13.83
N ASN D 2131 47.14 48.25 -14.86
CA ASN D 2131 46.42 49.10 -15.79
C ASN D 2131 45.30 48.34 -16.48
N GLN D 2132 45.57 47.10 -16.90
CA GLN D 2132 44.55 46.32 -17.57
C GLN D 2132 43.37 46.06 -16.65
N VAL D 2133 43.66 45.73 -15.40
CA VAL D 2133 42.58 45.52 -14.44
C VAL D 2133 41.73 46.76 -14.31
N VAL D 2134 42.36 47.93 -14.26
CA VAL D 2134 41.60 49.16 -14.09
C VAL D 2134 40.70 49.41 -15.30
N TYR D 2135 41.25 49.23 -16.51
CA TYR D 2135 40.44 49.43 -17.71
C TYR D 2135 39.22 48.55 -17.71
N GLN D 2136 39.43 47.25 -17.53
CA GLN D 2136 38.30 46.34 -17.54
C GLN D 2136 37.31 46.64 -16.44
N LEU D 2137 37.77 47.11 -15.28
CA LEU D 2137 36.85 47.38 -14.19
C LEU D 2137 35.95 48.57 -14.50
N THR D 2138 36.51 49.66 -15.01
CA THR D 2138 35.65 50.80 -15.34
C THR D 2138 34.64 50.42 -16.42
N ARG D 2139 35.10 49.74 -17.47
CA ARG D 2139 34.18 49.38 -18.54
C ARG D 2139 33.10 48.45 -18.03
N HIS D 2140 33.45 47.51 -17.16
CA HIS D 2140 32.46 46.57 -16.63
C HIS D 2140 31.43 47.28 -15.77
N ALA D 2141 31.89 48.17 -14.89
CA ALA D 2141 30.96 48.86 -14.01
C ALA D 2141 29.99 49.72 -14.80
N ILE D 2142 30.45 50.36 -15.87
CA ILE D 2142 29.61 51.33 -16.56
C ILE D 2142 28.72 50.68 -17.62
N THR D 2143 29.22 49.73 -18.39
CA THR D 2143 28.50 49.30 -19.58
C THR D 2143 27.95 47.89 -19.55
N HIS D 2144 28.12 47.16 -18.46
CA HIS D 2144 27.55 45.83 -18.36
C HIS D 2144 26.33 45.78 -17.45
N TYR D 2145 25.69 46.90 -17.20
CA TYR D 2145 24.48 46.88 -16.42
C TYR D 2145 23.33 46.38 -17.27
N LYS D 2146 22.70 45.31 -16.84
CA LYS D 2146 21.55 44.70 -17.54
C LYS D 2146 21.96 44.18 -18.90
N LYS D 2147 22.89 43.21 -18.90
CA LYS D 2147 23.32 42.56 -20.10
C LYS D 2147 23.42 41.07 -19.82
N PRO D 2148 22.92 40.21 -20.70
CA PRO D 2148 22.78 38.79 -20.35
C PRO D 2148 24.13 38.12 -20.24
N PHE D 2149 24.31 37.38 -19.14
CA PHE D 2149 25.48 36.56 -18.84
C PHE D 2149 26.73 37.40 -18.61
N LYS D 2150 26.66 38.70 -18.85
CA LYS D 2150 27.79 39.62 -18.73
C LYS D 2150 27.22 40.82 -18.00
N GLY D 2151 27.21 40.77 -16.69
CA GLY D 2151 26.44 41.71 -15.90
C GLY D 2151 25.22 40.99 -15.35
N ASP D 2152 25.38 40.51 -14.13
CA ASP D 2152 24.52 39.48 -13.57
C ASP D 2152 24.71 39.53 -12.05
N TYR D 2153 24.54 38.40 -11.39
CA TYR D 2153 24.73 38.41 -9.95
C TYR D 2153 26.17 38.79 -9.67
N SER D 2154 26.46 40.08 -9.79
CA SER D 2154 27.81 40.63 -9.72
C SER D 2154 27.81 41.79 -8.74
N LEU D 2155 28.80 41.82 -7.85
CA LEU D 2155 28.88 42.87 -6.86
C LEU D 2155 29.78 44.01 -7.29
N ALA D 2156 30.23 44.04 -8.53
CA ALA D 2156 31.09 45.11 -9.00
C ALA D 2156 30.33 46.20 -9.71
N ILE D 2157 29.03 46.04 -9.91
CA ILE D 2157 28.20 47.05 -10.56
C ILE D 2157 27.43 47.78 -9.47
N PRO D 2158 27.70 49.06 -9.23
CA PRO D 2158 26.99 49.76 -8.16
C PRO D 2158 25.49 49.82 -8.34
N THR D 2159 24.98 49.71 -9.57
CA THR D 2159 23.54 49.87 -9.75
C THR D 2159 22.78 48.67 -9.24
N ASN D 2160 23.38 47.48 -9.27
CA ASN D 2160 22.72 46.32 -8.67
C ASN D 2160 22.58 46.51 -7.16
N LEU D 2161 23.61 47.05 -6.53
CA LEU D 2161 23.53 47.32 -5.10
C LEU D 2161 22.51 48.39 -4.79
N TYR D 2162 22.44 49.42 -5.64
CA TYR D 2162 21.40 50.43 -5.45
C TYR D 2162 20.02 49.82 -5.53
N VAL D 2163 19.82 48.90 -6.48
CA VAL D 2163 18.49 48.32 -6.65
C VAL D 2163 18.12 47.47 -5.44
N THR D 2164 19.04 46.64 -4.96
CA THR D 2164 18.73 45.84 -3.80
C THR D 2164 18.45 46.71 -2.59
N ASP D 2165 19.21 47.80 -2.42
CA ASP D 2165 18.90 48.68 -1.31
C ASP D 2165 17.61 49.46 -1.52
N LEU D 2166 17.15 49.60 -2.75
CA LEU D 2166 15.93 50.36 -3.02
C LEU D 2166 14.69 49.52 -2.82
N PHE D 2167 14.77 48.21 -3.02
CA PHE D 2167 13.58 47.38 -2.87
C PHE D 2167 13.58 46.54 -1.60
N LEU D 2168 14.65 46.53 -0.82
CA LEU D 2168 14.72 45.67 0.35
C LEU D 2168 14.79 46.45 1.66
N LYS D 2169 15.59 47.49 1.72
CA LYS D 2169 15.70 48.25 2.96
C LYS D 2169 14.66 49.36 2.98
N LEU D 2170 14.50 49.93 4.16
CA LEU D 2170 13.69 51.12 4.39
C LEU D 2170 14.49 52.37 4.07
N PRO D 2171 13.84 53.51 3.89
CA PRO D 2171 14.57 54.69 3.43
C PRO D 2171 15.64 55.11 4.42
N THR D 2172 16.86 55.29 3.92
CA THR D 2172 17.95 55.75 4.76
C THR D 2172 17.97 57.28 4.83
N GLN D 2173 18.29 57.79 6.00
CA GLN D 2173 18.26 59.21 6.27
C GLN D 2173 19.66 59.80 6.20
N SER D 2174 19.73 61.12 6.16
CA SER D 2174 20.99 61.81 5.99
C SER D 2174 21.75 61.84 7.31
N ILE D 2175 22.86 62.58 7.33
CA ILE D 2175 23.70 62.67 8.52
C ILE D 2175 23.07 63.64 9.50
N SER D 2176 23.60 63.71 10.71
CA SER D 2176 23.01 64.52 11.75
C SER D 2176 23.83 65.78 12.01
N ASN D 2177 23.30 66.64 12.88
CA ASN D 2177 23.95 67.89 13.23
C ASN D 2177 24.49 67.87 14.67
N LEU D 2178 24.69 66.70 15.22
CA LEU D 2178 25.21 66.55 16.56
C LEU D 2178 26.72 66.37 16.53
N THR D 2179 27.37 66.59 17.67
CA THR D 2179 28.79 66.38 17.81
C THR D 2179 29.05 65.20 18.74
N ASN D 2180 30.29 64.71 18.73
CA ASN D 2180 30.74 63.50 19.41
C ASN D 2180 30.22 62.23 18.77
N VAL D 2181 29.54 62.31 17.64
CA VAL D 2181 29.04 61.14 16.94
C VAL D 2181 29.79 61.06 15.62
N GLU D 2182 29.61 59.95 14.91
CA GLU D 2182 30.46 59.72 13.73
C GLU D 2182 30.01 60.56 12.55
N ASN D 2183 28.90 60.20 11.91
CA ASN D 2183 28.21 61.09 11.00
C ASN D 2183 26.72 61.04 11.32
N HIS D 2184 26.23 59.85 11.58
CA HIS D 2184 24.87 59.67 12.04
C HIS D 2184 24.87 59.71 13.56
N ASN D 2185 23.69 59.54 14.14
CA ASN D 2185 23.62 59.56 15.59
C ASN D 2185 24.12 58.26 16.16
N LEU D 2186 25.42 57.99 16.06
CA LEU D 2186 26.00 56.77 16.60
C LEU D 2186 27.46 57.01 16.88
N SER D 2187 28.07 56.10 17.63
CA SER D 2187 29.50 56.16 17.90
C SER D 2187 30.26 55.31 16.88
N ILE D 2188 31.58 55.33 16.96
CA ILE D 2188 32.40 54.50 16.09
C ILE D 2188 32.14 53.04 16.40
N LYS D 2189 32.11 52.20 15.38
CA LYS D 2189 31.80 50.81 15.64
C LYS D 2189 33.06 49.98 15.72
N ASN D 2190 32.93 48.81 16.31
CA ASN D 2190 34.07 48.00 16.71
C ASN D 2190 35.01 47.76 15.54
N LYS D 2191 36.29 47.60 15.86
CA LYS D 2191 37.28 47.34 14.84
C LYS D 2191 37.34 45.88 14.46
N ILE D 2192 37.27 44.98 15.45
CA ILE D 2192 37.27 43.54 15.22
C ILE D 2192 35.92 42.99 15.62
N GLN D 2193 35.23 42.37 14.68
CA GLN D 2193 33.88 41.87 14.90
C GLN D 2193 33.94 40.45 15.44
N HIS D 2194 33.34 40.25 16.60
CA HIS D 2194 33.33 38.95 17.27
C HIS D 2194 32.70 37.86 16.41
N ASN D 2212 6.91 47.67 19.06
CA ASN D 2212 6.03 46.83 19.83
C ASN D 2212 5.38 47.61 20.96
N LYS D 2213 6.22 48.26 21.77
CA LYS D 2213 5.76 48.98 22.94
C LYS D 2213 6.11 50.46 22.84
N ASN D 2214 5.36 51.26 23.58
CA ASN D 2214 5.42 52.71 23.48
C ASN D 2214 6.57 53.33 24.25
N SER D 2215 6.72 52.99 25.52
CA SER D 2215 7.63 53.71 26.39
C SER D 2215 8.44 52.72 27.21
N TYR D 2216 9.48 53.22 27.85
CA TYR D 2216 10.33 52.37 28.67
C TYR D 2216 9.64 51.93 29.94
N LEU D 2217 8.50 52.53 30.27
CA LEU D 2217 7.76 52.12 31.46
C LEU D 2217 7.13 50.76 31.30
N GLN D 2218 7.43 50.07 30.20
CA GLN D 2218 6.98 48.70 29.97
C GLN D 2218 8.13 47.74 29.74
N LEU D 2219 9.37 48.21 29.81
CA LEU D 2219 10.55 47.39 29.58
C LEU D 2219 11.37 47.18 30.85
N THR D 2220 10.78 47.35 32.02
CA THR D 2220 11.47 47.10 33.29
C THR D 2220 10.59 46.18 34.12
N GLN D 2221 10.73 44.88 33.90
CA GLN D 2221 9.96 43.90 34.65
C GLN D 2221 10.55 43.73 36.04
N THR D 2231 23.42 23.87 45.34
CA THR D 2231 24.65 24.64 45.49
C THR D 2231 25.57 24.44 44.31
N SER D 2232 25.48 23.26 43.69
CA SER D 2232 26.30 23.03 42.49
C SER D 2232 25.92 24.00 41.39
N PRO D 2233 24.70 23.99 40.84
CA PRO D 2233 24.42 24.83 39.67
C PRO D 2233 24.62 26.31 39.94
N PHE D 2234 24.12 26.82 41.07
CA PHE D 2234 24.27 28.24 41.40
C PHE D 2234 25.70 28.69 41.20
N SER D 2235 26.62 28.13 41.99
CA SER D 2235 27.99 28.63 41.99
C SER D 2235 28.69 28.31 40.67
N VAL D 2236 28.55 27.07 40.18
CA VAL D 2236 29.34 26.68 39.02
C VAL D 2236 28.90 27.45 37.79
N LEU D 2237 27.60 27.67 37.61
CA LEU D 2237 27.14 28.37 36.42
C LEU D 2237 27.33 29.87 36.54
N LEU D 2238 27.23 30.43 37.75
CA LEU D 2238 27.57 31.83 37.91
C LEU D 2238 29.02 32.09 37.52
N LEU D 2239 29.95 31.30 38.08
CA LEU D 2239 31.34 31.53 37.74
C LEU D 2239 31.66 31.07 36.33
N LYS D 2240 30.81 30.23 35.74
CA LYS D 2240 31.02 29.81 34.36
C LYS D 2240 30.67 30.90 33.37
N GLU D 2241 29.54 31.58 33.57
CA GLU D 2241 29.16 32.69 32.72
C GLU D 2241 29.86 33.98 33.10
N GLU D 2242 30.49 34.05 34.27
CA GLU D 2242 31.25 35.23 34.65
C GLU D 2242 32.64 35.27 34.02
N LYS D 2243 33.22 34.12 33.72
CA LYS D 2243 34.59 34.05 33.22
C LYS D 2243 34.70 34.18 31.72
N ARG D 2244 33.59 34.11 30.98
CA ARG D 2244 33.63 34.15 29.53
C ARG D 2244 34.08 35.53 29.06
N LEU D 2245 34.53 35.59 27.81
CA LEU D 2245 35.05 36.83 27.24
C LEU D 2245 33.88 37.68 26.76
N LYS D 2246 33.88 38.95 27.16
CA LYS D 2246 32.85 39.89 26.74
C LYS D 2246 33.48 40.98 25.91
N PRO D 2247 33.17 41.07 24.62
CA PRO D 2247 33.77 42.14 23.80
C PRO D 2247 33.36 43.53 24.25
N ASN D 2248 32.13 43.71 24.69
CA ASN D 2248 31.64 45.04 25.08
C ASN D 2248 31.78 45.27 26.59
N LYS D 2249 32.97 45.07 27.11
CA LYS D 2249 33.33 45.50 28.45
C LYS D 2249 34.53 46.42 28.31
N ILE D 2250 34.64 47.42 29.17
CA ILE D 2250 35.49 48.52 28.74
C ILE D 2250 36.96 48.17 28.88
N VAL D 2251 37.53 48.31 30.08
CA VAL D 2251 38.76 47.68 30.57
C VAL D 2251 38.99 48.33 31.92
N GLU D 2252 39.50 47.63 32.90
CA GLU D 2252 39.83 48.34 34.12
C GLU D 2252 41.31 48.73 34.13
N GLU D 2253 41.63 49.75 34.92
CA GLU D 2253 42.98 50.29 34.98
C GLU D 2253 43.66 49.89 36.28
N LEU D 2254 44.98 49.81 36.24
CA LEU D 2254 45.79 49.40 37.38
C LEU D 2254 46.38 50.61 38.08
N PRO D 2255 46.85 50.45 39.30
CA PRO D 2255 47.26 51.61 40.10
C PRO D 2255 48.64 52.20 39.83
N TRP D 2256 49.27 51.89 38.71
CA TRP D 2256 50.62 52.39 38.37
C TRP D 2256 51.67 51.75 39.26
N THR D 2257 51.23 51.08 40.30
CA THR D 2257 52.08 50.29 41.19
C THR D 2257 51.28 49.01 41.35
N SER D 2258 51.51 48.07 40.43
CA SER D 2258 50.56 47.00 40.18
C SER D 2258 50.19 46.27 41.46
N LEU D 2259 49.05 45.62 41.43
CA LEU D 2259 48.63 44.81 42.57
C LEU D 2259 49.73 43.82 42.94
N PRO D 2260 49.90 43.56 44.23
CA PRO D 2260 51.08 42.79 44.65
C PRO D 2260 51.05 41.34 44.22
N GLY D 2261 51.84 41.02 43.21
CA GLY D 2261 52.19 39.66 42.88
C GLY D 2261 51.05 38.67 42.78
N GLU D 2262 50.99 37.76 43.76
CA GLU D 2262 49.99 36.69 43.79
C GLU D 2262 48.59 37.21 43.57
N GLN D 2263 48.24 38.35 44.17
CA GLN D 2263 46.90 38.91 44.02
C GLN D 2263 46.55 39.11 42.56
N LEU D 2264 47.49 39.65 41.78
CA LEU D 2264 47.27 39.85 40.35
C LEU D 2264 46.88 38.58 39.63
N ALA D 2265 47.37 37.42 40.08
CA ALA D 2265 47.05 36.18 39.40
C ALA D 2265 45.60 35.76 39.58
N THR D 2266 44.88 36.38 40.52
CA THR D 2266 43.47 36.08 40.72
C THR D 2266 42.58 36.76 39.68
N LYS D 2267 43.15 37.59 38.82
CA LYS D 2267 42.40 38.37 37.87
C LYS D 2267 42.59 37.81 36.47
N PRO D 2268 41.53 37.67 35.68
CA PRO D 2268 41.71 37.30 34.28
C PRO D 2268 42.48 38.37 33.54
N ARG D 2269 43.47 37.95 32.75
CA ARG D 2269 44.39 38.90 32.14
C ARG D 2269 43.68 39.86 31.20
N THR D 2270 42.64 39.39 30.54
CA THR D 2270 41.92 40.22 29.58
C THR D 2270 41.08 41.26 30.22
N SER D 2271 41.13 41.50 31.52
CA SER D 2271 40.23 42.47 32.12
C SER D 2271 40.94 43.72 32.63
N TYR D 2272 42.27 43.78 32.54
CA TYR D 2272 43.01 44.95 32.99
C TYR D 2272 44.15 45.31 32.05
N SER D 2273 44.18 44.76 30.85
CA SER D 2273 45.24 45.08 29.89
C SER D 2273 44.65 45.07 28.49
N VAL D 2274 44.85 46.17 27.77
CA VAL D 2274 44.34 46.29 26.41
C VAL D 2274 45.03 45.30 25.48
N ARG D 2275 46.34 45.15 25.64
CA ARG D 2275 47.11 44.29 24.75
C ARG D 2275 46.56 42.87 24.74
N ALA D 2276 46.31 42.32 25.92
CA ALA D 2276 45.86 40.93 26.01
C ALA D 2276 44.47 40.76 25.43
N LYS D 2277 43.56 41.68 25.74
CA LYS D 2277 42.20 41.58 25.23
C LYS D 2277 42.16 41.66 23.72
N VAL D 2278 42.90 42.62 23.17
CA VAL D 2278 42.90 42.79 21.72
C VAL D 2278 43.55 41.60 21.04
N ALA D 2279 44.62 41.06 21.63
CA ALA D 2279 45.25 39.88 21.06
C ALA D 2279 44.29 38.70 21.05
N MET D 2280 43.52 38.53 22.12
CA MET D 2280 42.55 37.45 22.18
C MET D 2280 41.47 37.61 21.12
N LEU D 2281 40.92 38.82 20.97
CA LEU D 2281 39.89 39.04 19.97
C LEU D 2281 40.40 38.79 18.56
N ALA D 2282 41.61 39.28 18.26
CA ALA D 2282 42.20 39.05 16.96
C ALA D 2282 42.40 37.57 16.69
N GLU D 2283 42.94 36.85 17.67
CA GLU D 2283 43.13 35.42 17.51
C GLU D 2283 41.82 34.73 17.22
N LEU D 2284 40.76 35.06 17.96
CA LEU D 2284 39.47 34.44 17.73
C LEU D 2284 38.99 34.68 16.30
N SER D 2285 39.00 35.94 15.86
CA SER D 2285 38.48 36.27 14.54
C SER D 2285 39.27 35.56 13.45
N LEU D 2286 40.60 35.53 13.58
CA LEU D 2286 41.41 34.91 12.54
C LEU D 2286 41.23 33.40 12.50
N SER D 2287 41.18 32.76 13.67
CA SER D 2287 40.97 31.32 13.69
C SER D 2287 39.60 30.97 13.13
N ASN D 2288 38.60 31.81 13.37
CA ASN D 2288 37.27 31.55 12.82
C ASN D 2288 37.28 31.71 11.31
N LEU D 2289 37.98 32.72 10.82
CA LEU D 2289 38.10 32.89 9.37
C LEU D 2289 38.78 31.69 8.73
N SER D 2290 39.83 31.18 9.34
CA SER D 2290 40.62 30.12 8.70
C SER D 2290 39.87 28.80 8.61
N ALA D 2291 38.58 28.73 8.95
CA ALA D 2291 37.82 27.50 8.88
C ALA D 2291 36.79 27.52 7.76
N LYS D 2292 37.05 28.25 6.68
CA LYS D 2292 36.09 28.29 5.58
C LYS D 2292 36.19 27.03 4.73
N LEU D 2293 37.35 26.79 4.12
CA LEU D 2293 37.66 25.55 3.41
C LEU D 2293 36.64 25.30 2.29
N ASP D 2294 36.76 26.11 1.25
CA ASP D 2294 35.95 26.01 0.04
C ASP D 2294 35.72 24.55 -0.37
N MET D 2295 34.48 24.25 -0.76
CA MET D 2295 34.09 22.93 -1.22
C MET D 2295 33.48 22.94 -2.62
N ILE D 2296 33.57 24.05 -3.34
CA ILE D 2296 32.81 24.19 -4.57
C ILE D 2296 33.32 23.28 -5.67
N THR D 2297 34.54 22.76 -5.56
CA THR D 2297 35.08 21.93 -6.63
C THR D 2297 34.35 20.59 -6.71
N ASP D 2298 34.33 19.84 -5.61
CA ASP D 2298 33.68 18.53 -5.64
C ASP D 2298 32.18 18.67 -5.76
N LEU D 2299 31.59 19.67 -5.09
CA LEU D 2299 30.19 19.96 -5.30
C LEU D 2299 29.90 20.19 -6.78
N LEU D 2300 30.78 20.93 -7.46
CA LEU D 2300 30.57 21.24 -8.86
C LEU D 2300 30.62 19.97 -9.70
N VAL D 2301 31.59 19.09 -9.42
CA VAL D 2301 31.71 17.91 -10.27
C VAL D 2301 30.56 16.95 -10.04
N ILE D 2302 30.12 16.78 -8.79
CA ILE D 2302 29.02 15.85 -8.56
C ILE D 2302 27.68 16.43 -8.96
N ILE D 2303 27.56 17.75 -9.07
CA ILE D 2303 26.33 18.33 -9.63
C ILE D 2303 26.33 18.19 -11.14
N ASP D 2304 27.46 18.43 -11.79
CA ASP D 2304 27.53 18.17 -13.22
C ASP D 2304 27.42 16.70 -13.54
N SER D 2305 27.60 15.83 -12.53
CA SER D 2305 27.45 14.39 -12.77
C SER D 2305 26.06 14.04 -13.27
N VAL D 2306 25.02 14.56 -12.61
CA VAL D 2306 23.69 14.05 -12.92
C VAL D 2306 23.07 14.78 -14.09
N ARG D 2307 23.60 14.50 -15.27
CA ARG D 2307 22.86 14.63 -16.52
C ARG D 2307 23.28 13.55 -17.48
N SER D 2308 24.15 12.64 -17.05
CA SER D 2308 24.52 11.44 -17.78
C SER D 2308 23.63 10.26 -17.44
N ASN D 2309 22.87 10.35 -16.36
CA ASN D 2309 21.95 9.29 -15.97
C ASN D 2309 20.58 9.54 -16.57
N LYS D 2310 19.63 8.71 -16.20
CA LYS D 2310 18.28 8.77 -16.76
C LYS D 2310 17.28 8.40 -15.70
N GLY D 2311 16.19 9.15 -15.64
CA GLY D 2311 15.01 8.67 -14.95
C GLY D 2311 14.84 9.11 -13.51
N PHE D 2312 15.54 10.15 -13.08
CA PHE D 2312 15.25 10.70 -11.77
C PHE D 2312 15.37 12.20 -11.85
N VAL D 2313 14.80 12.89 -10.85
CA VAL D 2313 14.87 14.34 -10.83
C VAL D 2313 15.36 14.79 -9.46
N VAL D 2314 16.04 15.93 -9.43
CA VAL D 2314 16.71 16.41 -8.24
C VAL D 2314 16.25 17.83 -7.96
N PHE D 2315 15.67 18.04 -6.78
CA PHE D 2315 15.25 19.35 -6.33
C PHE D 2315 16.19 19.83 -5.24
N ALA D 2316 16.71 21.03 -5.40
CA ALA D 2316 17.61 21.62 -4.42
C ALA D 2316 16.99 22.93 -3.96
N THR D 2317 16.55 22.98 -2.71
CA THR D 2317 15.84 24.15 -2.23
C THR D 2317 16.71 24.96 -1.27
N THR D 2318 16.47 26.26 -1.26
CA THR D 2318 17.23 27.19 -0.43
C THR D 2318 16.34 28.37 -0.08
N ASP D 2319 16.92 29.33 0.62
CA ASP D 2319 16.22 30.55 1.02
C ASP D 2319 16.92 31.80 0.52
N ILE D 2320 18.23 31.77 0.39
CA ILE D 2320 19.04 32.93 0.07
C ILE D 2320 19.83 32.64 -1.21
N PRO D 2321 19.19 32.73 -2.37
CA PRO D 2321 19.87 32.33 -3.60
C PRO D 2321 20.97 33.27 -4.04
N HIS D 2322 21.09 34.45 -3.42
CA HIS D 2322 22.12 35.38 -3.83
C HIS D 2322 23.45 35.11 -3.16
N VAL D 2323 23.48 34.44 -2.02
CA VAL D 2323 24.74 34.09 -1.38
C VAL D 2323 25.36 32.84 -1.98
N LEU D 2324 24.71 32.21 -2.94
CA LEU D 2324 25.30 31.07 -3.62
C LEU D 2324 26.42 31.53 -4.54
N ASP D 2325 27.24 30.59 -4.95
CA ASP D 2325 28.35 30.91 -5.82
C ASP D 2325 27.85 31.05 -7.26
N PRO D 2326 28.44 31.95 -8.05
CA PRO D 2326 28.04 32.06 -9.46
C PRO D 2326 28.47 30.89 -10.32
N ALA D 2327 29.36 30.01 -9.83
CA ALA D 2327 29.77 28.88 -10.64
C ALA D 2327 28.72 27.78 -10.65
N LEU D 2328 27.76 27.84 -9.74
CA LEU D 2328 26.67 26.88 -9.75
C LEU D 2328 25.56 27.33 -10.69
N ARG D 2329 25.30 28.63 -10.73
CA ARG D 2329 24.25 29.16 -11.59
C ARG D 2329 24.63 29.14 -13.06
N ARG D 2330 25.84 28.70 -13.40
CA ARG D 2330 26.21 28.64 -14.80
C ARG D 2330 25.39 27.57 -15.51
N PRO D 2331 25.15 27.73 -16.81
CA PRO D 2331 24.28 26.80 -17.52
C PRO D 2331 24.77 25.36 -17.39
N GLY D 2332 23.80 24.44 -17.33
CA GLY D 2332 24.08 23.04 -17.19
C GLY D 2332 24.13 22.53 -15.77
N ARG D 2333 24.15 23.40 -14.77
CA ARG D 2333 24.20 22.94 -13.39
C ARG D 2333 22.94 23.29 -12.60
N LEU D 2334 22.62 24.57 -12.44
CA LEU D 2334 21.38 24.97 -11.77
C LEU D 2334 20.89 26.23 -12.47
N ASP D 2335 20.09 26.05 -13.50
CA ASP D 2335 19.52 27.16 -14.26
C ASP D 2335 18.03 27.31 -14.00
N GLU D 2336 17.29 26.21 -14.01
CA GLU D 2336 15.87 26.26 -13.74
C GLU D 2336 15.63 26.71 -12.32
N THR D 2337 15.04 27.89 -12.16
CA THR D 2337 14.69 28.38 -10.85
C THR D 2337 13.18 28.53 -10.79
N ILE D 2338 12.64 28.41 -9.58
CA ILE D 2338 11.21 28.46 -9.35
C ILE D 2338 10.99 29.22 -8.05
N CYS D 2339 10.56 30.46 -8.15
CA CYS D 2339 10.37 31.25 -6.94
C CYS D 2339 8.98 31.05 -6.37
N LEU D 2340 8.79 31.53 -5.15
CA LEU D 2340 7.51 31.52 -4.48
C LEU D 2340 7.36 32.85 -3.75
N PRO D 2341 6.16 33.41 -3.72
CA PRO D 2341 5.99 34.82 -3.33
C PRO D 2341 5.85 35.11 -1.85
N ASN D 2342 6.26 34.20 -0.95
CA ASN D 2342 6.11 34.40 0.50
C ASN D 2342 4.64 34.53 0.88
N ILE D 2343 3.95 33.40 0.72
CA ILE D 2343 2.50 33.42 0.84
C ILE D 2343 2.05 33.39 2.29
N HIS D 2344 2.86 32.85 3.20
CA HIS D 2344 2.32 32.54 4.52
C HIS D 2344 2.08 33.76 5.38
N THR D 2345 2.69 34.89 5.08
CA THR D 2345 2.36 36.15 5.75
C THR D 2345 1.46 37.02 4.86
N SER D 2346 0.23 36.56 4.66
CA SER D 2346 -0.73 37.30 3.86
C SER D 2346 -2.13 37.02 4.40
N ASN D 2347 -3.08 37.80 3.95
CA ASN D 2347 -4.40 37.62 4.54
C ASN D 2347 -5.46 37.13 3.57
N ILE D 2348 -5.37 37.48 2.30
CA ILE D 2348 -6.28 36.87 1.33
C ILE D 2348 -5.91 35.41 1.14
N LEU D 2349 -4.62 35.12 1.04
CA LEU D 2349 -4.22 33.76 0.76
C LEU D 2349 -4.49 32.83 1.93
N ASN D 2350 -4.39 33.34 3.15
CA ASN D 2350 -4.69 32.49 4.30
C ASN D 2350 -6.16 32.11 4.31
N PHE D 2351 -7.05 33.07 4.07
CA PHE D 2351 -8.46 32.73 4.06
C PHE D 2351 -8.80 31.79 2.92
N THR D 2352 -8.35 32.10 1.70
CA THR D 2352 -8.66 31.23 0.58
C THR D 2352 -8.07 29.85 0.80
N LYS D 2353 -6.88 29.77 1.36
CA LYS D 2353 -6.27 28.48 1.63
C LYS D 2353 -7.12 27.66 2.59
N ASN D 2354 -7.49 28.24 3.73
CA ASN D 2354 -8.27 27.49 4.70
C ASN D 2354 -9.62 27.07 4.13
N TYR D 2355 -10.26 27.96 3.38
CA TYR D 2355 -11.56 27.64 2.81
C TYR D 2355 -11.46 26.52 1.78
N GLU D 2356 -10.48 26.58 0.89
CA GLU D 2356 -10.35 25.54 -0.12
C GLU D 2356 -10.08 24.19 0.51
N ILE D 2357 -9.20 24.15 1.52
CA ILE D 2357 -8.92 22.86 2.14
C ILE D 2357 -10.17 22.30 2.82
N PHE D 2358 -10.87 23.14 3.58
CA PHE D 2358 -12.06 22.65 4.25
C PHE D 2358 -13.09 22.13 3.26
N LYS D 2359 -13.30 22.85 2.16
CA LYS D 2359 -14.29 22.38 1.19
C LYS D 2359 -13.83 21.11 0.48
N SER D 2360 -12.53 20.93 0.27
CA SER D 2360 -12.08 19.74 -0.42
C SER D 2360 -12.08 18.51 0.48
N ALA D 2361 -12.20 18.69 1.80
CA ALA D 2361 -12.23 17.53 2.69
C ALA D 2361 -13.36 16.58 2.36
N LYS D 2362 -14.60 17.07 2.37
CA LYS D 2362 -15.75 16.17 2.31
C LYS D 2362 -16.94 16.94 1.75
N ASP D 2363 -17.83 16.22 1.08
CA ASP D 2363 -19.01 16.85 0.49
C ASP D 2363 -19.87 17.51 1.55
N THR D 2364 -20.28 18.75 1.29
CA THR D 2364 -20.92 19.58 2.29
C THR D 2364 -22.31 20.05 1.86
N SER D 2365 -22.76 19.67 0.69
CA SER D 2365 -24.06 20.09 0.17
C SER D 2365 -25.15 19.22 0.77
N ASN D 2366 -26.14 19.86 1.37
CA ASN D 2366 -27.26 19.17 1.99
C ASN D 2366 -28.54 19.76 1.42
N PHE D 2367 -28.96 19.22 0.29
CA PHE D 2367 -30.17 19.67 -0.38
C PHE D 2367 -31.39 18.90 0.08
N GLY D 2368 -31.19 17.74 0.67
CA GLY D 2368 -32.32 16.96 1.14
C GLY D 2368 -32.77 17.25 2.54
N LYS D 2369 -32.00 18.03 3.29
CA LYS D 2369 -32.42 18.44 4.62
C LYS D 2369 -33.44 19.56 4.59
N LYS D 2370 -33.63 20.19 3.45
CA LYS D 2370 -34.56 21.29 3.31
C LYS D 2370 -36.01 20.85 3.26
N ILE D 2371 -36.28 19.56 3.31
CA ILE D 2371 -37.66 19.12 3.20
C ILE D 2371 -38.46 19.54 4.42
N ILE D 2372 -37.79 19.76 5.55
CA ILE D 2372 -38.48 20.25 6.74
C ILE D 2372 -39.10 21.59 6.49
N LEU D 2373 -38.62 22.31 5.47
CA LEU D 2373 -39.19 23.62 5.22
C LEU D 2373 -40.50 23.54 4.46
N ASN D 2374 -40.95 22.34 4.11
CA ASN D 2374 -42.24 22.13 3.47
C ASN D 2374 -43.22 21.41 4.37
N GLU D 2375 -42.97 21.41 5.68
CA GLU D 2375 -43.82 20.71 6.62
C GLU D 2375 -44.21 21.57 7.81
N MET D 2376 -44.09 22.88 7.70
CA MET D 2376 -44.36 23.75 8.84
C MET D 2376 -45.83 23.99 9.09
N GLN D 2377 -46.69 23.69 8.13
CA GLN D 2377 -48.13 23.81 8.29
C GLN D 2377 -48.75 22.45 8.05
N ASN D 2378 -49.20 21.82 9.12
CA ASN D 2378 -49.95 20.57 9.00
C ASN D 2378 -50.87 20.49 10.18
N LEU D 2379 -52.18 20.43 9.92
CA LEU D 2379 -53.16 20.45 10.99
C LEU D 2379 -53.42 19.09 11.59
N THR D 2380 -52.48 18.16 11.47
CA THR D 2380 -52.57 16.88 12.14
C THR D 2380 -51.96 16.98 13.53
N LYS D 2403 -36.42 17.46 16.26
CA LYS D 2403 -35.64 16.26 16.56
C LYS D 2403 -34.13 16.53 16.53
N ARG D 2404 -33.49 16.12 15.42
CA ARG D 2404 -32.04 16.22 15.26
C ARG D 2404 -31.71 16.81 13.90
N GLU D 2405 -30.78 17.77 13.90
CA GLU D 2405 -30.40 18.48 12.68
C GLU D 2405 -28.88 18.45 12.54
N GLY D 2406 -28.41 18.00 11.38
CA GLY D 2406 -27.00 18.17 11.09
C GLY D 2406 -26.77 19.28 10.10
N VAL D 2407 -26.44 20.45 10.60
CA VAL D 2407 -26.14 21.63 9.78
C VAL D 2407 -25.16 22.47 10.57
N LEU D 2408 -24.33 23.21 9.87
CA LEU D 2408 -23.33 24.06 10.49
C LEU D 2408 -23.74 25.51 10.31
N THR D 2409 -24.35 26.10 11.34
CA THR D 2409 -24.78 27.48 11.28
C THR D 2409 -23.68 28.45 11.71
N MET D 2410 -22.43 28.06 11.59
CA MET D 2410 -21.32 28.94 11.90
C MET D 2410 -20.63 29.35 10.62
N ASN D 2411 -20.20 30.59 10.56
CA ASN D 2411 -19.48 31.06 9.39
C ASN D 2411 -18.01 30.69 9.55
N LEU D 2412 -17.42 30.12 8.50
CA LEU D 2412 -16.03 29.69 8.59
C LEU D 2412 -15.08 30.87 8.70
N LYS D 2413 -15.48 32.04 8.21
CA LYS D 2413 -14.64 33.21 8.35
C LYS D 2413 -14.31 33.51 9.80
N ASP D 2414 -15.19 33.13 10.73
CA ASP D 2414 -14.92 33.40 12.14
C ASP D 2414 -13.83 32.49 12.70
N TYR D 2415 -13.90 31.20 12.39
CA TYR D 2415 -12.82 30.32 12.81
C TYR D 2415 -11.51 30.76 12.20
N ASN D 2416 -11.54 31.25 10.96
CA ASN D 2416 -10.31 31.73 10.34
C ASN D 2416 -9.79 32.98 11.03
N ILE D 2417 -10.70 33.88 11.41
CA ILE D 2417 -10.29 35.08 12.13
C ILE D 2417 -9.64 34.72 13.46
N LEU D 2418 -10.22 33.77 14.17
CA LEU D 2418 -9.65 33.38 15.45
C LEU D 2418 -8.28 32.74 15.27
N LEU D 2419 -8.12 31.91 14.24
CA LEU D 2419 -6.80 31.34 13.97
C LEU D 2419 -5.78 32.44 13.73
N ASN D 2420 -6.12 33.39 12.86
CA ASN D 2420 -5.21 34.51 12.60
C ASN D 2420 -4.85 35.23 13.89
N GLN D 2421 -5.84 35.55 14.71
CA GLN D 2421 -5.59 36.26 15.95
C GLN D 2421 -4.63 35.50 16.85
N VAL D 2422 -5.03 34.32 17.30
CA VAL D 2422 -4.25 33.64 18.34
C VAL D 2422 -2.94 33.07 17.83
N TYR D 2423 -2.79 32.87 16.53
CA TYR D 2423 -1.62 32.15 16.04
C TYR D 2423 -0.74 33.01 15.14
N PHE D 2424 -1.02 34.30 15.05
CA PHE D 2424 -0.13 35.21 14.34
C PHE D 2424 -0.01 36.56 15.04
N ALA D 2425 -0.38 36.64 16.32
CA ALA D 2425 -0.37 37.89 17.06
C ALA D 2425 -0.38 37.63 18.56
N LYS D 2443 -4.79 25.47 15.21
CA LYS D 2443 -3.87 24.73 14.38
C LYS D 2443 -4.19 24.97 12.90
N SER D 2444 -5.39 24.55 12.50
CA SER D 2444 -5.89 24.79 11.15
C SER D 2444 -7.40 24.60 11.16
N LEU D 2445 -8.02 24.85 10.03
CA LEU D 2445 -9.48 24.77 9.91
C LEU D 2445 -9.85 23.35 9.50
N ASN D 2446 -10.11 22.51 10.49
CA ASN D 2446 -10.55 21.15 10.24
C ASN D 2446 -11.76 20.82 11.08
N PHE D 2447 -12.15 19.55 11.14
CA PHE D 2447 -13.30 19.16 11.95
C PHE D 2447 -12.95 19.10 13.42
N ALA D 2448 -11.67 18.93 13.74
CA ALA D 2448 -11.25 18.87 15.13
C ALA D 2448 -11.54 20.19 15.84
N LEU D 2449 -11.36 21.31 15.15
CA LEU D 2449 -11.59 22.61 15.77
C LEU D 2449 -13.06 22.83 16.07
N ILE D 2450 -13.93 22.39 15.17
CA ILE D 2450 -15.36 22.57 15.37
C ILE D 2450 -15.87 21.68 16.49
N SER D 2451 -15.42 20.43 16.52
CA SER D 2451 -15.82 19.59 17.65
C SER D 2451 -15.23 20.09 18.96
N HIS D 2452 -14.04 20.69 18.93
CA HIS D 2452 -13.49 21.28 20.15
C HIS D 2452 -14.37 22.41 20.67
N SER D 2453 -14.82 23.28 19.78
CA SER D 2453 -15.69 24.35 20.22
C SER D 2453 -17.02 23.82 20.74
N LYS D 2454 -17.52 22.73 20.15
CA LYS D 2454 -18.74 22.14 20.70
C LYS D 2454 -18.51 21.58 22.09
N LYS D 2455 -17.36 20.95 22.33
CA LYS D 2455 -17.05 20.44 23.65
C LYS D 2455 -17.00 21.56 24.67
N LEU D 2456 -16.33 22.66 24.32
CA LEU D 2456 -16.28 23.80 25.22
C LEU D 2456 -17.67 24.33 25.55
N LYS D 2457 -18.49 24.55 24.53
CA LYS D 2457 -19.83 25.08 24.77
C LYS D 2457 -20.64 24.14 25.65
N GLU D 2458 -20.52 22.83 25.42
CA GLU D 2458 -21.30 21.89 26.22
C GLU D 2458 -20.87 21.91 27.68
N LEU D 2459 -19.58 21.73 27.95
CA LEU D 2459 -19.15 21.69 29.34
C LEU D 2459 -19.32 23.05 30.01
N ASN D 2460 -19.44 24.10 29.22
CA ASN D 2460 -19.64 25.43 29.82
C ASN D 2460 -21.09 25.68 30.19
N VAL D 2461 -22.03 25.45 29.28
CA VAL D 2461 -23.42 25.78 29.54
C VAL D 2461 -24.01 24.92 30.65
N SER D 2462 -23.26 23.93 31.13
CA SER D 2462 -23.65 23.14 32.30
C SER D 2462 -24.07 24.01 33.49
N LYS D 2502 -16.35 55.15 42.24
CA LYS D 2502 -15.02 55.55 41.81
C LYS D 2502 -14.58 54.75 40.60
N LYS D 2503 -14.28 53.47 40.82
CA LYS D 2503 -13.90 52.59 39.72
C LYS D 2503 -14.95 52.57 38.63
N SER D 2504 -16.21 52.82 38.97
CA SER D 2504 -17.28 52.84 37.97
C SER D 2504 -16.99 53.88 36.90
N PHE D 2505 -16.69 55.11 37.30
CA PHE D 2505 -16.49 56.17 36.32
C PHE D 2505 -15.22 55.97 35.52
N LYS D 2506 -14.13 55.53 36.17
CA LYS D 2506 -12.92 55.23 35.44
C LYS D 2506 -13.16 54.18 34.38
N LYS D 2507 -13.89 53.12 34.73
CA LYS D 2507 -14.22 52.09 33.75
C LYS D 2507 -15.09 52.65 32.64
N LYS D 2508 -16.00 53.56 32.95
CA LYS D 2508 -16.81 54.18 31.92
C LYS D 2508 -15.95 54.89 30.90
N TYR D 2509 -15.01 55.71 31.37
CA TYR D 2509 -14.14 56.44 30.45
C TYR D 2509 -13.32 55.50 29.59
N LYS D 2510 -12.67 54.52 30.23
CA LYS D 2510 -11.84 53.58 29.49
C LYS D 2510 -12.65 52.86 28.41
N ASP D 2511 -13.83 52.36 28.78
CA ASP D 2511 -14.62 51.57 27.83
C ASP D 2511 -15.15 52.43 26.71
N LYS D 2512 -15.58 53.64 27.01
CA LYS D 2512 -16.04 54.52 25.95
C LYS D 2512 -14.94 54.76 24.93
N ALA D 2513 -13.72 55.06 25.41
CA ALA D 2513 -12.62 55.30 24.49
C ALA D 2513 -12.34 54.07 23.64
N ILE D 2514 -12.26 52.91 24.27
CA ILE D 2514 -11.93 51.68 23.54
C ILE D 2514 -12.97 51.37 22.48
N ILE D 2515 -14.24 51.58 22.79
CA ILE D 2515 -15.28 51.24 21.82
C ILE D 2515 -15.29 52.21 20.66
N TYR D 2516 -15.20 53.52 20.96
CA TYR D 2516 -15.28 54.50 19.90
C TYR D 2516 -14.11 54.39 18.94
N TYR D 2517 -12.93 53.99 19.45
CA TYR D 2517 -11.81 53.75 18.57
C TYR D 2517 -12.18 52.80 17.42
N GLU D 2518 -12.56 51.58 17.76
CA GLU D 2518 -12.78 50.57 16.72
C GLU D 2518 -14.03 50.85 15.92
N VAL D 2519 -15.05 51.46 16.52
CA VAL D 2519 -16.21 51.84 15.74
C VAL D 2519 -15.80 52.76 14.61
N GLY D 2520 -15.01 53.79 14.92
CA GLY D 2520 -14.60 54.72 13.88
C GLY D 2520 -13.69 54.07 12.85
N LYS D 2521 -12.84 53.17 13.30
CA LYS D 2521 -11.92 52.50 12.38
C LYS D 2521 -12.68 51.69 11.33
N PHE D 2522 -13.66 50.89 11.77
CA PHE D 2522 -14.43 50.09 10.82
C PHE D 2522 -15.39 50.94 10.00
N VAL D 2523 -15.93 52.02 10.57
CA VAL D 2523 -16.81 52.87 9.78
C VAL D 2523 -16.05 53.45 8.60
N LEU D 2524 -14.82 53.92 8.83
CA LEU D 2524 -14.08 54.50 7.72
C LEU D 2524 -13.64 53.43 6.72
N ASN D 2525 -13.26 52.25 7.21
CA ASN D 2525 -12.93 51.17 6.29
C ASN D 2525 -14.09 50.87 5.35
N TYR D 2526 -15.27 50.63 5.90
CA TYR D 2526 -16.43 50.32 5.08
C TYR D 2526 -16.73 51.44 4.11
N PHE D 2527 -16.73 52.68 4.59
CA PHE D 2527 -17.06 53.78 3.71
C PHE D 2527 -16.13 53.83 2.52
N LEU D 2528 -14.82 53.82 2.79
CA LEU D 2528 -13.87 53.96 1.69
C LEU D 2528 -13.97 52.82 0.70
N ASN D 2529 -14.14 51.59 1.17
CA ASN D 2529 -14.15 50.48 0.24
C ASN D 2529 -15.46 50.32 -0.52
N ASN D 2530 -16.60 50.47 0.12
CA ASN D 2530 -17.86 50.12 -0.51
C ASN D 2530 -18.75 51.28 -0.87
N GLN D 2531 -18.35 52.52 -0.65
CA GLN D 2531 -19.23 53.65 -0.92
C GLN D 2531 -18.60 54.77 -1.72
N LEU D 2532 -17.30 54.99 -1.60
CA LEU D 2532 -16.63 55.95 -2.46
C LEU D 2532 -16.71 55.55 -3.91
N THR D 2533 -16.84 54.25 -4.18
CA THR D 2533 -16.76 53.74 -5.54
C THR D 2533 -17.92 54.22 -6.40
N GLN D 2534 -18.77 55.08 -5.86
CA GLN D 2534 -19.91 55.60 -6.61
C GLN D 2534 -19.83 57.11 -6.76
N ASP D 2551 -19.12 44.88 -6.55
CA ASP D 2551 -20.44 44.28 -6.57
C ASP D 2551 -20.84 43.78 -5.18
N ILE D 2552 -19.94 43.09 -4.51
CA ILE D 2552 -20.22 42.47 -3.22
C ILE D 2552 -19.52 43.25 -2.14
N THR D 2553 -20.16 43.35 -0.98
CA THR D 2553 -19.60 44.05 0.17
C THR D 2553 -18.30 43.38 0.61
N ILE D 2554 -17.26 44.18 0.86
CA ILE D 2554 -15.95 43.66 1.21
C ILE D 2554 -15.32 44.52 2.29
N PHE D 2555 -14.34 43.95 2.98
CA PHE D 2555 -13.61 44.62 4.05
C PHE D 2555 -12.11 44.52 3.81
N GLY D 2556 -11.36 45.41 4.45
CA GLY D 2556 -9.92 45.46 4.32
C GLY D 2556 -9.24 44.62 5.39
N ASN D 2557 -7.91 44.56 5.29
CA ASN D 2557 -7.13 43.77 6.24
C ASN D 2557 -6.14 44.60 7.04
N ASP D 2558 -5.92 45.86 6.66
CA ASP D 2558 -5.34 46.88 7.53
C ASP D 2558 -3.83 46.77 7.76
N PHE D 2559 -3.20 45.69 7.31
CA PHE D 2559 -1.77 45.51 7.55
C PHE D 2559 -0.99 45.95 6.32
N LEU D 2560 0.02 46.79 6.54
CA LEU D 2560 0.88 47.27 5.47
C LEU D 2560 2.23 46.58 5.57
N ASN D 2561 2.51 45.73 4.60
CA ASN D 2561 3.78 45.05 4.47
C ASN D 2561 4.85 46.05 4.06
N LEU D 2562 6.06 45.55 3.81
CA LEU D 2562 7.03 46.38 3.11
C LEU D 2562 6.84 46.31 1.61
N LYS D 2563 6.45 45.14 1.10
CA LYS D 2563 6.11 45.00 -0.30
C LYS D 2563 5.00 45.96 -0.70
N THR D 2564 3.98 46.07 0.15
CA THR D 2564 2.86 46.95 -0.15
C THR D 2564 3.29 48.40 -0.11
N ILE D 2565 4.15 48.76 0.84
CA ILE D 2565 4.62 50.14 0.94
C ILE D 2565 5.45 50.50 -0.28
N ASN D 2566 6.32 49.60 -0.72
CA ASN D 2566 7.08 49.86 -1.94
C ASN D 2566 6.16 50.06 -3.13
N TYR D 2567 5.17 49.18 -3.30
CA TYR D 2567 4.28 49.33 -4.44
C TYR D 2567 3.53 50.65 -4.39
N LEU D 2568 2.92 50.96 -3.25
CA LEU D 2568 2.13 52.18 -3.14
C LEU D 2568 2.96 53.42 -3.35
N SER D 2569 4.15 53.47 -2.77
CA SER D 2569 4.93 54.69 -2.86
C SER D 2569 5.63 54.84 -4.20
N LEU D 2570 5.92 53.76 -4.91
CA LEU D 2570 6.62 53.89 -6.17
C LEU D 2570 5.70 53.98 -7.37
N TYR D 2571 4.46 53.51 -7.31
CA TYR D 2571 3.65 53.49 -8.52
C TYR D 2571 2.29 54.15 -8.42
N ASN D 2572 1.87 54.62 -7.26
CA ASN D 2572 0.55 55.23 -7.14
C ASN D 2572 0.68 56.74 -6.95
N SER D 2573 -0.42 57.43 -7.22
CA SER D 2573 -0.44 58.88 -7.16
C SER D 2573 -0.56 59.34 -5.72
N LYS D 2574 -0.83 60.62 -5.51
CA LYS D 2574 -0.91 61.15 -4.17
C LYS D 2574 -2.24 60.85 -3.49
N ASN D 2575 -3.32 60.83 -4.27
CA ASN D 2575 -4.64 60.62 -3.69
C ASN D 2575 -4.79 59.22 -3.11
N LYS D 2576 -4.18 58.23 -3.74
CA LYS D 2576 -4.20 56.88 -3.19
C LYS D 2576 -3.53 56.84 -1.83
N ILE D 2577 -2.39 57.52 -1.69
CA ILE D 2577 -1.70 57.52 -0.41
C ILE D 2577 -2.51 58.26 0.64
N LEU D 2578 -3.22 59.31 0.23
CA LEU D 2578 -4.06 60.00 1.19
C LEU D 2578 -5.19 59.10 1.67
N LEU D 2579 -5.73 58.27 0.78
CA LEU D 2579 -6.77 57.33 1.22
C LEU D 2579 -6.21 56.33 2.22
N GLN D 2580 -5.02 55.82 1.98
CA GLN D 2580 -4.43 54.91 2.96
C GLN D 2580 -4.26 55.57 4.32
N LEU D 2581 -3.85 56.84 4.33
CA LEU D 2581 -3.65 57.50 5.61
C LEU D 2581 -4.97 57.73 6.33
N MET D 2582 -6.02 58.06 5.59
CA MET D 2582 -7.35 58.14 6.21
C MET D 2582 -7.69 56.83 6.90
N LEU D 2583 -7.43 55.71 6.22
CA LEU D 2583 -7.66 54.41 6.83
C LEU D 2583 -6.89 54.26 8.13
N ILE D 2584 -5.68 54.80 8.19
CA ILE D 2584 -4.89 54.63 9.41
C ILE D 2584 -5.43 55.48 10.56
N PHE D 2585 -5.87 56.70 10.30
CA PHE D 2585 -6.19 57.63 11.40
C PHE D 2585 -7.67 57.73 11.75
N GLY D 2586 -8.54 56.97 11.07
CA GLY D 2586 -9.95 57.01 11.40
C GLY D 2586 -10.26 56.79 12.87
N GLY D 2587 -9.56 55.86 13.52
CA GLY D 2587 -9.89 55.52 14.88
C GLY D 2587 -9.63 56.66 15.86
N LYS D 2588 -8.47 57.29 15.75
CA LYS D 2588 -8.17 58.43 16.59
C LYS D 2588 -9.13 59.58 16.35
N ILE D 2589 -9.47 59.85 15.09
CA ILE D 2589 -10.38 60.95 14.85
C ILE D 2589 -11.75 60.67 15.45
N SER D 2590 -12.19 59.41 15.40
CA SER D 2590 -13.46 59.03 15.99
C SER D 2590 -13.44 59.21 17.51
N GLN D 2591 -12.34 58.82 18.14
CA GLN D 2591 -12.19 59.06 19.57
C GLN D 2591 -12.27 60.55 19.88
N LEU D 2592 -11.70 61.37 19.00
CA LEU D 2592 -11.69 62.81 19.23
C LEU D 2592 -13.08 63.40 19.18
N LEU D 2593 -13.85 63.00 18.21
CA LEU D 2593 -15.18 63.58 18.04
C LEU D 2593 -16.15 63.24 19.10
N SER D 2594 -15.82 62.53 20.17
CA SER D 2594 -16.82 62.03 21.08
C SER D 2594 -16.45 62.21 22.54
N SER D 2595 -15.46 63.04 22.85
CA SER D 2595 -14.96 63.16 24.20
C SER D 2595 -15.48 64.43 24.86
N LYS D 2596 -15.72 64.34 26.16
CA LYS D 2596 -16.18 65.46 26.95
C LYS D 2596 -14.99 66.29 27.40
N ASN D 2597 -15.05 67.60 27.15
CA ASN D 2597 -14.03 68.52 27.62
C ASN D 2597 -14.30 68.86 29.07
N LEU D 2598 -13.46 68.38 29.98
CA LEU D 2598 -13.73 68.50 31.41
C LEU D 2598 -13.37 69.85 31.99
N VAL D 2599 -12.68 70.71 31.25
CA VAL D 2599 -12.28 72.00 31.79
C VAL D 2599 -13.49 72.79 32.23
N LYS D 2600 -14.57 72.71 31.44
CA LYS D 2600 -15.78 73.46 31.75
C LYS D 2600 -16.28 73.17 33.16
N SER D 2601 -16.52 71.90 33.46
CA SER D 2601 -17.02 71.54 34.79
C SER D 2601 -15.97 71.66 35.88
N LEU D 2602 -14.69 71.47 35.56
CA LEU D 2602 -13.69 71.59 36.60
C LEU D 2602 -13.48 73.03 37.02
N LYS D 2603 -13.75 73.98 36.13
CA LYS D 2603 -13.65 75.39 36.49
C LYS D 2603 -14.98 76.02 36.87
N GLN D 2604 -16.10 75.37 36.57
CA GLN D 2604 -17.39 75.93 36.92
C GLN D 2604 -17.82 75.52 38.33
N ALA D 2605 -17.81 74.21 38.61
CA ALA D 2605 -18.25 73.72 39.91
C ALA D 2605 -17.41 74.27 41.06
N SER D 2606 -16.35 75.01 40.77
CA SER D 2606 -15.56 75.69 41.78
C SER D 2606 -15.62 77.21 41.61
N ILE D 2607 -15.50 77.69 40.37
CA ILE D 2607 -15.53 79.11 40.09
C ILE D 2607 -16.73 79.46 39.21
N GLY D 2623 0.35 84.06 36.38
CA GLY D 2623 0.92 83.94 35.05
C GLY D 2623 0.42 82.73 34.29
N MET D 2624 0.01 81.75 35.01
CA MET D 2624 -0.51 80.51 34.46
C MET D 2624 -1.90 80.72 33.87
N PRO D 2625 -2.28 79.92 32.87
CA PRO D 2625 -3.64 80.04 32.34
C PRO D 2625 -4.72 79.77 33.37
N LEU D 2626 -4.42 79.06 34.46
CA LEU D 2626 -5.41 78.92 35.51
C LEU D 2626 -5.43 80.11 36.46
N GLY D 2627 -4.65 81.15 36.17
CA GLY D 2627 -4.67 82.33 37.01
C GLY D 2627 -5.67 83.38 36.57
N GLN D 2628 -6.07 83.37 35.31
CA GLN D 2628 -7.07 84.32 34.83
C GLN D 2628 -8.40 84.04 35.48
N THR D 2629 -9.00 85.07 36.07
CA THR D 2629 -10.20 84.94 36.88
C THR D 2629 -11.37 85.73 36.29
N HIS D 2630 -11.19 86.12 35.03
CA HIS D 2630 -12.21 86.96 34.36
C HIS D 2630 -12.65 86.22 33.10
N LEU D 2631 -12.73 86.91 31.96
CA LEU D 2631 -13.06 86.27 30.65
C LEU D 2631 -14.29 85.35 30.77
N LEU D 2632 -15.47 85.85 30.42
CA LEU D 2632 -16.71 85.02 30.44
C LEU D 2632 -16.40 83.53 30.34
N PRO D 2633 -16.80 82.69 31.32
CA PRO D 2633 -16.47 81.28 31.32
C PRO D 2633 -16.41 80.42 30.05
N LYS D 2634 -16.88 80.92 28.90
CA LYS D 2634 -16.75 80.14 27.65
C LYS D 2634 -15.45 80.51 26.97
N ALA D 2635 -15.18 81.81 26.90
CA ALA D 2635 -13.92 82.21 26.29
C ALA D 2635 -12.73 81.93 27.20
N LEU D 2636 -12.96 81.45 28.42
CA LEU D 2636 -11.89 81.05 29.30
C LEU D 2636 -11.44 79.62 29.03
N SER D 2637 -12.32 78.79 28.48
CA SER D 2637 -11.99 77.38 28.28
C SER D 2637 -11.10 77.12 27.08
N VAL D 2638 -10.57 78.16 26.43
CA VAL D 2638 -9.69 77.96 25.27
C VAL D 2638 -8.26 78.39 25.58
N LEU D 2639 -7.95 78.73 26.82
CA LEU D 2639 -6.62 79.22 27.12
C LEU D 2639 -5.58 78.12 27.06
N ALA D 2640 -6.00 76.86 27.11
CA ALA D 2640 -5.08 75.74 27.03
C ALA D 2640 -5.82 74.53 26.47
N LYS D 2641 -5.08 73.44 26.33
CA LYS D 2641 -5.63 72.25 25.67
C LYS D 2641 -6.85 71.72 26.42
N PRO D 2642 -7.83 71.17 25.71
CA PRO D 2642 -8.96 70.54 26.39
C PRO D 2642 -8.51 69.30 27.15
N MET D 2643 -9.25 68.99 28.21
CA MET D 2643 -8.95 67.81 29.04
C MET D 2643 -9.72 66.63 28.47
N ILE D 2644 -9.09 65.94 27.53
CA ILE D 2644 -9.63 64.74 26.92
C ILE D 2644 -8.96 63.54 27.55
N PHE D 2645 -9.73 62.49 27.82
CA PHE D 2645 -9.16 61.32 28.49
C PHE D 2645 -8.12 60.64 27.62
N SER D 2646 -8.45 60.39 26.37
CA SER D 2646 -7.61 59.59 25.47
C SER D 2646 -6.85 60.54 24.56
N ASP D 2647 -5.64 60.91 24.98
CA ASP D 2647 -4.78 61.78 24.20
C ASP D 2647 -3.58 60.98 23.71
N GLY D 2648 -2.96 61.47 22.65
CA GLY D 2648 -1.80 60.80 22.10
C GLY D 2648 -2.19 59.74 21.09
N TYR D 2649 -1.19 59.27 20.36
CA TYR D 2649 -1.40 58.31 19.28
C TYR D 2649 -0.74 56.99 19.62
N ASN D 2650 -1.09 55.97 18.84
CA ASN D 2650 -0.46 54.68 18.96
C ASN D 2650 0.78 54.64 18.10
N ASN D 2651 1.80 53.92 18.54
CA ASN D 2651 3.09 54.04 17.87
C ASN D 2651 3.14 53.26 16.57
N GLN D 2652 2.35 52.19 16.44
CA GLN D 2652 2.34 51.45 15.18
C GLN D 2652 1.77 52.28 14.06
N ASN D 2653 0.71 53.04 14.33
CA ASN D 2653 0.12 53.89 13.31
C ASN D 2653 1.09 54.95 12.86
N LEU D 2654 1.84 55.53 13.80
CA LEU D 2654 2.81 56.56 13.45
C LEU D 2654 3.96 55.97 12.64
N LYS D 2655 4.44 54.79 13.03
CA LYS D 2655 5.49 54.15 12.25
C LYS D 2655 5.05 53.92 10.82
N THR D 2656 3.84 53.38 10.64
CA THR D 2656 3.36 53.10 9.29
C THR D 2656 3.23 54.37 8.46
N ALA D 2657 2.61 55.40 9.04
CA ALA D 2657 2.43 56.64 8.30
C ALA D 2657 3.76 57.23 7.86
N THR D 2658 4.70 57.37 8.79
CA THR D 2658 5.94 58.04 8.42
C THR D 2658 6.77 57.19 7.47
N THR D 2659 6.72 55.86 7.59
CA THR D 2659 7.47 55.04 6.66
C THR D 2659 6.92 55.17 5.25
N LEU D 2660 5.60 55.17 5.11
CA LEU D 2660 4.98 55.36 3.80
C LEU D 2660 5.41 56.68 3.19
N LEU D 2661 5.35 57.76 3.96
CA LEU D 2661 5.68 59.07 3.39
C LEU D 2661 7.16 59.21 3.10
N LEU D 2662 8.01 58.65 3.97
CA LEU D 2662 9.45 58.74 3.71
C LEU D 2662 9.83 57.97 2.45
N SER D 2663 9.22 56.81 2.22
CA SER D 2663 9.48 56.11 0.98
C SER D 2663 9.07 56.96 -0.21
N PHE D 2664 7.87 57.54 -0.17
CA PHE D 2664 7.43 58.35 -1.29
C PHE D 2664 8.41 59.47 -1.58
N ILE D 2665 9.01 60.06 -0.54
CA ILE D 2665 9.92 61.18 -0.79
C ILE D 2665 11.26 60.70 -1.29
N HIS D 2666 11.84 59.71 -0.64
CA HIS D 2666 13.23 59.36 -0.85
C HIS D 2666 13.47 58.39 -1.99
N LYS D 2667 12.45 57.70 -2.50
CA LYS D 2667 12.67 56.72 -3.53
C LYS D 2667 12.09 57.10 -4.88
N ARG D 2668 11.21 58.08 -4.93
CA ARG D 2668 10.52 58.46 -6.15
C ARG D 2668 10.90 59.89 -6.48
N TYR D 2669 12.01 60.06 -7.18
CA TYR D 2669 12.57 61.39 -7.39
C TYR D 2669 11.71 62.17 -8.36
N LEU D 2670 10.67 62.80 -7.82
CA LEU D 2670 9.87 63.72 -8.58
C LEU D 2670 9.98 65.11 -7.98
N TYR D 2671 10.10 66.11 -8.85
CA TYR D 2671 10.23 67.52 -8.52
C TYR D 2671 11.61 67.92 -8.01
N ARG D 2672 12.47 66.94 -7.72
CA ARG D 2672 13.82 67.27 -7.29
C ARG D 2672 14.70 66.07 -7.64
N LYS D 2673 15.32 66.11 -8.80
CA LYS D 2673 16.15 64.98 -9.20
C LYS D 2673 17.61 65.17 -8.85
N ASN D 2674 18.03 66.36 -8.47
CA ASN D 2674 19.43 66.61 -8.20
C ASN D 2674 19.88 66.10 -6.85
N LEU D 2675 18.97 65.62 -6.02
CA LEU D 2675 19.39 65.12 -4.72
C LEU D 2675 19.85 63.68 -4.77
N ILE D 2676 19.99 63.10 -5.96
CA ILE D 2676 20.59 61.78 -6.08
C ILE D 2676 22.11 61.85 -6.06
N VAL D 2677 22.68 63.04 -6.24
CA VAL D 2677 24.13 63.15 -6.30
C VAL D 2677 24.82 62.66 -5.04
N PRO D 2678 24.30 62.91 -3.84
CA PRO D 2678 24.98 62.40 -2.64
C PRO D 2678 24.65 60.97 -2.28
N LYS D 2679 24.21 60.15 -3.24
CA LYS D 2679 23.79 58.79 -2.96
C LYS D 2679 25.02 57.97 -2.62
N LEU D 2680 25.02 56.66 -2.82
CA LEU D 2680 25.84 55.80 -1.98
C LEU D 2680 27.30 56.20 -2.01
N LEU D 2681 27.61 57.28 -1.30
CA LEU D 2681 28.93 57.91 -1.27
C LEU D 2681 29.11 58.54 0.09
N SER D 2682 30.14 58.13 0.81
CA SER D 2682 30.45 58.67 2.14
C SER D 2682 31.35 59.88 2.01
N PHE D 2683 31.47 60.63 3.10
CA PHE D 2683 32.30 61.82 3.08
C PHE D 2683 33.27 61.89 4.25
N ALA D 2684 33.42 60.81 5.02
CA ALA D 2684 34.50 60.70 6.00
C ALA D 2684 34.43 61.84 7.02
N ASP D 2685 33.40 61.80 7.85
CA ASP D 2685 33.16 62.91 8.78
C ASP D 2685 33.89 62.71 10.10
N GLY D 2686 33.47 61.73 10.89
CA GLY D 2686 34.15 61.58 12.17
C GLY D 2686 34.98 60.33 12.27
N ASN D 2687 36.29 60.46 12.07
CA ASN D 2687 37.18 59.32 12.12
C ASN D 2687 38.62 59.73 11.92
N ILE D 2688 39.52 58.78 12.06
CA ILE D 2688 40.92 59.03 11.77
C ILE D 2688 41.11 58.95 10.27
N LEU D 2689 41.97 59.82 9.74
CA LEU D 2689 42.04 60.04 8.30
C LEU D 2689 42.34 58.77 7.52
N ASP D 2690 43.50 58.17 7.72
CA ASP D 2690 43.86 56.94 6.99
C ASP D 2690 44.07 55.81 7.98
N GLU D 2691 43.20 54.85 7.94
CA GLU D 2691 43.37 53.74 8.86
C GLU D 2691 43.39 52.43 8.11
N PRO D 2692 44.33 51.56 8.41
CA PRO D 2692 44.40 50.27 7.74
C PRO D 2692 43.35 49.32 8.29
N PRO D 2693 43.08 48.23 7.61
CA PRO D 2693 42.09 47.28 8.12
C PRO D 2693 42.54 46.56 9.37
N SER D 2694 41.71 45.66 9.87
CA SER D 2694 41.87 45.03 11.16
C SER D 2694 41.99 43.51 11.04
N PRO D 2695 42.31 42.81 12.13
CA PRO D 2695 42.69 41.39 12.07
C PRO D 2695 41.89 40.55 11.10
N PRO D 2696 40.56 40.67 11.03
CA PRO D 2696 39.85 39.84 10.04
C PRO D 2696 40.40 39.96 8.64
N PHE D 2697 41.15 41.03 8.35
CA PHE D 2697 41.78 41.22 7.05
C PHE D 2697 43.29 41.36 7.10
N SER D 2698 43.87 41.88 8.18
CA SER D 2698 45.23 42.37 8.09
C SER D 2698 46.14 42.09 9.28
N SER D 2699 45.70 41.36 10.30
CA SER D 2699 46.55 40.98 11.41
C SER D 2699 47.22 42.14 12.15
N LEU D 2700 46.78 43.38 11.94
CA LEU D 2700 47.39 44.54 12.56
C LEU D 2700 46.53 45.02 13.72
N LEU D 2701 47.16 45.35 14.85
CA LEU D 2701 46.46 45.52 16.11
C LEU D 2701 46.50 46.92 16.68
N ILE D 2702 46.87 47.93 15.89
CA ILE D 2702 46.98 49.29 16.43
C ILE D 2702 45.62 50.00 16.47
N PRO D 2703 44.81 49.95 15.42
CA PRO D 2703 43.48 50.57 15.52
C PRO D 2703 42.65 50.07 16.68
N ALA D 2704 42.66 48.76 16.96
CA ALA D 2704 41.86 48.26 18.07
C ALA D 2704 42.43 48.72 19.41
N LYS D 2705 43.75 48.79 19.52
CA LYS D 2705 44.37 49.25 20.75
C LYS D 2705 43.99 50.70 21.03
N ARG D 2706 43.78 51.49 19.99
CA ARG D 2706 43.36 52.87 20.24
C ARG D 2706 41.87 52.95 20.51
N PHE D 2707 41.09 52.12 19.84
CA PHE D 2707 39.66 52.09 20.10
C PHE D 2707 39.35 51.77 21.56
N GLU D 2708 40.16 50.92 22.20
CA GLU D 2708 39.86 50.59 23.60
C GLU D 2708 39.98 51.81 24.50
N ASN D 2709 40.99 52.67 24.26
CA ASN D 2709 41.09 53.88 25.05
C ASN D 2709 40.02 54.88 24.71
N TYR D 2710 39.58 54.90 23.45
CA TYR D 2710 38.41 55.69 23.09
C TYR D 2710 37.22 55.31 23.96
N LYS D 2711 36.96 54.01 24.11
CA LYS D 2711 35.83 53.58 24.91
C LYS D 2711 36.02 53.92 26.38
N ARG D 2712 37.23 53.80 26.90
CA ARG D 2712 37.47 54.25 28.27
C ARG D 2712 37.09 55.71 28.44
N PHE D 2713 37.52 56.56 27.51
CA PHE D 2713 37.20 57.98 27.61
C PHE D 2713 35.70 58.21 27.61
N PHE D 2714 34.99 57.53 26.71
CA PHE D 2714 33.54 57.65 26.70
C PHE D 2714 32.94 57.32 28.06
N ARG D 2715 33.29 56.16 28.60
CA ARG D 2715 32.65 55.76 29.86
C ARG D 2715 33.01 56.68 31.00
N ASP D 2716 34.24 57.21 31.01
CA ASP D 2716 34.66 57.98 32.18
C ASP D 2716 34.23 59.44 32.12
N THR D 2717 33.99 60.00 30.94
CA THR D 2717 33.66 61.42 30.87
C THR D 2717 32.24 61.70 30.43
N LEU D 2718 31.78 61.07 29.35
CA LEU D 2718 30.53 61.45 28.71
C LEU D 2718 29.30 60.79 29.29
N THR D 2719 29.25 59.46 29.35
CA THR D 2719 27.99 58.77 29.59
C THR D 2719 27.89 58.20 31.00
N GLY D 2720 28.87 57.46 31.45
CA GLY D 2720 28.71 56.64 32.63
C GLY D 2720 28.47 55.21 32.25
N ASP D 2721 28.07 54.42 33.23
CA ASP D 2721 27.88 52.99 32.99
C ASP D 2721 26.43 52.58 32.91
N LYS D 2722 25.53 53.39 33.45
CA LYS D 2722 24.09 53.19 33.28
C LYS D 2722 23.46 54.51 32.90
N MET D 2723 22.30 54.43 32.26
CA MET D 2723 21.57 55.64 31.95
C MET D 2723 21.14 56.32 33.25
N GLY D 2724 21.65 57.51 33.49
CA GLY D 2724 21.25 58.29 34.63
C GLY D 2724 22.38 58.72 35.54
N GLN D 2725 23.60 58.28 35.27
CA GLN D 2725 24.72 58.62 36.13
C GLN D 2725 25.46 59.84 35.61
N ARG D 2726 26.03 60.61 36.52
CA ARG D 2726 26.79 61.78 36.11
C ARG D 2726 28.10 61.39 35.44
N LYS D 2727 28.70 60.30 35.92
CA LYS D 2727 29.92 59.77 35.34
C LYS D 2727 30.01 58.32 35.80
N SER D 2728 31.19 57.72 35.66
CA SER D 2728 31.44 56.48 36.36
C SER D 2728 31.45 56.73 37.85
N GLN D 2729 30.64 55.99 38.60
CA GLN D 2729 30.51 56.21 40.02
C GLN D 2729 30.93 54.96 40.77
N ILE D 2730 31.36 55.16 42.02
CA ILE D 2730 31.68 54.00 42.90
C ILE D 2730 30.32 53.39 43.26
N THR D 2731 30.11 52.12 42.98
CA THR D 2731 28.78 51.49 43.16
C THR D 2731 28.44 51.31 44.62
N LEU D 2732 27.28 50.73 44.90
CA LEU D 2732 26.91 50.42 46.32
C LEU D 2732 27.71 49.18 46.71
N LEU D 2733 27.80 48.19 45.84
CA LEU D 2733 28.52 46.94 46.18
C LEU D 2733 29.90 47.29 46.75
N GLU D 2734 30.54 48.32 46.23
CA GLU D 2734 31.90 48.69 46.70
C GLU D 2734 31.77 49.48 48.01
N LYS D 2735 30.92 50.49 48.07
CA LYS D 2735 30.74 51.18 49.36
C LYS D 2735 30.50 50.14 50.47
N LEU D 2736 29.82 49.03 50.19
CA LEU D 2736 29.62 47.95 51.14
C LEU D 2736 30.92 47.21 51.42
N GLN D 2737 31.73 46.99 50.39
CA GLN D 2737 32.95 46.22 50.62
C GLN D 2737 33.98 47.03 51.39
N TYR D 2738 34.04 48.33 51.18
CA TYR D 2738 34.88 49.16 52.04
C TYR D 2738 34.45 49.01 53.49
N HIS D 2739 33.13 49.08 53.74
CA HIS D 2739 32.65 48.94 55.10
C HIS D 2739 33.00 47.58 55.67
N MET D 2740 32.91 46.53 54.87
CA MET D 2740 33.18 45.19 55.37
C MET D 2740 34.66 44.99 55.66
N GLN D 2741 35.54 45.50 54.80
CA GLN D 2741 36.97 45.43 55.07
C GLN D 2741 37.32 46.13 56.37
N LEU D 2742 36.81 47.35 56.55
CA LEU D 2742 37.15 48.08 57.77
C LEU D 2742 36.60 47.37 58.99
N ARG D 2743 35.37 46.85 58.91
CA ARG D 2743 34.80 46.09 60.01
C ARG D 2743 35.69 44.91 60.37
N SER D 2744 36.12 44.16 59.36
CA SER D 2744 36.92 42.98 59.64
C SER D 2744 38.26 43.32 60.25
N ILE D 2745 38.93 44.35 59.75
CA ILE D 2745 40.21 44.73 60.33
C ILE D 2745 40.04 45.21 61.76
N LYS D 2746 38.97 45.96 62.02
CA LYS D 2746 38.74 46.44 63.37
C LYS D 2746 38.51 45.30 64.33
N GLN D 2747 37.81 44.26 63.85
CA GLN D 2747 37.58 43.08 64.73
C GLN D 2747 38.92 42.38 64.98
N LEU D 2748 39.56 41.78 63.99
CA LEU D 2748 40.89 41.17 64.23
C LEU D 2748 41.56 41.93 65.36
N ASN D 2749 42.01 43.14 65.08
CA ASN D 2749 42.73 43.97 66.09
C ASN D 2749 42.17 43.71 67.49
N ALA D 2750 41.11 44.42 67.85
CA ALA D 2750 40.54 44.32 69.22
C ALA D 2750 40.44 42.88 69.71
N THR D 2751 39.80 41.98 68.97
CA THR D 2751 39.57 40.60 69.49
C THR D 2751 40.86 39.89 69.84
N PHE D 2752 41.82 39.87 68.93
CA PHE D 2752 43.05 39.06 69.22
C PHE D 2752 43.91 39.79 70.25
N SER D 2753 43.75 41.12 70.35
CA SER D 2753 44.51 41.85 71.39
C SER D 2753 43.91 41.51 72.77
N SER D 2754 42.60 41.29 72.81
CA SER D 2754 41.92 40.98 74.10
C SER D 2754 42.14 39.51 74.49
N ASN D 2763 25.87 42.38 68.68
CA ASN D 2763 26.24 43.61 67.98
C ASN D 2763 26.99 43.28 66.70
N ALA D 2764 27.14 41.99 66.42
CA ALA D 2764 27.85 41.53 65.23
C ALA D 2764 26.91 41.09 64.12
N ALA D 2765 26.05 40.10 64.39
CA ALA D 2765 25.22 39.52 63.33
C ALA D 2765 24.09 40.44 62.91
N LEU D 2766 23.64 41.34 63.78
CA LEU D 2766 22.62 42.30 63.39
C LEU D 2766 23.09 43.16 62.22
N THR D 2767 24.23 43.84 62.39
CA THR D 2767 24.78 44.63 61.31
C THR D 2767 25.03 43.79 60.07
N SER D 2768 25.47 42.54 60.24
CA SER D 2768 25.74 41.69 59.09
C SER D 2768 24.49 41.41 58.29
N GLN D 2769 23.41 41.01 58.96
CA GLN D 2769 22.18 40.67 58.22
C GLN D 2769 21.58 41.90 57.57
N LYS D 2770 21.55 43.03 58.30
CA LYS D 2770 20.99 44.21 57.65
C LYS D 2770 21.89 44.73 56.56
N LEU D 2771 23.20 44.47 56.64
CA LEU D 2771 24.11 44.89 55.59
C LEU D 2771 23.91 44.04 54.34
N ASP D 2772 23.64 42.75 54.51
CA ASP D 2772 23.35 41.95 53.34
C ASP D 2772 21.99 42.28 52.72
N THR D 2773 20.98 42.60 53.53
CA THR D 2773 19.72 43.00 52.90
C THR D 2773 19.84 44.39 52.29
N LEU D 2774 20.83 45.16 52.73
CA LEU D 2774 21.23 46.36 51.98
C LEU D 2774 21.84 45.98 50.64
N MET D 2775 22.75 45.00 50.66
CA MET D 2775 23.31 44.47 49.43
C MET D 2775 22.24 44.03 48.46
N SER D 2776 21.07 43.64 48.96
CA SER D 2776 20.02 43.13 48.08
C SER D 2776 19.61 44.15 47.02
N LEU D 2777 19.78 45.45 47.27
CA LEU D 2777 19.28 46.40 46.30
C LEU D 2777 20.10 46.37 45.02
N SER D 2778 21.31 46.93 45.06
CA SER D 2778 22.37 46.71 44.08
C SER D 2778 21.94 46.96 42.64
N THR D 2779 20.66 47.27 42.42
CA THR D 2779 20.12 47.40 41.09
C THR D 2779 19.13 48.53 40.93
N ASN D 2780 18.48 48.99 42.01
CA ASN D 2780 17.62 50.16 41.92
C ASN D 2780 18.50 51.35 41.56
N ASN D 2781 18.43 51.79 40.31
CA ASN D 2781 19.32 52.85 39.86
C ASN D 2781 18.96 54.21 40.42
N LEU D 2782 17.85 54.32 41.14
CA LEU D 2782 17.43 55.60 41.70
C LEU D 2782 17.84 55.72 43.17
N LEU D 2783 19.15 55.68 43.39
CA LEU D 2783 19.70 55.92 44.71
C LEU D 2783 20.36 57.29 44.74
N GLN D 2784 20.45 57.88 45.92
CA GLN D 2784 21.00 59.21 46.08
C GLN D 2784 22.47 59.09 46.45
N ASN D 2785 23.34 59.59 45.58
CA ASN D 2785 24.77 59.64 45.84
C ASN D 2785 25.21 61.09 45.79
N PRO D 2786 25.34 61.76 46.92
CA PRO D 2786 25.41 63.22 46.90
C PRO D 2786 26.67 63.81 46.29
N THR D 2787 27.76 63.06 46.29
CA THR D 2787 29.04 63.62 45.88
C THR D 2787 29.85 62.55 45.16
N ASN D 2788 30.77 63.02 44.31
CA ASN D 2788 31.58 62.13 43.50
C ASN D 2788 33.07 62.43 43.65
N ILE D 2789 33.51 62.89 44.81
CA ILE D 2789 34.94 63.17 44.94
C ILE D 2789 35.70 61.91 45.28
N ASN D 2790 35.02 60.88 45.79
CA ASN D 2790 35.74 59.65 46.08
C ASN D 2790 36.27 59.03 44.80
N TRP D 2791 35.53 59.13 43.71
CA TRP D 2791 36.01 58.60 42.45
C TRP D 2791 37.30 59.28 42.02
N TYR D 2792 37.36 60.59 42.14
CA TYR D 2792 38.57 61.30 41.74
C TYR D 2792 39.71 60.98 42.69
N TYR D 2793 39.44 60.92 43.98
CA TYR D 2793 40.50 60.65 44.94
C TYR D 2793 41.03 59.24 44.80
N GLN D 2794 40.21 58.32 44.30
CA GLN D 2794 40.68 56.94 44.18
C GLN D 2794 41.29 56.66 42.81
N ASN D 2795 40.90 57.40 41.79
CA ASN D 2795 41.33 57.06 40.44
C ASN D 2795 42.24 58.08 39.79
N ARG D 2796 42.50 59.20 40.44
CA ARG D 2796 43.38 60.21 39.88
C ARG D 2796 44.41 60.70 40.88
N ILE D 2797 44.41 60.20 42.09
CA ILE D 2797 45.42 60.53 43.09
C ILE D 2797 46.07 59.28 43.64
N LEU D 2798 45.27 58.26 43.94
CA LEU D 2798 45.84 57.05 44.51
C LEU D 2798 46.40 56.12 43.46
N LYS D 2799 45.82 56.08 42.27
CA LYS D 2799 46.30 55.24 41.19
C LYS D 2799 47.18 55.99 40.20
N ARG D 2800 47.53 57.22 40.51
CA ARG D 2800 48.09 58.20 39.59
C ARG D 2800 48.89 59.19 40.40
N HIS D 2801 48.82 60.45 40.03
CA HIS D 2801 49.76 61.51 40.42
C HIS D 2801 50.08 61.61 41.90
N GLY D 2802 49.60 60.68 42.71
CA GLY D 2802 50.31 60.42 43.94
C GLY D 2802 51.69 59.86 43.71
N GLN D 2803 51.87 59.11 42.62
CA GLN D 2803 53.13 58.51 42.22
C GLN D 2803 53.84 59.42 41.22
N TYR D 2804 54.88 58.88 40.57
CA TYR D 2804 55.63 59.62 39.57
C TYR D 2804 56.44 58.66 38.72
N LEU D 2805 56.25 58.73 37.40
CA LEU D 2805 56.99 57.89 36.47
C LEU D 2805 58.29 58.58 36.08
N THR D 2806 59.33 57.78 35.88
CA THR D 2806 60.66 58.33 35.68
C THR D 2806 61.20 58.10 34.28
N ASN D 2807 60.56 57.26 33.48
CA ASN D 2807 60.97 56.98 32.11
C ASN D 2807 60.10 57.81 31.17
N GLN D 2808 60.63 58.96 30.75
CA GLN D 2808 59.82 59.99 30.13
C GLN D 2808 60.19 60.29 28.67
N TRP D 2809 61.47 60.34 28.33
CA TRP D 2809 61.92 60.86 27.04
C TRP D 2809 63.31 60.29 26.78
N TRP D 2810 63.96 60.77 25.73
CA TRP D 2810 65.33 60.36 25.39
C TRP D 2810 65.83 61.23 24.25
N ASN D 2811 67.15 61.39 24.18
CA ASN D 2811 67.72 62.09 23.04
C ASN D 2811 67.76 61.18 21.82
N GLY D 2812 67.45 61.75 20.68
CA GLY D 2812 67.23 60.91 19.52
C GLY D 2812 68.45 60.19 18.98
N GLN D 2813 69.64 60.51 19.47
CA GLN D 2813 70.88 59.98 18.91
C GLN D 2813 71.29 58.74 19.69
N LEU D 2814 70.80 57.60 19.27
CA LEU D 2814 71.15 56.33 19.90
C LEU D 2814 72.20 55.60 19.06
N SER D 2815 72.62 54.44 19.54
CA SER D 2815 73.63 53.68 18.83
C SER D 2815 73.13 53.21 17.47
N GLU D 2816 71.83 53.02 17.32
CA GLU D 2816 71.23 52.77 16.02
C GLU D 2816 70.51 54.02 15.55
N HIS D 2817 69.92 53.92 14.36
CA HIS D 2817 69.23 55.06 13.80
C HIS D 2817 67.78 55.16 14.25
N ASN D 2818 67.39 54.40 15.27
CA ASN D 2818 65.99 54.26 15.60
C ASN D 2818 65.85 53.97 17.08
N ALA D 2819 64.60 53.83 17.52
CA ALA D 2819 64.35 53.23 18.82
C ALA D 2819 63.83 51.82 18.66
N GLU D 2820 63.15 51.53 17.55
CA GLU D 2820 62.71 50.18 17.29
C GLU D 2820 63.88 49.27 17.01
N THR D 2821 64.88 49.76 16.27
CA THR D 2821 66.04 48.94 15.99
C THR D 2821 66.83 48.65 17.25
N VAL D 2822 66.98 49.65 18.12
CA VAL D 2822 67.64 49.44 19.39
C VAL D 2822 66.86 48.42 20.22
N PHE D 2823 65.55 48.57 20.31
CA PHE D 2823 64.75 47.66 21.11
C PHE D 2823 64.71 46.27 20.52
N LEU D 2824 64.98 46.15 19.22
CA LEU D 2824 65.03 44.86 18.56
C LEU D 2824 66.46 44.39 18.30
N SER D 2825 67.46 45.11 18.80
CA SER D 2825 68.84 44.80 18.47
C SER D 2825 69.24 43.47 19.08
N ASP D 2826 70.48 43.08 18.81
CA ASP D 2826 70.96 41.76 19.20
C ASP D 2826 71.33 41.68 20.67
N ILE D 2827 71.92 42.73 21.24
CA ILE D 2827 72.57 42.55 22.52
C ILE D 2827 71.91 43.32 23.66
N ASP D 2828 72.14 44.63 23.72
CA ASP D 2828 71.56 45.54 24.70
C ASP D 2828 72.15 46.91 24.46
N TRP D 2829 71.44 47.97 24.79
CA TRP D 2829 72.00 49.31 24.73
C TRP D 2829 71.49 50.17 25.88
N ARG D 2830 71.04 49.54 26.96
CA ARG D 2830 70.50 50.27 28.08
C ARG D 2830 71.41 50.11 29.29
N SER D 2831 72.73 50.15 29.06
CA SER D 2831 73.69 49.90 30.13
C SER D 2831 74.97 50.65 29.81
N SER D 2832 75.42 51.49 30.74
CA SER D 2832 76.67 52.22 30.55
C SER D 2832 77.49 52.21 31.84
N LEU D 2860 79.78 51.77 37.56
CA LEU D 2860 78.43 52.02 38.04
C LEU D 2860 77.41 51.26 37.20
N ASP D 2861 77.40 51.55 35.90
CA ASP D 2861 76.50 50.92 34.95
C ASP D 2861 75.04 51.10 35.34
N VAL D 2862 74.61 52.36 35.34
CA VAL D 2862 73.20 52.67 35.52
C VAL D 2862 72.42 52.28 34.27
N LEU D 2863 71.10 52.28 34.38
CA LEU D 2863 70.22 51.91 33.29
C LEU D 2863 69.60 53.15 32.67
N LEU D 2864 69.61 53.21 31.35
CA LEU D 2864 69.07 54.35 30.60
C LEU D 2864 68.16 53.80 29.50
N ASP D 2865 66.85 53.91 29.69
CA ASP D 2865 65.91 53.44 28.69
C ASP D 2865 65.11 54.61 28.12
N PHE D 2866 64.30 54.29 27.12
CA PHE D 2866 63.50 55.27 26.39
C PHE D 2866 62.06 54.82 26.39
N PRO D 2867 61.12 55.75 26.31
CA PRO D 2867 59.71 55.39 26.37
C PRO D 2867 59.23 54.84 25.03
N ASP D 2868 58.05 54.23 25.08
CA ASP D 2868 57.36 53.94 23.83
C ASP D 2868 56.81 55.23 23.25
N THR D 2869 56.47 55.18 21.97
CA THR D 2869 55.95 56.37 21.31
C THR D 2869 54.51 56.60 21.73
N ASP D 2870 54.18 57.84 22.05
CA ASP D 2870 52.83 58.18 22.44
C ASP D 2870 51.87 57.99 21.28
N GLN D 2871 50.64 57.63 21.61
CA GLN D 2871 49.60 57.48 20.61
C GLN D 2871 48.63 58.64 20.71
N TYR D 2872 48.12 59.08 19.58
CA TYR D 2872 47.09 60.10 19.53
C TYR D 2872 45.89 59.56 18.78
N TYR D 2873 44.72 60.03 19.14
CA TYR D 2873 43.49 59.49 18.58
C TYR D 2873 42.45 60.59 18.70
N ASN D 2874 42.18 61.28 17.60
CA ASN D 2874 41.26 62.41 17.60
C ASN D 2874 40.22 62.25 16.52
N PRO D 2875 39.20 61.48 16.76
CA PRO D 2875 38.09 61.35 15.81
C PRO D 2875 37.04 62.45 15.95
N LYS D 2876 37.37 63.64 15.48
CA LYS D 2876 36.45 64.77 15.58
C LYS D 2876 35.64 64.88 14.30
N ARG D 2877 34.72 65.85 14.29
CA ARG D 2877 33.90 66.09 13.12
C ARG D 2877 34.50 67.22 12.30
N ARG D 2878 34.58 67.03 10.99
CA ARG D 2878 35.33 67.94 10.14
C ARG D 2878 34.48 68.62 9.07
N ARG D 2879 33.18 68.43 9.07
CA ARG D 2879 32.31 68.90 8.01
C ARG D 2879 31.47 70.10 8.43
N TRP D 2880 32.02 70.99 9.23
CA TRP D 2880 31.29 72.18 9.64
C TRP D 2880 31.01 73.05 8.44
N LEU D 2881 29.79 73.55 8.34
CA LEU D 2881 29.45 74.35 7.17
C LEU D 2881 28.79 75.66 7.52
N LEU D 2882 28.01 75.70 8.59
CA LEU D 2882 27.29 76.92 8.92
C LEU D 2882 26.81 76.91 10.35
N ASN D 2883 27.14 77.94 11.12
CA ASN D 2883 26.49 78.14 12.40
C ASN D 2883 26.22 79.61 12.65
N ASN D 2884 25.76 80.32 11.64
CA ASN D 2884 25.56 81.75 11.73
C ASN D 2884 24.09 82.13 11.87
N GLY D 2885 23.21 81.40 11.21
CA GLY D 2885 21.80 81.64 11.35
C GLY D 2885 21.04 80.34 11.47
N SER D 2886 21.78 79.26 11.61
CA SER D 2886 21.25 77.91 11.66
C SER D 2886 22.42 77.02 12.06
N TRP D 2887 22.22 75.72 12.06
CA TRP D 2887 23.30 74.77 12.31
C TRP D 2887 23.27 73.73 11.21
N ASN D 2888 24.26 73.75 10.33
CA ASN D 2888 24.32 72.82 9.21
C ASN D 2888 25.67 72.14 9.18
N PHE D 2889 25.72 70.96 8.57
CA PHE D 2889 26.98 70.20 8.37
C PHE D 2889 27.01 69.83 6.89
N TRP D 2890 28.13 69.35 6.33
CA TRP D 2890 28.20 69.15 4.86
C TRP D 2890 27.25 68.08 4.41
N PHE D 2891 26.31 68.49 3.58
CA PHE D 2891 25.22 67.65 3.01
C PHE D 2891 23.99 68.01 3.84
N ASN D 2892 23.07 67.11 4.12
CA ASN D 2892 21.84 67.53 4.82
C ASN D 2892 20.91 68.22 3.82
N PHE D 2893 21.38 69.20 3.05
CA PHE D 2893 20.50 69.80 2.01
C PHE D 2893 19.55 68.71 1.58
N ASP D 2894 18.29 68.70 2.03
CA ASP D 2894 17.27 67.66 1.71
C ASP D 2894 16.46 67.29 2.94
N LYS D 2895 16.59 68.04 4.04
CA LYS D 2895 15.90 67.67 5.29
C LYS D 2895 14.72 68.64 5.49
N LEU D 2896 14.82 69.89 5.06
CA LEU D 2896 13.71 70.82 5.16
C LEU D 2896 12.58 70.45 4.22
N TYR D 2897 12.94 70.15 2.97
CA TYR D 2897 11.97 69.70 1.99
C TYR D 2897 11.24 68.45 2.47
N SER D 2898 12.00 67.46 2.93
CA SER D 2898 11.43 66.23 3.44
C SER D 2898 10.44 66.49 4.57
N GLU D 2899 10.85 67.25 5.58
CA GLU D 2899 9.99 67.44 6.75
C GLU D 2899 8.74 68.22 6.42
N GLU D 2900 8.84 69.29 5.62
CA GLU D 2900 7.62 70.03 5.31
C GLU D 2900 6.65 69.18 4.51
N ILE D 2901 7.16 68.34 3.60
CA ILE D 2901 6.28 67.45 2.86
C ILE D 2901 5.54 66.51 3.80
N VAL D 2902 6.29 65.85 4.70
CA VAL D 2902 5.67 64.89 5.59
C VAL D 2902 4.57 65.53 6.40
N THR D 2903 4.87 66.66 7.04
CA THR D 2903 3.89 67.30 7.91
C THR D 2903 2.65 67.73 7.13
N THR D 2904 2.85 68.35 5.97
CA THR D 2904 1.70 68.79 5.19
C THR D 2904 0.78 67.63 4.83
N TRP D 2905 1.35 66.52 4.38
CA TRP D 2905 0.50 65.43 3.92
C TRP D 2905 -0.24 64.79 5.07
N ILE D 2906 0.41 64.63 6.21
CA ILE D 2906 -0.29 64.03 7.35
C ILE D 2906 -1.45 64.92 7.79
N LEU D 2907 -1.25 66.23 7.85
CA LEU D 2907 -2.37 67.08 8.25
C LEU D 2907 -3.50 67.03 7.24
N GLU D 2908 -3.20 67.01 5.95
CA GLU D 2908 -4.29 66.95 4.98
C GLU D 2908 -5.12 65.69 5.17
N SER D 2909 -4.46 64.56 5.43
CA SER D 2909 -5.22 63.32 5.60
C SER D 2909 -6.09 63.38 6.85
N LEU D 2910 -5.53 63.83 7.97
CA LEU D 2910 -6.32 63.93 9.19
C LEU D 2910 -7.52 64.86 9.02
N ILE D 2911 -7.34 65.95 8.27
CA ILE D 2911 -8.43 66.89 8.09
C ILE D 2911 -9.53 66.29 7.24
N GLN D 2912 -9.17 65.52 6.22
CA GLN D 2912 -10.22 64.89 5.42
C GLN D 2912 -11.02 63.88 6.25
N THR D 2913 -10.32 63.11 7.08
CA THR D 2913 -11.01 62.17 7.96
C THR D 2913 -11.98 62.89 8.89
N TYR D 2914 -11.52 63.98 9.52
CA TYR D 2914 -12.37 64.75 10.41
C TYR D 2914 -13.58 65.30 9.67
N LYS D 2915 -13.37 65.84 8.48
CA LYS D 2915 -14.47 66.45 7.76
C LYS D 2915 -15.51 65.42 7.35
N TYR D 2916 -15.10 64.18 7.10
CA TYR D 2916 -16.10 63.18 6.77
C TYR D 2916 -16.86 62.73 8.01
N LEU D 2917 -16.14 62.35 9.06
CA LEU D 2917 -16.81 61.90 10.28
C LEU D 2917 -17.64 62.98 10.94
N HIS D 2918 -17.43 64.25 10.60
CA HIS D 2918 -18.16 65.33 11.24
C HIS D 2918 -19.61 65.40 10.79
N LYS D 2919 -19.96 64.78 9.66
CA LYS D 2919 -21.31 64.81 9.15
C LYS D 2919 -22.07 63.52 9.37
N ASN D 2920 -21.52 62.60 10.15
CA ASN D 2920 -22.10 61.30 10.37
C ASN D 2920 -22.01 60.93 11.84
N THR D 2921 -22.45 61.83 12.71
CA THR D 2921 -22.33 61.58 14.13
C THR D 2921 -23.41 60.62 14.64
N GLU D 2922 -24.59 60.66 14.03
CA GLU D 2922 -25.67 59.78 14.47
C GLU D 2922 -25.33 58.32 14.17
N LEU D 2923 -24.73 58.07 13.02
CA LEU D 2923 -24.30 56.71 12.70
C LEU D 2923 -23.31 56.20 13.72
N LEU D 2924 -22.42 57.07 14.18
CA LEU D 2924 -21.44 56.68 15.18
C LEU D 2924 -22.11 56.31 16.49
N ASP D 2925 -23.04 57.15 16.96
CA ASP D 2925 -23.74 56.83 18.19
C ASP D 2925 -24.47 55.50 18.10
N PHE D 2926 -25.16 55.25 17.00
CA PHE D 2926 -25.94 54.04 16.88
C PHE D 2926 -25.05 52.80 16.85
N VAL D 2927 -24.06 52.80 15.97
CA VAL D 2927 -23.17 51.64 15.87
C VAL D 2927 -22.48 51.39 17.19
N THR D 2928 -22.18 52.44 17.95
CA THR D 2928 -21.50 52.24 19.22
C THR D 2928 -22.41 51.56 20.22
N ASN D 2929 -23.68 51.98 20.27
CA ASN D 2929 -24.63 51.33 21.14
C ASN D 2929 -24.71 49.84 20.84
N LYS D 2930 -24.84 49.48 19.56
CA LYS D 2930 -24.93 48.07 19.21
C LYS D 2930 -23.68 47.30 19.59
N PHE D 2931 -22.50 47.84 19.26
CA PHE D 2931 -21.27 47.14 19.59
C PHE D 2931 -21.11 46.93 21.08
N ILE D 2932 -21.53 47.89 21.89
CA ILE D 2932 -21.42 47.68 23.33
C ILE D 2932 -22.32 46.54 23.76
N THR D 2933 -23.56 46.52 23.28
CA THR D 2933 -24.45 45.47 23.77
C THR D 2933 -24.13 44.09 23.19
N LEU D 2934 -23.33 44.00 22.13
CA LEU D 2934 -22.94 42.67 21.65
C LEU D 2934 -21.88 42.04 22.55
N GLY D 2935 -20.76 42.71 22.73
CA GLY D 2935 -19.67 42.20 23.56
C GLY D 2935 -18.33 42.75 23.08
N TYR D 2936 -17.43 42.92 24.02
CA TYR D 2936 -16.10 43.46 23.73
C TYR D 2936 -15.15 42.99 24.83
N ILE D 2937 -13.87 42.94 24.50
CA ILE D 2937 -12.85 42.45 25.42
C ILE D 2937 -12.42 43.60 26.30
N ALA D 2938 -12.70 43.49 27.59
CA ALA D 2938 -12.35 44.56 28.52
C ALA D 2938 -10.83 44.71 28.59
N PRO D 2939 -10.32 45.91 28.84
CA PRO D 2939 -8.86 46.09 28.83
C PRO D 2939 -8.14 45.38 29.95
N GLU D 2940 -8.78 45.21 31.11
CA GLU D 2940 -8.09 44.58 32.24
C GLU D 2940 -8.36 43.08 32.30
N ASN D 2941 -9.46 42.62 31.73
CA ASN D 2941 -9.72 41.19 31.65
C ASN D 2941 -8.70 40.50 30.75
N ALA D 2942 -8.33 41.15 29.66
CA ALA D 2942 -7.34 40.61 28.74
C ALA D 2942 -5.94 40.96 29.25
N ASN D 2943 -5.16 39.94 29.58
CA ASN D 2943 -3.80 40.13 30.07
C ASN D 2943 -2.74 39.67 29.08
N LEU D 2944 -2.91 38.52 28.45
CA LEU D 2944 -1.93 38.00 27.50
C LEU D 2944 -2.20 38.50 26.09
N GLN D 2953 -8.85 44.03 18.07
CA GLN D 2953 -9.75 43.59 17.01
C GLN D 2953 -9.25 44.05 15.65
N SER D 2954 -8.45 43.21 15.00
CA SER D 2954 -7.92 43.57 13.70
C SER D 2954 -8.96 43.37 12.60
N GLU D 2955 -9.97 42.54 12.85
CA GLU D 2955 -10.98 42.26 11.84
C GLU D 2955 -12.32 41.99 12.51
N LEU D 2956 -13.39 42.17 11.73
CA LEU D 2956 -14.75 42.11 12.22
C LEU D 2956 -15.32 40.71 12.11
N LEU D 2957 -16.17 40.35 13.06
CA LEU D 2957 -16.89 39.08 13.01
C LEU D 2957 -18.01 39.20 11.99
N SER D 2958 -18.93 38.23 11.99
CA SER D 2958 -19.95 38.22 10.96
C SER D 2958 -21.25 38.86 11.44
N THR D 2959 -21.61 38.67 12.70
CA THR D 2959 -22.73 39.43 13.25
C THR D 2959 -22.45 40.92 13.18
N LYS D 2960 -21.24 41.33 13.54
CA LYS D 2960 -20.91 42.74 13.50
C LYS D 2960 -20.88 43.27 12.08
N GLU D 2961 -20.62 42.41 11.11
CA GLU D 2961 -20.67 42.88 9.73
C GLU D 2961 -22.11 43.08 9.26
N ILE D 2962 -23.01 42.18 9.63
CA ILE D 2962 -24.42 42.42 9.34
C ILE D 2962 -24.84 43.75 9.94
N ILE D 2963 -24.44 44.00 11.18
CA ILE D 2963 -24.88 45.18 11.88
C ILE D 2963 -24.33 46.44 11.23
N LEU D 2964 -23.06 46.42 10.83
CA LEU D 2964 -22.47 47.60 10.20
C LEU D 2964 -23.12 47.89 8.86
N THR D 2965 -23.36 46.86 8.05
CA THR D 2965 -24.02 47.08 6.76
C THR D 2965 -25.40 47.67 6.94
N ASN D 2966 -26.17 47.14 7.88
CA ASN D 2966 -27.51 47.69 8.11
C ASN D 2966 -27.45 49.12 8.58
N SER D 2967 -26.57 49.42 9.54
CA SER D 2967 -26.49 50.78 10.05
C SER D 2967 -26.08 51.75 8.96
N PHE D 2968 -25.26 51.30 8.02
CA PHE D 2968 -24.92 52.19 6.91
C PHE D 2968 -26.10 52.39 5.99
N LYS D 2969 -26.96 51.38 5.86
CA LYS D 2969 -28.14 51.54 5.01
C LYS D 2969 -29.17 52.46 5.64
N ARG D 2970 -29.35 52.39 6.96
CA ARG D 2970 -30.38 53.19 7.61
C ARG D 2970 -29.94 54.64 7.78
N PHE D 2971 -28.89 54.85 8.56
CA PHE D 2971 -28.38 56.19 8.79
C PHE D 2971 -27.53 56.63 7.63
N SER E 54 -3.37 -77.61 -54.45
CA SER E 54 -4.04 -76.65 -53.58
C SER E 54 -3.42 -75.27 -53.72
N LEU E 55 -4.07 -74.27 -53.14
CA LEU E 55 -3.60 -72.91 -53.24
C LEU E 55 -2.56 -72.57 -52.18
N THR E 56 -2.62 -73.19 -51.02
CA THR E 56 -1.73 -72.85 -49.92
C THR E 56 -0.54 -73.78 -49.79
N ALA E 57 -0.54 -74.90 -50.52
CA ALA E 57 0.50 -75.90 -50.37
C ALA E 57 1.82 -75.40 -50.94
N GLU E 58 2.91 -75.66 -50.22
CA GLU E 58 4.24 -75.33 -50.71
C GLU E 58 4.81 -76.52 -51.47
N ARG E 59 5.86 -76.25 -52.24
CA ARG E 59 6.45 -77.28 -53.08
C ARG E 59 7.97 -77.15 -53.08
N PHE E 60 8.63 -78.30 -53.10
CA PHE E 60 10.07 -78.37 -53.26
C PHE E 60 10.40 -78.73 -54.69
N ILE E 61 11.33 -78.00 -55.29
CA ILE E 61 11.79 -78.25 -56.66
C ILE E 61 13.20 -78.80 -56.58
N THR E 62 13.36 -80.06 -57.02
CA THR E 62 14.67 -80.71 -57.15
C THR E 62 14.71 -81.30 -58.56
N ASP E 63 15.11 -80.47 -59.52
CA ASP E 63 15.14 -80.87 -60.92
C ASP E 63 16.02 -79.91 -61.70
N ALA E 64 16.81 -80.46 -62.64
CA ALA E 64 17.81 -79.66 -63.32
C ALA E 64 17.19 -78.51 -64.10
N LYS E 65 16.27 -78.83 -65.02
CA LYS E 65 15.76 -77.81 -65.92
C LYS E 65 14.94 -76.76 -65.17
N GLU E 66 14.23 -77.18 -64.12
CA GLU E 66 13.43 -76.22 -63.35
C GLU E 66 14.33 -75.31 -62.52
N LEU E 67 15.46 -75.82 -62.05
CA LEU E 67 16.45 -74.95 -61.41
C LEU E 67 17.26 -74.17 -62.43
N ASN E 68 17.13 -74.49 -63.71
CA ASN E 68 17.79 -73.71 -64.75
C ASN E 68 17.07 -72.40 -65.00
N ALA E 69 15.76 -72.47 -65.23
CA ALA E 69 14.96 -71.26 -65.40
C ALA E 69 14.81 -70.47 -64.11
N THR E 70 15.52 -70.87 -63.04
CA THR E 70 15.31 -70.24 -61.74
C THR E 70 16.50 -69.37 -61.33
N GLY E 71 17.69 -69.95 -61.29
CA GLY E 71 18.82 -69.20 -60.77
C GLY E 71 18.66 -68.99 -59.27
N SER E 72 18.99 -67.78 -58.82
CA SER E 72 18.86 -67.46 -57.40
C SER E 72 17.49 -66.92 -57.02
N GLY E 73 16.45 -67.19 -57.82
CA GLY E 73 15.11 -66.76 -57.48
C GLY E 73 14.49 -65.83 -58.50
N LEU E 74 13.25 -66.10 -58.86
CA LEU E 74 12.53 -65.37 -59.91
C LEU E 74 12.51 -63.88 -59.62
N PRO E 75 12.27 -63.03 -60.63
CA PRO E 75 12.23 -61.59 -60.39
C PRO E 75 10.96 -61.20 -59.65
N ILE E 76 11.08 -60.10 -58.91
CA ILE E 76 9.98 -59.59 -58.10
C ILE E 76 9.26 -58.52 -58.92
N ILE E 77 8.09 -58.88 -59.44
CA ILE E 77 7.29 -57.93 -60.21
C ILE E 77 6.94 -56.73 -59.35
N ASP E 78 7.25 -55.55 -59.85
CA ASP E 78 7.16 -54.34 -59.03
C ASP E 78 6.52 -53.22 -59.82
N GLY E 79 6.13 -52.18 -59.09
CA GLY E 79 5.51 -51.01 -59.66
C GLY E 79 4.99 -50.11 -58.58
N PRO E 80 3.93 -49.36 -58.86
CA PRO E 80 3.29 -48.56 -57.82
C PRO E 80 2.54 -49.44 -56.84
N ASP E 81 1.95 -48.79 -55.84
CA ASP E 81 1.23 -49.50 -54.80
C ASP E 81 -0.10 -50.03 -55.32
N TRP E 82 -0.67 -51.01 -54.60
CA TRP E 82 -1.78 -51.77 -55.15
C TRP E 82 -3.05 -50.95 -55.22
N GLU E 83 -3.14 -49.84 -54.49
CA GLU E 83 -4.35 -49.04 -54.45
C GLU E 83 -4.24 -47.75 -55.25
N GLU E 84 -3.13 -47.55 -55.97
CA GLU E 84 -2.93 -46.31 -56.71
C GLU E 84 -2.34 -46.58 -58.09
N GLN E 85 -2.38 -47.82 -58.56
CA GLN E 85 -1.84 -48.12 -59.87
C GLN E 85 -2.61 -47.39 -60.97
N HIS E 86 -3.84 -46.97 -60.71
CA HIS E 86 -4.72 -46.47 -61.74
C HIS E 86 -4.84 -44.96 -61.75
N TRP E 87 -4.01 -44.25 -60.99
CA TRP E 87 -4.17 -42.80 -60.93
C TRP E 87 -3.61 -42.13 -62.18
N ALA E 88 -2.35 -42.39 -62.49
CA ALA E 88 -1.73 -41.80 -63.67
C ALA E 88 -2.49 -42.16 -64.94
N ALA E 89 -2.79 -43.45 -65.10
CA ALA E 89 -3.49 -43.89 -66.30
C ALA E 89 -4.84 -43.22 -66.42
N LEU E 90 -5.59 -43.13 -65.32
CA LEU E 90 -6.93 -42.56 -65.43
C LEU E 90 -6.89 -41.05 -65.65
N LYS E 91 -5.92 -40.35 -65.07
CA LYS E 91 -5.87 -38.91 -65.33
C LYS E 91 -5.41 -38.62 -66.75
N ALA E 92 -4.47 -39.42 -67.27
CA ALA E 92 -4.10 -39.25 -68.68
C ALA E 92 -5.26 -39.60 -69.60
N MET E 93 -6.03 -40.63 -69.27
CA MET E 93 -7.19 -41.00 -70.07
C MET E 93 -8.26 -39.92 -70.03
N SER E 94 -8.45 -39.29 -68.88
CA SER E 94 -9.41 -38.20 -68.79
C SER E 94 -8.94 -36.97 -69.53
N ALA E 95 -7.62 -36.73 -69.58
CA ALA E 95 -7.12 -35.63 -70.38
C ALA E 95 -7.35 -35.86 -71.87
N GLY E 96 -7.02 -37.05 -72.36
CA GLY E 96 -7.25 -37.41 -73.74
C GLY E 96 -6.06 -37.97 -74.49
N ARG E 97 -4.92 -38.17 -73.83
CA ARG E 97 -3.74 -38.69 -74.50
C ARG E 97 -3.90 -40.17 -74.81
N PRO E 98 -3.04 -40.72 -75.67
CA PRO E 98 -2.97 -42.17 -75.82
C PRO E 98 -2.22 -42.79 -74.64
N VAL E 99 -2.65 -44.00 -74.26
CA VAL E 99 -2.07 -44.69 -73.12
C VAL E 99 -1.57 -46.05 -73.55
N ALA E 100 -0.47 -46.47 -72.95
CA ALA E 100 0.11 -47.78 -73.24
C ALA E 100 -0.88 -48.87 -72.85
N LEU E 101 -1.04 -49.87 -73.71
CA LEU E 101 -2.06 -50.87 -73.48
C LEU E 101 -1.53 -51.99 -72.58
N PRO E 102 -2.39 -52.59 -71.76
CA PRO E 102 -1.92 -53.64 -70.86
C PRO E 102 -1.61 -54.92 -71.60
N THR E 103 -0.46 -55.50 -71.31
CA THR E 103 -0.04 -56.74 -71.92
C THR E 103 -0.31 -57.89 -70.98
N PRO E 104 -1.01 -58.94 -71.42
CA PRO E 104 -1.28 -60.08 -70.54
C PRO E 104 0.01 -60.73 -70.06
N HIS E 105 -0.15 -61.60 -69.06
CA HIS E 105 1.00 -62.23 -68.44
C HIS E 105 1.63 -63.25 -69.39
N ALA E 106 2.92 -63.50 -69.17
CA ALA E 106 3.69 -64.34 -70.07
C ALA E 106 3.35 -65.81 -69.98
N LYS E 107 2.41 -66.20 -69.13
CA LYS E 107 1.99 -67.59 -69.02
C LYS E 107 0.63 -67.85 -69.63
N PHE E 108 0.15 -66.97 -70.51
CA PHE E 108 -1.24 -67.03 -70.94
C PHE E 108 -1.41 -67.79 -72.26
N GLY E 109 -0.79 -67.32 -73.33
CA GLY E 109 -1.00 -67.91 -74.63
C GLY E 109 -2.31 -67.45 -75.25
N PRO E 110 -2.44 -67.61 -76.57
CA PRO E 110 -3.61 -67.03 -77.27
C PRO E 110 -4.89 -67.81 -77.08
N GLU E 111 -4.82 -69.07 -76.68
CA GLU E 111 -5.99 -69.92 -76.61
C GLU E 111 -6.94 -69.58 -75.46
N ASP E 112 -6.43 -69.00 -74.37
CA ASP E 112 -7.29 -68.74 -73.22
C ASP E 112 -7.78 -67.30 -73.19
N LEU E 113 -7.04 -66.37 -73.82
CA LEU E 113 -7.53 -65.00 -73.93
C LEU E 113 -8.88 -64.97 -74.63
N GLN E 114 -9.15 -65.95 -75.48
CA GLN E 114 -10.45 -66.04 -76.12
C GLN E 114 -11.55 -66.23 -75.08
N ARG E 115 -11.32 -67.11 -74.11
CA ARG E 115 -12.35 -67.38 -73.12
C ARG E 115 -12.41 -66.28 -72.07
N ILE E 116 -11.25 -65.75 -71.67
CA ILE E 116 -11.21 -64.75 -70.61
C ILE E 116 -11.88 -63.46 -71.06
N ALA E 117 -11.58 -63.01 -72.26
CA ALA E 117 -12.25 -61.84 -72.81
C ALA E 117 -13.72 -62.10 -73.11
N ALA E 118 -14.22 -63.29 -72.85
CA ALA E 118 -15.60 -63.66 -73.18
C ALA E 118 -16.44 -64.00 -71.96
N SER E 119 -15.95 -64.90 -71.10
CA SER E 119 -16.77 -65.43 -70.01
C SER E 119 -16.13 -65.26 -68.63
N GLY E 120 -15.10 -64.45 -68.49
CA GLY E 120 -14.59 -64.11 -67.19
C GLY E 120 -13.52 -65.06 -66.69
N PRO E 121 -12.68 -64.59 -65.78
CA PRO E 121 -11.51 -65.37 -65.37
C PRO E 121 -11.87 -66.43 -64.34
N ARG E 122 -11.07 -67.49 -64.31
CA ARG E 122 -11.21 -68.56 -63.35
C ARG E 122 -10.17 -68.41 -62.26
N LEU E 123 -10.31 -69.22 -61.21
CA LEU E 123 -9.37 -69.13 -60.09
C LEU E 123 -7.97 -69.55 -60.48
N GLU E 124 -7.83 -70.29 -61.58
CA GLU E 124 -6.50 -70.66 -62.08
C GLU E 124 -5.90 -69.56 -62.94
N ASP E 125 -6.74 -68.74 -63.56
CA ASP E 125 -6.25 -67.62 -64.35
C ASP E 125 -5.60 -66.54 -63.50
N LEU E 126 -5.90 -66.50 -62.21
CA LEU E 126 -5.42 -65.46 -61.32
C LEU E 126 -4.20 -65.88 -60.53
N THR E 127 -3.92 -67.17 -60.44
CA THR E 127 -2.89 -67.69 -59.56
C THR E 127 -1.52 -67.64 -60.24
N LEU E 128 -0.56 -67.04 -59.56
CA LEU E 128 0.81 -67.03 -60.02
C LEU E 128 1.65 -67.88 -59.08
N GLU E 129 2.91 -68.06 -59.45
CA GLU E 129 3.85 -68.80 -58.64
C GLU E 129 5.06 -67.92 -58.36
N HIS E 130 5.88 -68.37 -57.43
CA HIS E 130 7.15 -67.74 -57.14
C HIS E 130 8.02 -68.75 -56.43
N ALA E 131 9.28 -68.83 -56.84
CA ALA E 131 10.22 -69.81 -56.32
C ALA E 131 11.54 -69.13 -56.03
N GLU E 132 12.13 -69.47 -54.90
CA GLU E 132 13.47 -69.01 -54.55
C GLU E 132 14.34 -70.19 -54.21
N ARG E 133 15.64 -70.08 -54.50
CA ARG E 133 16.55 -71.20 -54.43
C ARG E 133 17.22 -71.25 -53.07
N LEU E 134 17.18 -72.43 -52.45
CA LEU E 134 17.99 -72.76 -51.28
C LEU E 134 19.38 -73.11 -51.78
N ALA E 135 20.17 -73.81 -50.95
CA ALA E 135 21.56 -74.12 -51.25
C ALA E 135 21.75 -74.55 -52.70
N GLY E 136 22.88 -74.14 -53.28
CA GLY E 136 23.12 -74.29 -54.70
C GLY E 136 23.49 -75.69 -55.13
N PRO E 137 24.29 -75.79 -56.20
CA PRO E 137 24.52 -77.11 -56.80
C PRO E 137 25.40 -78.03 -55.99
N GLY E 138 26.54 -77.55 -55.49
CA GLY E 138 27.51 -78.43 -54.86
C GLY E 138 27.56 -78.29 -53.36
N GLN E 139 26.39 -78.20 -52.74
CA GLN E 139 26.31 -77.90 -51.32
C GLN E 139 26.04 -79.11 -50.44
N LEU E 140 25.20 -80.04 -50.86
CA LEU E 140 24.79 -81.12 -49.98
C LEU E 140 24.40 -82.32 -50.83
N PRO E 141 24.45 -83.52 -50.27
CA PRO E 141 23.94 -84.68 -50.98
C PRO E 141 22.41 -84.66 -50.97
N THR E 142 21.83 -85.59 -51.74
CA THR E 142 20.39 -85.62 -51.97
C THR E 142 19.92 -84.34 -52.64
N ALA E 143 20.87 -83.55 -53.14
CA ALA E 143 20.61 -82.29 -53.83
C ALA E 143 21.74 -82.03 -54.81
N PRO E 144 21.76 -82.72 -55.96
CA PRO E 144 22.94 -82.68 -56.83
C PRO E 144 23.15 -81.34 -57.52
N ASP E 145 22.11 -80.56 -57.78
CA ASP E 145 22.28 -79.28 -58.45
C ASP E 145 21.47 -78.15 -57.82
N GLY E 146 21.06 -78.29 -56.57
CA GLY E 146 20.30 -77.26 -55.90
C GLY E 146 18.90 -77.72 -55.54
N VAL E 147 18.28 -76.95 -54.66
CA VAL E 147 16.90 -77.17 -54.24
C VAL E 147 16.21 -75.82 -54.13
N ALA E 148 15.00 -75.74 -54.65
CA ALA E 148 14.25 -74.50 -54.62
C ALA E 148 12.93 -74.70 -53.91
N LEU E 149 12.39 -73.62 -53.38
CA LEU E 149 11.08 -73.62 -52.73
C LEU E 149 10.14 -72.76 -53.55
N ALA E 150 9.00 -73.33 -53.93
CA ALA E 150 8.03 -72.66 -54.77
C ALA E 150 6.67 -72.64 -54.09
N PHE E 151 6.03 -71.47 -54.12
CA PHE E 151 4.69 -71.32 -53.58
C PHE E 151 3.86 -70.44 -54.50
N ARG E 152 2.55 -70.62 -54.44
CA ARG E 152 1.61 -69.94 -55.30
C ARG E 152 0.90 -68.84 -54.54
N TYR E 153 0.30 -67.92 -55.29
CA TYR E 153 -0.42 -66.82 -54.66
C TYR E 153 -1.31 -66.09 -55.65
N ILE E 154 -1.98 -65.07 -55.15
CA ILE E 154 -2.78 -64.13 -55.95
C ILE E 154 -2.42 -62.73 -55.50
N PRO E 155 -2.10 -61.81 -56.40
CA PRO E 155 -1.69 -60.47 -55.98
C PRO E 155 -2.89 -59.58 -55.70
N ARG E 156 -2.64 -58.56 -54.87
CA ARG E 156 -3.70 -57.62 -54.54
C ARG E 156 -4.16 -56.81 -55.74
N SER E 157 -3.32 -56.70 -56.77
CA SER E 157 -3.65 -55.91 -57.95
C SER E 157 -4.84 -56.45 -58.71
N VAL E 158 -5.26 -57.68 -58.43
CA VAL E 158 -6.43 -58.23 -59.10
C VAL E 158 -7.68 -57.43 -58.77
N LEU E 159 -7.74 -56.87 -57.58
CA LEU E 159 -8.81 -55.94 -57.25
C LEU E 159 -8.60 -54.65 -58.04
N GLY E 160 -9.65 -54.19 -58.68
CA GLY E 160 -9.51 -53.10 -59.62
C GLY E 160 -9.40 -51.73 -58.98
N ASP E 161 -10.05 -50.74 -59.57
CA ASP E 161 -10.12 -49.42 -58.97
C ASP E 161 -11.33 -49.29 -58.07
N PHE E 162 -11.54 -50.30 -57.23
CA PHE E 162 -12.68 -50.33 -56.33
C PHE E 162 -12.22 -49.95 -54.94
N ARG E 163 -13.02 -49.15 -54.25
CA ARG E 163 -12.71 -48.76 -52.89
C ARG E 163 -14.00 -48.71 -52.09
N GLN E 164 -13.88 -48.34 -50.83
CA GLN E 164 -15.01 -48.32 -49.95
C GLN E 164 -15.68 -46.94 -49.99
N GLU E 165 -16.98 -46.92 -49.70
CA GLU E 165 -17.78 -45.73 -49.88
C GLU E 165 -17.17 -44.54 -49.15
N VAL E 166 -17.37 -43.35 -49.69
CA VAL E 166 -16.71 -42.16 -49.17
C VAL E 166 -17.43 -41.67 -47.93
N GLU E 167 -16.67 -41.19 -46.96
CA GLU E 167 -17.25 -40.68 -45.74
C GLU E 167 -18.02 -39.40 -46.04
N PRO E 168 -19.29 -39.31 -45.69
CA PRO E 168 -20.06 -38.10 -45.98
C PRO E 168 -19.55 -36.92 -45.19
N ASP E 169 -20.24 -35.81 -45.36
CA ASP E 169 -19.94 -34.58 -44.61
C ASP E 169 -20.90 -34.52 -43.43
N TRP E 170 -20.45 -34.99 -42.27
CA TRP E 170 -21.36 -35.15 -41.15
C TRP E 170 -21.95 -33.84 -40.67
N ARG E 171 -21.39 -32.70 -41.07
CA ARG E 171 -21.96 -31.41 -40.67
C ARG E 171 -23.22 -31.12 -41.46
N SER E 172 -23.13 -31.22 -42.78
CA SER E 172 -24.26 -30.94 -43.68
C SER E 172 -25.00 -32.21 -44.05
N LEU E 173 -25.56 -32.91 -43.07
CA LEU E 173 -26.32 -34.11 -43.32
C LEU E 173 -27.35 -34.29 -42.22
N PRO E 174 -28.59 -34.56 -42.56
CA PRO E 174 -29.64 -34.64 -41.54
C PRO E 174 -29.45 -35.84 -40.63
N ALA E 175 -29.86 -35.69 -39.38
CA ALA E 175 -29.60 -36.69 -38.36
C ALA E 175 -30.87 -37.42 -37.98
N MET E 176 -30.70 -38.52 -37.25
CA MET E 176 -31.80 -39.35 -36.80
C MET E 176 -31.47 -39.89 -35.42
N SER E 177 -32.44 -40.05 -34.63
CA SER E 177 -32.13 -40.51 -33.30
C SER E 177 -31.92 -42.03 -33.27
N PRO E 178 -31.11 -42.53 -32.34
CA PRO E 178 -30.95 -43.98 -32.24
C PRO E 178 -32.26 -44.73 -32.00
N ALA E 179 -33.18 -44.15 -31.25
CA ALA E 179 -34.46 -44.82 -31.02
C ALA E 179 -35.24 -44.96 -32.32
N GLU E 180 -35.12 -43.98 -33.20
CA GLU E 180 -35.80 -44.08 -34.49
C GLU E 180 -35.22 -45.20 -35.33
N LEU E 181 -33.90 -45.34 -35.32
CA LEU E 181 -33.27 -46.45 -36.03
C LEU E 181 -33.67 -47.78 -35.42
N TYR E 182 -33.75 -47.85 -34.10
CA TYR E 182 -34.16 -49.09 -33.45
C TYR E 182 -35.56 -49.49 -33.86
N ALA E 183 -36.49 -48.54 -33.82
CA ALA E 183 -37.87 -48.86 -34.20
C ALA E 183 -37.95 -49.24 -35.67
N GLY E 184 -37.25 -48.51 -36.53
CA GLY E 184 -37.28 -48.82 -37.95
C GLY E 184 -36.63 -50.15 -38.28
N LEU E 185 -35.72 -50.61 -37.43
CA LEU E 185 -35.12 -51.93 -37.64
C LEU E 185 -36.00 -53.03 -37.07
N ARG E 186 -36.73 -52.75 -36.00
CA ARG E 186 -37.70 -53.72 -35.51
C ARG E 186 -38.81 -53.93 -36.52
N ALA E 187 -39.23 -52.87 -37.21
CA ALA E 187 -40.31 -52.98 -38.17
C ALA E 187 -39.89 -53.75 -39.42
N ARG E 188 -38.63 -54.14 -39.53
CA ARG E 188 -38.15 -54.93 -40.66
C ARG E 188 -37.55 -56.25 -40.24
N ASN E 189 -37.82 -56.69 -39.01
CA ASN E 189 -37.25 -57.91 -38.45
C ASN E 189 -38.38 -58.91 -38.30
N TRP E 190 -38.45 -59.88 -39.22
CA TRP E 190 -39.62 -60.73 -39.31
C TRP E 190 -39.84 -61.61 -38.10
N THR E 191 -38.88 -61.69 -37.18
CA THR E 191 -39.05 -62.48 -35.98
C THR E 191 -39.54 -61.67 -34.80
N SER E 192 -39.87 -60.40 -35.01
CA SER E 192 -40.26 -59.54 -33.91
C SER E 192 -41.77 -59.38 -33.86
N ALA E 193 -42.26 -58.88 -32.72
CA ALA E 193 -43.69 -58.67 -32.58
C ALA E 193 -44.16 -57.38 -33.25
N HIS E 194 -43.25 -56.61 -33.84
CA HIS E 194 -43.60 -55.37 -34.50
C HIS E 194 -43.33 -55.41 -35.99
N TYR E 195 -43.41 -56.59 -36.60
CA TYR E 195 -43.14 -56.69 -38.03
C TYR E 195 -44.26 -56.04 -38.83
N ASP E 196 -43.91 -55.52 -40.00
CA ASP E 196 -44.89 -55.11 -40.98
C ASP E 196 -44.27 -55.29 -42.35
N PRO E 197 -44.90 -56.07 -43.24
CA PRO E 197 -44.31 -56.34 -44.55
C PRO E 197 -44.54 -55.24 -45.59
N ALA E 198 -44.95 -54.05 -45.16
CA ALA E 198 -45.14 -52.91 -46.05
C ALA E 198 -44.01 -51.90 -45.94
N ALA E 199 -42.90 -52.29 -45.32
CA ALA E 199 -41.80 -51.37 -45.09
C ALA E 199 -40.98 -51.16 -46.36
N GLU E 200 -40.53 -49.95 -46.55
CA GLU E 200 -39.73 -49.61 -47.70
C GLU E 200 -38.28 -49.97 -47.46
N PRO E 201 -37.55 -50.33 -48.51
CA PRO E 201 -36.18 -50.78 -48.33
C PRO E 201 -35.29 -49.70 -47.74
N TRP E 202 -34.29 -50.15 -46.98
CA TRP E 202 -33.29 -49.28 -46.40
C TRP E 202 -31.91 -49.79 -46.79
N ARG E 203 -30.99 -48.88 -47.02
CA ARG E 203 -29.60 -49.24 -47.24
C ARG E 203 -28.79 -48.65 -46.10
N LEU E 204 -28.21 -49.51 -45.27
CA LEU E 204 -27.40 -49.12 -44.13
C LEU E 204 -25.94 -49.28 -44.47
N GLN E 205 -25.17 -48.21 -44.27
CA GLN E 205 -23.71 -48.28 -44.35
C GLN E 205 -23.16 -47.94 -42.98
N VAL E 206 -22.45 -48.87 -42.37
CA VAL E 206 -21.96 -48.72 -41.01
C VAL E 206 -20.49 -48.34 -41.05
N PHE E 207 -20.18 -47.10 -40.66
CA PHE E 207 -18.85 -46.55 -40.73
C PHE E 207 -18.17 -46.60 -39.37
N SER E 208 -16.89 -46.94 -39.38
CA SER E 208 -16.05 -46.79 -38.21
C SER E 208 -14.88 -45.88 -38.55
N CYS E 209 -14.42 -45.12 -37.57
CA CYS E 209 -13.39 -44.09 -37.77
C CYS E 209 -12.01 -44.72 -37.77
N ASP E 210 -11.12 -44.19 -38.60
CA ASP E 210 -9.76 -44.71 -38.71
C ASP E 210 -8.70 -43.70 -38.31
N TYR E 211 -9.03 -42.42 -38.31
CA TYR E 211 -8.12 -41.37 -37.86
C TYR E 211 -8.35 -41.08 -36.39
N LYS E 212 -8.75 -42.11 -35.64
CA LYS E 212 -9.11 -41.94 -34.24
C LYS E 212 -7.92 -41.53 -33.40
N HIS E 213 -6.76 -42.12 -33.64
CA HIS E 213 -5.59 -41.88 -32.81
C HIS E 213 -4.59 -40.93 -33.43
N THR E 214 -4.65 -40.73 -34.75
CA THR E 214 -3.70 -39.89 -35.46
C THR E 214 -4.50 -38.75 -36.09
N GLY E 215 -4.70 -37.68 -35.33
CA GLY E 215 -5.46 -36.56 -35.81
C GLY E 215 -6.60 -36.17 -34.90
N VAL E 216 -6.77 -34.87 -34.69
CA VAL E 216 -7.94 -34.36 -33.98
C VAL E 216 -9.19 -34.73 -34.78
N THR E 217 -10.34 -34.65 -34.10
CA THR E 217 -11.69 -34.79 -34.66
C THR E 217 -12.13 -36.25 -34.78
N GLY E 218 -11.33 -37.22 -34.35
CA GLY E 218 -11.78 -38.60 -34.39
C GLY E 218 -12.92 -38.83 -33.40
N TRP E 219 -13.77 -39.79 -33.73
CA TRP E 219 -14.94 -40.08 -32.93
C TRP E 219 -14.95 -41.53 -32.48
N PRO E 220 -15.65 -41.86 -31.41
CA PRO E 220 -15.77 -43.26 -30.98
C PRO E 220 -17.04 -43.91 -31.51
N GLY E 221 -17.06 -45.23 -31.42
CA GLY E 221 -18.27 -45.97 -31.75
C GLY E 221 -18.49 -46.09 -33.24
N TYR E 222 -19.76 -46.17 -33.64
CA TYR E 222 -20.14 -46.38 -35.03
C TYR E 222 -21.02 -45.25 -35.52
N ARG E 223 -21.11 -45.12 -36.84
CA ARG E 223 -22.00 -44.14 -37.43
C ARG E 223 -22.72 -44.77 -38.61
N VAL E 224 -24.04 -44.74 -38.60
CA VAL E 224 -24.83 -45.40 -39.61
C VAL E 224 -25.34 -44.37 -40.61
N VAL E 225 -25.22 -44.67 -41.89
CA VAL E 225 -25.81 -43.86 -42.94
C VAL E 225 -26.97 -44.63 -43.53
N VAL E 226 -28.18 -44.11 -43.36
CA VAL E 226 -29.40 -44.75 -43.79
C VAL E 226 -29.89 -44.04 -45.03
N THR E 227 -29.92 -44.74 -46.16
CA THR E 227 -30.51 -44.19 -47.37
C THR E 227 -31.83 -44.91 -47.64
N SER E 228 -32.80 -44.16 -48.14
CA SER E 228 -34.17 -44.64 -48.19
C SER E 228 -34.72 -44.60 -49.61
N ARG E 229 -36.03 -44.82 -49.77
CA ARG E 229 -36.62 -44.93 -51.09
C ARG E 229 -36.52 -43.62 -51.86
N GLY E 230 -36.59 -42.48 -51.15
CA GLY E 230 -36.50 -41.20 -51.83
C GLY E 230 -35.14 -40.92 -52.43
N GLY E 231 -34.16 -41.79 -52.21
CA GLY E 231 -32.80 -41.50 -52.58
C GLY E 231 -32.06 -40.61 -51.60
N ARG E 232 -32.75 -40.11 -50.58
CA ARG E 232 -32.18 -39.22 -49.59
C ARG E 232 -31.46 -40.02 -48.51
N ARG E 233 -30.64 -39.32 -47.73
CA ARG E 233 -29.79 -39.97 -46.74
C ARG E 233 -29.91 -39.26 -45.41
N ARG E 234 -29.80 -40.02 -44.32
CA ARG E 234 -29.73 -39.51 -42.97
C ARG E 234 -28.63 -40.26 -42.24
N TRP E 235 -28.24 -39.78 -41.06
CA TRP E 235 -27.23 -40.52 -40.33
C TRP E 235 -27.58 -40.59 -38.85
N VAL E 236 -27.06 -41.64 -38.22
CA VAL E 236 -27.25 -41.93 -36.81
C VAL E 236 -25.89 -42.07 -36.17
N ASP E 237 -25.76 -41.61 -34.93
CA ASP E 237 -24.49 -41.60 -34.22
C ASP E 237 -24.58 -42.61 -33.08
N LEU E 238 -24.08 -43.82 -33.32
CA LEU E 238 -24.08 -44.86 -32.30
C LEU E 238 -22.72 -44.93 -31.61
N ALA E 239 -22.39 -43.89 -30.87
CA ALA E 239 -21.39 -44.03 -29.84
C ALA E 239 -22.01 -44.84 -28.71
N GLU E 240 -21.29 -44.96 -27.59
CA GLU E 240 -22.00 -45.32 -26.36
C GLU E 240 -22.76 -46.64 -26.46
N GLU E 241 -22.06 -47.76 -26.55
CA GLU E 241 -22.73 -49.05 -26.44
C GLU E 241 -23.67 -49.04 -25.26
N GLY E 242 -24.97 -49.12 -25.52
CA GLY E 242 -25.92 -48.71 -24.51
C GLY E 242 -25.95 -49.62 -23.31
N GLU E 243 -26.51 -50.80 -23.47
CA GLU E 243 -26.48 -51.81 -22.43
C GLU E 243 -26.24 -53.15 -23.07
N LEU E 244 -25.37 -53.94 -22.46
CA LEU E 244 -24.93 -55.18 -23.06
C LEU E 244 -26.10 -56.15 -23.11
N VAL E 245 -26.39 -56.66 -24.32
CA VAL E 245 -27.38 -57.70 -24.51
C VAL E 245 -26.83 -58.71 -25.50
N GLN E 246 -27.34 -59.93 -25.43
CA GLN E 246 -26.95 -60.92 -26.39
C GLN E 246 -27.65 -60.68 -27.73
N LEU E 247 -27.24 -61.43 -28.74
CA LEU E 247 -27.80 -61.22 -30.07
C LEU E 247 -29.21 -61.77 -30.19
N THR E 248 -29.58 -62.74 -29.37
CA THR E 248 -30.91 -63.35 -29.46
C THR E 248 -31.86 -62.71 -28.45
N GLU E 249 -31.97 -61.40 -28.49
CA GLU E 249 -32.66 -60.66 -27.45
C GLU E 249 -33.68 -59.72 -28.07
N GLN E 250 -34.91 -59.76 -27.57
CA GLN E 250 -36.00 -58.91 -28.03
C GLN E 250 -36.68 -58.30 -26.81
N ALA E 251 -36.15 -57.18 -26.34
CA ALA E 251 -36.77 -56.42 -25.27
C ALA E 251 -36.12 -55.05 -25.20
N PRO E 252 -36.90 -53.97 -25.24
CA PRO E 252 -36.31 -52.64 -25.16
C PRO E 252 -35.67 -52.41 -23.81
N PRO E 253 -34.80 -51.38 -23.66
CA PRO E 253 -34.04 -51.23 -22.42
C PRO E 253 -34.57 -50.38 -21.28
N ALA E 254 -35.88 -50.25 -21.10
CA ALA E 254 -36.47 -49.53 -19.95
C ALA E 254 -36.32 -48.01 -20.09
N SER E 255 -35.49 -47.55 -21.01
CA SER E 255 -35.36 -46.10 -21.25
C SER E 255 -34.92 -45.90 -22.68
N PRO E 256 -35.67 -45.20 -23.54
CA PRO E 256 -35.19 -44.94 -24.88
C PRO E 256 -33.78 -44.36 -24.98
N ALA E 257 -33.09 -44.14 -23.87
CA ALA E 257 -31.76 -43.49 -23.92
C ALA E 257 -30.66 -44.53 -23.76
N ASP E 258 -31.03 -45.79 -23.55
CA ASP E 258 -30.04 -46.88 -23.39
C ASP E 258 -29.97 -47.71 -24.67
N ILE E 259 -30.20 -47.08 -25.82
CA ILE E 259 -30.07 -47.80 -27.12
C ILE E 259 -28.71 -47.45 -27.69
N GLY E 260 -27.80 -48.41 -27.72
CA GLY E 260 -26.47 -48.26 -28.24
C GLY E 260 -26.31 -49.12 -29.46
N TYR E 261 -25.09 -49.52 -29.79
CA TYR E 261 -24.94 -50.40 -30.94
C TYR E 261 -25.12 -51.86 -30.59
N SER E 262 -25.23 -52.22 -29.33
CA SER E 262 -25.49 -53.62 -29.01
C SER E 262 -26.90 -54.01 -29.41
N HIS E 263 -27.89 -53.16 -29.12
CA HIS E 263 -29.26 -53.45 -29.53
C HIS E 263 -29.40 -53.40 -31.05
N VAL E 264 -28.74 -52.45 -31.69
CA VAL E 264 -28.80 -52.34 -33.14
C VAL E 264 -28.19 -53.58 -33.79
N PHE E 265 -27.07 -54.06 -33.25
CA PHE E 265 -26.49 -55.27 -33.83
C PHE E 265 -27.33 -56.49 -33.54
N ALA E 266 -28.01 -56.54 -32.40
CA ALA E 266 -28.97 -57.61 -32.16
C ALA E 266 -30.05 -57.62 -33.23
N GLN E 267 -30.60 -56.46 -33.55
CA GLN E 267 -31.67 -56.42 -34.54
C GLN E 267 -31.16 -56.79 -35.91
N LEU E 268 -29.96 -56.32 -36.28
CA LEU E 268 -29.40 -56.68 -37.56
C LEU E 268 -29.12 -58.18 -37.66
N TYR E 269 -28.73 -58.79 -36.55
CA TYR E 269 -28.46 -60.23 -36.58
C TYR E 269 -29.74 -61.03 -36.69
N GLN E 270 -30.80 -60.58 -36.01
CA GLN E 270 -32.04 -61.35 -36.04
C GLN E 270 -32.81 -61.15 -37.32
N ALA E 271 -32.61 -60.03 -38.03
CA ALA E 271 -33.38 -59.80 -39.23
C ALA E 271 -33.08 -60.78 -40.33
N TYR E 272 -31.89 -61.38 -40.34
CA TYR E 272 -31.45 -62.25 -41.42
C TYR E 272 -31.70 -63.71 -41.13
N GLU E 273 -32.64 -64.03 -40.26
CA GLU E 273 -32.92 -65.42 -39.96
C GLU E 273 -33.70 -66.06 -41.11
N PRO E 274 -33.29 -67.25 -41.55
CA PRO E 274 -34.02 -67.91 -42.63
C PRO E 274 -35.34 -68.48 -42.12
N ARG E 275 -36.40 -68.23 -42.87
CA ARG E 275 -37.73 -68.67 -42.50
C ARG E 275 -38.03 -70.00 -43.16
N TYR E 276 -38.58 -70.93 -42.38
CA TYR E 276 -38.96 -72.23 -42.89
C TYR E 276 -40.47 -72.37 -42.88
N SER E 277 -41.01 -72.84 -43.98
CA SER E 277 -42.43 -73.10 -44.07
C SER E 277 -42.80 -74.29 -43.20
N PRO E 278 -44.04 -74.36 -42.71
CA PRO E 278 -44.39 -75.45 -41.78
C PRO E 278 -44.31 -76.82 -42.41
N GLU E 279 -44.34 -76.91 -43.74
CA GLU E 279 -44.27 -78.21 -44.39
C GLU E 279 -42.96 -78.92 -44.11
N ALA E 280 -41.87 -78.18 -43.93
CA ALA E 280 -40.56 -78.79 -43.79
C ALA E 280 -40.50 -79.65 -42.53
N LEU E 281 -40.64 -79.04 -41.37
CA LEU E 281 -40.64 -79.83 -40.14
C LEU E 281 -41.87 -80.71 -40.02
N ALA E 282 -42.95 -80.42 -40.74
CA ALA E 282 -44.06 -81.37 -40.80
C ALA E 282 -43.58 -82.69 -41.39
N ALA E 283 -43.00 -82.65 -42.58
CA ALA E 283 -42.46 -83.86 -43.21
C ALA E 283 -41.32 -84.44 -42.39
N LEU E 284 -40.61 -83.61 -41.62
CA LEU E 284 -39.54 -84.12 -40.78
C LEU E 284 -40.10 -84.95 -39.62
N TYR E 285 -40.86 -84.31 -38.74
CA TYR E 285 -41.39 -84.95 -37.54
C TYR E 285 -42.35 -86.09 -37.88
N GLY E 286 -43.25 -85.89 -38.84
CA GLY E 286 -44.19 -86.93 -39.21
C GLY E 286 -43.53 -88.17 -39.77
N SER E 287 -42.34 -88.04 -40.33
CA SER E 287 -41.61 -89.18 -40.87
C SER E 287 -41.12 -90.05 -39.73
N SER E 288 -41.50 -91.34 -39.75
CA SER E 288 -41.07 -92.25 -38.71
C SER E 288 -39.60 -92.65 -38.87
N SER E 289 -39.20 -92.98 -40.09
CA SER E 289 -37.83 -93.39 -40.38
C SER E 289 -36.85 -92.28 -40.02
N SER E 290 -35.63 -92.68 -39.68
CA SER E 290 -34.59 -91.71 -39.40
C SER E 290 -34.07 -91.06 -40.67
N LYS E 291 -33.73 -91.86 -41.68
CA LYS E 291 -33.21 -91.27 -42.91
C LYS E 291 -34.34 -90.74 -43.79
N GLY E 292 -35.59 -91.14 -43.51
CA GLY E 292 -36.71 -90.40 -44.06
C GLY E 292 -36.73 -88.96 -43.56
N LYS E 293 -36.52 -88.78 -42.25
CA LYS E 293 -36.32 -87.44 -41.70
C LYS E 293 -35.12 -86.77 -42.35
N ALA E 294 -34.05 -87.54 -42.61
CA ALA E 294 -32.86 -86.96 -43.20
C ALA E 294 -33.16 -86.43 -44.60
N ALA E 295 -33.95 -87.16 -45.37
CA ALA E 295 -34.35 -86.69 -46.70
C ALA E 295 -35.24 -85.46 -46.60
N ALA E 296 -36.23 -85.49 -45.71
CA ALA E 296 -37.10 -84.34 -45.51
C ALA E 296 -36.29 -83.11 -45.11
N ALA E 297 -35.17 -83.31 -44.41
CA ALA E 297 -34.35 -82.18 -43.98
C ALA E 297 -33.47 -81.67 -45.11
N ALA E 298 -32.75 -82.56 -45.79
CA ALA E 298 -31.85 -82.12 -46.85
C ALA E 298 -32.62 -81.56 -48.03
N ALA E 299 -33.89 -81.93 -48.18
CA ALA E 299 -34.68 -81.45 -49.32
C ALA E 299 -35.47 -80.18 -49.01
N ALA E 300 -35.62 -79.81 -47.75
CA ALA E 300 -36.44 -78.67 -47.39
C ALA E 300 -35.77 -77.36 -47.80
N GLN E 301 -36.59 -76.38 -48.16
CA GLN E 301 -36.12 -75.07 -48.60
C GLN E 301 -36.55 -74.00 -47.60
N HIS E 302 -36.28 -72.76 -47.95
CA HIS E 302 -36.48 -71.64 -47.04
C HIS E 302 -36.58 -70.35 -47.84
N ASP E 303 -36.79 -69.25 -47.13
CA ASP E 303 -36.80 -67.93 -47.73
C ASP E 303 -36.20 -66.94 -46.74
N THR E 304 -35.90 -65.74 -47.25
CA THR E 304 -35.22 -64.72 -46.46
C THR E 304 -35.89 -63.38 -46.71
N PRO E 305 -36.77 -62.92 -45.82
CA PRO E 305 -37.44 -61.64 -46.05
C PRO E 305 -36.51 -60.46 -46.07
N ALA E 306 -35.39 -60.54 -45.35
CA ALA E 306 -34.50 -59.40 -45.22
C ALA E 306 -33.95 -58.93 -46.56
N LEU E 307 -33.90 -59.80 -47.56
CA LEU E 307 -33.38 -59.37 -48.85
C LEU E 307 -34.28 -58.36 -49.54
N ARG E 308 -35.49 -58.13 -49.02
CA ARG E 308 -36.38 -57.13 -49.57
C ARG E 308 -36.53 -55.93 -48.65
N HIS E 309 -35.71 -55.82 -47.60
CA HIS E 309 -35.89 -54.76 -46.64
C HIS E 309 -34.60 -54.03 -46.31
N LEU E 310 -33.47 -54.73 -46.35
CA LEU E 310 -32.23 -54.17 -45.82
C LEU E 310 -31.07 -54.47 -46.74
N ASP E 311 -30.13 -53.53 -46.79
CA ASP E 311 -28.86 -53.76 -47.45
C ASP E 311 -27.75 -53.25 -46.55
N VAL E 312 -27.03 -54.17 -45.90
CA VAL E 312 -26.06 -53.82 -44.87
C VAL E 312 -24.65 -53.85 -45.44
N SER E 313 -23.87 -52.82 -45.12
CA SER E 313 -22.49 -52.75 -45.56
C SER E 313 -21.63 -52.21 -44.43
N TYR E 314 -20.35 -52.56 -44.44
CA TYR E 314 -19.41 -52.14 -43.42
C TYR E 314 -18.26 -51.40 -44.05
N HIS E 315 -17.94 -50.20 -43.55
CA HIS E 315 -16.86 -49.41 -44.09
C HIS E 315 -16.01 -48.81 -42.98
N GLY E 316 -14.79 -48.47 -43.35
CA GLY E 316 -13.91 -47.67 -42.51
C GLY E 316 -13.61 -46.35 -43.21
N THR E 317 -13.84 -45.25 -42.50
CA THR E 317 -13.54 -43.93 -43.04
C THR E 317 -12.03 -43.79 -43.13
N GLY E 318 -11.50 -43.82 -44.35
CA GLY E 318 -10.06 -43.82 -44.52
C GLY E 318 -9.41 -42.62 -43.86
N SER E 319 -8.14 -42.79 -43.52
CA SER E 319 -7.37 -41.72 -42.91
C SER E 319 -6.59 -40.96 -43.98
N ALA E 320 -6.33 -39.69 -43.70
CA ALA E 320 -5.60 -38.83 -44.64
C ALA E 320 -4.33 -38.24 -44.03
N VAL E 321 -3.80 -38.85 -42.97
CA VAL E 321 -2.56 -38.41 -42.35
C VAL E 321 -1.78 -39.66 -41.98
N ALA E 322 -0.60 -39.82 -42.57
CA ALA E 322 0.20 -40.99 -42.29
C ALA E 322 0.66 -40.97 -40.83
N PRO E 323 0.44 -42.06 -40.09
CA PRO E 323 0.67 -42.03 -38.63
C PRO E 323 2.07 -41.68 -38.21
N GLY E 324 3.07 -41.76 -39.09
CA GLY E 324 4.42 -41.48 -38.66
C GLY E 324 5.02 -40.24 -39.29
N SER E 325 4.24 -39.53 -40.08
CA SER E 325 4.76 -38.43 -40.89
C SER E 325 5.10 -37.23 -40.01
N GLY E 326 5.47 -36.13 -40.66
CA GLY E 326 5.82 -34.92 -39.95
C GLY E 326 4.63 -34.10 -39.53
N THR E 327 3.62 -34.01 -40.40
CA THR E 327 2.41 -33.29 -40.05
C THR E 327 1.67 -33.92 -38.89
N ALA E 328 1.76 -35.23 -38.72
CA ALA E 328 1.16 -35.90 -37.57
C ALA E 328 1.97 -35.69 -36.30
N PHE E 329 3.06 -34.94 -36.36
CA PHE E 329 3.77 -34.52 -35.16
C PHE E 329 3.36 -33.12 -34.74
N LEU E 330 3.11 -32.24 -35.69
CA LEU E 330 2.58 -30.92 -35.37
C LEU E 330 1.18 -31.03 -34.79
N MET E 331 0.42 -32.04 -35.17
CA MET E 331 -0.93 -32.17 -34.64
C MET E 331 -0.94 -32.69 -33.22
N GLN E 332 0.10 -33.41 -32.81
CA GLN E 332 0.20 -33.92 -31.43
C GLN E 332 1.66 -33.88 -31.01
N PRO E 333 2.15 -32.71 -30.62
CA PRO E 333 3.55 -32.60 -30.18
C PRO E 333 3.77 -33.39 -28.91
N SER E 334 4.92 -34.08 -28.87
CA SER E 334 5.31 -34.88 -27.71
C SER E 334 6.82 -34.82 -27.59
N TRP E 335 7.30 -35.07 -26.37
CA TRP E 335 8.74 -35.02 -26.09
C TRP E 335 9.46 -36.23 -26.67
N ASP E 336 8.86 -37.42 -26.56
CA ASP E 336 9.41 -38.59 -27.23
C ASP E 336 9.65 -38.33 -28.71
N ALA E 337 8.72 -37.61 -29.34
CA ALA E 337 8.88 -37.27 -30.74
C ALA E 337 10.13 -36.44 -30.99
N VAL E 338 10.37 -35.43 -30.14
CA VAL E 338 11.53 -34.57 -30.40
C VAL E 338 12.83 -35.31 -30.09
N THR E 339 12.82 -36.21 -29.12
CA THR E 339 14.02 -37.01 -28.87
C THR E 339 14.33 -37.92 -30.05
N GLY E 340 13.33 -38.67 -30.53
CA GLY E 340 13.54 -39.48 -31.71
C GLY E 340 13.96 -38.66 -32.92
N ALA E 341 13.41 -37.46 -33.05
CA ALA E 341 13.75 -36.60 -34.17
C ALA E 341 15.20 -36.15 -34.10
N ILE E 342 15.66 -35.71 -32.93
CA ILE E 342 17.05 -35.27 -32.85
C ILE E 342 17.99 -36.45 -32.99
N ARG E 343 17.56 -37.65 -32.58
CA ARG E 343 18.38 -38.83 -32.80
C ARG E 343 18.53 -39.13 -34.29
N TRP E 344 17.42 -39.10 -35.03
CA TRP E 344 17.48 -39.30 -36.47
C TRP E 344 18.31 -38.21 -37.15
N GLY E 345 18.20 -36.98 -36.66
CA GLY E 345 18.99 -35.89 -37.22
C GLY E 345 20.47 -36.07 -36.97
N LEU E 346 20.84 -36.57 -35.79
CA LEU E 346 22.23 -36.97 -35.58
C LEU E 346 22.61 -38.08 -36.53
N GLU E 347 21.72 -39.04 -36.77
CA GLU E 347 22.04 -40.12 -37.71
C GLU E 347 22.37 -39.57 -39.09
N ARG E 348 21.59 -38.60 -39.55
CA ARG E 348 21.81 -38.07 -40.89
C ARG E 348 23.02 -37.15 -40.93
N SER E 349 23.05 -36.13 -40.07
CA SER E 349 24.09 -35.12 -40.13
C SER E 349 25.29 -35.48 -39.25
N GLY E 350 25.06 -35.69 -37.95
CA GLY E 350 26.16 -35.79 -37.01
C GLY E 350 26.36 -37.11 -36.29
N LEU E 351 25.97 -38.23 -36.89
CA LEU E 351 26.51 -39.52 -36.45
C LEU E 351 27.96 -39.70 -36.90
N PRO E 352 28.42 -39.07 -38.00
CA PRO E 352 29.87 -39.00 -38.24
C PRO E 352 30.64 -38.46 -37.05
N GLU E 353 29.94 -38.09 -35.98
CA GLU E 353 30.56 -38.01 -34.67
C GLU E 353 31.38 -39.27 -34.37
N LEU E 354 30.88 -40.44 -34.76
CA LEU E 354 31.68 -41.65 -34.58
C LEU E 354 32.76 -41.80 -35.64
N ARG E 355 32.85 -40.87 -36.60
CA ARG E 355 34.05 -40.70 -37.40
C ARG E 355 35.04 -39.72 -36.77
N ALA E 356 34.53 -38.67 -36.12
CA ALA E 356 35.37 -37.86 -35.26
C ALA E 356 35.95 -38.69 -34.13
N LEU E 357 35.23 -39.75 -33.74
CA LEU E 357 35.77 -40.77 -32.84
C LEU E 357 37.12 -41.29 -33.34
N ARG E 358 37.13 -41.85 -34.55
CA ARG E 358 38.35 -42.41 -35.10
C ARG E 358 39.37 -41.31 -35.38
N ASP E 359 38.92 -40.12 -35.74
CA ASP E 359 39.83 -39.02 -36.04
C ASP E 359 40.50 -38.47 -34.78
N SER E 360 39.86 -38.57 -33.62
CA SER E 360 40.46 -38.15 -32.36
C SER E 360 41.14 -39.32 -31.65
N LEU E 361 40.93 -40.54 -32.15
CA LEU E 361 41.78 -41.66 -31.76
C LEU E 361 43.19 -41.54 -32.36
N LEU E 362 43.46 -40.49 -33.13
CA LEU E 362 44.77 -40.24 -33.72
C LEU E 362 45.79 -39.99 -32.61
N PRO E 363 45.57 -39.03 -31.68
CA PRO E 363 46.49 -38.92 -30.53
C PRO E 363 46.20 -39.98 -29.49
N GLU E 364 44.91 -40.27 -29.28
CA GLU E 364 44.45 -41.18 -28.24
C GLU E 364 45.04 -40.86 -26.87
N GLU E 424 63.17 -0.34 -5.12
CA GLU E 424 64.60 -0.29 -4.80
C GLU E 424 65.07 1.15 -4.67
N ALA E 425 65.93 1.39 -3.68
CA ALA E 425 66.48 2.72 -3.42
C ALA E 425 67.29 3.22 -4.62
N ARG E 426 67.14 4.50 -4.96
CA ARG E 426 67.87 5.08 -6.08
C ARG E 426 69.32 5.33 -5.68
N LYS E 427 70.20 4.35 -5.92
CA LYS E 427 71.63 4.54 -5.69
C LYS E 427 72.35 4.55 -7.03
N GLU E 428 72.87 5.72 -7.39
CA GLU E 428 73.68 5.86 -8.60
C GLU E 428 75.16 5.65 -8.28
N GLY E 429 75.84 4.81 -9.04
CA GLY E 429 77.20 4.41 -8.71
C GLY E 429 78.20 5.55 -8.69
N LEU E 430 78.54 6.10 -9.86
CA LEU E 430 79.37 7.29 -9.95
C LEU E 430 78.55 8.37 -10.67
N THR E 431 78.67 9.60 -10.20
CA THR E 431 77.67 10.61 -10.53
C THR E 431 77.85 11.23 -11.91
N GLY E 432 78.97 11.92 -12.15
CA GLY E 432 79.07 12.72 -13.36
C GLY E 432 78.54 14.12 -13.23
N VAL E 433 78.34 14.61 -12.01
CA VAL E 433 78.05 16.02 -11.75
C VAL E 433 79.24 16.58 -10.98
N GLU E 434 79.73 17.74 -11.40
CA GLU E 434 81.02 18.25 -10.96
C GLU E 434 80.85 19.49 -10.08
N PHE E 435 81.95 19.87 -9.43
CA PHE E 435 81.98 21.14 -8.71
C PHE E 435 82.05 22.32 -9.66
N ARG E 436 82.30 22.07 -10.95
CA ARG E 436 82.35 23.15 -11.93
C ARG E 436 80.99 23.47 -12.52
N ASP E 437 80.04 22.52 -12.47
CA ASP E 437 78.73 22.70 -13.08
C ASP E 437 77.69 23.23 -12.10
N VAL E 438 78.10 23.94 -11.05
CA VAL E 438 77.21 24.75 -10.24
C VAL E 438 77.92 26.07 -9.96
N ALA E 439 77.17 27.17 -10.02
CA ALA E 439 77.77 28.49 -9.95
C ALA E 439 76.94 29.40 -9.08
N GLY E 440 77.62 30.37 -8.45
CA GLY E 440 76.96 31.33 -7.60
C GLY E 440 76.91 30.97 -6.13
N LEU E 441 77.66 29.95 -5.71
CA LEU E 441 77.65 29.52 -4.31
C LEU E 441 79.06 29.28 -3.78
N GLY E 442 80.07 29.80 -4.48
CA GLY E 442 81.46 29.68 -4.10
C GLY E 442 81.80 29.89 -2.63
N PRO E 443 81.31 30.98 -2.02
CA PRO E 443 81.67 31.24 -0.62
C PRO E 443 81.38 30.09 0.33
N ILE E 444 80.15 29.54 0.25
CA ILE E 444 79.74 28.43 1.15
C ILE E 444 80.25 27.09 0.58
N LEU E 445 80.58 27.04 -0.71
CA LEU E 445 81.01 25.77 -1.35
C LEU E 445 82.16 25.14 -0.54
N ASN E 446 83.04 25.96 0.03
CA ASN E 446 84.19 25.46 0.83
C ASN E 446 83.74 24.27 1.70
N GLU E 447 82.66 24.44 2.46
CA GLU E 447 82.17 23.36 3.37
C GLU E 447 82.14 22.02 2.61
N VAL E 448 81.39 21.97 1.50
CA VAL E 448 81.27 20.70 0.72
C VAL E 448 82.68 20.18 0.37
N VAL E 449 83.53 21.06 -0.17
CA VAL E 449 84.91 20.64 -0.56
C VAL E 449 85.61 20.02 0.66
N GLU E 450 85.57 20.71 1.80
CA GLU E 450 86.21 20.18 3.04
C GLU E 450 85.63 18.79 3.34
N VAL E 451 84.31 18.69 3.42
CA VAL E 451 83.65 17.38 3.71
C VAL E 451 84.15 16.35 2.69
N VAL E 452 84.30 16.75 1.43
CA VAL E 452 84.71 15.79 0.40
C VAL E 452 86.08 15.20 0.72
N GLU E 453 86.99 16.00 1.28
CA GLU E 453 88.29 15.48 1.69
C GLU E 453 88.14 14.51 2.85
N PHE E 454 87.33 14.85 3.86
CA PHE E 454 87.11 13.95 4.98
C PHE E 454 86.63 12.59 4.50
N LEU E 455 85.64 12.59 3.60
CA LEU E 455 85.08 11.29 3.22
C LEU E 455 85.98 10.55 2.24
N LYS E 456 86.73 11.27 1.39
CA LYS E 456 87.66 10.59 0.50
C LYS E 456 88.82 9.97 1.28
N ASP E 457 89.22 10.61 2.39
CA ASP E 457 90.33 10.12 3.22
C ASP E 457 89.85 10.14 4.66
N PRO E 458 89.07 9.13 5.07
CA PRO E 458 88.53 9.14 6.44
C PRO E 458 89.58 8.93 7.51
N GLY E 459 90.75 8.41 7.15
CA GLY E 459 91.81 8.20 8.11
C GLY E 459 92.70 9.40 8.38
N THR E 460 92.74 10.39 7.49
CA THR E 460 93.60 11.54 7.72
C THR E 460 92.97 12.54 8.68
N PHE E 461 91.65 12.48 8.87
CA PHE E 461 91.04 13.25 9.95
C PHE E 461 91.02 12.43 11.23
N SER E 462 91.24 11.13 11.13
CA SER E 462 91.54 10.33 12.32
C SER E 462 92.95 10.63 12.83
N LYS E 463 93.66 11.53 12.16
CA LYS E 463 95.00 11.94 12.58
C LYS E 463 94.98 12.67 13.91
N LEU E 464 94.30 13.81 13.97
CA LEU E 464 94.19 14.57 15.21
C LEU E 464 92.80 14.50 15.83
N GLY E 465 91.83 13.91 15.13
CA GLY E 465 90.49 13.78 15.69
C GLY E 465 89.51 14.86 15.31
N ALA E 466 89.72 15.56 14.20
CA ALA E 466 88.80 16.59 13.76
C ALA E 466 87.44 15.99 13.49
N ARG E 467 86.41 16.47 14.19
CA ARG E 467 85.10 15.84 14.16
C ARG E 467 84.38 16.17 12.86
N PRO E 468 84.00 15.20 12.06
CA PRO E 468 83.25 15.47 10.84
C PRO E 468 81.78 15.70 11.16
N PRO E 469 81.01 16.23 10.21
CA PRO E 469 79.58 16.39 10.44
C PRO E 469 78.87 15.04 10.47
N LYS E 470 77.93 14.91 11.42
CA LYS E 470 77.05 13.75 11.44
C LYS E 470 76.16 13.74 10.20
N GLY E 471 75.61 14.88 9.84
CA GLY E 471 74.80 15.02 8.65
C GLY E 471 74.35 16.46 8.53
N ILE E 472 74.43 16.99 7.31
CA ILE E 472 74.08 18.38 7.05
C ILE E 472 72.76 18.43 6.28
N LEU E 473 71.82 19.26 6.76
CA LEU E 473 70.53 19.42 6.09
C LEU E 473 70.62 20.65 5.18
N LEU E 474 70.56 20.41 3.87
CA LEU E 474 70.69 21.47 2.88
C LEU E 474 69.40 22.28 2.88
N GLU E 475 69.53 23.60 3.07
CA GLU E 475 68.38 24.47 3.20
C GLU E 475 68.39 25.55 2.12
N GLY E 476 67.21 25.79 1.56
CA GLY E 476 67.00 26.82 0.57
C GLY E 476 65.65 26.64 -0.07
N ASP E 477 64.99 27.78 -0.33
CA ASP E 477 63.69 27.74 -0.97
C ASP E 477 63.81 27.16 -2.38
N PRO E 478 62.81 26.40 -2.83
CA PRO E 478 63.02 25.50 -3.96
C PRO E 478 63.47 26.25 -5.22
N GLY E 479 64.22 25.53 -6.06
CA GLY E 479 64.86 26.13 -7.20
C GLY E 479 66.28 26.56 -6.97
N THR E 480 66.80 26.44 -5.75
CA THR E 480 68.18 26.79 -5.45
C THR E 480 69.15 25.68 -5.83
N GLY E 481 68.67 24.50 -6.16
CA GLY E 481 69.51 23.40 -6.58
C GLY E 481 69.99 22.49 -5.48
N LYS E 482 69.30 22.45 -4.34
CA LYS E 482 69.74 21.67 -3.19
C LYS E 482 70.01 20.22 -3.55
N THR E 483 69.36 19.72 -4.61
CA THR E 483 69.52 18.32 -4.97
C THR E 483 70.82 18.05 -5.72
N LEU E 484 71.16 18.88 -6.70
CA LEU E 484 72.32 18.56 -7.52
C LEU E 484 73.63 18.92 -6.82
N LEU E 485 73.65 20.00 -6.05
CA LEU E 485 74.90 20.38 -5.38
C LEU E 485 75.31 19.34 -4.35
N ALA E 486 74.33 18.68 -3.73
CA ALA E 486 74.62 17.46 -2.99
C ALA E 486 75.12 16.37 -3.93
N LYS E 487 74.40 16.14 -5.02
CA LYS E 487 74.86 15.18 -6.02
C LYS E 487 76.16 15.65 -6.67
N ALA E 488 76.47 16.94 -6.58
CA ALA E 488 77.77 17.42 -7.04
C ALA E 488 78.88 17.02 -6.08
N LEU E 489 78.62 17.10 -4.77
CA LEU E 489 79.54 16.50 -3.80
C LEU E 489 79.73 15.02 -4.12
N ALA E 490 78.63 14.33 -4.41
CA ALA E 490 78.71 12.91 -4.77
C ALA E 490 79.58 12.71 -6.00
N GLY E 491 79.47 13.60 -6.99
CA GLY E 491 80.27 13.44 -8.19
C GLY E 491 81.74 13.71 -7.94
N GLU E 492 82.05 14.73 -7.14
CA GLU E 492 83.44 15.01 -6.80
C GLU E 492 84.07 13.85 -6.05
N ALA E 493 83.29 13.17 -5.20
CA ALA E 493 83.85 12.07 -4.44
C ALA E 493 83.73 10.72 -5.13
N MET E 494 82.87 10.59 -6.15
CA MET E 494 82.56 9.31 -6.80
C MET E 494 82.19 8.23 -5.79
N VAL E 495 81.55 8.63 -4.70
CA VAL E 495 81.14 7.73 -3.63
C VAL E 495 79.73 7.24 -3.90
N PRO E 496 79.27 6.17 -3.26
CA PRO E 496 77.87 5.76 -3.45
C PRO E 496 76.91 6.84 -2.97
N PHE E 497 76.10 7.32 -3.89
CA PHE E 497 75.12 8.36 -3.61
C PHE E 497 73.76 7.70 -3.44
N TYR E 498 73.14 7.93 -2.28
CA TYR E 498 71.86 7.33 -1.93
C TYR E 498 70.82 8.42 -1.87
N GLN E 499 69.87 8.40 -2.80
CA GLN E 499 68.83 9.41 -2.86
C GLN E 499 67.44 8.79 -2.95
N MET E 500 66.50 9.36 -2.21
CA MET E 500 65.08 9.09 -2.35
C MET E 500 64.33 10.15 -1.55
N SER E 501 63.03 10.29 -1.83
CA SER E 501 62.23 11.34 -1.25
C SER E 501 61.76 10.97 0.14
N GLY E 502 62.04 11.87 1.10
CA GLY E 502 61.57 11.66 2.46
C GLY E 502 60.07 11.50 2.56
N THR E 503 59.33 12.29 1.78
CA THR E 503 57.88 12.18 1.73
C THR E 503 57.42 10.76 1.43
N GLU E 504 58.23 9.98 0.70
CA GLU E 504 57.87 8.60 0.40
C GLU E 504 58.01 7.68 1.61
N PHE E 505 58.65 8.14 2.68
CA PHE E 505 58.75 7.33 3.89
C PHE E 505 57.44 7.24 4.67
N THR E 506 56.33 7.77 4.13
CA THR E 506 55.02 7.65 4.74
C THR E 506 53.95 7.22 3.74
N GLU E 507 54.20 6.17 2.97
CA GLU E 507 53.17 5.63 2.09
C GLU E 507 51.99 5.14 2.93
N GLY E 508 50.82 5.04 2.29
CA GLY E 508 49.62 4.69 3.02
C GLY E 508 49.52 3.26 3.47
N ILE E 509 50.53 2.78 4.20
CA ILE E 509 50.51 1.47 4.85
C ILE E 509 51.42 1.58 6.08
N VAL E 510 50.87 1.26 7.25
CA VAL E 510 51.59 1.44 8.52
C VAL E 510 52.68 0.38 8.69
N GLY E 511 53.87 0.82 9.06
CA GLY E 511 54.96 -0.07 9.41
C GLY E 511 56.02 -0.27 8.35
N LEU E 512 55.71 -0.01 7.08
CA LEU E 512 56.69 -0.24 6.01
C LEU E 512 57.45 1.03 5.67
N GLY E 513 56.95 2.18 6.13
CA GLY E 513 57.70 3.41 5.96
C GLY E 513 59.08 3.35 6.60
N ALA E 514 59.12 2.86 7.85
CA ALA E 514 60.41 2.76 8.55
C ALA E 514 61.27 1.65 7.96
N ALA E 515 60.67 0.72 7.23
CA ALA E 515 61.44 -0.40 6.68
C ALA E 515 62.47 0.09 5.67
N ARG E 516 62.08 1.02 4.81
CA ARG E 516 63.03 1.59 3.86
C ARG E 516 64.17 2.30 4.56
N VAL E 517 63.88 2.95 5.68
CA VAL E 517 64.90 3.69 6.44
C VAL E 517 66.04 2.76 6.84
N ARG E 518 65.68 1.66 7.51
CA ARG E 518 66.68 0.70 7.97
C ARG E 518 67.41 0.08 6.80
N ASP E 519 66.66 -0.33 5.77
CA ASP E 519 67.28 -0.88 4.56
C ASP E 519 68.37 0.04 4.04
N LEU E 520 68.06 1.32 3.86
CA LEU E 520 69.03 2.26 3.28
C LEU E 520 70.19 2.50 4.23
N PHE E 521 69.93 2.51 5.54
CA PHE E 521 71.03 2.80 6.46
C PHE E 521 72.03 1.63 6.52
N LYS E 522 71.54 0.40 6.50
CA LYS E 522 72.48 -0.71 6.37
C LYS E 522 73.14 -0.76 5.00
N ARG E 523 72.43 -0.34 3.94
CA ARG E 523 73.07 -0.21 2.63
C ARG E 523 74.24 0.77 2.70
N ALA E 524 74.06 1.87 3.42
CA ALA E 524 75.13 2.85 3.55
C ALA E 524 76.27 2.30 4.37
N ARG E 525 75.96 1.68 5.51
CA ARG E 525 77.00 1.10 6.36
C ARG E 525 77.77 0.00 5.63
N ALA E 526 77.17 -0.61 4.61
CA ALA E 526 77.84 -1.62 3.81
C ALA E 526 78.66 -1.04 2.67
N THR E 527 78.11 -0.06 1.92
CA THR E 527 78.78 0.47 0.73
C THR E 527 79.53 1.76 1.03
N ALA E 528 79.78 2.03 2.31
CA ALA E 528 80.69 3.12 2.67
C ALA E 528 82.05 2.93 1.99
N PRO E 529 82.78 4.02 1.75
CA PRO E 529 82.39 5.40 2.07
C PRO E 529 81.33 5.94 1.12
N CYS E 530 80.13 6.21 1.66
CA CYS E 530 79.03 6.63 0.82
C CYS E 530 78.42 7.89 1.43
N VAL E 531 77.52 8.51 0.67
CA VAL E 531 76.81 9.70 1.12
C VAL E 531 75.33 9.51 0.88
N ILE E 532 74.54 9.60 1.95
CA ILE E 532 73.08 9.51 1.88
C ILE E 532 72.52 10.90 1.58
N PHE E 533 71.45 10.93 0.79
CA PHE E 533 70.75 12.17 0.49
C PHE E 533 69.25 11.88 0.48
N VAL E 534 68.49 12.67 1.22
CA VAL E 534 67.04 12.57 1.22
C VAL E 534 66.47 13.98 1.20
N ASP E 535 66.13 14.45 0.00
CA ASP E 535 65.37 15.69 -0.11
C ASP E 535 63.95 15.46 0.39
N GLU E 536 63.33 16.56 0.84
CA GLU E 536 61.93 16.55 1.30
C GLU E 536 61.75 15.66 2.52
N ILE E 537 62.69 15.75 3.46
CA ILE E 537 62.56 15.04 4.73
C ILE E 537 61.80 15.85 5.76
N ASP E 538 61.80 17.18 5.65
CA ASP E 538 61.04 17.97 6.61
C ASP E 538 59.56 17.63 6.52
N ALA E 539 59.13 17.03 5.41
CA ALA E 539 57.82 16.40 5.35
C ALA E 539 57.65 15.38 6.45
N LEU E 540 58.75 14.81 6.94
CA LEU E 540 58.77 13.96 8.12
C LEU E 540 59.13 14.74 9.37
N GLY E 541 59.88 15.83 9.19
CA GLY E 541 60.38 16.64 10.28
C GLY E 541 59.62 17.91 10.57
N LEU E 542 58.57 18.22 9.83
CA LEU E 542 57.72 19.34 10.22
C LEU E 542 57.00 18.99 11.53
N ARG E 543 56.92 19.96 12.42
CA ARG E 543 56.38 19.72 13.76
C ARG E 543 54.97 19.15 13.68
N ARG E 544 54.74 18.06 14.40
CA ARG E 544 53.47 17.35 14.43
C ARG E 544 52.32 18.31 14.73
N ALA E 545 51.38 18.43 13.79
CA ALA E 545 50.34 19.45 13.87
C ALA E 545 49.38 19.14 15.00
N GLU E 546 48.79 20.20 15.57
CA GLU E 546 47.73 20.07 16.57
C GLU E 546 46.33 20.11 15.95
N ASN E 547 46.21 19.86 14.63
CA ASN E 547 44.93 19.96 13.94
C ASN E 547 44.67 18.78 13.01
N ASP E 548 45.66 17.94 12.78
CA ASP E 548 45.56 16.85 11.82
C ASP E 548 45.17 15.56 12.53
N SER E 549 44.89 14.53 11.74
CA SER E 549 44.54 13.22 12.27
C SER E 549 45.75 12.53 12.87
N ALA E 550 45.59 11.91 14.03
CA ALA E 550 46.67 11.14 14.64
C ALA E 550 47.08 9.98 13.74
N LYS E 551 46.09 9.28 13.16
CA LYS E 551 46.39 8.15 12.28
C LYS E 551 47.31 8.57 11.14
N THR E 552 47.17 9.81 10.67
CA THR E 552 48.13 10.34 9.71
C THR E 552 49.47 10.63 10.35
N ASN E 553 49.48 11.09 11.61
CA ASN E 553 50.74 11.48 12.26
C ASN E 553 51.41 10.30 12.95
N GLU E 554 50.65 9.25 13.28
CA GLU E 554 51.19 8.14 14.06
C GLU E 554 52.33 7.44 13.32
N GLU E 555 52.12 7.06 12.06
CA GLU E 555 53.19 6.37 11.34
C GLU E 555 54.24 7.35 10.83
N ARG E 556 53.86 8.62 10.63
CA ARG E 556 54.87 9.66 10.44
C ARG E 556 55.74 9.80 11.70
N GLU E 557 55.10 9.81 12.87
CA GLU E 557 55.85 9.75 14.13
C GLU E 557 56.80 8.56 14.14
N GLN E 558 56.30 7.37 13.82
CA GLN E 558 57.11 6.16 13.86
C GLN E 558 58.29 6.24 12.89
N THR E 559 58.05 6.76 11.69
CA THR E 559 59.13 6.85 10.71
C THR E 559 60.18 7.88 11.11
N LEU E 560 59.74 9.03 11.64
CA LEU E 560 60.70 10.04 12.03
C LEU E 560 61.53 9.58 13.21
N ASN E 561 60.92 8.82 14.12
CA ASN E 561 61.69 8.27 15.23
C ASN E 561 62.64 7.16 14.75
N GLN E 562 62.24 6.41 13.72
CA GLN E 562 63.17 5.48 13.08
C GLN E 562 64.40 6.21 12.56
N LEU E 563 64.19 7.33 11.86
CA LEU E 563 65.33 8.10 11.35
C LEU E 563 66.18 8.63 12.49
N LEU E 564 65.55 9.24 13.50
CA LEU E 564 66.28 9.71 14.67
C LEU E 564 67.18 8.61 15.22
N THR E 565 66.59 7.50 15.65
CA THR E 565 67.35 6.48 16.34
C THR E 565 68.39 5.83 15.43
N GLU E 566 68.08 5.67 14.14
CA GLU E 566 69.04 5.04 13.24
C GLU E 566 70.26 5.92 13.02
N MET E 567 70.05 7.17 12.57
CA MET E 567 71.19 8.02 12.27
C MET E 567 71.90 8.44 13.55
N ASP E 568 71.25 8.28 14.70
CA ASP E 568 71.96 8.40 15.97
C ASP E 568 72.86 7.18 16.18
N GLY E 569 72.37 5.98 15.86
CA GLY E 569 73.20 4.80 15.91
C GLY E 569 74.39 4.82 14.96
N PHE E 570 74.51 5.85 14.13
CA PHE E 570 75.64 5.96 13.22
C PHE E 570 76.86 6.54 13.94
N THR E 571 78.03 6.09 13.54
CA THR E 571 79.30 6.60 14.05
C THR E 571 79.95 7.51 13.01
N PRO E 572 80.79 8.45 13.44
CA PRO E 572 81.58 9.20 12.44
C PRO E 572 82.53 8.34 11.66
N ASP E 573 82.95 7.19 12.22
CA ASP E 573 83.94 6.32 11.60
C ASP E 573 83.35 5.37 10.58
N THR E 574 82.02 5.31 10.46
CA THR E 574 81.41 4.46 9.44
C THR E 574 81.63 5.02 8.04
N GLY E 575 82.09 6.26 7.92
CA GLY E 575 82.37 6.82 6.62
C GLY E 575 81.14 7.09 5.78
N VAL E 576 80.03 7.47 6.39
CA VAL E 576 78.81 7.81 5.68
C VAL E 576 78.35 9.19 6.11
N VAL E 577 78.20 10.09 5.15
CA VAL E 577 77.73 11.45 5.39
C VAL E 577 76.26 11.53 4.99
N PHE E 578 75.46 12.16 5.84
CA PHE E 578 74.03 12.30 5.61
C PHE E 578 73.74 13.67 5.04
N LEU E 579 72.80 13.74 4.09
CA LEU E 579 72.36 15.01 3.55
C LEU E 579 70.84 15.06 3.53
N GLY E 580 70.28 15.99 4.30
CA GLY E 580 68.87 16.31 4.26
C GLY E 580 68.68 17.57 3.44
N ALA E 581 67.51 17.72 2.83
CA ALA E 581 67.20 18.90 2.04
C ALA E 581 65.74 19.25 2.21
N THR E 582 65.48 20.51 2.54
CA THR E 582 64.15 21.09 2.46
C THR E 582 64.31 22.60 2.37
N ASN E 583 63.18 23.28 2.17
CA ASN E 583 63.15 24.70 1.88
C ASN E 583 62.73 25.56 3.07
N ARG E 584 62.00 24.99 4.02
CA ARG E 584 61.50 25.74 5.17
C ARG E 584 62.17 25.17 6.42
N ALA E 585 63.21 25.86 6.90
CA ALA E 585 63.89 25.45 8.11
C ALA E 585 63.05 25.69 9.36
N ASP E 586 62.16 26.68 9.33
CA ASP E 586 61.43 27.06 10.54
C ASP E 586 60.45 25.98 10.98
N LEU E 587 59.90 25.22 10.05
CA LEU E 587 58.95 24.16 10.39
C LEU E 587 59.62 22.91 10.94
N LEU E 588 60.96 22.87 10.99
CA LEU E 588 61.65 21.69 11.49
C LEU E 588 61.41 21.53 12.99
N ASP E 589 61.26 20.28 13.42
CA ASP E 589 61.05 20.00 14.84
C ASP E 589 62.40 20.00 15.56
N PRO E 590 62.46 20.45 16.82
CA PRO E 590 63.75 20.58 17.50
C PRO E 590 64.51 19.28 17.74
N ALA E 591 63.93 18.13 17.42
CA ALA E 591 64.66 16.88 17.60
C ALA E 591 65.72 16.69 16.52
N LEU E 592 65.37 17.00 15.26
CA LEU E 592 66.37 16.98 14.20
C LEU E 592 67.26 18.22 14.26
N MET E 593 66.87 19.23 15.02
CA MET E 593 67.70 20.41 15.23
C MET E 593 68.76 20.21 16.31
N ARG E 594 69.05 18.97 16.69
CA ARG E 594 69.99 18.69 17.76
C ARG E 594 71.42 18.71 17.21
N PRO E 595 72.35 19.35 17.93
CA PRO E 595 73.77 19.22 17.57
C PRO E 595 74.30 17.85 17.95
N GLY E 596 75.06 17.25 17.03
CA GLY E 596 75.38 15.85 17.13
C GLY E 596 74.44 14.96 16.33
N ARG E 597 73.33 15.51 15.86
CA ARG E 597 72.46 14.84 14.89
C ARG E 597 72.59 15.52 13.54
N PHE E 598 72.35 16.83 13.53
CA PHE E 598 72.54 17.66 12.34
C PHE E 598 73.43 18.83 12.77
N ASP E 599 74.74 18.65 12.63
CA ASP E 599 75.69 19.60 13.20
C ASP E 599 75.72 20.91 12.42
N ARG E 600 75.86 20.84 11.10
CA ARG E 600 75.92 22.01 10.26
C ARG E 600 74.65 22.11 9.42
N LYS E 601 74.36 23.34 8.97
CA LYS E 601 73.18 23.59 8.15
C LYS E 601 73.58 24.61 7.10
N ILE E 602 73.50 24.23 5.83
CA ILE E 602 73.95 25.04 4.71
C ILE E 602 72.85 26.06 4.38
N ARG E 603 73.24 27.31 4.21
CA ARG E 603 72.33 28.37 3.80
C ARG E 603 72.69 28.84 2.40
N MET E 604 71.86 28.51 1.42
CA MET E 604 72.05 29.00 0.06
C MET E 604 71.09 30.15 -0.22
N PRO E 605 71.59 31.36 -0.41
CA PRO E 605 70.70 32.49 -0.67
C PRO E 605 70.34 32.59 -2.14
N LYS E 606 69.41 33.50 -2.43
CA LYS E 606 69.06 33.78 -3.82
C LYS E 606 70.27 34.41 -4.52
N PRO E 607 70.46 34.12 -5.81
CA PRO E 607 71.63 34.66 -6.51
C PRO E 607 71.51 36.16 -6.74
N ASP E 608 72.66 36.82 -6.80
CA ASP E 608 72.73 38.24 -7.12
C ASP E 608 72.84 38.39 -8.64
N THR E 609 73.15 39.61 -9.09
CA THR E 609 73.36 39.83 -10.52
C THR E 609 74.41 38.90 -11.08
N GLU E 610 75.58 38.83 -10.42
CA GLU E 610 76.67 38.00 -10.92
C GLU E 610 76.33 36.51 -10.83
N GLY E 611 75.63 36.09 -9.77
CA GLY E 611 75.25 34.70 -9.68
C GLY E 611 74.37 34.27 -10.83
N ARG E 612 73.33 35.05 -11.11
CA ARG E 612 72.48 34.77 -12.27
C ARG E 612 73.27 34.83 -13.56
N LEU E 613 74.21 35.78 -13.65
CA LEU E 613 75.03 35.88 -14.86
C LEU E 613 75.84 34.61 -15.08
N GLU E 614 76.41 34.05 -14.02
CA GLU E 614 77.24 32.85 -14.19
C GLU E 614 76.39 31.61 -14.45
N ILE E 615 75.21 31.53 -13.83
CA ILE E 615 74.30 30.44 -14.18
C ILE E 615 73.93 30.52 -15.64
N LEU E 616 73.68 31.73 -16.14
CA LEU E 616 73.42 31.89 -17.57
C LEU E 616 74.62 31.44 -18.39
N LYS E 617 75.81 31.90 -18.03
CA LYS E 617 77.02 31.53 -18.75
C LYS E 617 77.14 30.02 -18.89
N LEU E 618 77.02 29.29 -17.79
CA LEU E 618 77.17 27.84 -17.87
C LEU E 618 76.00 27.22 -18.63
N HIS E 619 74.83 27.85 -18.58
CA HIS E 619 73.67 27.24 -19.23
C HIS E 619 73.70 27.38 -20.74
N LEU E 620 74.37 28.41 -21.28
CA LEU E 620 74.50 28.55 -22.73
C LEU E 620 75.89 28.16 -23.21
N ARG E 621 76.74 27.65 -22.31
CA ARG E 621 78.09 27.27 -22.70
C ARG E 621 78.08 26.35 -23.91
N ASN E 622 77.09 25.46 -23.98
CA ASN E 622 76.95 24.57 -25.13
C ASN E 622 76.44 25.32 -26.36
N LYS E 623 75.50 26.24 -26.16
CA LYS E 623 74.84 26.90 -27.28
C LYS E 623 75.70 28.00 -27.87
N GLN E 624 75.13 28.69 -28.85
CA GLN E 624 75.77 29.81 -29.54
C GLN E 624 74.80 30.98 -29.54
N VAL E 625 75.31 32.19 -29.28
CA VAL E 625 74.49 33.38 -29.15
C VAL E 625 75.04 34.46 -30.05
N ALA E 626 74.16 35.34 -30.53
CA ALA E 626 74.57 36.46 -31.35
C ALA E 626 75.44 37.42 -30.53
N PRO E 627 76.45 38.01 -31.18
CA PRO E 627 77.41 38.84 -30.43
C PRO E 627 76.84 40.16 -29.96
N ASP E 628 75.63 40.53 -30.35
CA ASP E 628 75.10 41.85 -30.01
C ASP E 628 74.45 41.87 -28.63
N VAL E 629 73.81 40.78 -28.21
CA VAL E 629 73.12 40.79 -26.93
C VAL E 629 74.13 40.91 -25.80
N ASP E 630 73.77 41.69 -24.78
CA ASP E 630 74.61 41.91 -23.60
C ASP E 630 73.97 41.15 -22.45
N LEU E 631 74.55 40.02 -22.09
CA LEU E 631 73.92 39.20 -21.07
C LEU E 631 74.24 39.66 -19.66
N LEU E 632 75.25 40.51 -19.48
CA LEU E 632 75.33 41.24 -18.23
C LEU E 632 74.09 42.10 -18.06
N GLN E 633 73.73 42.84 -19.10
CA GLN E 633 72.49 43.60 -19.08
C GLN E 633 71.28 42.70 -18.94
N LEU E 634 71.32 41.49 -19.51
CA LEU E 634 70.19 40.58 -19.35
C LEU E 634 70.04 40.17 -17.89
N ALA E 635 71.06 39.53 -17.32
CA ALA E 635 71.01 39.14 -15.92
C ALA E 635 70.75 40.31 -14.99
N ARG E 636 71.05 41.54 -15.44
CA ARG E 636 70.72 42.71 -14.63
C ARG E 636 69.23 43.02 -14.65
N ASP E 637 68.48 42.49 -15.61
CA ASP E 637 67.04 42.76 -15.70
C ASP E 637 66.20 41.56 -15.30
N LEU E 638 66.68 40.69 -14.42
CA LEU E 638 65.90 39.56 -13.93
C LEU E 638 66.20 39.31 -12.45
N PRO E 639 65.84 40.26 -11.57
CA PRO E 639 66.06 40.04 -10.14
C PRO E 639 64.88 39.31 -9.52
N GLY E 640 65.13 38.11 -8.99
CA GLY E 640 64.11 37.38 -8.28
C GLY E 640 63.93 35.94 -8.69
N LEU E 641 64.67 35.50 -9.71
CA LEU E 641 64.56 34.13 -10.20
C LEU E 641 65.67 33.27 -9.60
N VAL E 642 65.45 31.95 -9.61
CA VAL E 642 66.31 31.01 -8.89
C VAL E 642 66.66 29.83 -9.82
N GLY E 643 67.80 29.94 -10.48
CA GLY E 643 68.52 28.78 -10.99
C GLY E 643 67.89 28.01 -12.13
N ALA E 644 66.72 27.43 -11.89
CA ALA E 644 66.03 26.65 -12.90
C ALA E 644 65.26 27.52 -13.89
N ASP E 645 64.80 28.69 -13.46
CA ASP E 645 64.05 29.56 -14.35
C ASP E 645 64.89 29.97 -15.55
N LEU E 646 66.19 30.20 -15.34
CA LEU E 646 67.05 30.55 -16.47
C LEU E 646 67.22 29.36 -17.41
N ALA E 647 67.24 28.14 -16.86
CA ALA E 647 67.25 26.96 -17.71
C ALA E 647 66.00 26.89 -18.57
N ASN E 648 64.84 27.15 -17.96
CA ASN E 648 63.61 27.14 -18.74
C ASN E 648 63.65 28.23 -19.81
N ILE E 649 64.22 29.38 -19.48
CA ILE E 649 64.29 30.48 -20.44
C ILE E 649 65.16 30.08 -21.63
N VAL E 650 66.33 29.50 -21.37
CA VAL E 650 67.23 29.17 -22.46
C VAL E 650 66.69 28.03 -23.30
N ASN E 651 66.00 27.06 -22.67
CA ASN E 651 65.37 26.00 -23.46
C ASN E 651 64.24 26.53 -24.33
N GLU E 652 63.41 27.43 -23.78
CA GLU E 652 62.35 28.02 -24.58
C GLU E 652 62.92 28.81 -25.75
N ALA E 653 63.97 29.60 -25.51
CA ALA E 653 64.62 30.32 -26.60
C ALA E 653 65.18 29.35 -27.64
N ALA E 654 65.69 28.20 -27.19
CA ALA E 654 66.23 27.21 -28.11
C ALA E 654 65.13 26.65 -29.01
N MET E 655 63.97 26.33 -28.44
CA MET E 655 62.91 25.77 -29.27
C MET E 655 62.30 26.81 -30.20
N THR E 656 62.26 28.08 -29.79
CA THR E 656 61.87 29.12 -30.74
C THR E 656 62.92 29.30 -31.83
N ALA E 657 64.18 29.01 -31.52
CA ALA E 657 65.21 29.05 -32.56
C ALA E 657 65.00 27.92 -33.56
N VAL E 658 64.76 26.70 -33.08
CA VAL E 658 64.56 25.57 -33.98
C VAL E 658 63.26 25.71 -34.77
N ARG E 659 62.26 26.39 -34.22
CA ARG E 659 61.08 26.65 -35.04
C ARG E 659 61.31 27.78 -36.03
N SER E 660 62.31 28.62 -35.79
CA SER E 660 62.62 29.72 -36.69
C SER E 660 63.49 29.30 -37.86
N GLY E 661 63.77 28.01 -38.00
CA GLY E 661 64.62 27.55 -39.08
C GLY E 661 66.05 27.98 -38.99
N ARG E 662 66.52 28.36 -37.80
CA ARG E 662 67.89 28.80 -37.57
C ARG E 662 68.46 28.03 -36.38
N GLN E 663 69.68 28.37 -36.01
CA GLN E 663 70.24 27.82 -34.77
C GLN E 663 70.86 28.89 -33.88
N GLN E 664 71.31 30.01 -34.46
CA GLN E 664 71.88 31.08 -33.67
C GLN E 664 70.78 31.76 -32.86
N LEU E 665 70.98 31.87 -31.55
CA LEU E 665 70.04 32.59 -30.71
C LEU E 665 70.27 34.09 -30.83
N THR E 666 69.24 34.82 -31.24
CA THR E 666 69.28 36.26 -31.40
C THR E 666 68.51 36.92 -30.26
N ALA E 667 68.58 38.26 -30.22
CA ALA E 667 67.90 39.01 -29.17
C ALA E 667 66.42 38.72 -29.14
N ARG E 668 65.80 38.60 -30.32
CA ARG E 668 64.36 38.38 -30.38
C ARG E 668 63.97 37.08 -29.70
N ASP E 669 64.76 36.02 -29.88
CA ASP E 669 64.39 34.72 -29.32
C ASP E 669 64.60 34.69 -27.82
N ILE E 670 65.70 35.29 -27.33
CA ILE E 670 65.89 35.37 -25.90
C ILE E 670 64.79 36.19 -25.25
N TYR E 671 64.42 37.31 -25.88
CA TYR E 671 63.33 38.12 -25.33
C TYR E 671 62.03 37.35 -25.35
N ALA E 672 61.78 36.56 -26.39
CA ALA E 672 60.57 35.75 -26.43
C ALA E 672 60.55 34.74 -25.28
N GLY E 673 61.67 34.09 -25.02
CA GLY E 673 61.73 33.17 -23.90
C GLY E 673 61.45 33.86 -22.57
N VAL E 674 62.13 34.98 -22.33
CA VAL E 674 61.93 35.72 -21.09
C VAL E 674 60.47 36.14 -20.96
N ASP E 675 59.87 36.64 -22.04
CA ASP E 675 58.49 37.09 -21.96
C ASP E 675 57.55 35.93 -21.69
N ARG E 676 57.80 34.78 -22.29
CA ARG E 676 56.92 33.64 -22.05
C ARG E 676 57.02 33.16 -20.61
N PHE E 677 58.20 33.25 -20.01
CA PHE E 677 58.35 32.73 -18.65
C PHE E 677 58.28 33.81 -17.58
N THR E 678 57.92 35.04 -17.94
CA THR E 678 57.53 36.03 -16.96
C THR E 678 56.10 36.53 -17.18
N GLN E 679 55.71 36.82 -18.42
CA GLN E 679 54.34 37.28 -18.64
C GLN E 679 53.37 36.10 -18.70
N GLY E 680 53.50 35.25 -19.70
CA GLY E 680 52.60 34.14 -19.87
C GLY E 680 52.49 33.77 -21.33
N GLU E 681 51.60 32.82 -21.60
CA GLU E 681 51.43 32.31 -22.95
C GLU E 681 50.91 33.40 -23.88
N VAL E 682 51.20 33.24 -25.17
CA VAL E 682 50.72 34.20 -26.14
C VAL E 682 49.22 34.08 -26.30
N ARG E 683 48.60 35.14 -26.81
CA ARG E 683 47.16 35.19 -26.99
C ARG E 683 46.87 35.83 -28.34
N PRO E 684 45.66 35.63 -28.88
CA PRO E 684 45.37 36.14 -30.22
C PRO E 684 45.54 37.64 -30.31
N SER E 685 45.92 38.09 -31.51
CA SER E 685 46.26 39.47 -31.74
C SER E 685 45.05 40.39 -31.57
N LEU E 686 45.31 41.68 -31.57
CA LEU E 686 44.24 42.66 -31.46
C LEU E 686 43.47 42.73 -32.78
N PRO E 687 42.16 42.94 -32.74
CA PRO E 687 41.39 43.05 -33.98
C PRO E 687 41.84 44.21 -34.84
N THR E 688 41.43 44.20 -36.10
CA THR E 688 41.83 45.20 -37.07
C THR E 688 40.64 45.76 -37.86
N ALA E 689 39.44 45.29 -37.58
CA ALA E 689 38.27 45.77 -38.30
C ALA E 689 38.01 47.25 -38.08
N HIS E 690 38.48 47.79 -36.95
CA HIS E 690 38.34 49.20 -36.64
C HIS E 690 39.69 49.79 -36.29
N LYS E 691 39.79 51.11 -36.42
CA LYS E 691 41.05 51.78 -36.12
C LYS E 691 41.34 51.80 -34.63
N LEU E 692 40.30 51.79 -33.80
CA LEU E 692 40.46 52.22 -32.41
C LEU E 692 41.43 51.38 -31.60
N PRO E 693 41.27 50.07 -31.44
CA PRO E 693 42.07 49.35 -30.44
C PRO E 693 43.57 49.47 -30.63
N VAL E 694 44.04 49.08 -31.80
CA VAL E 694 45.47 49.13 -32.06
C VAL E 694 45.98 50.56 -32.00
N LEU E 695 45.22 51.52 -32.52
CA LEU E 695 45.65 52.91 -32.46
C LEU E 695 45.87 53.34 -31.02
N CYS E 696 44.91 53.04 -30.14
CA CYS E 696 45.00 53.53 -28.76
C CYS E 696 46.14 52.87 -28.01
N PHE E 697 46.28 51.56 -28.13
CA PHE E 697 47.35 50.90 -27.39
C PHE E 697 48.73 51.29 -27.93
N ALA E 698 48.87 51.40 -29.25
CA ALA E 698 50.13 51.85 -29.81
C ALA E 698 50.44 53.28 -29.38
N ALA E 699 49.42 54.13 -29.29
CA ALA E 699 49.68 55.49 -28.84
C ALA E 699 50.17 55.52 -27.41
N LYS E 700 49.60 54.67 -26.56
CA LYS E 700 50.10 54.55 -25.18
C LYS E 700 51.59 54.23 -25.18
N GLU E 701 51.96 53.12 -25.82
CA GLU E 701 53.36 52.72 -25.85
C GLU E 701 54.26 53.83 -26.37
N ILE E 702 53.87 54.45 -27.48
CA ILE E 702 54.76 55.39 -28.14
C ILE E 702 54.90 56.67 -27.35
N GLY E 703 53.83 57.12 -26.70
CA GLY E 703 53.94 58.30 -25.87
C GLY E 703 54.85 58.07 -24.69
N ILE E 704 54.70 56.93 -24.01
CA ILE E 704 55.60 56.63 -22.90
C ILE E 704 57.05 56.61 -23.37
N ALA E 705 57.32 55.88 -24.46
CA ALA E 705 58.69 55.77 -24.93
C ALA E 705 59.25 57.13 -25.35
N LEU E 706 58.44 57.95 -25.99
CA LEU E 706 58.93 59.24 -26.49
C LEU E 706 59.27 60.18 -25.34
N VAL E 707 58.40 60.31 -24.34
CA VAL E 707 58.73 61.23 -23.26
C VAL E 707 59.84 60.67 -22.38
N ALA E 708 59.94 59.34 -22.29
CA ALA E 708 61.07 58.78 -21.55
C ALA E 708 62.38 59.13 -22.23
N GLY E 709 62.48 58.88 -23.52
CA GLY E 709 63.68 59.27 -24.25
C GLY E 709 63.94 60.75 -24.24
N GLU E 710 62.89 61.56 -24.07
CA GLU E 710 63.11 63.00 -24.00
C GLU E 710 63.60 63.44 -22.64
N LEU E 711 63.05 62.89 -21.55
CA LEU E 711 63.52 63.24 -20.22
C LEU E 711 64.94 62.76 -20.01
N ARG E 712 65.27 61.57 -20.48
CA ARG E 712 66.63 61.06 -20.37
C ARG E 712 67.64 62.04 -20.96
N ASP E 713 67.23 62.81 -21.96
CA ASP E 713 68.13 63.73 -22.64
C ASP E 713 67.98 65.17 -22.13
N ARG E 714 67.50 65.35 -20.94
CA ARG E 714 67.46 66.69 -20.35
C ARG E 714 68.05 66.72 -18.95
N TYR E 715 67.93 65.63 -18.19
CA TYR E 715 68.53 65.56 -16.87
C TYR E 715 69.40 64.33 -16.77
N GLY E 716 68.96 63.23 -17.35
CA GLY E 716 69.74 62.02 -17.37
C GLY E 716 69.42 61.03 -16.27
N ARG E 717 68.24 61.13 -15.67
CA ARG E 717 67.90 60.21 -14.58
C ARG E 717 67.14 58.98 -15.07
N VAL E 718 66.26 59.14 -16.05
CA VAL E 718 65.45 58.01 -16.50
C VAL E 718 66.35 56.99 -17.19
N GLU E 719 65.86 55.75 -17.26
CA GLU E 719 66.61 54.72 -17.94
C GLU E 719 66.37 54.79 -19.43
N LEU E 720 66.81 53.75 -20.13
CA LEU E 720 66.61 53.63 -21.57
C LEU E 720 65.50 52.64 -21.85
N VAL E 721 64.74 52.89 -22.91
CA VAL E 721 63.70 51.96 -23.30
C VAL E 721 64.34 50.76 -23.95
N GLU E 722 63.71 49.60 -23.82
CA GLU E 722 64.26 48.37 -24.34
C GLU E 722 63.43 47.75 -25.45
N ARG E 723 62.13 47.61 -25.24
CA ARG E 723 61.32 46.81 -26.14
C ARG E 723 59.86 47.21 -25.99
N VAL E 724 59.27 47.64 -27.09
CA VAL E 724 57.88 48.03 -27.14
C VAL E 724 57.09 46.94 -27.85
N SER E 725 55.91 46.62 -27.35
CA SER E 725 55.14 45.53 -27.93
C SER E 725 53.66 45.74 -27.69
N ILE E 726 52.86 45.40 -28.70
CA ILE E 726 51.41 45.42 -28.56
C ILE E 726 50.86 44.04 -28.91
N GLN E 727 51.64 43.01 -28.66
CA GLN E 727 51.15 41.65 -28.82
C GLN E 727 50.49 41.20 -27.53
N PRO E 728 49.18 41.02 -27.50
CA PRO E 728 48.53 40.55 -26.27
C PRO E 728 49.15 39.26 -25.78
N LYS E 729 49.69 39.31 -24.57
CA LYS E 729 50.54 38.23 -24.08
C LYS E 729 50.41 38.21 -22.56
N GLY E 730 49.78 37.20 -22.04
CA GLY E 730 49.58 37.10 -20.59
C GLY E 730 48.25 37.70 -20.16
N ARG E 731 48.31 38.81 -19.43
CA ARG E 731 47.11 39.54 -19.03
C ARG E 731 47.02 40.92 -19.64
N ALA E 732 48.13 41.50 -20.05
CA ALA E 732 48.13 42.83 -20.64
C ALA E 732 48.00 42.75 -22.15
N TYR E 733 47.64 43.89 -22.75
CA TYR E 733 47.57 44.00 -24.20
C TYR E 733 48.80 44.67 -24.79
N SER E 734 49.49 45.50 -24.01
CA SER E 734 50.63 46.24 -24.50
C SER E 734 51.66 46.34 -23.38
N ARG E 735 52.91 46.61 -23.76
CA ARG E 735 54.00 46.53 -22.81
C ARG E 735 55.08 47.52 -23.19
N THR E 736 55.85 47.94 -22.21
CA THR E 736 57.01 48.80 -22.42
C THR E 736 58.02 48.49 -21.34
N MET E 737 59.18 47.96 -21.74
CA MET E 737 60.18 47.55 -20.79
C MET E 737 61.33 48.55 -20.75
N PHE E 738 61.92 48.71 -19.57
CA PHE E 738 63.05 49.60 -19.38
C PHE E 738 64.26 48.78 -18.99
N GLN E 739 65.43 49.40 -19.12
CA GLN E 739 66.67 48.77 -18.73
C GLN E 739 67.00 49.12 -17.29
N ARG E 740 67.00 48.12 -16.41
CA ARG E 740 67.30 48.37 -15.02
C ARG E 740 68.77 48.72 -14.83
N GLY E 741 69.04 49.58 -13.85
CA GLY E 741 70.39 49.89 -13.44
C GLY E 741 70.83 49.01 -12.29
N THR E 742 72.05 49.27 -11.82
CA THR E 742 72.57 48.50 -10.70
C THR E 742 71.82 48.84 -9.42
N ASP E 743 71.91 47.94 -8.44
CA ASP E 743 71.19 48.13 -7.19
C ASP E 743 71.59 49.42 -6.49
N GLU E 744 72.83 49.88 -6.69
CA GLU E 744 73.25 51.15 -6.14
C GLU E 744 72.31 52.27 -6.55
N GLU E 745 71.69 52.15 -7.73
CA GLU E 745 70.78 53.18 -8.19
C GLU E 745 69.50 53.23 -7.37
N TYR E 746 69.06 52.08 -6.84
CA TYR E 746 67.73 51.97 -6.27
C TYR E 746 67.72 51.94 -4.76
N GLN E 747 68.77 52.41 -4.11
CA GLN E 747 68.74 52.50 -2.66
C GLN E 747 68.16 53.82 -2.19
N LEU E 748 68.26 54.86 -3.00
CA LEU E 748 67.80 56.18 -2.65
C LEU E 748 66.64 56.56 -3.56
N MET E 749 65.96 57.63 -3.17
CA MET E 749 64.96 58.23 -4.02
C MET E 749 65.09 59.73 -3.86
N THR E 750 65.76 60.38 -4.79
CA THR E 750 65.92 61.81 -4.73
C THR E 750 64.65 62.49 -5.22
N ARG E 751 64.72 63.81 -5.34
CA ARG E 751 63.54 64.55 -5.75
C ARG E 751 63.33 64.46 -7.25
N GLY E 752 64.38 64.71 -8.03
CA GLY E 752 64.24 64.67 -9.48
C GLY E 752 63.76 63.32 -9.98
N ARG E 753 64.27 62.24 -9.41
CA ARG E 753 63.87 60.92 -9.85
C ARG E 753 62.38 60.69 -9.61
N LEU E 754 61.85 61.19 -8.50
CA LEU E 754 60.42 61.01 -8.24
C LEU E 754 59.59 61.86 -9.17
N LEU E 755 60.02 63.09 -9.44
CA LEU E 755 59.33 63.90 -10.44
C LEU E 755 59.25 63.18 -11.77
N ASP E 756 60.36 62.57 -12.20
CA ASP E 756 60.36 61.88 -13.48
C ASP E 756 59.44 60.68 -13.44
N ARG E 757 59.40 59.96 -12.33
CA ARG E 757 58.47 58.84 -12.21
C ARG E 757 57.02 59.30 -12.37
N ILE E 758 56.70 60.45 -11.79
CA ILE E 758 55.33 60.98 -11.92
C ILE E 758 55.02 61.31 -13.37
N ARG E 759 55.93 62.02 -14.03
CA ARG E 759 55.71 62.37 -15.43
C ARG E 759 55.52 61.13 -16.30
N LEU E 760 56.32 60.10 -16.06
CA LEU E 760 56.18 58.87 -16.82
C LEU E 760 54.84 58.21 -16.54
N ALA E 761 54.32 58.35 -15.33
CA ALA E 761 53.01 57.80 -15.04
C ALA E 761 51.93 58.49 -15.86
N LEU E 762 52.04 59.81 -16.02
CA LEU E 762 51.00 60.55 -16.75
C LEU E 762 51.10 60.42 -18.26
N ALA E 763 52.30 60.10 -18.77
CA ALA E 763 52.55 60.20 -20.21
C ALA E 763 51.59 59.37 -21.04
N GLY E 764 51.22 58.17 -20.58
CA GLY E 764 50.45 57.28 -21.42
C GLY E 764 49.08 57.85 -21.77
N GLY E 765 48.31 58.21 -20.75
CA GLY E 765 47.00 58.78 -20.99
C GLY E 765 47.09 60.09 -21.74
N PHE E 766 48.09 60.92 -21.42
CA PHE E 766 48.11 62.19 -22.14
C PHE E 766 48.49 62.00 -23.61
N ALA E 767 49.28 60.97 -23.92
CA ALA E 767 49.60 60.69 -25.31
C ALA E 767 48.37 60.21 -26.07
N VAL E 768 47.61 59.28 -25.47
CA VAL E 768 46.40 58.82 -26.14
C VAL E 768 45.47 59.98 -26.39
N ARG E 769 45.35 60.89 -25.43
CA ARG E 769 44.43 62.02 -25.62
C ARG E 769 44.95 62.98 -26.68
N THR E 770 46.26 63.18 -26.76
CA THR E 770 46.76 64.13 -27.76
C THR E 770 46.78 63.54 -29.16
N ALA E 771 46.77 62.21 -29.28
CA ALA E 771 46.71 61.61 -30.61
C ALA E 771 45.27 61.44 -31.08
N LEU E 772 44.46 60.77 -30.27
CA LEU E 772 43.05 60.54 -30.60
C LEU E 772 42.22 61.81 -30.59
N GLY E 773 42.67 62.84 -29.89
CA GLY E 773 41.91 64.08 -29.82
C GLY E 773 40.78 64.07 -28.82
N GLU E 774 40.67 63.05 -27.98
CA GLU E 774 39.51 62.90 -27.13
C GLU E 774 39.88 62.12 -25.87
N GLU E 775 39.27 62.48 -24.75
CA GLU E 775 39.55 61.82 -23.49
C GLU E 775 39.05 60.38 -23.51
N THR E 776 39.70 59.54 -22.74
CA THR E 776 39.37 58.12 -22.65
C THR E 776 39.40 57.72 -21.19
N ASN E 777 39.27 56.43 -20.93
CA ASN E 777 39.47 55.94 -19.58
C ASN E 777 40.90 55.53 -19.33
N PHE E 778 41.78 55.71 -20.31
CA PHE E 778 43.20 55.47 -20.05
C PHE E 778 43.73 56.38 -18.97
N THR E 779 43.32 57.65 -18.98
CA THR E 779 43.68 58.55 -17.90
C THR E 779 43.36 57.96 -16.55
N ALA E 780 42.26 57.20 -16.45
CA ALA E 780 41.87 56.63 -15.17
C ALA E 780 42.99 55.84 -14.53
N ALA E 781 43.76 55.10 -15.33
CA ALA E 781 44.79 54.26 -14.74
C ALA E 781 46.04 55.04 -14.40
N ASP E 782 46.23 56.22 -14.97
CA ASP E 782 47.42 56.99 -14.68
C ASP E 782 47.26 57.77 -13.39
N ILE E 783 46.27 58.66 -13.35
CA ILE E 783 46.13 59.58 -12.23
C ILE E 783 46.17 58.83 -10.92
N LYS E 784 45.50 57.68 -10.85
CA LYS E 784 45.53 56.86 -9.65
C LYS E 784 46.97 56.65 -9.17
N ARG E 785 47.78 55.96 -9.98
CA ARG E 785 49.19 55.80 -9.65
C ARG E 785 49.82 57.14 -9.30
N ALA E 786 49.67 58.12 -10.19
CA ALA E 786 50.31 59.40 -9.98
C ALA E 786 49.92 59.98 -8.64
N THR E 787 48.64 59.95 -8.32
CA THR E 787 48.20 60.58 -7.09
C THR E 787 48.89 59.97 -5.91
N ARG E 788 48.96 58.64 -5.88
CA ARG E 788 49.67 57.96 -4.79
C ARG E 788 51.07 58.54 -4.65
N MET E 789 51.84 58.51 -5.74
CA MET E 789 53.20 59.02 -5.67
C MET E 789 53.21 60.47 -5.22
N ALA E 790 52.29 61.28 -5.72
CA ALA E 790 52.30 62.69 -5.36
C ALA E 790 52.12 62.88 -3.88
N LYS E 791 51.26 62.07 -3.25
CA LYS E 791 51.10 62.20 -1.81
C LYS E 791 52.42 61.89 -1.11
N LYS E 792 53.07 60.81 -1.53
CA LYS E 792 54.36 60.46 -0.95
C LYS E 792 55.38 61.56 -1.17
N TYR E 793 55.20 62.36 -2.21
CA TYR E 793 56.15 63.42 -2.48
C TYR E 793 55.97 64.57 -1.51
N VAL E 794 54.77 64.74 -0.97
CA VAL E 794 54.44 65.92 -0.17
C VAL E 794 54.50 65.63 1.31
N PHE E 795 53.94 64.51 1.74
CA PHE E 795 53.81 64.19 3.15
C PHE E 795 55.01 63.43 3.67
N TYR E 796 55.26 62.25 3.14
CA TYR E 796 56.25 61.36 3.72
C TYR E 796 57.67 61.88 3.53
N TYR E 797 58.08 62.15 2.31
CA TYR E 797 59.45 62.55 2.04
C TYR E 797 59.70 64.02 2.30
N GLY E 798 58.71 64.88 2.10
CA GLY E 798 58.88 66.29 2.41
C GLY E 798 59.67 67.08 1.40
N PHE E 799 59.37 66.92 0.12
CA PHE E 799 60.09 67.61 -0.94
C PHE E 799 59.43 68.91 -1.36
N SER E 800 58.17 69.12 -1.04
CA SER E 800 57.41 70.23 -1.58
C SER E 800 57.75 71.51 -0.86
N GLU E 801 56.91 72.54 -1.03
CA GLU E 801 57.06 73.80 -0.33
C GLU E 801 55.88 74.09 0.59
N ALA E 802 55.31 73.06 1.22
CA ALA E 802 54.11 73.21 2.02
C ALA E 802 54.48 73.74 3.40
N GLY E 803 54.41 75.07 3.56
CA GLY E 803 54.65 75.71 4.84
C GLY E 803 55.85 76.64 4.85
N GLY E 804 56.63 76.68 3.78
CA GLY E 804 57.83 77.48 3.73
C GLY E 804 59.05 76.60 3.58
N ALA E 805 59.07 75.53 4.36
CA ALA E 805 59.86 74.35 4.05
C ALA E 805 58.86 73.27 3.69
N GLY E 806 59.32 72.05 3.49
CA GLY E 806 58.39 71.03 3.04
C GLY E 806 57.88 70.13 4.13
N ILE E 807 57.99 70.54 5.38
CA ILE E 807 57.69 69.68 6.52
C ILE E 807 56.26 69.96 6.97
N THR E 808 55.40 68.95 6.84
CA THR E 808 54.01 69.03 7.24
C THR E 808 53.86 68.45 8.63
N THR E 809 52.70 68.67 9.23
CA THR E 809 52.43 68.19 10.57
C THR E 809 52.00 66.74 10.61
N TRP E 810 51.90 66.07 9.49
CA TRP E 810 51.33 64.74 9.45
C TRP E 810 51.88 63.99 8.25
N ALA E 811 52.00 62.68 8.40
CA ALA E 811 52.53 61.85 7.32
C ALA E 811 52.18 60.41 7.62
N ASN E 812 52.08 59.63 6.56
CA ASN E 812 51.61 58.25 6.65
C ASN E 812 52.71 57.30 6.21
N GLN E 813 53.41 56.76 7.15
CA GLN E 813 54.50 55.84 6.93
C GLN E 813 53.95 54.44 6.66
N PRO E 814 54.51 53.70 5.70
CA PRO E 814 53.94 52.40 5.34
C PRO E 814 54.08 51.38 6.46
N TYR E 815 53.40 50.27 6.29
CA TYR E 815 53.54 49.18 7.28
C TYR E 815 54.17 48.01 6.56
N SER E 816 54.78 47.09 7.27
CA SER E 816 55.48 45.96 6.62
C SER E 816 54.45 45.06 5.96
N GLY E 817 54.87 44.26 5.00
CA GLY E 817 53.96 43.33 4.31
C GLY E 817 53.82 42.06 5.10
N ASP E 818 54.37 42.02 6.30
CA ASP E 818 54.19 40.82 7.15
C ASP E 818 52.77 40.84 7.70
N PHE E 819 52.23 42.04 7.92
CA PHE E 819 50.89 42.13 8.55
C PHE E 819 49.89 41.51 7.61
N VAL E 820 50.07 41.63 6.29
CA VAL E 820 49.03 41.10 5.44
C VAL E 820 49.01 39.58 5.52
N ILE E 821 47.90 38.99 5.08
CA ILE E 821 47.80 37.53 4.94
C ILE E 821 48.34 37.19 3.56
N GLY E 822 49.66 37.07 3.45
CA GLY E 822 50.33 37.13 2.17
C GLY E 822 50.13 35.92 1.28
N GLN E 823 50.86 35.92 0.17
CA GLN E 823 50.81 34.88 -0.85
C GLN E 823 52.22 34.54 -1.33
N GLN E 824 52.31 33.78 -2.42
CA GLN E 824 53.61 33.48 -3.02
C GLN E 824 53.43 33.18 -4.49
N ARG E 825 54.24 33.84 -5.33
CA ARG E 825 54.19 33.66 -6.77
C ARG E 825 55.60 33.53 -7.33
N ALA E 826 55.67 33.08 -8.58
CA ALA E 826 56.93 32.85 -9.28
C ALA E 826 57.36 34.03 -10.13
N ARG E 827 57.03 35.25 -9.72
CA ARG E 827 57.33 36.42 -10.52
C ARG E 827 58.59 37.12 -10.02
N LYS E 828 59.18 37.92 -10.90
CA LYS E 828 60.32 38.75 -10.54
C LYS E 828 59.81 40.03 -9.87
N VAL E 829 60.73 40.95 -9.62
CA VAL E 829 60.37 42.19 -8.97
C VAL E 829 59.82 43.15 -10.00
N VAL E 830 58.79 43.90 -9.61
CA VAL E 830 58.10 44.79 -10.54
C VAL E 830 59.06 45.84 -11.06
N SER E 831 58.74 46.38 -12.24
CA SER E 831 59.64 47.28 -12.95
C SER E 831 60.19 48.37 -12.03
N THR E 832 59.31 49.20 -11.49
CA THR E 832 59.71 50.26 -10.60
C THR E 832 59.00 50.18 -9.26
N ASP E 833 57.67 50.02 -9.28
CA ASP E 833 56.89 50.22 -8.07
C ASP E 833 57.28 49.27 -6.95
N ALA E 834 57.77 48.08 -7.28
CA ALA E 834 58.30 47.23 -6.24
C ALA E 834 59.80 47.39 -6.07
N MET E 835 60.47 47.95 -7.07
CA MET E 835 61.89 48.22 -6.97
C MET E 835 62.17 49.58 -6.33
N ASP E 836 61.30 50.56 -6.55
CA ASP E 836 61.45 51.84 -5.87
C ASP E 836 60.88 51.79 -4.46
N ALA E 837 60.28 50.68 -4.07
CA ALA E 837 59.89 50.46 -2.69
C ALA E 837 61.08 50.06 -1.82
N PHE E 838 62.30 50.14 -2.36
CA PHE E 838 63.48 49.82 -1.58
C PHE E 838 63.96 50.97 -0.74
N ALA E 839 63.29 52.12 -0.80
CA ALA E 839 63.76 53.31 -0.12
C ALA E 839 62.86 53.72 1.04
N ASP E 840 62.08 52.78 1.58
CA ASP E 840 60.98 53.16 2.46
C ASP E 840 61.24 52.90 3.94
N TRP E 841 61.78 51.75 4.30
CA TRP E 841 61.94 51.36 5.71
C TRP E 841 60.59 51.36 6.39
N PRO E 842 59.76 50.35 6.16
CA PRO E 842 58.44 50.30 6.80
C PRO E 842 58.53 50.18 8.30
N THR E 843 57.39 50.10 8.97
CA THR E 843 57.37 49.90 10.41
C THR E 843 57.18 48.42 10.69
N VAL E 844 57.86 47.92 11.71
CA VAL E 844 57.83 46.50 12.02
C VAL E 844 57.25 46.18 13.38
N SER E 845 57.67 46.86 14.44
CA SER E 845 57.14 46.62 15.77
C SER E 845 55.99 47.59 16.02
N GLU E 846 54.95 47.10 16.71
CA GLU E 846 53.74 47.88 16.87
C GLU E 846 53.84 48.93 17.96
N ASP E 847 54.66 48.72 18.98
CA ASP E 847 54.68 49.67 20.07
C ASP E 847 55.65 50.82 19.86
N PHE E 848 56.19 50.98 18.67
CA PHE E 848 57.01 52.14 18.35
C PHE E 848 56.52 52.85 17.10
N ARG E 849 55.22 52.75 16.81
CA ARG E 849 54.64 53.39 15.65
C ARG E 849 54.21 54.80 16.02
N PHE E 850 54.53 55.76 15.16
CA PHE E 850 54.09 57.14 15.37
C PHE E 850 53.04 57.51 14.35
N ASP E 851 51.99 58.17 14.79
CA ASP E 851 50.94 58.69 13.94
C ASP E 851 50.50 60.01 14.53
N ALA E 852 50.80 61.10 13.86
CA ALA E 852 50.45 62.40 14.38
C ALA E 852 48.93 62.55 14.37
N PRO E 853 48.39 63.50 15.12
CA PRO E 853 46.96 63.75 15.04
C PRO E 853 46.55 64.23 13.66
N SER E 854 45.48 63.66 13.15
CA SER E 854 45.01 63.95 11.81
C SER E 854 44.76 65.44 11.63
N PRO E 855 44.94 65.95 10.42
CA PRO E 855 44.72 67.39 10.20
C PRO E 855 43.24 67.74 10.32
N SER E 856 42.94 69.02 10.10
CA SER E 856 41.70 69.60 10.61
C SER E 856 40.80 70.17 9.53
N ASP E 857 40.89 69.65 8.31
CA ASP E 857 39.97 70.03 7.23
C ASP E 857 40.04 71.50 6.85
N VAL E 858 40.90 72.26 7.53
CA VAL E 858 41.36 73.54 7.03
C VAL E 858 42.85 73.50 6.78
N THR E 859 43.53 72.60 7.48
CA THR E 859 44.90 72.24 7.12
C THR E 859 44.91 71.23 5.99
N TRP E 860 43.96 70.29 6.04
CA TRP E 860 43.84 69.32 4.96
C TRP E 860 43.59 70.00 3.63
N HIS E 861 42.86 71.11 3.64
CA HIS E 861 42.63 71.87 2.42
C HIS E 861 43.96 72.29 1.80
N ARG E 862 44.83 72.91 2.59
CA ARG E 862 46.08 73.43 2.05
C ARG E 862 47.02 72.31 1.64
N TYR E 863 47.00 71.19 2.35
CA TYR E 863 47.90 70.10 1.98
C TYR E 863 47.46 69.44 0.69
N THR E 864 46.17 69.12 0.56
CA THR E 864 45.71 68.57 -0.71
C THR E 864 45.86 69.57 -1.84
N ASP E 865 45.83 70.86 -1.53
CA ASP E 865 46.10 71.84 -2.58
C ASP E 865 47.55 71.77 -3.03
N GLU E 866 48.48 71.51 -2.13
CA GLU E 866 49.87 71.32 -2.55
C GLU E 866 50.00 70.09 -3.46
N VAL E 867 49.32 69.01 -3.12
CA VAL E 867 49.32 67.84 -4.01
C VAL E 867 48.82 68.22 -5.39
N ARG E 868 47.73 69.00 -5.44
CA ARG E 868 47.18 69.41 -6.73
C ARG E 868 48.17 70.24 -7.52
N ARG E 869 48.88 71.14 -6.85
CA ARG E 869 49.85 71.97 -7.56
C ARG E 869 50.95 71.11 -8.18
N VAL E 870 51.44 70.12 -7.44
CA VAL E 870 52.46 69.24 -7.98
C VAL E 870 51.95 68.53 -9.23
N LEU E 871 50.77 67.93 -9.13
CA LEU E 871 50.22 67.19 -10.26
C LEU E 871 50.03 68.09 -11.47
N LYS E 872 49.56 69.32 -11.27
CA LYS E 872 49.30 70.19 -12.40
C LYS E 872 50.59 70.62 -13.08
N GLY E 873 51.61 70.95 -12.28
CA GLY E 873 52.89 71.26 -12.88
C GLY E 873 53.42 70.14 -13.75
N CYS E 874 53.37 68.91 -13.21
CA CYS E 874 53.93 67.80 -13.98
C CYS E 874 53.10 67.50 -15.22
N SER E 875 51.78 67.57 -15.13
CA SER E 875 50.95 67.27 -16.29
C SER E 875 51.12 68.33 -17.37
N GLU E 876 51.29 69.60 -16.98
CA GLU E 876 51.55 70.62 -17.98
C GLU E 876 52.89 70.39 -18.65
N ASP E 877 53.89 69.94 -17.88
CA ASP E 877 55.18 69.65 -18.50
C ASP E 877 55.07 68.54 -19.54
N VAL E 878 54.37 67.45 -19.20
CA VAL E 878 54.23 66.36 -20.17
C VAL E 878 53.47 66.81 -21.39
N LEU E 879 52.34 67.52 -21.20
CA LEU E 879 51.56 67.96 -22.35
C LEU E 879 52.33 68.95 -23.20
N GLY E 880 53.29 69.66 -22.62
CA GLY E 880 54.14 70.51 -23.44
C GLY E 880 55.16 69.72 -24.22
N ILE E 881 55.73 68.68 -23.62
CA ILE E 881 56.66 67.82 -24.35
C ILE E 881 55.97 67.18 -25.54
N LEU E 882 54.73 66.72 -25.35
CA LEU E 882 54.08 65.90 -26.36
C LEU E 882 53.55 66.75 -27.51
N ALA E 883 53.07 67.95 -27.24
CA ALA E 883 52.55 68.75 -28.34
C ALA E 883 53.65 69.54 -29.00
N GLU E 884 54.76 68.91 -29.25
CA GLU E 884 55.79 69.36 -30.17
C GLU E 884 56.24 68.24 -31.09
N ARG E 885 56.35 67.04 -30.57
CA ARG E 885 56.75 65.88 -31.36
C ARG E 885 55.54 65.07 -31.79
N GLN E 886 54.64 65.72 -32.54
CA GLN E 886 53.50 64.99 -33.07
C GLN E 886 53.91 64.11 -34.24
N GLU E 887 54.77 64.62 -35.12
CA GLU E 887 55.21 63.84 -36.25
C GLU E 887 55.99 62.61 -35.81
N ALA E 888 56.83 62.76 -34.80
CA ALA E 888 57.58 61.62 -34.30
C ALA E 888 56.65 60.57 -33.71
N MET E 889 55.63 61.00 -32.97
CA MET E 889 54.69 60.06 -32.41
C MET E 889 53.91 59.33 -33.50
N TRP E 890 53.54 60.04 -34.55
CA TRP E 890 52.77 59.40 -35.60
C TRP E 890 53.63 58.44 -36.40
N ALA E 891 54.87 58.80 -36.67
CA ALA E 891 55.79 57.87 -37.31
C ALA E 891 55.97 56.63 -36.46
N GLY E 892 56.08 56.79 -35.15
CA GLY E 892 56.23 55.64 -34.28
C GLY E 892 55.00 54.75 -34.30
N ILE E 893 53.80 55.35 -34.28
CA ILE E 893 52.59 54.54 -34.30
C ILE E 893 52.48 53.78 -35.61
N LYS E 894 52.72 54.46 -36.73
CA LYS E 894 52.67 53.81 -38.03
C LYS E 894 53.66 52.67 -38.11
N ALA E 895 54.85 52.84 -37.53
CA ALA E 895 55.83 51.76 -37.56
C ALA E 895 55.39 50.59 -36.70
N LEU E 896 54.93 50.87 -35.48
CA LEU E 896 54.66 49.81 -34.52
C LEU E 896 53.42 49.01 -34.87
N SER E 897 52.41 49.63 -35.48
CA SER E 897 51.18 48.91 -35.75
C SER E 897 51.38 47.78 -36.74
N ASP E 898 52.50 47.75 -37.45
CA ASP E 898 52.71 46.76 -38.50
C ASP E 898 53.50 45.55 -38.01
N ARG E 899 54.62 45.78 -37.35
CA ARG E 899 55.45 44.69 -36.86
C ARG E 899 55.03 44.20 -35.48
N LYS E 900 54.24 44.98 -34.75
CA LYS E 900 53.74 44.66 -33.43
C LYS E 900 54.85 44.50 -32.39
N GLU E 901 56.06 44.94 -32.71
CA GLU E 901 57.18 44.86 -31.79
C GLU E 901 58.27 45.78 -32.28
N LEU E 902 58.99 46.42 -31.36
CA LEU E 902 60.06 47.31 -31.71
C LEU E 902 61.15 47.21 -30.66
N LEU E 903 62.39 47.39 -31.08
CA LEU E 903 63.51 47.43 -30.16
C LEU E 903 63.94 48.87 -29.96
N GLY E 904 64.66 49.11 -28.85
CA GLY E 904 64.98 50.47 -28.46
C GLY E 904 65.75 51.24 -29.51
N SER E 905 66.67 50.57 -30.19
CA SER E 905 67.50 51.26 -31.18
C SER E 905 66.66 51.78 -32.34
N GLU E 906 65.78 50.94 -32.87
CA GLU E 906 64.92 51.36 -33.97
C GLU E 906 64.08 52.55 -33.55
N LEU E 907 63.53 52.51 -32.35
CA LEU E 907 62.73 53.62 -31.86
C LEU E 907 63.56 54.88 -31.76
N ARG E 908 64.78 54.78 -31.24
CA ARG E 908 65.61 55.96 -31.07
C ARG E 908 65.91 56.60 -32.41
N ASP E 909 66.24 55.79 -33.42
CA ASP E 909 66.52 56.39 -34.72
C ASP E 909 65.26 56.95 -35.38
N ILE E 910 64.12 56.28 -35.22
CA ILE E 910 62.87 56.82 -35.77
C ILE E 910 62.56 58.17 -35.15
N PHE E 911 62.75 58.29 -33.84
CA PHE E 911 62.46 59.55 -33.16
C PHE E 911 63.48 60.61 -33.52
N ASP E 912 64.71 60.21 -33.83
CA ASP E 912 65.70 61.18 -34.28
C ASP E 912 65.45 61.66 -35.70
N ALA E 913 64.83 60.84 -36.54
CA ALA E 913 64.59 61.23 -37.92
C ALA E 913 63.75 62.50 -38.01
N HIS E 914 62.76 62.65 -37.13
CA HIS E 914 61.87 63.81 -37.14
C HIS E 914 62.15 64.69 -35.94
N PRO E 915 62.97 65.72 -36.06
CA PRO E 915 63.15 66.66 -34.96
C PRO E 915 61.95 67.59 -34.85
N ALA E 916 61.90 68.33 -33.75
CA ALA E 916 60.82 69.29 -33.56
C ALA E 916 61.03 70.49 -34.47
N ALA E 917 59.96 71.26 -34.66
CA ALA E 917 60.04 72.45 -35.50
C ALA E 917 60.98 73.46 -34.87
N THR E 918 61.69 74.20 -35.72
CA THR E 918 62.62 75.21 -35.22
C THR E 918 61.88 76.46 -34.76
N SER E 919 60.78 76.79 -35.43
CA SER E 919 60.01 77.98 -35.12
C SER E 919 58.59 77.59 -34.76
N ARG E 920 57.86 78.55 -34.20
CA ARG E 920 56.47 78.35 -33.82
C ARG E 920 55.57 79.02 -34.86
N ASP E 921 54.77 78.21 -35.56
CA ASP E 921 53.79 78.72 -36.49
C ASP E 921 52.48 78.95 -35.75
N ARG E 922 51.44 79.43 -36.44
CA ARG E 922 50.17 79.70 -35.77
C ARG E 922 49.52 78.42 -35.30
N ASP E 923 49.60 77.36 -36.10
CA ASP E 923 49.02 76.09 -35.67
C ASP E 923 49.76 75.53 -34.45
N ALA E 924 51.09 75.63 -34.45
CA ALA E 924 51.86 75.17 -33.30
C ALA E 924 51.56 76.00 -32.07
N ARG E 925 51.42 77.31 -32.23
CA ARG E 925 51.09 78.15 -31.08
C ARG E 925 49.71 77.83 -30.54
N ALA E 926 48.74 77.59 -31.43
CA ALA E 926 47.40 77.24 -30.97
C ALA E 926 47.40 75.89 -30.27
N GLU E 927 48.19 74.94 -30.76
CA GLU E 927 48.28 73.65 -30.08
C GLU E 927 48.92 73.80 -28.70
N LEU E 928 49.96 74.63 -28.60
CA LEU E 928 50.60 74.83 -27.32
C LEU E 928 49.69 75.56 -26.35
N ALA E 929 48.82 76.44 -26.85
CA ALA E 929 47.82 77.06 -25.98
C ALA E 929 46.75 76.07 -25.59
N ALA E 930 46.48 75.08 -26.43
CA ALA E 930 45.59 73.99 -26.07
C ALA E 930 46.23 73.00 -25.12
N ALA E 931 47.56 73.02 -24.99
CA ALA E 931 48.26 72.15 -24.07
C ALA E 931 48.26 72.68 -22.64
N LYS E 932 47.39 73.63 -22.33
CA LYS E 932 47.25 74.16 -20.98
C LYS E 932 46.14 73.43 -20.26
N LEU E 933 46.16 73.53 -18.93
CA LEU E 933 45.13 72.97 -18.09
C LEU E 933 44.40 74.10 -17.38
N ASP E 934 43.20 73.80 -16.90
CA ASP E 934 42.44 74.71 -16.07
C ASP E 934 42.19 74.14 -14.68
N MET E 935 42.99 73.15 -14.28
CA MET E 935 42.96 72.67 -12.91
C MET E 935 43.02 73.85 -11.96
N THR E 936 41.94 74.04 -11.20
CA THR E 936 41.87 75.14 -10.26
C THR E 936 42.76 74.87 -9.07
N ILE E 937 43.55 75.85 -8.68
CA ILE E 937 44.41 75.77 -7.50
C ILE E 937 43.91 76.81 -6.52
N PHE E 938 43.49 76.35 -5.34
CA PHE E 938 42.69 77.21 -4.48
C PHE E 938 43.54 78.22 -3.73
N THR E 939 44.58 77.76 -3.06
CA THR E 939 45.40 78.64 -2.22
C THR E 939 46.60 79.17 -3.00
N GLU E 940 46.30 79.90 -4.06
CA GLU E 940 47.32 80.43 -4.96
C GLU E 940 47.28 81.95 -4.94
N GLY E 941 48.35 82.56 -4.44
CA GLY E 941 48.47 84.01 -4.48
C GLY E 941 47.81 84.66 -3.29
N ALA E 942 46.94 85.62 -3.57
CA ALA E 942 46.23 86.34 -2.50
C ALA E 942 45.49 85.40 -1.56
N ASN E 943 45.15 84.21 -2.02
CA ASN E 943 44.45 83.23 -1.22
C ASN E 943 45.35 82.45 -0.30
N SER E 944 46.53 82.97 0.02
CA SER E 944 47.41 82.28 0.95
C SER E 944 47.20 82.70 2.40
N ARG E 945 46.17 83.48 2.70
CA ARG E 945 45.92 83.95 4.05
C ARG E 945 44.56 83.49 4.52
N TRP E 946 44.20 83.87 5.75
CA TRP E 946 43.22 83.14 6.56
C TRP E 946 42.03 82.57 5.81
N PRO E 947 41.26 83.33 5.04
CA PRO E 947 40.12 82.69 4.38
C PRO E 947 40.54 81.63 3.40
N TYR E 948 41.76 81.71 2.85
CA TYR E 948 42.25 80.76 1.86
C TYR E 948 41.29 80.63 0.69
N GLY E 949 40.63 81.74 0.34
CA GLY E 949 39.72 81.71 -0.77
C GLY E 949 38.44 80.94 -0.56
N ILE E 950 38.12 80.57 0.68
CA ILE E 950 36.84 79.93 0.99
C ILE E 950 35.87 81.03 1.37
N GLU E 951 34.74 81.09 0.66
CA GLU E 951 33.80 82.17 0.90
C GLU E 951 33.05 81.98 2.22
N TRP E 952 32.78 80.74 2.59
CA TRP E 952 31.95 80.45 3.74
C TRP E 952 32.72 80.18 5.01
N LEU E 953 34.03 80.38 5.04
CA LEU E 953 34.81 79.97 6.19
C LEU E 953 34.51 80.83 7.41
N ASP E 954 34.14 82.09 7.19
CA ASP E 954 33.88 82.97 8.32
C ASP E 954 32.47 82.82 8.88
N ASP E 955 31.62 82.05 8.23
CA ASP E 955 30.32 81.72 8.79
C ASP E 955 30.31 80.38 9.50
N ALA E 956 31.42 79.67 9.51
CA ALA E 956 31.50 78.36 10.13
C ALA E 956 32.52 78.26 11.24
N TYR E 957 33.62 78.98 11.16
CA TYR E 957 34.71 78.87 12.10
C TYR E 957 34.92 80.20 12.79
N PRO E 958 35.08 80.23 14.12
CA PRO E 958 35.63 81.42 14.75
C PRO E 958 37.06 81.62 14.28
N LYS E 959 37.51 82.84 14.33
CA LYS E 959 38.85 83.08 13.84
C LYS E 959 39.87 82.58 14.85
N PRO E 960 40.85 81.78 14.43
CA PRO E 960 41.84 81.27 15.37
C PRO E 960 42.65 82.37 16.01
N TYR E 961 43.59 81.98 16.86
CA TYR E 961 44.40 82.96 17.56
C TYR E 961 45.61 83.37 16.73
N TRP E 962 46.30 82.41 16.15
CA TRP E 962 47.47 82.73 15.36
C TRP E 962 47.09 83.51 14.11
N VAL E 963 45.89 83.30 13.58
CA VAL E 963 45.43 84.08 12.45
C VAL E 963 45.26 85.54 12.84
N GLN E 964 44.71 85.78 14.03
CA GLN E 964 44.60 87.15 14.52
C GLN E 964 45.98 87.77 14.70
N GLN E 965 46.94 86.98 15.19
CA GLN E 965 48.29 87.50 15.36
C GLN E 965 48.92 87.87 14.02
N GLN E 966 48.73 87.01 13.01
CA GLN E 966 49.26 87.32 11.69
C GLN E 966 48.63 88.56 11.11
N GLU E 967 47.30 88.69 11.25
CA GLU E 967 46.65 89.91 10.80
C GLU E 967 47.22 91.13 11.50
N ALA E 968 47.49 91.02 12.79
CA ALA E 968 48.00 92.16 13.55
C ALA E 968 49.38 92.57 13.06
N GLU E 969 50.28 91.60 12.92
CA GLU E 969 51.64 91.94 12.49
C GLU E 969 51.65 92.45 11.06
N ALA E 970 50.84 91.87 10.18
CA ALA E 970 50.78 92.36 8.81
C ALA E 970 50.22 93.78 8.76
N ALA E 971 49.21 94.06 9.57
CA ALA E 971 48.62 95.39 9.59
C ALA E 971 49.61 96.42 10.10
N GLU E 972 50.32 96.10 11.18
CA GLU E 972 51.32 97.04 11.67
C GLU E 972 52.45 97.22 10.66
N ALA E 973 52.84 96.16 9.97
CA ALA E 973 53.90 96.28 8.96
C ALA E 973 53.47 97.23 7.85
N GLN E 974 52.35 96.94 7.20
CA GLN E 974 51.92 97.78 6.10
C GLN E 974 51.29 99.09 6.55
N ALA E 975 51.19 99.34 7.86
CA ALA E 975 50.65 100.61 8.34
C ALA E 975 51.68 101.51 9.00
N LYS E 976 52.88 101.00 9.29
CA LYS E 976 53.98 101.89 9.64
C LYS E 976 54.91 102.15 8.46
N GLN E 977 54.82 101.32 7.41
CA GLN E 977 55.62 101.59 6.21
C GLN E 977 55.18 102.87 5.50
N PRO E 978 53.90 103.25 5.49
CA PRO E 978 53.57 104.62 5.03
C PRO E 978 54.29 105.71 5.80
N ALA E 979 54.67 105.44 7.06
CA ALA E 979 55.57 106.34 7.77
C ALA E 979 57.02 105.95 7.60
N ALA E 980 57.28 104.73 7.16
CA ALA E 980 58.64 104.26 6.92
C ALA E 980 58.98 104.29 5.43
N PRO F 68 12.32 -66.14 -79.73
CA PRO F 68 11.38 -65.65 -78.73
C PRO F 68 10.82 -64.27 -79.07
N ALA F 69 9.51 -64.22 -79.34
CA ALA F 69 8.88 -62.97 -79.72
C ALA F 69 8.73 -62.05 -78.53
N LEU F 70 9.04 -60.77 -78.74
CA LEU F 70 8.80 -59.76 -77.72
C LEU F 70 7.31 -59.71 -77.39
N PRO F 71 6.95 -59.28 -76.19
CA PRO F 71 5.54 -59.07 -75.89
C PRO F 71 4.96 -57.96 -76.74
N ALA F 72 3.65 -57.99 -76.92
CA ALA F 72 3.00 -56.99 -77.73
C ALA F 72 3.16 -55.61 -77.10
N ARG F 73 3.05 -54.57 -77.93
CA ARG F 73 3.10 -53.19 -77.43
C ARG F 73 2.26 -52.34 -78.37
N ALA F 74 1.02 -52.10 -78.00
CA ALA F 74 0.11 -51.22 -78.73
C ALA F 74 -0.18 -49.98 -77.90
N THR F 75 -0.69 -48.95 -78.57
CA THR F 75 -0.99 -47.69 -77.91
C THR F 75 -2.12 -47.00 -78.65
N ALA F 76 -3.08 -46.48 -77.90
CA ALA F 76 -4.27 -45.88 -78.47
C ALA F 76 -4.89 -44.98 -77.42
N VAL F 77 -5.89 -44.21 -77.82
CA VAL F 77 -6.68 -43.38 -76.93
C VAL F 77 -7.89 -44.18 -76.48
N VAL F 78 -8.14 -44.21 -75.17
CA VAL F 78 -9.21 -45.01 -74.59
C VAL F 78 -10.11 -44.08 -73.77
N ALA F 79 -11.37 -44.48 -73.62
CA ALA F 79 -12.24 -43.64 -72.81
C ALA F 79 -12.64 -44.38 -71.54
N PRO F 80 -12.36 -43.81 -70.37
CA PRO F 80 -12.73 -44.46 -69.11
C PRO F 80 -14.24 -44.69 -69.03
N LEU F 81 -14.60 -45.76 -68.34
CA LEU F 81 -16.00 -46.10 -68.16
C LEU F 81 -16.65 -45.15 -67.17
N PRO F 82 -17.97 -45.19 -67.02
CA PRO F 82 -18.61 -44.40 -65.98
C PRO F 82 -18.46 -45.04 -64.62
N GLU F 83 -18.32 -44.20 -63.60
CA GLU F 83 -18.15 -44.69 -62.24
C GLU F 83 -19.46 -45.24 -61.70
N LYS F 84 -19.34 -46.21 -60.80
CA LYS F 84 -20.47 -46.95 -60.30
C LYS F 84 -20.44 -47.00 -58.78
N ASN F 85 -21.61 -47.21 -58.19
CA ASN F 85 -21.78 -47.28 -56.75
C ASN F 85 -22.62 -48.50 -56.43
N TYR F 86 -21.97 -49.63 -56.21
CA TYR F 86 -22.65 -50.88 -55.94
C TYR F 86 -23.22 -50.96 -54.54
N GLY F 87 -23.10 -49.90 -53.77
CA GLY F 87 -23.52 -49.92 -52.37
C GLY F 87 -22.43 -50.37 -51.43
N SER F 88 -21.76 -51.46 -51.79
CA SER F 88 -20.69 -52.02 -50.98
C SER F 88 -19.33 -51.52 -51.41
N LEU F 89 -19.13 -51.31 -52.69
CA LEU F 89 -17.88 -50.76 -53.22
C LEU F 89 -18.21 -49.73 -54.28
N ARG F 90 -17.26 -48.85 -54.53
CA ARG F 90 -17.40 -47.84 -55.56
C ARG F 90 -16.16 -47.83 -56.44
N GLY F 91 -16.35 -47.49 -57.71
CA GLY F 91 -15.27 -47.50 -58.67
C GLY F 91 -15.68 -48.12 -59.99
N GLY F 92 -14.73 -48.70 -60.70
CA GLY F 92 -15.07 -49.36 -61.95
C GLY F 92 -14.89 -48.50 -63.18
N ARG F 93 -13.81 -47.70 -63.24
CA ARG F 93 -13.50 -46.88 -64.39
C ARG F 93 -12.36 -47.45 -65.23
N TRP F 94 -11.70 -48.49 -64.76
CA TRP F 94 -10.70 -49.16 -65.57
C TRP F 94 -11.35 -49.77 -66.79
N PRO F 95 -11.01 -49.35 -68.00
CA PRO F 95 -11.66 -49.88 -69.20
C PRO F 95 -11.00 -51.14 -69.76
N PHE F 96 -9.85 -51.54 -69.25
CA PHE F 96 -9.14 -52.70 -69.75
C PHE F 96 -9.59 -53.96 -69.03
N LEU F 97 -9.11 -55.10 -69.52
CA LEU F 97 -9.37 -56.35 -68.85
C LEU F 97 -8.19 -56.84 -68.04
N TYR F 98 -7.05 -56.16 -68.13
CA TYR F 98 -5.83 -56.55 -67.44
C TYR F 98 -5.23 -55.31 -66.77
N ASP F 99 -4.26 -55.54 -65.91
CA ASP F 99 -3.70 -54.47 -65.09
C ASP F 99 -2.29 -54.11 -65.55
N ASN F 100 -1.70 -53.12 -64.89
CA ASN F 100 -0.44 -52.56 -65.33
C ASN F 100 0.75 -53.39 -64.88
N VAL F 101 0.92 -53.55 -63.56
CA VAL F 101 2.12 -54.20 -63.05
C VAL F 101 2.15 -55.66 -63.45
N TYR F 102 1.14 -56.42 -63.07
CA TYR F 102 1.00 -57.79 -63.51
C TYR F 102 0.14 -57.83 -64.76
N GLY F 103 0.27 -58.91 -65.51
CA GLY F 103 -0.62 -59.13 -66.63
C GLY F 103 -1.78 -60.02 -66.25
N LEU F 104 -2.57 -59.61 -65.28
CA LEU F 104 -3.60 -60.54 -64.85
C LEU F 104 -5.00 -59.94 -65.02
N PRO F 105 -6.01 -60.76 -65.24
CA PRO F 105 -7.36 -60.23 -65.41
C PRO F 105 -7.86 -59.64 -64.12
N VAL F 106 -8.69 -58.63 -64.24
CA VAL F 106 -9.22 -57.91 -63.09
C VAL F 106 -10.64 -58.37 -62.83
N VAL F 107 -10.94 -58.70 -61.57
CA VAL F 107 -12.31 -59.00 -61.18
C VAL F 107 -13.08 -57.69 -61.13
N ARG F 108 -14.29 -57.68 -61.68
CA ARG F 108 -15.07 -56.46 -61.73
C ARG F 108 -16.55 -56.68 -61.46
N GLN F 109 -16.94 -57.83 -60.94
CA GLN F 109 -18.29 -58.04 -60.44
C GLN F 109 -18.26 -58.02 -58.93
N VAL F 110 -19.27 -57.43 -58.32
CA VAL F 110 -19.28 -57.20 -56.88
C VAL F 110 -20.45 -57.93 -56.26
N ALA F 111 -20.18 -58.67 -55.19
CA ALA F 111 -21.20 -59.42 -54.46
C ALA F 111 -21.42 -58.77 -53.11
N SER F 112 -22.68 -58.54 -52.77
CA SER F 112 -23.03 -57.87 -51.53
C SER F 112 -22.96 -58.84 -50.35
N TYR F 113 -23.56 -58.42 -49.24
CA TYR F 113 -23.51 -59.21 -48.02
C TYR F 113 -24.63 -60.24 -47.98
N GLY F 114 -25.87 -59.80 -48.16
CA GLY F 114 -26.98 -60.74 -48.19
C GLY F 114 -26.85 -61.73 -49.34
N GLU F 115 -26.29 -61.27 -50.45
CA GLU F 115 -26.06 -62.17 -51.58
C GLU F 115 -25.09 -63.28 -51.21
N VAL F 116 -23.99 -62.93 -50.56
CA VAL F 116 -23.01 -63.93 -50.15
C VAL F 116 -23.64 -64.89 -49.13
N LEU F 117 -24.43 -64.35 -48.20
CA LEU F 117 -25.07 -65.21 -47.22
C LEU F 117 -25.99 -66.22 -47.89
N GLU F 118 -26.80 -65.77 -48.84
CA GLU F 118 -27.68 -66.71 -49.53
C GLU F 118 -26.89 -67.70 -50.37
N GLY F 119 -25.82 -67.25 -51.02
CA GLY F 119 -25.02 -68.16 -51.80
C GLY F 119 -24.34 -69.22 -50.96
N ILE F 120 -24.08 -68.90 -49.69
CA ILE F 120 -23.54 -69.92 -48.80
C ILE F 120 -24.65 -70.87 -48.38
N ARG F 121 -25.82 -70.34 -48.01
CA ARG F 121 -26.90 -71.20 -47.53
C ARG F 121 -27.37 -72.16 -48.61
N THR F 122 -27.52 -71.70 -49.84
CA THR F 122 -28.04 -72.53 -50.92
C THR F 122 -26.95 -73.18 -51.76
N GLY F 123 -25.76 -73.38 -51.21
CA GLY F 123 -24.74 -74.19 -51.84
C GLY F 123 -24.18 -73.65 -53.14
N ARG F 124 -24.60 -72.46 -53.58
CA ARG F 124 -24.07 -71.92 -54.83
C ARG F 124 -22.64 -71.42 -54.72
N ILE F 125 -22.05 -71.42 -53.53
CA ILE F 125 -20.70 -70.90 -53.29
C ILE F 125 -19.86 -72.03 -52.74
N SER F 126 -18.63 -72.14 -53.23
CA SER F 126 -17.77 -73.25 -52.82
C SER F 126 -16.63 -72.81 -51.92
N GLN F 127 -15.89 -71.79 -52.34
CA GLN F 127 -14.69 -71.39 -51.64
C GLN F 127 -14.73 -69.89 -51.42
N VAL F 128 -14.28 -69.47 -50.24
CA VAL F 128 -14.20 -68.06 -49.87
C VAL F 128 -12.79 -67.78 -49.39
N LEU F 129 -12.15 -66.78 -49.97
CA LEU F 129 -10.73 -66.54 -49.74
C LEU F 129 -10.53 -65.12 -49.27
N TRP F 130 -9.74 -64.94 -48.22
CA TRP F 130 -9.41 -63.62 -47.74
C TRP F 130 -7.96 -63.29 -48.06
N PHE F 131 -7.69 -62.00 -48.22
CA PHE F 131 -6.31 -61.56 -48.32
C PHE F 131 -5.71 -61.44 -46.93
N GLN F 132 -4.45 -61.01 -46.86
CA GLN F 132 -3.75 -61.04 -45.59
C GLN F 132 -2.89 -59.79 -45.43
N ALA F 133 -2.18 -59.72 -44.30
CA ALA F 133 -1.39 -58.56 -43.95
C ALA F 133 -0.25 -59.01 -43.05
N PRO F 134 0.83 -58.24 -42.95
CA PRO F 134 2.10 -58.80 -42.44
C PRO F 134 2.20 -59.01 -40.93
N ARG F 135 1.44 -58.30 -40.09
CA ARG F 135 1.57 -58.48 -38.63
C ARG F 135 2.96 -58.15 -38.09
N ALA F 136 3.25 -56.85 -37.93
CA ALA F 136 4.53 -56.35 -37.45
C ALA F 136 5.12 -57.13 -36.28
N VAL F 137 6.46 -57.12 -36.19
CA VAL F 137 7.19 -58.03 -35.32
C VAL F 137 7.04 -57.71 -33.86
N THR F 138 6.83 -56.45 -33.50
CA THR F 138 6.71 -56.09 -32.10
C THR F 138 5.46 -56.65 -31.46
N ALA F 139 4.42 -56.93 -32.26
CA ALA F 139 3.12 -57.33 -31.75
C ALA F 139 2.91 -58.82 -31.81
N SER F 140 3.97 -59.59 -31.54
CA SER F 140 3.85 -61.02 -31.35
C SER F 140 4.22 -61.37 -29.93
N ALA F 141 3.65 -62.46 -29.42
CA ALA F 141 3.82 -62.83 -28.03
C ALA F 141 4.63 -64.11 -27.85
N ALA F 142 5.21 -64.66 -28.90
CA ALA F 142 5.86 -65.96 -28.81
C ALA F 142 7.28 -65.90 -28.26
N ALA F 143 7.80 -64.72 -27.96
CA ALA F 143 9.15 -64.60 -27.42
C ALA F 143 9.28 -63.24 -26.75
N PRO F 144 10.25 -63.05 -25.87
CA PRO F 144 10.44 -61.75 -25.24
C PRO F 144 10.61 -60.66 -26.28
N PRO F 145 10.24 -59.43 -25.96
CA PRO F 145 10.14 -58.40 -26.98
C PRO F 145 11.47 -58.15 -27.64
N PRO F 146 11.46 -57.79 -28.91
CA PRO F 146 12.71 -57.37 -29.57
C PRO F 146 13.14 -56.03 -29.04
N GLY F 147 14.19 -56.01 -28.24
CA GLY F 147 14.55 -54.82 -27.51
C GLY F 147 15.07 -55.23 -26.15
N LEU F 148 14.77 -56.48 -25.79
CA LEU F 148 15.48 -57.13 -24.71
C LEU F 148 16.79 -57.74 -25.17
N GLY F 149 17.05 -57.75 -26.47
CA GLY F 149 18.34 -58.14 -26.98
C GLY F 149 18.54 -59.60 -27.27
N GLY F 150 17.47 -60.38 -27.36
CA GLY F 150 17.62 -61.79 -27.62
C GLY F 150 17.97 -62.08 -29.07
N PRO F 151 18.08 -63.36 -29.42
CA PRO F 151 18.27 -63.71 -30.82
C PRO F 151 17.04 -63.40 -31.64
N GLN F 152 17.27 -63.10 -32.91
CA GLN F 152 16.21 -62.67 -33.79
C GLN F 152 15.24 -63.82 -34.07
N GLN F 153 14.00 -63.65 -33.65
CA GLN F 153 12.97 -64.63 -33.91
C GLN F 153 12.55 -64.55 -35.37
N PRO F 154 12.11 -65.66 -35.96
CA PRO F 154 11.95 -65.69 -37.41
C PRO F 154 10.97 -64.69 -37.98
N GLN F 155 9.67 -64.88 -37.74
CA GLN F 155 8.65 -64.00 -38.28
C GLN F 155 7.28 -64.42 -37.77
N PRO F 156 6.42 -63.49 -37.37
CA PRO F 156 5.08 -63.88 -36.95
C PRO F 156 4.24 -64.28 -38.13
N PRO F 157 3.25 -65.13 -37.94
CA PRO F 157 2.31 -65.45 -39.02
C PRO F 157 1.59 -64.20 -39.48
N PRO F 158 1.01 -64.22 -40.68
CA PRO F 158 0.31 -63.03 -41.17
C PRO F 158 -1.13 -62.99 -40.66
N LEU F 159 -1.67 -61.78 -40.64
CA LEU F 159 -3.04 -61.54 -40.19
C LEU F 159 -4.02 -61.84 -41.30
N ALA F 160 -5.30 -61.85 -40.95
CA ALA F 160 -6.32 -61.73 -41.96
C ALA F 160 -6.48 -60.26 -42.32
N SER F 161 -6.96 -59.99 -43.52
CA SER F 161 -7.03 -58.63 -44.00
C SER F 161 -7.98 -57.81 -43.13
N PRO F 162 -7.49 -56.75 -42.48
CA PRO F 162 -8.39 -55.92 -41.67
C PRO F 162 -9.46 -55.24 -42.48
N ASP F 163 -9.20 -54.88 -43.73
CA ASP F 163 -10.18 -54.20 -44.56
C ASP F 163 -11.28 -55.12 -45.05
N GLY F 164 -11.15 -56.42 -44.87
CA GLY F 164 -12.22 -57.31 -45.26
C GLY F 164 -12.32 -57.61 -46.72
N ARG F 165 -11.28 -57.33 -47.51
CA ARG F 165 -11.32 -57.66 -48.92
C ARG F 165 -11.36 -59.17 -49.11
N CYS F 166 -12.27 -59.62 -49.97
CA CYS F 166 -12.57 -61.04 -50.04
C CYS F 166 -12.91 -61.40 -51.47
N LEU F 167 -12.63 -62.65 -51.84
CA LEU F 167 -13.00 -63.20 -53.14
C LEU F 167 -13.96 -64.36 -52.96
N VAL F 168 -15.04 -64.35 -53.71
CA VAL F 168 -16.09 -65.36 -53.61
C VAL F 168 -16.06 -66.19 -54.90
N ARG F 169 -15.96 -67.50 -54.74
CA ARG F 169 -15.93 -68.42 -55.87
C ARG F 169 -17.19 -69.28 -55.87
N PHE F 170 -17.92 -69.24 -56.97
CA PHE F 170 -19.18 -69.94 -57.09
C PHE F 170 -18.93 -71.36 -57.62
N ALA F 171 -20.01 -72.14 -57.70
CA ALA F 171 -19.90 -73.47 -58.25
C ALA F 171 -19.93 -73.46 -59.78
N ASN F 172 -20.53 -72.43 -60.38
CA ASN F 172 -20.53 -72.30 -61.82
C ASN F 172 -19.26 -71.67 -62.37
N GLY F 173 -18.21 -71.60 -61.57
CA GLY F 173 -16.93 -71.07 -62.02
C GLY F 173 -16.78 -69.57 -61.93
N GLN F 174 -17.82 -68.85 -61.52
CA GLN F 174 -17.72 -67.40 -61.42
C GLN F 174 -16.89 -66.98 -60.22
N VAL F 175 -16.27 -65.82 -60.33
CA VAL F 175 -15.41 -65.27 -59.29
C VAL F 175 -15.73 -63.80 -59.11
N LYS F 176 -16.13 -63.43 -57.90
CA LYS F 176 -16.47 -62.06 -57.58
C LYS F 176 -15.65 -61.58 -56.41
N GLN F 177 -15.76 -60.31 -56.08
CA GLN F 177 -15.14 -59.78 -54.86
C GLN F 177 -16.21 -59.22 -53.93
N ALA F 178 -15.83 -59.04 -52.68
CA ALA F 178 -16.74 -58.57 -51.65
C ALA F 178 -15.94 -57.98 -50.51
N VAL F 179 -16.65 -57.30 -49.61
CA VAL F 179 -16.07 -56.80 -48.38
C VAL F 179 -16.82 -57.45 -47.24
N ILE F 180 -16.12 -58.28 -46.47
CA ILE F 180 -16.71 -58.97 -45.33
C ILE F 180 -15.73 -58.90 -44.18
N PRO F 181 -16.11 -58.38 -43.02
CA PRO F 181 -15.19 -58.35 -41.91
C PRO F 181 -14.96 -59.75 -41.37
N PRO F 182 -13.71 -60.12 -41.13
CA PRO F 182 -13.45 -61.43 -40.52
C PRO F 182 -14.04 -61.48 -39.12
N GLY F 183 -14.93 -62.42 -38.88
CA GLY F 183 -15.60 -62.54 -37.62
C GLY F 183 -17.01 -61.99 -37.57
N GLU F 184 -17.62 -61.74 -38.72
CA GLU F 184 -19.03 -61.38 -38.72
C GLU F 184 -19.85 -62.56 -38.23
N PRO F 185 -20.84 -62.34 -37.38
CA PRO F 185 -21.55 -63.47 -36.76
C PRO F 185 -22.27 -64.40 -37.74
N ARG F 186 -23.14 -63.84 -38.59
CA ARG F 186 -23.92 -64.67 -39.50
C ARG F 186 -23.02 -65.45 -40.45
N ILE F 187 -22.07 -64.77 -41.08
CA ILE F 187 -21.20 -65.44 -42.04
C ILE F 187 -20.36 -66.50 -41.35
N SER F 188 -19.90 -66.23 -40.14
CA SER F 188 -19.10 -67.21 -39.42
C SER F 188 -19.91 -68.45 -39.11
N GLN F 189 -21.13 -68.27 -38.60
CA GLN F 189 -21.98 -69.42 -38.32
C GLN F 189 -22.26 -70.20 -39.59
N ALA F 190 -22.51 -69.50 -40.70
CA ALA F 190 -22.79 -70.21 -41.95
C ALA F 190 -21.60 -71.02 -42.41
N LEU F 191 -20.41 -70.44 -42.34
CA LEU F 191 -19.22 -71.17 -42.78
C LEU F 191 -18.93 -72.35 -41.88
N GLN F 192 -19.24 -72.23 -40.58
CA GLN F 192 -19.00 -73.35 -39.68
C GLN F 192 -20.01 -74.46 -39.91
N GLN F 193 -21.26 -74.10 -40.24
CA GLN F 193 -22.28 -75.12 -40.39
C GLN F 193 -22.21 -75.82 -41.75
N TYR F 194 -22.23 -75.05 -42.84
CA TYR F 194 -22.32 -75.65 -44.17
C TYR F 194 -20.97 -76.09 -44.72
N GLY F 195 -19.90 -75.93 -43.96
CA GLY F 195 -18.61 -76.47 -44.36
C GLY F 195 -18.05 -75.93 -45.65
N THR F 196 -18.49 -74.75 -46.08
CA THR F 196 -17.91 -74.11 -47.25
C THR F 196 -16.41 -73.91 -47.03
N ALA F 197 -15.63 -74.16 -48.08
CA ALA F 197 -14.19 -74.09 -47.94
C ALA F 197 -13.74 -72.66 -47.74
N VAL F 198 -12.89 -72.45 -46.74
CA VAL F 198 -12.39 -71.12 -46.39
C VAL F 198 -10.87 -71.15 -46.52
N SER F 199 -10.32 -70.11 -47.15
CA SER F 199 -8.89 -70.08 -47.39
C SER F 199 -8.36 -68.67 -47.19
N TYR F 200 -7.05 -68.61 -46.96
CA TYR F 200 -6.35 -67.35 -46.82
C TYR F 200 -5.31 -67.26 -47.92
N ILE F 201 -5.43 -66.24 -48.76
CA ILE F 201 -4.53 -66.09 -49.89
C ILE F 201 -3.16 -65.68 -49.37
N PRO F 202 -2.09 -66.40 -49.70
CA PRO F 202 -0.77 -66.02 -49.23
C PRO F 202 -0.37 -64.65 -49.74
N LEU F 203 0.71 -64.13 -49.17
CA LEU F 203 1.12 -62.77 -49.48
C LEU F 203 1.98 -62.74 -50.74
N GLU F 204 1.85 -61.66 -51.50
CA GLU F 204 2.65 -61.58 -52.70
C GLU F 204 4.08 -61.15 -52.37
N PRO F 205 5.05 -61.52 -53.21
CA PRO F 205 6.45 -61.37 -52.81
C PRO F 205 6.88 -59.95 -52.54
N ARG F 206 6.36 -58.96 -53.27
CA ARG F 206 6.80 -57.60 -52.98
C ARG F 206 6.19 -57.06 -51.70
N TYR F 207 5.43 -57.87 -50.97
CA TYR F 207 4.86 -57.46 -49.70
C TYR F 207 5.22 -58.38 -48.55
N MET F 208 5.74 -59.57 -48.82
CA MET F 208 6.25 -60.40 -47.73
C MET F 208 7.40 -59.68 -47.04
N PRO F 209 7.51 -59.77 -45.72
CA PRO F 209 8.56 -59.03 -45.01
C PRO F 209 9.93 -59.69 -45.10
N GLU F 210 10.01 -60.96 -45.46
CA GLU F 210 11.29 -61.63 -45.53
C GLU F 210 12.02 -61.43 -46.85
N LEU F 211 11.34 -60.93 -47.87
CA LEU F 211 11.95 -60.70 -49.17
C LEU F 211 12.09 -59.21 -49.48
N ALA F 212 11.99 -58.35 -48.48
CA ALA F 212 12.21 -56.93 -48.72
C ALA F 212 13.66 -56.66 -49.12
N ALA F 213 14.59 -57.48 -48.63
CA ALA F 213 15.98 -57.34 -49.05
C ALA F 213 16.12 -57.60 -50.55
N MET F 214 15.47 -58.66 -51.04
CA MET F 214 15.51 -58.95 -52.47
C MET F 214 14.83 -57.86 -53.28
N ARG F 215 13.69 -57.36 -52.81
CA ARG F 215 13.02 -56.28 -53.51
C ARG F 215 13.91 -55.06 -53.61
N ALA F 216 14.58 -54.70 -52.51
CA ALA F 216 15.45 -53.54 -52.53
C ALA F 216 16.63 -53.76 -53.47
N ARG F 217 17.25 -54.94 -53.41
CA ARG F 217 18.39 -55.23 -54.27
C ARG F 217 17.98 -55.16 -55.74
N GLY F 218 16.80 -55.68 -56.06
CA GLY F 218 16.30 -55.54 -57.42
C GLY F 218 16.04 -54.11 -57.82
N ALA F 219 15.60 -53.28 -56.88
CA ALA F 219 15.36 -51.88 -57.20
C ALA F 219 16.63 -51.05 -57.30
N GLN F 220 17.73 -51.55 -56.72
CA GLN F 220 19.01 -50.84 -56.77
C GLN F 220 19.93 -51.36 -57.86
N GLU F 221 20.18 -52.66 -57.91
CA GLU F 221 21.13 -53.23 -58.85
C GLU F 221 20.63 -53.07 -60.28
N ALA F 222 21.51 -53.35 -61.22
CA ALA F 222 21.18 -53.33 -62.64
C ALA F 222 20.76 -54.72 -63.10
N VAL F 223 19.87 -54.76 -64.09
CA VAL F 223 19.35 -56.04 -64.56
C VAL F 223 20.40 -56.78 -65.38
N LEU F 224 21.10 -56.07 -66.26
CA LEU F 224 22.09 -56.68 -67.15
C LEU F 224 23.47 -56.07 -66.90
N GLY F 225 24.50 -56.81 -67.33
CA GLY F 225 25.87 -56.48 -67.00
C GLY F 225 26.65 -55.90 -68.17
N GLU F 226 27.95 -55.71 -67.93
CA GLU F 226 28.85 -54.97 -68.80
C GLU F 226 29.94 -55.89 -69.31
N VAL F 227 30.01 -56.09 -70.62
CA VAL F 227 31.14 -56.74 -71.27
C VAL F 227 31.42 -56.04 -72.59
N ASP F 228 32.67 -55.65 -72.79
CA ASP F 228 33.10 -54.99 -74.03
C ASP F 228 34.29 -55.74 -74.60
N THR F 229 34.35 -55.83 -75.93
CA THR F 229 35.48 -56.44 -76.61
C THR F 229 36.27 -55.46 -77.45
N GLY F 230 35.86 -54.19 -77.50
CA GLY F 230 36.45 -53.21 -78.39
C GLY F 230 35.60 -52.92 -79.61
N ALA F 231 34.66 -53.81 -79.95
CA ALA F 231 33.82 -53.62 -81.12
C ALA F 231 32.36 -53.96 -80.91
N VAL F 232 31.96 -54.49 -79.75
CA VAL F 232 30.56 -54.87 -79.56
C VAL F 232 29.95 -54.19 -78.33
N ALA F 233 30.66 -54.23 -77.20
CA ALA F 233 30.15 -53.68 -75.93
C ALA F 233 28.78 -54.28 -75.59
N THR F 234 28.78 -55.60 -75.36
CA THR F 234 27.54 -56.34 -75.23
C THR F 234 26.92 -56.16 -73.85
N PRO F 235 25.60 -55.94 -73.79
CA PRO F 235 24.91 -56.03 -72.51
C PRO F 235 24.75 -57.48 -72.07
N VAL F 236 25.49 -57.88 -71.04
CA VAL F 236 25.55 -59.27 -70.61
C VAL F 236 24.63 -59.45 -69.42
N GLU F 237 24.27 -60.69 -69.13
CA GLU F 237 23.54 -60.98 -67.91
C GLU F 237 24.50 -61.00 -66.72
N LEU F 238 23.95 -60.83 -65.54
CA LEU F 238 24.76 -60.97 -64.34
C LEU F 238 25.05 -62.44 -64.10
N PRO F 239 26.08 -62.75 -63.31
CA PRO F 239 26.43 -64.16 -63.10
C PRO F 239 25.29 -64.97 -62.51
N GLU F 240 25.42 -66.30 -62.61
CA GLU F 240 24.37 -67.20 -62.14
C GLU F 240 24.07 -66.99 -60.66
N ASP F 241 25.11 -66.78 -59.86
CA ASP F 241 24.97 -66.60 -58.41
C ASP F 241 24.13 -65.39 -58.04
N GLU F 242 23.76 -64.54 -59.00
CA GLU F 242 22.87 -63.43 -58.72
C GLU F 242 21.90 -63.16 -59.86
N ARG F 243 21.90 -63.97 -60.90
CA ARG F 243 20.95 -63.84 -61.99
C ARG F 243 19.57 -64.22 -61.46
N ARG F 244 18.64 -63.26 -61.45
CA ARG F 244 17.35 -63.53 -60.83
C ARG F 244 16.49 -64.43 -61.71
N GLY F 245 16.12 -63.94 -62.90
CA GLY F 245 15.10 -64.62 -63.66
C GLY F 245 15.52 -65.87 -64.38
N ALA F 246 16.37 -65.73 -65.40
CA ALA F 246 16.78 -66.84 -66.25
C ALA F 246 17.82 -66.36 -67.25
N ALA F 247 18.43 -67.30 -67.98
CA ALA F 247 19.44 -66.96 -68.99
C ALA F 247 18.73 -66.47 -70.24
N VAL F 248 18.36 -65.19 -70.25
CA VAL F 248 17.67 -64.62 -71.40
C VAL F 248 18.63 -64.09 -72.46
N GLY F 249 19.62 -63.29 -72.09
CA GLY F 249 20.52 -62.72 -73.06
C GLY F 249 21.81 -63.48 -73.17
N PRO F 250 22.91 -62.78 -73.43
CA PRO F 250 24.21 -63.43 -73.50
C PRO F 250 24.80 -63.66 -72.12
N THR F 251 25.49 -64.78 -72.00
CA THR F 251 26.32 -65.02 -70.84
C THR F 251 27.72 -64.46 -71.09
N ALA F 252 28.47 -64.25 -70.01
CA ALA F 252 29.79 -63.64 -70.14
C ALA F 252 30.68 -64.45 -71.06
N PHE F 253 30.77 -65.77 -70.81
CA PHE F 253 31.69 -66.62 -71.55
C PHE F 253 31.35 -66.64 -73.04
N GLU F 254 30.08 -66.87 -73.37
CA GLU F 254 29.69 -66.93 -74.77
C GLU F 254 29.96 -65.62 -75.50
N ALA F 255 29.69 -64.48 -74.86
CA ALA F 255 29.94 -63.19 -75.49
C ALA F 255 31.43 -62.96 -75.69
N VAL F 256 32.23 -63.15 -74.63
CA VAL F 256 33.66 -62.87 -74.71
C VAL F 256 34.39 -63.87 -75.61
N ALA F 257 33.77 -65.02 -75.90
CA ALA F 257 34.40 -65.99 -76.79
C ALA F 257 33.90 -65.90 -78.23
N ALA F 258 32.70 -65.35 -78.45
CA ALA F 258 32.16 -65.23 -79.80
C ALA F 258 32.49 -63.89 -80.45
N TYR F 259 32.59 -62.83 -79.66
CA TYR F 259 32.97 -61.52 -80.19
C TYR F 259 34.27 -61.04 -79.59
N GLY F 260 35.04 -61.95 -78.98
CA GLY F 260 36.28 -61.57 -78.34
C GLY F 260 37.50 -62.18 -78.96
N SER F 261 38.64 -62.04 -78.28
CA SER F 261 39.92 -62.49 -78.78
C SER F 261 40.55 -63.41 -77.75
N PRO F 262 41.43 -64.32 -78.18
CA PRO F 262 42.06 -65.23 -77.21
C PRO F 262 42.85 -64.54 -76.12
N GLU F 263 43.14 -63.24 -76.27
CA GLU F 263 43.91 -62.52 -75.26
C GLU F 263 43.17 -62.53 -73.93
N GLN F 264 42.02 -61.84 -73.89
CA GLN F 264 41.23 -61.77 -72.67
C GLN F 264 40.64 -63.14 -72.32
N LEU F 265 40.31 -63.94 -73.32
CA LEU F 265 39.89 -65.32 -73.08
C LEU F 265 40.88 -66.05 -72.19
N ALA F 266 42.13 -66.18 -72.67
CA ALA F 266 43.14 -66.90 -71.92
C ALA F 266 43.42 -66.24 -70.58
N ALA F 267 43.55 -64.91 -70.58
CA ALA F 267 43.85 -64.19 -69.35
C ALA F 267 42.81 -64.46 -68.28
N ALA F 268 41.53 -64.26 -68.62
CA ALA F 268 40.45 -64.43 -67.67
C ALA F 268 40.33 -65.88 -67.23
N LEU F 269 40.48 -66.83 -68.16
CA LEU F 269 40.36 -68.23 -67.76
C LEU F 269 41.44 -68.60 -66.76
N ASP F 270 42.69 -68.24 -67.05
CA ASP F 270 43.78 -68.68 -66.19
C ASP F 270 43.78 -67.93 -64.86
N ASP F 271 43.38 -66.65 -64.83
CA ASP F 271 43.41 -65.97 -63.54
C ASP F 271 42.17 -66.31 -62.73
N ASN F 272 41.10 -66.77 -63.37
CA ASN F 272 40.00 -67.39 -62.63
C ASN F 272 40.48 -68.67 -61.95
N TYR F 273 41.22 -69.49 -62.70
CA TYR F 273 41.90 -70.63 -62.06
C TYR F 273 42.77 -70.16 -60.90
N GLN F 274 43.49 -69.06 -61.09
CA GLN F 274 44.34 -68.52 -60.04
C GLN F 274 43.53 -68.16 -58.80
N ALA F 275 42.33 -67.61 -59.00
CA ALA F 275 41.47 -67.27 -57.87
C ALA F 275 41.04 -68.51 -57.11
N ALA F 276 40.58 -69.53 -57.83
CA ALA F 276 40.19 -70.77 -57.16
C ALA F 276 41.36 -71.40 -56.42
N ALA F 277 42.53 -71.38 -57.04
CA ALA F 277 43.73 -71.92 -56.40
C ALA F 277 44.09 -71.13 -55.15
N GLY F 278 43.95 -69.80 -55.21
CA GLY F 278 44.22 -69.01 -54.02
C GLY F 278 43.27 -69.33 -52.89
N GLN F 279 41.99 -69.53 -53.21
CA GLN F 279 41.02 -69.94 -52.20
C GLN F 279 41.44 -71.24 -51.52
N VAL F 280 41.65 -72.29 -52.30
CA VAL F 280 41.97 -73.59 -51.70
C VAL F 280 43.33 -73.54 -51.01
N ALA F 281 44.26 -72.75 -51.53
CA ALA F 281 45.59 -72.67 -50.94
C ALA F 281 45.55 -71.93 -49.61
N ALA F 282 44.71 -70.91 -49.50
CA ALA F 282 44.55 -70.24 -48.21
C ALA F 282 43.92 -71.18 -47.19
N LEU F 283 42.92 -71.94 -47.62
CA LEU F 283 42.34 -72.96 -46.75
C LEU F 283 43.42 -73.89 -46.21
N LEU F 284 44.18 -74.51 -47.11
CA LEU F 284 45.21 -75.45 -46.68
C LEU F 284 46.30 -74.77 -45.86
N ALA F 285 46.65 -73.53 -46.19
CA ALA F 285 47.73 -72.85 -45.50
C ALA F 285 47.36 -72.56 -44.05
N GLU F 286 46.14 -72.09 -43.81
CA GLU F 286 45.74 -71.89 -42.42
C GLU F 286 45.59 -73.23 -41.70
N ARG F 287 45.21 -74.28 -42.42
CA ARG F 287 45.23 -75.62 -41.83
C ARG F 287 46.63 -75.95 -41.31
N GLU F 288 47.65 -75.76 -42.16
CA GLU F 288 49.01 -76.07 -41.77
C GLU F 288 49.50 -75.20 -40.63
N ALA F 289 49.12 -73.93 -40.60
CA ALA F 289 49.45 -73.07 -39.47
C ALA F 289 48.81 -73.59 -38.19
N TRP F 290 47.54 -74.01 -38.28
CA TRP F 290 46.90 -74.71 -37.15
C TRP F 290 47.74 -75.88 -36.68
N VAL F 291 48.33 -76.64 -37.61
CA VAL F 291 49.18 -77.76 -37.20
C VAL F 291 50.39 -77.25 -36.44
N ALA F 292 50.88 -76.08 -36.80
CA ALA F 292 51.99 -75.47 -36.07
C ALA F 292 51.48 -74.71 -34.86
N GLU F 544 80.99 16.03 32.87
CA GLU F 544 81.63 17.22 33.42
C GLU F 544 81.10 17.55 34.80
N ILE F 545 81.96 18.13 35.63
CA ILE F 545 81.60 18.56 36.98
C ILE F 545 81.95 20.04 37.11
N ILE F 546 81.01 20.82 37.63
CA ILE F 546 81.15 22.27 37.74
C ILE F 546 81.15 22.65 39.21
N PHE F 547 81.84 23.74 39.54
CA PHE F 547 81.88 24.30 40.88
C PHE F 547 81.46 25.76 40.83
N PHE F 548 81.21 26.33 42.02
CA PHE F 548 80.66 27.67 42.10
C PHE F 548 81.60 28.71 41.52
N ASP F 549 82.92 28.57 41.75
CA ASP F 549 83.84 29.60 41.29
C ASP F 549 84.06 29.55 39.79
N ASP F 550 83.74 28.44 39.14
CA ASP F 550 83.75 28.43 37.68
C ASP F 550 82.70 29.38 37.11
N ILE F 551 81.65 29.70 37.85
CA ILE F 551 80.65 30.66 37.44
C ILE F 551 81.16 32.05 37.79
N ALA F 552 80.69 33.05 37.05
CA ALA F 552 81.13 34.42 37.21
C ALA F 552 79.97 35.29 37.67
N GLY F 553 80.24 36.15 38.66
CA GLY F 553 79.25 37.10 39.10
C GLY F 553 78.04 36.44 39.73
N ASN F 554 76.89 37.07 39.54
CA ASN F 554 75.62 36.58 40.08
C ASN F 554 75.72 36.37 41.58
N LYS F 555 76.39 37.32 42.24
CA LYS F 555 76.77 37.13 43.64
C LYS F 555 75.58 36.76 44.52
N GLN F 556 74.43 37.31 44.17
CA GLN F 556 73.21 36.94 44.94
C GLN F 556 72.80 35.51 44.58
N ALA F 557 72.77 35.18 43.28
CA ALA F 557 72.46 33.79 42.89
C ALA F 557 73.33 32.85 43.72
N LYS F 558 74.64 33.09 43.72
CA LYS F 558 75.56 32.29 44.56
C LYS F 558 75.01 32.29 46.00
N VAL F 559 75.03 33.45 46.67
CA VAL F 559 74.54 33.56 48.08
C VAL F 559 73.28 32.71 48.25
N GLU F 560 72.29 32.86 47.36
CA GLU F 560 71.02 32.11 47.54
C GLU F 560 71.26 30.63 47.29
N LEU F 561 71.79 30.29 46.11
CA LEU F 561 72.06 28.87 45.77
C LEU F 561 73.13 28.31 46.73
N MET F 562 73.65 29.12 47.65
CA MET F 562 74.62 28.62 48.64
C MET F 562 73.81 28.07 49.82
N GLU F 563 72.87 28.86 50.34
CA GLU F 563 72.01 28.36 51.43
C GLU F 563 71.50 26.97 51.04
N VAL F 564 71.13 26.76 49.76
CA VAL F 564 70.56 25.44 49.48
C VAL F 564 71.63 24.37 49.53
N VAL F 565 72.88 24.70 49.20
CA VAL F 565 73.96 23.73 49.35
C VAL F 565 74.14 23.38 50.82
N ASP F 566 74.22 24.41 51.67
CA ASP F 566 74.30 24.20 53.11
C ASP F 566 73.14 23.34 53.60
N PHE F 567 71.94 23.59 53.10
CA PHE F 567 70.79 22.82 53.56
C PHE F 567 70.80 21.40 53.01
N PHE F 568 71.48 21.18 51.89
CA PHE F 568 71.42 19.88 51.23
C PHE F 568 72.47 18.92 51.79
N ARG F 569 73.74 19.29 51.73
CA ARG F 569 74.76 18.32 52.13
C ARG F 569 75.03 18.34 53.63
N THR F 570 75.08 19.52 54.24
CA THR F 570 75.51 19.69 55.63
C THR F 570 74.44 20.44 56.40
N PRO F 571 73.39 19.77 56.86
CA PRO F 571 72.34 20.47 57.63
C PRO F 571 72.85 20.88 59.01
N GLU F 572 73.58 21.99 59.04
CA GLU F 572 74.34 22.43 60.21
C GLU F 572 73.47 23.00 61.32
N LYS F 573 72.80 24.12 61.04
CA LYS F 573 72.22 24.95 62.08
C LYS F 573 70.70 25.04 61.99
N PHE F 574 70.12 24.58 60.89
CA PHE F 574 68.70 24.76 60.63
C PHE F 574 67.82 23.94 61.57
N LYS F 575 68.38 23.09 62.42
CA LYS F 575 67.58 22.50 63.49
C LYS F 575 67.43 23.48 64.64
N ALA F 576 68.49 24.18 64.99
CA ALA F 576 68.42 25.24 65.98
C ALA F 576 67.64 26.44 65.48
N SER F 577 67.68 26.72 64.17
CA SER F 577 66.83 27.77 63.62
C SER F 577 65.37 27.35 63.67
N GLY F 578 65.07 26.12 63.28
CA GLY F 578 63.70 25.66 63.16
C GLY F 578 63.16 25.68 61.75
N ALA F 579 64.01 25.89 60.76
CA ALA F 579 63.57 26.13 59.39
C ALA F 579 63.59 24.83 58.60
N ARG F 580 62.51 24.63 57.84
CA ARG F 580 62.40 23.51 56.91
C ARG F 580 63.23 23.82 55.66
N ALA F 581 63.46 22.82 54.83
CA ALA F 581 64.30 23.10 53.68
C ALA F 581 63.45 23.53 52.48
N PRO F 582 63.86 24.59 51.78
CA PRO F 582 63.16 24.94 50.53
C PRO F 582 63.25 23.81 49.52
N LYS F 583 62.13 23.59 48.81
CA LYS F 583 62.02 22.47 47.89
C LYS F 583 62.30 22.85 46.44
N GLY F 584 61.99 24.07 46.04
CA GLY F 584 62.10 24.44 44.64
C GLY F 584 62.70 25.82 44.46
N VAL F 585 63.47 25.97 43.38
CA VAL F 585 64.12 27.22 43.03
C VAL F 585 63.81 27.52 41.57
N LEU F 586 63.51 28.78 41.27
CA LEU F 586 63.19 29.24 39.93
C LEU F 586 64.27 30.22 39.48
N LEU F 587 65.00 29.85 38.43
CA LEU F 587 66.07 30.67 37.88
C LEU F 587 65.50 31.43 36.69
N VAL F 588 65.25 32.73 36.87
CA VAL F 588 64.68 33.55 35.80
C VAL F 588 65.75 34.49 35.27
N GLY F 589 65.69 34.76 33.97
CA GLY F 589 66.63 35.64 33.33
C GLY F 589 66.68 35.44 31.82
N PRO F 590 67.36 36.34 31.11
CA PRO F 590 67.45 36.19 29.67
C PRO F 590 68.27 34.98 29.29
N PRO F 591 68.06 34.33 28.12
CA PRO F 591 68.92 33.21 27.73
C PRO F 591 70.34 33.65 27.38
N GLY F 592 71.29 32.72 27.48
CA GLY F 592 72.71 33.03 27.18
C GLY F 592 73.49 33.38 28.44
N ASN F 593 72.79 33.74 29.51
CA ASN F 593 73.44 34.06 30.80
C ASN F 593 73.68 32.77 31.60
N GLY F 594 73.68 31.61 30.92
CA GLY F 594 74.02 30.32 31.57
C GLY F 594 73.22 30.06 32.82
N LYS F 595 71.96 29.65 32.65
CA LYS F 595 71.13 29.29 33.82
C LYS F 595 71.15 27.77 33.93
N THR F 596 72.14 27.12 33.32
CA THR F 596 72.24 25.64 33.38
C THR F 596 73.44 25.28 34.22
N LEU F 597 74.64 25.65 33.78
CA LEU F 597 75.83 25.36 34.54
C LEU F 597 75.73 25.83 35.99
N MET F 598 74.82 26.74 36.32
CA MET F 598 74.58 27.06 37.72
C MET F 598 73.91 25.90 38.44
N ALA F 599 72.93 25.27 37.79
CA ALA F 599 72.34 24.05 38.35
C ALA F 599 73.37 22.95 38.48
N ARG F 600 74.20 22.78 37.46
CA ARG F 600 75.24 21.75 37.54
C ARG F 600 76.21 22.05 38.68
N ALA F 601 76.52 23.34 38.90
CA ALA F 601 77.44 23.72 39.96
C ALA F 601 76.84 23.45 41.33
N VAL F 602 75.57 23.78 41.53
CA VAL F 602 74.98 23.50 42.84
C VAL F 602 74.93 21.99 43.08
N ALA F 603 74.55 21.21 42.06
CA ALA F 603 74.50 19.76 42.24
C ALA F 603 75.88 19.18 42.51
N GLY F 604 76.92 19.72 41.87
CA GLY F 604 78.25 19.21 42.10
C GLY F 604 78.79 19.57 43.47
N GLU F 605 78.76 20.85 43.83
CA GLU F 605 79.31 21.28 45.11
C GLU F 605 78.52 20.69 46.28
N SER F 606 77.24 20.38 46.06
CA SER F 606 76.49 19.63 47.05
C SER F 606 76.74 18.13 46.94
N GLY F 607 77.18 17.65 45.79
CA GLY F 607 77.56 16.25 45.65
C GLY F 607 76.42 15.27 45.69
N VAL F 608 75.36 15.50 44.93
CA VAL F 608 74.25 14.57 44.83
C VAL F 608 73.91 14.37 43.36
N ALA F 609 73.12 13.34 43.06
CA ALA F 609 72.77 13.01 41.69
C ALA F 609 72.07 14.18 41.01
N PHE F 610 72.30 14.29 39.70
CA PHE F 610 71.84 15.44 38.93
C PHE F 610 71.26 14.91 37.62
N ILE F 611 69.96 14.60 37.63
CA ILE F 611 69.29 14.07 36.45
C ILE F 611 68.52 15.21 35.81
N SER F 612 69.14 15.88 34.84
CA SER F 612 68.52 17.02 34.18
C SER F 612 67.90 16.59 32.86
N SER F 613 66.72 17.13 32.58
CA SER F 613 66.01 16.84 31.34
C SER F 613 65.16 18.04 30.97
N SER F 614 65.26 18.47 29.72
CA SER F 614 64.51 19.59 29.19
C SER F 614 63.11 19.15 28.82
N ALA F 615 62.26 20.13 28.52
CA ALA F 615 60.91 19.81 28.08
C ALA F 615 60.84 19.48 26.59
N ALA F 616 61.97 19.43 25.90
CA ALA F 616 61.97 19.01 24.50
C ALA F 616 61.49 17.58 24.35
N GLU F 617 61.78 16.73 25.34
CA GLU F 617 61.22 15.38 25.36
C GLU F 617 59.91 15.31 26.12
N PHE F 618 59.42 16.43 26.61
CA PHE F 618 58.10 16.49 27.25
C PHE F 618 57.00 16.94 26.30
N ILE F 619 57.35 17.46 25.13
CA ILE F 619 56.36 17.92 24.16
C ILE F 619 56.13 16.83 23.10
N GLU F 620 54.97 16.19 23.17
CA GLU F 620 54.59 15.17 22.20
C GLU F 620 53.08 14.96 22.25
N MET F 621 52.50 14.67 21.09
CA MET F 621 51.05 14.64 20.91
C MET F 621 50.39 13.29 21.13
N TYR F 622 51.15 12.21 21.29
CA TYR F 622 50.53 10.92 21.53
C TYR F 622 49.88 10.87 22.91
N MET F 623 49.09 9.83 23.13
CA MET F 623 48.09 9.79 24.20
C MET F 623 48.77 9.65 25.56
N GLY F 624 48.87 10.76 26.28
CA GLY F 624 49.22 10.76 27.68
C GLY F 624 50.68 10.57 28.00
N LEU F 625 51.56 10.53 26.99
CA LEU F 625 52.96 10.23 27.22
C LEU F 625 53.70 11.31 27.99
N GLY F 626 53.23 12.56 27.94
CA GLY F 626 53.87 13.59 28.75
C GLY F 626 53.80 13.29 30.23
N ALA F 627 52.59 13.05 30.72
CA ALA F 627 52.41 12.67 32.11
C ALA F 627 53.17 11.41 32.44
N ALA F 628 53.29 10.49 31.49
CA ALA F 628 54.06 9.28 31.72
C ALA F 628 55.52 9.59 31.98
N ARG F 629 56.16 10.36 31.10
CA ARG F 629 57.55 10.72 31.31
C ARG F 629 57.73 11.56 32.57
N VAL F 630 56.73 12.36 32.95
CA VAL F 630 56.84 13.13 34.19
C VAL F 630 56.85 12.20 35.39
N ARG F 631 55.89 11.28 35.44
CA ARG F 631 55.90 10.27 36.51
C ARG F 631 57.20 9.49 36.52
N ASP F 632 57.74 9.20 35.34
CA ASP F 632 58.99 8.43 35.27
C ASP F 632 60.15 9.20 35.89
N LEU F 633 60.37 10.43 35.43
CA LEU F 633 61.43 11.26 35.99
C LEU F 633 61.26 11.41 37.49
N PHE F 634 60.05 11.69 37.95
CA PHE F 634 59.85 11.96 39.37
C PHE F 634 60.00 10.71 40.22
N ASN F 635 59.50 9.56 39.78
CA ASN F 635 59.61 8.37 40.61
C ASN F 635 61.04 7.84 40.61
N THR F 636 61.78 8.00 39.50
CA THR F 636 63.18 7.60 39.55
C THR F 636 64.00 8.55 40.40
N ALA F 637 63.64 9.84 40.42
CA ALA F 637 64.33 10.76 41.32
C ALA F 637 64.00 10.45 42.78
N ARG F 638 62.78 9.98 43.04
CA ARG F 638 62.44 9.54 44.39
C ARG F 638 63.23 8.30 44.77
N SER F 639 63.43 7.38 43.82
CA SER F 639 64.19 6.17 44.13
C SER F 639 65.66 6.47 44.36
N VAL F 640 66.24 7.39 43.59
CA VAL F 640 67.65 7.75 43.71
C VAL F 640 67.83 8.86 44.74
N ALA F 641 66.78 9.23 45.45
CA ALA F 641 66.82 10.34 46.39
C ALA F 641 67.93 10.13 47.42
N PRO F 642 68.59 11.21 47.89
CA PRO F 642 68.32 12.60 47.51
C PRO F 642 68.79 12.90 46.08
N CYS F 643 68.38 14.03 45.52
CA CYS F 643 68.69 14.32 44.13
C CYS F 643 68.44 15.79 43.85
N ILE F 644 68.62 16.17 42.58
CA ILE F 644 68.34 17.50 42.08
C ILE F 644 67.76 17.35 40.69
N ILE F 645 66.50 17.72 40.52
CA ILE F 645 65.83 17.60 39.23
C ILE F 645 65.80 18.98 38.58
N PHE F 646 66.65 19.20 37.59
CA PHE F 646 66.69 20.43 36.83
C PHE F 646 65.99 20.21 35.50
N ILE F 647 65.18 21.18 35.09
CA ILE F 647 64.35 21.07 33.88
C ILE F 647 64.40 22.39 33.12
N ASP F 648 64.64 22.31 31.82
CA ASP F 648 64.66 23.45 30.93
C ASP F 648 63.31 23.58 30.22
N GLU F 649 63.20 24.60 29.36
CA GLU F 649 62.08 24.73 28.43
C GLU F 649 60.74 24.80 29.16
N LEU F 650 60.70 25.41 30.35
CA LEU F 650 59.49 25.37 31.15
C LEU F 650 58.41 26.31 30.62
N ASP F 651 58.82 27.41 29.97
CA ASP F 651 57.84 28.34 29.42
C ASP F 651 57.08 27.77 28.24
N ALA F 652 57.71 26.87 27.48
CA ALA F 652 57.06 26.29 26.31
C ALA F 652 56.00 25.26 26.67
N VAL F 653 55.98 24.78 27.91
CA VAL F 653 55.02 23.78 28.36
C VAL F 653 54.14 24.33 29.48
N GLY F 654 54.73 25.09 30.40
CA GLY F 654 53.99 25.59 31.54
C GLY F 654 53.24 26.88 31.29
N ARG F 655 52.52 26.95 30.17
CA ARG F 655 51.75 28.14 29.88
C ARG F 655 50.35 28.03 30.51
N GLN F 656 49.61 29.12 30.41
CA GLN F 656 48.30 29.20 31.05
C GLN F 656 47.37 28.13 30.53
N ARG F 657 46.73 27.41 31.44
CA ARG F 657 45.73 26.41 31.05
C ARG F 657 44.45 27.10 30.59
N GLN F 658 44.14 26.94 29.30
CA GLN F 658 42.93 27.48 28.72
C GLN F 658 42.64 26.74 27.44
N GLY F 659 41.58 27.15 26.75
CA GLY F 659 41.14 26.46 25.55
C GLY F 659 42.13 26.52 24.42
N GLY F 660 42.32 27.70 23.84
CA GLY F 660 43.31 27.87 22.78
C GLY F 660 43.11 26.88 21.65
N GLY F 661 44.13 26.06 21.41
CA GLY F 661 44.09 25.04 20.38
C GLY F 661 43.59 23.71 20.92
N ARG F 662 43.65 22.70 20.05
CA ARG F 662 43.27 21.35 20.46
C ARG F 662 44.34 20.71 21.33
N SER F 663 45.60 21.03 21.07
CA SER F 663 46.72 20.45 21.82
C SER F 663 46.58 20.62 23.32
N ASN F 664 45.83 21.62 23.77
CA ASN F 664 45.69 21.85 25.20
C ASN F 664 44.94 20.73 25.89
N ASP F 665 44.13 19.96 25.17
CA ASP F 665 43.51 18.79 25.79
C ASP F 665 44.57 17.79 26.24
N GLU F 666 45.75 17.84 25.63
CA GLU F 666 46.91 17.08 26.06
C GLU F 666 47.89 17.97 26.84
N ARG F 667 48.16 19.16 26.32
CA ARG F 667 49.27 19.98 26.82
C ARG F 667 49.14 20.26 28.31
N ASP F 668 48.00 20.78 28.73
CA ASP F 668 47.82 21.06 30.15
C ASP F 668 47.67 19.79 30.96
N ASN F 669 47.21 18.70 30.34
CA ASN F 669 47.18 17.41 31.03
C ASN F 669 48.54 17.10 31.65
N THR F 670 49.56 16.99 30.81
CA THR F 670 50.93 16.85 31.31
C THR F 670 51.18 17.82 32.45
N VAL F 671 50.81 19.09 32.25
CA VAL F 671 51.08 20.11 33.26
C VAL F 671 50.53 19.70 34.61
N ASN F 672 49.27 19.27 34.66
CA ASN F 672 48.70 18.98 35.97
C ASN F 672 49.33 17.74 36.59
N GLN F 673 49.82 16.81 35.76
CA GLN F 673 50.64 15.74 36.30
C GLN F 673 51.87 16.32 36.97
N LEU F 674 52.56 17.24 36.29
CA LEU F 674 53.60 18.02 36.94
C LEU F 674 53.12 18.54 38.28
N LEU F 675 51.93 19.14 38.31
CA LEU F 675 51.47 19.78 39.53
C LEU F 675 51.30 18.77 40.66
N THR F 676 51.00 17.51 40.35
CA THR F 676 50.80 16.52 41.39
C THR F 676 52.08 15.77 41.73
N GLU F 677 53.21 16.19 41.18
CA GLU F 677 54.50 15.64 41.58
C GLU F 677 55.23 16.53 42.58
N MET F 678 55.25 17.84 42.36
CA MET F 678 55.86 18.75 43.31
C MET F 678 55.18 18.68 44.68
N ASP F 679 53.92 19.08 44.76
CA ASP F 679 53.21 18.95 46.03
C ASP F 679 52.27 17.73 46.04
N GLY F 680 51.28 17.73 45.15
CA GLY F 680 50.38 16.60 44.99
C GLY F 680 49.88 16.00 46.30
N PHE F 681 49.60 14.70 46.27
CA PHE F 681 49.37 13.92 47.48
C PHE F 681 50.69 13.38 47.99
N GLU F 682 50.63 12.39 48.88
CA GLU F 682 51.78 11.70 49.47
C GLU F 682 52.45 12.56 50.53
N ALA F 683 52.08 13.84 50.57
CA ALA F 683 52.43 14.81 51.61
C ALA F 683 53.91 15.13 51.64
N GLU F 684 54.73 14.28 51.03
CA GLU F 684 56.15 14.51 50.77
C GLU F 684 56.73 13.27 50.10
N GLN F 685 57.95 13.37 49.59
CA GLN F 685 58.70 12.17 49.22
C GLN F 685 60.00 12.04 50.00
N GLN F 686 60.91 12.99 49.85
CA GLN F 686 62.07 13.22 50.71
C GLN F 686 62.22 14.69 51.07
N GLY F 687 61.93 15.59 50.14
CA GLY F 687 62.34 16.98 50.22
C GLY F 687 63.34 17.30 49.11
N ILE F 688 63.20 16.60 47.98
CA ILE F 688 64.12 16.78 46.86
C ILE F 688 64.02 18.22 46.35
N VAL F 689 65.08 18.67 45.71
CA VAL F 689 65.12 20.01 45.11
C VAL F 689 64.75 19.90 43.64
N VAL F 690 63.77 20.69 43.22
CA VAL F 690 63.34 20.76 41.84
C VAL F 690 63.60 22.17 41.35
N MET F 691 64.38 22.30 40.27
CA MET F 691 64.77 23.58 39.74
C MET F 691 64.42 23.66 38.27
N GLY F 692 63.90 24.81 37.86
CA GLY F 692 63.46 25.00 36.51
C GLY F 692 63.97 26.29 35.91
N ALA F 693 64.36 26.24 34.65
CA ALA F 693 64.88 27.40 33.94
C ALA F 693 63.83 27.91 32.97
N THR F 694 63.45 29.18 33.12
CA THR F 694 62.48 29.83 32.24
C THR F 694 62.88 31.27 32.03
N ASN F 695 62.60 31.79 30.82
CA ASN F 695 62.98 33.16 30.51
C ASN F 695 62.10 34.16 31.23
N ARG F 696 60.78 33.95 31.22
CA ARG F 696 59.84 34.92 31.77
C ARG F 696 58.93 34.23 32.78
N LYS F 697 58.89 34.76 33.99
CA LYS F 697 58.00 34.24 35.01
C LYS F 697 56.55 34.65 34.79
N ASP F 698 56.32 35.77 34.11
CA ASP F 698 54.96 36.28 33.94
C ASP F 698 54.10 35.39 33.05
N VAL F 699 54.70 34.42 32.36
CA VAL F 699 53.96 33.63 31.40
C VAL F 699 53.60 32.26 31.98
N LEU F 700 54.27 31.90 33.08
CA LEU F 700 54.04 30.59 33.67
C LEU F 700 52.64 30.50 34.26
N ASP F 701 52.18 29.27 34.46
CA ASP F 701 50.89 29.04 35.09
C ASP F 701 50.84 29.65 36.48
N ALA F 702 49.62 29.86 36.98
CA ALA F 702 49.47 30.42 38.32
C ALA F 702 49.81 29.38 39.39
N ALA F 703 49.36 28.14 39.20
CA ALA F 703 49.62 27.11 40.20
C ALA F 703 51.10 26.77 40.28
N LEU F 704 51.82 26.87 39.16
CA LEU F 704 53.23 26.52 39.15
C LEU F 704 54.08 27.47 39.97
N THR F 705 53.85 28.78 39.83
CA THR F 705 54.69 29.78 40.48
C THR F 705 54.32 30.02 41.93
N ARG F 706 53.46 29.19 42.49
CA ARG F 706 52.95 29.51 43.85
C ARG F 706 53.94 29.14 44.95
N PRO F 707 54.16 30.00 45.97
CA PRO F 707 54.95 29.56 47.12
C PRO F 707 54.42 28.23 47.64
N GLY F 708 55.32 27.25 47.73
CA GLY F 708 54.98 25.90 48.09
C GLY F 708 55.31 24.88 47.02
N ARG F 709 55.43 25.32 45.78
CA ARG F 709 55.92 24.48 44.69
C ARG F 709 57.25 24.96 44.15
N PHE F 710 57.50 26.26 44.19
CA PHE F 710 58.79 26.85 43.85
C PHE F 710 59.08 27.89 44.94
N ASP F 711 59.79 27.46 45.99
CA ASP F 711 59.98 28.32 47.16
C ASP F 711 60.78 29.57 46.82
N ARG F 712 61.92 29.42 46.14
CA ARG F 712 62.81 30.53 45.92
C ARG F 712 62.78 30.93 44.45
N SER F 713 63.06 32.20 44.20
CA SER F 713 63.05 32.73 42.84
C SER F 713 64.19 33.73 42.74
N ILE F 714 65.18 33.44 41.91
CA ILE F 714 66.33 34.31 41.77
C ILE F 714 66.48 34.71 40.31
N GLU F 715 66.93 35.94 40.11
CA GLU F 715 67.13 36.51 38.78
C GLU F 715 68.57 36.33 38.33
N VAL F 716 68.75 36.15 37.03
CA VAL F 716 70.06 36.04 36.41
C VAL F 716 70.10 37.10 35.31
N ARG F 717 70.63 38.27 35.64
CA ARG F 717 70.71 39.36 34.68
C ARG F 717 71.96 39.20 33.82
N ARG F 718 72.19 40.17 32.95
CA ARG F 718 73.43 40.19 32.18
C ARG F 718 74.59 40.59 33.10
N PRO F 719 75.80 40.13 32.81
CA PRO F 719 76.93 40.40 33.69
C PRO F 719 77.14 41.89 33.95
N ASP F 720 77.58 42.20 35.16
CA ASP F 720 77.79 43.57 35.60
C ASP F 720 79.11 44.10 35.03
N PHE F 721 79.56 45.25 35.52
CA PHE F 721 80.90 45.72 35.18
C PHE F 721 81.96 44.77 35.71
N GLN F 722 82.05 44.64 37.04
CA GLN F 722 82.96 43.66 37.62
C GLN F 722 82.58 42.24 37.22
N GLY F 723 81.29 42.00 36.98
CA GLY F 723 80.88 40.72 36.46
C GLY F 723 81.58 40.38 35.15
N ARG F 724 81.59 41.33 34.22
CA ARG F 724 82.33 41.12 32.99
C ARG F 724 83.83 41.06 33.24
N LEU F 725 84.33 41.90 34.16
CA LEU F 725 85.74 41.86 34.55
C LEU F 725 86.18 40.45 34.87
N GLU F 726 85.44 39.77 35.74
CA GLU F 726 85.78 38.40 36.13
C GLU F 726 85.44 37.37 35.07
N ALA F 727 84.29 37.50 34.40
CA ALA F 727 83.88 36.52 33.41
C ALA F 727 84.82 36.47 32.22
N VAL F 728 85.44 37.58 31.85
CA VAL F 728 86.36 37.55 30.73
C VAL F 728 87.70 36.96 31.14
N LYS F 729 88.17 37.23 32.36
CA LYS F 729 89.48 36.74 32.76
C LYS F 729 89.46 35.27 33.11
N VAL F 730 88.34 34.74 33.61
CA VAL F 730 88.26 33.30 33.82
C VAL F 730 88.16 32.58 32.47
N HIS F 731 87.97 33.33 31.39
CA HIS F 731 87.86 32.76 30.05
C HIS F 731 89.16 32.88 29.25
N LEU F 732 90.30 33.06 29.92
CA LEU F 732 91.57 33.18 29.22
C LEU F 732 92.63 32.20 29.67
N ARG F 733 92.43 31.49 30.79
CA ARG F 733 93.36 30.43 31.15
C ARG F 733 93.29 29.27 30.15
N ASP F 734 92.19 29.19 29.40
CA ASP F 734 92.04 28.28 28.27
C ASP F 734 92.50 28.90 26.96
N LYS F 735 93.19 30.04 27.01
CA LYS F 735 93.65 30.75 25.84
C LYS F 735 95.13 31.10 25.96
N PRO F 736 95.92 30.90 24.89
CA PRO F 736 97.29 31.42 24.90
C PRO F 736 97.26 32.92 24.74
N VAL F 737 97.68 33.63 25.79
CA VAL F 737 97.52 35.08 25.84
C VAL F 737 98.84 35.70 26.28
N ALA F 738 98.96 37.00 26.07
CA ALA F 738 100.16 37.75 26.44
C ALA F 738 99.97 38.33 27.84
N ALA F 739 100.94 39.12 28.27
CA ALA F 739 100.91 39.67 29.62
C ALA F 739 100.54 41.14 29.66
N GLU F 740 100.56 41.84 28.53
CA GLU F 740 100.17 43.25 28.50
C GLU F 740 98.66 43.39 28.34
N ILE F 741 97.91 42.77 29.25
CA ILE F 741 96.46 42.74 29.19
C ILE F 741 95.91 43.35 30.46
N ASP F 742 95.12 44.42 30.30
CA ASP F 742 94.45 45.08 31.43
C ASP F 742 92.95 44.96 31.18
N TYR F 743 92.29 44.09 31.96
CA TYR F 743 90.91 43.75 31.70
C TYR F 743 89.95 44.89 31.93
N VAL F 744 90.41 46.00 32.52
CA VAL F 744 89.52 47.12 32.81
C VAL F 744 88.97 47.73 31.52
N SER F 745 89.83 47.83 30.49
CA SER F 745 89.37 48.40 29.22
C SER F 745 88.30 47.53 28.59
N LEU F 746 88.46 46.20 28.65
CA LEU F 746 87.46 45.32 28.08
C LEU F 746 86.16 45.37 28.88
N ALA F 747 86.28 45.38 30.21
CA ALA F 747 85.08 45.42 31.04
C ALA F 747 84.30 46.72 30.82
N SER F 748 85.01 47.83 30.63
CA SER F 748 84.33 49.08 30.34
C SER F 748 84.08 49.26 28.85
N LEU F 749 84.41 48.26 28.05
CA LEU F 749 84.20 48.33 26.61
C LEU F 749 83.16 47.33 26.11
N MET F 750 82.96 46.21 26.83
CA MET F 750 82.03 45.18 26.40
C MET F 750 80.70 45.26 27.14
N GLY F 751 80.32 46.46 27.59
CA GLY F 751 79.09 46.61 28.34
C GLY F 751 77.86 46.38 27.48
N GLY F 752 77.01 45.46 27.91
CA GLY F 752 75.78 45.16 27.23
C GLY F 752 75.65 43.76 26.69
N MET F 753 76.74 42.99 26.66
CA MET F 753 76.69 41.66 26.08
C MET F 753 76.45 40.60 27.16
N SER F 754 75.99 39.44 26.72
CA SER F 754 75.76 38.30 27.59
C SER F 754 77.02 37.43 27.65
N GLY F 755 77.04 36.49 28.58
CA GLY F 755 78.22 35.67 28.78
C GLY F 755 78.62 34.87 27.56
N ALA F 756 77.63 34.26 26.90
CA ALA F 756 77.92 33.52 25.68
C ALA F 756 78.58 34.40 24.63
N GLN F 757 78.24 35.69 24.62
CA GLN F 757 78.86 36.59 23.65
C GLN F 757 80.31 36.90 24.03
N ILE F 758 80.62 36.93 25.32
CA ILE F 758 82.01 37.09 25.72
C ILE F 758 82.83 35.86 25.33
N ALA F 759 82.26 34.68 25.56
CA ALA F 759 82.93 33.45 25.13
C ALA F 759 83.12 33.44 23.61
N GLY F 760 82.13 33.90 22.86
CA GLY F 760 82.28 34.00 21.42
C GLY F 760 83.34 35.00 21.03
N VAL F 761 83.47 36.09 21.79
CA VAL F 761 84.54 37.06 21.54
C VAL F 761 85.89 36.39 21.67
N ALA F 762 86.08 35.61 22.75
CA ALA F 762 87.34 34.89 22.93
C ALA F 762 87.56 33.89 21.80
N ASN F 763 86.50 33.22 21.36
CA ASN F 763 86.62 32.25 20.27
C ASN F 763 87.08 32.92 18.99
N THR F 764 86.46 34.03 18.61
CA THR F 764 86.91 34.74 17.42
C THR F 764 88.32 35.29 17.58
N ALA F 765 88.69 35.73 18.79
CA ALA F 765 90.06 36.18 19.01
C ALA F 765 91.06 35.07 18.73
N CYS F 766 90.81 33.88 19.27
CA CYS F 766 91.73 32.77 19.05
C CYS F 766 91.77 32.37 17.58
N PHE F 767 90.61 32.29 16.93
CA PHE F 767 90.59 31.86 15.55
C PHE F 767 91.27 32.88 14.63
N LEU F 768 91.12 34.18 14.93
CA LEU F 768 91.78 35.18 14.10
C LEU F 768 93.28 35.22 14.39
N ALA F 769 93.68 34.90 15.62
CA ALA F 769 95.09 34.73 15.92
C ALA F 769 95.69 33.57 15.13
N SER F 770 94.93 32.49 14.98
CA SER F 770 95.39 31.37 14.16
C SER F 770 95.48 31.78 12.69
N ARG F 771 94.42 32.37 12.15
CA ARG F 771 94.40 32.77 10.75
C ARG F 771 95.38 33.90 10.44
N ASP F 772 95.90 34.60 11.44
CA ASP F 772 96.84 35.69 11.20
C ASP F 772 98.27 35.20 11.12
N GLY F 773 98.61 34.14 11.85
CA GLY F 773 99.96 33.62 11.87
C GLY F 773 100.72 33.91 13.14
N ARG F 774 100.06 34.42 14.17
CA ARG F 774 100.69 34.73 15.44
C ARG F 774 100.48 33.56 16.42
N SER F 775 100.88 33.75 17.67
CA SER F 775 100.72 32.75 18.71
C SER F 775 99.96 33.23 19.94
N GLU F 776 99.56 34.50 19.96
CA GLU F 776 98.99 35.12 21.15
C GLU F 776 97.90 36.10 20.72
N VAL F 777 97.32 36.79 21.70
CA VAL F 777 96.39 37.88 21.47
C VAL F 777 96.61 38.95 22.54
N ASN F 778 96.75 40.19 22.09
CA ASN F 778 97.03 41.30 23.04
C ASN F 778 95.93 42.36 22.97
N GLN F 779 96.19 43.54 23.53
CA GLN F 779 95.21 44.64 23.55
C GLN F 779 94.44 44.76 22.23
N THR F 780 95.10 45.24 21.18
CA THR F 780 94.40 45.49 19.90
C THR F 780 93.59 44.27 19.48
N ASP F 781 94.14 43.08 19.69
CA ASP F 781 93.43 41.87 19.19
C ASP F 781 92.00 41.88 19.74
N LEU F 782 91.86 41.86 21.07
CA LEU F 782 90.51 41.83 21.68
C LEU F 782 89.69 43.02 21.14
N THR F 783 90.21 44.24 21.24
CA THR F 783 89.48 45.45 20.76
C THR F 783 88.82 45.16 19.43
N LEU F 784 89.58 44.78 18.40
CA LEU F 784 88.94 44.41 17.12
C LEU F 784 87.85 43.36 17.36
N ALA F 785 88.18 42.24 18.01
CA ALA F 785 87.18 41.19 18.15
C ALA F 785 85.86 41.74 18.66
N VAL F 786 85.89 42.52 19.75
CA VAL F 786 84.64 43.04 20.32
C VAL F 786 84.04 44.11 19.41
N GLU F 787 84.88 44.88 18.71
CA GLU F 787 84.36 45.87 17.78
C GLU F 787 83.64 45.21 16.60
N GLN F 788 84.11 44.03 16.20
CA GLN F 788 83.39 43.31 15.14
C GLN F 788 82.16 42.60 15.69
N ALA F 789 82.19 42.18 16.95
CA ALA F 789 81.02 41.50 17.51
C ALA F 789 79.90 42.48 17.83
N LYS F 790 80.24 43.76 18.03
CA LYS F 790 79.23 44.74 18.40
C LYS F 790 78.71 45.49 17.19
N TYR F 791 79.60 46.20 16.48
CA TYR F 791 79.20 47.11 15.42
C TYR F 791 79.17 46.46 14.04
N GLY F 792 78.99 45.14 13.98
CA GLY F 792 78.84 44.46 12.71
C GLY F 792 80.10 44.52 11.85
N ARG F 793 79.93 44.13 10.59
CA ARG F 793 81.02 44.15 9.63
C ARG F 793 80.57 44.83 8.34
N ARG F 799 79.30 44.44 2.41
CA ARG F 799 78.43 45.31 1.61
C ARG F 799 79.23 46.46 1.02
N PHE F 800 78.82 46.89 -0.17
CA PHE F 800 79.50 47.96 -0.90
C PHE F 800 78.64 49.21 -0.89
N VAL F 801 79.29 50.37 -0.87
CA VAL F 801 78.61 51.65 -0.98
C VAL F 801 79.34 52.50 -2.01
N GLY F 802 78.59 53.09 -2.92
CA GLY F 802 79.20 53.92 -3.94
C GLY F 802 79.80 55.18 -3.37
N ALA F 803 80.73 55.77 -4.12
CA ALA F 803 81.33 57.02 -3.69
C ALA F 803 80.37 58.19 -3.83
N GLY F 804 79.26 58.01 -4.54
CA GLY F 804 78.28 59.06 -4.67
C GLY F 804 77.34 59.08 -3.48
N ARG F 805 76.95 57.89 -3.01
CA ARG F 805 76.13 57.82 -1.82
C ARG F 805 76.92 58.13 -0.56
N LYS F 806 78.20 57.79 -0.53
CA LYS F 806 79.04 58.05 0.63
C LYS F 806 79.12 59.53 1.00
N LYS F 807 79.11 60.42 0.01
CA LYS F 807 79.17 61.83 0.36
C LYS F 807 77.89 62.31 1.02
N ARG F 808 76.74 61.73 0.68
CA ARG F 808 75.52 62.07 1.41
C ARG F 808 75.65 61.74 2.89
N PHE F 809 76.08 60.50 3.17
CA PHE F 809 76.35 60.11 4.55
C PHE F 809 77.25 61.12 5.23
N ALA F 810 78.36 61.46 4.58
CA ALA F 810 79.31 62.36 5.22
C ALA F 810 78.69 63.72 5.50
N VAL F 811 77.95 64.27 4.54
CA VAL F 811 77.38 65.60 4.73
C VAL F 811 76.38 65.61 5.87
N MET F 812 75.51 64.59 5.92
CA MET F 812 74.49 64.59 6.96
C MET F 812 75.11 64.37 8.35
N GLU F 813 76.06 63.45 8.48
CA GLU F 813 76.70 63.25 9.78
C GLU F 813 77.46 64.49 10.21
N ALA F 814 78.18 65.12 9.29
CA ALA F 814 78.93 66.31 9.67
C ALA F 814 78.00 67.43 10.09
N SER F 815 76.85 67.55 9.44
CA SER F 815 75.92 68.61 9.82
C SER F 815 75.32 68.34 11.20
N ILE F 816 74.94 67.09 11.46
CA ILE F 816 74.39 66.77 12.78
C ILE F 816 75.42 67.04 13.87
N ALA F 817 76.67 66.64 13.63
CA ALA F 817 77.71 66.83 14.64
C ALA F 817 78.00 68.31 14.85
N LEU F 818 78.03 69.09 13.78
CA LEU F 818 78.28 70.52 13.92
C LEU F 818 77.16 71.19 14.71
N ALA F 819 75.90 70.82 14.41
CA ALA F 819 74.79 71.37 15.16
C ALA F 819 74.89 71.02 16.63
N ALA F 820 74.97 69.72 16.94
CA ALA F 820 75.03 69.28 18.32
C ALA F 820 76.25 69.81 19.06
N THR F 821 77.28 70.26 18.34
CA THR F 821 78.42 70.87 18.99
C THR F 821 78.22 72.35 19.22
N LEU F 822 77.45 73.03 18.38
CA LEU F 822 77.28 74.47 18.56
C LEU F 822 76.05 74.85 19.36
N LEU F 823 75.24 73.89 19.78
CA LEU F 823 74.07 74.23 20.57
C LEU F 823 74.33 73.98 22.05
N PRO F 824 74.25 75.00 22.90
CA PRO F 824 74.72 74.85 24.28
C PRO F 824 73.88 73.96 25.15
N ALA F 825 72.71 73.51 24.70
CA ALA F 825 71.87 72.69 25.56
C ALA F 825 71.97 71.21 25.23
N ILE F 826 72.70 70.83 24.19
CA ILE F 826 72.81 69.43 23.81
C ILE F 826 74.13 68.86 24.31
N GLU F 827 74.12 67.58 24.64
CA GLU F 827 75.30 66.91 25.16
C GLU F 827 76.43 66.94 24.12
N PRO F 828 77.67 66.77 24.53
CA PRO F 828 78.76 66.71 23.56
C PRO F 828 78.76 65.41 22.80
N VAL F 829 79.30 65.46 21.59
CA VAL F 829 79.38 64.27 20.75
C VAL F 829 80.37 63.29 21.37
N GLU F 830 80.21 62.01 21.03
CA GLU F 830 81.19 61.03 21.48
C GLU F 830 81.85 60.27 20.34
N TYR F 831 81.16 60.03 19.23
CA TYR F 831 81.79 59.53 18.02
C TYR F 831 80.78 59.57 16.88
N ALA F 832 81.30 59.75 15.67
CA ALA F 832 80.47 59.85 14.48
C ALA F 832 81.06 58.95 13.39
N THR F 833 80.23 58.07 12.84
CA THR F 833 80.67 57.13 11.82
C THR F 833 79.84 57.31 10.56
N ILE F 834 80.31 56.73 9.47
CA ILE F 834 79.57 56.68 8.22
C ILE F 834 79.48 55.26 7.69
N ILE F 835 79.91 54.29 8.49
CA ILE F 835 79.93 52.88 8.07
C ILE F 835 78.61 52.24 8.47
N PRO F 836 77.76 51.88 7.53
CA PRO F 836 76.47 51.28 7.91
C PRO F 836 76.67 49.92 8.54
N SER F 837 75.83 49.64 9.53
CA SER F 837 75.81 48.33 10.16
C SER F 837 74.76 47.46 9.47
N THR F 838 74.49 46.31 10.07
CA THR F 838 73.56 45.38 9.44
C THR F 838 72.11 45.78 9.65
N ARG F 839 71.86 46.78 10.50
CA ARG F 839 70.49 47.19 10.80
C ARG F 839 70.21 48.65 10.54
N SER F 840 71.21 49.52 10.55
CA SER F 840 71.01 50.92 10.27
C SER F 840 71.66 51.28 8.94
N PRO F 841 70.90 51.56 7.91
CA PRO F 841 71.48 51.74 6.58
C PRO F 841 72.07 53.12 6.31
N LEU F 842 72.38 53.88 7.35
CA LEU F 842 73.07 55.15 7.16
C LEU F 842 74.04 55.34 8.33
N GLY F 843 74.70 56.50 8.36
CA GLY F 843 75.63 56.79 9.42
C GLY F 843 74.96 56.98 10.76
N ARG F 844 75.77 57.27 11.77
CA ARG F 844 75.25 57.56 13.10
C ARG F 844 76.12 58.60 13.79
N THR F 845 75.47 59.48 14.53
CA THR F 845 76.14 60.34 15.49
C THR F 845 75.60 60.00 16.86
N VAL F 846 76.50 59.81 17.82
CA VAL F 846 76.13 59.35 19.14
C VAL F 846 76.58 60.37 20.17
N LEU F 847 75.71 60.66 21.13
CA LEU F 847 75.97 61.67 22.14
C LEU F 847 76.24 61.03 23.48
N LYS F 848 76.89 61.77 24.35
CA LYS F 848 77.19 61.27 25.68
C LYS F 848 75.92 61.21 26.51
N PRO F 849 75.51 60.04 26.98
CA PRO F 849 74.29 59.97 27.80
C PRO F 849 74.44 60.76 29.08
N HIS F 850 73.64 61.82 29.19
CA HIS F 850 73.55 62.60 30.42
C HIS F 850 72.74 61.80 31.44
N VAL F 851 73.36 61.47 32.57
CA VAL F 851 72.72 60.56 33.51
C VAL F 851 71.63 61.27 34.30
N GLY F 852 71.82 62.55 34.58
CA GLY F 852 70.82 63.29 35.36
C GLY F 852 69.44 63.21 34.75
N ARG F 853 69.30 63.70 33.52
CA ARG F 853 68.01 63.65 32.85
C ARG F 853 67.49 62.23 32.73
N TYR F 854 68.36 61.28 32.40
CA TYR F 854 67.89 59.93 32.14
C TYR F 854 67.38 59.25 33.40
N THR F 855 67.86 59.67 34.57
CA THR F 855 67.44 59.05 35.81
C THR F 855 66.30 59.76 36.49
N THR F 856 66.24 61.09 36.43
CA THR F 856 65.13 61.81 37.04
C THR F 856 63.98 62.10 36.08
N GLY F 857 64.27 62.48 34.85
CA GLY F 857 63.20 62.86 33.96
C GLY F 857 63.04 64.36 33.80
N VAL F 858 64.05 65.14 34.16
CA VAL F 858 63.97 66.59 34.06
C VAL F 858 64.48 66.97 32.68
N TRP F 859 63.62 66.87 31.69
CA TRP F 859 63.90 67.35 30.33
C TRP F 859 63.23 68.70 30.18
N THR F 860 64.03 69.76 30.17
CA THR F 860 63.46 71.10 30.22
C THR F 860 62.84 71.45 28.87
N TYR F 861 62.50 72.73 28.70
CA TYR F 861 61.85 73.20 27.49
C TYR F 861 62.89 73.69 26.48
N ARG F 862 63.86 74.44 26.96
CA ARG F 862 65.03 74.81 26.17
C ARG F 862 65.60 73.60 25.43
N TYR F 863 65.83 72.52 26.17
CA TYR F 863 66.42 71.34 25.57
C TYR F 863 65.55 70.78 24.47
N LEU F 864 64.23 70.82 24.63
CA LEU F 864 63.37 70.27 23.60
C LEU F 864 63.42 71.10 22.33
N ARG F 865 63.47 72.43 22.46
CA ARG F 865 63.64 73.25 21.26
C ARG F 865 64.94 72.91 20.54
N GLU F 866 66.04 72.81 21.29
CA GLU F 866 67.31 72.52 20.63
C GLU F 866 67.31 71.13 20.02
N GLN F 867 66.63 70.17 20.64
CA GLN F 867 66.55 68.85 20.06
C GLN F 867 65.78 68.88 18.74
N LEU F 868 64.79 69.76 18.64
CA LEU F 868 64.13 69.97 17.35
C LEU F 868 65.11 70.42 16.28
N LEU F 869 65.90 71.45 16.60
CA LEU F 869 66.92 71.91 15.65
C LEU F 869 67.84 70.78 15.22
N VAL F 870 68.33 70.00 16.19
CA VAL F 870 69.23 68.91 15.88
C VAL F 870 68.57 67.91 14.95
N ALA F 871 67.29 67.64 15.17
CA ALA F 871 66.62 66.66 14.32
C ALA F 871 66.49 67.15 12.88
N LEU F 872 66.38 68.46 12.67
CA LEU F 872 66.28 68.95 11.30
C LEU F 872 67.64 69.26 10.65
N ALA F 873 68.72 69.29 11.43
CA ALA F 873 70.03 69.70 10.91
C ALA F 873 70.49 68.85 9.73
N GLY F 874 70.17 67.56 9.75
CA GLY F 874 70.65 66.69 8.68
C GLY F 874 70.16 67.13 7.31
N ARG F 875 68.85 67.28 7.18
CA ARG F 875 68.28 67.73 5.92
C ARG F 875 68.71 69.15 5.60
N ALA F 876 68.84 70.01 6.62
CA ALA F 876 69.34 71.35 6.36
C ALA F 876 70.69 71.31 5.65
N GLY F 877 71.61 70.46 6.15
CA GLY F 877 72.93 70.42 5.57
C GLY F 877 72.95 69.77 4.19
N GLU F 878 72.14 68.72 4.01
CA GLU F 878 72.04 68.12 2.68
C GLU F 878 71.62 69.14 1.65
N GLU F 879 70.59 69.94 1.97
CA GLU F 879 70.14 70.96 1.02
C GLU F 879 71.18 72.06 0.86
N LEU F 880 71.94 72.36 1.90
CA LEU F 880 72.95 73.40 1.78
C LEU F 880 74.06 72.99 0.82
N VAL F 881 74.50 71.74 0.90
CA VAL F 881 75.65 71.34 0.09
C VAL F 881 75.23 70.87 -1.29
N LEU F 882 74.30 69.92 -1.36
CA LEU F 882 73.99 69.24 -2.62
C LEU F 882 72.86 69.88 -3.41
N GLY F 883 72.37 71.05 -3.02
CA GLY F 883 71.32 71.71 -3.76
C GLY F 883 69.96 71.10 -3.54
N ARG F 884 68.93 71.93 -3.73
CA ARG F 884 67.57 71.53 -3.37
C ARG F 884 67.04 70.40 -4.23
N ASP F 885 67.49 70.29 -5.48
CA ASP F 885 67.02 69.23 -6.35
C ASP F 885 67.54 67.86 -5.96
N GLU F 886 68.35 67.77 -4.91
CA GLU F 886 68.97 66.51 -4.51
C GLU F 886 68.54 66.05 -3.13
N LEU F 887 67.49 66.63 -2.56
CA LEU F 887 66.93 66.11 -1.32
C LEU F 887 66.66 64.63 -1.49
N SER F 888 67.01 63.85 -0.47
CA SER F 888 66.98 62.41 -0.57
C SER F 888 65.93 61.85 0.36
N SER F 889 65.71 60.54 0.26
CA SER F 889 64.85 59.83 1.17
C SER F 889 65.60 59.25 2.34
N LEU F 890 66.70 59.87 2.75
CA LEU F 890 67.43 59.44 3.93
C LEU F 890 66.92 60.09 5.21
N ASN F 891 66.16 61.17 5.09
CA ASN F 891 65.62 61.87 6.25
C ASN F 891 64.12 61.66 6.40
N GLN F 892 63.65 60.43 6.21
CA GLN F 892 62.26 60.15 6.53
C GLN F 892 62.08 60.00 8.04
N HIS F 893 62.96 59.24 8.68
CA HIS F 893 62.77 58.96 10.09
C HIS F 893 63.22 60.12 10.96
N ARG F 894 64.16 60.93 10.50
CA ARG F 894 64.45 62.15 11.24
C ARG F 894 63.29 63.12 11.17
N LEU F 895 62.54 63.11 10.08
CA LEU F 895 61.34 63.93 10.02
C LEU F 895 60.26 63.42 10.94
N GLN F 896 60.10 62.10 11.04
CA GLN F 896 59.16 61.56 12.02
C GLN F 896 59.58 61.92 13.45
N MET F 897 60.88 61.92 13.73
CA MET F 897 61.32 62.29 15.06
C MET F 897 61.09 63.77 15.35
N ALA F 898 61.32 64.62 14.37
CA ALA F 898 61.01 66.03 14.58
C ALA F 898 59.53 66.25 14.82
N ARG F 899 58.68 65.51 14.11
CA ARG F 899 57.25 65.61 14.38
C ARG F 899 56.93 65.18 15.80
N GLN F 900 57.55 64.08 16.27
CA GLN F 900 57.34 63.65 17.64
C GLN F 900 57.67 64.75 18.63
N VAL F 901 58.83 65.37 18.47
CA VAL F 901 59.21 66.43 19.39
C VAL F 901 58.20 67.57 19.35
N ALA F 902 57.80 67.96 18.15
CA ALA F 902 56.93 69.12 18.04
C ALA F 902 55.55 68.87 18.63
N TRP F 903 55.05 67.64 18.54
CA TRP F 903 53.76 67.36 19.15
C TRP F 903 53.88 67.16 20.64
N LYS F 904 55.02 66.66 21.13
CA LYS F 904 55.19 66.54 22.57
C LYS F 904 55.24 67.90 23.23
N ILE F 905 55.83 68.89 22.57
CA ILE F 905 55.84 70.23 23.13
C ILE F 905 54.41 70.74 23.29
N MET F 906 53.54 70.43 22.34
CA MET F 906 52.17 70.94 22.40
C MET F 906 51.36 70.17 23.43
N ASN F 907 51.52 68.86 23.48
CA ASN F 907 50.74 68.02 24.38
C ASN F 907 51.27 68.01 25.80
N SER F 908 52.41 68.63 26.07
CA SER F 908 52.91 68.68 27.43
C SER F 908 52.70 70.04 28.07
N GLY F 909 51.78 70.84 27.55
CA GLY F 909 51.48 72.11 28.16
C GLY F 909 52.64 73.08 28.15
N MET F 910 53.35 73.17 27.03
CA MET F 910 54.45 74.11 26.87
C MET F 910 54.18 75.10 25.76
N SER F 911 53.00 75.05 25.16
CA SER F 911 52.67 75.88 24.03
C SER F 911 52.73 77.35 24.40
N SER F 912 52.52 78.20 23.41
CA SER F 912 52.43 79.63 23.64
C SER F 912 51.03 80.18 23.42
N HIS F 913 50.09 79.33 23.04
CA HIS F 913 48.69 79.72 23.02
C HIS F 913 48.25 80.11 24.44
N PRO F 914 47.55 81.22 24.61
CA PRO F 914 47.10 81.58 25.97
C PRO F 914 46.14 80.58 26.58
N ASP F 915 45.26 79.97 25.79
CA ASP F 915 44.33 78.97 26.30
C ASP F 915 45.00 77.63 26.52
N TYR F 916 46.29 77.52 26.25
CA TYR F 916 46.99 76.26 26.33
C TYR F 916 48.27 76.30 27.11
N GLN F 917 48.78 77.48 27.46
CA GLN F 917 50.21 77.59 27.77
C GLN F 917 50.58 76.71 28.96
N HIS F 918 50.09 77.05 30.14
CA HIS F 918 50.47 76.27 31.31
C HIS F 918 49.30 75.49 31.86
N LEU F 919 48.25 75.32 31.06
CA LEU F 919 46.99 74.80 31.55
C LEU F 919 46.68 73.38 31.11
N ARG F 920 46.85 73.05 29.84
CA ARG F 920 46.34 71.78 29.34
C ARG F 920 47.33 71.11 28.41
N GLY F 921 47.14 69.82 28.23
CA GLY F 921 47.76 69.08 27.17
C GLY F 921 46.95 69.20 25.90
N LEU F 922 46.71 68.07 25.26
CA LEU F 922 45.82 68.08 24.11
C LEU F 922 44.49 67.44 24.41
N GLY F 923 44.51 66.29 25.08
CA GLY F 923 43.29 65.57 25.39
C GLY F 923 43.39 64.82 26.70
N SER F 924 42.81 63.63 26.74
CA SER F 924 42.77 62.82 27.95
C SER F 924 43.82 61.72 27.86
N ASN F 925 44.62 61.57 28.91
CA ASN F 925 45.70 60.61 28.95
C ASN F 925 45.25 59.30 29.56
N TYR F 926 45.58 58.20 28.90
CA TYR F 926 45.31 56.87 29.41
C TYR F 926 46.54 56.02 29.21
N PHE F 927 46.97 55.35 30.27
CA PHE F 927 48.20 54.57 30.24
C PHE F 927 47.89 53.10 30.17
N ASP F 928 48.83 52.34 29.63
CA ASP F 928 48.64 50.92 29.48
C ASP F 928 49.95 50.19 29.74
N GLY F 929 49.86 48.98 30.27
CA GLY F 929 51.05 48.21 30.57
C GLY F 929 51.74 47.69 29.33
N SER F 930 53.05 47.91 29.24
CA SER F 930 53.84 47.41 28.13
C SER F 930 54.35 46.00 28.45
N SER F 931 55.29 45.51 27.65
CA SER F 931 55.83 44.16 27.80
C SER F 931 57.01 44.16 28.79
N GLU F 932 56.72 44.61 30.00
CA GLU F 932 57.71 44.70 31.07
C GLU F 932 56.99 45.15 32.33
N PRO F 933 57.65 45.05 33.50
CA PRO F 933 56.97 45.49 34.73
C PRO F 933 56.72 46.98 34.80
N GLY F 934 57.74 47.81 34.60
CA GLY F 934 57.63 49.23 34.82
C GLY F 934 57.37 50.07 33.59
N ARG F 935 57.12 49.48 32.44
CA ARG F 935 56.92 50.23 31.22
C ARG F 935 55.45 50.50 31.00
N PHE F 936 55.12 51.78 30.78
CA PHE F 936 53.76 52.22 30.49
C PHE F 936 53.76 52.99 29.19
N GLN F 937 52.73 52.76 28.39
CA GLN F 937 52.53 53.48 27.13
C GLN F 937 51.37 54.45 27.29
N GLN F 938 51.58 55.69 26.84
CA GLN F 938 50.62 56.76 26.99
C GLN F 938 49.72 56.81 25.76
N THR F 939 48.49 57.29 25.93
CA THR F 939 47.57 57.53 24.84
C THR F 939 46.78 58.79 25.15
N THR F 940 46.49 59.57 24.13
CA THR F 940 45.73 60.79 24.29
C THR F 940 44.51 60.74 23.38
N VAL F 941 43.34 61.00 23.95
CA VAL F 941 42.10 61.04 23.19
C VAL F 941 41.62 62.48 23.11
N VAL F 942 41.30 62.93 21.90
CA VAL F 942 40.83 64.28 21.63
C VAL F 942 39.53 64.18 20.88
N MET F 943 38.46 64.72 21.45
CA MET F 943 37.16 64.70 20.82
C MET F 943 36.60 66.10 20.77
N ASP F 944 35.34 66.23 20.39
CA ASP F 944 34.71 67.54 20.41
C ASP F 944 34.54 68.07 21.83
N ALA F 945 34.68 67.20 22.83
CA ALA F 945 34.47 67.59 24.21
C ALA F 945 35.68 68.26 24.83
N ASN F 946 36.80 68.36 24.12
CA ASN F 946 37.90 69.12 24.68
C ASN F 946 38.68 69.94 23.66
N GLN F 947 38.13 70.22 22.48
CA GLN F 947 38.94 70.99 21.53
C GLN F 947 38.25 72.04 20.68
N THR F 948 36.96 72.26 20.81
CA THR F 948 36.30 73.50 20.39
C THR F 948 36.42 73.95 18.93
N ARG F 949 36.92 73.11 18.03
CA ARG F 949 36.76 73.25 16.59
C ARG F 949 37.63 74.32 15.99
N SER F 950 38.14 75.25 16.77
CA SER F 950 39.07 76.23 16.24
C SER F 950 40.34 76.28 17.06
N GLU F 951 40.49 75.35 18.01
CA GLU F 951 41.78 75.08 18.60
C GLU F 951 42.50 73.98 17.86
N ALA F 952 41.79 73.18 17.06
CA ALA F 952 42.45 72.24 16.18
C ALA F 952 43.30 72.96 15.16
N VAL F 953 42.74 74.01 14.57
CA VAL F 953 43.48 74.80 13.58
C VAL F 953 44.69 75.45 14.22
N ASP F 954 44.58 75.89 15.47
CA ASP F 954 45.72 76.49 16.14
C ASP F 954 46.78 75.46 16.47
N ALA F 955 46.39 74.28 16.92
CA ALA F 955 47.38 73.24 17.13
C ALA F 955 48.16 72.97 15.87
N ASP F 956 47.47 72.76 14.75
CA ASP F 956 48.15 72.56 13.48
C ASP F 956 49.07 73.72 13.15
N MET F 957 48.55 74.94 13.24
CA MET F 957 49.33 76.10 12.81
C MET F 957 50.56 76.29 13.66
N GLU F 958 50.48 75.97 14.95
CA GLU F 958 51.64 76.20 15.79
C GLU F 958 52.66 75.10 15.66
N VAL F 959 52.23 73.84 15.56
CA VAL F 959 53.20 72.80 15.30
C VAL F 959 53.93 73.06 13.99
N GLU F 960 53.20 73.54 12.99
CA GLU F 960 53.81 73.88 11.70
C GLU F 960 54.78 75.03 11.84
N GLY F 961 54.42 76.05 12.61
CA GLY F 961 55.34 77.14 12.84
C GLY F 961 56.60 76.68 13.53
N LEU F 962 56.47 75.81 14.53
CA LEU F 962 57.64 75.27 15.20
C LEU F 962 58.55 74.57 14.21
N LEU F 963 58.01 73.61 13.46
CA LEU F 963 58.83 72.83 12.54
C LEU F 963 59.54 73.71 11.52
N ASN F 964 58.79 74.57 10.84
CA ASN F 964 59.41 75.29 9.74
C ASN F 964 60.28 76.45 10.20
N GLY F 965 59.93 77.14 11.28
CA GLY F 965 60.84 78.12 11.84
C GLY F 965 62.11 77.47 12.34
N GLY F 966 62.01 76.28 12.93
CA GLY F 966 63.21 75.58 13.33
C GLY F 966 64.10 75.22 12.16
N TYR F 967 63.49 74.78 11.07
CA TYR F 967 64.29 74.49 9.88
C TYR F 967 65.01 75.74 9.39
N LYS F 968 64.31 76.85 9.26
CA LYS F 968 64.98 78.07 8.80
C LYS F 968 66.12 78.45 9.73
N GLN F 969 65.90 78.30 11.03
CA GLN F 969 66.93 78.70 11.99
C GLN F 969 68.18 77.87 11.84
N VAL F 970 68.02 76.55 11.77
CA VAL F 970 69.19 75.68 11.66
C VAL F 970 69.87 75.87 10.32
N PHE F 971 69.10 76.17 9.26
CA PHE F 971 69.70 76.42 7.96
C PHE F 971 70.59 77.64 8.00
N GLU F 972 70.13 78.72 8.61
CA GLU F 972 70.97 79.90 8.73
C GLU F 972 72.19 79.61 9.60
N LEU F 973 72.01 78.78 10.64
CA LEU F 973 73.14 78.40 11.48
C LEU F 973 74.23 77.74 10.65
N LEU F 974 73.87 76.73 9.86
CA LEU F 974 74.86 76.06 9.03
C LEU F 974 75.41 76.97 7.95
N VAL F 975 74.62 77.93 7.47
CA VAL F 975 75.13 78.89 6.50
C VAL F 975 76.29 79.67 7.10
N ARG F 976 76.12 80.14 8.33
CA ARG F 976 77.18 80.95 8.94
C ARG F 976 78.45 80.15 9.20
N ASN F 977 78.37 78.82 9.24
CA ASN F 977 79.51 77.99 9.60
C ASN F 977 79.88 77.02 8.50
N ARG F 978 79.98 77.50 7.26
CA ARG F 978 80.22 76.60 6.14
C ARG F 978 81.61 75.98 6.20
N ALA F 979 82.61 76.76 6.62
CA ALA F 979 83.98 76.28 6.63
C ALA F 979 84.13 75.05 7.52
N ALA F 980 83.63 75.13 8.74
CA ALA F 980 83.71 73.99 9.63
C ALA F 980 82.98 72.78 9.07
N LEU F 981 81.87 73.00 8.38
CA LEU F 981 81.11 71.88 7.83
C LEU F 981 81.91 71.16 6.77
N ASP F 982 82.52 71.90 5.84
CA ASP F 982 83.29 71.24 4.81
C ASP F 982 84.53 70.57 5.38
N ALA F 983 85.19 71.19 6.35
CA ALA F 983 86.34 70.56 6.98
C ALA F 983 85.94 69.24 7.62
N LEU F 984 84.83 69.25 8.37
CA LEU F 984 84.37 68.03 9.01
C LEU F 984 84.02 66.95 8.01
N THR F 985 83.38 67.32 6.90
CA THR F 985 83.00 66.27 5.96
C THR F 985 84.22 65.70 5.25
N GLU F 986 85.24 66.52 4.97
CA GLU F 986 86.46 65.97 4.38
C GLU F 986 87.14 64.99 5.34
N LEU F 987 87.27 65.39 6.61
CA LEU F 987 87.91 64.51 7.58
C LEU F 987 87.12 63.22 7.76
N LEU F 988 85.79 63.32 7.81
CA LEU F 988 84.98 62.12 7.94
C LEU F 988 85.13 61.22 6.72
N LEU F 989 85.18 61.80 5.53
CA LEU F 989 85.36 61.00 4.33
C LEU F 989 86.69 60.27 4.35
N GLU F 990 87.72 60.89 4.89
CA GLU F 990 89.03 60.26 4.85
C GLU F 990 89.30 59.31 6.01
N ARG F 991 88.55 59.39 7.11
CA ARG F 991 88.83 58.50 8.23
C ARG F 991 87.73 57.48 8.54
N GLU F 992 86.50 57.70 8.06
CA GLU F 992 85.40 56.74 8.15
C GLU F 992 84.84 56.60 9.57
N LYS F 993 85.48 57.23 10.54
CA LYS F 993 84.96 57.24 11.92
C LYS F 993 85.80 58.22 12.71
N ILE F 994 85.15 59.12 13.45
CA ILE F 994 85.89 60.08 14.26
C ILE F 994 85.28 60.13 15.65
N SER F 995 85.99 60.77 16.57
CA SER F 995 85.58 60.89 17.95
C SER F 995 85.28 62.35 18.28
N GLY F 996 84.78 62.56 19.49
CA GLY F 996 84.28 63.88 19.86
C GLY F 996 85.35 64.94 19.96
N GLU F 997 86.55 64.56 20.40
CA GLU F 997 87.60 65.55 20.60
C GLU F 997 88.02 66.19 19.28
N GLU F 998 88.13 65.39 18.23
CA GLU F 998 88.46 65.93 16.92
C GLU F 998 87.38 66.88 16.43
N VAL F 999 86.12 66.52 16.60
CA VAL F 999 85.02 67.39 16.19
C VAL F 999 85.12 68.73 16.90
N VAL F 1000 85.22 68.70 18.24
CA VAL F 1000 85.20 69.95 18.98
C VAL F 1000 86.42 70.79 18.63
N GLN F 1001 87.58 70.14 18.45
CA GLN F 1001 88.78 70.87 18.04
C GLN F 1001 88.58 71.58 16.71
N VAL F 1002 88.14 70.85 15.70
CA VAL F 1002 87.93 71.43 14.37
C VAL F 1002 86.98 72.61 14.46
N VAL F 1003 85.84 72.42 15.14
CA VAL F 1003 84.82 73.45 15.12
C VAL F 1003 85.27 74.67 15.91
N GLU F 1004 86.07 74.49 16.95
CA GLU F 1004 86.50 75.65 17.71
C GLU F 1004 87.57 76.41 16.94
N GLU F 1005 88.32 75.72 16.10
CA GLU F 1005 89.32 76.45 15.32
C GLU F 1005 88.78 76.98 14.01
N LEU F 1006 87.57 76.59 13.59
CA LEU F 1006 87.01 77.05 12.34
C LEU F 1006 85.61 77.67 12.45
N GLY F 1007 85.01 77.71 13.63
CA GLY F 1007 83.65 78.18 13.75
C GLY F 1007 83.53 79.68 13.68
N HIS F 1008 82.30 80.13 13.56
CA HIS F 1008 82.02 81.57 13.56
C HIS F 1008 82.26 82.13 14.95
N PRO F 1009 82.70 83.37 15.08
CA PRO F 1009 83.02 83.90 16.42
C PRO F 1009 81.81 84.03 17.34
N GLU F 1010 80.65 84.40 16.82
CA GLU F 1010 79.50 84.66 17.68
C GLU F 1010 78.92 83.36 18.23
N ASP F 1011 78.85 82.33 17.39
CA ASP F 1011 78.41 81.03 17.87
C ASP F 1011 79.36 80.49 18.92
N LEU F 1012 80.67 80.71 18.75
CA LEU F 1012 81.62 80.26 19.76
C LEU F 1012 81.45 81.07 21.05
N ALA F 1013 81.11 82.35 20.93
CA ALA F 1013 80.85 83.16 22.10
C ALA F 1013 79.68 82.60 22.90
N ARG F 1014 78.56 82.34 22.22
CA ARG F 1014 77.42 81.75 22.91
C ARG F 1014 77.79 80.41 23.52
N ARG F 1015 78.44 79.54 22.76
CA ARG F 1015 78.85 78.24 23.28
C ARG F 1015 79.75 78.35 24.49
N ALA F 1016 80.55 79.40 24.58
CA ALA F 1016 81.40 79.60 25.74
C ALA F 1016 80.64 80.16 26.92
N GLN F 1017 79.60 80.95 26.69
CA GLN F 1017 78.84 81.52 27.79
C GLN F 1017 78.20 80.45 28.66
N TRP F 1018 77.60 79.43 28.05
CA TRP F 1018 76.89 78.39 28.77
C TRP F 1018 77.73 77.13 28.95
N ALA F 1019 79.04 77.29 29.14
CA ALA F 1019 79.93 76.14 29.07
C ALA F 1019 79.96 75.36 30.38
N GLY F 1020 79.77 76.03 31.51
CA GLY F 1020 79.99 75.37 32.78
C GLY F 1020 78.76 74.70 33.38
N TYR F 1021 77.57 75.13 32.99
CA TYR F 1021 76.36 74.70 33.68
C TYR F 1021 76.08 73.22 33.48
N GLU F 1022 75.66 72.57 34.56
CA GLU F 1022 75.37 71.15 34.52
C GLU F 1022 74.10 70.87 33.73
N LEU F 1023 72.98 71.41 34.17
CA LEU F 1023 71.69 71.18 33.55
C LEU F 1023 71.12 72.49 33.04
N LEU F 1024 70.43 72.40 31.91
CA LEU F 1024 69.89 73.59 31.25
C LEU F 1024 68.43 73.37 30.85
N PRO G 99 33.47 89.90 -54.63
CA PRO G 99 32.65 88.85 -55.25
C PRO G 99 33.26 87.46 -55.08
N ALA G 100 33.05 86.60 -56.08
CA ALA G 100 33.55 85.24 -56.00
C ALA G 100 34.96 85.15 -56.57
N TRP G 101 35.40 83.91 -56.80
CA TRP G 101 36.67 83.63 -57.46
C TRP G 101 36.73 84.34 -58.80
N ARG G 102 37.89 84.91 -59.11
CA ARG G 102 38.10 85.58 -60.38
C ARG G 102 39.14 84.86 -61.23
N GLY G 103 40.37 84.70 -60.74
CA GLY G 103 41.44 84.11 -61.51
C GLY G 103 41.54 84.70 -62.91
N PRO G 104 41.46 83.84 -63.91
CA PRO G 104 41.41 84.33 -65.29
C PRO G 104 40.03 84.80 -65.69
N GLY G 105 39.82 85.08 -66.96
CA GLY G 105 38.49 85.38 -67.45
C GLY G 105 37.76 84.07 -67.64
N GLU G 106 37.16 83.86 -68.81
CA GLU G 106 36.49 82.61 -69.10
C GLU G 106 37.51 81.65 -69.69
N VAL G 107 37.75 80.53 -68.99
CA VAL G 107 38.82 79.62 -69.37
C VAL G 107 38.47 78.92 -70.67
N GLY G 108 39.48 78.34 -71.31
CA GLY G 108 39.29 77.63 -72.55
C GLY G 108 38.65 76.27 -72.35
N ASP G 109 38.92 75.33 -73.26
CA ASP G 109 38.27 74.03 -73.22
C ASP G 109 39.21 72.91 -72.77
N GLU G 110 40.53 73.08 -72.91
CA GLU G 110 41.48 72.07 -72.49
C GLU G 110 41.76 72.17 -70.99
N ASP G 111 41.88 73.40 -70.49
CA ASP G 111 42.03 73.60 -69.06
C ASP G 111 40.86 73.00 -68.29
N LYS G 112 39.64 73.12 -68.83
CA LYS G 112 38.48 72.56 -68.14
C LYS G 112 38.64 71.06 -67.91
N ALA G 113 38.98 70.32 -68.97
CA ALA G 113 39.08 68.87 -68.85
C ALA G 113 40.27 68.45 -67.99
N VAL G 114 41.46 69.00 -68.27
CA VAL G 114 42.63 68.59 -67.49
C VAL G 114 42.45 68.97 -66.02
N GLY G 115 41.77 70.08 -65.76
CA GLY G 115 41.53 70.47 -64.38
C GLY G 115 40.50 69.60 -63.71
N CYS G 116 39.49 69.13 -64.46
CA CYS G 116 38.53 68.23 -63.85
C CYS G 116 39.21 66.93 -63.41
N LEU G 117 40.02 66.34 -64.30
CA LEU G 117 40.71 65.12 -63.91
C LEU G 117 41.71 65.35 -62.78
N LEU G 118 42.42 66.49 -62.82
CA LEU G 118 43.38 66.78 -61.75
C LEU G 118 42.68 66.97 -60.41
N GLY G 119 41.59 67.73 -60.39
CA GLY G 119 40.84 67.91 -59.17
C GLY G 119 40.33 66.59 -58.62
N ALA G 120 39.83 65.72 -59.50
CA ALA G 120 39.40 64.41 -59.05
C ALA G 120 40.55 63.66 -58.38
N ALA G 121 41.72 63.65 -59.02
CA ALA G 121 42.85 62.93 -58.46
C ALA G 121 43.24 63.47 -57.09
N VAL G 122 43.35 64.79 -56.97
CA VAL G 122 43.81 65.36 -55.71
C VAL G 122 42.78 65.15 -54.62
N GLY G 123 41.50 65.29 -54.93
CA GLY G 123 40.48 65.05 -53.93
C GLY G 123 40.52 63.62 -53.42
N ASN G 124 40.66 62.66 -54.34
CA ASN G 124 40.70 61.27 -53.92
C ASN G 124 41.91 61.00 -53.03
N VAL G 125 43.10 61.42 -53.46
CA VAL G 125 44.29 61.09 -52.70
C VAL G 125 44.30 61.84 -51.37
N LEU G 126 43.60 62.97 -51.30
CA LEU G 126 43.54 63.71 -50.05
C LEU G 126 42.62 63.03 -49.05
N ALA G 127 41.42 62.66 -49.47
CA ALA G 127 40.45 62.06 -48.56
C ALA G 127 40.65 60.57 -48.34
N ALA G 128 41.61 59.94 -49.03
CA ALA G 128 41.81 58.50 -48.91
C ALA G 128 41.84 57.96 -47.48
N PRO G 129 42.61 58.51 -46.54
CA PRO G 129 42.75 57.83 -45.24
C PRO G 129 41.55 57.95 -44.32
N TYR G 130 40.57 58.78 -44.64
CA TYR G 130 39.43 59.03 -43.78
C TYR G 130 38.19 58.28 -44.26
N GLN G 131 38.39 57.06 -44.73
CA GLN G 131 37.32 56.25 -45.24
C GLN G 131 36.64 55.52 -44.09
N GLY G 132 35.37 55.78 -43.88
CA GLY G 132 34.57 55.01 -42.96
C GLY G 132 34.46 55.52 -41.56
N ASP G 133 34.51 56.83 -41.34
CA ASP G 133 34.31 57.39 -40.01
C ASP G 133 33.48 58.66 -40.11
N ARG G 134 33.04 59.13 -38.96
CA ARG G 134 32.09 60.23 -38.90
C ARG G 134 32.84 61.55 -38.85
N HIS G 135 32.08 62.64 -38.97
CA HIS G 135 32.74 63.94 -39.09
C HIS G 135 33.35 64.39 -37.77
N PHE G 136 32.75 64.03 -36.64
CA PHE G 136 33.33 64.49 -35.38
C PHE G 136 34.66 63.81 -35.11
N GLU G 137 34.77 62.52 -35.42
CA GLU G 137 36.04 61.84 -35.29
C GLU G 137 37.11 62.48 -36.16
N VAL G 138 36.74 62.88 -37.37
CA VAL G 138 37.72 63.47 -38.28
C VAL G 138 38.16 64.83 -37.78
N ILE G 139 37.21 65.73 -37.51
CA ILE G 139 37.57 67.06 -37.04
C ILE G 139 38.18 67.06 -35.65
N ARG G 140 38.20 65.93 -34.96
CA ARG G 140 39.03 65.84 -33.76
C ARG G 140 40.36 65.13 -34.02
N LEU G 141 40.49 64.42 -35.13
CA LEU G 141 41.79 63.87 -35.50
C LEU G 141 42.68 64.90 -36.18
N ARG G 142 42.08 65.88 -36.85
CA ARG G 142 42.83 66.85 -37.65
C ARG G 142 42.50 68.27 -37.22
N ARG G 143 42.58 68.54 -35.92
CA ARG G 143 42.13 69.80 -35.34
C ARG G 143 42.59 71.03 -36.12
N ASN G 144 43.70 70.92 -36.84
CA ASN G 144 44.22 72.01 -37.64
C ASN G 144 43.68 72.02 -39.06
N GLY G 145 42.72 71.17 -39.37
CA GLY G 145 42.12 71.18 -40.68
C GLY G 145 42.71 70.11 -41.58
N VAL G 146 41.86 69.56 -42.44
CA VAL G 146 42.30 68.56 -43.42
C VAL G 146 42.72 69.32 -44.66
N THR G 147 43.97 69.80 -44.65
CA THR G 147 44.44 70.66 -45.72
C THR G 147 45.76 70.23 -46.33
N ASP G 148 46.17 68.98 -46.16
CA ASP G 148 47.32 68.45 -46.87
C ASP G 148 47.30 66.93 -46.74
N PHE G 149 48.22 66.30 -47.45
CA PHE G 149 48.19 64.83 -47.56
C PHE G 149 48.66 64.21 -46.25
N TRP G 150 48.14 63.02 -45.95
CA TRP G 150 48.55 62.31 -44.76
C TRP G 150 49.57 61.23 -45.11
N LYS G 151 50.55 61.04 -44.22
CA LYS G 151 51.64 60.13 -44.47
C LYS G 151 51.60 58.87 -43.62
N TYR G 152 50.74 58.80 -42.62
CA TYR G 152 50.71 57.68 -41.68
C TYR G 152 49.27 57.18 -41.57
N ASP G 153 48.89 56.26 -42.45
CA ASP G 153 47.59 55.62 -42.39
C ASP G 153 47.75 54.17 -41.96
N ILE G 154 46.88 53.73 -41.06
CA ILE G 154 47.07 52.44 -40.39
C ILE G 154 45.83 51.58 -40.48
N GLY G 155 44.95 51.85 -41.44
CA GLY G 155 43.73 51.08 -41.60
C GLY G 155 43.98 49.62 -41.90
N ALA G 156 42.92 48.84 -42.10
CA ALA G 156 43.10 47.43 -42.41
C ALA G 156 43.75 47.25 -43.77
N GLN G 157 43.34 48.03 -44.75
CA GLN G 157 44.01 48.08 -46.04
C GLN G 157 44.71 49.43 -46.14
N PRO G 158 45.93 49.54 -45.64
CA PRO G 158 46.54 50.87 -45.45
C PRO G 158 46.92 51.51 -46.78
N VAL G 159 46.74 52.81 -46.85
CA VAL G 159 47.16 53.60 -48.00
C VAL G 159 48.53 54.21 -47.74
N GLN G 160 49.36 54.26 -48.77
CA GLN G 160 50.67 54.88 -48.63
C GLN G 160 50.59 56.35 -49.03
N TYR G 161 51.73 57.02 -49.06
CA TYR G 161 51.73 58.45 -49.32
C TYR G 161 51.31 58.74 -50.75
N GLY G 162 50.29 59.57 -50.90
CA GLY G 162 49.88 60.04 -52.21
C GLY G 162 49.34 59.00 -53.15
N GLN G 163 49.04 57.80 -52.67
CA GLN G 163 48.46 56.76 -53.50
C GLN G 163 46.94 56.87 -53.49
N TYR G 164 46.33 56.72 -54.66
CA TYR G 164 44.88 56.84 -54.76
C TYR G 164 44.20 55.49 -54.60
N THR G 165 42.88 55.52 -54.55
CA THR G 165 42.05 54.36 -54.30
C THR G 165 41.69 53.67 -55.61
N GLY G 166 40.75 52.74 -55.52
CA GLY G 166 40.27 52.07 -56.72
C GLY G 166 39.21 52.85 -57.47
N ASP G 167 38.47 53.70 -56.77
CA ASP G 167 37.41 54.46 -57.43
C ASP G 167 37.97 55.44 -58.43
N PHE G 168 39.08 56.11 -58.11
CA PHE G 168 39.68 56.99 -59.10
C PHE G 168 40.28 56.20 -60.24
N ALA G 169 40.78 54.99 -59.98
CA ALA G 169 41.22 54.14 -61.07
C ALA G 169 40.07 53.86 -62.03
N ASN G 170 38.89 53.55 -61.48
CA ASN G 170 37.71 53.35 -62.30
C ASN G 170 37.41 54.60 -63.12
N LEU G 171 37.43 55.76 -62.48
CA LEU G 171 37.09 57.00 -63.18
C LEU G 171 38.05 57.27 -64.33
N LEU G 172 39.35 57.11 -64.07
CA LEU G 172 40.33 57.36 -65.11
C LEU G 172 40.21 56.34 -66.25
N ALA G 173 39.93 55.08 -65.92
CA ALA G 173 39.71 54.10 -66.97
C ALA G 173 38.51 54.47 -67.82
N VAL G 174 37.44 54.97 -67.18
CA VAL G 174 36.29 55.43 -67.94
C VAL G 174 36.70 56.54 -68.89
N ALA G 175 37.48 57.50 -68.41
CA ALA G 175 37.88 58.63 -69.24
C ALA G 175 38.71 58.16 -70.44
N THR G 176 39.70 57.30 -70.20
CA THR G 176 40.56 56.88 -71.29
C THR G 176 39.81 55.99 -72.27
N SER G 177 38.96 55.08 -71.78
CA SER G 177 38.25 54.19 -72.68
C SER G 177 37.21 54.92 -73.49
N LEU G 178 36.65 56.01 -72.93
CA LEU G 178 35.77 56.85 -73.72
C LEU G 178 36.55 57.57 -74.81
N SER G 179 37.67 58.20 -74.45
CA SER G 179 38.41 58.96 -75.44
C SER G 179 39.15 58.09 -76.44
N ALA G 180 39.28 56.79 -76.17
CA ALA G 180 40.01 55.88 -77.04
C ALA G 180 39.11 55.26 -78.11
N SER G 181 38.05 54.57 -77.69
CA SER G 181 37.09 54.07 -78.66
C SER G 181 36.23 55.18 -79.24
N ARG G 182 36.45 56.43 -78.83
CA ARG G 182 35.73 57.57 -79.37
C ARG G 182 34.24 57.50 -79.08
N GLY G 183 33.86 56.73 -78.06
CA GLY G 183 32.47 56.58 -77.71
C GLY G 183 32.30 55.51 -76.65
N VAL G 184 31.24 55.66 -75.87
CA VAL G 184 30.98 54.82 -74.71
C VAL G 184 30.56 53.43 -75.19
N GLU G 185 31.47 52.47 -75.11
CA GLU G 185 31.21 51.11 -75.54
C GLU G 185 31.34 50.18 -74.33
N PRO G 186 30.38 49.28 -74.12
CA PRO G 186 30.38 48.45 -72.91
C PRO G 186 31.56 47.50 -72.81
N ALA G 187 31.85 46.75 -73.87
CA ALA G 187 32.91 45.75 -73.80
C ALA G 187 34.28 46.39 -73.64
N HIS G 188 34.53 47.49 -74.37
CA HIS G 188 35.84 48.13 -74.29
C HIS G 188 36.13 48.65 -72.90
N LEU G 189 35.20 49.42 -72.32
CA LEU G 189 35.46 49.95 -70.99
C LEU G 189 35.40 48.86 -69.94
N LEU G 190 34.62 47.80 -70.15
CA LEU G 190 34.66 46.71 -69.20
C LEU G 190 36.04 46.07 -69.16
N GLY G 191 36.61 45.77 -70.33
CA GLY G 191 37.97 45.26 -70.37
C GLY G 191 38.96 46.20 -69.73
N ALA G 192 38.82 47.51 -70.00
CA ALA G 192 39.72 48.48 -69.39
C ALA G 192 39.60 48.48 -67.87
N LEU G 193 38.37 48.48 -67.37
CA LEU G 193 38.15 48.47 -65.93
C LEU G 193 38.75 47.24 -65.29
N THR G 194 38.49 46.07 -65.85
CA THR G 194 39.02 44.87 -65.21
C THR G 194 40.54 44.77 -65.35
N ARG G 195 41.10 45.36 -66.41
CA ARG G 195 42.55 45.43 -66.51
C ARG G 195 43.14 46.28 -65.41
N ALA G 196 42.61 47.50 -65.23
CA ALA G 196 43.08 48.36 -64.15
C ALA G 196 42.79 47.78 -62.77
N TYR G 197 41.84 46.85 -62.67
CA TYR G 197 41.55 46.23 -61.39
C TYR G 197 42.47 45.07 -61.08
N ALA G 198 42.90 44.32 -62.09
CA ALA G 198 43.58 43.06 -61.80
C ALA G 198 45.10 43.24 -61.67
N GLU G 199 45.70 44.07 -62.51
CA GLU G 199 47.16 44.14 -62.57
C GLU G 199 47.74 44.57 -61.23
N GLY G 200 49.00 44.21 -61.01
CA GLY G 200 49.71 44.61 -59.82
C GLY G 200 49.19 44.03 -58.53
N GLY G 201 48.05 43.34 -58.54
CA GLY G 201 47.47 42.80 -57.33
C GLY G 201 48.10 41.47 -56.95
N SER G 202 47.37 40.74 -56.12
CA SER G 202 47.80 39.41 -55.73
C SER G 202 46.58 38.61 -55.28
N SER G 203 46.82 37.34 -54.98
CA SER G 203 45.77 36.46 -54.49
C SER G 203 46.29 35.66 -53.32
N VAL G 204 45.37 35.21 -52.48
CA VAL G 204 45.67 34.34 -51.36
C VAL G 204 44.73 33.14 -51.42
N GLU G 205 45.22 31.98 -51.03
CA GLU G 205 44.36 30.82 -50.91
C GLU G 205 43.78 30.73 -49.51
N VAL G 206 42.86 29.78 -49.34
CA VAL G 206 42.08 29.65 -48.11
C VAL G 206 42.23 28.24 -47.57
N GLU G 207 41.51 27.97 -46.49
CA GLU G 207 41.62 26.70 -45.77
C GLU G 207 40.22 26.17 -45.50
N ASP G 208 39.91 25.00 -46.05
CA ASP G 208 38.74 24.23 -45.67
C ASP G 208 38.96 22.77 -46.05
N ALA G 209 38.42 21.88 -45.22
CA ALA G 209 38.74 20.46 -45.24
C ALA G 209 38.57 19.82 -46.62
N SER G 210 37.38 19.94 -47.20
CA SER G 210 37.08 19.24 -48.44
C SER G 210 37.77 19.84 -49.67
N GLY G 211 38.42 21.00 -49.53
CA GLY G 211 39.19 21.54 -50.63
C GLY G 211 38.57 22.76 -51.30
N GLY G 212 37.73 23.48 -50.56
CA GLY G 212 37.05 24.65 -51.09
C GLY G 212 37.98 25.70 -51.65
N SER G 213 37.76 26.09 -52.90
CA SER G 213 38.63 27.01 -53.63
C SER G 213 38.03 28.41 -53.54
N SER G 214 38.22 29.09 -52.41
CA SER G 214 37.86 30.49 -52.26
C SER G 214 39.16 31.30 -52.36
N SER G 215 39.81 31.22 -53.51
CA SER G 215 41.04 31.96 -53.73
C SER G 215 40.74 33.45 -53.82
N GLY G 216 40.96 34.19 -52.75
CA GLY G 216 40.55 35.61 -52.78
C GLY G 216 41.46 36.47 -53.61
N PHE G 217 40.89 37.34 -54.46
CA PHE G 217 41.74 38.30 -55.19
C PHE G 217 41.90 39.53 -54.29
N LEU G 218 43.13 40.02 -54.13
CA LEU G 218 43.37 41.24 -53.32
C LEU G 218 43.86 42.37 -54.23
N PRO G 219 42.96 43.12 -54.88
CA PRO G 219 43.37 44.25 -55.70
C PRO G 219 44.30 45.09 -54.88
N ALA G 220 45.48 45.39 -55.40
CA ALA G 220 46.49 46.14 -54.61
C ALA G 220 45.89 47.46 -54.07
N ARG G 221 45.03 48.14 -54.83
CA ARG G 221 44.37 49.38 -54.35
C ARG G 221 43.05 49.05 -53.62
N ARG G 222 42.56 49.94 -52.76
CA ARG G 222 41.32 49.72 -52.02
C ARG G 222 40.15 49.79 -52.97
N TYR G 223 39.25 48.81 -52.88
CA TYR G 223 38.08 48.73 -53.74
C TYR G 223 36.83 48.50 -52.90
N SER G 224 35.75 49.14 -53.30
CA SER G 224 34.48 48.94 -52.62
C SER G 224 34.11 47.46 -52.68
N PRO G 225 33.32 46.95 -51.72
CA PRO G 225 32.98 45.53 -51.76
C PRO G 225 32.11 45.14 -52.94
N TYR G 226 31.06 45.90 -53.24
CA TYR G 226 30.13 45.50 -54.28
C TYR G 226 30.81 45.46 -55.64
N ASP G 227 31.47 46.55 -56.02
CA ASP G 227 32.11 46.56 -57.34
C ASP G 227 33.31 45.63 -57.37
N ARG G 228 33.87 45.30 -56.20
CA ARG G 228 34.86 44.23 -56.15
C ARG G 228 34.26 42.91 -56.57
N LEU G 229 33.08 42.59 -56.02
CA LEU G 229 32.38 41.38 -56.41
C LEU G 229 32.02 41.41 -57.89
N VAL G 230 31.58 42.56 -58.38
CA VAL G 230 31.23 42.71 -59.79
C VAL G 230 32.44 42.46 -60.67
N MET G 231 33.56 43.11 -60.39
CA MET G 231 34.76 42.97 -61.20
C MET G 231 35.38 41.59 -61.09
N ASP G 232 35.17 40.85 -60.00
CA ASP G 232 35.69 39.50 -59.98
C ASP G 232 34.75 38.51 -60.65
N ALA G 233 33.44 38.78 -60.66
CA ALA G 233 32.53 37.94 -61.44
C ALA G 233 32.73 38.13 -62.93
N VAL G 234 32.98 39.38 -63.36
CA VAL G 234 33.24 39.65 -64.77
C VAL G 234 34.55 38.98 -65.20
N LEU G 235 35.53 38.92 -64.29
CA LEU G 235 36.79 38.28 -64.63
C LEU G 235 36.78 36.79 -64.37
N ALA G 236 35.75 36.26 -63.74
CA ALA G 236 35.68 34.82 -63.58
C ALA G 236 35.12 34.13 -64.80
N GLY G 237 34.73 34.89 -65.82
CA GLY G 237 34.20 34.36 -67.05
C GLY G 237 32.71 34.54 -67.24
N THR G 238 31.98 34.89 -66.17
CA THR G 238 30.54 35.02 -66.26
C THR G 238 30.17 36.17 -67.20
N ASP G 239 28.92 36.14 -67.66
CA ASP G 239 28.44 37.13 -68.61
C ASP G 239 28.51 38.53 -68.00
N PRO G 240 29.02 39.50 -68.77
CA PRO G 240 29.17 40.86 -68.25
C PRO G 240 27.90 41.69 -68.11
N LEU G 241 26.73 41.18 -68.53
CA LEU G 241 25.54 42.03 -68.52
C LEU G 241 24.46 41.52 -67.57
N LYS G 242 24.45 40.23 -67.26
CA LYS G 242 23.44 39.69 -66.36
C LYS G 242 23.92 39.63 -64.91
N VAL G 243 25.07 40.20 -64.60
CA VAL G 243 25.63 40.19 -63.25
C VAL G 243 24.69 40.86 -62.25
N PRO G 244 24.13 42.05 -62.52
CA PRO G 244 23.39 42.76 -61.46
C PRO G 244 22.39 41.91 -60.71
N GLU G 245 21.59 41.10 -61.40
CA GLU G 245 20.58 40.33 -60.69
C GLU G 245 21.19 39.24 -59.82
N LEU G 246 22.31 38.65 -60.26
CA LEU G 246 23.00 37.66 -59.44
C LEU G 246 23.68 38.31 -58.24
N ALA G 247 24.31 39.46 -58.44
CA ALA G 247 25.03 40.12 -57.35
C ALA G 247 24.07 40.66 -56.30
N GLU G 248 23.06 41.42 -56.74
CA GLU G 248 22.12 42.03 -55.79
C GLU G 248 21.45 41.01 -54.90
N ARG G 249 21.46 39.73 -55.26
CA ARG G 249 20.96 38.69 -54.38
C ARG G 249 22.04 37.79 -53.81
N TYR G 250 23.29 37.94 -54.24
CA TYR G 250 24.37 37.33 -53.49
C TYR G 250 24.79 38.18 -52.30
N LEU G 251 24.92 39.48 -52.53
CA LEU G 251 25.33 40.41 -51.46
C LEU G 251 24.14 40.51 -50.51
N ALA G 252 23.10 39.71 -50.77
CA ALA G 252 21.93 39.69 -49.87
C ALA G 252 22.31 38.93 -48.59
N GLU G 253 23.56 39.04 -48.15
CA GLU G 253 23.97 38.44 -46.86
C GLU G 253 23.09 39.11 -45.81
N THR G 254 22.56 40.29 -46.12
CA THR G 254 21.60 40.96 -45.22
C THR G 254 20.49 39.98 -44.90
N THR G 255 20.25 39.01 -45.79
CA THR G 255 19.22 37.99 -45.59
C THR G 255 18.06 38.62 -44.85
N ARG G 256 17.87 38.24 -43.60
CA ARG G 256 16.69 38.73 -42.84
C ARG G 256 17.13 39.90 -41.96
N ARG G 257 18.38 39.87 -41.49
CA ARG G 257 18.83 40.93 -40.56
C ARG G 257 17.72 41.07 -39.52
N HIS G 258 17.24 39.93 -39.01
CA HIS G 258 16.14 39.92 -38.02
C HIS G 258 16.40 41.03 -37.02
N ALA G 259 15.40 41.87 -36.78
CA ALA G 259 15.59 42.90 -35.76
C ALA G 259 16.83 43.68 -36.10
N SER G 260 17.80 43.73 -35.18
CA SER G 260 19.08 44.40 -35.46
C SER G 260 18.81 45.74 -36.15
N SER G 261 18.41 46.76 -35.38
CA SER G 261 18.02 48.06 -35.97
C SER G 261 19.22 48.90 -36.39
N SER G 262 19.73 49.73 -35.48
CA SER G 262 20.83 50.65 -35.82
C SER G 262 21.78 50.03 -36.85
N SER G 263 21.83 50.63 -38.04
CA SER G 263 22.69 50.12 -39.11
C SER G 263 23.94 51.01 -39.19
N ASP G 264 24.33 51.60 -38.07
CA ASP G 264 25.55 52.45 -38.05
C ASP G 264 26.63 51.75 -38.87
N ARG G 265 27.02 50.54 -38.46
CA ARG G 265 28.07 49.75 -39.16
C ARG G 265 27.96 49.99 -40.67
N PRO G 266 28.93 50.68 -41.32
CA PRO G 266 28.86 50.87 -42.76
C PRO G 266 28.69 49.51 -43.38
N ASP G 267 29.30 48.50 -42.78
CA ASP G 267 29.17 47.11 -43.21
C ASP G 267 27.72 46.71 -43.44
N ARG G 268 26.77 47.50 -42.94
CA ARG G 268 25.36 47.14 -42.98
C ARG G 268 24.63 47.99 -44.01
N GLU G 269 25.32 49.01 -44.54
CA GLU G 269 24.68 49.90 -45.49
C GLU G 269 24.28 49.15 -46.76
N PRO G 270 23.18 49.58 -47.39
CA PRO G 270 22.66 48.86 -48.55
C PRO G 270 23.46 49.08 -49.84
N HIS G 271 24.54 48.34 -50.00
CA HIS G 271 25.26 48.36 -51.27
C HIS G 271 24.46 47.63 -52.34
N GLY G 272 24.92 47.75 -53.58
CA GLY G 272 24.29 47.08 -54.68
C GLY G 272 23.96 48.01 -55.83
N PRO G 273 23.02 47.61 -56.68
CA PRO G 273 22.72 48.38 -57.90
C PRO G 273 22.10 49.75 -57.66
N SER G 274 21.95 50.18 -56.40
CA SER G 274 21.49 51.53 -56.12
C SER G 274 22.50 52.33 -55.30
N ASP G 275 23.75 51.87 -55.24
CA ASP G 275 24.77 52.57 -54.46
C ASP G 275 25.52 53.56 -55.34
N LEU G 276 26.58 54.15 -54.79
CA LEU G 276 27.40 55.11 -55.50
C LEU G 276 28.45 54.47 -56.41
N GLY G 277 28.36 53.15 -56.64
CA GLY G 277 29.36 52.49 -57.46
C GLY G 277 29.46 53.09 -58.86
N ALA G 278 28.33 53.29 -59.52
CA ALA G 278 28.36 53.84 -60.87
C ALA G 278 28.28 55.35 -60.88
N ALA G 279 27.77 55.96 -59.82
CA ALA G 279 27.61 57.40 -59.78
C ALA G 279 28.93 58.14 -59.62
N ALA G 280 30.02 57.44 -59.32
CA ALA G 280 31.30 58.09 -59.11
C ALA G 280 32.06 58.34 -60.39
N ARG G 281 31.91 57.46 -61.39
CA ARG G 281 32.70 57.51 -62.61
C ARG G 281 31.89 58.10 -63.77
N ALA G 282 31.07 59.11 -63.48
CA ALA G 282 30.18 59.67 -64.48
C ALA G 282 30.43 61.14 -64.77
N ALA G 283 31.53 61.70 -64.28
CA ALA G 283 31.86 63.09 -64.56
C ALA G 283 32.54 63.26 -65.92
N PRO G 284 33.56 62.44 -66.26
CA PRO G 284 34.18 62.62 -67.58
C PRO G 284 33.22 62.37 -68.73
N ILE G 285 32.28 61.43 -68.56
CA ILE G 285 31.26 61.23 -69.59
C ILE G 285 30.48 62.53 -69.80
N GLY G 286 29.86 63.04 -68.75
CA GLY G 286 29.15 64.30 -68.84
C GLY G 286 30.01 65.46 -69.32
N LEU G 287 31.32 65.31 -69.26
CA LEU G 287 32.21 66.28 -69.89
C LEU G 287 32.35 66.06 -71.39
N ALA G 288 32.32 64.79 -71.83
CA ALA G 288 32.52 64.49 -73.25
C ALA G 288 31.34 64.96 -74.08
N TYR G 289 30.11 64.79 -73.57
CA TYR G 289 28.91 65.08 -74.32
C TYR G 289 28.31 66.44 -73.99
N ARG G 290 29.14 67.40 -73.55
CA ARG G 290 28.59 68.65 -73.05
C ARG G 290 27.78 69.40 -74.10
N ARG G 291 27.90 69.05 -75.38
CA ARG G 291 27.17 69.71 -76.46
C ARG G 291 26.38 68.71 -77.29
N ALA G 292 25.82 67.68 -76.67
CA ALA G 292 25.18 66.60 -77.41
C ALA G 292 23.66 66.58 -77.29
N GLY G 293 23.10 67.14 -76.22
CA GLY G 293 21.67 67.04 -76.01
C GLY G 293 21.33 66.05 -74.90
N GLY G 294 20.14 66.25 -74.32
CA GLY G 294 19.79 65.54 -73.10
C GLY G 294 19.71 64.02 -73.27
N GLU G 295 18.97 63.56 -74.27
CA GLU G 295 18.74 62.13 -74.38
C GLU G 295 20.03 61.40 -74.77
N ARG G 296 20.91 62.07 -75.52
CA ARG G 296 22.20 61.47 -75.82
C ARG G 296 23.02 61.27 -74.55
N LEU G 297 23.08 62.29 -73.69
CA LEU G 297 23.70 62.14 -72.38
C LEU G 297 23.11 60.95 -71.64
N LEU G 298 21.78 60.85 -71.67
CA LEU G 298 21.11 59.79 -70.91
C LEU G 298 21.51 58.41 -71.43
N ALA G 299 21.48 58.23 -72.76
CA ALA G 299 21.85 56.94 -73.33
C ALA G 299 23.31 56.62 -73.04
N ALA G 300 24.17 57.63 -73.09
CA ALA G 300 25.58 57.42 -72.79
C ALA G 300 25.75 56.93 -71.36
N VAL G 301 25.20 57.66 -70.39
CA VAL G 301 25.37 57.25 -69.00
C VAL G 301 24.72 55.90 -68.76
N ARG G 302 23.64 55.58 -69.47
CA ARG G 302 23.01 54.27 -69.29
C ARG G 302 23.93 53.17 -69.77
N ARG G 303 24.50 53.31 -70.97
CA ARG G 303 25.49 52.35 -71.43
C ARG G 303 26.69 52.28 -70.50
N SER G 304 26.93 53.35 -69.74
CA SER G 304 28.08 53.38 -68.83
C SER G 304 27.89 52.51 -67.59
N LEU G 305 26.66 52.13 -67.26
CA LEU G 305 26.40 51.43 -66.01
C LEU G 305 25.55 50.17 -66.19
N GLU G 306 25.27 49.77 -67.42
CA GLU G 306 24.38 48.63 -67.67
C GLU G 306 24.83 47.37 -66.94
N PHE G 307 26.13 47.24 -66.69
CA PHE G 307 26.69 45.99 -66.21
C PHE G 307 26.75 45.87 -64.70
N SER G 308 26.60 46.95 -63.96
CA SER G 308 26.60 46.84 -62.51
C SER G 308 25.43 47.54 -61.84
N HIS G 309 24.92 48.62 -62.43
CA HIS G 309 23.91 49.46 -61.78
C HIS G 309 22.71 49.69 -62.70
N PRO G 310 21.88 48.66 -62.90
CA PRO G 310 20.73 48.82 -63.81
C PRO G 310 19.50 49.44 -63.17
N THR G 311 19.35 49.35 -61.85
CA THR G 311 18.15 49.86 -61.20
C THR G 311 18.05 51.37 -61.37
N PRO G 312 16.83 51.91 -61.32
CA PRO G 312 16.66 53.33 -61.69
C PRO G 312 17.35 54.30 -60.76
N LEU G 313 17.63 53.91 -59.51
CA LEU G 313 18.15 54.88 -58.54
C LEU G 313 19.59 55.24 -58.86
N GLY G 314 20.46 54.23 -58.98
CA GLY G 314 21.84 54.50 -59.32
C GLY G 314 21.97 55.18 -60.67
N LEU G 315 21.13 54.77 -61.62
CA LEU G 315 21.14 55.41 -62.93
C LEU G 315 20.75 56.87 -62.83
N ASP G 316 19.78 57.20 -61.98
CA ASP G 316 19.38 58.59 -61.82
C ASP G 316 20.44 59.41 -61.11
N ALA G 317 21.14 58.83 -60.14
CA ALA G 317 22.24 59.54 -59.51
C ALA G 317 23.35 59.83 -60.50
N ALA G 318 23.72 58.83 -61.31
CA ALA G 318 24.75 59.06 -62.32
C ALA G 318 24.29 60.08 -63.34
N HIS G 319 23.02 60.05 -63.70
CA HIS G 319 22.48 61.04 -64.62
C HIS G 319 22.58 62.44 -64.02
N VAL G 320 22.33 62.55 -62.72
CA VAL G 320 22.40 63.85 -62.06
C VAL G 320 23.82 64.39 -62.07
N VAL G 321 24.78 63.55 -61.68
CA VAL G 321 26.16 64.04 -61.65
C VAL G 321 26.65 64.37 -63.06
N ALA G 322 26.29 63.56 -64.05
CA ALA G 322 26.72 63.83 -65.41
C ALA G 322 26.10 65.12 -65.93
N ALA G 323 24.82 65.34 -65.67
CA ALA G 323 24.18 66.56 -66.12
C ALA G 323 24.79 67.78 -65.45
N ALA G 324 25.17 67.65 -64.17
CA ALA G 324 25.85 68.76 -63.51
C ALA G 324 27.19 69.05 -64.15
N ALA G 325 27.96 68.00 -64.44
CA ALA G 325 29.25 68.19 -65.09
C ALA G 325 29.08 68.86 -66.45
N ALA G 326 28.10 68.42 -67.23
CA ALA G 326 27.84 69.04 -68.52
C ALA G 326 27.44 70.49 -68.36
N TRP G 327 26.60 70.78 -67.36
CA TRP G 327 26.19 72.16 -67.10
C TRP G 327 27.41 73.05 -66.87
N CYS G 328 28.34 72.58 -66.04
CA CYS G 328 29.54 73.37 -65.81
C CYS G 328 30.41 73.46 -67.06
N GLY G 329 30.49 72.38 -67.82
CA GLY G 329 31.27 72.42 -69.05
C GLY G 329 30.75 73.45 -70.03
N ARG G 330 29.44 73.62 -70.10
CA ARG G 330 28.85 74.62 -70.98
C ARG G 330 28.95 76.02 -70.38
N GLN G 331 28.92 76.11 -69.05
CA GLN G 331 28.88 77.40 -68.39
C GLN G 331 30.28 78.02 -68.32
N GLN G 332 30.35 79.19 -67.70
CA GLN G 332 31.59 79.93 -67.57
C GLN G 332 31.64 80.61 -66.21
N PRO G 333 32.82 80.65 -65.59
CA PRO G 333 32.91 81.19 -64.22
C PRO G 333 32.93 82.70 -64.13
N GLY G 334 32.51 83.42 -65.16
CA GLY G 334 32.50 84.86 -65.12
C GLY G 334 31.14 85.53 -65.09
N ASP G 335 30.12 84.93 -65.69
CA ASP G 335 28.80 85.54 -65.76
C ASP G 335 28.12 85.39 -64.40
N ALA G 336 27.92 86.51 -63.72
CA ALA G 336 27.30 86.52 -62.39
C ALA G 336 25.81 86.22 -62.48
N VAL G 337 25.32 85.89 -63.68
CA VAL G 337 23.91 85.60 -63.90
C VAL G 337 23.69 84.11 -64.15
N GLY G 338 24.51 83.50 -65.01
CA GLY G 338 24.33 82.09 -65.31
C GLY G 338 24.95 81.18 -64.27
N ALA G 339 26.16 81.49 -63.82
CA ALA G 339 26.88 80.65 -62.85
C ALA G 339 26.43 81.06 -61.46
N THR G 340 25.34 80.44 -61.01
CA THR G 340 24.83 80.65 -59.67
C THR G 340 24.25 79.34 -59.18
N PRO G 341 24.25 79.10 -57.86
CA PRO G 341 23.69 77.84 -57.36
C PRO G 341 22.22 77.67 -57.69
N ALA G 342 21.43 78.74 -57.58
CA ALA G 342 20.00 78.62 -57.77
C ALA G 342 19.67 78.16 -59.19
N ALA G 343 20.32 78.74 -60.19
CA ALA G 343 20.04 78.37 -61.58
C ALA G 343 20.37 76.91 -61.82
N LEU G 344 21.56 76.48 -61.40
CA LEU G 344 21.96 75.09 -61.60
C LEU G 344 21.00 74.14 -60.89
N LEU G 345 20.58 74.50 -59.68
CA LEU G 345 19.70 73.65 -58.91
C LEU G 345 18.34 73.51 -59.60
N SER G 346 17.77 74.63 -60.04
CA SER G 346 16.48 74.60 -60.71
C SER G 346 16.58 73.83 -62.02
N HIS G 347 17.60 74.12 -62.83
CA HIS G 347 17.82 73.37 -64.05
C HIS G 347 17.85 71.87 -63.78
N LEU G 348 18.68 71.45 -62.82
CA LEU G 348 18.82 70.03 -62.56
C LEU G 348 17.51 69.41 -62.07
N LEU G 349 16.73 70.13 -61.27
CA LEU G 349 15.51 69.53 -60.75
C LEU G 349 14.45 69.39 -61.85
N ASN G 350 14.36 70.37 -62.75
CA ASN G 350 13.30 70.35 -63.74
C ASN G 350 13.45 69.19 -64.74
N ASP G 351 14.54 69.17 -65.49
CA ASP G 351 14.64 68.25 -66.61
C ASP G 351 15.50 67.02 -66.34
N VAL G 352 16.25 67.00 -65.25
CA VAL G 352 17.14 65.88 -64.92
C VAL G 352 16.53 64.98 -63.85
N ALA G 353 15.89 65.57 -62.85
CA ALA G 353 15.28 64.79 -61.78
C ALA G 353 14.08 64.00 -62.30
N VAL G 354 14.01 62.72 -61.93
CA VAL G 354 12.94 61.84 -62.35
C VAL G 354 12.23 61.20 -61.16
N THR G 355 12.99 60.68 -60.21
CA THR G 355 12.41 59.89 -59.14
C THR G 355 11.88 60.80 -58.04
N ALA G 356 11.24 60.19 -57.04
CA ALA G 356 10.54 60.97 -56.01
C ALA G 356 11.51 61.48 -54.96
N GLU G 357 12.20 60.58 -54.27
CA GLU G 357 13.09 61.02 -53.20
C GLU G 357 14.26 61.81 -53.73
N GLN G 358 14.66 61.57 -54.98
CA GLN G 358 15.69 62.39 -55.60
C GLN G 358 15.28 63.86 -55.60
N CYS G 359 14.13 64.17 -56.19
CA CYS G 359 13.65 65.54 -56.21
C CYS G 359 13.33 66.04 -54.81
N GLY G 360 12.93 65.17 -53.90
CA GLY G 360 12.70 65.61 -52.53
C GLY G 360 13.97 66.12 -51.87
N LYS G 361 15.01 65.29 -51.90
CA LYS G 361 16.31 65.71 -51.37
C LYS G 361 16.81 66.97 -52.06
N LEU G 362 16.62 67.05 -53.38
CA LEU G 362 17.12 68.22 -54.10
C LEU G 362 16.37 69.48 -53.71
N ARG G 363 15.06 69.40 -53.54
CA ARG G 363 14.32 70.57 -53.05
C ARG G 363 14.80 70.95 -51.66
N LEU G 364 14.89 69.96 -50.76
CA LEU G 364 15.31 70.24 -49.39
C LEU G 364 16.67 70.93 -49.37
N LEU G 365 17.56 70.53 -50.28
CA LEU G 365 18.82 71.24 -50.41
C LEU G 365 18.61 72.63 -51.00
N ARG G 366 17.62 72.79 -51.87
CA ARG G 366 17.45 74.04 -52.58
C ARG G 366 16.99 75.16 -51.65
N ASP G 367 15.95 74.92 -50.86
CA ASP G 367 15.48 76.03 -50.03
C ASP G 367 16.27 76.21 -48.74
N ASN G 368 17.24 75.34 -48.46
CA ASN G 368 18.01 75.41 -47.22
C ASN G 368 19.45 75.82 -47.47
N LEU G 369 19.80 76.06 -48.73
CA LEU G 369 21.19 76.27 -49.09
C LEU G 369 21.65 77.65 -48.64
N PHE G 370 22.84 77.69 -48.05
CA PHE G 370 23.47 78.93 -47.63
C PHE G 370 24.92 78.89 -48.09
N GLN G 371 25.59 80.04 -47.99
CA GLN G 371 26.94 80.19 -48.52
C GLN G 371 27.92 80.42 -47.39
N LEU G 372 28.98 79.62 -47.37
CA LEU G 372 30.06 79.80 -46.41
C LEU G 372 30.90 81.01 -46.77
N ASP G 373 31.42 81.66 -45.73
CA ASP G 373 32.37 82.75 -45.91
C ASP G 373 33.77 82.19 -46.12
N GLU G 374 34.68 83.08 -46.53
CA GLU G 374 36.05 82.66 -46.78
C GLU G 374 36.71 82.28 -45.47
N VAL G 375 36.93 80.99 -45.26
CA VAL G 375 37.57 80.48 -44.07
C VAL G 375 39.08 80.46 -44.29
N THR G 376 39.82 81.11 -43.40
CA THR G 376 41.26 81.00 -43.38
C THR G 376 41.78 80.31 -42.14
N ASP G 377 40.95 80.14 -41.11
CA ASP G 377 41.35 79.48 -39.88
C ASP G 377 40.43 78.29 -39.69
N TRP G 378 40.99 77.08 -39.82
CA TRP G 378 40.17 75.89 -39.77
C TRP G 378 39.81 75.52 -38.33
N ARG G 379 40.72 75.75 -37.39
CA ARG G 379 40.45 75.37 -36.00
C ARG G 379 39.27 76.16 -35.46
N ALA G 380 39.12 77.42 -35.88
CA ALA G 380 37.97 78.21 -35.47
C ALA G 380 36.74 77.94 -36.32
N PHE G 381 36.92 77.42 -37.53
CA PHE G 381 35.78 77.08 -38.35
C PHE G 381 35.08 75.84 -37.82
N TYR G 382 35.85 74.81 -37.48
CA TYR G 382 35.26 73.56 -37.03
C TYR G 382 34.46 73.75 -35.74
N ALA G 383 34.81 74.74 -34.93
CA ALA G 383 34.12 75.02 -33.68
C ALA G 383 33.23 76.25 -33.80
N GLY G 384 32.62 76.45 -34.96
CA GLY G 384 31.83 77.63 -35.21
C GLY G 384 30.41 77.31 -35.60
N PRO G 385 29.56 78.33 -35.61
CA PRO G 385 28.14 78.10 -35.94
C PRO G 385 27.92 77.66 -37.37
N GLN G 386 28.78 78.09 -38.29
CA GLN G 386 28.57 77.77 -39.70
C GLN G 386 28.81 76.29 -39.96
N TRP G 387 29.88 75.73 -39.40
CA TRP G 387 30.09 74.30 -39.51
C TRP G 387 28.95 73.54 -38.89
N ALA G 388 28.39 74.06 -37.80
CA ALA G 388 27.26 73.40 -37.16
C ALA G 388 26.05 73.36 -38.07
N ARG G 389 25.72 74.48 -38.70
CA ARG G 389 24.59 74.52 -39.63
C ARG G 389 24.82 73.58 -40.80
N LEU G 390 26.02 73.60 -41.35
CA LEU G 390 26.35 72.70 -42.46
C LEU G 390 26.19 71.25 -42.05
N THR G 391 26.61 70.90 -40.84
CA THR G 391 26.56 69.52 -40.41
C THR G 391 25.13 69.08 -40.11
N ALA G 392 24.30 70.00 -39.61
CA ALA G 392 22.89 69.69 -39.45
C ALA G 392 22.25 69.34 -40.79
N LEU G 393 22.48 70.20 -41.79
CA LEU G 393 21.93 69.91 -43.11
C LEU G 393 22.46 68.59 -43.64
N PHE G 394 23.75 68.32 -43.45
CA PHE G 394 24.33 67.10 -43.97
C PHE G 394 23.72 65.87 -43.32
N SER G 395 23.47 65.93 -42.01
CA SER G 395 22.83 64.81 -41.34
C SER G 395 21.41 64.62 -41.81
N ARG G 396 20.73 65.71 -42.17
CA ARG G 396 19.39 65.56 -42.73
C ARG G 396 19.43 64.90 -44.10
N LEU G 397 20.46 65.17 -44.89
CA LEU G 397 20.56 64.57 -46.21
C LEU G 397 21.14 63.17 -46.21
N SER G 398 21.26 62.51 -45.06
CA SER G 398 21.89 61.20 -45.01
C SER G 398 21.38 60.45 -43.79
N PHE G 399 21.93 59.27 -43.55
CA PHE G 399 21.61 58.48 -42.36
C PHE G 399 22.87 58.38 -41.50
N HIS G 400 22.88 59.13 -40.40
CA HIS G 400 23.98 59.10 -39.44
C HIS G 400 25.31 59.48 -40.08
N GLY G 401 25.24 60.25 -41.17
CA GLY G 401 26.44 60.73 -41.80
C GLY G 401 27.17 59.71 -42.64
N LEU G 402 26.44 58.97 -43.48
CA LEU G 402 27.06 58.00 -44.40
C LEU G 402 26.09 57.83 -45.57
N ALA G 403 26.41 58.47 -46.69
CA ALA G 403 25.55 58.46 -47.87
C ALA G 403 25.96 57.29 -48.75
N THR G 404 25.09 56.29 -48.85
CA THR G 404 25.36 55.14 -49.70
C THR G 404 24.37 54.99 -50.85
N ALA G 405 23.19 55.59 -50.76
CA ALA G 405 22.27 55.55 -51.88
C ALA G 405 22.63 56.62 -52.90
N GLY G 406 22.16 56.40 -54.13
CA GLY G 406 22.46 57.35 -55.19
C GLY G 406 21.92 58.73 -54.92
N SER G 407 20.69 58.81 -54.41
CA SER G 407 20.11 60.11 -54.10
C SER G 407 20.88 60.80 -52.99
N GLU G 408 21.20 60.06 -51.94
CA GLU G 408 22.01 60.61 -50.86
C GLU G 408 23.35 61.12 -51.38
N PHE G 409 23.98 60.33 -52.24
CA PHE G 409 25.28 60.69 -52.78
C PHE G 409 25.21 61.98 -53.57
N ALA G 410 24.29 62.05 -54.53
CA ALA G 410 24.16 63.25 -55.33
C ALA G 410 23.87 64.47 -54.47
N SER G 411 22.95 64.33 -53.51
CA SER G 411 22.60 65.47 -52.68
C SER G 411 23.79 65.96 -51.88
N VAL G 412 24.56 65.05 -51.28
CA VAL G 412 25.68 65.52 -50.44
C VAL G 412 26.78 66.12 -51.30
N VAL G 413 27.02 65.54 -52.48
CA VAL G 413 28.04 66.09 -53.36
C VAL G 413 27.69 67.52 -53.75
N LEU G 414 26.46 67.73 -54.21
CA LEU G 414 26.09 69.09 -54.61
C LEU G 414 26.00 70.01 -53.41
N LEU G 415 25.71 69.49 -52.22
CA LEU G 415 25.75 70.34 -51.03
C LEU G 415 27.15 70.87 -50.80
N ALA G 416 28.13 69.97 -50.75
CA ALA G 416 29.51 70.40 -50.53
C ALA G 416 29.99 71.32 -51.64
N LEU G 417 29.49 71.12 -52.86
CA LEU G 417 29.95 71.92 -53.99
C LEU G 417 29.33 73.31 -54.02
N LEU G 418 28.04 73.42 -53.73
CA LEU G 418 27.36 74.70 -53.79
C LEU G 418 27.51 75.52 -52.52
N SER G 419 27.89 74.89 -51.41
CA SER G 419 28.04 75.64 -50.17
C SER G 419 29.17 76.66 -50.25
N SER G 420 30.15 76.43 -51.12
CA SER G 420 31.29 77.33 -51.23
C SER G 420 31.48 77.75 -52.67
N TRP G 421 30.41 78.21 -53.32
CA TRP G 421 30.44 78.66 -54.69
C TRP G 421 31.49 79.76 -54.86
N GLY G 422 32.51 79.49 -55.65
CA GLY G 422 33.59 80.41 -55.85
C GLY G 422 34.89 80.06 -55.14
N ARG G 423 35.00 78.86 -54.59
CA ARG G 423 36.17 78.47 -53.83
C ARG G 423 36.37 76.97 -53.94
N PRO G 424 36.91 76.49 -55.05
CA PRO G 424 36.98 75.04 -55.26
C PRO G 424 37.86 74.32 -54.25
N GLU G 425 38.98 74.92 -53.85
CA GLU G 425 39.86 74.28 -52.88
C GLU G 425 39.17 74.14 -51.53
N GLN G 426 38.57 75.23 -51.05
CA GLN G 426 37.79 75.18 -49.83
C GLN G 426 36.69 74.13 -49.94
N ALA G 427 36.08 74.01 -51.12
CA ALA G 427 35.01 73.05 -51.31
C ALA G 427 35.50 71.61 -51.17
N VAL G 428 36.63 71.28 -51.80
CA VAL G 428 37.10 69.90 -51.69
C VAL G 428 37.57 69.60 -50.28
N ILE G 429 38.14 70.59 -49.59
CA ILE G 429 38.51 70.36 -48.20
C ILE G 429 37.27 70.05 -47.37
N VAL G 430 36.23 70.87 -47.53
CA VAL G 430 35.00 70.65 -46.76
C VAL G 430 34.40 69.30 -47.09
N ALA G 431 34.43 68.91 -48.36
CA ALA G 431 33.86 67.63 -48.77
C ALA G 431 34.61 66.48 -48.13
N ALA G 432 35.93 66.60 -48.01
CA ALA G 432 36.69 65.54 -47.36
C ALA G 432 36.52 65.54 -45.85
N SER G 433 36.22 66.70 -45.27
CA SER G 433 36.12 66.81 -43.82
C SER G 433 34.84 66.20 -43.25
N LEU G 434 33.97 65.65 -44.09
CA LEU G 434 32.70 65.09 -43.62
C LEU G 434 32.76 63.59 -43.38
N GLY G 435 33.88 62.94 -43.70
CA GLY G 435 33.98 61.52 -43.47
C GLY G 435 32.95 60.75 -44.28
N GLY G 436 32.65 59.55 -43.80
CA GLY G 436 31.72 58.67 -44.47
C GLY G 436 32.32 57.98 -45.67
N HIS G 437 31.83 58.30 -46.85
CA HIS G 437 32.45 57.87 -48.09
C HIS G 437 33.32 59.00 -48.65
N ALA G 438 34.35 59.33 -47.90
CA ALA G 438 35.16 60.49 -48.23
C ALA G 438 35.83 60.41 -49.59
N PRO G 439 36.48 59.30 -49.98
CA PRO G 439 37.15 59.31 -51.29
C PRO G 439 36.22 59.60 -52.45
N ALA G 440 35.12 58.86 -52.58
CA ALA G 440 34.21 59.07 -53.71
C ALA G 440 33.68 60.49 -53.74
N THR G 441 33.20 60.98 -52.59
CA THR G 441 32.62 62.31 -52.54
C THR G 441 33.64 63.37 -52.93
N ALA G 442 34.81 63.33 -52.30
CA ALA G 442 35.83 64.34 -52.58
C ALA G 442 36.29 64.27 -54.03
N GLN G 443 36.38 63.06 -54.57
CA GLN G 443 36.77 62.89 -55.97
C GLN G 443 35.76 63.56 -56.91
N THR G 444 34.46 63.32 -56.70
CA THR G 444 33.50 63.91 -57.61
C THR G 444 33.41 65.42 -57.43
N VAL G 445 33.57 65.90 -56.19
CA VAL G 445 33.55 67.35 -55.97
C VAL G 445 34.72 68.00 -56.68
N GLY G 446 35.91 67.40 -56.57
CA GLY G 446 37.06 67.93 -57.28
C GLY G 446 36.86 67.89 -58.78
N ALA G 447 36.26 66.82 -59.29
CA ALA G 447 36.03 66.73 -60.73
C ALA G 447 35.12 67.85 -61.22
N LEU G 448 33.99 68.05 -60.54
CA LEU G 448 33.07 69.11 -60.97
C LEU G 448 33.71 70.48 -60.82
N ALA G 449 34.42 70.71 -59.73
CA ALA G 449 35.07 71.99 -59.55
C ALA G 449 36.06 72.26 -60.67
N GLY G 450 36.80 71.23 -61.08
CA GLY G 450 37.76 71.41 -62.15
C GLY G 450 37.09 71.68 -63.48
N THR G 451 36.07 70.89 -63.82
CA THR G 451 35.38 71.10 -65.09
C THR G 451 34.64 72.43 -65.13
N LEU G 452 34.43 73.07 -63.98
CA LEU G 452 33.84 74.40 -64.04
C LEU G 452 34.90 75.51 -64.07
N TYR G 453 35.78 75.54 -63.07
CA TYR G 453 36.71 76.65 -62.92
C TYR G 453 37.99 76.49 -63.71
N GLY G 454 38.40 75.25 -63.99
CA GLY G 454 39.58 75.05 -64.79
C GLY G 454 40.74 74.43 -64.04
N GLN G 455 41.87 75.12 -64.03
CA GLN G 455 43.12 74.56 -63.55
C GLN G 455 43.89 75.45 -62.59
N SER G 456 43.67 76.76 -62.62
CA SER G 456 44.50 77.71 -61.89
C SER G 456 44.22 77.74 -60.40
N TRP G 457 43.45 76.79 -59.87
CA TRP G 457 43.09 76.81 -58.46
C TRP G 457 43.79 75.76 -57.63
N VAL G 458 44.22 74.66 -58.22
CA VAL G 458 44.88 73.59 -57.47
C VAL G 458 46.13 74.15 -56.79
N PRO G 459 46.21 74.14 -55.46
CA PRO G 459 47.38 74.69 -54.79
C PRO G 459 48.63 73.89 -55.10
N GLU G 460 49.76 74.58 -55.02
CA GLU G 460 51.04 73.98 -55.41
C GLU G 460 51.36 72.74 -54.60
N ARG G 461 51.11 72.77 -53.29
CA ARG G 461 51.55 71.67 -52.43
C ARG G 461 50.88 70.36 -52.81
N TRP G 462 49.65 70.42 -53.32
CA TRP G 462 48.98 69.20 -53.72
C TRP G 462 49.62 68.60 -54.96
N TRP G 463 49.89 69.42 -55.97
CA TRP G 463 50.63 68.95 -57.14
C TRP G 463 51.96 68.36 -56.73
N ARG G 464 52.65 69.01 -55.80
CA ARG G 464 53.93 68.51 -55.31
C ARG G 464 53.78 67.14 -54.67
N GLY G 465 52.83 66.99 -53.75
CA GLY G 465 52.64 65.72 -53.10
C GLY G 465 52.26 64.62 -54.07
N LEU G 466 51.43 64.95 -55.05
CA LEU G 466 51.13 64.01 -56.12
C LEU G 466 52.41 63.57 -56.82
N GLY G 467 53.32 64.50 -57.05
CA GLY G 467 54.57 64.15 -57.70
C GLY G 467 55.49 63.31 -56.82
N GLU G 468 55.44 63.53 -55.51
CA GLU G 468 56.37 62.88 -54.60
C GLU G 468 55.85 61.57 -54.01
N GLY G 469 54.59 61.23 -54.25
CA GLY G 469 54.04 59.99 -53.75
C GLY G 469 54.59 58.79 -54.50
N VAL G 470 54.00 57.63 -54.21
CA VAL G 470 54.41 56.41 -54.90
C VAL G 470 54.00 56.47 -56.37
N GLU G 471 52.95 57.23 -56.68
CA GLU G 471 52.59 57.45 -58.08
C GLU G 471 53.74 58.11 -58.83
N GLY G 472 54.35 59.12 -58.23
CA GLY G 472 55.50 59.75 -58.83
C GLY G 472 55.16 60.51 -60.11
N GLU G 473 56.24 60.95 -60.76
CA GLU G 473 56.10 61.64 -62.03
C GLU G 473 55.41 60.76 -63.06
N ALA G 474 55.64 59.45 -63.00
CA ALA G 474 54.95 58.52 -63.90
C ALA G 474 53.44 58.72 -63.82
N GLY G 475 52.86 58.52 -62.65
CA GLY G 475 51.42 58.64 -62.51
C GLY G 475 50.93 60.07 -62.76
N ARG G 476 51.67 61.06 -62.28
CA ARG G 476 51.26 62.44 -62.50
C ARG G 476 51.12 62.75 -63.97
N GLU G 477 52.17 62.48 -64.76
CA GLU G 477 52.10 62.76 -66.18
C GLU G 477 51.12 61.83 -66.88
N ALA G 478 50.94 60.61 -66.37
CA ALA G 478 49.95 59.71 -66.95
C ALA G 478 48.56 60.33 -66.88
N VAL G 479 48.18 60.83 -65.71
CA VAL G 479 46.82 61.37 -65.56
C VAL G 479 46.69 62.70 -66.27
N VAL G 480 47.76 63.50 -66.31
CA VAL G 480 47.64 64.77 -67.01
C VAL G 480 47.54 64.54 -68.52
N GLN G 481 48.16 63.46 -69.02
CA GLN G 481 48.06 63.16 -70.45
C GLN G 481 46.72 62.52 -70.79
N ALA G 482 46.21 61.67 -69.89
CA ALA G 482 44.86 61.14 -70.08
C ALA G 482 43.83 62.26 -70.03
N GLY G 483 44.10 63.33 -69.30
CA GLY G 483 43.21 64.47 -69.31
C GLY G 483 43.40 65.32 -70.55
N ARG G 484 44.62 65.40 -71.07
CA ARG G 484 44.86 66.14 -72.30
C ARG G 484 44.16 65.48 -73.47
N ALA G 485 44.18 64.14 -73.52
CA ALA G 485 43.54 63.42 -74.60
C ALA G 485 42.04 63.30 -74.34
N LEU G 486 41.39 64.41 -74.01
CA LEU G 486 39.97 64.41 -73.69
C LEU G 486 39.20 65.59 -74.27
N ALA G 487 39.87 66.65 -74.70
CA ALA G 487 39.17 67.86 -75.15
C ALA G 487 38.67 67.78 -76.59
N ALA G 488 39.14 66.81 -77.37
CA ALA G 488 38.74 66.67 -78.77
C ALA G 488 38.32 65.22 -79.04
N VAL G 489 37.07 64.90 -78.70
CA VAL G 489 36.45 63.62 -79.02
C VAL G 489 34.97 63.86 -79.27
N GLU G 490 34.49 63.61 -80.49
CA GLU G 490 33.07 63.83 -80.77
C GLU G 490 32.46 62.77 -81.69
N LEU G 491 33.13 61.62 -81.87
CA LEU G 491 32.68 60.66 -82.87
C LEU G 491 31.27 60.17 -82.58
N ALA G 492 30.51 59.94 -83.64
CA ALA G 492 29.13 59.45 -83.60
C ALA G 492 28.25 60.28 -82.67
N SER H 85 -89.59 37.28 23.95
CA SER H 85 -88.52 36.32 23.70
C SER H 85 -87.76 36.55 22.39
N PRO H 86 -88.46 36.76 21.27
CA PRO H 86 -87.76 37.04 20.01
C PRO H 86 -87.08 38.40 20.09
N LEU H 87 -86.13 38.61 19.18
CA LEU H 87 -85.31 39.81 19.20
C LEU H 87 -85.86 40.85 18.23
N SER H 88 -85.33 42.05 18.34
CA SER H 88 -85.81 43.23 17.64
C SER H 88 -84.82 43.62 16.55
N PRO H 89 -85.27 44.36 15.54
CA PRO H 89 -84.34 44.83 14.51
C PRO H 89 -83.34 45.84 15.01
N GLU H 90 -83.40 46.21 16.29
CA GLU H 90 -82.50 47.23 16.80
C GLU H 90 -81.52 46.68 17.82
N ASP H 91 -81.99 45.86 18.76
CA ASP H 91 -81.11 45.40 19.83
C ASP H 91 -79.98 44.50 19.33
N ILE H 92 -80.07 44.04 18.08
CA ILE H 92 -78.91 43.45 17.44
C ILE H 92 -77.76 44.45 17.43
N MET H 93 -78.06 45.70 17.07
CA MET H 93 -77.02 46.73 17.08
C MET H 93 -76.52 46.98 18.50
N ARG H 94 -77.40 46.90 19.49
CA ARG H 94 -76.97 47.00 20.88
C ARG H 94 -75.97 45.91 21.20
N LEU H 95 -76.23 44.70 20.72
CA LEU H 95 -75.31 43.59 20.96
C LEU H 95 -73.96 43.86 20.29
N VAL H 96 -73.99 44.37 19.07
CA VAL H 96 -72.75 44.68 18.36
C VAL H 96 -71.94 45.70 19.15
N GLN H 97 -72.61 46.75 19.61
CA GLN H 97 -71.92 47.80 20.35
C GLN H 97 -71.29 47.23 21.61
N GLN H 98 -72.07 46.50 22.39
CA GLN H 98 -71.56 45.95 23.64
C GLN H 98 -70.38 45.04 23.40
N HIS H 99 -70.42 44.25 22.34
CA HIS H 99 -69.32 43.34 22.06
C HIS H 99 -68.04 44.08 21.73
N GLU H 100 -68.12 45.04 20.80
CA GLU H 100 -66.89 45.75 20.45
C GLU H 100 -66.38 46.59 21.61
N ASP H 101 -67.27 47.08 22.47
CA ASP H 101 -66.84 47.83 23.64
C ASP H 101 -66.07 46.94 24.61
N VAL H 102 -66.58 45.73 24.87
CA VAL H 102 -65.87 44.85 25.79
C VAL H 102 -64.54 44.43 25.20
N ALA H 103 -64.46 44.29 23.88
CA ALA H 103 -63.18 43.93 23.26
C ALA H 103 -62.15 45.05 23.45
N ALA H 104 -62.55 46.29 23.15
CA ALA H 104 -61.66 47.42 23.32
C ALA H 104 -61.21 47.54 24.77
N ALA H 105 -62.14 47.38 25.71
CA ALA H 105 -61.79 47.47 27.13
C ALA H 105 -60.78 46.40 27.50
N ALA H 106 -60.98 45.17 27.03
CA ALA H 106 -60.06 44.10 27.38
C ALA H 106 -58.66 44.38 26.88
N GLU H 107 -58.54 44.86 25.64
CA GLU H 107 -57.20 45.10 25.11
C GLU H 107 -56.53 46.29 25.80
N SER H 108 -57.30 47.34 26.11
CA SER H 108 -56.71 48.46 26.82
C SER H 108 -56.25 48.07 28.22
N GLU H 109 -56.98 47.16 28.87
CA GLU H 109 -56.52 46.70 30.18
C GLU H 109 -55.26 45.86 30.06
N GLN H 110 -55.21 45.00 29.05
CA GLN H 110 -54.02 44.21 28.82
C GLN H 110 -52.80 45.09 28.58
N LEU H 111 -53.01 46.28 28.01
CA LEU H 111 -51.88 47.15 27.77
C LEU H 111 -51.27 47.69 29.06
N VAL H 112 -52.10 48.09 30.02
CA VAL H 112 -51.63 48.66 31.27
C VAL H 112 -51.16 47.59 32.26
N ALA H 113 -51.61 46.35 32.12
CA ALA H 113 -51.27 45.31 33.08
C ALA H 113 -49.78 45.27 33.41
N GLN H 114 -48.92 45.67 32.46
CA GLN H 114 -47.48 45.56 32.71
C GLN H 114 -46.99 46.65 33.66
N PHE H 115 -47.34 47.91 33.39
CA PHE H 115 -46.90 48.98 34.27
C PHE H 115 -47.60 48.94 35.61
N ARG H 116 -48.80 48.38 35.67
CA ARG H 116 -49.63 48.56 36.86
C ARG H 116 -48.94 48.07 38.12
N ASP H 117 -48.22 46.95 38.06
CA ASP H 117 -47.75 46.32 39.29
C ASP H 117 -46.63 47.14 39.92
N ASP H 118 -45.61 47.50 39.15
CA ASP H 118 -44.46 48.25 39.67
C ASP H 118 -44.16 49.41 38.74
N PRO H 119 -44.64 50.61 39.06
CA PRO H 119 -44.39 51.74 38.16
C PRO H 119 -42.98 52.27 38.29
N GLN H 120 -42.37 52.05 39.46
CA GLN H 120 -41.01 52.54 39.68
C GLN H 120 -40.03 51.98 38.66
N GLY H 121 -40.28 50.79 38.13
CA GLY H 121 -39.40 50.23 37.13
C GLY H 121 -39.35 51.00 35.84
N LEU H 122 -40.20 52.02 35.67
CA LEU H 122 -40.13 52.84 34.48
C LEU H 122 -39.02 53.88 34.55
N TYR H 123 -38.55 54.21 35.73
CA TYR H 123 -37.41 55.10 35.85
C TYR H 123 -36.17 54.40 36.36
N GLU H 124 -36.30 53.35 37.17
CA GLU H 124 -35.16 52.71 37.81
C GLU H 124 -34.59 51.57 36.98
N TYR H 125 -34.79 51.56 35.68
CA TYR H 125 -34.27 50.44 34.90
C TYR H 125 -32.76 50.51 34.76
N VAL H 126 -32.22 51.71 34.67
CA VAL H 126 -30.77 51.85 34.52
C VAL H 126 -30.05 51.37 35.77
N ASN H 127 -30.56 51.72 36.94
CA ASN H 127 -29.92 51.31 38.18
C ASN H 127 -29.96 49.80 38.35
N ARG H 128 -31.07 49.17 37.99
CA ARG H 128 -31.15 47.72 38.09
C ARG H 128 -30.21 47.05 37.10
N ALA H 129 -30.17 47.54 35.86
CA ALA H 129 -29.25 46.98 34.88
C ALA H 129 -27.81 47.10 35.36
N TYR H 130 -27.45 48.23 35.96
CA TYR H 130 -26.12 48.36 36.54
C TYR H 130 -25.92 47.38 37.67
N ALA H 131 -26.95 47.15 38.47
CA ALA H 131 -26.83 46.25 39.61
C ALA H 131 -26.54 44.82 39.18
N GLU H 132 -27.17 44.35 38.10
CA GLU H 132 -27.04 42.94 37.78
C GLU H 132 -25.66 42.59 37.27
N GLY H 133 -24.93 43.55 36.72
CA GLY H 133 -23.53 43.35 36.42
C GLY H 133 -23.24 43.06 34.96
N PRO H 134 -21.96 42.92 34.63
CA PRO H 134 -21.58 42.66 33.23
C PRO H 134 -21.70 41.19 32.89
N ARG H 135 -22.52 40.90 31.89
CA ARG H 135 -22.79 39.54 31.47
C ARG H 135 -21.60 39.00 30.71
N ARG H 136 -21.34 37.70 30.85
CA ARG H 136 -20.26 37.06 30.12
C ARG H 136 -20.77 36.46 28.83
N VAL H 137 -20.02 36.62 27.75
CA VAL H 137 -20.46 36.20 26.43
C VAL H 137 -20.06 34.76 26.21
N THR H 138 -21.03 33.93 25.83
CA THR H 138 -20.81 32.50 25.58
C THR H 138 -21.22 32.20 24.15
N THR H 139 -20.32 32.44 23.21
CA THR H 139 -20.43 32.01 21.84
C THR H 139 -19.17 31.24 21.49
N PRO H 140 -19.25 30.24 20.60
CA PRO H 140 -18.08 29.38 20.37
C PRO H 140 -16.79 30.12 20.12
N ILE H 141 -16.82 31.25 19.44
CA ILE H 141 -15.59 31.98 19.16
C ILE H 141 -15.02 32.57 20.44
N SER H 142 -15.86 33.21 21.25
CA SER H 142 -15.35 33.81 22.47
C SER H 142 -14.91 32.76 23.47
N LEU H 143 -15.61 31.63 23.54
CA LEU H 143 -15.18 30.55 24.42
C LEU H 143 -13.83 30.00 23.99
N LEU H 144 -13.66 29.76 22.70
CA LEU H 144 -12.37 29.28 22.22
C LEU H 144 -11.27 30.28 22.50
N GLN H 145 -11.56 31.57 22.33
CA GLN H 145 -10.56 32.59 22.60
C GLN H 145 -10.17 32.60 24.07
N GLU H 146 -11.14 32.78 24.95
CA GLU H 146 -10.83 32.86 26.37
C GLU H 146 -10.26 31.56 26.91
N GLU H 147 -10.42 30.46 26.21
CA GLU H 147 -9.72 29.25 26.61
C GLU H 147 -8.29 29.22 26.10
N ILE H 148 -8.05 29.76 24.92
CA ILE H 148 -6.69 29.73 24.37
C ILE H 148 -5.79 30.69 25.14
N THR H 149 -6.09 31.99 25.12
CA THR H 149 -5.14 32.87 25.78
C THR H 149 -5.54 33.24 27.21
N GLY H 150 -6.42 34.22 27.37
CA GLY H 150 -7.06 34.42 28.66
C GLY H 150 -8.32 35.24 28.61
N ALA H 151 -8.66 35.75 27.42
CA ALA H 151 -9.40 37.00 27.29
C ALA H 151 -10.90 36.76 27.41
N VAL H 152 -11.48 37.23 28.50
CA VAL H 152 -12.91 37.12 28.72
C VAL H 152 -13.62 38.29 28.07
N THR H 153 -14.65 37.98 27.29
CA THR H 153 -15.48 38.97 26.62
C THR H 153 -16.70 39.24 27.48
N GLU H 154 -17.04 40.51 27.66
CA GLU H 154 -18.14 40.91 28.51
C GLU H 154 -19.14 41.72 27.70
N SER H 155 -20.39 41.69 28.14
CA SER H 155 -21.49 42.35 27.46
C SER H 155 -22.19 43.28 28.43
N TYR H 156 -23.13 44.05 27.92
CA TYR H 156 -23.92 44.96 28.74
C TYR H 156 -25.30 45.14 28.14
N PRO H 157 -26.33 45.22 28.97
CA PRO H 157 -27.67 45.47 28.44
C PRO H 157 -27.76 46.83 27.77
N ALA H 158 -28.87 47.05 27.08
CA ALA H 158 -28.98 48.25 26.26
C ALA H 158 -29.06 49.51 27.12
N ALA H 159 -29.70 49.43 28.28
CA ALA H 159 -29.82 50.60 29.14
C ALA H 159 -28.45 51.08 29.60
N VAL H 160 -27.59 50.15 30.01
CA VAL H 160 -26.26 50.52 30.43
C VAL H 160 -25.46 51.07 29.26
N ALA H 161 -25.66 50.53 28.06
CA ALA H 161 -24.91 51.03 26.92
C ALA H 161 -25.28 52.48 26.61
N ASN H 162 -26.57 52.77 26.59
CA ASN H 162 -26.98 54.14 26.32
C ASN H 162 -26.75 55.06 27.50
N ASP H 163 -26.43 54.51 28.66
CA ASP H 163 -25.98 55.34 29.76
C ASP H 163 -24.49 55.63 29.67
N ILE H 164 -23.70 54.69 29.17
CA ILE H 164 -22.28 54.93 28.94
C ILE H 164 -22.08 55.94 27.85
N ILE H 165 -22.82 55.82 26.75
CA ILE H 165 -22.69 56.77 25.65
C ILE H 165 -23.00 58.18 26.13
N GLY H 166 -24.16 58.38 26.71
CA GLY H 166 -24.54 59.70 27.19
C GLY H 166 -24.92 60.62 26.06
N MET H 167 -24.66 61.91 26.20
CA MET H 167 -24.85 62.85 25.09
C MET H 167 -23.72 62.64 24.08
N GLY H 168 -23.83 61.53 23.37
CA GLY H 168 -22.71 60.92 22.69
C GLY H 168 -21.82 61.80 21.86
N SER H 169 -22.31 62.28 20.73
CA SER H 169 -21.44 62.97 19.80
C SER H 169 -22.09 64.26 19.32
N TRP H 170 -23.01 64.80 20.10
CA TRP H 170 -23.56 66.10 19.77
C TRP H 170 -22.42 67.11 19.67
N ARG H 171 -22.47 67.95 18.65
CA ARG H 171 -21.35 68.86 18.45
C ARG H 171 -21.42 70.07 19.37
N LEU H 172 -22.58 70.32 19.98
CA LEU H 172 -22.75 71.47 20.85
C LEU H 172 -22.73 71.10 22.32
N LYS H 173 -22.36 69.87 22.65
CA LYS H 173 -22.09 69.59 24.05
C LYS H 173 -20.90 70.44 24.49
N ASP H 174 -20.60 70.36 25.79
CA ASP H 174 -19.62 71.22 26.46
C ASP H 174 -20.20 72.61 26.68
N ASP H 175 -21.36 72.89 26.11
CA ASP H 175 -22.05 74.16 26.29
C ASP H 175 -23.42 73.99 26.92
N VAL H 176 -23.82 72.77 27.19
CA VAL H 176 -25.19 72.44 27.58
C VAL H 176 -25.24 72.24 29.08
N ASP H 177 -26.26 72.81 29.71
CA ASP H 177 -26.45 72.64 31.13
C ASP H 177 -26.65 71.16 31.47
N PRO H 178 -26.16 70.71 32.62
CA PRO H 178 -26.25 69.28 32.92
C PRO H 178 -27.65 68.70 32.94
N VAL H 179 -28.68 69.50 33.24
CA VAL H 179 -30.04 68.97 33.23
C VAL H 179 -30.46 68.62 31.81
N ILE H 180 -30.19 69.51 30.86
CA ILE H 180 -30.53 69.23 29.47
C ILE H 180 -29.73 68.05 28.97
N GLU H 181 -28.48 67.93 29.41
CA GLU H 181 -27.68 66.76 29.05
C GLU H 181 -28.35 65.48 29.52
N PHE H 182 -28.77 65.45 30.79
CA PHE H 182 -29.41 64.26 31.33
C PHE H 182 -30.67 63.91 30.54
N LEU H 183 -31.51 64.91 30.28
CA LEU H 183 -32.78 64.62 29.63
C LEU H 183 -32.58 64.15 28.20
N VAL H 184 -31.71 64.81 27.44
CA VAL H 184 -31.46 64.38 26.08
C VAL H 184 -30.90 62.97 26.06
N ALA H 185 -29.97 62.67 26.96
CA ALA H 185 -29.39 61.33 27.00
C ALA H 185 -30.47 60.29 27.25
N ARG H 186 -31.37 60.53 28.19
CA ARG H 186 -32.40 59.54 28.49
C ARG H 186 -33.37 59.37 27.33
N LEU H 187 -33.83 60.47 26.74
CA LEU H 187 -34.82 60.35 25.68
C LEU H 187 -34.26 59.64 24.45
N GLU H 188 -33.09 60.07 23.98
CA GLU H 188 -32.49 59.38 22.86
C GLU H 188 -32.10 57.96 23.21
N GLY H 189 -31.79 57.67 24.47
CA GLY H 189 -31.53 56.30 24.86
C GLY H 189 -32.75 55.41 24.72
N CYS H 190 -33.91 55.89 25.15
CA CYS H 190 -35.13 55.10 24.95
C CYS H 190 -35.42 54.91 23.48
N TRP H 191 -35.23 55.93 22.65
CA TRP H 191 -35.43 55.73 21.22
C TRP H 191 -34.51 54.65 20.68
N ARG H 192 -33.24 54.70 21.02
CA ARG H 192 -32.30 53.76 20.43
C ARG H 192 -32.44 52.35 21.00
N GLU H 193 -33.04 52.22 22.18
CA GLU H 193 -33.13 50.93 22.82
C GLU H 193 -34.43 50.22 22.55
N ILE H 194 -35.53 50.94 22.41
CA ILE H 194 -36.84 50.33 22.22
C ILE H 194 -37.17 50.16 20.75
N LEU H 195 -36.91 51.17 19.91
CA LEU H 195 -37.27 51.12 18.51
C LEU H 195 -36.13 50.66 17.63
N ASP H 196 -35.18 49.90 18.16
CA ASP H 196 -33.91 49.77 17.47
C ASP H 196 -34.00 48.99 16.18
N THR H 197 -35.03 48.16 16.02
CA THR H 197 -35.09 47.34 14.82
C THR H 197 -35.67 48.07 13.62
N ASP H 198 -36.23 49.25 13.80
CA ASP H 198 -36.83 49.98 12.69
C ASP H 198 -36.48 51.45 12.67
N LEU H 199 -35.68 51.94 13.61
CA LEU H 199 -35.34 53.35 13.65
C LEU H 199 -34.42 53.70 12.49
N CYS H 200 -34.83 54.67 11.69
CA CYS H 200 -33.98 55.11 10.58
C CYS H 200 -33.66 56.58 10.80
N LEU H 201 -32.87 57.17 9.96
CA LEU H 201 -32.63 58.60 9.97
C LEU H 201 -33.53 59.25 8.94
N TYR H 202 -34.07 60.41 9.28
CA TYR H 202 -34.96 61.09 8.36
C TYR H 202 -34.22 61.37 7.06
N PRO H 203 -34.91 61.38 5.91
CA PRO H 203 -34.23 61.61 4.63
C PRO H 203 -33.35 62.84 4.63
N ARG H 204 -32.17 62.76 4.01
CA ARG H 204 -31.18 63.80 4.20
C ARG H 204 -31.47 65.04 3.39
N GLU H 205 -32.16 64.91 2.26
CA GLU H 205 -32.44 66.10 1.47
C GLU H 205 -33.51 66.97 2.09
N LYS H 206 -34.23 66.48 3.09
CA LYS H 206 -35.31 67.28 3.67
C LYS H 206 -34.79 68.21 4.74
N TRP H 207 -33.76 67.83 5.45
CA TRP H 207 -33.25 68.73 6.48
C TRP H 207 -31.74 68.93 6.43
N LYS H 208 -30.97 67.91 6.08
CA LYS H 208 -29.54 67.94 6.33
C LYS H 208 -28.73 68.56 5.21
N GLU H 209 -29.32 68.76 4.03
CA GLU H 209 -28.59 69.42 2.96
C GLU H 209 -28.82 70.92 2.94
N GLN H 210 -29.94 71.37 3.47
CA GLN H 210 -30.17 72.79 3.67
C GLN H 210 -29.34 73.35 4.82
N GLY H 211 -28.57 72.50 5.49
CA GLY H 211 -27.77 72.95 6.60
C GLY H 211 -28.53 73.22 7.87
N TRP H 212 -29.57 72.45 8.16
CA TRP H 212 -30.36 72.69 9.34
C TRP H 212 -30.00 71.79 10.50
N ASP H 213 -28.96 70.96 10.37
CA ASP H 213 -28.56 70.13 11.49
C ASP H 213 -27.68 70.86 12.48
N LEU H 214 -27.19 72.05 12.13
CA LEU H 214 -26.40 72.85 13.05
C LEU H 214 -26.45 74.27 12.50
N VAL H 215 -27.11 75.16 13.22
CA VAL H 215 -27.42 76.49 12.73
C VAL H 215 -26.79 77.51 13.65
N ASP H 216 -26.12 78.49 13.06
CA ASP H 216 -25.41 79.54 13.79
C ASP H 216 -25.82 80.89 13.25
N SER H 217 -26.05 81.84 14.16
CA SER H 217 -26.49 83.16 13.74
C SER H 217 -25.38 84.01 13.16
N MET H 218 -24.14 83.81 13.61
CA MET H 218 -23.01 84.57 13.09
C MET H 218 -22.53 84.04 11.75
N ASP H 219 -23.23 83.09 11.14
CA ASP H 219 -22.83 82.50 9.86
C ASP H 219 -24.04 81.88 9.20
N PRO H 220 -24.98 82.70 8.72
CA PRO H 220 -26.23 82.16 8.19
C PRO H 220 -26.12 81.58 6.78
N HIS H 221 -24.93 81.50 6.21
CA HIS H 221 -24.78 80.99 4.84
C HIS H 221 -23.80 79.83 4.75
N GLN H 222 -23.20 79.43 5.86
CA GLN H 222 -22.34 78.25 5.92
C GLN H 222 -21.13 78.39 5.01
N GLU H 223 -20.45 79.52 5.10
CA GLU H 223 -19.17 79.65 4.42
C GLU H 223 -18.02 79.16 5.26
N LEU H 224 -18.28 78.65 6.45
CA LEU H 224 -17.27 77.97 7.23
C LEU H 224 -17.57 76.48 7.34
N GLU H 225 -18.51 75.97 6.55
CA GLU H 225 -18.79 74.55 6.43
C GLU H 225 -19.26 73.92 7.72
N GLY H 226 -19.91 74.68 8.58
CA GLY H 226 -20.42 74.11 9.81
C GLY H 226 -19.45 74.03 10.94
N PHE H 227 -18.31 74.70 10.86
CA PHE H 227 -17.39 74.81 11.98
C PHE H 227 -17.48 76.17 12.65
N SER H 228 -18.53 76.94 12.36
CA SER H 228 -18.68 78.26 12.96
C SER H 228 -18.79 78.20 14.46
N TYR H 229 -19.17 77.06 15.04
CA TYR H 229 -19.18 76.98 16.49
C TYR H 229 -17.79 76.97 17.07
N ALA H 230 -16.76 76.87 16.24
CA ALA H 230 -15.39 76.81 16.71
C ALA H 230 -14.48 77.87 16.12
N ASP H 231 -14.79 78.40 14.94
CA ASP H 231 -13.94 79.38 14.30
C ASP H 231 -14.20 80.81 14.75
N ILE H 232 -15.43 81.14 15.13
CA ILE H 232 -15.83 82.52 15.36
C ILE H 232 -16.01 82.73 16.86
N PRO H 233 -15.30 83.66 17.48
CA PRO H 233 -15.44 83.87 18.91
C PRO H 233 -16.73 84.60 19.21
N ASP H 234 -17.13 84.55 20.48
CA ASP H 234 -18.40 85.14 20.86
C ASP H 234 -18.33 86.65 20.79
N PRO H 235 -19.31 87.31 20.17
CA PRO H 235 -19.30 88.77 20.10
C PRO H 235 -19.53 89.38 21.47
N ALA H 236 -18.80 90.46 21.74
CA ALA H 236 -18.95 91.16 23.00
C ALA H 236 -20.18 92.05 22.97
N LYS H 237 -20.53 92.59 24.13
CA LYS H 237 -21.72 93.43 24.25
C LYS H 237 -21.67 94.58 23.26
N GLY H 238 -22.84 94.96 22.75
CA GLY H 238 -22.95 96.08 21.84
C GLY H 238 -22.39 95.85 20.45
N GLU H 239 -21.58 94.82 20.26
CA GLU H 239 -21.06 94.55 18.93
C GLU H 239 -22.16 94.02 18.03
N ALA H 240 -21.88 94.00 16.73
CA ALA H 240 -22.84 93.51 15.76
C ALA H 240 -22.94 92.00 15.86
N GLY H 241 -24.01 91.50 16.50
CA GLY H 241 -24.17 90.04 16.73
C GLY H 241 -24.79 89.72 18.07
N TYR H 242 -24.46 90.46 19.12
CA TYR H 242 -24.95 90.11 20.48
C TYR H 242 -26.47 90.07 20.45
N PRO H 243 -27.17 89.02 20.91
CA PRO H 243 -26.55 87.77 21.36
C PRO H 243 -26.54 86.68 20.31
N ARG H 244 -25.55 85.79 20.37
CA ARG H 244 -25.42 84.73 19.33
C ARG H 244 -26.41 83.61 19.62
N LEU H 245 -26.92 82.98 18.57
CA LEU H 245 -27.87 81.88 18.70
C LEU H 245 -27.36 80.66 17.98
N GLN H 246 -27.42 79.51 18.64
CA GLN H 246 -27.00 78.24 18.07
C GLN H 246 -28.09 77.21 18.24
N LEU H 247 -28.30 76.40 17.21
CA LEU H 247 -29.30 75.34 17.27
C LEU H 247 -28.71 74.06 16.73
N GLU H 248 -29.13 72.94 17.30
CA GLU H 248 -28.76 71.64 16.78
C GLU H 248 -29.95 70.71 16.84
N ASN H 249 -30.21 70.01 15.73
CA ASN H 249 -31.37 69.16 15.59
C ASN H 249 -30.97 67.73 15.28
N ARG H 250 -31.85 66.80 15.60
CA ARG H 250 -31.75 65.42 15.15
C ARG H 250 -33.15 64.92 14.87
N VAL H 251 -33.35 64.34 13.70
CA VAL H 251 -34.66 63.88 13.24
C VAL H 251 -34.55 62.43 12.82
N TYR H 252 -35.48 61.60 13.28
CA TYR H 252 -35.52 60.19 12.94
C TYR H 252 -36.89 59.82 12.42
N CYS H 253 -36.94 58.78 11.60
CA CYS H 253 -38.18 58.13 11.21
C CYS H 253 -38.22 56.77 11.88
N SER H 254 -39.38 56.15 11.89
CA SER H 254 -39.49 54.81 12.43
C SER H 254 -40.62 54.10 11.71
N LYS H 255 -41.10 53.00 12.31
CA LYS H 255 -42.19 52.27 11.69
C LYS H 255 -43.55 52.81 12.11
N VAL H 256 -43.69 53.18 13.38
CA VAL H 256 -44.95 53.73 13.87
C VAL H 256 -44.96 55.25 13.84
N PHE H 257 -43.80 55.89 13.97
CA PHE H 257 -43.73 57.34 14.11
C PHE H 257 -43.16 57.93 12.84
N ARG H 258 -43.86 58.91 12.29
CA ARG H 258 -43.38 59.53 11.07
C ARG H 258 -42.32 60.56 11.33
N LYS H 259 -42.08 60.90 12.59
CA LYS H 259 -41.06 61.87 12.94
C LYS H 259 -40.79 61.86 14.43
N LEU H 260 -39.53 61.66 14.81
CA LEU H 260 -39.08 61.86 16.18
C LEU H 260 -38.01 62.91 16.13
N HIS H 261 -38.23 64.05 16.79
CA HIS H 261 -37.44 65.24 16.58
C HIS H 261 -36.96 65.79 17.91
N VAL H 262 -35.65 65.94 18.07
CA VAL H 262 -35.09 66.54 19.28
C VAL H 262 -34.20 67.70 18.88
N GLU H 263 -34.39 68.85 19.49
CA GLU H 263 -33.69 70.06 19.12
C GLU H 263 -33.25 70.82 20.36
N VAL H 264 -32.02 71.31 20.35
CA VAL H 264 -31.48 72.09 21.44
C VAL H 264 -31.07 73.46 20.91
N GLY H 265 -31.26 74.49 21.71
CA GLY H 265 -30.87 75.84 21.33
C GLY H 265 -30.19 76.55 22.47
N LEU H 266 -29.17 77.33 22.12
CA LEU H 266 -28.44 78.14 23.07
C LEU H 266 -28.40 79.58 22.59
N ARG H 267 -28.43 80.50 23.53
CA ARG H 267 -28.25 81.91 23.23
C ARG H 267 -27.25 82.51 24.22
N GLN H 268 -26.53 83.52 23.76
CA GLN H 268 -25.40 84.03 24.52
C GLN H 268 -25.84 84.69 25.82
N ASP H 269 -27.04 85.27 25.85
CA ASP H 269 -27.48 85.96 27.06
C ASP H 269 -27.75 85.02 28.22
N GLY H 270 -27.66 83.71 28.02
CA GLY H 270 -27.80 82.77 29.11
C GLY H 270 -29.10 81.98 29.08
N LEU H 271 -29.61 81.74 27.89
CA LEU H 271 -30.88 81.05 27.70
C LEU H 271 -30.63 79.71 27.01
N GLN H 272 -31.33 78.66 27.45
CA GLN H 272 -31.22 77.36 26.82
C GLN H 272 -32.58 76.70 26.77
N VAL H 273 -32.97 76.22 25.59
CA VAL H 273 -34.24 75.56 25.41
C VAL H 273 -33.99 74.13 24.97
N LEU H 274 -34.95 73.27 25.25
CA LEU H 274 -34.95 71.89 24.81
C LEU H 274 -36.36 71.54 24.41
N HIS H 275 -36.53 70.92 23.25
CA HIS H 275 -37.84 70.75 22.66
C HIS H 275 -37.90 69.40 21.97
N VAL H 276 -38.74 68.50 22.48
CA VAL H 276 -38.87 67.15 21.95
C VAL H 276 -40.30 66.94 21.52
N VAL H 277 -40.50 66.31 20.37
CA VAL H 277 -41.85 66.03 19.90
C VAL H 277 -41.83 64.75 19.08
N VAL H 278 -42.90 63.97 19.19
CA VAL H 278 -43.00 62.66 18.55
C VAL H 278 -44.39 62.53 17.94
N TYR H 279 -44.44 62.37 16.60
CA TYR H 279 -45.67 62.30 15.82
C TYR H 279 -45.89 60.88 15.32
N PRO H 280 -47.02 60.25 15.62
CA PRO H 280 -47.32 58.96 14.99
C PRO H 280 -47.69 59.14 13.54
N ARG H 281 -47.56 58.06 12.77
CA ARG H 281 -47.88 58.10 11.36
C ARG H 281 -49.34 58.45 11.16
N TYR H 282 -49.69 58.89 9.95
CA TYR H 282 -51.04 59.38 9.71
C TYR H 282 -52.09 58.28 9.78
N SER H 283 -51.70 57.04 9.98
CA SER H 283 -52.64 55.94 9.97
C SER H 283 -52.78 55.28 11.34
N TYR H 284 -52.12 55.80 12.36
CA TYR H 284 -52.20 55.27 13.71
C TYR H 284 -52.97 56.23 14.59
N ASP H 285 -53.73 55.68 15.53
CA ASP H 285 -54.57 56.46 16.42
C ASP H 285 -53.88 56.53 17.78
N MET H 286 -52.97 57.49 17.91
CA MET H 286 -52.19 57.68 19.12
C MET H 286 -52.02 59.17 19.35
N PRO H 287 -51.83 59.58 20.59
CA PRO H 287 -51.58 60.99 20.86
C PRO H 287 -50.15 61.37 20.53
N ILE H 288 -49.93 62.66 20.36
CA ILE H 288 -48.62 63.20 20.02
C ILE H 288 -47.87 63.49 21.31
N PHE H 289 -46.63 63.06 21.41
CA PHE H 289 -45.88 63.27 22.64
C PHE H 289 -45.06 64.55 22.55
N GLY H 290 -45.05 65.33 23.63
CA GLY H 290 -44.32 66.57 23.57
C GLY H 290 -43.74 67.04 24.89
N MET H 291 -42.54 67.63 24.83
CA MET H 291 -41.84 68.11 26.00
C MET H 291 -41.08 69.38 25.66
N ASP H 292 -41.02 70.30 26.61
CA ASP H 292 -40.30 71.56 26.49
C ASP H 292 -39.69 71.93 27.82
N ILE H 293 -38.41 72.31 27.80
CA ILE H 293 -37.72 72.88 28.94
C ILE H 293 -37.15 74.21 28.51
N VAL H 294 -37.32 75.23 29.34
CA VAL H 294 -36.69 76.52 29.09
C VAL H 294 -36.02 76.95 30.37
N MET H 295 -34.69 77.03 30.34
CA MET H 295 -33.93 77.41 31.52
C MET H 295 -33.08 78.63 31.20
N VAL H 296 -32.93 79.48 32.21
CA VAL H 296 -32.29 80.77 32.08
C VAL H 296 -31.33 80.91 33.27
N ASP H 297 -30.03 80.99 32.98
CA ASP H 297 -28.99 81.16 33.99
C ASP H 297 -28.98 79.99 34.98
N GLY H 298 -29.15 78.80 34.43
CA GLY H 298 -29.11 77.59 35.23
C GLY H 298 -30.36 77.29 36.01
N ARG H 299 -31.41 78.09 35.90
CA ARG H 299 -32.64 77.90 36.65
C ARG H 299 -33.76 77.59 35.67
N VAL H 300 -34.42 76.45 35.87
CA VAL H 300 -35.48 76.03 34.96
C VAL H 300 -36.66 76.96 35.14
N THR H 301 -36.91 77.83 34.16
CA THR H 301 -38.02 78.75 34.26
C THR H 301 -39.33 78.16 33.77
N LEU H 302 -39.30 77.20 32.87
CA LEU H 302 -40.55 76.60 32.41
C LEU H 302 -40.30 75.15 32.04
N ALA H 303 -41.25 74.28 32.36
CA ALA H 303 -41.16 72.88 31.99
C ALA H 303 -42.56 72.37 31.71
N VAL H 304 -42.79 71.80 30.53
CA VAL H 304 -44.11 71.32 30.15
C VAL H 304 -43.99 70.00 29.42
N VAL H 305 -44.77 69.01 29.84
CA VAL H 305 -44.79 67.70 29.20
C VAL H 305 -46.24 67.24 29.08
N ASP H 306 -46.58 66.62 27.94
CA ASP H 306 -47.93 66.11 27.79
C ASP H 306 -48.05 65.22 26.57
N CYS H 307 -49.08 64.37 26.58
CA CYS H 307 -49.50 63.57 25.42
C CYS H 307 -50.73 64.23 24.82
N CYS H 308 -50.51 65.13 23.88
CA CYS H 308 -51.60 65.87 23.25
C CYS H 308 -52.53 64.93 22.50
N PRO H 309 -53.81 64.94 22.82
CA PRO H 309 -54.75 64.06 22.15
C PRO H 309 -54.96 64.47 20.71
N VAL H 310 -55.34 63.50 19.89
CA VAL H 310 -55.47 63.71 18.46
C VAL H 310 -56.91 63.64 17.98
N ARG H 311 -57.84 63.16 18.79
CA ARG H 311 -59.23 63.10 18.39
C ARG H 311 -59.86 64.48 18.48
N ALA H 312 -61.09 64.59 17.97
CA ALA H 312 -61.75 65.89 17.87
C ALA H 312 -62.30 66.38 19.20
N ASP H 313 -62.33 65.53 20.22
CA ASP H 313 -62.95 65.88 21.49
C ASP H 313 -61.92 66.04 22.61
N LEU H 314 -60.63 65.97 22.31
CA LEU H 314 -59.58 66.06 23.31
C LEU H 314 -59.78 64.99 24.39
N LYS H 315 -59.82 63.74 23.96
CA LYS H 315 -60.02 62.61 24.85
C LYS H 315 -59.09 61.49 24.44
N LEU H 316 -58.23 61.06 25.36
CA LEU H 316 -57.33 59.96 25.10
C LEU H 316 -58.06 58.64 25.20
N GLN H 317 -57.41 57.57 24.80
CA GLN H 317 -57.94 56.26 25.08
C GLN H 317 -57.95 56.03 26.59
N PRO H 318 -58.59 54.96 27.06
CA PRO H 318 -58.55 54.67 28.50
C PRO H 318 -57.14 54.42 29.04
N HIS H 319 -56.28 53.72 28.30
CA HIS H 319 -55.03 53.30 28.89
C HIS H 319 -54.03 54.44 29.00
N TYR H 320 -54.09 55.42 28.11
CA TYR H 320 -53.22 56.58 28.27
C TYR H 320 -53.56 57.36 29.52
N MET H 321 -54.85 57.59 29.76
CA MET H 321 -55.26 58.28 30.97
C MET H 321 -54.91 57.48 32.20
N GLU H 322 -55.09 56.16 32.15
CA GLU H 322 -54.74 55.34 33.31
C GLU H 322 -53.25 55.42 33.61
N THR H 323 -52.41 55.35 32.59
CA THR H 323 -50.97 55.39 32.81
C THR H 323 -50.53 56.74 33.33
N MET H 324 -51.05 57.82 32.75
CA MET H 324 -50.68 59.15 33.25
C MET H 324 -51.10 59.32 34.70
N ALA H 325 -52.30 58.87 35.05
CA ALA H 325 -52.74 58.98 36.43
C ALA H 325 -51.84 58.19 37.37
N LEU H 326 -51.53 56.94 37.01
CA LEU H 326 -50.70 56.12 37.88
C LEU H 326 -49.32 56.75 38.06
N LEU H 327 -48.73 57.25 36.99
CA LEU H 327 -47.39 57.83 37.09
C LEU H 327 -47.40 59.10 37.91
N GLN H 328 -48.43 59.94 37.76
CA GLN H 328 -48.47 61.14 38.58
C GLN H 328 -48.67 60.80 40.05
N ARG H 329 -49.44 59.76 40.35
CA ARG H 329 -49.54 59.33 41.74
C ARG H 329 -48.23 58.77 42.26
N THR H 330 -47.40 58.22 41.37
CA THR H 330 -46.15 57.63 41.82
C THR H 330 -45.05 58.65 42.06
N PHE H 331 -44.82 59.54 41.09
CA PHE H 331 -43.64 60.39 41.13
C PHE H 331 -43.90 61.80 41.63
N LEU H 332 -45.01 62.42 41.24
CA LEU H 332 -45.26 63.82 41.56
C LEU H 332 -45.96 64.01 42.90
N GLU H 333 -46.30 62.95 43.61
CA GLU H 333 -47.01 63.11 44.87
C GLU H 333 -46.16 63.88 45.87
N GLY H 334 -46.84 64.63 46.74
CA GLY H 334 -46.11 65.44 47.70
C GLY H 334 -45.55 66.73 47.14
N THR H 335 -45.90 67.09 45.91
CA THR H 335 -45.46 68.33 45.31
C THR H 335 -46.67 69.23 45.05
N ASP H 336 -46.41 70.38 44.46
CA ASP H 336 -47.42 71.41 44.26
C ASP H 336 -48.56 70.91 43.37
N PRO H 337 -49.82 70.90 43.85
CA PRO H 337 -50.94 70.67 42.93
C PRO H 337 -51.49 71.94 42.32
N ALA H 338 -51.17 73.12 42.88
CA ALA H 338 -51.72 74.38 42.41
C ALA H 338 -50.79 75.13 41.48
N LEU H 339 -49.55 74.67 41.30
CA LEU H 339 -48.66 75.33 40.37
C LEU H 339 -48.91 74.87 38.93
N ARG H 340 -49.60 73.74 38.77
CA ARG H 340 -49.87 73.22 37.43
C ARG H 340 -50.92 74.06 36.73
N ARG H 341 -50.58 75.31 36.44
CA ARG H 341 -51.43 76.17 35.64
C ARG H 341 -51.42 75.71 34.19
N ILE H 342 -52.43 76.11 33.43
CA ILE H 342 -52.49 75.75 32.03
C ILE H 342 -52.29 76.99 31.17
N PRO H 343 -51.28 77.01 30.31
CA PRO H 343 -51.09 78.17 29.43
C PRO H 343 -52.31 78.42 28.56
N GLU H 344 -52.47 79.69 28.18
CA GLU H 344 -53.66 80.10 27.45
C GLU H 344 -53.75 79.40 26.09
N TRP H 345 -52.61 79.19 25.44
CA TRP H 345 -52.57 78.59 24.12
C TRP H 345 -52.74 77.07 24.15
N GLY H 346 -52.37 76.41 25.24
CA GLY H 346 -52.50 74.98 25.33
C GLY H 346 -53.92 74.56 25.64
N SER H 347 -54.73 75.50 26.13
CA SER H 347 -56.10 75.21 26.51
C SER H 347 -56.92 74.63 25.36
N LYS H 348 -56.41 74.70 24.13
CA LYS H 348 -57.12 74.14 22.99
C LYS H 348 -56.49 72.87 22.45
N ILE H 349 -55.33 72.47 22.96
CA ILE H 349 -54.69 71.24 22.47
C ILE H 349 -54.27 70.33 23.62
N PHE H 350 -54.20 70.86 24.83
CA PHE H 350 -53.67 70.07 25.93
C PHE H 350 -54.67 69.04 26.40
N SER H 351 -54.17 67.92 26.88
CA SER H 351 -55.00 66.93 27.53
C SER H 351 -55.31 67.38 28.96
N PRO H 352 -56.36 66.84 29.56
CA PRO H 352 -56.69 67.22 30.94
C PRO H 352 -55.62 66.86 31.95
N LEU H 353 -54.57 66.12 31.56
CA LEU H 353 -53.50 65.76 32.47
C LEU H 353 -52.16 66.30 32.04
N ALA H 354 -52.14 67.39 31.27
CA ALA H 354 -50.88 68.01 30.90
C ALA H 354 -50.16 68.52 32.14
N LEU H 355 -48.85 68.67 32.04
CA LEU H 355 -48.06 69.14 33.17
C LEU H 355 -47.28 70.38 32.76
N CYS H 356 -47.61 71.51 33.38
CA CYS H 356 -46.88 72.77 33.22
C CYS H 356 -46.37 73.19 34.59
N ILE H 357 -45.12 73.65 34.65
CA ILE H 357 -44.46 73.85 35.93
C ILE H 357 -43.39 74.93 35.82
N THR H 358 -43.34 75.82 36.81
CA THR H 358 -42.16 76.64 37.07
C THR H 358 -41.59 76.17 38.41
N PRO H 359 -40.55 75.34 38.40
CA PRO H 359 -40.18 74.63 39.63
C PRO H 359 -39.70 75.57 40.71
N SER H 360 -39.75 75.08 41.95
CA SER H 360 -39.33 75.87 43.09
C SER H 360 -37.86 75.62 43.43
N GLY H 361 -37.51 74.40 43.80
CA GLY H 361 -36.18 74.08 44.21
C GLY H 361 -35.64 72.85 43.52
N PRO H 362 -34.84 72.06 44.24
CA PRO H 362 -34.31 70.84 43.65
C PRO H 362 -35.29 69.67 43.67
N GLU H 363 -36.12 69.55 44.70
CA GLU H 363 -36.99 68.38 44.81
C GLU H 363 -38.08 68.41 43.74
N GLU H 364 -38.63 69.58 43.46
CA GLU H 364 -39.63 69.69 42.40
C GLU H 364 -39.03 69.30 41.07
N LEU H 365 -37.82 69.77 40.78
CA LEU H 365 -37.19 69.46 39.50
C LEU H 365 -36.87 67.98 39.39
N ALA H 366 -36.40 67.38 40.47
CA ALA H 366 -36.13 65.94 40.43
C ALA H 366 -37.39 65.14 40.19
N ALA H 367 -38.48 65.49 40.87
CA ALA H 367 -39.75 64.81 40.65
C ALA H 367 -40.19 64.95 39.20
N PHE H 368 -40.14 66.17 38.66
CA PHE H 368 -40.57 66.37 37.28
C PHE H 368 -39.72 65.57 36.31
N ALA H 369 -38.40 65.51 36.55
CA ALA H 369 -37.54 64.80 35.63
C ALA H 369 -37.83 63.31 35.62
N LYS H 370 -37.97 62.73 36.82
CA LYS H 370 -38.35 61.32 36.88
C LYS H 370 -39.66 61.07 36.17
N TYR H 371 -40.63 61.95 36.36
CA TYR H 371 -41.93 61.75 35.73
C TYR H 371 -41.84 61.83 34.21
N ALA H 372 -41.09 62.80 33.69
CA ALA H 372 -40.99 62.93 32.24
C ALA H 372 -40.34 61.72 31.62
N VAL H 373 -39.26 61.21 32.23
CA VAL H 373 -38.58 60.04 31.69
C VAL H 373 -39.51 58.83 31.71
N ALA H 374 -40.19 58.61 32.83
CA ALA H 374 -41.09 57.48 32.94
C ALA H 374 -42.23 57.57 31.94
N LEU H 375 -42.78 58.76 31.76
CA LEU H 375 -43.90 58.92 30.83
C LEU H 375 -43.47 58.62 29.41
N HIS H 376 -42.32 59.14 28.99
CA HIS H 376 -41.82 58.84 27.65
C HIS H 376 -41.67 57.35 27.45
N ARG H 377 -41.05 56.67 28.41
CA ARG H 377 -40.79 55.24 28.24
C ARG H 377 -42.09 54.45 28.18
N ALA H 378 -43.06 54.78 29.03
CA ALA H 378 -44.34 54.11 28.98
C ALA H 378 -45.03 54.32 27.64
N TYR H 379 -44.98 55.53 27.11
CA TYR H 379 -45.58 55.83 25.81
C TYR H 379 -44.96 54.97 24.72
N LEU H 380 -43.64 54.89 24.68
CA LEU H 380 -43.00 54.08 23.64
C LEU H 380 -43.36 52.61 23.78
N THR H 381 -43.35 52.10 25.01
CA THR H 381 -43.64 50.68 25.20
C THR H 381 -45.08 50.34 24.84
N MET H 382 -46.01 51.27 25.07
CA MET H 382 -47.37 51.01 24.63
C MET H 382 -47.53 51.16 23.12
N SER H 383 -46.64 51.93 22.48
CA SER H 383 -46.67 51.99 21.03
C SER H 383 -46.13 50.72 20.41
N LEU H 384 -45.31 49.97 21.15
CA LEU H 384 -44.68 48.78 20.59
C LEU H 384 -45.67 47.80 19.98
N ASN H 385 -46.95 47.92 20.26
CA ASN H 385 -47.96 46.93 19.86
C ASN H 385 -49.19 47.61 19.27
N ALA H 386 -48.97 48.56 18.38
CA ALA H 386 -50.07 49.32 17.79
C ALA H 386 -50.39 48.77 16.41
N VAL H 387 -51.65 48.91 16.01
CA VAL H 387 -52.10 48.44 14.70
C VAL H 387 -52.80 49.59 13.98
N PRO H 388 -52.52 49.80 12.71
CA PRO H 388 -53.14 50.92 12.00
C PRO H 388 -54.63 50.67 11.80
N VAL H 389 -55.33 51.73 11.42
CA VAL H 389 -56.72 51.61 11.01
C VAL H 389 -56.77 51.77 9.49
N VAL H 390 -57.45 50.84 8.83
CA VAL H 390 -57.47 50.78 7.38
C VAL H 390 -58.88 51.08 6.90
N ALA H 391 -58.98 51.80 5.78
CA ALA H 391 -60.26 52.19 5.21
C ALA H 391 -60.67 51.15 4.18
N GLY H 392 -61.70 50.39 4.49
CA GLY H 392 -62.23 49.41 3.57
C GLY H 392 -63.28 50.01 2.67
N PRO H 393 -63.35 49.53 1.43
CA PRO H 393 -64.42 49.98 0.53
C PRO H 393 -65.79 49.67 1.08
N GLY H 394 -66.57 50.71 1.34
CA GLY H 394 -67.89 50.54 1.92
C GLY H 394 -67.94 51.01 3.35
N ASP H 395 -66.83 50.90 4.06
CA ASP H 395 -66.74 51.32 5.46
C ASP H 395 -66.68 52.84 5.51
N ARG H 396 -67.56 53.43 6.30
CA ARG H 396 -67.49 54.87 6.53
C ARG H 396 -66.87 55.22 7.87
N ARG H 397 -66.95 54.31 8.84
CA ARG H 397 -66.39 54.59 10.15
C ARG H 397 -64.88 54.79 10.08
N GLU H 398 -64.20 53.99 9.26
CA GLU H 398 -62.75 54.10 9.20
C GLU H 398 -62.32 55.31 8.38
N ALA H 399 -63.09 55.67 7.35
CA ALA H 399 -62.81 56.92 6.68
C ALA H 399 -62.94 58.10 7.63
N ALA H 400 -63.99 58.08 8.47
CA ALA H 400 -64.14 59.13 9.46
C ALA H 400 -62.98 59.14 10.43
N ARG H 401 -62.53 57.96 10.88
CA ARG H 401 -61.41 57.90 11.81
C ARG H 401 -60.15 58.48 11.18
N LEU H 402 -59.88 58.15 9.92
CA LEU H 402 -58.69 58.65 9.26
C LEU H 402 -58.75 60.17 9.12
N GLN H 403 -59.91 60.69 8.73
CA GLN H 403 -60.04 62.14 8.62
C GLN H 403 -59.83 62.81 9.97
N GLU H 404 -60.35 62.21 11.04
CA GLU H 404 -60.17 62.77 12.36
C GLU H 404 -58.70 62.79 12.76
N ILE H 405 -57.97 61.72 12.45
CA ILE H 405 -56.55 61.68 12.78
C ILE H 405 -55.80 62.78 12.04
N GLN H 406 -56.03 62.89 10.74
CA GLN H 406 -55.37 63.93 9.96
C GLN H 406 -55.66 65.30 10.52
N ASP H 407 -56.93 65.56 10.86
CA ASP H 407 -57.29 66.90 11.33
C ASP H 407 -56.73 67.17 12.71
N GLY H 408 -56.62 66.15 13.55
CA GLY H 408 -56.02 66.35 14.87
C GLY H 408 -54.56 66.71 14.78
N GLN H 409 -53.80 65.99 13.96
CA GLN H 409 -52.39 66.33 13.79
C GLN H 409 -52.23 67.72 13.19
N LYS H 410 -53.06 68.06 12.20
CA LYS H 410 -52.96 69.39 11.61
C LYS H 410 -53.31 70.48 12.62
N ARG H 411 -54.31 70.23 13.47
CA ARG H 411 -54.65 71.20 14.49
C ARG H 411 -53.49 71.44 15.44
N PHE H 412 -52.83 70.36 15.86
CA PHE H 412 -51.65 70.53 16.70
C PHE H 412 -50.59 71.37 16.02
N CYS H 413 -50.30 71.05 14.75
CA CYS H 413 -49.26 71.80 14.05
C CYS H 413 -49.61 73.28 13.95
N ASP H 414 -50.82 73.61 13.51
CA ASP H 414 -51.15 75.02 13.34
C ASP H 414 -51.30 75.76 14.65
N ASN H 415 -51.64 75.08 15.74
CA ASN H 415 -51.72 75.79 17.00
C ASN H 415 -50.38 75.88 17.70
N GLN H 416 -49.39 75.11 17.25
CA GLN H 416 -48.05 75.27 17.80
C GLN H 416 -47.31 76.40 17.10
N LEU H 417 -47.70 76.72 15.86
CA LEU H 417 -46.98 77.72 15.09
C LEU H 417 -47.09 79.12 15.69
N VAL H 418 -48.12 79.39 16.49
CA VAL H 418 -48.28 80.72 17.07
C VAL H 418 -47.75 80.82 18.48
N ASN H 419 -46.96 79.85 18.94
CA ASN H 419 -46.23 79.97 20.20
C ASN H 419 -45.09 80.95 19.97
N LYS H 420 -45.40 82.23 20.18
CA LYS H 420 -44.55 83.32 19.69
C LYS H 420 -43.19 83.41 20.38
N LYS H 421 -42.97 82.70 21.48
CA LYS H 421 -41.70 82.82 22.19
C LYS H 421 -40.54 82.32 21.34
N THR H 422 -40.54 81.03 21.00
CA THR H 422 -39.48 80.49 20.17
C THR H 422 -39.47 81.17 18.81
N ARG H 423 -40.64 81.53 18.27
CA ARG H 423 -40.68 82.20 16.99
C ARG H 423 -39.91 83.51 17.02
N ARG H 424 -40.08 84.30 18.08
CA ARG H 424 -39.39 85.57 18.12
C ARG H 424 -37.91 85.39 18.44
N VAL H 425 -37.56 84.48 19.34
CA VAL H 425 -36.14 84.28 19.63
C VAL H 425 -35.41 83.81 18.38
N LEU H 426 -36.12 83.13 17.48
CA LEU H 426 -35.51 82.83 16.19
C LEU H 426 -35.44 84.07 15.31
N GLU H 427 -36.59 84.71 15.06
CA GLU H 427 -36.68 85.70 14.01
C GLU H 427 -35.90 86.98 14.31
N VAL H 428 -35.69 87.33 15.58
CA VAL H 428 -34.89 88.51 15.88
C VAL H 428 -33.40 88.26 15.71
N ALA H 429 -33.00 87.05 15.33
CA ALA H 429 -31.58 86.73 15.21
C ALA H 429 -31.26 86.22 13.81
N MET H 430 -32.16 85.45 13.22
CA MET H 430 -31.90 84.84 11.92
C MET H 430 -32.71 85.47 10.79
N GLY H 431 -33.51 86.49 11.07
CA GLY H 431 -34.37 87.07 10.05
C GLY H 431 -35.74 86.45 10.09
N VAL H 432 -36.55 86.81 9.08
CA VAL H 432 -37.92 86.29 9.04
C VAL H 432 -38.12 85.32 7.87
N GLU H 433 -37.62 85.64 6.69
CA GLU H 433 -37.78 84.74 5.55
C GLU H 433 -37.07 83.41 5.80
N TRP H 434 -36.05 83.41 6.64
CA TRP H 434 -35.42 82.16 7.04
C TRP H 434 -36.26 81.45 8.10
N THR H 435 -36.77 82.19 9.07
CA THR H 435 -37.53 81.61 10.17
C THR H 435 -38.80 80.94 9.67
N GLU H 436 -39.51 81.57 8.74
CA GLU H 436 -40.76 81.00 8.28
C GLU H 436 -40.50 79.68 7.56
N ALA H 437 -39.48 79.66 6.70
CA ALA H 437 -39.16 78.42 6.01
C ALA H 437 -38.77 77.33 6.99
N TYR H 438 -37.89 77.66 7.94
CA TYR H 438 -37.43 76.65 8.89
C TYR H 438 -38.57 76.09 9.72
N MET H 439 -39.43 76.97 10.25
CA MET H 439 -40.52 76.51 11.10
C MET H 439 -41.59 75.79 10.28
N SER H 440 -41.73 76.11 9.00
CA SER H 440 -42.74 75.44 8.20
C SER H 440 -42.30 74.06 7.73
N GLN H 441 -41.04 73.92 7.32
CA GLN H 441 -40.59 72.65 6.74
C GLN H 441 -40.09 71.64 7.75
N LEU H 442 -39.61 72.07 8.91
CA LEU H 442 -38.98 71.15 9.86
C LEU H 442 -39.74 71.02 11.17
N MET H 443 -39.96 72.14 11.86
CA MET H 443 -40.51 72.08 13.20
C MET H 443 -41.91 71.50 13.21
N PHE H 444 -42.80 72.06 12.40
CA PHE H 444 -44.21 71.68 12.41
C PHE H 444 -44.74 71.48 11.01
N ASP H 445 -44.03 70.70 10.19
CA ASP H 445 -44.54 70.41 8.87
C ASP H 445 -45.68 69.41 8.94
N PHE H 446 -46.61 69.54 8.01
CA PHE H 446 -47.76 68.65 7.90
C PHE H 446 -48.16 68.55 6.44
N ASP H 447 -47.80 67.45 5.81
CA ASP H 447 -48.23 67.17 4.44
C ASP H 447 -48.62 65.70 4.41
N PRO H 448 -49.93 65.41 4.38
CA PRO H 448 -50.37 64.01 4.48
C PRO H 448 -50.02 63.18 3.28
N LYS H 449 -49.63 63.79 2.17
CA LYS H 449 -49.29 63.07 0.96
C LYS H 449 -47.85 62.61 0.93
N TYR H 450 -47.11 62.76 2.02
CA TYR H 450 -45.73 62.32 2.09
C TYR H 450 -45.39 61.93 3.51
N GLU H 451 -45.11 60.65 3.73
CA GLU H 451 -44.48 60.22 4.96
C GLU H 451 -43.29 59.36 4.60
N PRO H 452 -42.18 59.53 5.31
CA PRO H 452 -40.93 58.96 4.86
C PRO H 452 -40.92 57.46 5.02
N PRO H 453 -40.08 56.77 4.29
CA PRO H 453 -40.00 55.31 4.42
C PRO H 453 -39.23 54.89 5.64
N TYR H 454 -39.05 53.58 5.82
CA TYR H 454 -38.22 53.07 6.88
C TYR H 454 -37.62 51.75 6.42
N PHE H 455 -36.78 51.17 7.25
CA PHE H 455 -36.01 49.99 6.89
C PHE H 455 -36.12 49.00 8.02
N ASP H 456 -36.91 47.94 7.81
CA ASP H 456 -37.12 46.95 8.85
C ASP H 456 -35.99 45.93 8.81
N ALA H 457 -35.18 45.90 9.86
CA ALA H 457 -34.02 45.04 9.94
C ALA H 457 -34.17 44.05 11.07
N SER H 458 -35.35 43.43 11.16
CA SER H 458 -35.59 42.46 12.22
C SER H 458 -34.84 41.17 12.02
N PHE H 459 -34.46 40.84 10.79
CA PHE H 459 -33.76 39.60 10.55
C PHE H 459 -32.46 39.53 11.34
N GLU H 460 -31.93 40.66 11.76
CA GLU H 460 -30.72 40.66 12.58
C GLU H 460 -30.90 39.83 13.82
N LYS H 461 -32.09 39.87 14.42
CA LYS H 461 -32.33 39.11 15.64
C LYS H 461 -32.07 37.63 15.42
N LEU H 462 -32.23 37.14 14.19
CA LEU H 462 -31.91 35.75 13.92
C LEU H 462 -30.43 35.50 14.10
N TYR H 463 -29.60 36.31 13.45
CA TYR H 463 -28.16 36.09 13.49
C TYR H 463 -27.65 36.05 14.92
N THR H 464 -27.96 37.08 15.71
CA THR H 464 -27.56 37.08 17.11
C THR H 464 -28.02 35.82 17.81
N TYR H 465 -29.27 35.43 17.61
CA TYR H 465 -29.75 34.20 18.23
C TYR H 465 -28.83 33.03 17.87
N PHE H 466 -28.59 32.82 16.60
CA PHE H 466 -27.84 31.65 16.22
C PHE H 466 -26.36 31.76 16.51
N ASP H 467 -25.90 32.83 17.15
CA ASP H 467 -24.50 32.79 17.54
C ASP H 467 -24.35 32.38 19.00
N GLU H 468 -25.44 32.31 19.75
CA GLU H 468 -25.36 31.82 21.11
C GLU H 468 -26.04 30.49 21.32
N ASN H 469 -26.88 30.04 20.39
CA ASN H 469 -27.39 28.68 20.35
C ASN H 469 -27.04 28.06 19.01
N PRO H 470 -25.76 27.88 18.71
CA PRO H 470 -25.38 27.43 17.38
C PRO H 470 -25.64 25.95 17.19
N SER H 471 -25.36 25.48 15.98
CA SER H 471 -25.50 24.08 15.62
C SER H 471 -24.26 23.65 14.87
N PHE H 472 -23.75 22.47 15.20
CA PHE H 472 -22.53 21.96 14.63
C PHE H 472 -22.84 20.75 13.76
N GLY H 473 -22.08 20.60 12.69
CA GLY H 473 -22.55 19.84 11.56
C GLY H 473 -22.26 18.36 11.46
N GLU H 474 -22.96 17.53 12.23
CA GLU H 474 -23.08 16.10 11.92
C GLU H 474 -21.79 15.32 12.12
N MET H 475 -20.68 16.03 12.24
CA MET H 475 -19.41 15.39 12.50
C MET H 475 -18.91 15.72 13.89
N ALA H 476 -19.43 16.79 14.49
CA ALA H 476 -19.22 17.05 15.89
C ALA H 476 -20.11 16.19 16.77
N ASP H 477 -21.17 15.62 16.23
CA ASP H 477 -22.00 14.73 17.01
C ASP H 477 -21.28 13.43 17.36
N GLU H 478 -20.57 12.85 16.39
CA GLU H 478 -19.78 11.66 16.67
C GLU H 478 -18.71 11.94 17.70
N ALA H 479 -18.00 13.05 17.55
CA ALA H 479 -16.96 13.39 18.49
C ALA H 479 -17.52 13.61 19.88
N MET H 480 -18.71 14.21 19.97
CA MET H 480 -19.26 14.48 21.29
C MET H 480 -19.82 13.22 21.94
N GLU H 481 -20.41 12.31 21.18
CA GLU H 481 -20.81 11.06 21.78
C GLU H 481 -19.60 10.25 22.22
N LEU H 482 -18.50 10.33 21.48
CA LEU H 482 -17.25 9.71 21.94
C LEU H 482 -16.79 10.32 23.25
N GLU H 483 -16.76 11.65 23.31
CA GLU H 483 -16.32 12.33 24.53
C GLU H 483 -17.17 11.93 25.72
N ARG H 484 -18.49 11.89 25.55
CA ARG H 484 -19.37 11.52 26.65
C ARG H 484 -19.18 10.07 27.05
N GLY H 485 -19.31 9.14 26.09
CA GLY H 485 -19.17 7.74 26.40
C GLY H 485 -17.83 7.36 27.00
N ALA H 486 -16.79 8.13 26.72
CA ALA H 486 -15.49 7.82 27.28
C ALA H 486 -15.24 8.57 28.59
N GLU H 487 -15.94 9.67 28.80
CA GLU H 487 -15.83 10.38 30.06
C GLU H 487 -16.75 9.80 31.13
N ALA H 488 -17.83 9.14 30.72
CA ALA H 488 -18.81 8.62 31.65
C ALA H 488 -18.40 7.28 32.27
N GLU H 489 -17.20 6.79 31.97
CA GLU H 489 -16.76 5.54 32.58
C GLU H 489 -16.36 5.74 34.03
N ARG H 490 -16.31 6.99 34.48
CA ARG H 490 -15.96 7.29 35.85
C ARG H 490 -17.19 7.29 36.75
N SER I 60 4.77 73.10 -34.66
CA SER I 60 5.28 74.43 -34.34
C SER I 60 6.69 74.34 -33.76
N ASN I 61 7.02 75.31 -32.92
CA ASN I 61 8.30 75.36 -32.23
C ASN I 61 8.08 75.55 -30.73
N TRP I 62 7.12 74.79 -30.19
CA TRP I 62 6.85 74.87 -28.76
C TRP I 62 8.07 74.49 -27.95
N TRP I 63 8.95 73.66 -28.51
CA TRP I 63 10.13 73.21 -27.78
C TRP I 63 11.11 74.34 -27.53
N ALA I 64 10.83 75.55 -28.01
CA ALA I 64 11.63 76.69 -27.60
C ALA I 64 11.20 77.18 -26.24
N SER I 65 9.90 77.18 -25.96
CA SER I 65 9.40 77.71 -24.70
C SER I 65 9.19 76.61 -23.65
N ILE I 66 10.19 75.77 -23.43
CA ILE I 66 10.17 74.80 -22.34
C ILE I 66 10.93 75.40 -21.19
N ASN I 67 10.32 75.43 -20.01
CA ASN I 67 10.86 76.14 -18.86
C ASN I 67 10.68 75.30 -17.61
N ARG I 68 11.80 74.90 -17.00
CA ARG I 68 11.72 73.99 -15.87
C ARG I 68 11.32 74.69 -14.59
N LYS I 69 11.30 76.02 -14.58
CA LYS I 69 10.86 76.74 -13.39
C LYS I 69 9.35 76.75 -13.27
N THR I 70 8.66 77.07 -14.35
CA THR I 70 7.21 77.11 -14.33
C THR I 70 6.57 75.80 -14.73
N GLY I 71 7.29 74.69 -14.65
CA GLY I 71 6.73 73.40 -14.97
C GLY I 71 6.99 72.95 -16.38
N ILE I 72 7.32 71.68 -16.55
CA ILE I 72 7.53 71.11 -17.87
C ILE I 72 6.23 70.49 -18.36
N ARG I 73 5.84 70.81 -19.59
CA ARG I 73 4.61 70.25 -20.11
C ARG I 73 4.66 70.21 -21.63
N GLY I 74 3.95 69.25 -22.20
CA GLY I 74 3.91 69.09 -23.63
C GLY I 74 2.70 69.77 -24.25
N PRO I 75 2.56 69.60 -25.55
CA PRO I 75 1.47 70.27 -26.25
C PRO I 75 0.11 69.63 -26.03
N ASP I 76 0.04 68.31 -26.10
CA ASP I 76 -1.23 67.62 -26.05
C ASP I 76 -1.88 67.77 -24.68
N PRO I 77 -3.21 67.78 -24.62
CA PRO I 77 -3.91 68.26 -23.42
C PRO I 77 -3.99 67.26 -22.26
N ALA I 78 -2.93 67.26 -21.46
CA ALA I 78 -2.91 66.75 -20.09
C ALA I 78 -3.73 65.48 -19.90
N PRO I 79 -3.31 64.35 -20.43
CA PRO I 79 -4.08 63.12 -20.23
C PRO I 79 -4.05 62.68 -18.78
N ALA I 80 -4.75 63.45 -17.93
CA ALA I 80 -4.84 63.18 -16.51
C ALA I 80 -6.04 62.32 -16.15
N GLU I 81 -6.54 61.53 -17.09
CA GLU I 81 -7.60 60.58 -16.79
C GLU I 81 -7.10 59.56 -15.79
N GLU I 82 -8.03 59.03 -15.00
CA GLU I 82 -7.70 58.12 -13.90
C GLU I 82 -9.01 57.56 -13.36
N HIS I 83 -8.89 56.61 -12.45
CA HIS I 83 -10.04 56.07 -11.73
C HIS I 83 -9.51 55.30 -10.52
N THR I 84 -10.42 54.86 -9.67
CA THR I 84 -10.01 54.12 -8.49
C THR I 84 -11.19 53.33 -7.93
N ASN I 85 -10.92 52.09 -7.56
CA ASN I 85 -11.80 51.36 -6.66
C ASN I 85 -11.31 51.62 -5.24
N GLY I 86 -11.78 50.83 -4.29
CA GLY I 86 -11.33 51.01 -2.93
C GLY I 86 -9.85 50.74 -2.80
N PRO I 87 -9.27 51.17 -1.68
CA PRO I 87 -7.89 50.78 -1.41
C PRO I 87 -7.66 49.28 -1.40
N ALA I 88 -8.61 48.49 -0.92
CA ALA I 88 -8.41 47.04 -0.87
C ALA I 88 -8.43 46.43 -2.25
N ARG I 89 -9.44 46.76 -3.07
CA ARG I 89 -9.49 46.21 -4.41
C ARG I 89 -8.45 46.81 -5.33
N ASP I 90 -7.52 47.60 -4.81
CA ASP I 90 -6.42 48.12 -5.61
C ASP I 90 -5.07 47.63 -5.13
N ILE I 91 -4.93 47.37 -3.82
CA ILE I 91 -3.75 46.70 -3.33
C ILE I 91 -3.60 45.34 -4.00
N ILE I 92 -4.59 44.47 -3.82
CA ILE I 92 -4.61 43.20 -4.54
C ILE I 92 -5.14 43.43 -5.94
N GLY I 93 -5.00 42.43 -6.78
CA GLY I 93 -5.36 42.57 -8.17
C GLY I 93 -6.83 42.77 -8.38
N ASP I 94 -7.22 42.77 -9.66
CA ASP I 94 -8.62 42.73 -10.03
C ASP I 94 -9.05 41.32 -10.39
N ARG I 95 -8.18 40.33 -10.19
CA ARG I 95 -8.52 38.93 -10.35
C ARG I 95 -8.75 38.23 -9.03
N MET I 96 -7.89 38.48 -8.04
CA MET I 96 -8.12 37.92 -6.71
C MET I 96 -9.30 38.60 -6.02
N SER I 97 -9.66 39.81 -6.42
CA SER I 97 -10.85 40.44 -5.89
C SER I 97 -12.11 39.67 -6.29
N ARG I 98 -12.16 39.19 -7.53
CA ARG I 98 -13.30 38.40 -7.96
C ARG I 98 -13.43 37.11 -7.17
N ARG I 99 -12.31 36.40 -7.00
CA ARG I 99 -12.34 35.18 -6.21
C ARG I 99 -12.83 35.46 -4.80
N LEU I 100 -12.35 36.55 -4.19
CA LEU I 100 -12.77 36.87 -2.84
C LEU I 100 -14.25 37.17 -2.77
N GLU I 101 -14.77 37.92 -3.74
CA GLU I 101 -16.19 38.24 -3.73
C GLU I 101 -17.04 36.99 -3.87
N ASP I 102 -16.63 36.06 -4.73
CA ASP I 102 -17.41 34.85 -4.90
C ASP I 102 -17.36 33.96 -3.66
N ILE I 103 -16.21 33.89 -2.98
CA ILE I 103 -16.14 33.11 -1.76
C ILE I 103 -17.07 33.68 -0.71
N ASN I 104 -17.06 35.00 -0.53
CA ASN I 104 -17.94 35.59 0.46
C ASN I 104 -19.40 35.36 0.13
N LYS I 105 -19.77 35.50 -1.14
CA LYS I 105 -21.15 35.28 -1.55
C LYS I 105 -21.60 33.85 -1.20
N ALA I 106 -20.79 32.87 -1.60
CA ALA I 106 -21.18 31.48 -1.37
C ALA I 106 -21.27 31.15 0.10
N GLU I 107 -20.35 31.67 0.91
CA GLU I 107 -20.37 31.35 2.33
C GLU I 107 -21.59 31.98 3.01
N ARG I 108 -21.92 33.22 2.66
CA ARG I 108 -23.11 33.83 3.24
C ARG I 108 -24.36 33.03 2.90
N GLN I 109 -24.44 32.54 1.67
CA GLN I 109 -25.62 31.75 1.29
C GLN I 109 -25.70 30.46 2.07
N ARG I 110 -24.60 29.71 2.15
CA ARG I 110 -24.64 28.44 2.87
C ARG I 110 -25.05 28.65 4.32
N VAL I 111 -24.57 29.73 4.95
CA VAL I 111 -24.93 29.95 6.34
C VAL I 111 -26.40 30.31 6.49
N TRP I 112 -26.94 31.11 5.58
CA TRP I 112 -28.36 31.42 5.66
C TRP I 112 -29.20 30.16 5.56
N ASP I 113 -28.83 29.26 4.66
CA ASP I 113 -29.61 28.04 4.50
C ASP I 113 -29.54 27.16 5.74
N ALA I 114 -28.37 27.04 6.34
CA ALA I 114 -28.27 26.25 7.57
C ALA I 114 -29.12 26.85 8.67
N MET I 115 -29.16 28.18 8.77
CA MET I 115 -30.02 28.81 9.76
C MET I 115 -31.47 28.48 9.53
N ARG I 116 -31.91 28.57 8.27
CA ARG I 116 -33.32 28.28 7.98
C ARG I 116 -33.69 26.87 8.40
N VAL I 117 -32.84 25.90 8.08
CA VAL I 117 -33.16 24.52 8.43
C VAL I 117 -33.22 24.34 9.95
N ALA I 118 -32.19 24.82 10.64
CA ALA I 118 -32.16 24.63 12.10
C ALA I 118 -33.28 25.37 12.79
N ALA I 119 -33.70 26.50 12.25
CA ALA I 119 -34.81 27.23 12.86
C ALA I 119 -36.13 26.52 12.62
N ALA I 120 -36.30 25.95 11.43
CA ALA I 120 -37.50 25.16 11.19
C ALA I 120 -37.60 24.02 12.19
N HIS I 121 -36.50 23.33 12.44
CA HIS I 121 -36.53 22.24 13.41
C HIS I 121 -36.84 22.75 14.81
N ARG I 122 -36.09 23.73 15.29
CA ARG I 122 -36.32 24.23 16.64
C ARG I 122 -37.73 24.78 16.81
N TYR I 123 -38.35 25.23 15.72
CA TYR I 123 -39.68 25.81 15.83
C TYR I 123 -40.73 24.72 15.86
N ALA I 124 -40.56 23.69 15.04
CA ALA I 124 -41.53 22.60 15.01
C ALA I 124 -41.64 21.88 16.35
N SER I 125 -40.69 22.08 17.25
CA SER I 125 -40.71 21.41 18.54
C SER I 125 -40.77 22.39 19.71
N GLY I 126 -41.34 23.57 19.51
CA GLY I 126 -41.63 24.46 20.62
C GLY I 126 -40.59 25.51 20.96
N GLN I 127 -39.32 25.14 20.94
CA GLN I 127 -38.27 25.99 21.51
C GLN I 127 -37.90 27.12 20.57
N MET I 128 -38.65 28.21 20.59
CA MET I 128 -38.34 29.39 19.79
C MET I 128 -38.83 30.64 20.52
N PRO I 129 -38.08 31.74 20.45
CA PRO I 129 -38.24 32.82 21.43
C PRO I 129 -39.38 33.81 21.17
N ALA I 130 -40.36 33.48 20.36
CA ALA I 130 -41.65 34.19 20.38
C ALA I 130 -41.62 35.60 19.80
N TRP I 131 -40.44 36.13 19.49
CA TRP I 131 -40.38 37.22 18.52
C TRP I 131 -40.22 36.67 17.11
N PHE I 132 -40.19 35.35 16.99
CA PHE I 132 -39.87 34.69 15.74
C PHE I 132 -41.10 34.64 14.86
N ASP I 133 -40.98 35.14 13.63
CA ASP I 133 -42.07 35.10 12.67
C ASP I 133 -41.80 34.00 11.67
N PRO I 134 -42.64 32.96 11.59
CA PRO I 134 -42.33 31.84 10.71
C PRO I 134 -42.38 32.17 9.23
N GLU I 135 -42.63 33.42 8.85
CA GLU I 135 -42.50 33.80 7.46
C GLU I 135 -41.07 34.06 7.06
N TRP I 136 -40.17 34.29 8.00
CA TRP I 136 -38.78 34.49 7.66
C TRP I 136 -38.15 33.26 7.04
N LEU I 137 -38.84 32.11 7.08
CA LEU I 137 -38.31 30.90 6.47
C LEU I 137 -38.60 30.80 5.00
N GLN I 138 -39.33 31.76 4.44
CA GLN I 138 -39.62 31.77 3.01
C GLN I 138 -38.69 32.68 2.23
N GLN I 139 -37.86 33.47 2.92
CA GLN I 139 -36.85 34.29 2.25
C GLN I 139 -35.69 33.39 1.87
N GLU I 140 -35.57 33.10 0.58
CA GLU I 140 -34.58 32.13 0.14
C GLU I 140 -33.19 32.69 -0.02
N GLU I 141 -33.03 33.98 -0.30
CA GLU I 141 -31.75 34.36 -0.85
C GLU I 141 -30.68 34.49 0.21
N ALA I 142 -30.67 35.59 0.91
CA ALA I 142 -29.96 35.90 2.13
C ALA I 142 -30.25 37.37 2.24
N PRO I 143 -30.29 37.97 3.42
CA PRO I 143 -30.49 39.41 3.45
C PRO I 143 -29.33 40.18 2.84
N LEU I 144 -28.09 39.80 3.17
CA LEU I 144 -26.93 40.53 2.67
C LEU I 144 -26.80 40.45 1.16
N ASN I 145 -26.86 39.24 0.60
CA ASN I 145 -26.72 39.09 -0.84
C ASN I 145 -27.88 39.74 -1.57
N ALA I 146 -29.07 39.71 -0.99
CA ALA I 146 -30.20 40.39 -1.62
C ALA I 146 -29.96 41.89 -1.69
N MET I 147 -29.45 42.48 -0.62
CA MET I 147 -29.19 43.91 -0.63
C MET I 147 -28.11 44.26 -1.65
N ASP I 148 -27.03 43.49 -1.69
CA ASP I 148 -25.99 43.74 -2.68
C ASP I 148 -26.54 43.67 -4.10
N ARG I 149 -27.31 42.62 -4.38
CA ARG I 149 -27.88 42.46 -5.71
C ARG I 149 -28.78 43.61 -6.07
N MET I 150 -29.63 44.03 -5.14
CA MET I 150 -30.56 45.12 -5.41
C MET I 150 -29.82 46.40 -5.74
N ARG I 151 -28.83 46.76 -4.92
CA ARG I 151 -28.09 47.99 -5.17
C ARG I 151 -27.37 47.94 -6.50
N GLY I 152 -26.64 46.85 -6.77
CA GLY I 152 -25.92 46.75 -8.02
C GLY I 152 -26.85 46.83 -9.22
N GLU I 153 -27.97 46.14 -9.17
CA GLU I 153 -28.89 46.12 -10.30
C GLU I 153 -29.52 47.49 -10.53
N GLN I 154 -29.86 48.20 -9.47
CA GLN I 154 -30.43 49.52 -9.69
C GLN I 154 -29.38 50.49 -10.23
N ARG I 155 -28.13 50.36 -9.79
CA ARG I 155 -27.07 51.17 -10.38
C ARG I 155 -26.95 50.89 -11.87
N ARG I 156 -26.97 49.62 -12.27
CA ARG I 156 -26.92 49.27 -13.68
C ARG I 156 -28.08 49.90 -14.44
N ILE I 157 -29.31 49.64 -14.00
CA ILE I 157 -30.47 50.14 -14.75
C ILE I 157 -30.59 51.65 -14.68
N GLU I 158 -29.83 52.30 -13.80
CA GLU I 158 -29.85 53.75 -13.77
C GLU I 158 -28.82 54.34 -14.72
N GLU I 159 -27.54 54.02 -14.50
CA GLU I 159 -26.47 54.64 -15.27
C GLU I 159 -26.40 54.16 -16.71
N GLN I 160 -27.15 53.12 -17.08
CA GLN I 160 -27.17 52.66 -18.46
C GLN I 160 -28.22 53.36 -19.30
N GLN I 161 -29.20 54.02 -18.67
CA GLN I 161 -30.24 54.74 -19.39
C GLN I 161 -30.05 56.25 -19.31
N GLN I 162 -28.80 56.71 -19.35
CA GLN I 162 -28.51 58.14 -19.35
C GLN I 162 -29.18 58.86 -20.52
N TRP I 198 -50.22 26.35 -29.55
CA TRP I 198 -50.78 27.27 -30.53
C TRP I 198 -49.79 28.38 -30.85
N TRP I 199 -50.29 29.46 -31.46
CA TRP I 199 -49.46 30.53 -31.98
C TRP I 199 -49.77 31.82 -31.22
N ARG I 200 -48.72 32.58 -30.90
CA ARG I 200 -48.84 33.83 -30.17
C ARG I 200 -47.90 34.84 -30.82
N GLU I 201 -48.46 35.69 -31.68
CA GLU I 201 -47.64 36.57 -32.50
C GLU I 201 -46.84 37.56 -31.68
N ASP I 202 -47.32 37.93 -30.49
CA ASP I 202 -46.61 38.93 -29.70
C ASP I 202 -45.28 38.40 -29.18
N ASP I 203 -45.30 37.21 -28.58
CA ASP I 203 -44.06 36.50 -28.24
C ASP I 203 -44.25 35.06 -28.68
N PRO I 204 -43.55 34.62 -29.70
CA PRO I 204 -43.78 33.28 -30.23
C PRO I 204 -43.13 32.21 -29.37
N TYR I 205 -42.04 32.54 -28.70
CA TYR I 205 -41.30 31.57 -27.91
C TYR I 205 -41.70 31.59 -26.44
N TRP I 206 -43.00 31.47 -26.18
CA TRP I 206 -43.46 31.35 -24.81
C TRP I 206 -43.16 29.99 -24.21
N PRO I 207 -43.16 28.88 -24.95
CA PRO I 207 -42.86 27.60 -24.29
C PRO I 207 -41.49 27.54 -23.66
N LEU I 208 -40.51 28.26 -24.15
CA LEU I 208 -39.15 28.21 -23.59
C LEU I 208 -38.95 29.29 -22.55
N ARG I 209 -39.90 29.40 -21.63
CA ARG I 209 -39.89 30.45 -20.63
C ARG I 209 -40.04 29.81 -19.27
N ASP I 210 -39.30 30.31 -18.29
CA ASP I 210 -39.25 29.66 -16.99
C ASP I 210 -40.56 29.93 -16.27
N TRP I 211 -41.51 29.01 -16.38
CA TRP I 211 -42.80 29.16 -15.74
C TRP I 211 -42.84 28.60 -14.33
N GLY I 212 -41.83 27.84 -13.93
CA GLY I 212 -41.72 27.36 -12.58
C GLY I 212 -41.94 25.88 -12.39
N ASP I 213 -42.21 25.12 -13.44
CA ASP I 213 -42.43 23.69 -13.32
C ASP I 213 -41.36 22.93 -14.09
N HIS I 214 -41.56 21.64 -14.19
CA HIS I 214 -40.66 20.81 -14.97
C HIS I 214 -41.14 20.77 -16.41
N PRO I 215 -40.23 20.76 -17.39
CA PRO I 215 -40.67 20.68 -18.78
C PRO I 215 -41.48 19.44 -19.08
N MET I 216 -41.12 18.31 -18.50
CA MET I 216 -41.77 17.05 -18.79
C MET I 216 -42.92 16.79 -17.83
N ARG I 217 -43.79 17.76 -17.67
CA ARG I 217 -44.86 17.67 -16.69
C ARG I 217 -46.21 17.36 -17.29
N TRP I 218 -46.52 17.91 -18.47
CA TRP I 218 -47.78 17.57 -19.11
C TRP I 218 -47.69 16.24 -19.83
N TRP I 219 -46.50 15.89 -20.31
CA TRP I 219 -46.32 14.59 -20.93
C TRP I 219 -46.55 13.48 -19.92
N THR I 220 -46.14 13.69 -18.67
CA THR I 220 -46.31 12.68 -17.65
C THR I 220 -47.79 12.43 -17.35
N LEU I 221 -48.57 13.50 -17.23
CA LEU I 221 -49.99 13.34 -16.99
C LEU I 221 -50.70 12.76 -18.20
N ALA I 222 -50.32 13.18 -19.40
CA ALA I 222 -50.88 12.57 -20.61
C ALA I 222 -50.62 11.08 -20.64
N PHE I 223 -49.40 10.66 -20.35
CA PHE I 223 -49.10 9.24 -20.36
C PHE I 223 -49.85 8.50 -19.26
N ALA I 224 -50.02 9.12 -18.11
CA ALA I 224 -50.82 8.48 -17.06
C ALA I 224 -52.24 8.26 -17.50
N ALA I 225 -52.84 9.27 -18.13
CA ALA I 225 -54.21 9.13 -18.61
C ALA I 225 -54.32 8.04 -19.66
N ILE I 226 -53.36 7.99 -20.59
CA ILE I 226 -53.37 6.96 -21.63
C ILE I 226 -53.25 5.58 -21.01
N MET I 227 -52.30 5.39 -20.09
CA MET I 227 -52.16 4.09 -19.44
C MET I 227 -53.45 3.67 -18.76
N ALA I 228 -54.05 4.56 -17.98
CA ALA I 228 -55.26 4.18 -17.24
C ALA I 228 -56.40 3.83 -18.17
N ALA I 229 -56.67 4.68 -19.16
CA ALA I 229 -57.75 4.42 -20.09
C ALA I 229 -57.54 3.11 -20.84
N GLY I 230 -56.34 2.92 -21.40
CA GLY I 230 -56.06 1.71 -22.15
C GLY I 230 -56.15 0.46 -21.29
N GLY I 231 -55.66 0.52 -20.06
CA GLY I 231 -55.73 -0.64 -19.20
C GLY I 231 -57.16 -1.03 -18.90
N LEU I 232 -57.99 -0.05 -18.54
CA LEU I 232 -59.38 -0.37 -18.22
C LEU I 232 -60.12 -0.89 -19.44
N ALA I 233 -59.93 -0.23 -20.59
CA ALA I 233 -60.60 -0.67 -21.81
C ALA I 233 -60.21 -2.09 -22.16
N THR I 234 -58.91 -2.40 -22.13
CA THR I 234 -58.46 -3.74 -22.48
C THR I 234 -59.01 -4.77 -21.51
N SER I 235 -58.91 -4.51 -20.21
CA SER I 235 -59.34 -5.53 -19.28
C SER I 235 -60.84 -5.73 -19.28
N VAL I 236 -61.61 -4.77 -19.77
CA VAL I 236 -63.04 -5.01 -19.94
C VAL I 236 -63.32 -5.74 -21.24
N ALA I 237 -62.59 -5.41 -22.30
CA ALA I 237 -62.85 -6.01 -23.60
C ALA I 237 -62.45 -7.47 -23.69
N THR I 238 -61.54 -7.95 -22.84
CA THR I 238 -61.08 -9.32 -22.93
C THR I 238 -61.51 -10.17 -21.74
N GLY I 239 -61.16 -9.76 -20.53
CA GLY I 239 -61.48 -10.55 -19.37
C GLY I 239 -60.27 -10.79 -18.49
N TYR I 240 -59.11 -10.35 -18.95
CA TYR I 240 -57.90 -10.47 -18.16
C TYR I 240 -57.83 -9.36 -17.11
N VAL I 241 -57.27 -9.69 -15.95
CA VAL I 241 -57.27 -8.75 -14.84
C VAL I 241 -55.93 -8.09 -14.63
N GLU I 242 -54.91 -8.46 -15.39
CA GLU I 242 -53.62 -7.81 -15.24
C GLU I 242 -53.56 -6.47 -15.97
N PRO I 243 -54.13 -6.34 -17.18
CA PRO I 243 -54.07 -5.03 -17.84
C PRO I 243 -54.60 -3.89 -17.00
N VAL I 244 -55.78 -4.02 -16.39
CA VAL I 244 -56.33 -2.90 -15.63
C VAL I 244 -55.52 -2.64 -14.38
N GLN I 245 -55.02 -3.70 -13.73
CA GLN I 245 -54.25 -3.51 -12.51
C GLN I 245 -52.96 -2.76 -12.78
N ALA I 246 -52.21 -3.21 -13.79
CA ALA I 246 -50.98 -2.52 -14.15
C ALA I 246 -51.26 -1.12 -14.65
N GLY I 247 -52.28 -0.95 -15.48
CA GLY I 247 -52.58 0.37 -16.02
C GLY I 247 -52.99 1.37 -14.97
N LEU I 248 -53.84 0.96 -14.04
CA LEU I 248 -54.30 1.91 -13.03
C LEU I 248 -53.27 2.13 -11.93
N GLY I 249 -52.46 1.12 -11.61
CA GLY I 249 -51.35 1.36 -10.70
C GLY I 249 -50.37 2.37 -11.26
N ALA I 250 -49.93 2.16 -12.50
CA ALA I 250 -49.04 3.12 -13.12
C ALA I 250 -49.69 4.49 -13.27
N GLY I 251 -50.99 4.52 -13.56
CA GLY I 251 -51.65 5.80 -13.68
C GLY I 251 -51.67 6.58 -12.38
N ALA I 252 -51.95 5.90 -11.28
CA ALA I 252 -51.91 6.57 -9.98
C ALA I 252 -50.51 7.10 -9.68
N LEU I 253 -49.50 6.26 -9.84
CA LEU I 253 -48.13 6.70 -9.51
C LEU I 253 -47.69 7.86 -10.41
N LEU I 254 -48.04 7.81 -11.69
CA LEU I 254 -47.60 8.86 -12.58
C LEU I 254 -48.39 10.15 -12.40
N ALA I 255 -49.66 10.07 -12.00
CA ALA I 255 -50.38 11.28 -11.68
C ALA I 255 -49.82 11.94 -10.44
N LEU I 256 -49.43 11.14 -9.44
CA LEU I 256 -48.79 11.72 -8.26
C LEU I 256 -47.46 12.38 -8.60
N ALA I 257 -46.66 11.74 -9.44
CA ALA I 257 -45.39 12.33 -9.82
C ALA I 257 -45.58 13.61 -10.63
N GLY I 258 -46.56 13.62 -11.53
CA GLY I 258 -46.82 14.82 -12.29
C GLY I 258 -47.48 15.92 -11.50
N ALA I 259 -48.05 15.58 -10.34
CA ALA I 259 -48.48 16.62 -9.42
C ALA I 259 -47.30 17.23 -8.69
N ALA I 260 -46.39 16.38 -8.20
CA ALA I 260 -45.22 16.90 -7.52
C ALA I 260 -44.31 17.69 -8.45
N MET I 261 -44.33 17.39 -9.72
CA MET I 261 -43.46 18.09 -10.66
C MET I 261 -43.93 19.43 -11.02
N SER I 262 -44.88 20.03 -10.33
CA SER I 262 -45.36 21.35 -10.69
C SER I 262 -44.65 22.46 -9.96
N ASP I 263 -43.60 22.15 -9.21
CA ASP I 263 -42.71 23.13 -8.62
C ASP I 263 -41.34 22.48 -8.51
N ALA I 264 -40.46 22.79 -9.46
CA ALA I 264 -39.25 22.01 -9.62
C ALA I 264 -38.11 22.44 -8.71
N ARG I 265 -38.28 23.54 -7.97
CA ARG I 265 -37.18 24.01 -7.13
C ARG I 265 -37.15 23.29 -5.79
N CYS I 266 -38.29 22.78 -5.34
CA CYS I 266 -38.40 22.18 -4.02
C CYS I 266 -37.67 20.85 -3.99
N VAL I 267 -37.76 20.17 -2.86
CA VAL I 267 -37.28 18.79 -2.75
C VAL I 267 -38.32 17.84 -3.32
N PRO I 268 -39.61 17.98 -2.98
CA PRO I 268 -40.61 17.17 -3.69
C PRO I 268 -40.58 17.34 -5.19
N GLY I 269 -40.17 18.50 -5.68
CA GLY I 269 -40.08 18.68 -7.12
C GLY I 269 -39.06 17.76 -7.76
N ALA I 270 -38.09 17.28 -6.98
CA ALA I 270 -37.09 16.37 -7.51
C ALA I 270 -37.47 14.92 -7.27
N LEU I 271 -38.03 14.63 -6.10
CA LEU I 271 -38.50 13.27 -5.87
C LEU I 271 -39.60 12.90 -6.85
N GLY I 272 -40.36 13.87 -7.36
CA GLY I 272 -41.33 13.56 -8.38
C GLY I 272 -40.70 13.02 -9.64
N VAL I 273 -39.67 13.69 -10.14
CA VAL I 273 -38.98 13.21 -11.33
C VAL I 273 -38.41 11.82 -11.11
N LYS I 274 -37.82 11.58 -9.94
CA LYS I 274 -37.28 10.25 -9.67
C LYS I 274 -38.36 9.19 -9.70
N LEU I 275 -39.51 9.47 -9.09
CA LEU I 275 -40.60 8.49 -9.09
C LEU I 275 -41.09 8.19 -10.50
N ALA I 276 -41.25 9.22 -11.33
CA ALA I 276 -41.73 9.00 -12.68
C ALA I 276 -40.75 8.18 -13.49
N TRP I 277 -39.45 8.47 -13.36
CA TRP I 277 -38.47 7.68 -14.07
C TRP I 277 -38.52 6.22 -13.64
N ALA I 278 -38.64 5.97 -12.34
CA ALA I 278 -38.71 4.59 -11.88
C ALA I 278 -39.90 3.86 -12.49
N VAL I 279 -41.07 4.50 -12.51
CA VAL I 279 -42.24 3.80 -13.04
C VAL I 279 -42.09 3.53 -14.53
N CYS I 280 -41.60 4.50 -15.30
CA CYS I 280 -41.46 4.24 -16.73
C CYS I 280 -40.42 3.17 -17.02
N ALA I 281 -39.35 3.12 -16.23
CA ALA I 281 -38.36 2.07 -16.42
C ALA I 281 -38.95 0.69 -16.13
N LEU I 282 -39.75 0.58 -15.07
CA LEU I 282 -40.38 -0.70 -14.77
C LEU I 282 -41.32 -1.13 -15.88
N ILE I 283 -42.03 -0.17 -16.47
CA ILE I 283 -42.93 -0.53 -17.58
C ILE I 283 -42.13 -1.08 -18.75
N VAL I 284 -41.04 -0.40 -19.11
CA VAL I 284 -40.20 -0.87 -20.21
C VAL I 284 -39.67 -2.27 -19.92
N LEU I 285 -39.29 -2.52 -18.67
CA LEU I 285 -38.73 -3.82 -18.31
C LEU I 285 -39.78 -4.91 -18.46
N LYS I 286 -40.96 -4.72 -17.87
CA LYS I 286 -41.99 -5.73 -18.00
C LYS I 286 -42.34 -5.97 -19.45
N GLU I 287 -42.31 -4.93 -20.28
CA GLU I 287 -42.67 -5.15 -21.66
C GLU I 287 -41.63 -5.96 -22.41
N VAL I 288 -40.34 -5.61 -22.29
CA VAL I 288 -39.33 -6.28 -23.12
C VAL I 288 -38.78 -7.56 -22.52
N SER I 289 -39.07 -7.87 -21.26
CA SER I 289 -38.49 -9.06 -20.67
C SER I 289 -39.49 -10.11 -20.22
N VAL I 290 -40.73 -9.73 -19.92
CA VAL I 290 -41.72 -10.71 -19.47
C VAL I 290 -42.95 -10.66 -20.36
N GLY I 291 -43.21 -9.54 -21.00
CA GLY I 291 -44.37 -9.41 -21.85
C GLY I 291 -45.66 -9.37 -21.05
N TRP I 292 -46.76 -9.31 -21.78
CA TRP I 292 -48.08 -9.14 -21.20
C TRP I 292 -48.88 -10.42 -21.28
N GLN I 293 -49.73 -10.65 -20.29
CA GLN I 293 -50.46 -11.91 -20.19
C GLN I 293 -51.47 -12.05 -21.32
N HIS I 294 -52.14 -10.98 -21.70
CA HIS I 294 -53.16 -11.08 -22.72
C HIS I 294 -52.60 -11.16 -24.13
N LYS I 295 -51.30 -11.38 -24.27
CA LYS I 295 -50.67 -11.42 -25.58
C LYS I 295 -50.02 -12.77 -25.85
N ARG I 296 -50.45 -13.79 -25.13
CA ARG I 296 -50.00 -15.15 -25.41
C ARG I 296 -50.64 -15.65 -26.68
N LYS I 297 -49.90 -16.47 -27.40
CA LYS I 297 -50.37 -17.11 -28.62
C LYS I 297 -50.27 -18.62 -28.49
N ARG I 298 -50.56 -19.32 -29.59
CA ARG I 298 -50.44 -20.77 -29.59
C ARG I 298 -49.00 -21.20 -29.81
N ARG I 299 -48.28 -20.53 -30.70
CA ARG I 299 -46.90 -20.87 -30.98
C ARG I 299 -46.00 -20.47 -29.81
N LEU I 300 -44.69 -20.60 -30.02
CA LEU I 300 -43.72 -20.20 -29.01
C LEU I 300 -42.92 -18.97 -29.40
N ALA I 301 -42.61 -18.80 -30.68
CA ALA I 301 -41.95 -17.58 -31.12
C ALA I 301 -42.96 -16.51 -31.48
N ALA I 302 -44.23 -16.86 -31.61
CA ALA I 302 -45.26 -15.86 -31.82
C ALA I 302 -45.58 -15.11 -30.54
N SER I 303 -45.35 -15.74 -29.38
CA SER I 303 -45.61 -15.14 -28.09
C SER I 303 -44.33 -14.73 -27.38
N ALA I 304 -43.35 -14.17 -28.08
CA ALA I 304 -42.10 -13.82 -27.39
C ALA I 304 -42.18 -12.38 -26.89
N PRO I 305 -41.65 -12.05 -25.69
CA PRO I 305 -41.64 -10.67 -25.26
C PRO I 305 -40.85 -9.74 -26.16
N ARG I 306 -41.52 -8.82 -26.86
CA ARG I 306 -40.83 -7.83 -27.73
C ARG I 306 -41.26 -6.41 -27.37
N LEU I 307 -40.57 -5.39 -27.90
CA LEU I 307 -40.90 -3.97 -27.61
C LEU I 307 -41.97 -3.48 -28.59
N GLU I 308 -43.10 -3.00 -28.09
CA GLU I 308 -44.22 -2.56 -28.96
C GLU I 308 -44.39 -1.05 -28.84
N LEU I 309 -45.57 -0.57 -28.48
CA LEU I 309 -45.80 0.89 -28.48
C LEU I 309 -45.81 1.45 -27.05
N THR I 310 -46.28 0.68 -26.07
CA THR I 310 -46.22 1.12 -24.69
C THR I 310 -44.80 1.21 -24.18
N GLY I 311 -44.02 0.15 -24.40
CA GLY I 311 -42.61 0.19 -24.04
C GLY I 311 -41.87 1.31 -24.72
N LEU I 312 -42.24 1.62 -25.96
CA LEU I 312 -41.55 2.67 -26.68
C LEU I 312 -41.85 4.03 -26.09
N ALA I 313 -43.11 4.27 -25.72
CA ALA I 313 -43.45 5.54 -25.10
C ALA I 313 -42.76 5.68 -23.75
N ALA I 314 -42.72 4.62 -22.96
CA ALA I 314 -42.05 4.69 -21.67
C ALA I 314 -40.55 4.95 -21.84
N ALA I 315 -39.93 4.36 -22.86
CA ALA I 315 -38.52 4.61 -23.09
C ALA I 315 -38.28 6.05 -23.52
N ALA I 316 -39.15 6.60 -24.36
CA ALA I 316 -39.03 7.99 -24.74
C ALA I 316 -39.17 8.90 -23.52
N LEU I 317 -40.07 8.56 -22.61
CA LEU I 317 -40.22 9.35 -21.40
C LEU I 317 -38.97 9.31 -20.54
N CYS I 318 -38.39 8.11 -20.36
CA CYS I 318 -37.17 8.01 -19.57
C CYS I 318 -36.06 8.84 -20.17
N ALA I 319 -35.89 8.80 -21.49
CA ALA I 319 -34.89 9.64 -22.12
C ALA I 319 -35.19 11.11 -21.92
N GLY I 320 -36.47 11.48 -21.92
CA GLY I 320 -36.83 12.87 -21.73
C GLY I 320 -36.56 13.38 -20.33
N TYR I 321 -36.75 12.51 -19.33
CA TYR I 321 -36.40 12.89 -17.97
C TYR I 321 -34.90 13.05 -17.83
N MET I 322 -34.14 12.15 -18.43
CA MET I 322 -32.70 12.22 -18.28
C MET I 322 -32.10 13.42 -18.99
N LEU I 323 -32.67 13.83 -20.12
CA LEU I 323 -32.06 14.92 -20.92
C LEU I 323 -32.71 16.29 -20.63
N THR I 324 -33.48 16.42 -19.58
CA THR I 324 -34.03 17.74 -19.21
C THR I 324 -33.46 18.08 -17.86
N ASP I 325 -33.83 17.36 -16.81
CA ASP I 325 -33.18 17.57 -15.48
C ASP I 325 -33.54 16.48 -14.48
N MET I 326 -32.56 15.71 -14.05
CA MET I 326 -32.77 14.69 -13.00
C MET I 326 -31.51 14.71 -12.15
N SER I 327 -31.13 15.86 -11.63
CA SER I 327 -29.83 15.96 -10.92
C SER I 327 -29.99 16.23 -9.43
N GLY I 328 -31.20 16.13 -8.89
CA GLY I 328 -31.40 16.49 -7.48
C GLY I 328 -30.95 15.42 -6.52
N MET I 329 -30.99 15.68 -5.22
CA MET I 329 -30.61 14.69 -4.19
C MET I 329 -29.35 13.94 -4.62
N GLY I 330 -28.30 14.67 -4.98
CA GLY I 330 -27.08 14.00 -5.36
C GLY I 330 -26.22 13.51 -4.22
N GLU I 331 -26.62 13.72 -2.98
CA GLU I 331 -25.81 13.32 -1.85
C GLU I 331 -26.20 11.96 -1.29
N VAL I 332 -26.95 11.17 -2.04
CA VAL I 332 -27.33 9.83 -1.64
C VAL I 332 -26.58 8.87 -2.54
N ALA I 333 -25.61 8.17 -1.98
CA ALA I 333 -24.78 7.27 -2.75
C ALA I 333 -24.26 6.19 -1.81
N LEU I 334 -23.38 5.39 -2.29
CA LEU I 334 -22.78 4.44 -1.37
C LEU I 334 -21.73 5.16 -0.54
N PRO I 335 -21.56 4.77 0.73
CA PRO I 335 -20.73 5.56 1.62
C PRO I 335 -19.28 5.52 1.19
N PRO I 336 -18.48 6.48 1.65
CA PRO I 336 -17.08 6.56 1.21
C PRO I 336 -16.25 5.39 1.70
N ASN I 337 -15.26 5.01 0.90
CA ASN I 337 -14.36 3.92 1.18
C ASN I 337 -13.20 4.39 2.03
N PRO I 338 -12.40 3.46 2.55
CA PRO I 338 -11.05 3.82 2.94
C PRO I 338 -10.14 4.14 1.78
N GLY I 339 -10.64 4.07 0.56
CA GLY I 339 -9.81 4.33 -0.59
C GLY I 339 -9.97 5.76 -1.01
N ALA I 340 -11.10 6.35 -0.69
CA ALA I 340 -11.33 7.75 -1.00
C ALA I 340 -10.65 8.69 -0.03
N VAL I 341 -10.46 8.28 1.21
CA VAL I 341 -9.88 9.12 2.24
C VAL I 341 -8.41 8.81 2.47
N PHE I 342 -7.75 8.09 1.56
CA PHE I 342 -6.33 7.85 1.76
C PHE I 342 -5.55 9.13 1.68
N LYS I 343 -5.91 10.01 0.75
CA LYS I 343 -5.19 11.26 0.54
C LYS I 343 -5.95 12.46 1.08
N SER I 344 -6.88 12.26 1.98
CA SER I 344 -7.60 13.43 2.41
C SER I 344 -6.82 14.17 3.49
N PRO I 345 -6.98 15.49 3.60
CA PRO I 345 -6.20 16.27 4.55
C PRO I 345 -6.73 16.27 5.97
N ASP I 346 -7.63 15.35 6.33
CA ASP I 346 -8.33 15.39 7.60
C ASP I 346 -8.08 14.09 8.36
N VAL I 347 -7.56 14.20 9.57
CA VAL I 347 -7.29 13.00 10.35
C VAL I 347 -8.55 12.50 11.03
N ALA I 348 -9.39 13.41 11.53
CA ALA I 348 -10.61 12.99 12.19
C ALA I 348 -11.52 12.26 11.22
N TYR I 349 -11.67 12.78 10.00
CA TYR I 349 -12.54 12.16 9.03
C TYR I 349 -12.02 10.80 8.60
N ARG I 350 -10.73 10.71 8.33
CA ARG I 350 -10.16 9.43 7.94
C ARG I 350 -10.33 8.39 9.03
N ALA I 351 -10.09 8.78 10.27
CA ALA I 351 -10.29 7.86 11.38
C ALA I 351 -11.73 7.40 11.45
N SER I 352 -12.68 8.30 11.24
CA SER I 352 -14.09 7.91 11.29
C SER I 352 -14.42 6.87 10.24
N VAL I 353 -13.94 7.08 9.01
CA VAL I 353 -14.26 6.16 7.92
C VAL I 353 -13.61 4.80 8.17
N TRP I 354 -12.33 4.79 8.55
CA TRP I 354 -11.68 3.54 8.86
C TRP I 354 -12.41 2.80 9.95
N GLN I 355 -12.87 3.50 10.97
CA GLN I 355 -13.62 2.87 12.04
C GLN I 355 -14.87 2.19 11.52
N LYS I 356 -15.63 2.88 10.68
CA LYS I 356 -16.87 2.31 10.18
C LYS I 356 -16.63 1.08 9.33
N TRP I 357 -15.56 1.07 8.55
CA TRP I 357 -15.35 -0.05 7.65
C TRP I 357 -14.64 -1.23 8.30
N GLY I 358 -14.26 -1.14 9.56
CA GLY I 358 -13.69 -2.26 10.25
C GLY I 358 -12.20 -2.22 10.47
N TYR I 359 -11.55 -1.08 10.25
CA TYR I 359 -10.11 -0.95 10.40
C TYR I 359 -9.72 -0.02 11.53
N GLY I 360 -10.51 0.00 12.60
CA GLY I 360 -10.27 0.94 13.68
C GLY I 360 -8.95 0.75 14.40
N GLN I 361 -8.34 -0.42 14.27
CA GLN I 361 -7.13 -0.73 15.02
C GLN I 361 -5.86 -0.53 14.21
N VAL I 362 -5.97 -0.30 12.91
CA VAL I 362 -4.79 -0.09 12.08
C VAL I 362 -4.08 1.19 12.52
N GLN I 363 -2.77 1.21 12.34
CA GLN I 363 -1.94 2.31 12.79
C GLN I 363 -1.81 3.36 11.70
N MET I 364 -2.06 4.60 12.08
CA MET I 364 -2.08 5.72 11.12
C MET I 364 -0.73 6.44 11.11
N ARG I 365 0.24 5.80 10.46
CA ARG I 365 1.60 6.31 10.43
C ARG I 365 1.70 7.66 9.73
N VAL I 366 0.59 8.16 9.18
CA VAL I 366 0.53 9.46 8.55
C VAL I 366 1.10 10.54 9.47
N ALA J 33 -4.38 38.25 -22.45
CA ALA J 33 -5.01 39.54 -22.19
C ALA J 33 -4.40 40.61 -23.08
N ALA J 34 -3.25 40.30 -23.65
CA ALA J 34 -2.56 41.20 -24.57
C ALA J 34 -2.31 40.46 -25.88
N VAL J 35 -2.91 40.94 -26.95
CA VAL J 35 -2.88 40.26 -28.23
C VAL J 35 -2.11 41.09 -29.24
N ASP J 36 -1.27 40.41 -30.02
CA ASP J 36 -0.53 41.05 -31.10
C ASP J 36 -1.51 41.25 -32.25
N LYS J 37 -2.18 42.40 -32.25
CA LYS J 37 -3.20 42.65 -33.26
C LYS J 37 -2.62 42.66 -34.67
N ALA J 38 -1.34 42.95 -34.80
CA ALA J 38 -0.72 42.92 -36.12
C ALA J 38 -0.73 41.52 -36.73
N LYS J 39 -0.29 40.52 -35.95
CA LYS J 39 -0.29 39.14 -36.44
C LYS J 39 -1.71 38.71 -36.80
N VAL J 40 -2.67 39.01 -35.93
CA VAL J 40 -4.04 38.63 -36.19
C VAL J 40 -4.53 39.25 -37.49
N LEU J 41 -4.13 40.50 -37.75
CA LEU J 41 -4.57 41.16 -38.96
C LEU J 41 -3.97 40.53 -40.20
N GLU J 42 -2.67 40.24 -40.18
CA GLU J 42 -2.07 39.58 -41.34
C GLU J 42 -2.74 38.24 -41.62
N ASP J 43 -3.01 37.46 -40.57
CA ASP J 43 -3.60 36.14 -40.78
C ASP J 43 -5.04 36.25 -41.27
N VAL J 44 -5.80 37.21 -40.74
CA VAL J 44 -7.15 37.44 -41.25
C VAL J 44 -7.11 37.75 -42.73
N ARG J 45 -6.22 38.65 -43.15
CA ARG J 45 -6.19 39.05 -44.55
C ARG J 45 -5.77 37.89 -45.44
N SER J 46 -4.82 37.07 -44.99
CA SER J 46 -4.42 35.93 -45.79
C SER J 46 -5.56 34.93 -45.94
N ILE J 47 -6.29 34.67 -44.85
CA ILE J 47 -7.42 33.75 -44.93
C ILE J 47 -8.47 34.27 -45.88
N ILE J 48 -8.76 35.57 -45.81
CA ILE J 48 -9.78 36.15 -46.66
C ILE J 48 -9.38 36.03 -48.12
N SER J 49 -8.13 36.34 -48.43
CA SER J 49 -7.66 36.24 -49.81
C SER J 49 -7.76 34.81 -50.32
N THR J 50 -7.31 33.85 -49.52
CA THR J 50 -7.39 32.46 -49.96
C THR J 50 -8.83 32.00 -50.13
N GLN J 51 -9.76 32.51 -49.33
CA GLN J 51 -11.15 32.08 -49.45
C GLN J 51 -11.80 32.68 -50.69
N LEU J 52 -11.71 33.99 -50.86
CA LEU J 52 -12.35 34.65 -51.98
C LEU J 52 -11.67 34.40 -53.31
N GLY J 53 -10.34 34.31 -53.33
CA GLY J 53 -9.62 34.14 -54.57
C GLY J 53 -8.97 35.39 -55.10
N THR J 54 -9.04 36.49 -54.38
CA THR J 54 -8.35 37.71 -54.76
C THR J 54 -6.99 37.77 -54.07
N GLU J 55 -6.14 38.68 -54.53
CA GLU J 55 -4.75 38.69 -54.09
C GLU J 55 -4.55 39.66 -52.92
N LEU J 56 -3.50 39.39 -52.13
CA LEU J 56 -3.41 39.98 -50.80
C LEU J 56 -3.28 41.49 -50.83
N GLU J 57 -2.84 42.07 -51.94
CA GLU J 57 -2.72 43.52 -51.97
C GLU J 57 -4.08 44.20 -52.03
N LYS J 58 -5.08 43.53 -52.60
CA LYS J 58 -6.40 44.13 -52.73
C LYS J 58 -7.16 44.15 -51.42
N VAL J 59 -6.83 43.26 -50.49
CA VAL J 59 -7.52 43.17 -49.21
C VAL J 59 -6.96 44.23 -48.29
N ALA J 60 -7.68 45.29 -48.11
CA ALA J 60 -7.20 46.36 -47.26
C ALA J 60 -7.91 46.31 -45.91
N PRO J 61 -7.26 46.78 -44.83
CA PRO J 61 -7.87 46.68 -43.50
C PRO J 61 -9.20 47.39 -43.38
N GLU J 62 -9.54 48.29 -44.29
CA GLU J 62 -10.84 48.95 -44.25
C GLU J 62 -11.76 48.52 -45.38
N ALA J 63 -11.34 47.58 -46.21
CA ALA J 63 -12.19 47.09 -47.29
C ALA J 63 -13.40 46.38 -46.73
N LYS J 64 -14.60 46.80 -47.15
CA LYS J 64 -15.79 46.07 -46.79
C LYS J 64 -15.79 44.71 -47.49
N PHE J 65 -16.78 43.89 -47.14
CA PHE J 65 -16.89 42.59 -47.79
C PHE J 65 -17.71 42.64 -49.06
N VAL J 66 -18.65 43.58 -49.18
CA VAL J 66 -19.58 43.56 -50.31
C VAL J 66 -18.84 43.81 -51.61
N ASP J 67 -17.79 44.63 -51.58
CA ASP J 67 -17.07 44.97 -52.80
C ASP J 67 -16.02 43.94 -53.17
N LEU J 68 -15.44 43.24 -52.20
CA LEU J 68 -14.51 42.16 -52.51
C LEU J 68 -15.19 40.99 -53.19
N GLY J 69 -16.49 41.09 -53.49
CA GLY J 69 -17.22 40.04 -54.14
C GLY J 69 -18.07 39.19 -53.22
N ALA J 70 -18.08 39.52 -51.92
CA ALA J 70 -18.77 38.67 -50.93
C ALA J 70 -20.28 38.83 -50.98
N ASP J 71 -21.01 37.72 -50.99
CA ASP J 71 -22.49 37.75 -50.93
C ASP J 71 -22.87 37.01 -49.65
N LEU J 73 -24.26 34.41 -48.29
CA LEU J 73 -23.86 32.99 -48.04
C LEU J 73 -22.36 32.88 -47.99
N ASP J 74 -21.59 33.94 -48.23
CA ASP J 74 -20.13 33.72 -48.17
C ASP J 74 -19.53 34.65 -47.13
N THR J 75 -20.32 35.51 -46.53
CA THR J 75 -19.75 36.25 -45.41
C THR J 75 -19.93 35.32 -44.25
N VAL J 76 -20.52 34.15 -44.48
CA VAL J 76 -20.69 33.14 -43.40
C VAL J 76 -19.54 32.14 -43.55
N GLU J 77 -19.38 31.53 -44.70
CA GLU J 77 -18.28 30.61 -44.93
C GLU J 77 -16.95 31.23 -44.58
N ILE J 78 -16.80 32.54 -44.78
CA ILE J 78 -15.59 33.21 -44.33
C ILE J 78 -15.49 33.16 -42.81
N MET J 79 -16.61 33.39 -42.11
CA MET J 79 -16.58 33.28 -40.66
C MET J 79 -16.20 31.88 -40.21
N MET J 80 -16.72 30.86 -40.88
CA MET J 80 -16.38 29.50 -40.52
C MET J 80 -14.92 29.21 -40.77
N ALA J 81 -14.38 29.68 -41.90
CA ALA J 81 -12.95 29.50 -42.16
C ALA J 81 -12.11 30.19 -41.10
N LEU J 82 -12.54 31.38 -40.67
CA LEU J 82 -11.79 32.09 -39.64
C LEU J 82 -11.75 31.30 -38.35
N GLU J 83 -12.92 30.85 -37.88
CA GLU J 83 -12.96 30.06 -36.66
C GLU J 83 -12.13 28.80 -36.80
N GLU J 84 -12.20 28.16 -37.96
CA GLU J 84 -11.48 26.91 -38.16
C GLU J 84 -9.97 27.14 -38.11
N LYS J 85 -9.51 28.28 -38.62
CA LYS J 85 -8.08 28.55 -38.59
C LYS J 85 -7.61 28.94 -37.19
N PHE J 86 -8.37 29.77 -36.49
CA PHE J 86 -7.91 30.25 -35.20
C PHE J 86 -8.31 29.35 -34.04
N GLU J 87 -9.19 28.38 -34.27
CA GLU J 87 -9.61 27.41 -33.25
C GLU J 87 -10.39 28.06 -32.12
N ILE J 88 -11.11 29.14 -32.40
CA ILE J 88 -11.88 29.82 -31.37
C ILE J 88 -13.36 29.77 -31.72
N ALA J 89 -14.18 30.36 -30.88
CA ALA J 89 -15.61 30.49 -31.12
C ALA J 89 -15.98 31.96 -31.10
N LEU J 90 -16.76 32.39 -32.08
CA LEU J 90 -17.11 33.79 -32.23
C LEU J 90 -18.32 34.13 -31.38
N GLU J 91 -18.33 35.35 -30.85
CA GLU J 91 -19.52 35.84 -30.16
C GLU J 91 -20.55 36.25 -31.19
N GLU J 92 -21.72 35.61 -31.15
CA GLU J 92 -22.65 35.69 -32.27
C GLU J 92 -23.30 37.07 -32.41
N GLU J 93 -23.73 37.66 -31.28
CA GLU J 93 -24.42 38.93 -31.34
C GLU J 93 -23.60 39.98 -32.07
N GLY J 94 -22.32 40.09 -31.72
CA GLY J 94 -21.44 40.98 -32.45
C GLY J 94 -21.12 40.49 -33.84
N ALA J 95 -21.15 39.17 -34.05
CA ALA J 95 -20.87 38.62 -35.37
C ALA J 95 -21.97 38.92 -36.37
N GLU J 96 -23.13 39.38 -35.91
CA GLU J 96 -24.16 39.77 -36.87
C GLU J 96 -23.78 41.03 -37.64
N LYS J 97 -22.91 41.87 -37.09
CA LYS J 97 -22.60 43.18 -37.64
C LYS J 97 -21.15 43.28 -38.10
N ILE J 98 -20.66 42.27 -38.80
CA ILE J 98 -19.31 42.27 -39.35
C ILE J 98 -19.41 42.63 -40.83
N ALA J 99 -18.83 43.77 -41.19
CA ALA J 99 -18.89 44.24 -42.57
C ALA J 99 -17.56 44.72 -43.13
N THR J 100 -16.56 44.98 -42.29
CA THR J 100 -15.23 45.33 -42.78
C THR J 100 -14.20 44.41 -42.16
N VAL J 101 -13.03 44.35 -42.79
CA VAL J 101 -11.98 43.42 -42.36
C VAL J 101 -11.49 43.78 -40.96
N GLN J 102 -11.48 45.08 -40.64
CA GLN J 102 -11.00 45.47 -39.33
C GLN J 102 -11.92 45.00 -38.21
N ASP J 103 -13.22 44.93 -38.47
CA ASP J 103 -14.11 44.38 -37.45
C ASP J 103 -13.87 42.89 -37.26
N ALA J 104 -13.62 42.16 -38.34
CA ALA J 104 -13.24 40.76 -38.20
C ALA J 104 -12.01 40.61 -37.32
N ALA J 105 -10.97 41.39 -37.62
CA ALA J 105 -9.74 41.31 -36.84
C ALA J 105 -9.99 41.63 -35.38
N ASP J 106 -10.80 42.66 -35.11
CA ASP J 106 -11.01 43.07 -33.72
C ASP J 106 -11.87 42.09 -32.96
N MET J 107 -12.85 41.47 -33.62
CA MET J 107 -13.62 40.41 -33.00
C MET J 107 -12.72 39.25 -32.62
N ILE J 108 -11.91 38.79 -33.56
CA ILE J 108 -11.03 37.66 -33.26
C ILE J 108 -10.07 38.01 -32.15
N ALA J 109 -9.56 39.24 -32.12
CA ALA J 109 -8.60 39.58 -31.07
C ALA J 109 -9.27 39.67 -29.72
N ALA J 110 -10.49 40.18 -29.66
CA ALA J 110 -11.19 40.24 -28.38
C ALA J 110 -11.59 38.85 -27.91
N GLN J 111 -11.74 37.91 -28.84
CA GLN J 111 -12.00 36.53 -28.44
C GLN J 111 -10.74 35.88 -27.89
N ILE J 112 -9.62 36.00 -28.61
CA ILE J 112 -8.38 35.39 -28.16
C ILE J 112 -7.95 35.98 -26.83
N ALA J 113 -8.21 37.26 -26.61
CA ALA J 113 -7.76 37.89 -25.36
C ALA J 113 -8.48 37.31 -24.17
N ALA J 114 -9.77 37.03 -24.30
CA ALA J 114 -10.58 36.53 -23.19
C ALA J 114 -10.68 35.01 -23.23
N LYS J 115 -9.54 34.36 -23.02
CA LYS J 115 -9.45 32.91 -23.15
C LYS J 115 -9.24 32.22 -21.81
N GLY J 116 -8.31 32.70 -20.99
CA GLY J 116 -8.13 32.08 -19.69
C GLY J 116 -9.35 32.20 -18.81
N ASN J 117 -9.76 33.44 -18.52
CA ASN J 117 -10.94 33.70 -17.70
C ASN J 117 -12.24 33.41 -18.46
N THR K 67 -44.65 38.14 -4.71
CA THR K 67 -43.38 37.93 -4.04
C THR K 67 -43.53 37.12 -2.76
N SER K 68 -42.53 36.26 -2.51
CA SER K 68 -42.48 35.56 -1.23
C SER K 68 -41.65 36.32 -0.22
N ALA K 69 -40.65 37.07 -0.70
CA ALA K 69 -39.62 37.67 0.12
C ALA K 69 -40.21 38.56 1.22
N PRO K 70 -40.08 38.17 2.50
CA PRO K 70 -40.56 39.06 3.57
C PRO K 70 -39.71 40.31 3.72
N PHE K 71 -38.38 40.19 3.71
CA PHE K 71 -37.55 41.36 3.95
C PHE K 71 -37.20 41.99 2.62
N ILE K 72 -36.43 41.34 1.75
CA ILE K 72 -35.70 41.99 0.69
C ILE K 72 -36.04 41.33 -0.63
N SER K 73 -36.37 42.15 -1.62
CA SER K 73 -36.80 41.64 -2.93
C SER K 73 -36.36 42.61 -4.01
N PRO K 74 -35.30 42.28 -4.75
CA PRO K 74 -34.96 43.06 -5.94
C PRO K 74 -36.04 42.94 -7.01
N MET K 75 -35.88 43.67 -8.12
CA MET K 75 -36.94 43.65 -9.13
C MET K 75 -36.91 42.40 -10.00
N THR K 76 -35.88 41.58 -9.91
CA THR K 76 -35.90 40.31 -10.61
C THR K 76 -35.80 39.17 -9.60
N PRO K 77 -36.74 38.23 -9.62
CA PRO K 77 -36.78 37.21 -8.57
C PRO K 77 -35.51 36.37 -8.56
N TYR K 78 -35.13 35.94 -7.37
CA TYR K 78 -33.90 35.20 -7.17
C TYR K 78 -34.14 33.73 -7.50
N VAL K 79 -33.36 33.20 -8.43
CA VAL K 79 -33.45 31.81 -8.84
C VAL K 79 -32.31 31.05 -8.16
N PRO K 80 -32.61 30.04 -7.35
CA PRO K 80 -31.55 29.41 -6.54
C PRO K 80 -30.63 28.59 -7.41
N GLU K 81 -29.44 29.14 -7.69
CA GLU K 81 -28.46 28.41 -8.48
C GLU K 81 -27.80 27.35 -7.62
N GLU K 82 -27.49 26.21 -8.22
CA GLU K 82 -26.95 25.08 -7.49
C GLU K 82 -25.53 24.79 -7.93
N GLU K 83 -24.91 23.80 -7.28
CA GLU K 83 -23.59 23.38 -7.65
C GLU K 83 -23.56 22.97 -9.12
N PRO K 84 -22.46 23.24 -9.83
CA PRO K 84 -22.32 22.67 -11.17
C PRO K 84 -22.08 21.18 -11.06
N THR K 85 -22.55 20.44 -12.06
CA THR K 85 -22.48 18.99 -12.00
C THR K 85 -21.51 18.39 -12.98
N ARG K 86 -20.84 19.19 -13.80
CA ARG K 86 -19.90 18.67 -14.78
C ARG K 86 -18.79 19.67 -15.00
N THR K 87 -17.63 19.16 -15.35
CA THR K 87 -16.47 20.00 -15.58
C THR K 87 -16.63 20.72 -16.92
N PRO K 88 -16.14 21.96 -17.03
CA PRO K 88 -16.36 22.74 -18.25
C PRO K 88 -15.57 22.17 -19.41
N PRO K 89 -15.93 22.54 -20.65
CA PRO K 89 -15.11 22.14 -21.80
C PRO K 89 -13.72 22.74 -21.64
N SER K 90 -12.71 22.05 -22.15
CA SER K 90 -11.41 22.19 -21.51
C SER K 90 -10.82 23.59 -21.61
N ILE K 91 -10.03 23.86 -22.63
CA ILE K 91 -9.76 25.21 -23.10
C ILE K 91 -9.40 25.04 -24.56
N LYS K 92 -9.01 23.82 -24.90
CA LYS K 92 -8.47 23.45 -26.20
C LYS K 92 -9.55 23.11 -27.19
N ASP K 93 -10.72 22.73 -26.71
CA ASP K 93 -11.80 22.28 -27.55
C ASP K 93 -12.51 23.46 -28.17
N THR K 94 -13.15 23.21 -29.30
CA THR K 94 -14.09 24.14 -29.90
C THR K 94 -15.50 23.63 -29.64
N GLY K 95 -16.48 24.46 -29.99
CA GLY K 95 -17.84 24.01 -29.78
C GLY K 95 -18.31 22.98 -30.80
N THR K 96 -17.65 22.89 -31.93
CA THR K 96 -18.14 22.13 -33.06
C THR K 96 -17.73 20.66 -32.95
N LEU K 97 -17.91 19.93 -34.03
CA LEU K 97 -17.54 18.53 -34.09
C LEU K 97 -16.09 18.29 -34.49
N ARG K 98 -15.46 19.24 -35.17
CA ARG K 98 -14.11 18.98 -35.63
C ARG K 98 -13.17 18.84 -34.45
N PRO K 99 -12.25 17.85 -34.51
CA PRO K 99 -11.40 17.54 -33.38
C PRO K 99 -10.50 18.67 -32.92
N ALA K 100 -9.89 18.50 -31.75
CA ALA K 100 -9.09 19.58 -31.15
C ALA K 100 -7.73 19.74 -31.83
N SER K 101 -6.63 19.60 -31.11
CA SER K 101 -5.33 19.92 -31.75
C SER K 101 -4.19 19.04 -31.28
N GLU K 102 -4.45 17.84 -30.80
CA GLU K 102 -3.35 16.90 -30.46
C GLU K 102 -2.57 17.42 -29.26
N TRP K 103 -1.94 18.60 -29.33
CA TRP K 103 -1.29 19.13 -28.10
C TRP K 103 -1.60 20.60 -27.90
N TYR K 104 -1.05 21.50 -28.71
CA TYR K 104 -1.19 22.95 -28.42
C TYR K 104 -2.21 23.60 -29.34
N PRO K 105 -3.08 24.49 -28.84
CA PRO K 105 -4.04 25.23 -29.63
C PRO K 105 -3.36 26.22 -30.53
N GLN K 106 -4.14 26.81 -31.43
CA GLN K 106 -3.55 27.73 -32.40
C GLN K 106 -3.53 29.16 -31.89
N TRP K 107 -4.51 29.55 -31.08
CA TRP K 107 -4.52 30.91 -30.56
C TRP K 107 -3.33 31.20 -29.66
N MET K 108 -2.71 30.16 -29.12
CA MET K 108 -1.58 30.37 -28.22
C MET K 108 -0.47 31.17 -28.86
N GLN K 109 -0.40 31.20 -30.17
CA GLN K 109 0.67 31.88 -30.87
C GLN K 109 0.48 33.38 -30.96
N TYR K 110 -0.69 33.90 -30.58
CA TYR K 110 -0.95 35.33 -30.68
C TYR K 110 -1.13 35.97 -29.33
N ARG K 111 -0.33 35.58 -28.35
CA ARG K 111 -0.46 36.06 -26.98
C ARG K 111 0.92 36.14 -26.34
N ARG K 112 0.99 36.87 -25.24
CA ARG K 112 2.27 37.03 -24.56
C ARG K 112 2.67 35.74 -23.88
N ARG K 113 3.96 35.42 -23.94
CA ARG K 113 4.45 34.21 -23.29
C ARG K 113 4.05 34.17 -21.83
N GLU K 114 3.93 35.32 -21.20
CA GLU K 114 3.54 35.35 -19.80
C GLU K 114 2.07 35.39 -19.62
N ASP K 115 1.34 35.12 -20.69
CA ASP K 115 -0.11 35.00 -20.65
C ASP K 115 -0.61 33.62 -21.01
N ASN K 116 0.25 32.75 -21.53
CA ASN K 116 -0.11 31.41 -21.95
C ASN K 116 0.01 30.41 -20.83
N TYR K 117 0.01 30.86 -19.60
CA TYR K 117 0.02 29.94 -18.49
C TYR K 117 -1.33 29.28 -18.27
N VAL K 118 -2.36 29.68 -19.02
CA VAL K 118 -3.70 29.18 -18.78
C VAL K 118 -3.87 27.77 -19.33
N PHE K 119 -2.99 27.36 -20.25
CA PHE K 119 -2.97 25.98 -20.72
C PHE K 119 -2.81 25.00 -19.55
N TRP K 120 -1.68 25.08 -18.87
CA TRP K 120 -1.41 24.12 -17.82
C TRP K 120 -2.29 24.36 -16.61
N GLN K 121 -2.72 25.59 -16.39
CA GLN K 121 -3.63 25.82 -15.29
C GLN K 121 -4.96 25.14 -15.53
N ASP K 122 -5.44 25.19 -16.76
CA ASP K 122 -6.69 24.52 -17.08
C ASP K 122 -6.55 23.01 -16.92
N LYS K 123 -5.41 22.46 -17.32
CA LYS K 123 -5.19 21.04 -17.08
C LYS K 123 -5.26 20.71 -15.60
N PHE K 124 -4.55 21.47 -14.77
CA PHE K 124 -4.61 21.25 -13.33
C PHE K 124 -6.04 21.33 -12.80
N MET K 125 -6.83 22.27 -13.31
CA MET K 125 -8.16 22.47 -12.78
C MET K 125 -9.09 21.33 -13.14
N ARG K 126 -9.03 20.86 -14.39
CA ARG K 126 -9.92 19.78 -14.78
C ARG K 126 -9.47 18.44 -14.23
N CYS K 127 -8.17 18.24 -14.06
CA CYS K 127 -7.69 16.95 -13.61
C CYS K 127 -7.60 16.84 -12.10
N SER K 128 -7.36 17.91 -11.39
CA SER K 128 -7.10 17.61 -9.99
C SER K 128 -7.90 18.42 -8.98
N THR K 129 -8.11 19.71 -9.20
CA THR K 129 -8.50 20.57 -8.09
C THR K 129 -9.92 21.09 -8.15
N ASP K 130 -10.57 21.12 -9.31
CA ASP K 130 -11.96 21.55 -9.40
C ASP K 130 -12.79 20.43 -10.00
N ILE K 131 -13.21 19.50 -9.15
CA ILE K 131 -14.08 18.40 -9.54
C ILE K 131 -15.32 18.50 -8.66
N PRO K 132 -16.53 18.44 -9.23
CA PRO K 132 -17.71 18.98 -8.57
C PRO K 132 -18.38 18.08 -7.54
N TRP K 133 -17.74 17.05 -7.01
CA TRP K 133 -18.35 16.21 -5.97
C TRP K 133 -19.54 15.43 -6.49
N ALA K 134 -19.96 15.70 -7.72
CA ALA K 134 -20.96 14.90 -8.39
C ALA K 134 -20.34 13.95 -9.39
N GLU K 135 -19.09 14.19 -9.76
CA GLU K 135 -18.28 13.25 -10.51
C GLU K 135 -17.52 12.32 -9.60
N LYS K 136 -17.74 12.40 -8.29
CA LYS K 136 -17.14 11.48 -7.35
C LYS K 136 -18.17 10.69 -6.56
N ARG K 137 -19.38 10.55 -7.07
CA ARG K 137 -20.37 9.73 -6.40
C ARG K 137 -20.11 8.28 -6.69
N TRP K 138 -20.15 7.44 -5.66
CA TRP K 138 -20.01 6.01 -5.82
C TRP K 138 -21.40 5.42 -5.95
N THR K 139 -21.71 4.88 -7.13
CA THR K 139 -23.00 4.30 -7.42
C THR K 139 -22.77 2.97 -8.12
N LEU K 140 -23.83 2.18 -8.27
CA LEU K 140 -23.68 0.86 -8.87
C LEU K 140 -23.35 0.93 -10.35
N PHE K 141 -23.75 1.99 -11.03
CA PHE K 141 -23.38 2.10 -12.44
C PHE K 141 -21.89 2.39 -12.58
N SER K 142 -21.33 3.17 -11.67
CA SER K 142 -19.94 3.58 -11.82
C SER K 142 -18.96 2.49 -11.46
N THR K 143 -19.33 1.53 -10.63
CA THR K 143 -18.38 0.46 -10.36
C THR K 143 -18.30 -0.56 -11.47
N VAL K 144 -19.09 -0.42 -12.53
CA VAL K 144 -18.96 -1.22 -13.73
C VAL K 144 -18.31 -0.44 -14.87
N TRP K 145 -18.68 0.82 -15.00
CA TRP K 145 -17.92 1.69 -15.88
C TRP K 145 -16.45 1.70 -15.49
N TYR K 146 -16.14 1.48 -14.21
CA TYR K 146 -14.74 1.38 -13.83
C TYR K 146 -14.05 0.26 -14.59
N LEU K 147 -14.72 -0.87 -14.75
CA LEU K 147 -14.10 -1.99 -15.45
C LEU K 147 -13.93 -1.70 -16.93
N VAL K 148 -14.93 -1.07 -17.53
CA VAL K 148 -14.76 -0.69 -18.94
C VAL K 148 -13.53 0.19 -19.12
N GLN K 149 -13.44 1.24 -18.30
CA GLN K 149 -12.35 2.19 -18.43
C GLN K 149 -11.01 1.57 -18.08
N GLN K 150 -10.96 0.70 -17.08
CA GLN K 150 -9.69 0.09 -16.72
C GLN K 150 -9.21 -0.86 -17.80
N LEU K 151 -10.13 -1.53 -18.49
CA LEU K 151 -9.73 -2.28 -19.68
C LEU K 151 -9.08 -1.34 -20.68
N ARG K 152 -9.75 -0.24 -21.02
CA ARG K 152 -9.22 0.65 -22.05
C ARG K 152 -7.86 1.23 -21.66
N PHE K 153 -7.62 1.45 -20.37
CA PHE K 153 -6.40 2.16 -19.98
C PHE K 153 -5.25 1.27 -19.56
N VAL K 154 -5.51 0.05 -19.09
CA VAL K 154 -4.43 -0.78 -18.56
C VAL K 154 -4.37 -2.12 -19.28
N GLY K 155 -5.48 -2.53 -19.88
CA GLY K 155 -5.49 -3.81 -20.53
C GLY K 155 -5.37 -3.79 -22.01
N THR K 156 -5.19 -2.64 -22.59
CA THR K 156 -4.99 -2.53 -24.02
C THR K 156 -3.68 -1.83 -24.30
N PRO K 157 -2.87 -2.35 -25.24
CA PRO K 157 -1.56 -1.76 -25.47
C PRO K 157 -1.68 -0.41 -26.15
N PRO K 158 -0.84 0.55 -25.78
CA PRO K 158 -0.96 1.90 -26.34
C PRO K 158 -0.85 1.98 -27.85
N ALA K 159 -0.28 0.98 -28.52
CA ALA K 159 -0.13 1.05 -29.97
C ALA K 159 -1.46 0.87 -30.68
N LEU K 160 -2.25 -0.11 -30.25
CA LEU K 160 -3.58 -0.26 -30.85
C LEU K 160 -4.47 0.93 -30.53
N ARG K 161 -4.34 1.47 -29.32
CA ARG K 161 -5.06 2.67 -28.98
C ARG K 161 -4.67 3.82 -29.88
N TYR K 162 -3.40 3.90 -30.24
CA TYR K 162 -2.96 4.97 -31.13
C TYR K 162 -3.56 4.83 -32.52
N VAL K 163 -3.58 3.61 -33.04
CA VAL K 163 -4.19 3.40 -34.35
C VAL K 163 -5.67 3.78 -34.33
N ALA K 164 -6.38 3.35 -33.30
CA ALA K 164 -7.79 3.69 -33.20
C ALA K 164 -7.99 5.20 -33.07
N PHE K 165 -7.08 5.87 -32.37
CA PHE K 165 -7.14 7.33 -32.26
C PHE K 165 -7.04 7.99 -33.63
N LEU K 166 -6.09 7.56 -34.45
CA LEU K 166 -5.98 8.12 -35.79
C LEU K 166 -7.25 7.91 -36.61
N GLY K 167 -7.77 6.68 -36.59
CA GLY K 167 -8.99 6.42 -37.34
C GLY K 167 -10.15 7.29 -36.89
N TRP K 168 -10.34 7.42 -35.59
CA TRP K 168 -11.44 8.22 -35.07
C TRP K 168 -11.28 9.68 -35.44
N ARG K 169 -10.05 10.20 -35.47
CA ARG K 169 -9.85 11.56 -35.92
C ARG K 169 -10.30 11.75 -37.35
N ALA K 170 -9.88 10.86 -38.25
CA ALA K 170 -10.29 11.00 -39.64
C ALA K 170 -11.81 10.98 -39.78
N LEU K 171 -12.46 10.05 -39.07
CA LEU K 171 -13.91 9.97 -39.12
C LEU K 171 -14.56 11.27 -38.68
N MET K 172 -14.06 11.86 -37.57
CA MET K 172 -14.66 13.08 -37.08
C MET K 172 -14.48 14.23 -38.06
N PHE K 173 -13.38 14.26 -38.80
CA PHE K 173 -13.23 15.32 -39.79
C PHE K 173 -14.28 15.17 -40.90
N GLN K 174 -14.51 13.95 -41.35
CA GLN K 174 -15.54 13.76 -42.38
C GLN K 174 -16.91 14.20 -41.87
N VAL K 175 -17.23 13.83 -40.63
CA VAL K 175 -18.54 14.16 -40.07
C VAL K 175 -18.70 15.68 -39.94
N TYR K 176 -17.65 16.37 -39.53
CA TYR K 176 -17.75 17.81 -39.41
C TYR K 176 -17.98 18.46 -40.75
N ALA K 177 -17.30 17.98 -41.80
CA ALA K 177 -17.54 18.52 -43.13
C ALA K 177 -18.99 18.36 -43.54
N ALA K 178 -19.56 17.18 -43.29
CA ALA K 178 -20.97 16.96 -43.62
C ALA K 178 -21.87 17.93 -42.87
N HIS K 179 -21.62 18.11 -41.57
CA HIS K 179 -22.48 18.99 -40.78
C HIS K 179 -22.40 20.44 -41.28
N LYS K 180 -21.21 20.88 -41.69
CA LYS K 180 -21.11 22.25 -42.19
C LYS K 180 -21.90 22.42 -43.48
N ALA K 181 -21.81 21.43 -44.38
CA ALA K 181 -22.63 21.47 -45.58
C ALA K 181 -24.11 21.61 -45.23
N LEU K 182 -24.56 20.81 -44.27
CA LEU K 182 -25.97 20.85 -43.89
C LEU K 182 -26.36 22.20 -43.32
N VAL K 183 -25.47 22.82 -42.54
CA VAL K 183 -25.81 24.11 -41.95
C VAL K 183 -25.99 25.17 -43.03
N LEU K 184 -25.11 25.18 -44.03
CA LEU K 184 -25.29 26.15 -45.11
C LEU K 184 -26.60 25.90 -45.86
N TRP K 185 -26.93 24.64 -46.09
CA TRP K 185 -28.21 24.32 -46.72
C TRP K 185 -29.38 24.86 -45.91
N GLN K 186 -29.34 24.69 -44.59
CA GLN K 186 -30.39 25.22 -43.73
C GLN K 186 -30.51 26.72 -43.86
N CYS K 187 -29.37 27.41 -43.97
CA CYS K 187 -29.40 28.86 -44.14
C CYS K 187 -30.16 29.23 -45.40
N LYS K 188 -29.95 28.57 -46.52
CA LYS K 188 -30.73 28.91 -47.72
C LYS K 188 -32.18 28.58 -47.47
N LEU K 189 -32.44 27.44 -46.88
CA LEU K 189 -33.84 27.06 -46.74
C LEU K 189 -34.63 28.07 -45.93
N ASP K 190 -34.08 28.52 -44.80
CA ASP K 190 -34.83 29.46 -43.99
C ASP K 190 -34.86 30.84 -44.63
N ALA K 191 -33.81 31.23 -45.35
CA ALA K 191 -33.88 32.49 -46.09
C ALA K 191 -34.97 32.43 -47.15
N GLY K 192 -35.23 31.24 -47.68
CA GLY K 192 -36.36 31.09 -48.60
C GLY K 192 -37.69 31.12 -47.89
N LEU K 193 -37.77 30.53 -46.70
CA LEU K 193 -39.02 30.48 -45.96
C LEU K 193 -39.47 31.86 -45.49
N ALA K 194 -38.51 32.72 -45.13
CA ALA K 194 -38.86 34.08 -44.74
C ALA K 194 -39.53 34.84 -45.86
N ARG K 195 -39.33 34.42 -47.11
CA ARG K 195 -40.00 35.07 -48.23
C ARG K 195 -41.49 34.78 -48.23
N ILE K 196 -41.86 33.49 -48.15
CA ILE K 196 -43.26 33.14 -47.93
C ILE K 196 -43.82 33.92 -46.75
N GLY K 197 -43.10 33.89 -45.63
CA GLY K 197 -43.54 34.59 -44.45
C GLY K 197 -43.89 36.04 -44.68
N SER K 198 -42.91 36.84 -45.09
CA SER K 198 -43.19 38.25 -45.37
C SER K 198 -44.02 38.43 -46.63
N GLY K 199 -44.09 37.42 -47.48
CA GLY K 199 -44.86 37.51 -48.70
C GLY K 199 -44.19 38.35 -49.76
N GLY K 200 -43.36 39.30 -49.34
CA GLY K 200 -42.78 40.26 -50.25
C GLY K 200 -41.28 40.18 -50.43
N ALA K 201 -40.56 41.11 -49.79
CA ALA K 201 -39.18 41.39 -50.16
C ALA K 201 -38.20 40.48 -49.45
N THR K 202 -38.34 40.33 -48.12
CA THR K 202 -37.34 39.71 -47.26
C THR K 202 -36.77 38.42 -47.84
N ALA K 203 -35.46 38.36 -47.99
CA ALA K 203 -34.78 37.19 -48.52
C ALA K 203 -33.53 36.83 -47.74
N THR K 204 -33.11 37.68 -46.81
CA THR K 204 -31.91 37.43 -46.05
C THR K 204 -32.09 36.26 -45.09
N PHE K 205 -31.06 35.99 -44.32
CA PHE K 205 -31.14 35.09 -43.18
C PHE K 205 -30.42 35.74 -42.01
N SER K 206 -30.26 34.99 -40.93
CA SER K 206 -29.60 35.48 -39.73
C SER K 206 -28.27 34.77 -39.58
N LYS K 207 -27.17 35.53 -39.57
CA LYS K 207 -25.87 34.91 -39.35
C LYS K 207 -25.74 34.43 -37.92
N THR K 208 -26.35 35.13 -36.97
CA THR K 208 -26.38 34.67 -35.60
C THR K 208 -26.92 33.26 -35.50
N MET K 209 -28.01 32.98 -36.21
CA MET K 209 -28.58 31.65 -36.13
C MET K 209 -27.69 30.62 -36.80
N ALA K 210 -26.98 31.00 -37.86
CA ALA K 210 -26.06 30.07 -38.50
C ALA K 210 -24.96 29.67 -37.52
N LEU K 211 -24.34 30.65 -36.88
CA LEU K 211 -23.28 30.36 -35.92
C LEU K 211 -23.81 29.58 -34.71
N ARG K 212 -25.03 29.86 -34.29
CA ARG K 212 -25.58 29.11 -33.17
C ARG K 212 -25.90 27.68 -33.56
N ARG K 213 -26.26 27.46 -34.82
CA ARG K 213 -26.49 26.09 -35.29
C ARG K 213 -25.19 25.32 -35.40
N LEU K 214 -24.10 26.01 -35.73
CA LEU K 214 -22.83 25.29 -35.90
C LEU K 214 -22.26 24.84 -34.56
N HIS K 215 -22.56 25.55 -33.47
CA HIS K 215 -22.00 25.24 -32.17
C HIS K 215 -22.97 24.48 -31.28
N TRP K 216 -24.08 23.98 -31.83
CA TRP K 216 -25.03 23.16 -31.11
C TRP K 216 -25.61 23.90 -29.90
N ARG K 217 -26.11 25.09 -30.12
CA ARG K 217 -26.66 25.91 -29.04
C ARG K 217 -28.16 26.07 -29.12
N ASN K 218 -28.85 25.22 -29.86
CA ASN K 218 -30.30 25.28 -29.99
C ASN K 218 -30.90 23.93 -29.64
N SER K 219 -31.98 23.95 -28.88
CA SER K 219 -32.77 22.75 -28.70
C SER K 219 -33.69 22.57 -29.90
N PRO K 220 -34.14 21.36 -30.16
CA PRO K 220 -35.03 21.15 -31.32
C PRO K 220 -36.30 21.97 -31.26
N LEU K 221 -36.86 22.16 -30.07
CA LEU K 221 -38.06 22.97 -29.95
C LEU K 221 -37.80 24.41 -30.37
N ALA K 222 -36.63 24.94 -30.03
CA ALA K 222 -36.31 26.30 -30.44
C ALA K 222 -36.21 26.41 -31.95
N GLU K 223 -35.63 25.40 -32.61
CA GLU K 223 -35.57 25.40 -34.06
C GLU K 223 -36.96 25.40 -34.66
N ALA K 224 -37.85 24.56 -34.13
CA ALA K 224 -39.20 24.50 -34.69
C ALA K 224 -39.94 25.81 -34.51
N LEU K 225 -39.84 26.42 -33.33
CA LEU K 225 -40.54 27.68 -33.11
C LEU K 225 -39.96 28.79 -33.98
N TYR K 226 -38.65 28.78 -34.21
CA TYR K 226 -38.08 29.77 -35.11
C TYR K 226 -38.59 29.58 -36.52
N ALA K 227 -38.63 28.34 -37.00
CA ALA K 227 -39.17 28.07 -38.33
C ALA K 227 -40.59 28.58 -38.45
N LEU K 228 -41.41 28.35 -37.43
CA LEU K 228 -42.80 28.80 -37.48
C LEU K 228 -42.88 30.32 -37.50
N ASN K 229 -42.09 30.98 -36.66
CA ASN K 229 -42.11 32.44 -36.64
C ASN K 229 -41.71 33.00 -37.98
N LEU K 230 -40.72 32.39 -38.63
CA LEU K 230 -40.32 32.82 -39.96
C LEU K 230 -41.46 32.63 -40.95
N TYR K 231 -42.03 31.43 -40.99
CA TYR K 231 -43.12 31.15 -41.91
C TYR K 231 -44.31 32.06 -41.74
N LYS K 232 -44.55 32.56 -40.54
CA LYS K 232 -45.77 33.33 -40.37
C LYS K 232 -45.55 34.83 -40.44
N THR K 233 -44.48 35.35 -39.86
CA THR K 233 -44.31 36.81 -39.83
C THR K 233 -42.98 37.31 -40.36
N GLY K 234 -42.30 36.56 -41.22
CA GLY K 234 -40.98 36.98 -41.64
C GLY K 234 -40.08 37.13 -40.44
N ARG K 235 -39.76 38.37 -40.07
CA ARG K 235 -39.10 38.70 -38.80
C ARG K 235 -37.91 37.80 -38.55
N VAL K 236 -36.90 37.93 -39.42
CA VAL K 236 -35.79 37.01 -39.40
C VAL K 236 -34.88 37.24 -38.22
N HIS K 237 -35.02 38.37 -37.51
CA HIS K 237 -34.09 38.73 -36.44
C HIS K 237 -34.61 38.44 -35.05
N LEU K 238 -35.72 37.72 -34.93
CA LEU K 238 -36.27 37.33 -33.64
C LEU K 238 -35.81 35.91 -33.33
N LEU K 239 -34.92 35.77 -32.35
CA LEU K 239 -34.29 34.48 -32.15
C LEU K 239 -34.70 33.85 -30.83
N PRO K 240 -34.84 32.53 -30.79
CA PRO K 240 -35.14 31.85 -29.52
C PRO K 240 -34.02 32.09 -28.53
N PRO K 241 -34.26 31.92 -27.23
CA PRO K 241 -33.32 32.47 -26.24
C PRO K 241 -31.92 31.88 -26.30
N VAL K 242 -31.71 30.67 -25.80
CA VAL K 242 -30.51 29.85 -26.01
C VAL K 242 -30.72 28.58 -25.20
N ALA K 243 -30.07 27.48 -25.58
CA ALA K 243 -30.18 26.26 -24.80
C ALA K 243 -29.21 26.27 -23.63
N LYS K 244 -29.65 25.75 -22.49
CA LYS K 244 -28.84 25.61 -21.29
C LYS K 244 -28.23 24.22 -21.22
N PRO K 245 -27.06 24.06 -20.60
CA PRO K 245 -26.40 22.75 -20.61
C PRO K 245 -27.15 21.73 -19.77
N ILE K 246 -27.05 20.47 -20.17
CA ILE K 246 -27.78 19.38 -19.52
C ILE K 246 -27.03 18.98 -18.25
N PRO K 247 -27.71 18.91 -17.11
CA PRO K 247 -27.05 18.46 -15.88
C PRO K 247 -26.91 16.95 -15.83
N ARG K 248 -25.94 16.51 -15.05
CA ARG K 248 -25.65 15.10 -14.92
C ARG K 248 -26.81 14.38 -14.26
N PRO K 249 -27.34 13.30 -14.84
CA PRO K 249 -28.47 12.62 -14.23
C PRO K 249 -28.01 11.69 -13.12
N THR K 250 -28.72 11.74 -12.01
CA THR K 250 -28.46 10.88 -10.87
C THR K 250 -29.77 10.27 -10.41
N PHE K 251 -29.72 9.01 -9.97
CA PHE K 251 -30.93 8.42 -9.38
C PHE K 251 -30.74 8.16 -7.90
N PHE K 252 -29.86 7.25 -7.51
CA PHE K 252 -29.69 6.92 -6.10
C PHE K 252 -28.40 6.13 -6.01
N TRP K 253 -28.28 5.22 -5.07
CA TRP K 253 -27.22 4.24 -5.17
C TRP K 253 -27.17 3.56 -6.53
N LEU K 254 -28.21 3.68 -7.34
CA LEU K 254 -28.27 2.95 -8.59
C LEU K 254 -27.36 3.56 -9.64
N PHE K 255 -27.62 4.79 -10.06
CA PHE K 255 -26.69 5.45 -10.95
C PHE K 255 -26.61 6.94 -10.68
N PRO L 153 27.04 -3.52 -78.82
CA PRO L 153 25.88 -4.40 -78.93
C PRO L 153 25.97 -5.62 -78.00
N LEU L 154 27.18 -6.15 -77.85
CA LEU L 154 27.37 -7.34 -77.04
C LEU L 154 27.30 -7.04 -75.56
N THR L 155 27.94 -5.96 -75.11
CA THR L 155 27.97 -5.64 -73.68
C THR L 155 26.57 -5.26 -73.18
N ARG L 156 25.81 -4.53 -74.00
CA ARG L 156 24.44 -4.26 -73.62
C ARG L 156 23.56 -5.49 -73.71
N ALA L 157 23.95 -6.50 -74.48
CA ALA L 157 23.23 -7.77 -74.44
C ALA L 157 23.47 -8.49 -73.11
N VAL L 158 24.72 -8.47 -72.65
CA VAL L 158 25.03 -9.05 -71.33
C VAL L 158 24.30 -8.28 -70.24
N LEU L 159 24.20 -6.95 -70.39
CA LEU L 159 23.44 -6.15 -69.45
C LEU L 159 21.96 -6.47 -69.49
N ALA L 160 21.41 -6.73 -70.68
CA ALA L 160 20.00 -7.12 -70.77
C ALA L 160 19.77 -8.45 -70.07
N VAL L 161 20.72 -9.40 -70.21
CA VAL L 161 20.59 -10.67 -69.50
C VAL L 161 20.63 -10.45 -67.99
N VAL L 162 21.57 -9.64 -67.52
CA VAL L 162 21.63 -9.37 -66.07
C VAL L 162 20.39 -8.62 -65.62
N ARG L 163 19.78 -7.83 -66.49
CA ARG L 163 18.56 -7.10 -66.11
C ARG L 163 17.37 -8.04 -65.99
N VAL L 164 17.22 -8.98 -66.92
CA VAL L 164 16.12 -9.94 -66.82
C VAL L 164 16.30 -10.82 -65.59
N ARG L 165 17.52 -11.33 -65.38
CA ARG L 165 17.74 -12.15 -64.19
C ARG L 165 17.60 -11.33 -62.92
N GLU L 166 17.80 -10.01 -63.00
CA GLU L 166 17.54 -9.15 -61.86
C GLU L 166 16.04 -9.01 -61.62
N LEU L 167 15.24 -8.95 -62.69
CA LEU L 167 13.79 -9.02 -62.54
C LEU L 167 13.40 -10.26 -61.76
N LEU L 168 13.88 -11.42 -62.20
CA LEU L 168 13.56 -12.68 -61.51
C LEU L 168 14.04 -12.66 -60.06
N ARG L 169 15.28 -12.22 -59.83
CA ARG L 169 15.84 -12.22 -58.48
C ARG L 169 15.11 -11.25 -57.58
N ALA L 170 14.58 -10.16 -58.13
CA ALA L 170 13.82 -9.22 -57.32
C ALA L 170 12.45 -9.81 -56.99
N LEU L 171 11.85 -10.55 -57.92
CA LEU L 171 10.51 -11.06 -57.65
C LEU L 171 10.54 -12.26 -56.72
N LEU L 172 11.58 -13.08 -56.76
CA LEU L 172 11.59 -14.28 -55.93
C LEU L 172 11.64 -13.95 -54.45
N LEU L 173 12.16 -12.78 -54.08
CA LEU L 173 12.28 -12.37 -52.69
C LEU L 173 11.19 -11.36 -52.31
N LEU L 174 10.18 -11.21 -53.16
CA LEU L 174 9.19 -10.17 -52.94
C LEU L 174 8.36 -10.35 -51.67
N PRO L 175 7.95 -11.56 -51.26
CA PRO L 175 7.24 -11.67 -49.96
C PRO L 175 8.12 -11.27 -48.78
N PHE L 176 9.40 -11.65 -48.80
CA PHE L 176 10.30 -11.29 -47.72
C PHE L 176 10.44 -9.78 -47.61
N SER L 177 10.72 -9.10 -48.72
CA SER L 177 10.85 -7.65 -48.70
C SER L 177 9.52 -6.97 -48.42
N ALA L 178 8.40 -7.63 -48.75
CA ALA L 178 7.09 -7.08 -48.44
C ALA L 178 6.87 -7.04 -46.93
N VAL L 179 7.13 -8.16 -46.26
CA VAL L 179 7.04 -8.17 -44.79
C VAL L 179 8.05 -7.21 -44.19
N GLY L 180 9.23 -7.09 -44.79
CA GLY L 180 10.21 -6.14 -44.28
C GLY L 180 9.74 -4.70 -44.37
N GLY L 181 9.14 -4.33 -45.50
CA GLY L 181 8.63 -2.98 -45.66
C GLY L 181 7.45 -2.70 -44.75
N ALA L 182 6.60 -3.70 -44.55
CA ALA L 182 5.50 -3.54 -43.61
C ALA L 182 6.02 -3.32 -42.19
N VAL L 183 7.06 -4.05 -41.79
CA VAL L 183 7.65 -3.85 -40.48
C VAL L 183 8.28 -2.47 -40.38
N ALA L 184 8.92 -2.01 -41.45
CA ALA L 184 9.52 -0.68 -41.43
C ALA L 184 8.45 0.38 -41.26
N ALA L 185 7.36 0.28 -42.00
CA ALA L 185 6.23 1.19 -41.81
C ALA L 185 5.72 1.14 -40.37
N TRP L 186 5.50 -0.07 -39.85
CA TRP L 186 5.01 -0.21 -38.49
C TRP L 186 5.89 0.53 -37.50
N GLN L 187 7.18 0.20 -37.47
CA GLN L 187 8.04 0.86 -36.50
C GLN L 187 8.37 2.30 -36.85
N GLY L 188 7.94 2.79 -38.02
CA GLY L 188 8.11 4.20 -38.31
C GLY L 188 7.04 5.06 -37.70
N LEU L 189 5.84 4.51 -37.50
CA LEU L 189 4.76 5.24 -36.86
C LEU L 189 5.08 5.62 -35.43
N PHE L 190 5.95 4.86 -34.74
CA PHE L 190 6.07 4.94 -33.31
C PHE L 190 7.36 5.60 -32.86
N ASN L 191 7.89 6.53 -33.63
CA ASN L 191 8.94 7.40 -33.10
C ASN L 191 8.76 8.84 -33.57
N SER L 192 7.57 9.23 -33.97
CA SER L 192 7.32 10.61 -34.36
C SER L 192 7.15 11.49 -33.13
N GLN L 193 6.94 12.78 -33.38
CA GLN L 193 6.42 13.65 -32.34
C GLN L 193 4.93 13.48 -32.17
N ARG L 194 4.24 13.03 -33.21
CA ARG L 194 2.81 12.80 -33.12
C ARG L 194 2.49 11.72 -32.11
N TYR L 195 3.27 10.65 -32.09
CA TYR L 195 3.06 9.60 -31.11
C TYR L 195 3.37 10.10 -29.71
N GLU L 196 4.34 11.00 -29.56
CA GLU L 196 4.61 11.57 -28.25
C GLU L 196 3.45 12.43 -27.77
N ASN L 197 2.90 13.26 -28.64
CA ASN L 197 1.70 14.01 -28.29
C ASN L 197 0.58 13.09 -27.86
N PHE L 198 0.40 11.97 -28.56
CA PHE L 198 -0.64 11.04 -28.15
C PHE L 198 -0.37 10.48 -26.76
N LEU L 199 0.87 10.08 -26.51
CA LEU L 199 1.19 9.52 -25.20
C LEU L 199 0.96 10.52 -24.08
N MET L 200 1.26 11.79 -24.32
CA MET L 200 1.06 12.78 -23.26
C MET L 200 -0.42 13.09 -23.04
N SER L 201 -1.21 13.16 -24.12
CA SER L 201 -2.64 13.31 -23.93
C SER L 201 -3.25 12.14 -23.18
N GLU L 202 -2.79 10.92 -23.47
CA GLU L 202 -3.28 9.77 -22.72
C GLU L 202 -2.88 9.86 -21.26
N GLY L 203 -1.68 10.37 -20.98
CA GLY L 203 -1.29 10.57 -19.60
C GLY L 203 -2.23 11.50 -18.86
N GLU L 204 -2.60 12.62 -19.47
CA GLU L 204 -3.55 13.52 -18.85
C GLU L 204 -4.91 12.86 -18.63
N ARG L 205 -5.36 12.09 -19.61
CA ARG L 205 -6.64 11.41 -19.46
C ARG L 205 -6.62 10.41 -18.31
N ILE L 206 -5.50 9.70 -18.16
CA ILE L 206 -5.40 8.75 -17.05
C ILE L 206 -5.40 9.48 -15.73
N TRP L 207 -4.72 10.61 -15.64
CA TRP L 207 -4.69 11.38 -14.40
C TRP L 207 -6.08 11.85 -14.01
N ALA L 208 -6.82 12.40 -14.97
CA ALA L 208 -8.18 12.81 -14.70
C ALA L 208 -9.05 11.64 -14.24
N TRP L 209 -8.95 10.49 -14.92
CA TRP L 209 -9.78 9.35 -14.55
C TRP L 209 -9.40 8.80 -13.19
N ARG L 210 -8.13 8.86 -12.81
CA ARG L 210 -7.75 8.31 -11.52
C ARG L 210 -8.20 9.19 -10.39
N ASN L 211 -8.35 10.50 -10.63
CA ASN L 211 -8.83 11.33 -9.53
C ASN L 211 -10.33 11.24 -9.31
N ARG L 212 -11.07 10.62 -10.21
CA ARG L 212 -12.52 10.51 -10.09
C ARG L 212 -12.98 9.11 -9.71
N SER L 213 -12.08 8.17 -9.51
CA SER L 213 -12.46 6.77 -9.37
C SER L 213 -11.74 6.11 -8.22
N GLU L 214 -11.75 6.73 -7.05
CA GLU L 214 -11.03 6.16 -5.92
C GLU L 214 -11.84 5.12 -5.17
N ASN L 215 -13.15 5.35 -5.03
CA ASN L 215 -13.99 4.38 -4.35
C ASN L 215 -14.07 3.08 -5.13
N GLU L 216 -14.24 3.17 -6.45
CA GLU L 216 -14.34 1.97 -7.25
C GLU L 216 -13.02 1.24 -7.33
N ARG L 217 -11.92 1.97 -7.31
CA ARG L 217 -10.61 1.35 -7.32
C ARG L 217 -10.40 0.54 -6.05
N TRP L 218 -10.72 1.13 -4.89
CA TRP L 218 -10.58 0.35 -3.67
C TRP L 218 -11.53 -0.82 -3.64
N PHE L 219 -12.74 -0.65 -4.16
CA PHE L 219 -13.68 -1.77 -4.15
C PHE L 219 -13.15 -2.93 -4.97
N TRP L 220 -12.71 -2.67 -6.19
CA TRP L 220 -12.25 -3.76 -7.02
C TRP L 220 -10.89 -4.30 -6.61
N GLU L 221 -10.13 -3.57 -5.81
CA GLU L 221 -8.82 -4.08 -5.43
C GLU L 221 -8.78 -4.76 -4.08
N VAL L 222 -9.61 -4.33 -3.13
CA VAL L 222 -9.44 -4.78 -1.75
C VAL L 222 -10.70 -5.45 -1.22
N PHE L 223 -11.84 -5.19 -1.82
CA PHE L 223 -13.09 -5.61 -1.23
C PHE L 223 -13.86 -6.64 -2.03
N ALA L 224 -13.73 -6.67 -3.35
CA ALA L 224 -14.64 -7.50 -4.14
C ALA L 224 -14.49 -8.96 -3.80
N TRP L 225 -13.28 -9.51 -3.97
CA TRP L 225 -13.08 -10.93 -3.70
C TRP L 225 -12.99 -11.20 -2.22
N ASP L 226 -12.08 -10.52 -1.54
CA ASP L 226 -11.68 -10.93 -0.20
C ASP L 226 -12.81 -10.84 0.81
N ARG L 227 -13.72 -9.89 0.67
CA ARG L 227 -14.75 -9.67 1.67
C ARG L 227 -16.17 -9.76 1.13
N LEU L 228 -16.36 -10.10 -0.14
CA LEU L 228 -17.71 -10.27 -0.65
C LEU L 228 -17.93 -11.63 -1.29
N ILE L 229 -17.06 -12.09 -2.17
CA ILE L 229 -17.32 -13.30 -2.94
C ILE L 229 -16.70 -14.52 -2.28
N PHE L 230 -15.51 -14.37 -1.73
CA PHE L 230 -14.86 -15.51 -1.10
C PHE L 230 -15.62 -16.07 0.09
N PRO L 231 -16.11 -15.28 1.05
CA PRO L 231 -16.82 -15.90 2.17
C PRO L 231 -18.13 -16.53 1.77
N ILE L 232 -18.85 -15.94 0.83
CA ILE L 232 -20.08 -16.54 0.34
C ILE L 232 -19.78 -17.89 -0.31
N LEU L 233 -18.83 -17.92 -1.23
CA LEU L 233 -18.47 -19.17 -1.89
C LEU L 233 -18.04 -20.21 -0.86
N VAL L 234 -17.23 -19.79 0.12
CA VAL L 234 -16.71 -20.74 1.10
C VAL L 234 -17.84 -21.37 1.90
N ILE L 235 -18.77 -20.55 2.37
CA ILE L 235 -19.83 -21.10 3.21
C ILE L 235 -20.75 -22.00 2.40
N VAL L 236 -21.13 -21.56 1.19
CA VAL L 236 -22.00 -22.37 0.36
C VAL L 236 -21.33 -23.69 0.01
N ALA L 237 -20.04 -23.66 -0.32
CA ALA L 237 -19.33 -24.88 -0.68
C ALA L 237 -19.18 -25.81 0.51
N TRP L 238 -18.89 -25.29 1.69
CA TRP L 238 -18.82 -26.15 2.87
C TRP L 238 -20.16 -26.82 3.13
N GLU L 239 -21.25 -26.08 3.00
CA GLU L 239 -22.54 -26.68 3.28
C GLU L 239 -23.04 -27.58 2.17
N TYR L 240 -22.41 -27.55 0.99
CA TYR L 240 -22.77 -28.49 -0.06
C TYR L 240 -22.26 -29.89 0.25
N LEU L 241 -21.00 -30.01 0.65
CA LEU L 241 -20.43 -31.24 1.16
C LEU L 241 -20.90 -31.41 2.59
N VAL L 242 -20.24 -32.23 3.41
CA VAL L 242 -20.48 -32.15 4.85
C VAL L 242 -21.90 -32.56 5.23
N PRO L 243 -22.12 -33.85 5.50
CA PRO L 243 -23.47 -34.40 5.73
C PRO L 243 -24.39 -33.63 6.67
N ASN L 244 -25.69 -33.94 6.61
CA ASN L 244 -26.72 -33.20 7.35
C ASN L 244 -26.73 -33.58 8.83
N HIS L 245 -25.59 -33.37 9.46
CA HIS L 245 -25.48 -33.55 10.89
C HIS L 245 -25.74 -32.21 11.57
N LEU L 246 -25.45 -32.10 12.85
CA LEU L 246 -25.39 -30.80 13.50
C LEU L 246 -23.98 -30.39 13.86
N VAL L 247 -23.15 -31.33 14.33
CA VAL L 247 -21.75 -31.02 14.57
C VAL L 247 -21.10 -30.49 13.30
N TRP L 248 -21.57 -30.95 12.14
CA TRP L 248 -20.94 -30.58 10.88
C TRP L 248 -21.62 -29.40 10.21
N ALA L 249 -22.93 -29.25 10.37
CA ALA L 249 -23.62 -28.17 9.69
C ALA L 249 -23.48 -26.83 10.41
N VAL L 250 -23.44 -26.83 11.73
CA VAL L 250 -23.45 -25.56 12.47
C VAL L 250 -22.26 -25.42 13.41
N LEU L 251 -21.95 -26.46 14.17
CA LEU L 251 -21.03 -26.30 15.28
C LEU L 251 -19.57 -26.20 14.84
N ALA L 252 -19.15 -27.03 13.89
CA ALA L 252 -17.75 -26.99 13.47
C ALA L 252 -17.46 -25.77 12.60
N PRO L 253 -18.34 -25.37 11.70
CA PRO L 253 -18.12 -24.09 11.01
C PRO L 253 -17.99 -22.93 11.95
N LEU L 254 -18.72 -22.92 13.07
CA LEU L 254 -18.58 -21.84 14.03
C LEU L 254 -17.16 -21.75 14.55
N ALA L 255 -16.60 -22.88 14.97
CA ALA L 255 -15.24 -22.87 15.48
C ALA L 255 -14.25 -22.45 14.41
N LEU L 256 -14.38 -23.01 13.20
CA LEU L 256 -13.39 -22.72 12.18
C LEU L 256 -13.49 -21.28 11.71
N LEU L 257 -14.69 -20.74 11.61
CA LEU L 257 -14.86 -19.33 11.25
C LEU L 257 -14.31 -18.42 12.33
N THR L 258 -14.54 -18.77 13.60
CA THR L 258 -13.98 -17.97 14.68
C THR L 258 -12.46 -17.96 14.61
N TRP L 259 -11.87 -19.10 14.30
CA TRP L 259 -10.42 -19.16 14.24
C TRP L 259 -9.87 -18.39 13.04
N MET L 260 -10.56 -18.48 11.90
CA MET L 260 -10.07 -17.86 10.67
C MET L 260 -10.26 -16.34 10.69
N SER L 261 -11.48 -15.89 10.96
CA SER L 261 -11.80 -14.47 10.88
C SER L 261 -11.36 -13.70 12.11
N GLY L 262 -11.12 -14.38 13.22
CA GLY L 262 -10.64 -13.71 14.40
C GLY L 262 -11.71 -13.12 15.29
N ARG L 263 -12.99 -13.31 14.98
CA ARG L 263 -14.03 -12.78 15.82
C ARG L 263 -15.25 -13.69 15.77
N LEU L 264 -15.87 -13.87 16.92
CA LEU L 264 -17.01 -14.76 17.03
C LEU L 264 -18.22 -14.17 16.31
N PRO L 265 -18.89 -14.92 15.44
CA PRO L 265 -20.03 -14.37 14.70
C PRO L 265 -21.28 -14.30 15.57
N THR L 266 -21.85 -13.12 15.66
CA THR L 266 -23.04 -12.85 16.44
C THR L 266 -24.15 -12.39 15.50
N PRO L 267 -25.41 -12.30 15.96
CA PRO L 267 -26.48 -11.93 15.04
C PRO L 267 -26.32 -10.57 14.37
N ALA L 268 -25.27 -9.84 14.72
CA ALA L 268 -25.01 -8.56 14.09
C ALA L 268 -24.19 -8.69 12.82
N THR L 269 -23.66 -9.86 12.54
CA THR L 269 -22.73 -10.07 11.45
C THR L 269 -23.31 -11.01 10.40
N PRO L 270 -22.96 -10.84 9.13
CA PRO L 270 -23.58 -11.67 8.09
C PRO L 270 -23.19 -13.13 8.16
N GLU L 271 -22.04 -13.46 8.76
CA GLU L 271 -21.65 -14.87 8.87
C GLU L 271 -22.67 -15.66 9.65
N PHE L 272 -23.17 -15.11 10.76
CA PHE L 272 -24.18 -15.80 11.53
C PHE L 272 -25.40 -16.11 10.69
N TRP L 273 -25.86 -15.16 9.89
CA TRP L 273 -27.09 -15.37 9.15
C TRP L 273 -26.89 -16.31 7.96
N MET L 274 -25.73 -16.27 7.31
CA MET L 274 -25.45 -17.24 6.26
C MET L 274 -25.39 -18.65 6.83
N LEU L 275 -24.66 -18.83 7.93
CA LEU L 275 -24.64 -20.13 8.59
C LEU L 275 -26.03 -20.57 8.96
N ALA L 276 -26.78 -19.71 9.66
CA ALA L 276 -28.14 -20.01 10.05
C ALA L 276 -28.95 -20.51 8.87
N TYR L 277 -29.15 -19.66 7.87
CA TYR L 277 -29.99 -20.05 6.75
C TYR L 277 -29.49 -21.33 6.13
N PHE L 278 -28.31 -21.32 5.51
CA PHE L 278 -27.91 -22.49 4.75
C PHE L 278 -27.81 -23.70 5.66
N GLY L 279 -26.86 -23.70 6.59
CA GLY L 279 -26.66 -24.85 7.43
C GLY L 279 -27.92 -25.28 8.15
N PHE L 280 -28.41 -24.46 9.08
CA PHE L 280 -29.51 -24.90 9.92
C PHE L 280 -30.76 -25.14 9.10
N TYR L 281 -31.24 -24.14 8.37
CA TYR L 281 -32.56 -24.24 7.80
C TYR L 281 -32.63 -25.25 6.67
N ARG L 282 -31.50 -25.60 6.03
CA ARG L 282 -31.61 -26.56 4.94
C ARG L 282 -31.00 -27.91 5.24
N LYS L 283 -30.36 -28.06 6.39
CA LYS L 283 -29.82 -29.37 6.73
C LYS L 283 -30.33 -29.91 8.06
N VAL L 284 -30.46 -29.09 9.09
CA VAL L 284 -30.85 -29.57 10.40
C VAL L 284 -32.34 -29.40 10.67
N TRP L 285 -33.00 -28.44 10.01
CA TRP L 285 -34.42 -28.24 10.26
C TRP L 285 -35.31 -29.37 9.77
N PRO L 286 -35.18 -29.87 8.55
CA PRO L 286 -36.17 -30.83 8.05
C PRO L 286 -36.29 -32.14 8.84
N ASP L 287 -35.45 -32.36 9.83
CA ASP L 287 -35.62 -33.54 10.67
C ASP L 287 -35.84 -33.20 12.14
N ALA L 288 -35.20 -32.15 12.65
CA ALA L 288 -35.57 -31.65 13.96
C ALA L 288 -37.03 -31.25 13.99
N ALA L 289 -37.56 -30.79 12.86
CA ALA L 289 -38.98 -30.47 12.78
C ALA L 289 -39.83 -31.70 13.04
N ALA L 290 -39.49 -32.83 12.41
CA ALA L 290 -40.24 -34.05 12.64
C ALA L 290 -40.08 -34.53 14.07
N TRP L 291 -38.86 -34.45 14.60
CA TRP L 291 -38.62 -34.85 15.98
C TRP L 291 -39.50 -34.06 16.94
N LEU L 292 -39.58 -32.74 16.76
CA LEU L 292 -40.42 -31.90 17.62
C LEU L 292 -41.90 -32.17 17.38
N GLN L 293 -42.32 -32.30 16.13
CA GLN L 293 -43.72 -32.55 15.81
C GLN L 293 -44.17 -33.93 16.25
N GLY L 294 -43.24 -34.81 16.58
CA GLY L 294 -43.62 -36.11 17.09
C GLY L 294 -43.52 -36.23 18.60
N TYR L 295 -42.59 -35.51 19.23
CA TYR L 295 -42.30 -35.75 20.63
C TYR L 295 -42.59 -34.60 21.58
N VAL L 296 -42.87 -33.39 21.10
CA VAL L 296 -42.96 -32.27 22.03
C VAL L 296 -44.30 -31.55 21.94
N VAL L 297 -45.01 -31.67 20.81
CA VAL L 297 -46.34 -31.07 20.75
C VAL L 297 -47.36 -31.91 21.52
N PRO L 298 -47.26 -33.24 21.60
CA PRO L 298 -48.12 -33.96 22.54
C PRO L 298 -47.88 -33.58 23.99
N LEU L 299 -46.70 -33.02 24.32
CA LEU L 299 -46.49 -32.53 25.67
C LEU L 299 -47.27 -31.24 25.92
N MET L 300 -47.86 -30.68 24.87
CA MET L 300 -48.80 -29.59 25.03
C MET L 300 -50.20 -30.05 24.66
N GLY L 301 -51.14 -29.10 24.68
CA GLY L 301 -52.52 -29.46 24.45
C GLY L 301 -52.82 -29.78 22.99
N PHE L 302 -52.32 -28.95 22.08
CA PHE L 302 -52.60 -29.13 20.66
C PHE L 302 -52.25 -30.54 20.22
N ALA L 303 -53.07 -31.08 19.32
CA ALA L 303 -52.91 -32.45 18.86
C ALA L 303 -51.78 -32.56 17.83
N THR M 261 -82.19 41.33 2.62
CA THR M 261 -83.15 40.36 2.08
C THR M 261 -84.01 41.05 1.02
N SER M 262 -84.67 40.24 0.18
CA SER M 262 -85.40 40.76 -0.98
C SER M 262 -86.80 41.24 -0.65
N LEU M 263 -87.55 40.49 0.16
CA LEU M 263 -88.88 40.91 0.57
C LEU M 263 -88.77 41.66 1.90
N ASP M 264 -88.64 42.97 1.77
CA ASP M 264 -88.52 43.86 2.92
C ASP M 264 -89.89 44.08 3.53
N GLY M 265 -90.01 45.13 4.36
CA GLY M 265 -91.23 45.41 5.10
C GLY M 265 -92.52 45.23 4.31
N LEU M 266 -93.34 44.28 4.75
CA LEU M 266 -94.63 43.97 4.14
C LEU M 266 -95.39 42.99 5.04
N PRO M 267 -96.72 43.08 5.07
CA PRO M 267 -97.49 42.27 6.04
C PRO M 267 -97.30 40.77 5.86
N GLU M 268 -97.82 40.03 6.84
CA GLU M 268 -97.68 38.58 6.86
C GLU M 268 -98.44 37.90 5.73
N THR M 269 -99.45 38.56 5.16
CA THR M 269 -100.24 37.91 4.13
C THR M 269 -99.41 37.63 2.87
N GLN M 270 -98.71 38.64 2.37
CA GLN M 270 -97.92 38.44 1.17
C GLN M 270 -96.74 37.51 1.46
N LYS M 271 -96.16 37.61 2.66
CA LYS M 271 -95.14 36.67 3.06
C LYS M 271 -95.64 35.24 2.97
N TYR M 272 -96.82 34.96 3.52
CA TYR M 272 -97.26 33.57 3.56
C TYR M 272 -97.75 33.08 2.20
N VAL M 273 -98.30 33.97 1.37
CA VAL M 273 -98.70 33.51 0.04
C VAL M 273 -97.46 33.23 -0.80
N TYR M 274 -96.40 34.05 -0.65
CA TYR M 274 -95.13 33.70 -1.28
C TYR M 274 -94.60 32.38 -0.74
N ALA M 275 -94.74 32.17 0.57
CA ALA M 275 -94.23 30.97 1.22
C ALA M 275 -94.85 29.72 0.61
N ASP M 276 -96.18 29.63 0.63
CA ASP M 276 -96.82 28.42 0.11
C ASP M 276 -96.81 28.41 -1.41
N GLU M 277 -96.48 29.53 -2.05
CA GLU M 277 -96.34 29.53 -3.51
C GLU M 277 -95.02 28.92 -3.93
N TRP M 278 -93.96 29.15 -3.15
CA TRP M 278 -92.65 28.61 -3.48
C TRP M 278 -92.33 27.33 -2.74
N GLY M 279 -93.16 26.93 -1.79
CA GLY M 279 -92.90 25.72 -1.05
C GLY M 279 -92.17 25.91 0.25
N PHE M 280 -91.84 27.16 0.59
CA PHE M 280 -91.20 27.40 1.92
C PHE M 280 -92.31 27.45 2.96
N SER M 281 -91.95 27.27 4.23
CA SER M 281 -92.93 27.33 5.34
C SER M 281 -92.92 28.73 5.92
N ARG M 282 -91.79 29.14 6.51
CA ARG M 282 -91.67 30.50 7.08
C ARG M 282 -90.67 31.31 6.26
N VAL M 283 -91.13 32.37 5.58
CA VAL M 283 -90.15 33.24 4.85
C VAL M 283 -89.46 34.10 5.92
N GLY M 284 -88.57 34.99 5.51
CA GLY M 284 -87.77 35.75 6.50
C GLY M 284 -88.02 37.23 6.43
N ALA M 285 -87.88 37.94 7.56
CA ALA M 285 -88.05 39.41 7.59
C ALA M 285 -86.75 40.07 7.13
N ASP M 286 -86.25 41.03 7.91
CA ASP M 286 -85.03 41.77 7.46
C ASP M 286 -84.08 41.96 8.63
N PHE M 287 -82.81 41.60 8.43
CA PHE M 287 -81.81 41.69 9.52
C PHE M 287 -81.07 43.02 9.39
N PRO M 288 -80.70 43.65 10.52
CA PRO M 288 -79.91 44.88 10.46
C PRO M 288 -78.55 44.67 9.84
N PRO M 289 -77.93 45.68 9.19
CA PRO M 289 -76.59 45.53 8.66
C PRO M 289 -75.48 45.64 9.71
N GLY M 290 -74.22 45.49 9.31
CA GLY M 290 -73.15 45.71 10.26
C GLY M 290 -73.17 44.76 11.43
N SER M 291 -72.91 43.48 11.17
CA SER M 291 -72.89 42.48 12.22
C SER M 291 -71.93 41.38 11.81
N HIS M 292 -71.97 40.27 12.54
CA HIS M 292 -71.16 39.13 12.19
C HIS M 292 -71.82 37.89 12.78
N PRO M 293 -71.76 36.76 12.08
CA PRO M 293 -72.41 35.55 12.60
C PRO M 293 -71.86 35.10 13.93
N SER M 294 -70.56 35.23 14.17
CA SER M 294 -69.95 34.82 15.41
C SER M 294 -70.52 35.54 16.63
N LEU M 295 -71.37 36.55 16.43
CA LEU M 295 -72.00 37.21 17.56
C LEU M 295 -72.90 36.24 18.32
N PHE M 296 -73.84 35.62 17.61
CA PHE M 296 -74.88 34.82 18.22
C PHE M 296 -74.35 33.54 18.86
N SER M 297 -73.05 33.32 18.86
CA SER M 297 -72.48 32.22 19.61
C SER M 297 -72.65 32.42 21.12
N GLN M 298 -73.01 33.63 21.54
CA GLN M 298 -73.27 33.89 22.95
C GLN M 298 -74.68 33.51 23.36
N LEU M 299 -75.57 33.28 22.39
CA LEU M 299 -76.93 32.86 22.70
C LEU M 299 -77.02 31.36 22.99
N LEU M 300 -75.91 30.66 22.93
CA LEU M 300 -75.94 29.20 23.07
C LEU M 300 -75.56 28.80 24.48
N PRO M 301 -76.27 27.86 25.09
CA PRO M 301 -75.85 27.32 26.37
C PRO M 301 -74.50 26.61 26.25
N GLN M 302 -73.73 26.69 27.33
CA GLN M 302 -72.38 26.13 27.32
C GLN M 302 -72.37 24.61 27.35
N ALA M 303 -73.49 23.99 27.70
CA ALA M 303 -73.53 22.53 27.75
C ALA M 303 -73.56 21.92 26.35
N LEU M 304 -73.86 22.74 25.33
CA LEU M 304 -73.97 22.21 23.98
C LEU M 304 -72.60 21.81 23.44
N PHE M 305 -71.54 22.35 23.99
CA PHE M 305 -70.19 22.07 23.50
C PHE M 305 -69.55 20.88 24.13
N ALA M 306 -70.23 20.06 24.92
CA ALA M 306 -69.59 19.01 25.68
C ALA M 306 -69.35 17.78 24.83
N PHE M 307 -68.26 17.07 25.10
CA PHE M 307 -67.96 15.85 24.38
C PHE M 307 -68.48 14.63 25.12
N ASP M 308 -69.06 13.70 24.35
CA ASP M 308 -69.56 12.44 24.89
C ASP M 308 -69.30 11.35 23.88
N ALA M 309 -68.91 10.18 24.37
CA ALA M 309 -68.53 9.10 23.46
C ALA M 309 -69.73 8.39 22.88
N ARG M 310 -70.88 8.47 23.55
CA ARG M 310 -72.06 7.76 23.08
C ARG M 310 -72.46 8.21 21.68
N ALA M 311 -72.73 9.50 21.52
CA ALA M 311 -73.15 10.01 20.23
C ALA M 311 -72.07 9.82 19.19
N ALA M 312 -70.80 9.87 19.60
CA ALA M 312 -69.71 9.65 18.65
C ALA M 312 -69.79 8.26 18.04
N VAL M 313 -69.83 7.22 18.89
CA VAL M 313 -69.84 5.89 18.31
C VAL M 313 -71.15 5.61 17.59
N ALA M 314 -72.26 6.21 18.07
CA ALA M 314 -73.52 6.01 17.36
C ALA M 314 -73.46 6.60 15.96
N ALA M 315 -72.88 7.80 15.84
CA ALA M 315 -72.79 8.48 14.56
C ALA M 315 -71.83 7.77 13.61
N VAL M 316 -70.79 7.14 14.13
CA VAL M 316 -69.90 6.41 13.24
C VAL M 316 -70.39 5.00 12.93
N ALA M 317 -71.34 4.47 13.71
CA ALA M 317 -71.77 3.08 13.54
C ALA M 317 -73.10 2.91 12.81
N VAL M 318 -74.05 3.84 12.92
CA VAL M 318 -75.32 3.68 12.23
C VAL M 318 -75.14 3.65 10.71
N PRO M 319 -74.46 4.62 10.10
CA PRO M 319 -74.31 4.56 8.64
C PRO M 319 -73.47 3.38 8.20
N LEU M 320 -72.51 2.95 9.01
CA LEU M 320 -71.76 1.76 8.68
C LEU M 320 -72.67 0.54 8.64
N ALA M 321 -73.63 0.46 9.57
CA ALA M 321 -74.55 -0.66 9.57
C ALA M 321 -75.45 -0.63 8.34
N ALA M 322 -75.95 0.56 7.98
CA ALA M 322 -76.77 0.65 6.77
C ALA M 322 -75.98 0.22 5.54
N MET M 323 -74.72 0.66 5.44
CA MET M 323 -73.89 0.27 4.30
C MET M 323 -73.69 -1.24 4.27
N ALA M 324 -73.36 -1.83 5.41
CA ALA M 324 -73.12 -3.26 5.46
C ALA M 324 -74.37 -4.04 5.09
N ALA M 325 -75.53 -3.57 5.53
CA ALA M 325 -76.77 -4.25 5.17
C ALA M 325 -76.99 -4.22 3.66
N GLY M 326 -76.85 -3.03 3.07
CA GLY M 326 -77.01 -2.93 1.63
C GLY M 326 -76.06 -3.84 0.88
N TYR M 327 -74.81 -3.93 1.34
CA TYR M 327 -73.83 -4.73 0.61
C TYR M 327 -74.08 -6.21 0.79
N GLY M 328 -74.38 -6.66 2.01
CA GLY M 328 -74.72 -8.05 2.21
C GLY M 328 -75.88 -8.49 1.33
N TRP M 329 -76.95 -7.70 1.31
CA TRP M 329 -78.04 -8.01 0.40
C TRP M 329 -77.56 -8.07 -1.04
N LEU M 330 -76.90 -7.01 -1.51
CA LEU M 330 -76.56 -6.91 -2.92
C LEU M 330 -75.68 -8.06 -3.38
N TRP M 331 -74.76 -8.51 -2.51
CA TRP M 331 -73.91 -9.62 -2.91
C TRP M 331 -74.64 -10.95 -2.80
N TYR M 332 -75.52 -11.09 -1.81
CA TYR M 332 -76.31 -12.32 -1.70
C TYR M 332 -77.12 -12.59 -2.96
N MET M 333 -77.45 -11.54 -3.72
CA MET M 333 -78.27 -11.66 -4.91
C MET M 333 -77.62 -10.91 -6.07
N HIS M 334 -76.34 -11.21 -6.31
CA HIS M 334 -75.44 -10.33 -7.06
C HIS M 334 -76.07 -9.72 -8.32
N SER M 335 -76.34 -10.56 -9.31
CA SER M 335 -76.85 -10.09 -10.60
C SER M 335 -78.08 -10.84 -11.06
N ILE M 336 -78.75 -11.58 -10.16
CA ILE M 336 -79.99 -12.25 -10.49
C ILE M 336 -81.20 -11.40 -10.19
N ALA M 337 -81.01 -10.20 -9.64
CA ALA M 337 -82.10 -9.34 -9.22
C ALA M 337 -82.47 -8.31 -10.29
N PRO M 338 -83.73 -7.92 -10.36
CA PRO M 338 -84.15 -6.93 -11.36
C PRO M 338 -83.64 -5.54 -11.02
N VAL M 339 -83.91 -4.56 -11.90
CA VAL M 339 -83.26 -3.27 -11.76
C VAL M 339 -83.74 -2.49 -10.54
N TRP M 340 -84.99 -2.68 -10.12
CA TRP M 340 -85.48 -1.89 -8.98
C TRP M 340 -84.82 -2.28 -7.67
N GLN M 341 -84.51 -3.57 -7.48
CA GLN M 341 -83.80 -3.99 -6.29
C GLN M 341 -82.40 -3.41 -6.28
N GLN M 342 -81.75 -3.39 -7.44
CA GLN M 342 -80.45 -2.75 -7.55
C GLN M 342 -80.53 -1.28 -7.20
N ALA M 343 -81.54 -0.58 -7.73
CA ALA M 343 -81.70 0.83 -7.42
C ALA M 343 -81.88 1.04 -5.92
N LEU M 344 -82.64 0.19 -5.26
CA LEU M 344 -82.90 0.42 -3.85
C LEU M 344 -81.65 0.17 -3.00
N CYS M 345 -80.90 -0.89 -3.32
CA CYS M 345 -79.67 -1.10 -2.58
C CYS M 345 -78.65 0.01 -2.84
N ALA M 346 -78.61 0.53 -4.07
CA ALA M 346 -77.72 1.64 -4.35
C ALA M 346 -78.12 2.89 -3.58
N ALA M 347 -79.41 3.19 -3.49
CA ALA M 347 -79.86 4.33 -2.71
C ALA M 347 -79.48 4.18 -1.24
N LEU M 348 -79.65 2.98 -0.70
CA LEU M 348 -79.30 2.78 0.70
C LEU M 348 -77.81 2.97 0.93
N ILE M 349 -76.97 2.42 0.04
CA ILE M 349 -75.53 2.55 0.23
C ILE M 349 -75.10 4.00 0.07
N GLY M 350 -75.67 4.71 -0.89
CA GLY M 350 -75.33 6.11 -1.06
C GLY M 350 -75.66 6.94 0.15
N THR M 351 -76.83 6.68 0.76
CA THR M 351 -77.19 7.46 1.95
C THR M 351 -76.29 7.13 3.13
N GLY M 352 -76.01 5.86 3.35
CA GLY M 352 -75.06 5.51 4.40
C GLY M 352 -73.72 6.21 4.22
N TYR M 353 -73.24 6.27 2.97
CA TYR M 353 -71.96 6.93 2.78
C TYR M 353 -72.06 8.44 2.94
N ALA M 354 -73.20 9.03 2.61
CA ALA M 354 -73.34 10.46 2.90
C ALA M 354 -73.24 10.72 4.40
N GLY M 355 -73.74 9.79 5.21
CA GLY M 355 -73.57 9.94 6.65
C GLY M 355 -72.12 9.88 7.07
N LEU M 356 -71.41 8.87 6.59
CA LEU M 356 -69.99 8.79 6.94
C LEU M 356 -69.20 9.99 6.41
N PHE M 357 -69.63 10.56 5.29
CA PHE M 357 -68.95 11.73 4.77
C PHE M 357 -69.23 12.96 5.62
N LYS M 358 -70.42 13.07 6.19
CA LYS M 358 -70.64 14.15 7.15
C LYS M 358 -69.70 14.01 8.35
N VAL M 359 -69.50 12.78 8.81
CA VAL M 359 -68.52 12.59 9.89
C VAL M 359 -67.13 13.05 9.46
N ALA M 360 -66.75 12.74 8.22
CA ALA M 360 -65.42 13.16 7.74
C ALA M 360 -65.32 14.67 7.61
N HIS M 361 -66.40 15.32 7.19
CA HIS M 361 -66.43 16.77 7.15
C HIS M 361 -66.28 17.36 8.53
N GLU M 362 -66.81 16.69 9.55
CA GLU M 362 -66.59 17.15 10.92
C GLU M 362 -65.14 17.02 11.32
N CYS M 363 -64.50 15.88 11.01
CA CYS M 363 -63.08 15.76 11.33
C CYS M 363 -62.21 16.73 10.55
N ALA M 364 -62.66 17.21 9.40
CA ALA M 364 -61.84 18.17 8.65
C ALA M 364 -61.81 19.53 9.32
N MET M 365 -62.92 19.96 9.93
CA MET M 365 -62.96 21.21 10.66
C MET M 365 -62.54 21.05 12.11
N MET M 366 -61.97 19.92 12.49
CA MET M 366 -61.30 19.75 13.78
C MET M 366 -62.27 19.84 14.95
N ARG M 367 -63.50 19.36 14.77
CA ARG M 367 -64.47 19.46 15.86
C ARG M 367 -65.20 18.15 16.14
N PHE M 368 -64.60 17.01 15.82
CA PHE M 368 -65.21 15.71 16.11
C PHE M 368 -64.62 15.07 17.36
N ILE M 369 -63.31 14.86 17.38
CA ILE M 369 -62.60 14.38 18.56
C ILE M 369 -61.35 15.23 18.74
N PRO M 370 -61.43 16.37 19.40
CA PRO M 370 -60.26 17.24 19.50
C PRO M 370 -59.17 16.70 20.42
N GLN M 371 -59.48 15.77 21.31
CA GLN M 371 -58.47 15.28 22.24
C GLN M 371 -57.41 14.46 21.52
N MET M 372 -57.82 13.65 20.56
CA MET M 372 -56.90 12.86 19.77
C MET M 372 -56.85 13.43 18.37
N PRO M 373 -55.96 14.36 18.06
CA PRO M 373 -55.97 14.98 16.73
C PRO M 373 -55.43 14.08 15.64
N GLY M 374 -54.41 13.28 15.95
CA GLY M 374 -53.89 12.35 14.97
C GLY M 374 -54.93 11.32 14.56
N LEU M 375 -55.68 10.81 15.54
CA LEU M 375 -56.71 9.83 15.24
C LEU M 375 -57.82 10.44 14.39
N GLN M 376 -58.23 11.68 14.68
CA GLN M 376 -59.31 12.25 13.90
C GLN M 376 -58.85 12.64 12.51
N ALA M 377 -57.57 12.99 12.35
CA ALA M 377 -57.05 13.22 11.02
C ALA M 377 -57.06 11.93 10.21
N ALA M 378 -56.57 10.84 10.79
CA ALA M 378 -56.56 9.57 10.07
C ALA M 378 -57.97 9.12 9.72
N LEU M 379 -58.91 9.30 10.64
CA LEU M 379 -60.28 8.89 10.38
C LEU M 379 -60.89 9.71 9.25
N GLY M 380 -60.70 11.02 9.27
CA GLY M 380 -61.24 11.83 8.19
C GLY M 380 -60.65 11.46 6.84
N THR M 381 -59.35 11.22 6.80
CA THR M 381 -58.72 10.80 5.55
C THR M 381 -59.33 9.52 5.03
N LEU M 382 -59.44 8.52 5.91
CA LEU M 382 -60.00 7.23 5.51
C LEU M 382 -61.42 7.37 5.00
N LEU M 383 -62.27 8.11 5.69
CA LEU M 383 -63.66 8.20 5.26
C LEU M 383 -63.84 9.07 4.03
N MET M 384 -62.92 9.98 3.75
CA MET M 384 -63.06 10.79 2.56
C MET M 384 -62.53 10.11 1.31
N ALA M 385 -61.54 9.23 1.44
CA ALA M 385 -60.94 8.62 0.25
C ALA M 385 -61.93 7.95 -0.69
N PRO M 386 -62.85 7.08 -0.24
CA PRO M 386 -63.72 6.39 -1.20
C PRO M 386 -64.54 7.27 -2.10
N ALA M 387 -64.76 8.53 -1.76
CA ALA M 387 -65.42 9.44 -2.68
C ALA M 387 -64.43 10.16 -3.57
N LEU M 388 -63.15 9.82 -3.47
CA LEU M 388 -62.09 10.46 -4.25
C LEU M 388 -62.01 11.96 -3.95
N TYR M 389 -61.92 12.28 -2.67
CA TYR M 389 -61.82 13.64 -2.18
C TYR M 389 -60.60 13.78 -1.29
N SER M 390 -60.06 14.98 -1.19
CA SER M 390 -58.88 15.26 -0.38
C SER M 390 -59.29 16.01 0.87
N LEU M 391 -58.68 15.65 2.01
CA LEU M 391 -59.06 16.28 3.27
C LEU M 391 -58.49 17.69 3.42
N PRO M 392 -57.20 17.94 3.20
CA PRO M 392 -56.71 19.32 3.34
C PRO M 392 -57.33 20.27 2.34
N SER M 393 -57.46 19.85 1.09
CA SER M 393 -58.10 20.72 0.11
C SER M 393 -59.56 20.98 0.47
N TRP M 394 -60.22 19.99 1.04
CA TRP M 394 -61.62 20.20 1.45
C TRP M 394 -61.70 21.24 2.54
N ARG M 395 -60.83 21.13 3.54
CA ARG M 395 -60.78 22.14 4.60
C ARG M 395 -60.59 23.52 4.01
N LEU M 396 -59.68 23.65 3.06
CA LEU M 396 -59.38 24.97 2.49
C LEU M 396 -60.58 25.53 1.74
N HIS M 397 -61.19 24.72 0.89
CA HIS M 397 -62.31 25.23 0.11
C HIS M 397 -63.50 25.56 0.99
N HIS M 398 -63.72 24.80 2.05
CA HIS M 398 -64.84 25.12 2.92
C HIS M 398 -64.59 26.39 3.71
N LEU M 399 -63.37 26.59 4.22
CA LEU M 399 -63.07 27.85 4.88
C LEU M 399 -63.26 29.03 3.95
N HIS M 400 -62.75 28.91 2.72
CA HIS M 400 -62.92 29.97 1.74
C HIS M 400 -64.40 30.22 1.47
N HIS M 401 -65.22 29.19 1.55
CA HIS M 401 -66.66 29.38 1.36
C HIS M 401 -67.28 30.13 2.52
N LEU M 402 -66.94 29.74 3.74
CA LEU M 402 -67.46 30.44 4.91
C LEU M 402 -67.07 31.91 4.93
N LEU M 403 -65.91 32.26 4.39
CA LEU M 403 -65.49 33.64 4.43
C LEU M 403 -66.16 34.50 3.37
N HIS M 404 -66.75 33.91 2.34
CA HIS M 404 -67.26 34.65 1.21
C HIS M 404 -68.70 34.28 0.88
N THR M 405 -69.48 33.90 1.87
CA THR M 405 -70.80 33.35 1.61
C THR M 405 -71.67 34.35 0.88
N ASN M 406 -72.22 33.95 -0.26
CA ASN M 406 -73.11 34.74 -1.09
C ASN M 406 -72.46 35.99 -1.66
N MET M 407 -71.14 36.05 -1.71
CA MET M 407 -70.47 37.20 -2.30
C MET M 407 -70.40 36.99 -3.80
N LEU M 408 -70.93 37.93 -4.56
CA LEU M 408 -70.95 37.79 -6.01
C LEU M 408 -69.55 37.96 -6.59
N TRP M 409 -69.19 37.07 -7.51
CA TRP M 409 -67.89 36.97 -8.16
C TRP M 409 -66.81 36.39 -7.27
N GLN M 410 -67.14 35.91 -6.08
CA GLN M 410 -66.10 35.41 -5.21
C GLN M 410 -66.38 34.04 -4.61
N ASP M 411 -67.65 33.70 -4.38
CA ASP M 411 -68.00 32.41 -3.79
C ASP M 411 -67.98 31.33 -4.88
N VAL M 412 -66.78 30.95 -5.28
CA VAL M 412 -66.64 29.98 -6.35
C VAL M 412 -66.77 28.55 -5.85
N TRP M 413 -66.71 28.32 -4.55
CA TRP M 413 -66.85 26.99 -4.00
C TRP M 413 -68.26 26.71 -3.51
N GLY M 414 -69.23 27.42 -4.05
CA GLY M 414 -70.62 27.16 -3.79
C GLY M 414 -71.43 27.32 -5.05
N TRP M 415 -72.74 27.20 -4.95
CA TRP M 415 -73.61 27.26 -6.12
C TRP M 415 -73.70 28.69 -6.65
N HIS M 416 -72.61 29.18 -7.18
CA HIS M 416 -72.62 30.49 -7.81
C HIS M 416 -73.62 30.47 -8.95
N PRO M 417 -74.53 31.43 -9.02
CA PRO M 417 -75.55 31.39 -10.07
C PRO M 417 -75.01 31.89 -11.39
N LEU M 418 -75.68 31.49 -12.46
CA LEU M 418 -75.34 31.97 -13.79
C LEU M 418 -76.05 33.30 -14.00
N THR M 419 -75.29 34.38 -14.04
CA THR M 419 -75.92 35.68 -14.11
C THR M 419 -76.30 36.04 -15.54
N LYS M 420 -77.17 37.04 -15.66
CA LYS M 420 -77.64 37.46 -16.97
C LYS M 420 -76.54 38.12 -17.78
N VAL M 421 -75.66 38.88 -17.13
CA VAL M 421 -74.70 39.67 -17.87
C VAL M 421 -73.64 38.78 -18.53
N GLU M 422 -73.11 37.81 -17.80
CA GLU M 422 -72.14 36.91 -18.41
C GLU M 422 -72.78 36.07 -19.51
N LEU M 423 -74.05 35.71 -19.34
CA LEU M 423 -74.75 35.00 -20.40
C LEU M 423 -74.87 35.87 -21.65
N ALA M 424 -75.21 37.15 -21.49
CA ALA M 424 -75.29 38.05 -22.63
C ALA M 424 -73.93 38.18 -23.30
N ASP M 425 -72.87 38.28 -22.50
CA ASP M 425 -71.53 38.38 -23.09
C ASP M 425 -71.18 37.14 -23.89
N GLU M 426 -71.48 35.96 -23.35
CA GLU M 426 -71.21 34.73 -24.08
C GLU M 426 -72.06 34.63 -25.34
N MET M 427 -73.27 35.17 -25.32
CA MET M 427 -74.11 35.13 -26.51
C MET M 427 -73.63 36.11 -27.56
N VAL M 428 -73.03 37.22 -27.14
CA VAL M 428 -72.46 38.15 -28.10
C VAL M 428 -71.20 37.57 -28.70
N ARG M 429 -70.42 36.81 -27.93
CA ARG M 429 -69.24 36.17 -28.45
C ARG M 429 -69.55 34.98 -29.34
N SER M 430 -70.61 34.23 -29.03
CA SER M 430 -70.96 33.03 -29.77
C SER M 430 -71.60 33.33 -31.11
N GLY M 431 -72.18 34.51 -31.26
CA GLY M 431 -72.90 34.83 -32.48
C GLY M 431 -74.09 33.93 -32.63
N GLY M 432 -74.92 33.86 -31.60
CA GLY M 432 -76.11 33.04 -31.61
C GLY M 432 -76.17 32.12 -30.40
N SER M 433 -77.31 31.45 -30.28
CA SER M 433 -77.57 30.54 -29.16
C SER M 433 -77.36 29.09 -29.52
N GLY M 434 -76.39 28.78 -30.37
CA GLY M 434 -76.19 27.41 -30.79
C GLY M 434 -74.81 26.86 -30.50
N GLY M 435 -73.97 27.66 -29.84
CA GLY M 435 -72.61 27.24 -29.57
C GLY M 435 -72.53 26.05 -28.63
N ALA M 436 -71.29 25.70 -28.29
CA ALA M 436 -71.07 24.54 -27.44
C ALA M 436 -71.35 24.87 -25.98
N ALA M 437 -70.78 25.97 -25.48
CA ALA M 437 -71.05 26.40 -24.12
C ALA M 437 -72.54 26.65 -23.92
N MET M 438 -73.19 27.19 -24.94
CA MET M 438 -74.63 27.42 -24.86
C MET M 438 -75.38 26.12 -24.56
N ALA M 439 -75.22 25.10 -25.40
CA ALA M 439 -75.95 23.86 -25.19
C ALA M 439 -75.52 23.18 -23.90
N ALA M 440 -74.26 23.35 -23.50
CA ALA M 440 -73.81 22.80 -22.23
C ALA M 440 -74.59 23.38 -21.06
N ALA M 441 -74.61 24.71 -20.96
CA ALA M 441 -75.44 25.34 -19.93
C ALA M 441 -76.89 24.92 -20.08
N ARG M 442 -77.37 24.82 -21.32
CA ARG M 442 -78.75 24.48 -21.59
C ARG M 442 -79.14 23.16 -20.94
N LEU M 443 -78.31 22.13 -21.09
CA LEU M 443 -78.73 20.87 -20.50
C LEU M 443 -78.35 20.77 -19.03
N VAL M 444 -77.35 21.52 -18.57
CA VAL M 444 -76.92 21.34 -17.19
C VAL M 444 -77.85 22.06 -16.22
N LEU M 445 -78.41 23.21 -16.60
CA LEU M 445 -79.32 23.89 -15.69
C LEU M 445 -80.74 24.00 -16.22
N THR M 446 -81.23 22.99 -16.93
CA THR M 446 -82.62 22.92 -17.30
C THR M 446 -83.20 21.52 -17.10
N THR M 447 -82.37 20.52 -16.97
CA THR M 447 -82.76 19.13 -16.82
C THR M 447 -82.48 18.66 -15.41
N PRO M 448 -83.08 17.54 -14.99
CA PRO M 448 -82.80 17.02 -13.64
C PRO M 448 -81.35 16.67 -13.39
N ILE M 449 -80.50 16.62 -14.41
CA ILE M 449 -79.08 16.39 -14.14
C ILE M 449 -78.48 17.48 -13.27
N LYS M 450 -79.17 18.61 -13.12
CA LYS M 450 -78.72 19.64 -12.19
C LYS M 450 -78.55 19.09 -10.79
N LEU M 451 -79.40 18.14 -10.40
CA LEU M 451 -79.33 17.58 -9.05
C LEU M 451 -78.07 16.75 -8.86
N PHE M 452 -77.21 16.68 -9.88
CA PHE M 452 -75.93 16.01 -9.77
C PHE M 452 -74.76 16.93 -10.09
N ALA M 453 -75.00 18.22 -10.31
CA ALA M 453 -73.93 19.12 -10.71
C ALA M 453 -72.79 19.18 -9.71
N SER M 454 -72.99 18.60 -8.52
CA SER M 454 -71.89 18.50 -7.57
C SER M 454 -70.69 17.78 -8.14
N VAL M 455 -70.89 16.93 -9.14
CA VAL M 455 -69.75 16.24 -9.74
C VAL M 455 -68.79 17.25 -10.37
N GLY M 456 -69.32 18.34 -10.90
CA GLY M 456 -68.44 19.40 -11.35
C GLY M 456 -67.54 19.90 -10.24
N HIS M 457 -68.12 20.11 -9.06
CA HIS M 457 -67.34 20.44 -7.88
C HIS M 457 -66.20 19.45 -7.69
N TRP M 458 -66.49 18.15 -7.83
CA TRP M 458 -65.45 17.16 -7.62
C TRP M 458 -64.28 17.37 -8.56
N LEU M 459 -64.53 17.83 -9.78
CA LEU M 459 -63.44 17.99 -10.72
C LEU M 459 -62.67 19.27 -10.49
N ARG M 460 -63.24 20.22 -9.77
CA ARG M 460 -62.54 21.48 -9.58
C ARG M 460 -61.60 21.44 -8.39
N SER M 461 -61.87 20.58 -7.41
CA SER M 461 -60.81 20.11 -6.56
C SER M 461 -59.73 19.49 -7.43
N TRP M 462 -58.60 19.16 -6.83
CA TRP M 462 -57.39 18.93 -7.64
C TRP M 462 -57.12 20.19 -8.47
N ASP M 463 -56.70 21.23 -7.80
CA ASP M 463 -56.67 22.51 -8.49
C ASP M 463 -55.64 22.41 -9.60
N GLY M 464 -56.00 21.71 -10.67
CA GLY M 464 -55.09 21.39 -11.74
C GLY M 464 -53.98 20.44 -11.36
N LEU M 465 -54.05 19.81 -10.20
CA LEU M 465 -52.92 19.11 -9.61
C LEU M 465 -51.69 20.00 -9.62
N ASP M 466 -51.86 21.22 -9.14
CA ASP M 466 -50.87 22.27 -9.31
C ASP M 466 -50.44 22.78 -7.94
N LEU M 467 -49.23 22.43 -7.53
CA LEU M 467 -48.71 22.88 -6.25
C LEU M 467 -48.38 24.35 -6.23
N ARG M 468 -48.70 25.09 -7.29
CA ARG M 468 -48.36 26.50 -7.31
C ARG M 468 -49.51 27.38 -6.85
N HIS M 469 -50.58 26.80 -6.35
CA HIS M 469 -51.67 27.56 -5.77
C HIS M 469 -51.56 27.71 -4.27
N PHE M 470 -50.70 26.94 -3.63
CA PHE M 470 -50.68 26.83 -2.19
C PHE M 470 -49.44 27.52 -1.64
N HIS M 471 -49.41 27.64 -0.35
CA HIS M 471 -48.28 28.16 0.39
C HIS M 471 -47.19 27.09 0.46
N PRO M 472 -45.94 27.43 0.17
CA PRO M 472 -44.89 26.40 0.14
C PRO M 472 -44.76 25.57 1.40
N ALA M 473 -44.93 26.18 2.56
CA ALA M 473 -44.73 25.47 3.81
C ALA M 473 -45.66 24.29 3.97
N SER M 474 -46.62 24.14 3.07
CA SER M 474 -47.61 23.08 3.20
C SER M 474 -47.53 22.02 2.14
N TYR M 475 -46.51 22.05 1.27
CA TYR M 475 -46.50 21.13 0.13
C TYR M 475 -46.66 19.70 0.57
N VAL M 476 -45.83 19.24 1.50
CA VAL M 476 -45.88 17.85 1.91
C VAL M 476 -47.25 17.48 2.44
N GLU M 477 -47.94 18.41 3.10
CA GLU M 477 -49.26 18.07 3.62
C GLU M 477 -50.28 17.98 2.51
N VAL M 478 -50.17 18.82 1.49
CA VAL M 478 -51.13 18.78 0.39
C VAL M 478 -50.91 17.55 -0.46
N LEU M 479 -49.65 17.26 -0.79
CA LEU M 479 -49.34 16.07 -1.57
C LEU M 479 -49.90 14.82 -0.92
N SER M 480 -49.62 14.64 0.37
CA SER M 480 -50.19 13.50 1.09
C SER M 480 -51.70 13.44 0.95
N GLY M 481 -52.35 14.59 1.01
CA GLY M 481 -53.78 14.62 0.85
C GLY M 481 -54.23 14.06 -0.48
N TRP M 482 -53.49 14.34 -1.54
CA TRP M 482 -53.86 13.83 -2.86
C TRP M 482 -53.53 12.37 -3.02
N ALA M 483 -52.70 11.81 -2.16
CA ALA M 483 -52.26 10.44 -2.38
C ALA M 483 -53.20 9.43 -1.79
N ALA M 484 -54.14 9.84 -0.96
CA ALA M 484 -55.08 8.89 -0.39
C ALA M 484 -56.21 8.60 -1.38
N PRO M 485 -56.82 9.59 -2.03
CA PRO M 485 -57.70 9.24 -3.15
C PRO M 485 -57.03 8.37 -4.18
N LEU M 486 -55.90 8.82 -4.74
CA LEU M 486 -55.23 8.09 -5.81
C LEU M 486 -54.97 6.65 -5.41
N ALA M 487 -54.38 6.43 -4.24
CA ALA M 487 -54.13 5.06 -3.77
C ALA M 487 -55.39 4.23 -3.83
N PHE M 488 -56.50 4.76 -3.34
CA PHE M 488 -57.78 4.08 -3.50
C PHE M 488 -58.03 3.75 -4.97
N ALA M 489 -58.10 4.78 -5.80
CA ALA M 489 -58.38 4.57 -7.23
C ALA M 489 -57.25 3.85 -7.92
N GLY M 490 -56.22 3.44 -7.17
CA GLY M 490 -55.11 2.74 -7.77
C GLY M 490 -54.99 1.34 -7.22
N LEU M 491 -55.63 1.07 -6.09
CA LEU M 491 -55.52 -0.23 -5.45
C LEU M 491 -56.86 -0.90 -5.25
N VAL M 492 -57.95 -0.14 -5.22
CA VAL M 492 -59.24 -0.72 -4.89
C VAL M 492 -60.16 -0.74 -6.09
N LEU M 493 -60.16 0.30 -6.88
CA LEU M 493 -61.00 0.27 -8.08
C LEU M 493 -60.53 -0.78 -9.09
N PRO M 494 -59.24 -1.11 -9.17
CA PRO M 494 -58.89 -2.31 -9.92
C PRO M 494 -59.55 -3.56 -9.38
N ALA M 495 -59.32 -3.88 -8.10
CA ALA M 495 -59.85 -5.10 -7.51
C ALA M 495 -61.32 -5.28 -7.85
N VAL M 496 -62.14 -4.28 -7.53
CA VAL M 496 -63.57 -4.33 -7.81
C VAL M 496 -63.81 -4.79 -9.25
N VAL M 497 -63.25 -4.06 -10.21
CA VAL M 497 -63.44 -4.43 -11.61
C VAL M 497 -62.97 -5.85 -11.84
N SER M 498 -61.75 -6.17 -11.41
CA SER M 498 -61.19 -7.47 -11.69
C SER M 498 -62.02 -8.58 -11.08
N ALA M 499 -62.80 -8.26 -10.05
CA ALA M 499 -63.59 -9.27 -9.37
C ALA M 499 -65.06 -9.23 -9.75
N GLY M 500 -65.48 -8.26 -10.56
CA GLY M 500 -66.87 -8.25 -10.95
C GLY M 500 -67.15 -7.80 -12.36
N GLY M 501 -66.12 -7.41 -13.10
CA GLY M 501 -66.35 -6.89 -14.44
C GLY M 501 -67.21 -5.65 -14.47
N LEU M 502 -67.51 -5.15 -15.66
CA LEU M 502 -68.18 -3.87 -15.81
C LEU M 502 -69.45 -3.78 -14.97
N SER M 503 -70.32 -4.78 -15.09
CA SER M 503 -71.53 -4.78 -14.27
C SER M 503 -71.18 -4.76 -12.79
N GLY M 504 -70.32 -5.66 -12.35
CA GLY M 504 -69.92 -5.68 -10.95
C GLY M 504 -69.23 -4.40 -10.51
N PHE M 505 -68.94 -3.51 -11.45
CA PHE M 505 -68.47 -2.17 -11.14
C PHE M 505 -69.62 -1.18 -11.08
N VAL M 506 -70.50 -1.19 -12.08
CA VAL M 506 -71.56 -0.21 -12.15
C VAL M 506 -72.60 -0.40 -11.05
N SER M 507 -72.67 -1.57 -10.44
CA SER M 507 -73.63 -1.78 -9.37
C SER M 507 -73.00 -1.69 -8.00
N CYS M 508 -71.70 -1.92 -7.88
CA CYS M 508 -71.05 -1.88 -6.59
C CYS M 508 -70.39 -0.55 -6.28
N TYR M 509 -70.03 0.23 -7.29
CA TYR M 509 -69.39 1.51 -7.05
C TYR M 509 -70.13 2.68 -7.69
N LEU M 510 -70.49 2.59 -8.97
CA LEU M 510 -70.92 3.80 -9.66
C LEU M 510 -72.29 4.28 -9.20
N ALA M 511 -73.20 3.37 -8.87
CA ALA M 511 -74.53 3.82 -8.48
C ALA M 511 -74.55 4.43 -7.08
N PRO M 512 -73.95 3.82 -6.06
CA PRO M 512 -73.81 4.53 -4.78
C PRO M 512 -73.10 5.86 -4.93
N TRP M 513 -72.11 5.95 -5.81
CA TRP M 513 -71.42 7.21 -6.06
C TRP M 513 -72.37 8.27 -6.58
N LEU M 514 -73.19 7.91 -7.56
CA LEU M 514 -74.14 8.89 -8.07
C LEU M 514 -75.17 9.28 -7.03
N VAL M 515 -75.57 8.35 -6.16
CA VAL M 515 -76.54 8.70 -5.13
C VAL M 515 -75.92 9.68 -4.13
N PHE M 516 -74.69 9.40 -3.70
CA PHE M 516 -73.99 10.29 -2.78
C PHE M 516 -73.86 11.68 -3.38
N HIS M 517 -73.57 11.77 -4.67
CA HIS M 517 -73.45 13.10 -5.26
C HIS M 517 -74.80 13.78 -5.37
N PHE M 518 -75.87 13.02 -5.55
CA PHE M 518 -77.21 13.60 -5.47
C PHE M 518 -77.40 14.27 -4.12
N TRP M 519 -77.10 13.56 -3.04
CA TRP M 519 -77.30 14.11 -1.71
C TRP M 519 -76.49 15.38 -1.51
N LEU M 520 -75.20 15.32 -1.80
CA LEU M 520 -74.35 16.50 -1.66
C LEU M 520 -74.92 17.69 -2.41
N SER M 521 -75.25 17.50 -3.69
CA SER M 521 -75.65 18.63 -4.52
C SER M 521 -76.98 19.21 -4.05
N VAL M 522 -77.97 18.36 -3.77
CA VAL M 522 -79.26 18.89 -3.38
C VAL M 522 -79.16 19.61 -2.05
N LEU M 523 -78.41 19.05 -1.09
CA LEU M 523 -78.26 19.72 0.19
C LEU M 523 -77.72 21.13 -0.01
N SER M 524 -76.58 21.26 -0.70
CA SER M 524 -75.99 22.59 -0.83
C SER M 524 -76.88 23.54 -1.61
N LEU M 525 -77.43 23.07 -2.73
CA LEU M 525 -78.21 23.93 -3.60
C LEU M 525 -79.44 24.47 -2.90
N THR M 526 -80.16 23.61 -2.18
CA THR M 526 -81.27 24.11 -1.40
C THR M 526 -80.82 25.01 -0.28
N ALA M 527 -79.65 24.75 0.31
CA ALA M 527 -79.18 25.53 1.44
C ALA M 527 -79.07 27.00 1.08
N HIS M 528 -78.38 27.33 -0.01
CA HIS M 528 -78.08 28.74 -0.19
C HIS M 528 -78.69 29.38 -1.43
N THR M 529 -79.90 29.01 -1.82
CA THR M 529 -80.51 29.57 -3.01
C THR M 529 -82.03 29.61 -2.89
N ALA M 530 -82.60 30.76 -3.18
CA ALA M 530 -84.03 31.00 -3.08
C ALA M 530 -84.32 32.35 -3.72
N PRO M 531 -85.57 32.59 -4.14
CA PRO M 531 -85.84 33.84 -4.87
C PRO M 531 -85.72 35.08 -4.01
N HIS M 532 -85.87 34.96 -2.70
CA HIS M 532 -85.80 36.11 -1.82
C HIS M 532 -84.42 36.30 -1.19
N ILE M 533 -83.40 35.59 -1.67
CA ILE M 533 -82.05 35.70 -1.15
C ILE M 533 -81.19 36.36 -2.22
N PRO M 534 -80.73 37.58 -2.02
CA PRO M 534 -79.97 38.27 -3.07
C PRO M 534 -78.49 37.91 -2.99
N TRP M 535 -77.79 38.21 -4.08
CA TRP M 535 -76.35 37.97 -4.20
C TRP M 535 -75.71 39.33 -4.47
N ARG M 536 -75.34 40.03 -3.41
CA ARG M 536 -74.73 41.34 -3.55
C ARG M 536 -73.27 41.21 -3.88
N ALA M 537 -72.78 42.10 -4.74
CA ALA M 537 -71.36 42.13 -5.02
C ALA M 537 -70.60 42.63 -3.80
N GLU M 538 -69.28 42.68 -3.92
CA GLU M 538 -68.47 43.23 -2.85
C GLU M 538 -68.40 44.74 -2.96
N GLY M 539 -68.51 45.41 -1.83
CA GLY M 539 -68.56 46.86 -1.78
C GLY M 539 -69.97 47.37 -1.99
N ASP M 540 -70.80 46.61 -2.70
CA ASP M 540 -72.20 46.95 -2.94
C ASP M 540 -73.13 46.25 -1.96
N GLY M 541 -72.96 46.54 -0.68
CA GLY M 541 -73.93 46.10 0.30
C GLY M 541 -73.76 44.68 0.80
N TRP M 542 -72.66 44.01 0.46
CA TRP M 542 -72.47 42.69 1.01
C TRP M 542 -72.19 42.79 2.51
N ASP M 543 -72.97 42.05 3.28
CA ASP M 543 -72.82 42.01 4.73
C ASP M 543 -72.65 40.57 5.17
N ALA M 544 -71.77 40.35 6.13
CA ALA M 544 -71.44 38.98 6.53
C ALA M 544 -72.56 38.34 7.33
N GLY M 545 -72.94 38.95 8.44
CA GLY M 545 -74.00 38.38 9.25
C GLY M 545 -75.33 38.31 8.53
N ARG M 546 -75.62 39.31 7.72
CA ARG M 546 -76.87 39.31 6.97
C ARG M 546 -76.92 38.15 5.99
N ALA M 547 -75.77 37.78 5.42
CA ALA M 547 -75.75 36.69 4.46
C ALA M 547 -75.69 35.33 5.13
N ALA M 548 -75.14 35.26 6.33
CA ALA M 548 -75.04 33.96 6.97
C ALA M 548 -76.28 33.62 7.79
N VAL M 549 -77.06 34.63 8.18
CA VAL M 549 -78.27 34.37 8.95
C VAL M 549 -79.50 34.45 8.06
N ALA M 550 -79.68 35.59 7.39
CA ALA M 550 -80.86 35.76 6.56
C ALA M 550 -80.75 35.02 5.24
N GLY M 551 -79.54 34.82 4.72
CA GLY M 551 -79.38 34.16 3.46
C GLY M 551 -79.12 32.68 3.56
N THR M 552 -79.84 31.99 4.44
CA THR M 552 -79.69 30.55 4.56
C THR M 552 -81.07 29.95 4.68
N VAL M 553 -81.22 28.75 4.12
CA VAL M 553 -82.47 28.01 4.14
C VAL M 553 -82.22 26.67 4.81
N THR M 554 -83.08 26.31 5.74
CA THR M 554 -82.94 25.05 6.48
C THR M 554 -83.92 24.04 5.92
N LEU M 555 -83.40 22.90 5.50
CA LEU M 555 -84.21 21.83 4.95
C LEU M 555 -84.60 20.86 6.06
N ARG M 556 -85.87 20.49 6.10
CA ARG M 556 -86.37 19.54 7.09
C ARG M 556 -86.65 18.22 6.40
N LEU M 557 -86.16 17.14 6.99
CA LEU M 557 -86.35 15.79 6.49
C LEU M 557 -87.07 14.93 7.53
N PRO M 558 -87.55 13.75 7.14
CA PRO M 558 -88.01 12.79 8.14
C PRO M 558 -86.88 12.40 9.07
N ARG M 559 -87.21 12.16 10.32
CA ARG M 559 -86.18 11.86 11.32
C ARG M 559 -85.36 10.61 11.00
N PRO M 560 -85.90 9.56 10.37
CA PRO M 560 -85.02 8.47 9.92
C PRO M 560 -83.93 8.95 8.96
N LEU M 561 -84.30 9.74 7.96
CA LEU M 561 -83.30 10.28 7.06
C LEU M 561 -82.27 11.12 7.82
N GLU M 562 -82.74 11.98 8.72
CA GLU M 562 -81.82 12.81 9.48
C GLU M 562 -80.82 11.96 10.26
N VAL M 563 -81.31 10.98 11.02
CA VAL M 563 -80.40 10.16 11.80
C VAL M 563 -79.50 9.31 10.90
N LEU M 564 -79.90 9.09 9.65
CA LEU M 564 -79.01 8.41 8.72
C LEU M 564 -77.94 9.33 8.16
N LEU M 565 -78.24 10.62 8.03
CA LEU M 565 -77.31 11.60 7.48
C LEU M 565 -76.51 12.33 8.55
N ASN M 566 -76.66 11.97 9.82
CA ASN M 566 -75.97 12.63 10.91
C ASN M 566 -76.30 14.12 10.95
N ASN M 567 -77.59 14.42 10.82
CA ASN M 567 -78.10 15.79 10.85
C ASN M 567 -77.36 16.68 9.86
N ALA M 568 -77.21 16.19 8.63
CA ALA M 568 -76.40 16.91 7.67
C ALA M 568 -77.11 18.14 7.10
N ASN M 569 -78.39 18.32 7.38
CA ASN M 569 -79.12 19.46 6.86
C ASN M 569 -78.98 20.69 7.72
N TYR M 570 -78.69 20.54 9.01
CA TYR M 570 -78.58 21.64 9.94
C TYR M 570 -77.24 22.32 9.72
N MET M 571 -77.24 23.40 8.93
CA MET M 571 -76.03 24.12 8.60
C MET M 571 -75.93 25.48 9.27
N LEU M 572 -77.05 26.12 9.59
CA LEU M 572 -77.01 27.45 10.18
C LEU M 572 -76.31 27.45 11.54
N PRO M 573 -76.62 26.53 12.46
CA PRO M 573 -75.95 26.58 13.76
C PRO M 573 -74.43 26.55 13.69
N GLN M 574 -73.85 25.70 12.86
CA GLN M 574 -72.40 25.57 12.80
C GLN M 574 -71.75 26.64 11.94
N ALA M 575 -72.50 27.65 11.54
CA ALA M 575 -71.92 28.83 10.92
C ALA M 575 -71.83 30.01 11.88
N VAL M 576 -72.45 29.91 13.06
CA VAL M 576 -72.38 30.98 14.04
C VAL M 576 -71.50 30.53 15.19
N ALA M 577 -71.31 29.22 15.34
CA ALA M 577 -70.49 28.64 16.40
C ALA M 577 -69.67 27.53 15.78
N PRO M 578 -68.60 27.86 15.07
CA PRO M 578 -67.90 26.86 14.25
C PRO M 578 -67.33 25.69 15.02
N GLY M 579 -67.27 25.77 16.35
CA GLY M 579 -66.81 24.65 17.15
C GLY M 579 -67.93 23.78 17.68
N LEU M 580 -69.16 24.04 17.32
CA LEU M 580 -70.28 23.30 17.85
C LEU M 580 -70.30 21.90 17.28
N PRO M 581 -70.20 20.86 18.11
CA PRO M 581 -70.13 19.49 17.59
C PRO M 581 -71.38 19.07 16.83
N MET M 582 -71.31 17.91 16.20
CA MET M 582 -72.32 17.47 15.25
C MET M 582 -73.62 17.05 15.90
N TRP M 583 -73.56 16.36 17.05
CA TRP M 583 -74.76 15.84 17.68
C TRP M 583 -75.52 16.90 18.46
N SER M 584 -74.97 18.09 18.62
CA SER M 584 -75.68 19.19 19.26
C SER M 584 -76.30 20.16 18.27
N ALA M 585 -76.30 19.83 17.00
CA ALA M 585 -76.82 20.72 15.97
C ALA M 585 -78.33 20.81 15.97
N PRO M 586 -79.10 19.73 16.16
CA PRO M 586 -80.55 19.88 16.21
C PRO M 586 -80.99 20.76 17.38
N ALA M 587 -80.57 20.37 18.58
CA ALA M 587 -80.94 21.09 19.78
C ALA M 587 -80.61 22.57 19.65
N ALA M 588 -79.36 22.88 19.29
CA ALA M 588 -78.95 24.27 19.14
C ALA M 588 -79.88 25.04 18.23
N TYR M 589 -80.31 24.42 17.13
CA TYR M 589 -81.19 25.11 16.21
C TYR M 589 -82.46 25.55 16.92
N ALA M 590 -83.04 24.66 17.72
CA ALA M 590 -84.24 25.00 18.46
C ALA M 590 -84.03 26.25 19.30
N VAL M 591 -82.83 26.42 19.87
CA VAL M 591 -82.53 27.63 20.61
C VAL M 591 -82.59 28.84 19.70
N LEU M 592 -81.87 28.80 18.58
CA LEU M 592 -81.79 29.96 17.72
C LEU M 592 -83.13 30.31 17.11
N ALA M 593 -83.92 29.31 16.75
CA ALA M 593 -85.25 29.55 16.21
C ALA M 593 -86.11 30.36 17.17
N ALA M 594 -85.82 30.33 18.47
CA ALA M 594 -86.59 31.13 19.39
C ALA M 594 -86.21 32.60 19.29
N ARG M 595 -84.92 32.89 19.13
CA ARG M 595 -84.46 34.28 19.21
C ARG M 595 -84.35 34.92 17.83
N LEU M 596 -83.85 34.19 16.85
CA LEU M 596 -83.76 34.69 15.48
C LEU M 596 -84.99 34.35 14.66
N GLY M 597 -86.09 33.96 15.30
CA GLY M 597 -87.27 33.45 14.64
C GLY M 597 -87.70 34.20 13.40
N PRO M 598 -88.08 35.47 13.55
CA PRO M 598 -88.71 36.19 12.42
C PRO M 598 -87.82 36.31 11.18
N TYR M 599 -86.53 36.04 11.28
CA TYR M 599 -85.62 36.24 10.16
C TYR M 599 -85.28 34.97 9.41
N LEU M 600 -85.43 33.81 10.03
CA LEU M 600 -85.01 32.57 9.39
C LEU M 600 -85.96 32.18 8.27
N THR M 601 -85.46 31.33 7.38
CA THR M 601 -86.27 30.71 6.35
C THR M 601 -86.17 29.21 6.53
N GLU M 602 -87.25 28.50 6.23
CA GLU M 602 -87.29 27.06 6.41
C GLU M 602 -88.06 26.44 5.26
N ALA M 603 -87.77 25.18 4.98
CA ALA M 603 -88.48 24.48 3.93
C ALA M 603 -88.49 22.99 4.25
N SER M 604 -89.44 22.29 3.65
CA SER M 604 -89.52 20.85 3.74
C SER M 604 -89.26 20.24 2.37
N MET M 605 -88.45 19.19 2.33
CA MET M 605 -88.09 18.55 1.07
C MET M 605 -89.32 17.91 0.46
N SER M 606 -89.80 18.48 -0.64
CA SER M 606 -90.96 17.97 -1.35
C SER M 606 -90.67 18.05 -2.84
N LEU M 607 -91.55 17.42 -3.63
CA LEU M 607 -91.36 17.44 -5.07
C LEU M 607 -91.49 18.85 -5.63
N LYS M 608 -92.41 19.65 -5.09
CA LYS M 608 -92.61 21.00 -5.62
C LYS M 608 -91.32 21.82 -5.56
N LEU M 609 -90.55 21.67 -4.48
CA LEU M 609 -89.33 22.45 -4.34
C LEU M 609 -88.36 22.15 -5.46
N LEU M 610 -88.10 20.86 -5.72
CA LEU M 610 -87.13 20.50 -6.74
C LEU M 610 -87.63 20.85 -8.13
N THR M 611 -88.93 20.69 -8.38
CA THR M 611 -89.48 21.13 -9.66
C THR M 611 -89.27 22.62 -9.85
N ASN M 612 -89.44 23.41 -8.79
CA ASN M 612 -89.20 24.84 -8.92
C ASN M 612 -87.74 25.14 -9.16
N HIS M 613 -86.85 24.41 -8.49
CA HIS M 613 -85.43 24.64 -8.68
C HIS M 613 -85.00 24.33 -10.10
N VAL M 614 -85.60 23.31 -10.70
CA VAL M 614 -85.20 22.91 -12.05
C VAL M 614 -85.85 23.79 -13.11
N THR M 615 -87.14 24.04 -13.02
CA THR M 615 -87.90 24.66 -14.10
C THR M 615 -87.99 26.17 -13.99
N ARG M 616 -87.93 26.74 -12.78
CA ARG M 616 -88.23 28.17 -12.64
C ARG M 616 -86.99 29.01 -12.37
N TRP M 617 -86.26 28.72 -11.31
CA TRP M 617 -85.14 29.58 -10.91
C TRP M 617 -83.87 29.09 -11.57
N GLN M 618 -83.55 29.66 -12.73
CA GLN M 618 -82.42 29.20 -13.53
C GLN M 618 -81.38 30.27 -13.76
N ILE M 619 -81.77 31.50 -14.03
CA ILE M 619 -80.84 32.60 -14.27
C ILE M 619 -81.06 33.65 -13.19
N TYR M 620 -79.98 34.24 -12.72
CA TYR M 620 -80.07 35.30 -11.72
C TYR M 620 -79.78 36.63 -12.38
N ASP M 621 -80.75 37.54 -12.34
CA ASP M 621 -80.56 38.89 -12.85
C ASP M 621 -80.53 39.85 -11.67
N GLU M 622 -79.52 40.73 -11.66
CA GLU M 622 -79.27 41.56 -10.50
C GLU M 622 -80.08 42.84 -10.49
N GLU M 623 -80.49 43.33 -11.66
CA GLU M 623 -81.33 44.52 -11.69
C GLU M 623 -82.64 44.27 -10.94
N ALA M 624 -83.39 43.25 -11.35
CA ALA M 624 -84.51 42.81 -10.54
C ALA M 624 -84.06 42.02 -9.32
N HIS M 625 -82.78 41.64 -9.25
CA HIS M 625 -82.23 40.87 -8.13
C HIS M 625 -83.10 39.66 -7.81
N THR M 626 -83.30 38.82 -8.81
CA THR M 626 -84.11 37.62 -8.61
C THR M 626 -83.78 36.59 -9.67
N TYR M 627 -84.37 35.41 -9.51
CA TYR M 627 -84.18 34.29 -10.42
C TYR M 627 -85.34 34.21 -11.39
N ARG M 628 -85.03 33.91 -12.64
CA ARG M 628 -86.00 33.83 -13.72
C ARG M 628 -85.65 32.67 -14.63
N PRO M 629 -86.65 32.06 -15.28
CA PRO M 629 -86.37 30.91 -16.14
C PRO M 629 -85.40 31.23 -17.27
N MET M 630 -84.69 30.20 -17.71
CA MET M 630 -83.63 30.40 -18.70
C MET M 630 -84.20 30.79 -20.05
N GLU M 631 -85.28 30.12 -20.48
CA GLU M 631 -85.76 30.31 -21.85
C GLU M 631 -86.39 31.69 -22.04
N GLU M 632 -87.28 32.09 -21.16
CA GLU M 632 -87.87 33.42 -21.28
C GLU M 632 -86.80 34.49 -21.18
N VAL M 633 -85.82 34.30 -20.30
CA VAL M 633 -84.75 35.29 -20.15
C VAL M 633 -83.94 35.39 -21.44
N VAL M 634 -83.59 34.25 -22.03
CA VAL M 634 -82.73 34.31 -23.21
C VAL M 634 -83.50 34.90 -24.39
N ASP M 635 -84.79 34.59 -24.51
CA ASP M 635 -85.54 35.16 -25.63
C ASP M 635 -85.80 36.65 -25.40
N GLU M 636 -85.96 37.07 -24.14
CA GLU M 636 -86.06 38.49 -23.85
C GLU M 636 -84.78 39.23 -24.19
N ILE M 637 -83.63 38.71 -23.75
CA ILE M 637 -82.38 39.40 -24.04
C ILE M 637 -82.03 39.29 -25.52
N GLU M 638 -82.59 38.29 -26.21
CA GLU M 638 -82.43 38.21 -27.66
C GLU M 638 -83.34 39.20 -28.39
N ALA M 639 -84.54 39.44 -27.88
CA ALA M 639 -85.36 40.51 -28.44
C ALA M 639 -84.71 41.86 -28.22
N ASP M 640 -84.05 42.05 -27.07
CA ASP M 640 -83.28 43.27 -26.90
C ASP M 640 -82.03 43.28 -27.77
N LEU M 641 -81.50 42.10 -28.11
CA LEU M 641 -80.46 42.04 -29.15
C LEU M 641 -80.99 42.56 -30.48
N GLN M 642 -82.18 42.10 -30.87
CA GLN M 642 -82.81 42.60 -32.10
C GLN M 642 -83.06 44.10 -32.03
N GLN M 643 -83.47 44.60 -30.87
CA GLN M 643 -83.76 46.01 -30.72
C GLN M 643 -82.51 46.87 -30.69
N LEU M 644 -81.38 46.33 -30.20
CA LEU M 644 -80.13 47.09 -30.28
C LEU M 644 -79.53 46.98 -31.67
N ALA M 645 -79.85 45.90 -32.39
CA ALA M 645 -79.52 45.84 -33.80
C ALA M 645 -80.28 46.89 -34.60
N ALA M 646 -81.57 47.06 -34.28
CA ALA M 646 -82.33 48.17 -34.84
C ALA M 646 -81.75 49.50 -34.38
N ALA M 647 -81.28 49.56 -33.14
CA ALA M 647 -80.56 50.74 -32.66
C ALA M 647 -79.19 50.85 -33.30
N ALA M 648 -78.65 49.76 -33.81
CA ALA M 648 -77.40 49.78 -34.57
C ALA M 648 -77.61 50.18 -36.03
N GLN M 649 -78.82 50.60 -36.40
CA GLN M 649 -79.09 51.03 -37.76
C GLN M 649 -78.06 52.06 -38.24
N GLN M 650 -77.72 53.02 -37.38
CA GLN M 650 -76.71 54.03 -37.71
C GLN M 650 -76.17 54.68 -36.45
N ARG N 23 11.36 -57.88 -83.37
CA ARG N 23 10.18 -58.66 -83.68
C ARG N 23 9.19 -58.65 -82.53
N ARG N 24 7.92 -58.37 -82.82
CA ARG N 24 6.89 -58.29 -81.79
C ARG N 24 5.67 -59.07 -82.27
N GLU N 25 4.81 -59.43 -81.32
CA GLU N 25 3.54 -60.08 -81.61
C GLU N 25 2.43 -59.05 -81.44
N ALA N 26 1.25 -59.38 -81.96
CA ALA N 26 0.15 -58.43 -81.97
C ALA N 26 -1.05 -59.02 -81.25
N ILE N 27 -1.77 -58.16 -80.54
CA ILE N 27 -2.97 -58.56 -79.80
C ILE N 27 -4.15 -57.75 -80.28
N PRO N 28 -5.26 -58.39 -80.66
CA PRO N 28 -6.43 -57.64 -81.12
C PRO N 28 -6.97 -56.72 -80.03
N ALA N 29 -7.18 -55.46 -80.40
CA ALA N 29 -7.63 -54.46 -79.44
C ALA N 29 -9.04 -54.66 -78.99
N GLU N 30 -9.74 -55.69 -79.46
CA GLU N 30 -11.02 -56.08 -78.89
C GLU N 30 -10.87 -57.19 -77.87
N LEU N 31 -9.68 -57.76 -77.75
CA LEU N 31 -9.35 -58.68 -76.67
C LEU N 31 -8.71 -57.97 -75.47
N LEU N 32 -8.78 -56.64 -75.44
CA LEU N 32 -8.20 -55.87 -74.35
C LEU N 32 -9.15 -54.88 -73.70
N LEU N 33 -10.36 -54.72 -74.21
CA LEU N 33 -11.30 -53.75 -73.67
C LEU N 33 -12.62 -54.42 -73.30
N VAL N 34 -13.22 -53.98 -72.21
CA VAL N 34 -14.50 -54.52 -71.78
C VAL N 34 -15.61 -53.90 -72.61
N LYS N 35 -16.74 -54.60 -72.67
CA LYS N 35 -17.85 -54.23 -73.53
C LYS N 35 -19.15 -54.43 -72.75
N GLU N 36 -19.69 -53.34 -72.22
CA GLU N 36 -21.02 -53.36 -71.62
C GLU N 36 -21.58 -51.95 -71.60
N ASP N 37 -22.89 -51.85 -71.79
CA ASP N 37 -23.57 -50.57 -71.88
C ASP N 37 -24.27 -50.29 -70.56
N PRO N 38 -24.04 -49.13 -69.94
CA PRO N 38 -24.49 -48.91 -68.55
C PRO N 38 -25.94 -49.26 -68.29
N SER N 39 -26.78 -49.35 -69.31
CA SER N 39 -28.20 -49.62 -69.10
C SER N 39 -28.47 -51.06 -68.71
N LYS N 40 -27.46 -51.92 -68.69
CA LYS N 40 -27.62 -53.31 -68.29
C LYS N 40 -27.26 -53.53 -66.82
N LEU N 41 -27.24 -52.47 -66.06
CA LEU N 41 -26.85 -52.39 -64.66
C LEU N 41 -28.07 -52.28 -63.76
N PRO N 42 -27.93 -52.52 -62.46
CA PRO N 42 -29.04 -52.28 -61.53
C PRO N 42 -29.45 -50.81 -61.50
N ALA N 43 -30.45 -50.53 -60.68
CA ALA N 43 -31.15 -49.24 -60.74
C ALA N 43 -30.21 -48.08 -60.43
N GLY N 44 -29.73 -48.00 -59.19
CA GLY N 44 -29.04 -46.80 -58.76
C GLY N 44 -27.53 -46.86 -58.85
N VAL N 45 -27.01 -47.79 -59.63
CA VAL N 45 -25.57 -47.98 -59.75
C VAL N 45 -24.93 -46.83 -60.51
N LEU N 46 -25.63 -46.31 -61.52
CA LEU N 46 -25.10 -45.19 -62.28
C LEU N 46 -25.18 -43.91 -61.47
N GLN N 47 -24.03 -43.25 -61.33
CA GLN N 47 -23.96 -42.01 -60.53
C GLN N 47 -24.14 -40.82 -61.47
N THR N 48 -24.97 -39.85 -61.07
CA THR N 48 -25.20 -38.63 -61.87
C THR N 48 -24.05 -37.69 -61.65
N ARG N 49 -24.09 -36.52 -62.28
CA ARG N 49 -23.04 -35.51 -62.03
C ARG N 49 -23.32 -34.87 -60.68
N GLU N 50 -24.58 -34.50 -60.42
CA GLU N 50 -24.94 -33.91 -59.11
C GLU N 50 -24.24 -34.73 -58.02
N GLN N 51 -24.55 -36.01 -57.95
CA GLN N 51 -23.92 -36.91 -56.95
C GLN N 51 -22.40 -36.83 -57.07
N LEU N 52 -21.83 -37.36 -58.14
CA LEU N 52 -20.35 -37.48 -58.26
C LEU N 52 -19.61 -36.18 -57.86
N LYS N 53 -20.24 -35.02 -57.90
CA LYS N 53 -19.51 -33.77 -57.59
C LYS N 53 -19.46 -33.63 -56.07
N GLN N 54 -20.56 -33.90 -55.40
CA GLN N 54 -20.61 -33.89 -53.94
C GLN N 54 -19.60 -34.84 -53.34
N ALA N 55 -19.39 -36.00 -53.97
CA ALA N 55 -18.39 -36.93 -53.47
C ALA N 55 -16.99 -36.34 -53.57
N GLN N 56 -16.70 -35.62 -54.66
CA GLN N 56 -15.41 -34.97 -54.77
C GLN N 56 -15.26 -33.87 -53.72
N ARG N 57 -16.36 -33.16 -53.44
CA ARG N 57 -16.33 -32.14 -52.39
C ARG N 57 -15.98 -32.74 -51.05
N ASP N 58 -16.65 -33.82 -50.67
CA ASP N 58 -16.32 -34.51 -49.43
C ASP N 58 -14.89 -35.04 -49.41
N ILE N 59 -14.40 -35.55 -50.53
CA ILE N 59 -13.01 -36.02 -50.57
C ILE N 59 -12.05 -34.90 -50.25
N ASN N 60 -12.27 -33.72 -50.84
CA ASN N 60 -11.39 -32.59 -50.58
C ASN N 60 -11.46 -32.14 -49.12
N TRP N 61 -12.69 -32.02 -48.60
CA TRP N 61 -12.83 -31.56 -47.23
C TRP N 61 -12.18 -32.52 -46.24
N ALA N 62 -12.38 -33.82 -46.46
CA ALA N 62 -11.70 -34.81 -45.64
C ALA N 62 -10.20 -34.73 -45.81
N GLY N 63 -9.73 -34.27 -46.97
CA GLY N 63 -8.30 -34.09 -47.13
C GLY N 63 -7.74 -32.99 -46.26
N LYS N 64 -8.48 -31.90 -46.09
CA LYS N 64 -7.92 -30.74 -45.39
C LYS N 64 -8.40 -30.57 -43.95
N ARG N 65 -9.28 -31.45 -43.46
CA ARG N 65 -9.94 -31.26 -42.17
C ARG N 65 -8.95 -31.07 -41.02
N GLU N 66 -8.08 -32.06 -40.79
CA GLU N 66 -7.25 -32.05 -39.60
C GLU N 66 -6.25 -30.90 -39.62
N GLN N 67 -5.66 -30.64 -40.78
CA GLN N 67 -4.76 -29.50 -40.91
C GLN N 67 -5.48 -28.20 -40.58
N VAL N 68 -6.70 -28.02 -41.08
CA VAL N 68 -7.42 -26.78 -40.81
C VAL N 68 -7.65 -26.62 -39.32
N PHE N 69 -8.07 -27.69 -38.65
CA PHE N 69 -8.39 -27.56 -37.23
C PHE N 69 -7.16 -27.26 -36.39
N ALA N 70 -6.06 -27.95 -36.64
CA ALA N 70 -4.84 -27.62 -35.91
C ALA N 70 -4.38 -26.20 -36.20
N ALA N 71 -4.59 -25.73 -37.43
CA ALA N 71 -4.22 -24.37 -37.76
C ALA N 71 -4.99 -23.36 -36.94
N VAL N 72 -6.30 -23.56 -36.81
CA VAL N 72 -7.09 -22.64 -35.98
C VAL N 72 -6.61 -22.67 -34.54
N ALA N 73 -6.41 -23.86 -34.00
CA ALA N 73 -6.05 -23.97 -32.59
C ALA N 73 -4.68 -23.39 -32.29
N ALA N 74 -3.81 -23.30 -33.29
CA ALA N 74 -2.54 -22.63 -33.07
C ALA N 74 -2.62 -21.13 -33.36
N GLY N 75 -3.49 -20.73 -34.29
CA GLY N 75 -3.67 -19.31 -34.54
C GLY N 75 -4.20 -18.57 -33.35
N TRP N 76 -5.02 -19.22 -32.53
CA TRP N 76 -5.47 -18.58 -31.30
C TRP N 76 -4.28 -18.17 -30.42
N HIS N 77 -3.39 -19.12 -30.14
CA HIS N 77 -2.22 -18.82 -29.30
C HIS N 77 -1.33 -17.78 -29.95
N LEU N 78 -1.18 -17.84 -31.27
CA LEU N 78 -0.32 -16.86 -31.94
C LEU N 78 -0.89 -15.46 -31.82
N ALA N 79 -2.21 -15.32 -31.93
CA ALA N 79 -2.83 -14.02 -31.73
C ALA N 79 -2.58 -13.50 -30.33
N SER N 80 -2.72 -14.37 -29.32
CA SER N 80 -2.44 -13.94 -27.96
C SER N 80 -1.00 -13.48 -27.80
N PHE N 81 -0.06 -14.19 -28.42
CA PHE N 81 1.36 -13.83 -28.30
C PHE N 81 1.66 -12.53 -29.01
N ALA N 82 1.04 -12.28 -30.16
CA ALA N 82 1.25 -11.02 -30.85
C ALA N 82 0.70 -9.86 -30.04
N LEU N 83 -0.46 -10.04 -29.42
CA LEU N 83 -0.99 -9.01 -28.53
C LEU N 83 -0.02 -8.71 -27.40
N ASN N 84 0.50 -9.75 -26.75
CA ASN N 84 1.45 -9.53 -25.67
C ASN N 84 2.72 -8.86 -26.17
N LEU N 85 3.06 -9.10 -27.44
CA LEU N 85 4.21 -8.42 -28.02
C LEU N 85 3.96 -6.93 -28.19
N ALA N 86 2.74 -6.55 -28.60
CA ALA N 86 2.46 -5.15 -28.87
C ALA N 86 2.68 -4.27 -27.65
N PHE N 87 2.56 -4.82 -26.44
CA PHE N 87 2.78 -4.02 -25.25
C PHE N 87 4.20 -3.49 -25.19
N TRP N 88 5.17 -4.40 -25.09
CA TRP N 88 6.61 -4.21 -25.14
C TRP N 88 7.20 -3.66 -23.85
N GLY N 89 6.40 -3.26 -22.88
CA GLY N 89 7.03 -2.70 -21.69
C GLY N 89 6.09 -1.97 -20.75
N VAL N 90 6.46 -0.76 -20.36
CA VAL N 90 5.70 -0.03 -19.36
C VAL N 90 5.33 1.36 -19.88
N GLU N 91 5.91 1.78 -20.96
CA GLU N 91 5.64 3.09 -21.48
C GLU N 91 4.22 3.22 -21.82
N GLY N 92 3.46 3.91 -21.05
CA GLY N 92 2.02 4.00 -21.21
C GLY N 92 1.33 3.58 -19.93
N MET N 93 2.03 2.84 -19.11
CA MET N 93 1.51 2.44 -17.81
C MET N 93 2.01 3.38 -16.73
N PRO N 94 1.10 4.01 -15.99
CA PRO N 94 1.51 4.87 -14.90
C PRO N 94 1.91 4.04 -13.68
N PRO N 95 2.50 4.64 -12.67
CA PRO N 95 2.76 3.90 -11.44
C PRO N 95 1.46 3.60 -10.71
N ASP N 96 1.46 2.48 -9.99
CA ASP N 96 0.30 2.05 -9.24
C ASP N 96 0.72 1.82 -7.81
N ARG N 97 -0.15 2.18 -6.87
CA ARG N 97 0.22 2.09 -5.47
C ARG N 97 -0.27 0.83 -4.81
N TYR N 98 -1.20 0.10 -5.42
CA TYR N 98 -1.56 -1.21 -4.90
C TYR N 98 -0.62 -2.29 -5.36
N TRP N 99 0.25 -2.00 -6.32
CA TRP N 99 1.13 -3.00 -6.91
C TRP N 99 2.50 -2.40 -7.16
N PRO N 100 3.28 -2.16 -6.10
CA PRO N 100 4.66 -1.73 -6.30
C PRO N 100 5.45 -2.80 -7.04
N THR N 101 6.68 -2.46 -7.39
CA THR N 101 7.48 -3.38 -8.18
C THR N 101 8.27 -4.37 -7.35
N SER N 102 8.41 -4.15 -6.04
CA SER N 102 9.16 -5.07 -5.21
C SER N 102 8.21 -5.79 -4.28
N PRO N 103 8.15 -7.13 -4.33
CA PRO N 103 7.15 -7.85 -3.53
C PRO N 103 7.38 -7.78 -2.04
N ARG N 104 8.56 -7.38 -1.58
CA ARG N 104 8.78 -7.30 -0.15
C ARG N 104 8.09 -6.10 0.47
N ILE N 105 8.02 -4.98 -0.24
CA ILE N 105 7.22 -3.85 0.23
C ILE N 105 5.77 -4.26 0.39
N ARG N 106 5.24 -4.94 -0.62
CA ARG N 106 3.84 -5.33 -0.64
C ARG N 106 3.54 -6.36 0.44
N LEU N 107 4.49 -7.25 0.75
CA LEU N 107 4.25 -8.35 1.66
C LEU N 107 4.77 -8.12 3.07
N GLN N 108 5.44 -6.99 3.33
CA GLN N 108 5.93 -6.64 4.66
C GLN N 108 6.87 -7.71 5.21
N ILE N 109 8.00 -7.87 4.54
CA ILE N 109 9.00 -8.88 4.89
C ILE N 109 10.29 -8.18 5.29
N ARG N 110 10.86 -8.57 6.42
CA ARG N 110 12.11 -7.99 6.89
C ARG N 110 12.77 -8.98 7.85
N PRO N 111 14.09 -8.88 8.04
CA PRO N 111 14.78 -9.87 8.87
C PRO N 111 14.47 -9.71 10.35
N GLY N 112 14.92 -10.68 11.13
CA GLY N 112 14.72 -10.68 12.56
C GLY N 112 15.99 -10.51 13.36
N ARG N 113 16.18 -11.33 14.40
CA ARG N 113 17.38 -11.28 15.21
C ARG N 113 18.32 -12.45 14.98
N TYR N 114 17.80 -13.63 14.67
CA TYR N 114 18.62 -14.80 14.43
C TYR N 114 18.86 -15.00 12.95
N GLY N 115 19.74 -15.94 12.62
CA GLY N 115 20.08 -16.21 11.25
C GLY N 115 20.88 -15.12 10.57
N ASN N 116 21.35 -14.13 11.31
CA ASN N 116 22.10 -13.02 10.74
C ASN N 116 23.55 -13.13 11.22
N MET N 117 24.41 -13.65 10.34
CA MET N 117 25.83 -13.73 10.62
C MET N 117 26.55 -12.51 10.05
N ASP N 118 27.64 -12.13 10.68
CA ASP N 118 28.43 -11.02 10.16
C ASP N 118 29.27 -11.42 8.96
N GLY N 119 29.35 -12.71 8.65
CA GLY N 119 30.08 -13.16 7.49
C GLY N 119 29.19 -13.37 6.29
N GLY N 120 27.92 -12.99 6.42
CA GLY N 120 26.98 -13.20 5.34
C GLY N 120 27.04 -12.15 4.26
N GLN N 121 27.26 -10.89 4.63
CA GLN N 121 27.22 -9.82 3.64
C GLN N 121 28.15 -10.11 2.48
N ARG N 122 29.31 -10.72 2.77
CA ARG N 122 30.29 -11.09 1.72
C ARG N 122 29.60 -11.88 0.62
N VAL N 123 28.98 -12.99 0.99
CA VAL N 123 28.36 -13.83 -0.04
C VAL N 123 27.21 -13.09 -0.69
N TYR N 124 26.48 -12.32 0.12
CA TYR N 124 25.46 -11.42 -0.42
C TYR N 124 25.98 -10.72 -1.66
N MET N 125 27.11 -10.04 -1.52
CA MET N 125 27.65 -9.23 -2.61
C MET N 125 27.80 -10.05 -3.88
N ASP N 126 28.37 -11.26 -3.77
CA ASP N 126 28.62 -11.98 -5.01
C ASP N 126 27.32 -12.39 -5.67
N TYR N 127 26.31 -12.75 -4.88
CA TYR N 127 24.99 -12.96 -5.45
C TYR N 127 24.58 -11.74 -6.26
N LEU N 128 24.65 -10.56 -5.63
CA LEU N 128 24.40 -9.32 -6.34
C LEU N 128 25.25 -9.23 -7.61
N ALA N 129 26.55 -9.46 -7.47
CA ALA N 129 27.43 -9.36 -8.62
C ALA N 129 27.02 -10.33 -9.73
N ARG N 130 26.34 -11.42 -9.39
CA ARG N 130 26.02 -12.40 -10.46
C ARG N 130 24.65 -12.08 -11.05
N SER N 131 23.85 -11.28 -10.34
CA SER N 131 22.49 -10.93 -10.80
C SER N 131 22.56 -9.74 -11.76
N GLU N 132 23.43 -8.78 -11.45
CA GLU N 132 23.55 -7.55 -12.26
C GLU N 132 24.39 -7.86 -13.51
N GLY N 133 24.94 -9.06 -13.59
CA GLY N 133 25.71 -9.45 -14.79
C GLY N 133 27.20 -9.26 -14.58
N VAL N 134 27.61 -8.56 -13.51
CA VAL N 134 29.06 -8.27 -13.32
C VAL N 134 29.82 -9.59 -13.44
N PRO N 135 30.73 -9.75 -14.42
CA PRO N 135 31.38 -11.04 -14.63
C PRO N 135 32.59 -11.27 -13.73
N LEU N 136 32.98 -10.25 -12.99
CA LEU N 136 34.20 -10.37 -12.16
C LEU N 136 34.06 -11.49 -11.12
N ASN N 137 32.98 -11.49 -10.33
CA ASN N 137 32.82 -12.44 -9.24
C ASN N 137 34.04 -12.41 -8.31
N PRO O 93 -62.20 11.16 40.87
CA PRO O 93 -63.12 10.03 40.72
C PRO O 93 -62.55 8.75 41.33
N GLU O 94 -61.90 8.88 42.48
CA GLU O 94 -61.26 7.76 43.16
C GLU O 94 -62.34 6.84 43.74
N LEU O 95 -61.91 5.73 44.33
CA LEU O 95 -62.82 4.77 44.92
C LEU O 95 -62.68 4.80 46.44
N PRO O 96 -63.60 5.43 47.17
CA PRO O 96 -63.48 5.48 48.63
C PRO O 96 -63.66 4.14 49.30
N LEU O 97 -63.66 4.14 50.64
CA LEU O 97 -63.65 2.89 51.40
C LEU O 97 -64.92 2.08 51.20
N SER O 98 -66.01 2.72 50.74
CA SER O 98 -67.29 2.02 50.60
C SER O 98 -67.20 0.88 49.59
N THR O 99 -66.99 1.21 48.31
CA THR O 99 -66.95 0.19 47.28
C THR O 99 -65.76 -0.74 47.49
N ASN O 100 -64.66 -0.21 48.01
CA ASN O 100 -63.49 -1.04 48.26
C ASN O 100 -63.78 -2.14 49.28
N ARG O 101 -64.36 -1.76 50.42
CA ARG O 101 -64.65 -2.75 51.45
C ARG O 101 -65.78 -3.69 51.02
N ALA O 102 -66.78 -3.18 50.32
CA ALA O 102 -67.84 -4.05 49.83
C ALA O 102 -67.29 -5.09 48.86
N ALA O 103 -66.45 -4.65 47.92
CA ALA O 103 -65.85 -5.58 46.97
C ALA O 103 -64.96 -6.58 47.70
N GLY O 104 -64.19 -6.13 48.68
CA GLY O 104 -63.34 -7.05 49.42
C GLY O 104 -64.12 -8.13 50.12
N THR O 105 -65.19 -7.73 50.81
CA THR O 105 -66.03 -8.71 51.51
C THR O 105 -66.68 -9.68 50.53
N GLN O 106 -67.23 -9.17 49.42
CA GLN O 106 -67.75 -10.03 48.37
C GLN O 106 -66.71 -11.05 47.93
N TYR O 107 -65.50 -10.59 47.65
CA TYR O 107 -64.46 -11.46 47.12
C TYR O 107 -64.09 -12.54 48.12
N LEU O 108 -63.81 -12.17 49.36
CA LEU O 108 -63.42 -13.16 50.37
C LEU O 108 -64.53 -14.18 50.58
N ALA O 109 -65.79 -13.71 50.63
CA ALA O 109 -66.90 -14.63 50.85
C ALA O 109 -67.02 -15.63 49.71
N ILE O 110 -67.20 -15.15 48.48
CA ILE O 110 -67.38 -16.06 47.35
C ILE O 110 -66.15 -16.95 47.16
N GLY O 111 -64.96 -16.43 47.44
CA GLY O 111 -63.76 -17.24 47.27
C GLY O 111 -63.65 -18.35 48.29
N ALA O 112 -64.00 -18.06 49.55
CA ALA O 112 -64.06 -19.10 50.56
C ALA O 112 -65.07 -20.18 50.18
N ALA O 113 -66.22 -19.74 49.64
CA ALA O 113 -67.21 -20.71 49.17
C ALA O 113 -66.65 -21.60 48.09
N TYR O 114 -66.03 -21.00 47.07
CA TYR O 114 -65.42 -21.77 45.99
C TYR O 114 -64.35 -22.73 46.51
N ALA O 115 -63.54 -22.29 47.48
CA ALA O 115 -62.44 -23.11 47.98
C ALA O 115 -62.97 -24.34 48.72
N VAL O 116 -63.86 -24.13 49.68
CA VAL O 116 -64.39 -25.26 50.43
C VAL O 116 -65.18 -26.18 49.51
N ALA O 117 -65.92 -25.63 48.55
CA ALA O 117 -66.61 -26.47 47.59
C ALA O 117 -65.65 -27.24 46.71
N ALA O 118 -64.47 -26.68 46.43
CA ALA O 118 -63.47 -27.40 45.64
C ALA O 118 -62.93 -28.59 46.41
N GLY O 119 -62.59 -28.38 47.69
CA GLY O 119 -62.18 -29.51 48.52
C GLY O 119 -63.25 -30.58 48.60
N ALA O 120 -64.51 -30.14 48.73
CA ALA O 120 -65.62 -31.07 48.81
C ALA O 120 -65.78 -31.86 47.52
N VAL O 121 -65.67 -31.20 46.37
CA VAL O 121 -65.84 -31.94 45.12
C VAL O 121 -64.60 -32.79 44.84
N ALA O 122 -63.46 -32.45 45.44
CA ALA O 122 -62.31 -33.34 45.38
C ALA O 122 -62.60 -34.67 46.08
N VAL O 123 -63.06 -34.59 47.33
CA VAL O 123 -63.37 -35.84 48.02
C VAL O 123 -64.56 -36.54 47.37
N ALA O 124 -65.44 -35.80 46.69
CA ALA O 124 -66.55 -36.40 45.96
C ALA O 124 -66.07 -37.14 44.72
N ALA O 125 -65.10 -36.57 44.00
CA ALA O 125 -64.45 -37.30 42.92
C ALA O 125 -63.79 -38.55 43.43
N LEU O 126 -63.19 -38.49 44.62
CA LEU O 126 -62.67 -39.68 45.25
C LEU O 126 -63.76 -40.67 45.62
N GLN O 127 -64.99 -40.20 45.80
CA GLN O 127 -66.11 -41.11 46.07
C GLN O 127 -66.74 -41.64 44.78
N GLY O 128 -67.21 -40.75 43.93
CA GLY O 128 -67.84 -41.17 42.69
C GLY O 128 -68.55 -40.05 41.96
N PRO O 129 -68.98 -40.32 40.72
CA PRO O 129 -69.70 -39.30 39.96
C PRO O 129 -71.18 -39.25 40.24
N GLN O 130 -71.72 -40.24 40.95
CA GLN O 130 -73.09 -40.17 41.42
C GLN O 130 -73.25 -39.30 42.65
N LEU O 131 -72.18 -38.62 43.07
CA LEU O 131 -72.23 -37.74 44.23
C LEU O 131 -73.05 -36.48 44.00
N LEU O 132 -73.09 -35.97 42.77
CA LEU O 132 -73.76 -34.70 42.49
C LEU O 132 -74.70 -34.76 41.29
N LEU O 133 -74.51 -35.69 40.37
CA LEU O 133 -75.35 -35.74 39.17
C LEU O 133 -76.30 -36.91 39.21
N ALA O 134 -77.24 -36.95 38.25
CA ALA O 134 -78.25 -37.98 38.22
C ALA O 134 -78.20 -38.84 36.96
N SER O 135 -77.13 -38.74 36.17
CA SER O 135 -77.05 -39.55 34.96
C SER O 135 -76.62 -40.98 35.30
N PRO O 136 -77.45 -41.98 34.98
CA PRO O 136 -77.15 -43.36 35.37
C PRO O 136 -75.99 -43.99 34.63
N ALA O 137 -75.36 -43.29 33.68
CA ALA O 137 -74.25 -43.83 32.92
C ALA O 137 -72.90 -43.55 33.58
N ALA O 138 -72.89 -43.34 34.90
CA ALA O 138 -71.72 -42.87 35.63
C ALA O 138 -70.94 -43.99 36.32
N ALA O 139 -70.82 -45.16 35.69
CA ALA O 139 -70.06 -46.27 36.27
C ALA O 139 -68.67 -46.41 35.65
N ASP O 140 -68.04 -45.28 35.29
CA ASP O 140 -66.74 -45.30 34.66
C ASP O 140 -65.75 -44.41 35.40
N PRO O 141 -64.48 -44.81 35.47
CA PRO O 141 -63.47 -43.95 36.12
C PRO O 141 -63.18 -42.66 35.37
N TRP O 142 -63.55 -42.55 34.09
CA TRP O 142 -63.26 -41.32 33.37
C TRP O 142 -64.02 -40.13 33.95
N SER O 143 -65.27 -40.36 34.39
CA SER O 143 -65.98 -39.34 35.14
C SER O 143 -65.24 -38.99 36.42
N SER O 144 -64.64 -39.98 37.09
CA SER O 144 -63.92 -39.73 38.32
C SER O 144 -62.71 -38.83 38.08
N VAL O 145 -61.91 -39.13 37.05
CA VAL O 145 -60.72 -38.33 36.81
C VAL O 145 -61.10 -36.95 36.29
N LEU O 146 -62.16 -36.90 35.50
CA LEU O 146 -62.66 -35.59 35.04
C LEU O 146 -63.01 -34.77 36.30
N LEU O 147 -63.66 -35.39 37.28
CA LEU O 147 -64.05 -34.68 38.49
C LEU O 147 -62.84 -34.29 39.34
N GLY O 148 -61.77 -35.07 39.30
CA GLY O 148 -60.53 -34.63 39.93
C GLY O 148 -60.01 -33.36 39.30
N CYS O 149 -60.10 -33.28 37.97
CA CYS O 149 -59.75 -32.03 37.29
C CYS O 149 -60.67 -30.89 37.69
N VAL O 150 -61.97 -31.17 37.82
CA VAL O 150 -62.91 -30.17 38.33
C VAL O 150 -62.45 -29.64 39.67
N ALA O 151 -62.07 -30.55 40.58
CA ALA O 151 -61.62 -30.17 41.90
C ALA O 151 -60.43 -29.24 41.82
N ALA O 152 -59.39 -29.65 41.10
CA ALA O 152 -58.19 -28.81 41.01
C ALA O 152 -58.52 -27.44 40.41
N THR O 153 -59.42 -27.40 39.44
CA THR O 153 -59.72 -26.12 38.82
C THR O 153 -60.55 -25.22 39.73
N TYR O 154 -61.44 -25.79 40.53
CA TYR O 154 -62.17 -24.93 41.47
C TYR O 154 -61.24 -24.45 42.57
N LEU O 155 -60.23 -25.26 42.93
CA LEU O 155 -59.15 -24.73 43.75
C LEU O 155 -58.51 -23.52 43.10
N ARG O 156 -58.29 -23.60 41.78
CA ARG O 156 -57.70 -22.47 41.08
C ARG O 156 -58.63 -21.26 41.10
N ALA O 157 -59.94 -21.49 41.03
CA ALA O 157 -60.89 -20.39 41.10
C ALA O 157 -60.83 -19.71 42.46
N ALA O 158 -60.72 -20.50 43.52
CA ALA O 158 -60.47 -19.96 44.86
C ALA O 158 -59.22 -19.09 44.86
N GLY O 159 -58.13 -19.60 44.29
CA GLY O 159 -56.93 -18.81 44.19
C GLY O 159 -57.15 -17.49 43.47
N VAL O 160 -57.96 -17.52 42.41
CA VAL O 160 -58.26 -16.30 41.66
C VAL O 160 -58.94 -15.28 42.55
N PHE O 161 -59.93 -15.71 43.32
CA PHE O 161 -60.67 -14.74 44.13
C PHE O 161 -59.83 -14.23 45.29
N LEU O 162 -58.96 -15.07 45.85
CA LEU O 162 -58.01 -14.56 46.84
C LEU O 162 -57.02 -13.59 46.22
N GLN O 163 -56.65 -13.82 44.95
CA GLN O 163 -55.83 -12.85 44.22
C GLN O 163 -56.53 -11.51 44.13
N LEU O 164 -57.80 -11.51 43.75
CA LEU O 164 -58.53 -10.26 43.66
C LEU O 164 -58.69 -9.61 45.03
N LYS O 165 -58.85 -10.44 46.07
CA LYS O 165 -58.82 -9.93 47.43
C LYS O 165 -57.54 -9.14 47.71
N ALA O 166 -56.39 -9.78 47.52
CA ALA O 166 -55.13 -9.11 47.81
C ALA O 166 -54.90 -7.91 46.90
N ALA O 167 -55.44 -7.94 45.68
CA ALA O 167 -55.19 -6.87 44.71
C ALA O 167 -56.04 -5.63 44.94
N SER O 168 -57.34 -5.78 45.14
CA SER O 168 -58.22 -4.63 45.33
C SER O 168 -58.17 -4.05 46.72
N ASP O 169 -57.46 -4.69 47.67
CA ASP O 169 -57.34 -4.15 49.01
C ASP O 169 -56.65 -2.80 49.02
N ALA O 170 -55.73 -2.56 48.09
CA ALA O 170 -55.13 -1.25 47.91
C ALA O 170 -55.96 -0.36 46.99
N ALA O 171 -57.20 -0.78 46.69
CA ALA O 171 -58.09 -0.06 45.78
C ALA O 171 -57.46 0.05 44.40
N GLU O 172 -57.15 -1.10 43.82
CA GLU O 172 -56.43 -1.19 42.56
C GLU O 172 -57.40 -1.50 41.41
N LEU O 173 -58.64 -1.08 41.57
CA LEU O 173 -59.66 -1.28 40.55
C LEU O 173 -59.81 0.00 39.72
N LEU O 174 -58.70 0.69 39.54
CA LEU O 174 -58.64 1.91 38.74
C LEU O 174 -57.83 1.76 37.47
N CYS O 175 -56.80 0.91 37.47
CA CYS O 175 -56.04 0.65 36.25
C CYS O 175 -56.84 -0.26 35.32
N TRP O 176 -56.68 -0.01 34.01
CA TRP O 176 -57.47 -0.71 33.00
C TRP O 176 -57.22 -2.21 32.99
N ARG O 177 -56.11 -2.67 33.58
CA ARG O 177 -55.83 -4.10 33.59
C ARG O 177 -56.74 -4.85 34.54
N HIS O 178 -57.09 -4.23 35.68
CA HIS O 178 -58.09 -4.85 36.53
C HIS O 178 -59.46 -4.83 35.88
N GLN O 179 -59.75 -3.81 35.08
CA GLN O 179 -60.99 -3.81 34.29
C GLN O 179 -61.00 -4.95 33.29
N ARG O 180 -59.84 -5.23 32.68
CA ARG O 180 -59.70 -6.40 31.83
C ARG O 180 -60.00 -7.67 32.59
N LEU O 181 -59.41 -7.83 33.77
CA LEU O 181 -59.67 -9.00 34.60
C LEU O 181 -61.16 -9.15 34.89
N ALA O 182 -61.82 -8.05 35.26
CA ALA O 182 -63.22 -8.11 35.64
C ALA O 182 -64.11 -8.44 34.44
N LEU O 183 -63.84 -7.81 33.29
CA LEU O 183 -64.65 -8.10 32.10
C LEU O 183 -64.46 -9.53 31.64
N THR O 184 -63.26 -10.09 31.79
CA THR O 184 -63.06 -11.48 31.41
C THR O 184 -63.71 -12.42 32.43
N ALA O 185 -63.74 -12.02 33.71
CA ALA O 185 -64.53 -12.76 34.69
C ALA O 185 -66.00 -12.77 34.33
N ALA O 186 -66.51 -11.65 33.77
CA ALA O 186 -67.88 -11.61 33.29
C ALA O 186 -68.06 -12.52 32.08
N ALA O 187 -67.08 -12.54 31.17
CA ALA O 187 -67.16 -13.42 30.01
C ALA O 187 -67.13 -14.89 30.40
N TYR O 188 -66.47 -15.23 31.51
CA TYR O 188 -66.59 -16.56 32.08
C TYR O 188 -68.06 -16.94 32.21
N GLY O 189 -68.82 -16.15 32.97
CA GLY O 189 -70.23 -16.43 33.16
C GLY O 189 -71.02 -16.35 31.87
N MET O 190 -70.67 -15.42 30.98
CA MET O 190 -71.36 -15.30 29.70
C MET O 190 -71.29 -16.60 28.92
N VAL O 191 -70.06 -17.04 28.60
CA VAL O 191 -69.89 -18.28 27.84
C VAL O 191 -70.46 -19.47 28.59
N ALA O 192 -70.28 -19.51 29.92
CA ALA O 192 -70.80 -20.63 30.70
C ALA O 192 -72.31 -20.74 30.55
N VAL O 193 -73.04 -19.64 30.73
CA VAL O 193 -74.49 -19.74 30.72
C VAL O 193 -75.01 -19.94 29.30
N LEU O 194 -74.38 -19.34 28.30
CA LEU O 194 -74.86 -19.55 26.94
C LEU O 194 -74.59 -20.97 26.49
N THR O 195 -73.54 -21.60 27.02
CA THR O 195 -73.27 -22.99 26.69
C THR O 195 -74.14 -23.94 27.52
N GLN O 196 -74.57 -23.50 28.71
CA GLN O 196 -75.57 -24.24 29.46
C GLN O 196 -76.89 -24.27 28.70
N ALA O 197 -77.28 -23.13 28.11
CA ALA O 197 -78.37 -23.14 27.15
C ALA O 197 -78.07 -24.08 26.00
N ALA O 198 -76.82 -24.11 25.55
CA ALA O 198 -76.41 -25.06 24.52
C ALA O 198 -76.23 -26.48 25.07
N GLY O 199 -76.43 -26.70 26.36
CA GLY O 199 -76.36 -28.04 26.92
C GLY O 199 -76.22 -28.08 28.42
N LEU O 200 -76.94 -29.00 29.06
CA LEU O 200 -76.93 -29.11 30.52
C LEU O 200 -76.91 -30.59 30.88
N ALA O 201 -76.20 -30.91 31.98
CA ALA O 201 -75.99 -32.30 32.37
C ALA O 201 -76.94 -32.73 33.47
N SER O 202 -76.92 -32.02 34.59
CA SER O 202 -77.77 -32.30 35.73
C SER O 202 -78.20 -30.98 36.36
N PRO O 203 -79.35 -30.96 37.06
CA PRO O 203 -79.80 -29.70 37.66
C PRO O 203 -78.75 -29.02 38.53
N GLN O 204 -77.99 -29.80 39.30
CA GLN O 204 -77.00 -29.20 40.20
C GLN O 204 -75.87 -28.52 39.42
N LEU O 205 -75.58 -29.02 38.21
CA LEU O 205 -74.60 -28.37 37.36
C LEU O 205 -74.93 -26.90 37.16
N LEU O 206 -76.09 -26.63 36.56
CA LEU O 206 -76.56 -25.26 36.41
C LEU O 206 -76.70 -24.59 37.77
N GLY O 207 -77.10 -25.34 38.79
CA GLY O 207 -77.22 -24.79 40.13
C GLY O 207 -75.97 -24.07 40.58
N LEU O 208 -74.88 -24.83 40.77
CA LEU O 208 -73.61 -24.24 41.19
C LEU O 208 -73.12 -23.21 40.18
N GLN O 209 -73.14 -23.58 38.89
CA GLN O 209 -72.53 -22.74 37.86
C GLN O 209 -73.22 -21.38 37.80
N LEU O 210 -74.54 -21.38 37.56
CA LEU O 210 -75.31 -20.15 37.49
C LEU O 210 -75.30 -19.41 38.82
N LEU O 211 -75.26 -20.13 39.95
CA LEU O 211 -75.12 -19.47 41.25
C LEU O 211 -73.94 -18.50 41.23
N LEU O 212 -72.74 -19.05 41.03
CA LEU O 212 -71.57 -18.19 41.15
C LEU O 212 -71.37 -17.33 39.91
N SER O 213 -71.97 -17.74 38.79
CA SER O 213 -71.90 -16.93 37.56
C SER O 213 -72.79 -15.70 37.68
N VAL O 214 -73.95 -15.82 38.33
CA VAL O 214 -74.80 -14.67 38.58
C VAL O 214 -74.18 -13.78 39.66
N ALA O 215 -73.54 -14.38 40.65
CA ALA O 215 -72.75 -13.58 41.58
C ALA O 215 -71.76 -12.70 40.82
N SER O 216 -70.97 -13.31 39.93
CA SER O 216 -70.01 -12.56 39.13
C SER O 216 -70.69 -11.52 38.25
N ALA O 217 -71.79 -11.90 37.60
CA ALA O 217 -72.48 -10.97 36.70
C ALA O 217 -72.90 -9.73 37.46
N ALA O 218 -73.60 -9.90 38.58
CA ALA O 218 -74.02 -8.75 39.37
C ALA O 218 -72.84 -7.89 39.78
N VAL O 219 -71.82 -8.51 40.41
CA VAL O 219 -70.74 -7.69 40.96
C VAL O 219 -70.02 -6.94 39.85
N VAL O 220 -69.62 -7.65 38.78
CA VAL O 220 -68.84 -6.99 37.74
C VAL O 220 -69.68 -5.97 36.99
N ALA O 221 -70.97 -6.25 36.76
CA ALA O 221 -71.80 -5.31 36.03
C ALA O 221 -71.95 -4.01 36.80
N ASN O 222 -72.36 -4.09 38.07
CA ASN O 222 -72.59 -2.88 38.82
C ASN O 222 -71.30 -2.14 39.13
N VAL O 223 -70.22 -2.86 39.48
CA VAL O 223 -68.97 -2.18 39.76
C VAL O 223 -68.32 -1.62 38.50
N ALA O 224 -68.52 -2.22 37.33
CA ALA O 224 -68.02 -1.63 36.10
C ALA O 224 -68.86 -0.45 35.66
N ARG O 225 -70.16 -0.46 35.97
CA ARG O 225 -70.96 0.75 35.78
C ARG O 225 -70.45 1.88 36.66
N SER O 226 -70.07 1.56 37.90
CA SER O 226 -69.50 2.59 38.77
C SER O 226 -68.15 3.06 38.25
N ALA O 227 -67.31 2.14 37.78
CA ALA O 227 -66.01 2.49 37.22
C ALA O 227 -66.12 3.26 35.91
N TRP O 228 -67.25 3.15 35.21
CA TRP O 228 -67.46 3.97 34.01
C TRP O 228 -67.49 5.45 34.36
N ALA O 229 -67.95 5.80 35.56
CA ALA O 229 -67.97 7.19 36.01
C ALA O 229 -66.66 7.60 36.68
N VAL O 230 -65.66 6.71 36.75
CA VAL O 230 -64.37 7.07 37.32
C VAL O 230 -63.59 7.94 36.34
N THR O 260 -40.72 -13.00 28.47
CA THR O 260 -39.58 -13.84 28.80
C THR O 260 -39.98 -15.30 29.03
N VAL O 261 -39.18 -16.04 29.78
CA VAL O 261 -39.36 -17.49 29.88
C VAL O 261 -40.67 -17.81 30.61
N ALA O 262 -40.81 -17.33 31.84
CA ALA O 262 -42.08 -17.50 32.55
C ALA O 262 -43.22 -16.86 31.79
N GLY O 263 -42.95 -15.71 31.18
CA GLY O 263 -43.94 -15.10 30.30
C GLY O 263 -44.31 -16.00 29.14
N LEU O 264 -43.33 -16.71 28.58
CA LEU O 264 -43.61 -17.63 27.49
C LEU O 264 -44.50 -18.78 27.95
N LEU O 265 -44.21 -19.31 29.14
CA LEU O 265 -45.04 -20.38 29.68
C LEU O 265 -46.47 -19.92 29.94
N LEU O 266 -46.63 -18.73 30.53
CA LEU O 266 -47.97 -18.24 30.81
C LEU O 266 -48.74 -17.91 29.53
N THR O 267 -48.05 -17.35 28.54
CA THR O 267 -48.69 -17.10 27.25
C THR O 267 -49.18 -18.38 26.61
N THR O 268 -48.32 -19.41 26.58
CA THR O 268 -48.75 -20.65 25.96
C THR O 268 -49.86 -21.31 26.77
N THR O 269 -49.87 -21.10 28.09
CA THR O 269 -50.98 -21.62 28.90
C THR O 269 -52.30 -20.95 28.52
N ILE O 270 -52.30 -19.62 28.41
CA ILE O 270 -53.56 -18.95 28.09
C ILE O 270 -54.04 -19.38 26.72
N VAL O 271 -53.13 -19.53 25.75
CA VAL O 271 -53.58 -19.82 24.40
C VAL O 271 -54.01 -21.29 24.27
N VAL O 272 -53.35 -22.19 25.01
CA VAL O 272 -53.75 -23.59 24.95
C VAL O 272 -55.13 -23.77 25.57
N SER O 273 -55.40 -23.09 26.70
CA SER O 273 -56.72 -23.21 27.30
C SER O 273 -57.79 -22.52 26.46
N LEU O 274 -57.46 -21.39 25.86
CA LEU O 274 -58.36 -20.74 24.90
C LEU O 274 -58.74 -21.71 23.79
N TYR O 275 -57.76 -22.42 23.24
CA TYR O 275 -58.06 -23.39 22.19
C TYR O 275 -58.92 -24.51 22.71
N GLY O 276 -58.62 -25.02 23.90
CA GLY O 276 -59.41 -26.10 24.47
C GLY O 276 -60.88 -25.74 24.56
N LEU O 277 -61.18 -24.55 25.09
CA LEU O 277 -62.58 -24.12 25.13
C LEU O 277 -63.13 -23.93 23.73
N PHE O 278 -62.52 -23.03 22.95
CA PHE O 278 -63.06 -22.64 21.65
C PHE O 278 -63.30 -23.85 20.75
N ALA O 279 -62.60 -24.95 21.00
CA ALA O 279 -62.85 -26.18 20.26
C ALA O 279 -63.90 -27.07 20.92
N ALA O 280 -63.93 -27.13 22.25
CA ALA O 280 -64.84 -28.08 22.91
C ALA O 280 -66.31 -27.70 22.81
N VAL O 281 -66.66 -26.43 22.98
CA VAL O 281 -68.07 -26.05 23.15
C VAL O 281 -68.66 -25.59 21.82
N PHE O 282 -67.88 -24.90 21.00
CA PHE O 282 -68.36 -24.34 19.74
C PHE O 282 -68.83 -25.40 18.76
N ALA O 283 -68.52 -26.68 19.02
CA ALA O 283 -69.01 -27.87 18.34
C ALA O 283 -69.92 -28.65 19.28
N PRO O 284 -70.92 -29.36 18.75
CA PRO O 284 -71.90 -30.03 19.62
C PRO O 284 -71.29 -31.08 20.55
N ALA O 285 -70.67 -32.13 19.99
CA ALA O 285 -70.20 -33.27 20.76
C ALA O 285 -69.41 -34.23 19.89
N PRO O 286 -68.54 -35.07 20.49
CA PRO O 286 -67.85 -36.09 19.69
C PRO O 286 -68.63 -37.39 19.61
N ALA O 287 -68.12 -38.34 18.82
CA ALA O 287 -68.72 -39.65 18.71
C ALA O 287 -67.66 -40.71 18.97
N LEU O 288 -67.96 -41.62 19.87
CA LEU O 288 -67.01 -42.64 20.31
C LEU O 288 -66.68 -43.61 19.18
N PRO O 289 -65.55 -44.31 19.27
CA PRO O 289 -65.24 -45.34 18.28
C PRO O 289 -66.30 -46.44 18.28
N VAL O 290 -66.64 -46.91 17.09
CA VAL O 290 -67.70 -47.90 16.96
C VAL O 290 -67.22 -49.28 17.39
N ALA O 291 -66.06 -49.71 16.91
CA ALA O 291 -65.52 -51.05 17.18
C ALA O 291 -66.52 -52.12 16.77
N VAL O 292 -66.75 -52.17 15.46
CA VAL O 292 -67.76 -53.05 14.87
C VAL O 292 -67.60 -54.47 15.39
N GLY O 293 -68.71 -55.04 15.86
CA GLY O 293 -68.72 -56.40 16.35
C GLY O 293 -68.50 -56.56 17.83
N ALA O 294 -68.67 -55.50 18.62
CA ALA O 294 -68.35 -55.51 20.04
C ALA O 294 -69.61 -55.89 20.81
N TRP O 295 -69.75 -57.20 21.09
CA TRP O 295 -70.82 -57.75 21.92
C TRP O 295 -72.19 -57.14 21.60
N PRO O 296 -72.84 -57.57 20.52
CA PRO O 296 -74.05 -56.88 20.03
C PRO O 296 -75.13 -56.64 21.07
N GLY O 297 -74.96 -57.15 22.28
CA GLY O 297 -75.89 -56.83 23.34
C GLY O 297 -75.63 -55.47 23.97
N THR O 298 -75.78 -55.41 25.29
CA THR O 298 -75.65 -54.17 26.05
C THR O 298 -74.20 -54.03 26.52
N ALA O 299 -73.97 -53.16 27.51
CA ALA O 299 -72.67 -52.70 28.01
C ALA O 299 -72.09 -51.61 27.13
N ALA O 300 -72.93 -50.94 26.35
CA ALA O 300 -72.63 -49.72 25.59
C ALA O 300 -71.58 -49.93 24.52
N ALA O 301 -71.17 -51.17 24.26
CA ALA O 301 -70.20 -51.45 23.21
C ALA O 301 -70.84 -51.20 21.85
N ALA O 302 -70.13 -50.45 21.00
CA ALA O 302 -70.64 -49.99 19.72
C ALA O 302 -71.92 -49.17 19.89
N ALA O 303 -71.78 -48.05 20.60
CA ALA O 303 -72.90 -47.17 20.91
C ALA O 303 -72.45 -45.71 20.82
N VAL O 304 -73.39 -44.79 21.07
CA VAL O 304 -73.05 -43.33 21.07
C VAL O 304 -72.71 -42.87 22.50
N MET O 305 -72.88 -41.57 22.80
CA MET O 305 -72.50 -41.03 24.13
C MET O 305 -73.76 -40.59 24.89
N ASP O 306 -73.62 -39.94 26.06
CA ASP O 306 -74.85 -39.66 26.85
C ASP O 306 -74.71 -38.46 27.79
N GLY O 307 -75.82 -38.13 28.48
CA GLY O 307 -75.84 -36.95 29.36
C GLY O 307 -74.65 -36.92 30.30
N SER O 308 -74.47 -37.99 31.10
CA SER O 308 -73.35 -37.99 32.08
C SER O 308 -72.09 -37.49 31.37
N ALA O 309 -71.61 -38.27 30.40
CA ALA O 309 -70.38 -37.90 29.69
C ALA O 309 -70.42 -36.43 29.30
N ALA O 310 -71.36 -36.07 28.41
CA ALA O 310 -71.39 -34.70 27.88
C ALA O 310 -71.21 -33.65 28.99
N GLY O 311 -72.06 -33.68 30.03
CA GLY O 311 -72.01 -32.59 31.03
C GLY O 311 -70.78 -32.63 31.92
N LEU O 312 -70.42 -33.82 32.38
CA LEU O 312 -69.17 -33.91 33.17
C LEU O 312 -68.06 -33.21 32.35
N ARG O 313 -67.99 -33.49 31.05
CA ARG O 313 -66.91 -32.90 30.20
C ARG O 313 -67.09 -31.38 30.14
N ARG O 314 -68.31 -30.93 29.84
CA ARG O 314 -68.60 -29.48 29.75
C ARG O 314 -68.03 -28.82 31.01
N LEU O 315 -68.07 -29.53 32.15
CA LEU O 315 -67.42 -29.01 33.38
C LEU O 315 -65.92 -28.81 33.15
N ALA O 316 -65.13 -29.88 33.02
CA ALA O 316 -63.69 -29.83 32.79
C ALA O 316 -63.31 -28.62 31.94
N ALA O 317 -64.09 -28.33 30.90
CA ALA O 317 -63.84 -27.14 30.08
C ALA O 317 -63.87 -25.88 30.91
N GLY O 318 -64.83 -25.79 31.84
CA GLY O 318 -64.91 -24.63 32.70
C GLY O 318 -63.77 -24.53 33.67
N GLY O 319 -63.26 -25.67 34.14
CA GLY O 319 -62.10 -25.65 35.00
C GLY O 319 -60.87 -25.11 34.28
N LEU O 320 -60.62 -25.62 33.08
CA LEU O 320 -59.50 -25.08 32.31
C LEU O 320 -59.72 -23.63 31.93
N LEU O 321 -60.98 -23.20 31.77
CA LEU O 321 -61.24 -21.76 31.62
C LEU O 321 -60.84 -20.95 32.84
N LEU O 322 -61.17 -21.44 34.03
CA LEU O 322 -60.79 -20.73 35.24
C LEU O 322 -59.28 -20.53 35.30
N THR O 323 -58.53 -21.61 35.07
CA THR O 323 -57.08 -21.45 35.14
C THR O 323 -56.55 -20.62 33.97
N ALA O 324 -57.26 -20.65 32.83
CA ALA O 324 -56.92 -19.76 31.72
C ALA O 324 -57.02 -18.31 32.13
N ALA O 325 -58.11 -17.94 32.81
CA ALA O 325 -58.30 -16.57 33.22
C ALA O 325 -57.30 -16.18 34.28
N ALA O 326 -57.02 -17.09 35.23
CA ALA O 326 -55.99 -16.84 36.23
C ALA O 326 -54.65 -16.54 35.55
N SER O 327 -54.30 -17.33 34.53
CA SER O 327 -53.03 -17.16 33.87
C SER O 327 -52.97 -15.90 33.01
N HIS O 328 -54.05 -15.56 32.31
CA HIS O 328 -54.04 -14.31 31.55
C HIS O 328 -53.93 -13.11 32.48
N GLY O 329 -54.61 -13.18 33.63
CA GLY O 329 -54.44 -12.15 34.63
C GLY O 329 -53.00 -12.03 35.08
N LEU O 330 -52.40 -13.15 35.48
CA LEU O 330 -51.02 -13.09 35.98
C LEU O 330 -50.08 -12.58 34.90
N PHE O 331 -50.26 -13.03 33.66
CA PHE O 331 -49.39 -12.57 32.58
C PHE O 331 -49.53 -11.08 32.37
N ASP O 332 -50.74 -10.61 32.05
CA ASP O 332 -50.92 -9.19 31.78
C ASP O 332 -50.69 -8.30 33.00
N PHE O 333 -50.60 -8.87 34.21
CA PHE O 333 -50.35 -8.06 35.39
C PHE O 333 -48.86 -8.03 35.73
N ALA O 334 -48.26 -9.19 35.99
CA ALA O 334 -46.85 -9.29 36.31
C ALA O 334 -45.98 -9.50 35.06
N GLY O 335 -46.42 -9.02 33.89
CA GLY O 335 -45.54 -9.02 32.74
C GLY O 335 -44.32 -8.13 32.89
N SER O 336 -44.31 -7.29 33.93
CA SER O 336 -43.14 -6.50 34.27
C SER O 336 -42.26 -7.20 35.29
N VAL O 337 -42.26 -8.54 35.31
CA VAL O 337 -41.50 -9.32 36.28
C VAL O 337 -40.06 -9.49 35.81
N PRO O 370 -49.27 -4.47 40.11
CA PRO O 370 -48.56 -3.74 41.16
C PRO O 370 -47.30 -4.45 41.65
N ASN O 371 -47.24 -4.69 42.96
CA ASN O 371 -46.08 -5.29 43.61
C ASN O 371 -45.91 -6.73 43.15
N PRO O 372 -44.72 -7.12 42.73
CA PRO O 372 -44.55 -8.38 41.99
C PRO O 372 -44.53 -9.64 42.86
N THR O 373 -44.40 -9.50 44.18
CA THR O 373 -44.03 -10.64 45.01
C THR O 373 -45.19 -11.35 45.69
N ILE O 374 -46.07 -10.62 46.40
CA ILE O 374 -47.12 -11.24 47.19
C ILE O 374 -48.08 -12.06 46.34
N TYR O 375 -47.98 -11.95 45.02
CA TYR O 375 -48.64 -12.88 44.10
C TYR O 375 -48.29 -14.31 44.48
N SER O 376 -47.28 -14.49 45.33
CA SER O 376 -46.99 -15.78 45.93
C SER O 376 -48.24 -16.51 46.38
N LEU O 377 -49.26 -15.78 46.83
CA LEU O 377 -50.53 -16.43 47.14
C LEU O 377 -51.06 -17.17 45.91
N LEU O 378 -51.41 -16.41 44.86
CA LEU O 378 -51.93 -17.00 43.64
C LEU O 378 -51.02 -18.10 43.12
N ASN O 379 -49.71 -17.89 43.22
CA ASN O 379 -48.75 -18.89 42.74
C ASN O 379 -49.05 -20.27 43.31
N LEU O 380 -49.28 -20.36 44.62
CA LEU O 380 -49.62 -21.65 45.21
C LEU O 380 -50.88 -22.21 44.55
N GLY O 381 -51.92 -21.38 44.44
CA GLY O 381 -53.14 -21.79 43.79
C GLY O 381 -52.97 -22.21 42.35
N PHE O 382 -51.86 -21.79 41.72
CA PHE O 382 -51.62 -22.20 40.35
C PHE O 382 -50.70 -23.41 40.24
N VAL O 383 -49.98 -23.73 41.31
CA VAL O 383 -49.04 -24.84 41.31
C VAL O 383 -49.62 -26.06 42.00
N ALA O 384 -50.08 -25.91 43.25
CA ALA O 384 -50.56 -27.03 44.04
C ALA O 384 -51.59 -27.84 43.26
N ALA O 385 -52.72 -27.22 42.93
CA ALA O 385 -53.73 -27.87 42.09
C ALA O 385 -53.07 -28.62 40.96
N ALA O 386 -52.27 -27.89 40.18
CA ALA O 386 -51.61 -28.45 39.01
C ALA O 386 -51.00 -29.81 39.33
N VAL O 387 -50.09 -29.86 40.30
CA VAL O 387 -49.34 -31.09 40.50
C VAL O 387 -50.29 -32.22 40.87
N LEU O 388 -51.25 -31.95 41.76
CA LEU O 388 -52.17 -33.01 42.14
C LEU O 388 -52.96 -33.50 40.94
N GLN O 389 -53.39 -32.58 40.07
CA GLN O 389 -54.03 -32.97 38.83
C GLN O 389 -53.16 -33.98 38.09
N SER O 390 -51.90 -33.59 37.84
CA SER O 390 -50.97 -34.46 37.14
C SER O 390 -50.92 -35.83 37.80
N TYR O 391 -50.93 -35.86 39.13
CA TYR O 391 -50.86 -37.14 39.85
C TYR O 391 -51.93 -38.09 39.33
N PHE O 392 -53.18 -37.65 39.34
CA PHE O 392 -54.26 -38.51 38.87
C PHE O 392 -53.99 -38.96 37.44
N LEU O 393 -53.59 -38.01 36.58
CA LEU O 393 -53.32 -38.35 35.19
C LEU O 393 -52.20 -39.37 35.11
N TYR O 394 -51.17 -39.22 35.95
CA TYR O 394 -50.04 -40.14 35.92
C TYR O 394 -50.44 -41.55 36.29
N ILE O 395 -51.63 -41.75 36.87
CA ILE O 395 -52.14 -43.07 37.19
C ILE O 395 -53.40 -43.40 36.42
N ALA O 396 -53.84 -42.51 35.52
CA ALA O 396 -54.99 -42.84 34.68
C ALA O 396 -54.78 -44.09 33.84
N PRO O 397 -53.58 -44.42 33.35
CA PRO O 397 -53.41 -45.73 32.70
C PRO O 397 -53.64 -46.90 33.65
N ALA O 398 -53.17 -46.81 34.89
CA ALA O 398 -53.43 -47.88 35.85
C ALA O 398 -54.91 -47.97 36.20
N TRP O 399 -55.61 -46.84 36.18
CA TRP O 399 -57.04 -46.83 36.46
C TRP O 399 -57.86 -47.50 35.36
N GLY O 400 -57.25 -47.89 34.25
CA GLY O 400 -58.01 -48.48 33.17
C GLY O 400 -58.90 -47.53 32.41
N VAL O 401 -58.40 -46.33 32.11
CA VAL O 401 -59.17 -45.32 31.38
C VAL O 401 -58.63 -45.23 29.96
N ASN O 402 -59.48 -44.81 29.03
CA ASN O 402 -59.08 -44.56 27.65
C ASN O 402 -58.94 -43.05 27.48
N VAL O 403 -57.71 -42.56 27.58
CA VAL O 403 -57.44 -41.13 27.51
C VAL O 403 -57.00 -40.71 26.11
N ASN O 404 -56.78 -41.68 25.22
CA ASN O 404 -56.11 -41.42 23.95
C ASN O 404 -57.05 -41.24 22.78
N TRP O 405 -58.27 -41.78 22.83
CA TRP O 405 -59.13 -41.72 21.66
C TRP O 405 -59.63 -40.30 21.41
N ASP O 406 -59.84 -39.51 22.46
CA ASP O 406 -60.40 -38.18 22.34
C ASP O 406 -59.35 -37.14 22.73
N THR O 407 -58.81 -36.45 21.75
CA THR O 407 -57.81 -35.42 21.97
C THR O 407 -58.39 -34.10 22.45
N ALA O 408 -59.65 -33.82 22.10
CA ALA O 408 -60.27 -32.53 22.37
C ALA O 408 -60.51 -32.28 23.85
N LEU O 409 -60.30 -33.27 24.71
CA LEU O 409 -60.48 -33.08 26.15
C LEU O 409 -59.20 -33.28 26.93
N TRP O 410 -58.52 -34.41 26.77
CA TRP O 410 -57.36 -34.74 27.60
C TRP O 410 -56.12 -33.94 27.23
N GLY O 411 -56.01 -33.51 25.98
CA GLY O 411 -54.87 -32.75 25.53
C GLY O 411 -54.62 -31.52 26.38
N PRO O 412 -55.60 -30.61 26.44
CA PRO O 412 -55.43 -29.42 27.27
C PRO O 412 -55.12 -29.72 28.71
N MET O 413 -55.76 -30.74 29.30
CA MET O 413 -55.51 -31.08 30.70
C MET O 413 -54.06 -31.48 30.91
N TYR O 414 -53.58 -32.44 30.12
CA TYR O 414 -52.20 -32.90 30.24
C TYR O 414 -51.21 -31.77 29.98
N GLY O 415 -51.44 -31.00 28.91
CA GLY O 415 -50.52 -29.93 28.57
C GLY O 415 -50.46 -28.86 29.64
N THR O 416 -51.61 -28.51 30.20
CA THR O 416 -51.66 -27.49 31.23
C THR O 416 -51.04 -27.98 32.53
N ALA O 417 -51.23 -29.26 32.87
CA ALA O 417 -50.57 -29.80 34.04
C ALA O 417 -49.06 -29.75 33.88
N PHE O 418 -48.56 -30.18 32.72
CA PHE O 418 -47.13 -30.11 32.46
C PHE O 418 -46.62 -28.68 32.52
N LEU O 419 -47.36 -27.75 31.93
CA LEU O 419 -46.93 -26.35 31.88
C LEU O 419 -46.90 -25.75 33.27
N GLY O 420 -47.90 -26.03 34.10
CA GLY O 420 -47.89 -25.54 35.46
C GLY O 420 -46.77 -26.11 36.28
N LEU O 421 -46.47 -27.41 36.09
CA LEU O 421 -45.40 -28.02 36.87
C LEU O 421 -44.04 -27.43 36.48
N VAL O 422 -43.80 -27.28 35.17
CA VAL O 422 -42.52 -26.71 34.76
C VAL O 422 -42.46 -25.23 35.16
N TYR O 423 -43.60 -24.55 35.22
CA TYR O 423 -43.59 -23.17 35.69
C TYR O 423 -43.19 -23.11 37.16
N GLY O 424 -43.75 -23.98 37.98
CA GLY O 424 -43.32 -24.05 39.36
C GLY O 424 -41.83 -24.32 39.48
N LEU O 425 -41.32 -25.24 38.66
CA LEU O 425 -39.90 -25.57 38.70
C LEU O 425 -39.04 -24.37 38.32
N VAL O 426 -39.41 -23.67 37.25
CA VAL O 426 -38.60 -22.53 36.80
C VAL O 426 -38.70 -21.38 37.79
N ALA O 427 -39.84 -21.23 38.47
CA ALA O 427 -39.96 -20.20 39.49
C ALA O 427 -39.18 -20.55 40.75
N LEU O 428 -38.90 -21.83 40.99
CA LEU O 428 -38.07 -22.21 42.11
C LEU O 428 -36.61 -21.83 41.92
N THR O 429 -36.10 -21.85 40.68
CA THR O 429 -34.69 -21.57 40.44
C THR O 429 -34.44 -20.35 39.58
N LYS O 430 -35.49 -19.70 39.07
CA LYS O 430 -35.37 -18.42 38.37
C LYS O 430 -34.44 -18.52 37.16
N PHE O 431 -34.89 -19.26 36.15
CA PHE O 431 -34.29 -19.17 34.83
C PHE O 431 -34.48 -17.76 34.29
N ASP O 432 -33.38 -17.03 34.09
CA ASP O 432 -33.48 -15.61 33.80
C ASP O 432 -33.67 -15.30 32.32
N TRP O 433 -34.03 -16.29 31.50
CA TRP O 433 -34.20 -16.14 30.06
C TRP O 433 -32.91 -15.76 29.36
N SER O 434 -31.83 -15.58 30.12
CA SER O 434 -30.50 -15.41 29.56
C SER O 434 -29.57 -16.52 30.00
N SER O 435 -29.99 -17.37 30.93
CA SER O 435 -29.19 -18.52 31.33
C SER O 435 -29.16 -19.60 30.27
N VAL O 436 -30.20 -19.70 29.44
CA VAL O 436 -30.11 -20.61 28.30
C VAL O 436 -29.00 -20.16 27.37
N VAL O 437 -28.75 -18.85 27.28
CA VAL O 437 -27.65 -18.36 26.45
C VAL O 437 -26.33 -18.86 27.01
N ASP O 438 -26.18 -18.85 28.33
CA ASP O 438 -24.96 -19.36 28.92
C ASP O 438 -24.82 -20.86 28.72
N ALA O 439 -25.93 -21.60 28.75
CA ALA O 439 -25.86 -23.04 28.49
C ALA O 439 -25.40 -23.32 27.07
N VAL O 440 -26.02 -22.65 26.08
CA VAL O 440 -25.63 -22.91 24.70
C VAL O 440 -24.21 -22.45 24.45
N LEU O 441 -23.78 -21.36 25.09
CA LEU O 441 -22.41 -20.94 24.93
C LEU O 441 -21.44 -21.94 25.53
N ARG O 442 -21.81 -22.57 26.65
CA ARG O 442 -20.94 -23.59 27.22
C ARG O 442 -20.80 -24.78 26.29
N VAL O 443 -21.92 -25.27 25.75
CA VAL O 443 -21.81 -26.44 24.87
C VAL O 443 -21.08 -26.09 23.59
N ALA O 444 -21.26 -24.88 23.09
CA ALA O 444 -20.55 -24.48 21.88
C ALA O 444 -19.05 -24.33 22.15
N CYS O 445 -18.68 -23.80 23.31
CA CYS O 445 -17.27 -23.71 23.65
C CYS O 445 -16.65 -25.10 23.75
N TRP O 446 -17.40 -26.06 24.33
CA TRP O 446 -16.86 -27.40 24.40
C TRP O 446 -16.66 -28.01 23.02
N PHE O 447 -17.64 -27.86 22.14
CA PHE O 447 -17.49 -28.46 20.82
C PHE O 447 -16.46 -27.73 19.98
N ALA O 448 -16.25 -26.45 20.21
CA ALA O 448 -15.13 -25.76 19.58
C ALA O 448 -13.80 -26.33 20.05
N GLU O 449 -13.67 -26.54 21.37
CA GLU O 449 -12.45 -27.16 21.88
C GLU O 449 -12.26 -28.55 21.32
N LEU O 450 -13.35 -29.23 20.98
CA LEU O 450 -13.23 -30.56 20.39
C LEU O 450 -12.76 -30.51 18.95
N THR O 451 -13.39 -29.67 18.13
CA THR O 451 -13.00 -29.63 16.72
C THR O 451 -11.61 -29.04 16.54
N MET O 452 -11.15 -28.16 17.43
CA MET O 452 -9.79 -27.67 17.30
C MET O 452 -8.79 -28.80 17.52
N TRP O 453 -9.00 -29.62 18.54
CA TRP O 453 -8.13 -30.76 18.76
C TRP O 453 -8.18 -31.72 17.58
N PHE O 454 -9.38 -32.02 17.09
CA PHE O 454 -9.50 -32.93 15.96
C PHE O 454 -8.75 -32.40 14.74
N TRP O 455 -8.94 -31.12 14.42
CA TRP O 455 -8.29 -30.54 13.26
C TRP O 455 -6.78 -30.56 13.39
N ASP O 456 -6.27 -30.22 14.58
CA ASP O 456 -4.82 -30.17 14.74
C ASP O 456 -4.19 -31.55 14.83
N THR O 457 -4.96 -32.57 15.17
CA THR O 457 -4.39 -33.90 15.31
C THR O 457 -4.53 -34.75 14.06
N PHE O 458 -5.61 -34.61 13.29
CA PHE O 458 -5.90 -35.53 12.21
C PHE O 458 -5.94 -34.92 10.83
N VAL O 459 -6.06 -33.59 10.72
CA VAL O 459 -6.25 -33.01 9.40
C VAL O 459 -5.02 -32.23 8.94
N TRP O 460 -4.65 -31.18 9.67
CA TRP O 460 -3.53 -30.37 9.24
C TRP O 460 -3.08 -29.54 10.43
N LYS O 461 -1.81 -29.70 10.82
CA LYS O 461 -1.32 -29.07 12.03
C LYS O 461 -1.54 -27.56 12.00
N PHE O 462 -1.72 -26.97 13.17
CA PHE O 462 -1.93 -25.54 13.24
C PHE O 462 -0.64 -24.78 13.05
N SER O 463 0.49 -25.42 13.31
CA SER O 463 1.77 -24.76 13.07
C SER O 463 2.14 -24.75 11.60
N TRP O 464 1.47 -25.55 10.79
CA TRP O 464 1.72 -25.53 9.35
C TRP O 464 0.89 -24.50 8.64
N SER O 465 -0.41 -24.44 8.94
CA SER O 465 -1.32 -23.64 8.14
C SER O 465 -1.23 -22.16 8.47
N GLU O 466 -0.82 -21.83 9.69
CA GLU O 466 -0.71 -20.42 10.08
C GLU O 466 0.67 -19.88 9.77
N LYS O 467 0.72 -18.58 9.52
CA LYS O 467 1.96 -17.93 9.15
C LYS O 467 2.85 -17.73 10.38
N THR O 468 4.16 -17.80 10.16
CA THR O 468 5.15 -17.51 11.17
C THR O 468 5.82 -16.18 10.88
N ARG O 469 6.24 -15.48 11.93
CA ARG O 469 6.77 -14.15 11.83
C ARG O 469 8.29 -14.17 11.69
N ARG O 470 8.89 -12.98 11.68
CA ARG O 470 10.30 -12.71 11.90
C ARG O 470 11.23 -13.14 10.76
N ALA O 471 10.73 -13.69 9.66
CA ALA O 471 11.60 -14.03 8.53
C ALA O 471 10.81 -14.27 7.26
N ASP P 57 -34.55 -98.34 6.59
CA ASP P 57 -35.55 -98.08 5.58
C ASP P 57 -36.90 -98.66 6.01
N LEU P 58 -37.98 -98.04 5.52
CA LEU P 58 -39.33 -98.44 5.89
C LEU P 58 -39.79 -99.66 5.11
N SER P 59 -41.11 -99.89 5.09
CA SER P 59 -41.73 -101.04 4.42
C SER P 59 -41.32 -102.35 5.08
N ARG P 60 -41.69 -102.49 6.34
CA ARG P 60 -41.56 -103.75 7.06
C ARG P 60 -42.95 -104.25 7.43
N PRO P 61 -43.70 -104.79 6.45
CA PRO P 61 -45.14 -104.99 6.63
C PRO P 61 -45.52 -106.32 7.26
N ALA P 62 -46.83 -106.56 7.34
CA ALA P 62 -47.37 -107.80 7.90
C ALA P 62 -48.69 -108.16 7.24
N GLU P 63 -49.40 -109.12 7.81
CA GLU P 63 -50.71 -109.53 7.30
C GLU P 63 -51.82 -109.05 8.22
N SER P 64 -53.06 -109.15 7.74
CA SER P 64 -54.20 -108.70 8.52
C SER P 64 -54.84 -109.83 9.31
N LEU P 65 -54.37 -110.06 10.54
CA LEU P 65 -55.03 -110.96 11.46
C LEU P 65 -55.94 -110.19 12.39
N PRO P 66 -56.98 -110.82 12.94
CA PRO P 66 -57.86 -110.08 13.84
C PRO P 66 -57.20 -109.81 15.18
N ALA P 67 -56.78 -108.56 15.39
CA ALA P 67 -56.20 -108.11 16.65
C ALA P 67 -57.19 -107.31 17.47
N ARG P 68 -57.87 -106.34 16.85
CA ARG P 68 -59.08 -105.78 17.43
C ARG P 68 -60.15 -106.86 17.40
N ALA P 69 -60.59 -107.28 18.59
CA ALA P 69 -61.43 -108.46 18.73
C ALA P 69 -62.91 -108.17 18.57
N ASP P 70 -63.27 -107.16 17.76
CA ASP P 70 -64.65 -106.72 17.56
C ASP P 70 -65.36 -106.59 18.90
N GLU P 71 -64.94 -105.57 19.65
CA GLU P 71 -65.11 -105.45 21.09
C GLU P 71 -66.50 -105.85 21.58
N ALA P 72 -67.49 -105.86 20.69
CA ALA P 72 -68.76 -106.54 20.98
C ALA P 72 -68.53 -107.97 21.44
N ALA P 73 -67.38 -108.57 21.11
CA ALA P 73 -67.01 -109.86 21.65
C ALA P 73 -66.20 -109.77 22.94
N VAL P 74 -65.66 -108.58 23.26
CA VAL P 74 -64.84 -108.43 24.46
C VAL P 74 -65.65 -108.63 25.74
N GLN P 75 -66.95 -108.34 25.73
CA GLN P 75 -67.78 -108.75 26.87
C GLN P 75 -67.58 -110.22 27.19
N ALA P 76 -67.52 -111.06 26.15
CA ALA P 76 -67.26 -112.48 26.34
C ALA P 76 -65.79 -112.75 26.67
N ALA P 77 -64.88 -111.92 26.19
CA ALA P 77 -63.46 -112.10 26.49
C ALA P 77 -63.13 -111.74 27.94
N LEU P 78 -63.98 -110.98 28.60
CA LEU P 78 -63.78 -110.63 30.01
C LEU P 78 -64.70 -111.39 30.95
N ALA P 79 -65.88 -111.80 30.48
CA ALA P 79 -66.82 -112.52 31.33
C ALA P 79 -66.63 -114.03 31.28
N ASP P 80 -65.49 -114.52 30.77
CA ASP P 80 -65.24 -115.95 30.72
C ASP P 80 -64.27 -116.35 31.83
N ASP P 81 -64.06 -117.66 31.97
CA ASP P 81 -63.13 -118.20 32.95
C ASP P 81 -62.66 -119.55 32.43
N GLY P 82 -61.83 -120.23 33.21
CA GLY P 82 -61.15 -121.42 32.73
C GLY P 82 -60.08 -121.15 31.71
N GLY P 83 -59.72 -119.88 31.50
CA GLY P 83 -58.68 -119.51 30.57
C GLY P 83 -57.34 -119.30 31.26
N TRP P 84 -56.44 -118.67 30.51
CA TRP P 84 -55.04 -118.49 30.90
C TRP P 84 -54.37 -117.63 29.85
N VAL P 85 -53.08 -117.38 30.04
CA VAL P 85 -52.23 -116.73 29.04
C VAL P 85 -50.94 -117.53 28.94
N GLY P 86 -50.64 -118.05 27.76
CA GLY P 86 -49.41 -118.79 27.54
C GLY P 86 -49.50 -119.61 26.27
N THR P 87 -48.81 -120.77 26.30
CA THR P 87 -48.76 -121.70 25.18
C THR P 87 -48.39 -123.09 25.70
N PRO P 88 -49.05 -124.14 25.22
CA PRO P 88 -48.67 -125.50 25.61
C PRO P 88 -47.36 -125.94 24.97
N ASP P 89 -46.90 -127.11 25.39
CA ASP P 89 -45.68 -127.68 24.83
C ASP P 89 -45.94 -128.16 23.41
N PRO P 90 -44.90 -128.21 22.56
CA PRO P 90 -45.08 -128.72 21.20
C PRO P 90 -45.14 -130.24 21.12
N SER P 91 -45.32 -130.93 22.25
CA SER P 91 -45.30 -132.39 22.25
C SER P 91 -46.62 -132.99 21.77
N LYS P 92 -47.72 -132.67 22.44
CA LYS P 92 -49.02 -133.22 22.08
C LYS P 92 -50.02 -132.15 21.66
N TYR P 93 -49.80 -130.89 22.01
CA TYR P 93 -50.66 -129.79 21.61
C TYR P 93 -49.90 -128.88 20.64
N ALA P 94 -50.51 -128.63 19.48
CA ALA P 94 -49.85 -127.82 18.46
C ALA P 94 -49.95 -126.33 18.80
N ALA P 95 -49.31 -125.52 17.97
CA ALA P 95 -49.28 -124.07 18.17
C ALA P 95 -50.61 -123.47 17.75
N GLY P 96 -51.30 -122.83 18.70
CA GLY P 96 -52.61 -122.24 18.42
C GLY P 96 -53.66 -122.72 19.39
N THR P 97 -53.24 -123.45 20.42
CA THR P 97 -54.15 -124.00 21.43
C THR P 97 -54.49 -122.89 22.42
N THR P 98 -55.74 -122.43 22.39
CA THR P 98 -56.20 -121.42 23.33
C THR P 98 -57.23 -121.94 24.33
N GLN P 99 -57.97 -123.00 23.99
CA GLN P 99 -58.95 -123.57 24.92
C GLN P 99 -58.40 -124.88 25.46
N LEU P 100 -58.06 -124.87 26.75
CA LEU P 100 -57.53 -126.04 27.44
C LEU P 100 -58.59 -126.52 28.42
N SER P 101 -59.17 -127.69 28.14
CA SER P 101 -60.28 -128.20 28.92
C SER P 101 -59.84 -128.61 30.31
N ALA P 102 -60.77 -129.20 31.07
CA ALA P 102 -60.50 -129.59 32.45
C ALA P 102 -59.31 -130.52 32.54
N ARG P 103 -59.38 -131.66 31.85
CA ARG P 103 -58.25 -132.60 31.85
C ARG P 103 -57.00 -131.95 31.26
N GLU P 104 -57.17 -131.20 30.17
CA GLU P 104 -56.02 -130.59 29.50
C GLU P 104 -55.34 -129.57 30.39
N LEU P 105 -56.06 -128.53 30.83
CA LEU P 105 -55.46 -127.53 31.69
C LEU P 105 -54.98 -128.14 33.00
N GLN P 106 -55.67 -129.20 33.46
CA GLN P 106 -55.22 -129.94 34.64
C GLN P 106 -53.79 -130.45 34.45
N GLU P 107 -53.58 -131.25 33.40
CA GLU P 107 -52.24 -131.79 33.17
C GLU P 107 -51.25 -130.69 32.80
N GLU P 108 -51.72 -129.59 32.20
CA GLU P 108 -50.82 -128.49 31.84
C GLU P 108 -50.28 -127.80 33.09
N VAL P 109 -51.17 -127.40 34.00
CA VAL P 109 -50.77 -126.71 35.23
C VAL P 109 -50.11 -127.65 36.23
N ALA P 110 -50.33 -128.97 36.12
CA ALA P 110 -49.64 -129.90 37.00
C ALA P 110 -48.33 -130.40 36.40
N LYS P 111 -48.10 -130.16 35.11
CA LYS P 111 -46.86 -130.54 34.45
C LYS P 111 -45.93 -129.35 34.21
N GLY P 112 -46.40 -128.14 34.41
CA GLY P 112 -45.63 -126.96 34.10
C GLY P 112 -45.81 -126.42 32.69
N ASN P 113 -46.96 -126.66 32.06
CA ASN P 113 -47.17 -126.21 30.70
C ASN P 113 -47.68 -124.77 30.65
N VAL P 114 -48.79 -124.50 31.34
CA VAL P 114 -49.29 -123.14 31.47
C VAL P 114 -49.97 -122.99 32.83
N MET P 115 -49.74 -121.83 33.45
CA MET P 115 -50.35 -121.47 34.73
C MET P 115 -51.66 -120.74 34.46
N THR P 116 -52.67 -121.05 35.27
CA THR P 116 -54.02 -120.53 35.06
C THR P 116 -54.02 -119.01 35.09
N TRP P 117 -55.04 -118.42 34.46
CA TRP P 117 -55.27 -116.98 34.59
C TRP P 117 -55.36 -116.58 36.06
N LYS P 118 -56.05 -117.39 36.86
CA LYS P 118 -56.00 -117.23 38.31
C LYS P 118 -54.56 -117.21 38.81
N ASP P 119 -53.70 -118.05 38.22
CA ASP P 119 -52.32 -118.10 38.66
C ASP P 119 -51.55 -116.85 38.25
N PHE P 120 -51.85 -116.28 37.08
CA PHE P 120 -51.30 -114.98 36.74
C PHE P 120 -51.74 -113.92 37.73
N LYS P 121 -53.00 -113.96 38.15
CA LYS P 121 -53.50 -112.98 39.12
C LYS P 121 -52.74 -113.10 40.44
N GLN P 122 -52.63 -114.31 40.99
CA GLN P 122 -51.93 -114.45 42.26
C GLN P 122 -50.44 -114.22 42.13
N GLN P 123 -49.85 -114.44 40.95
CA GLN P 123 -48.46 -114.08 40.73
C GLN P 123 -48.28 -112.57 40.78
N VAL P 124 -48.99 -111.84 39.91
CA VAL P 124 -48.88 -110.38 39.92
C VAL P 124 -49.23 -109.80 41.27
N SER P 125 -50.08 -110.51 42.04
CA SER P 125 -50.37 -110.07 43.40
C SER P 125 -49.15 -110.27 44.30
N GLY P 126 -48.56 -111.47 44.27
CA GLY P 126 -47.41 -111.75 45.11
C GLY P 126 -46.09 -111.26 44.57
N LEU P 127 -45.86 -111.38 43.27
CA LEU P 127 -44.62 -110.87 42.68
C LEU P 127 -44.59 -109.35 42.75
N GLN P 128 -43.56 -108.81 43.41
CA GLN P 128 -43.38 -107.38 43.54
C GLN P 128 -41.94 -107.01 43.25
N GLY P 129 -41.72 -105.73 42.94
CA GLY P 129 -40.40 -105.25 42.62
C GLY P 129 -40.01 -105.54 41.19
N PRO P 130 -38.82 -106.12 41.00
CA PRO P 130 -38.31 -106.33 39.64
C PRO P 130 -39.08 -107.38 38.85
N GLU P 131 -39.65 -108.39 39.51
CA GLU P 131 -40.36 -109.43 38.79
C GLU P 131 -41.62 -108.89 38.14
N ARG P 132 -42.46 -108.18 38.91
CA ARG P 132 -43.68 -107.61 38.34
C ARG P 132 -43.36 -106.51 37.34
N GLU P 133 -42.32 -105.70 37.62
CA GLU P 133 -41.92 -104.66 36.68
C GLU P 133 -41.53 -105.27 35.34
N ALA P 134 -40.70 -106.31 35.37
CA ALA P 134 -40.31 -106.99 34.14
C ALA P 134 -41.52 -107.60 33.45
N LEU P 135 -42.40 -108.25 34.22
CA LEU P 135 -43.58 -108.86 33.64
C LEU P 135 -44.39 -107.83 32.87
N LEU P 136 -44.72 -106.71 33.53
CA LEU P 136 -45.53 -105.69 32.89
C LEU P 136 -44.80 -105.08 31.71
N ALA P 137 -43.48 -104.89 31.82
CA ALA P 137 -42.73 -104.26 30.75
C ALA P 137 -42.71 -105.12 29.49
N LEU P 138 -42.39 -106.41 29.64
CA LEU P 138 -42.34 -107.28 28.47
C LEU P 138 -43.73 -107.66 27.96
N VAL P 139 -44.77 -107.64 28.79
CA VAL P 139 -46.09 -107.82 28.20
C VAL P 139 -46.52 -106.54 27.48
N ALA P 140 -46.05 -105.38 27.92
CA ALA P 140 -46.27 -104.15 27.17
C ALA P 140 -45.51 -104.19 25.85
N GLN P 141 -44.30 -104.74 25.87
CA GLN P 141 -43.57 -105.03 24.64
C GLN P 141 -44.40 -105.91 23.73
N ARG P 142 -44.95 -106.99 24.28
CA ARG P 142 -45.77 -107.91 23.49
C ARG P 142 -46.95 -107.18 22.84
N VAL P 143 -47.69 -106.41 23.62
CA VAL P 143 -48.91 -105.78 23.10
C VAL P 143 -48.55 -104.69 22.10
N ALA P 144 -47.45 -103.98 22.35
CA ALA P 144 -47.01 -102.93 21.43
C ALA P 144 -46.29 -103.51 20.22
N ALA P 145 -46.03 -104.82 20.23
CA ALA P 145 -45.40 -105.47 19.11
C ALA P 145 -46.39 -106.24 18.23
N GLU P 146 -47.47 -106.78 18.79
CA GLU P 146 -48.37 -107.59 17.98
C GLU P 146 -49.82 -107.31 18.30
N ARG P 147 -50.12 -106.14 18.83
CA ARG P 147 -51.55 -105.91 19.07
C ARG P 147 -52.08 -104.60 18.50
N MET P 148 -51.30 -103.53 18.55
CA MET P 148 -51.66 -102.28 17.87
C MET P 148 -50.61 -102.00 16.81
N PHE P 149 -51.07 -101.61 15.63
CA PHE P 149 -50.19 -101.34 14.50
C PHE P 149 -50.57 -100.04 13.83
N PHE P 150 -49.64 -99.51 13.04
CA PHE P 150 -49.94 -98.39 12.17
C PHE P 150 -50.23 -98.93 10.77
N THR P 151 -50.87 -98.12 9.94
CA THR P 151 -51.21 -98.55 8.59
C THR P 151 -50.67 -97.51 7.62
N LEU P 152 -49.82 -97.95 6.70
CA LEU P 152 -49.20 -97.07 5.73
C LEU P 152 -50.08 -96.99 4.48
N GLU P 153 -49.53 -96.42 3.41
CA GLU P 153 -50.29 -96.23 2.19
C GLU P 153 -50.70 -97.56 1.56
N ASP P 154 -49.93 -98.62 1.83
CA ASP P 154 -50.21 -99.90 1.19
C ASP P 154 -51.35 -100.64 1.87
N GLY P 155 -51.50 -100.47 3.17
CA GLY P 155 -52.34 -101.33 3.97
C GLY P 155 -51.57 -102.26 4.88
N SER P 156 -50.33 -101.95 5.21
CA SER P 156 -49.52 -102.77 6.09
C SER P 156 -49.95 -102.60 7.54
N LYS P 157 -49.39 -103.43 8.41
CA LYS P 157 -49.61 -103.33 9.85
C LYS P 157 -48.23 -103.24 10.50
N VAL P 158 -47.70 -102.04 10.59
CA VAL P 158 -46.41 -101.79 11.22
C VAL P 158 -46.67 -101.62 12.71
N SER P 159 -46.05 -102.47 13.53
CA SER P 159 -46.30 -102.43 14.96
C SER P 159 -45.84 -101.10 15.54
N LEU P 160 -46.20 -100.88 16.80
CA LEU P 160 -45.69 -99.70 17.50
C LEU P 160 -44.27 -99.93 17.99
N TRP P 161 -43.93 -101.19 18.31
CA TRP P 161 -42.64 -101.47 18.93
C TRP P 161 -41.51 -101.39 17.91
N ASP P 162 -41.68 -102.06 16.76
CA ASP P 162 -40.62 -102.06 15.75
C ASP P 162 -40.42 -100.66 15.19
N LEU P 163 -41.51 -99.91 15.00
CA LEU P 163 -41.37 -98.55 14.48
C LEU P 163 -40.79 -97.62 15.54
N GLN P 164 -41.14 -97.84 16.80
CA GLN P 164 -40.50 -97.10 17.88
C GLN P 164 -39.00 -97.33 17.88
N GLN P 165 -38.58 -98.59 17.71
CA GLN P 165 -37.16 -98.89 17.59
C GLN P 165 -36.56 -98.20 16.36
N TYR P 166 -37.27 -98.26 15.24
CA TYR P 166 -36.81 -97.61 14.01
C TYR P 166 -36.60 -96.12 14.20
N VAL P 167 -37.37 -95.50 15.09
CA VAL P 167 -37.29 -94.06 15.26
C VAL P 167 -36.20 -93.69 16.26
N ASP P 168 -36.18 -94.34 17.42
CA ASP P 168 -35.27 -93.87 18.47
C ASP P 168 -33.98 -94.67 18.59
N ASN P 169 -33.81 -95.76 17.87
CA ASN P 169 -32.59 -96.55 17.97
C ASN P 169 -31.70 -96.41 16.75
N ASN P 170 -32.15 -95.73 15.70
CA ASN P 170 -31.31 -95.46 14.54
C ASN P 170 -30.61 -94.13 14.72
N PRO P 171 -29.34 -94.10 15.11
CA PRO P 171 -28.68 -92.81 15.33
C PRO P 171 -28.11 -92.22 14.05
N GLU P 172 -27.85 -93.06 13.04
CA GLU P 172 -27.29 -92.54 11.80
C GLU P 172 -28.32 -91.74 11.02
N LEU P 173 -29.55 -92.26 10.92
CA LEU P 173 -30.59 -91.49 10.26
C LEU P 173 -30.99 -90.28 11.09
N ALA P 174 -30.89 -90.39 12.42
CA ALA P 174 -31.12 -89.23 13.26
C ALA P 174 -30.11 -88.13 12.95
N ALA P 175 -28.83 -88.51 12.80
CA ALA P 175 -27.81 -87.51 12.50
C ALA P 175 -27.96 -86.97 11.08
N LEU P 176 -28.43 -87.80 10.16
CA LEU P 176 -28.67 -87.32 8.80
C LEU P 176 -29.78 -86.28 8.78
N ALA P 177 -30.85 -86.54 9.52
CA ALA P 177 -31.91 -85.55 9.66
C ALA P 177 -31.46 -84.34 10.46
N ALA P 178 -30.45 -84.49 11.32
CA ALA P 178 -29.95 -83.36 12.09
C ALA P 178 -29.41 -82.28 11.17
N SER P 179 -28.62 -82.66 10.18
CA SER P 179 -28.25 -81.76 9.09
C SER P 179 -29.40 -81.72 8.09
N VAL P 180 -29.23 -81.01 7.00
CA VAL P 180 -30.26 -80.93 5.97
C VAL P 180 -29.77 -81.38 4.61
N ARG P 181 -28.53 -81.87 4.51
CA ARG P 181 -27.90 -82.18 3.22
C ARG P 181 -28.87 -82.85 2.27
N ARG P 182 -29.03 -82.25 1.10
CA ARG P 182 -30.00 -82.72 0.11
C ARG P 182 -29.29 -83.63 -0.88
N ILE P 183 -29.53 -84.92 -0.79
CA ILE P 183 -28.89 -85.94 -1.61
C ILE P 183 -29.86 -86.33 -2.71
N ALA P 184 -29.49 -86.01 -3.96
CA ALA P 184 -30.31 -86.38 -5.10
C ALA P 184 -30.46 -87.89 -5.17
N VAL P 185 -31.49 -88.34 -5.88
CA VAL P 185 -31.82 -89.75 -6.01
C VAL P 185 -31.69 -90.14 -7.46
N ALA P 186 -31.19 -91.35 -7.72
CA ALA P 186 -30.95 -91.82 -9.07
C ALA P 186 -32.17 -92.54 -9.62
N ASP P 187 -32.43 -92.32 -10.90
CA ASP P 187 -33.58 -92.92 -11.57
C ASP P 187 -33.42 -94.44 -11.60
N PRO P 188 -34.34 -95.20 -11.01
CA PRO P 188 -34.14 -96.65 -10.92
C PRO P 188 -34.20 -97.39 -12.24
N GLU P 189 -34.44 -96.72 -13.37
CA GLU P 189 -34.24 -97.38 -14.66
C GLU P 189 -32.75 -97.41 -14.97
N ASP P 190 -32.28 -98.52 -15.54
CA ASP P 190 -30.86 -98.86 -15.45
C ASP P 190 -29.90 -97.93 -16.19
N PRO P 191 -30.17 -97.43 -17.42
CA PRO P 191 -29.06 -97.05 -18.30
C PRO P 191 -28.05 -96.10 -17.68
N ALA P 192 -28.49 -94.91 -17.28
CA ALA P 192 -27.56 -93.90 -16.81
C ALA P 192 -27.71 -93.53 -15.36
N GLY P 193 -28.89 -93.73 -14.78
CA GLY P 193 -29.10 -93.37 -13.38
C GLY P 193 -28.90 -91.91 -13.09
N ARG P 194 -29.06 -91.04 -14.09
CA ARG P 194 -28.94 -89.62 -13.89
C ARG P 194 -29.96 -89.15 -12.85
N PRO P 195 -29.65 -88.10 -12.10
CA PRO P 195 -30.57 -87.65 -11.05
C PRO P 195 -31.92 -87.26 -11.62
N LEU P 196 -32.95 -87.47 -10.82
CA LEU P 196 -34.30 -87.22 -11.27
C LEU P 196 -34.59 -85.72 -11.30
N PRO P 197 -35.55 -85.28 -12.12
CA PRO P 197 -35.88 -83.86 -12.21
C PRO P 197 -36.69 -83.33 -11.03
N GLY P 198 -36.78 -84.07 -9.94
CA GLY P 198 -37.50 -83.61 -8.76
C GLY P 198 -37.00 -82.28 -8.24
N GLY P 199 -35.78 -82.25 -7.74
CA GLY P 199 -35.23 -81.00 -7.22
C GLY P 199 -36.03 -80.51 -6.03
N GLY P 200 -36.54 -79.29 -6.14
CA GLY P 200 -37.42 -78.74 -5.11
C GLY P 200 -36.69 -78.06 -3.98
N ALA P 201 -37.27 -76.96 -3.48
CA ALA P 201 -36.69 -76.22 -2.38
C ALA P 201 -37.42 -76.39 -1.06
N SER P 202 -38.70 -76.79 -1.09
CA SER P 202 -39.45 -77.12 0.12
C SER P 202 -39.52 -75.92 1.07
N GLY P 203 -40.32 -74.94 0.65
CA GLY P 203 -40.37 -73.63 1.26
C GLY P 203 -40.40 -73.59 2.79
N LEU P 204 -40.68 -74.71 3.43
CA LEU P 204 -40.44 -74.79 4.87
C LEU P 204 -38.94 -74.79 5.18
N ASP P 205 -38.16 -75.62 4.47
CA ASP P 205 -36.71 -75.66 4.68
C ASP P 205 -36.02 -74.42 4.13
N ARG P 206 -36.56 -73.81 3.09
CA ARG P 206 -36.09 -72.53 2.60
C ARG P 206 -36.26 -71.42 3.63
N SER P 207 -36.88 -71.70 4.78
CA SER P 207 -37.25 -70.67 5.74
C SER P 207 -36.43 -70.67 7.01
N ARG P 208 -35.57 -71.65 7.22
CA ARG P 208 -34.64 -71.56 8.34
C ARG P 208 -33.72 -70.36 8.13
N GLY P 209 -33.16 -69.87 9.22
CA GLY P 209 -32.45 -68.62 9.18
C GLY P 209 -33.32 -67.41 9.38
N LEU P 210 -34.62 -67.54 9.19
CA LEU P 210 -35.57 -66.50 9.53
C LEU P 210 -35.80 -66.49 11.04
N THR P 211 -36.47 -65.46 11.53
CA THR P 211 -36.66 -65.30 12.96
C THR P 211 -38.10 -65.60 13.42
N GLY P 212 -39.07 -64.88 12.88
CA GLY P 212 -40.41 -65.01 13.39
C GLY P 212 -41.14 -66.26 12.96
N ALA P 213 -41.44 -66.34 11.67
CA ALA P 213 -42.29 -67.40 11.15
C ALA P 213 -41.61 -67.96 9.91
N ALA P 214 -42.33 -68.82 9.19
CA ALA P 214 -41.76 -69.54 8.05
C ALA P 214 -42.62 -69.25 6.82
N HIS P 215 -42.32 -68.14 6.14
CA HIS P 215 -43.00 -67.82 4.90
C HIS P 215 -42.99 -69.02 3.96
N MET P 216 -44.16 -69.41 3.47
CA MET P 216 -44.29 -70.71 2.83
C MET P 216 -45.14 -70.68 1.55
N SER P 217 -45.74 -69.56 1.19
CA SER P 217 -46.38 -69.40 -0.12
C SER P 217 -47.55 -70.38 -0.31
N GLY P 218 -48.55 -70.21 0.55
CA GLY P 218 -49.87 -70.70 0.24
C GLY P 218 -50.04 -72.19 0.09
N GLN P 219 -50.15 -72.62 -1.16
CA GLN P 219 -50.39 -74.03 -1.48
C GLN P 219 -49.52 -74.97 -0.68
N GLU P 220 -48.27 -74.59 -0.42
CA GLU P 220 -47.42 -75.41 0.44
C GLU P 220 -47.99 -75.49 1.85
N ALA P 221 -48.47 -74.36 2.37
CA ALA P 221 -49.08 -74.37 3.70
C ALA P 221 -50.41 -75.12 3.69
N GLU P 222 -51.05 -75.22 2.54
CA GLU P 222 -52.30 -75.96 2.47
C GLU P 222 -52.05 -77.47 2.45
N GLU P 223 -51.14 -77.94 1.59
CA GLU P 223 -50.81 -79.35 1.53
C GLU P 223 -50.09 -79.84 2.77
N LEU P 224 -49.57 -78.94 3.60
CA LEU P 224 -48.97 -79.30 4.87
C LEU P 224 -49.99 -79.43 5.99
N GLU P 225 -51.28 -79.30 5.68
CA GLU P 225 -52.36 -79.44 6.65
C GLU P 225 -52.30 -78.35 7.72
N LEU P 226 -52.06 -77.10 7.28
CA LEU P 226 -52.01 -75.97 8.19
C LEU P 226 -53.36 -75.25 8.17
N ASP P 227 -54.35 -75.89 8.77
CA ASP P 227 -55.72 -75.37 8.79
C ASP P 227 -56.08 -74.70 10.11
N TRP P 228 -55.40 -73.59 10.43
CA TRP P 228 -55.78 -72.77 11.57
C TRP P 228 -55.49 -71.32 11.17
N GLY P 229 -56.45 -70.67 10.54
CA GLY P 229 -56.27 -69.29 10.15
C GLY P 229 -56.18 -68.38 11.35
N GLN P 230 -55.76 -67.14 11.12
CA GLN P 230 -55.72 -66.15 12.18
C GLN P 230 -57.00 -65.35 12.17
N VAL P 231 -57.49 -64.98 13.35
CA VAL P 231 -58.71 -64.19 13.44
C VAL P 231 -58.52 -62.89 14.20
N GLY P 232 -57.64 -62.83 15.19
CA GLY P 232 -57.59 -61.62 16.00
C GLY P 232 -56.24 -61.42 16.65
N ARG P 233 -55.88 -60.15 16.80
CA ARG P 233 -54.64 -59.75 17.44
C ARG P 233 -54.91 -58.67 18.48
N GLY P 234 -54.25 -58.81 19.62
CA GLY P 234 -54.31 -57.80 20.67
C GLY P 234 -53.08 -57.93 21.54
N ALA P 235 -53.14 -57.28 22.70
CA ALA P 235 -51.99 -57.33 23.59
C ALA P 235 -52.45 -57.18 25.03
N LEU P 236 -51.63 -57.70 25.94
CA LEU P 236 -51.82 -57.51 27.37
C LEU P 236 -50.73 -56.57 27.87
N TRP P 237 -51.14 -55.39 28.31
CA TRP P 237 -50.22 -54.35 28.73
C TRP P 237 -50.06 -54.36 30.24
N ARG P 238 -48.87 -54.02 30.72
CA ARG P 238 -48.73 -53.59 32.09
C ARG P 238 -49.25 -52.17 32.24
N ARG P 239 -49.10 -51.36 31.19
CA ARG P 239 -49.56 -49.97 31.19
C ARG P 239 -49.82 -49.59 29.74
N ARG P 240 -51.05 -49.21 29.42
CA ARG P 240 -51.31 -48.74 28.08
C ARG P 240 -50.65 -47.38 27.87
N PRO P 241 -50.07 -47.12 26.70
CA PRO P 241 -49.35 -45.87 26.50
C PRO P 241 -50.30 -44.71 26.26
N THR P 242 -49.85 -43.52 26.65
CA THR P 242 -50.64 -42.30 26.53
C THR P 242 -50.02 -41.37 25.50
N ARG P 243 -50.84 -40.90 24.56
CA ARG P 243 -50.38 -39.97 23.55
C ARG P 243 -49.71 -38.75 24.18
N TRP P 244 -50.16 -38.36 25.37
CA TRP P 244 -49.89 -37.01 25.87
C TRP P 244 -48.58 -36.95 26.63
N LEU P 245 -48.11 -38.08 27.15
CA LEU P 245 -46.70 -38.14 27.52
C LEU P 245 -45.86 -38.07 26.25
N LEU P 246 -44.58 -37.76 26.40
CA LEU P 246 -43.74 -37.59 25.22
C LEU P 246 -43.65 -38.91 24.49
N GLY P 247 -44.27 -38.97 23.31
CA GLY P 247 -44.27 -40.17 22.50
C GLY P 247 -45.04 -41.34 23.07
N GLY P 248 -45.44 -41.29 24.33
CA GLY P 248 -46.10 -42.42 24.93
C GLY P 248 -45.18 -43.58 25.21
N LEU P 249 -43.92 -43.31 25.54
CA LEU P 249 -42.97 -44.37 25.85
C LEU P 249 -43.22 -45.02 27.21
N ASP P 250 -44.14 -44.48 28.01
CA ASP P 250 -44.45 -45.08 29.30
C ASP P 250 -45.13 -46.42 29.16
N GLY P 251 -45.83 -46.67 28.05
CA GLY P 251 -46.63 -47.87 27.91
C GLY P 251 -45.79 -49.10 27.71
N VAL P 252 -45.78 -49.97 28.72
CA VAL P 252 -44.96 -51.18 28.73
C VAL P 252 -45.89 -52.37 28.51
N LYS P 253 -45.70 -53.07 27.41
CA LYS P 253 -46.51 -54.23 27.08
C LYS P 253 -45.93 -55.47 27.77
N ASP P 254 -46.76 -56.48 27.98
CA ASP P 254 -46.29 -57.70 28.62
C ASP P 254 -46.46 -58.90 27.71
N TRP P 255 -47.56 -58.97 26.98
CA TRP P 255 -47.79 -60.10 26.09
C TRP P 255 -48.46 -59.65 24.80
N GLU P 256 -48.22 -60.39 23.73
CA GLU P 256 -48.91 -60.18 22.47
C GLU P 256 -49.76 -61.41 22.19
N LEU P 257 -51.06 -61.19 21.99
CA LEU P 257 -52.04 -62.25 21.92
C LEU P 257 -52.57 -62.34 20.50
N GLU P 258 -52.74 -63.57 20.00
CA GLU P 258 -53.51 -63.76 18.79
C GLU P 258 -54.26 -65.07 18.81
N ALA P 259 -55.35 -65.11 18.07
CA ALA P 259 -56.31 -66.20 18.11
C ALA P 259 -56.42 -66.89 16.75
N TYR P 260 -56.58 -68.21 16.77
CA TYR P 260 -56.69 -69.01 15.57
C TYR P 260 -57.86 -69.98 15.73
N ALA P 261 -58.47 -70.33 14.60
CA ALA P 261 -59.63 -71.21 14.60
C ALA P 261 -59.64 -72.06 13.34
N HIS P 262 -60.02 -73.32 13.50
CA HIS P 262 -60.01 -74.27 12.38
C HIS P 262 -61.04 -73.85 11.34
N GLU P 263 -60.58 -73.43 10.18
CA GLU P 263 -61.45 -72.81 9.19
C GLU P 263 -62.43 -73.76 8.54
N PRO P 264 -62.04 -74.99 8.16
CA PRO P 264 -63.04 -75.93 7.65
C PRO P 264 -64.17 -76.21 8.63
N LEU P 265 -63.85 -76.46 9.90
CA LEU P 265 -64.90 -76.67 10.88
C LEU P 265 -65.74 -75.43 11.08
N ALA P 266 -65.14 -74.25 10.95
CA ALA P 266 -65.93 -73.02 11.02
C ALA P 266 -66.91 -72.94 9.87
N ASN P 267 -66.47 -73.31 8.66
CA ASN P 267 -67.36 -73.20 7.52
C ASN P 267 -68.43 -74.28 7.54
N GLN P 268 -68.15 -75.40 8.19
CA GLN P 268 -69.18 -76.43 8.28
C GLN P 268 -70.18 -76.13 9.39
N LEU P 269 -69.69 -75.62 10.52
CA LEU P 269 -70.52 -75.38 11.70
C LEU P 269 -71.37 -74.12 11.53
N LEU P 270 -70.71 -72.97 11.40
CA LEU P 270 -71.42 -71.70 11.33
C LEU P 270 -71.78 -71.31 9.91
N GLY P 271 -71.31 -72.08 8.92
CA GLY P 271 -71.57 -71.73 7.54
C GLY P 271 -72.91 -72.20 7.02
N ALA P 272 -73.55 -73.14 7.72
CA ALA P 272 -74.86 -73.62 7.30
C ALA P 272 -75.99 -72.71 7.78
N LYS P 273 -75.82 -72.06 8.92
CA LYS P 273 -76.85 -71.21 9.49
C LYS P 273 -76.60 -69.74 9.19
N TYR P 274 -75.45 -69.20 9.61
CA TYR P 274 -75.20 -67.77 9.55
C TYR P 274 -74.69 -67.30 8.21
N GLY P 275 -74.40 -68.21 7.28
CA GLY P 275 -73.86 -67.81 6.00
C GLY P 275 -74.94 -67.36 5.03
N GLY P 276 -74.60 -66.38 4.21
CA GLY P 276 -75.47 -65.90 3.16
C GLY P 276 -76.30 -64.69 3.50
N ARG P 277 -76.03 -64.03 4.63
CA ARG P 277 -76.76 -62.84 5.02
C ARG P 277 -75.84 -61.64 5.09
N ASP P 278 -76.42 -60.47 5.32
CA ASP P 278 -75.63 -59.26 5.48
C ASP P 278 -74.77 -59.37 6.73
N PRO P 279 -73.44 -59.26 6.62
CA PRO P 279 -72.60 -59.47 7.81
C PRO P 279 -72.94 -58.55 8.96
N ARG P 280 -73.20 -57.27 8.69
CA ARG P 280 -73.54 -56.34 9.76
C ARG P 280 -74.86 -56.70 10.41
N ALA P 281 -75.82 -57.16 9.61
CA ALA P 281 -77.10 -57.61 10.17
C ALA P 281 -76.91 -58.83 11.06
N VAL P 282 -76.05 -59.76 10.66
CA VAL P 282 -75.78 -60.92 11.51
C VAL P 282 -75.04 -60.52 12.77
N VAL P 283 -74.19 -59.49 12.67
CA VAL P 283 -73.42 -59.06 13.83
C VAL P 283 -74.30 -58.27 14.79
N ALA P 284 -75.41 -57.70 14.31
CA ALA P 284 -76.24 -56.85 15.15
C ALA P 284 -76.91 -57.61 16.28
N ASP P 285 -77.16 -58.95 16.11
CA ASP P 285 -77.94 -59.57 17.18
C ASP P 285 -77.04 -60.39 18.10
N PRO P 286 -77.38 -60.46 19.39
CA PRO P 286 -76.52 -61.18 20.34
C PRO P 286 -76.58 -62.69 20.21
N ALA P 287 -77.45 -63.23 19.36
CA ALA P 287 -77.49 -64.68 19.17
C ALA P 287 -76.18 -65.17 18.56
N TYR P 288 -75.64 -64.44 17.59
CA TYR P 288 -74.35 -64.81 17.01
C TYR P 288 -73.25 -64.77 18.05
N ALA P 289 -73.28 -63.77 18.93
CA ALA P 289 -72.26 -63.66 19.97
C ALA P 289 -72.34 -64.83 20.94
N ALA P 290 -73.55 -65.15 21.40
CA ALA P 290 -73.71 -66.31 22.27
C ALA P 290 -73.24 -67.57 21.57
N ASP P 291 -73.50 -67.68 20.27
CA ASP P 291 -73.03 -68.82 19.50
C ASP P 291 -71.51 -68.92 19.53
N VAL P 292 -70.83 -67.86 19.09
CA VAL P 292 -69.38 -67.92 18.99
C VAL P 292 -68.73 -68.07 20.36
N LEU P 293 -69.40 -67.67 21.43
CA LEU P 293 -68.83 -67.93 22.76
C LEU P 293 -69.11 -69.36 23.20
N ARG P 294 -70.19 -69.97 22.72
CA ARG P 294 -70.49 -71.33 23.13
C ARG P 294 -69.91 -72.37 22.19
N ALA P 295 -69.76 -72.04 20.91
CA ALA P 295 -69.28 -72.99 19.92
C ALA P 295 -67.76 -73.01 19.79
N GLY P 296 -67.05 -72.49 20.79
CA GLY P 296 -65.62 -72.41 20.73
C GLY P 296 -64.92 -73.74 20.64
N PRO P 297 -64.97 -74.53 21.72
CA PRO P 297 -64.19 -75.78 21.77
C PRO P 297 -64.53 -76.78 20.68
N LEU P 298 -65.53 -76.51 19.84
CA LEU P 298 -65.79 -77.39 18.70
C LEU P 298 -64.96 -76.99 17.48
N LEU P 299 -64.51 -75.75 17.42
CA LEU P 299 -63.61 -75.31 16.38
C LEU P 299 -62.14 -75.51 16.74
N GLY P 300 -61.86 -76.08 17.91
CA GLY P 300 -60.47 -76.19 18.35
C GLY P 300 -59.80 -74.84 18.48
N MET P 301 -60.52 -73.85 18.99
CA MET P 301 -59.99 -72.51 19.11
C MET P 301 -58.66 -72.51 19.87
N THR P 302 -57.72 -71.70 19.39
CA THR P 302 -56.36 -71.70 19.92
C THR P 302 -55.92 -70.26 20.16
N PHE P 303 -55.18 -70.05 21.24
CA PHE P 303 -54.70 -68.72 21.60
C PHE P 303 -53.21 -68.79 21.86
N VAL P 304 -52.47 -67.83 21.31
CA VAL P 304 -51.02 -67.79 21.41
C VAL P 304 -50.63 -66.51 22.12
N LEU P 305 -49.78 -66.65 23.13
CA LEU P 305 -49.28 -65.55 23.95
C LEU P 305 -47.78 -65.48 23.80
N ARG P 306 -47.29 -64.40 23.19
CA ARG P 306 -45.85 -64.21 23.01
C ARG P 306 -45.33 -63.16 24.00
N ALA P 307 -44.32 -63.55 24.76
CA ALA P 307 -43.76 -62.67 25.78
C ALA P 307 -43.03 -61.50 25.14
N ALA P 308 -43.61 -60.31 25.25
CA ALA P 308 -43.05 -59.11 24.64
C ALA P 308 -41.77 -58.65 25.30
N ARG P 309 -41.42 -59.20 26.45
CA ARG P 309 -40.19 -58.83 27.14
C ARG P 309 -39.87 -59.91 28.16
N ASP P 310 -38.81 -59.69 28.93
CA ASP P 310 -38.44 -60.62 29.98
C ASP P 310 -39.42 -60.54 31.13
N LEU P 311 -39.73 -61.70 31.71
CA LEU P 311 -40.74 -61.79 32.75
C LEU P 311 -40.29 -62.80 33.81
N PRO P 312 -40.27 -62.43 35.08
CA PRO P 312 -40.09 -63.43 36.14
C PRO P 312 -41.33 -64.31 36.24
N LEU P 313 -41.12 -65.57 36.60
CA LEU P 313 -42.21 -66.55 36.55
C LEU P 313 -43.27 -66.26 37.60
N GLN P 314 -42.84 -65.97 38.83
CA GLN P 314 -43.78 -65.86 39.94
C GLN P 314 -44.85 -64.81 39.68
N GLU P 315 -44.44 -63.63 39.21
CA GLU P 315 -45.40 -62.56 38.96
C GLU P 315 -46.38 -62.97 37.87
N VAL P 316 -45.91 -63.69 36.85
CA VAL P 316 -46.80 -64.13 35.79
C VAL P 316 -47.83 -65.09 36.34
N ALA P 317 -47.39 -66.05 37.15
CA ALA P 317 -48.32 -66.99 37.76
C ALA P 317 -49.37 -66.28 38.59
N SER P 318 -48.92 -65.36 39.45
CA SER P 318 -49.85 -64.65 40.31
C SER P 318 -50.84 -63.82 39.51
N SER P 319 -50.35 -63.12 38.49
CA SER P 319 -51.22 -62.28 37.67
C SER P 319 -52.25 -63.12 36.93
N TRP P 320 -51.85 -64.26 36.39
CA TRP P 320 -52.80 -65.08 35.66
C TRP P 320 -53.85 -65.68 36.59
N ARG P 321 -53.42 -66.15 37.77
CA ARG P 321 -54.39 -66.62 38.75
C ARG P 321 -55.38 -65.52 39.12
N GLY P 322 -54.86 -64.32 39.41
CA GLY P 322 -55.76 -63.23 39.73
C GLY P 322 -56.74 -62.93 38.61
N LEU P 323 -56.24 -62.90 37.37
CA LEU P 323 -57.07 -62.47 36.26
C LEU P 323 -58.02 -63.57 35.79
N LEU P 324 -57.79 -64.81 36.19
CA LEU P 324 -58.71 -65.85 35.76
C LEU P 324 -59.62 -66.35 36.86
N GLY P 325 -59.25 -66.16 38.13
CA GLY P 325 -60.14 -66.56 39.21
C GLY P 325 -61.44 -65.77 39.19
N ASN P 326 -61.36 -64.48 38.85
CA ASN P 326 -62.57 -63.67 38.78
C ASN P 326 -63.48 -64.15 37.66
N TYR P 327 -62.92 -64.57 36.54
CA TYR P 327 -63.84 -65.13 35.51
C TYR P 327 -64.37 -66.44 36.02
N LEU P 328 -63.55 -67.17 36.79
CA LEU P 328 -63.97 -68.51 37.19
C LEU P 328 -65.12 -68.45 38.18
N GLN P 329 -65.20 -67.39 38.98
CA GLN P 329 -66.29 -67.35 39.96
C GLN P 329 -67.61 -66.95 39.30
N ARG P 330 -67.62 -65.87 38.52
CA ARG P 330 -68.87 -65.41 37.92
C ARG P 330 -69.21 -66.22 36.68
N GLN P 331 -69.17 -67.54 36.78
CA GLN P 331 -69.39 -68.43 35.66
C GLN P 331 -70.68 -69.22 35.86
N ALA P 332 -71.60 -69.08 34.91
CA ALA P 332 -72.90 -69.72 34.95
C ALA P 332 -72.82 -71.12 34.37
N PRO P 333 -73.77 -71.99 34.73
CA PRO P 333 -73.83 -73.31 34.07
C PRO P 333 -73.95 -73.17 32.57
N LEU P 334 -73.13 -73.94 31.86
CA LEU P 334 -72.88 -73.73 30.44
C LEU P 334 -73.71 -74.68 29.58
N SER P 335 -73.72 -74.40 28.28
CA SER P 335 -74.35 -75.26 27.30
C SER P 335 -73.29 -76.09 26.61
N LEU P 336 -73.48 -77.41 26.58
CA LEU P 336 -72.52 -78.31 25.99
C LEU P 336 -73.19 -79.17 24.92
N PRO P 337 -72.45 -79.60 23.90
CA PRO P 337 -73.05 -80.45 22.87
C PRO P 337 -73.24 -81.87 23.38
N LYS P 338 -74.08 -82.61 22.68
CA LYS P 338 -74.41 -83.98 23.06
C LYS P 338 -73.79 -84.95 22.06
N ALA P 339 -73.16 -86.00 22.59
CA ALA P 339 -72.42 -86.96 21.78
C ALA P 339 -73.39 -87.70 20.85
N VAL P 340 -73.18 -87.56 19.54
CA VAL P 340 -74.00 -88.28 18.58
C VAL P 340 -73.47 -89.69 18.33
N ARG P 341 -72.17 -89.91 18.50
CA ARG P 341 -71.54 -91.19 18.21
C ARG P 341 -70.49 -91.51 19.26
N PRO P 342 -70.24 -92.80 19.51
CA PRO P 342 -69.22 -93.14 20.52
C PRO P 342 -67.80 -92.90 20.03
N ALA P 343 -67.53 -93.24 18.76
CA ALA P 343 -66.20 -93.02 18.14
C ALA P 343 -65.11 -93.71 18.95
N HIS P 344 -65.08 -95.03 18.84
CA HIS P 344 -64.03 -95.80 19.55
C HIS P 344 -62.71 -95.41 18.90
N LEU P 345 -61.61 -95.51 19.64
CA LEU P 345 -60.29 -95.29 19.02
C LEU P 345 -60.15 -96.36 17.93
N ASP P 346 -59.09 -96.35 17.14
CA ASP P 346 -59.05 -97.41 16.09
C ASP P 346 -57.95 -98.44 16.38
N PRO P 347 -57.84 -99.00 17.62
CA PRO P 347 -56.87 -100.03 17.96
C PRO P 347 -55.98 -100.69 16.90
N THR P 348 -56.56 -101.41 15.94
CA THR P 348 -55.71 -102.13 14.98
C THR P 348 -54.92 -101.15 14.16
N ASP P 349 -55.58 -100.11 13.61
CA ASP P 349 -54.91 -99.08 12.78
C ASP P 349 -55.03 -97.74 13.50
N LEU P 350 -54.10 -97.42 14.39
CA LEU P 350 -54.22 -96.19 15.21
C LEU P 350 -54.53 -94.97 14.31
N ASN P 351 -53.79 -94.79 13.22
CA ASN P 351 -54.00 -93.57 12.38
C ASN P 351 -55.41 -93.58 11.79
N GLY P 352 -55.81 -94.66 11.12
CA GLY P 352 -57.13 -94.73 10.46
C GLY P 352 -58.14 -93.80 11.08
N VAL P 353 -58.58 -92.79 10.34
CA VAL P 353 -59.59 -91.87 10.85
C VAL P 353 -60.91 -92.14 10.14
N ALA P 354 -62.01 -91.95 10.85
CA ALA P 354 -63.32 -92.41 10.40
C ALA P 354 -64.05 -91.44 9.49
N TRP P 355 -63.87 -90.13 9.68
CA TRP P 355 -64.71 -89.16 8.99
C TRP P 355 -64.68 -89.26 7.46
N PRO P 356 -63.57 -89.59 6.79
CA PRO P 356 -63.64 -89.71 5.33
C PRO P 356 -64.72 -90.68 4.87
N ALA P 357 -64.94 -91.74 5.64
CA ALA P 357 -66.04 -92.64 5.35
C ALA P 357 -67.37 -92.04 5.76
N LEU P 358 -67.46 -91.52 6.99
CA LEU P 358 -68.74 -91.07 7.53
C LEU P 358 -69.38 -90.02 6.64
N LEU P 359 -68.62 -89.01 6.22
CA LEU P 359 -69.22 -87.95 5.42
C LEU P 359 -69.60 -88.42 4.02
N SER P 360 -69.25 -89.64 3.65
CA SER P 360 -69.69 -90.26 2.41
C SER P 360 -70.04 -91.72 2.65
N ARG P 361 -70.69 -92.00 3.79
CA ARG P 361 -70.91 -93.37 4.20
C ARG P 361 -71.78 -94.14 3.21
N PRO P 362 -73.00 -93.71 2.89
CA PRO P 362 -73.62 -94.17 1.63
C PRO P 362 -73.42 -93.18 0.49
N ALA P 363 -72.57 -92.17 0.67
CA ALA P 363 -72.55 -90.93 -0.11
C ALA P 363 -73.84 -90.15 0.04
N ALA P 364 -74.71 -90.58 0.96
CA ALA P 364 -75.98 -89.94 1.26
C ALA P 364 -76.16 -89.91 2.78
N ALA P 365 -75.12 -89.50 3.48
CA ALA P 365 -75.04 -89.70 4.93
C ALA P 365 -76.11 -88.93 5.70
N ALA P 366 -76.97 -88.16 5.03
CA ALA P 366 -77.97 -87.38 5.73
C ALA P 366 -78.89 -88.27 6.57
N HIS P 367 -79.53 -89.26 5.94
CA HIS P 367 -80.49 -90.07 6.67
C HIS P 367 -79.80 -90.99 7.68
N ALA P 368 -78.61 -91.49 7.36
CA ALA P 368 -77.89 -92.33 8.31
C ALA P 368 -77.49 -91.53 9.54
N ALA P 369 -77.09 -90.26 9.35
CA ALA P 369 -76.79 -89.41 10.49
C ALA P 369 -78.05 -89.09 11.27
N ALA P 370 -79.18 -88.95 10.57
CA ALA P 370 -80.46 -88.78 11.26
C ALA P 370 -80.76 -89.97 12.16
N GLU P 371 -80.54 -91.18 11.64
CA GLU P 371 -80.73 -92.37 12.45
C GLU P 371 -79.74 -92.46 13.60
N ALA P 372 -78.51 -91.97 13.40
CA ALA P 372 -77.54 -91.96 14.49
C ALA P 372 -78.00 -91.01 15.60
N GLU P 373 -78.42 -89.80 15.24
CA GLU P 373 -78.87 -88.84 16.25
C GLU P 373 -80.23 -89.20 16.84
N ALA P 374 -80.99 -90.09 16.20
CA ALA P 374 -82.22 -90.57 16.81
C ALA P 374 -81.99 -91.17 18.18
N ALA P 375 -80.79 -91.71 18.42
CA ALA P 375 -80.48 -92.30 19.71
C ALA P 375 -80.22 -91.25 20.77
N GLY P 376 -79.18 -90.44 20.57
CA GLY P 376 -78.79 -89.45 21.56
C GLY P 376 -79.73 -88.27 21.70
N ALA P 377 -79.80 -87.43 20.67
CA ALA P 377 -80.63 -86.24 20.71
C ALA P 377 -80.75 -85.66 19.30
N VAL P 378 -81.68 -84.73 19.15
CA VAL P 378 -81.99 -84.11 17.87
C VAL P 378 -81.31 -82.75 17.79
N PRO P 379 -80.76 -82.37 16.63
CA PRO P 379 -80.12 -81.06 16.51
C PRO P 379 -81.11 -79.93 16.75
N ASP P 380 -80.79 -79.08 17.71
CA ASP P 380 -81.66 -78.00 18.15
C ASP P 380 -81.78 -76.87 17.15
N ASP P 381 -81.14 -76.97 15.99
CA ASP P 381 -81.10 -75.88 15.03
C ASP P 381 -80.63 -76.43 13.69
N GLU P 382 -80.25 -75.53 12.78
CA GLU P 382 -79.74 -75.93 11.49
C GLU P 382 -78.25 -76.22 11.49
N MET P 383 -77.50 -75.70 12.46
CA MET P 383 -76.07 -75.97 12.50
C MET P 383 -75.78 -77.45 12.70
N GLY P 384 -76.65 -78.14 13.44
CA GLY P 384 -76.49 -79.56 13.69
C GLY P 384 -76.10 -79.90 15.11
N VAL P 385 -76.01 -78.94 15.99
CA VAL P 385 -75.60 -79.19 17.37
C VAL P 385 -76.83 -79.39 18.23
N ALA P 386 -76.86 -80.49 18.98
CA ALA P 386 -77.87 -80.73 19.99
C ALA P 386 -77.28 -80.31 21.33
N TRP P 387 -77.58 -79.08 21.72
CA TRP P 387 -76.94 -78.50 22.90
C TRP P 387 -77.51 -79.09 24.19
N ARG P 388 -76.91 -78.68 25.31
CA ARG P 388 -77.32 -79.17 26.62
C ARG P 388 -76.76 -78.24 27.68
N VAL P 389 -77.64 -77.57 28.42
CA VAL P 389 -77.23 -76.68 29.49
C VAL P 389 -76.75 -77.52 30.67
N GLN P 390 -75.71 -77.03 31.36
CA GLN P 390 -75.22 -77.73 32.54
C GLN P 390 -76.34 -77.88 33.57
N SER P 391 -76.31 -79.00 34.28
CA SER P 391 -77.37 -79.32 35.24
C SER P 391 -77.18 -78.50 36.52
N GLY P 392 -78.08 -78.69 37.49
CA GLY P 392 -77.93 -78.07 38.78
C GLY P 392 -76.65 -78.51 39.46
N LYS P 393 -76.29 -79.78 39.26
CA LYS P 393 -74.98 -80.28 39.65
C LYS P 393 -74.04 -80.07 38.46
N GLU P 394 -72.80 -80.54 38.58
CA GLU P 394 -71.73 -80.43 37.59
C GLU P 394 -71.36 -78.99 37.30
N ALA P 395 -72.02 -78.02 37.93
CA ALA P 395 -71.69 -76.61 37.80
C ALA P 395 -71.13 -76.03 39.07
N ALA P 396 -70.97 -76.83 40.12
CA ALA P 396 -70.40 -76.40 41.39
C ALA P 396 -69.15 -77.16 41.78
N ALA P 397 -69.13 -78.48 41.55
CA ALA P 397 -67.92 -79.25 41.80
C ALA P 397 -66.87 -78.98 40.74
N SER P 398 -67.31 -78.77 39.49
CA SER P 398 -66.38 -78.49 38.41
C SER P 398 -65.60 -77.21 38.69
N VAL P 399 -66.31 -76.13 39.06
CA VAL P 399 -65.63 -74.88 39.34
C VAL P 399 -64.74 -75.00 40.58
N ALA P 400 -65.14 -75.87 41.52
CA ALA P 400 -64.32 -76.08 42.71
C ALA P 400 -63.01 -76.76 42.35
N ALA P 401 -63.08 -77.81 41.53
CA ALA P 401 -61.86 -78.48 41.09
C ALA P 401 -61.01 -77.56 40.23
N ALA P 402 -61.63 -76.70 39.43
CA ALA P 402 -60.86 -75.75 38.63
C ALA P 402 -60.12 -74.76 39.53
N GLN P 403 -60.81 -74.22 40.54
CA GLN P 403 -60.15 -73.34 41.50
C GLN P 403 -59.04 -74.09 42.25
N GLN P 404 -59.24 -75.37 42.51
CA GLN P 404 -58.19 -76.18 43.12
C GLN P 404 -56.97 -76.26 42.22
N LEU P 405 -57.19 -76.49 40.92
CA LEU P 405 -56.09 -76.52 39.96
C LEU P 405 -55.36 -75.18 39.94
N LEU P 406 -56.10 -74.08 39.90
CA LEU P 406 -55.48 -72.77 39.92
C LEU P 406 -54.67 -72.53 41.19
N GLN P 407 -55.18 -72.95 42.35
CA GLN P 407 -54.50 -72.73 43.61
C GLN P 407 -53.22 -73.54 43.74
N SER P 408 -52.95 -74.44 42.79
CA SER P 408 -51.75 -75.26 42.82
C SER P 408 -50.70 -74.80 41.81
N LEU P 409 -50.94 -73.67 41.17
CA LEU P 409 -50.08 -73.14 40.12
C LEU P 409 -48.77 -72.57 40.66
N PRO P 410 -48.80 -71.57 41.55
CA PRO P 410 -47.59 -70.75 41.76
C PRO P 410 -46.41 -71.52 42.33
N ASP P 411 -46.65 -72.66 42.98
CA ASP P 411 -45.52 -73.43 43.52
C ASP P 411 -45.31 -74.74 42.80
N ALA P 412 -46.22 -75.12 41.89
CA ALA P 412 -45.91 -76.23 41.01
C ALA P 412 -44.77 -75.87 40.08
N LEU P 413 -44.87 -74.72 39.40
CA LEU P 413 -43.78 -74.26 38.56
C LEU P 413 -42.57 -73.89 39.41
N CYS P 414 -42.81 -73.40 40.62
CA CYS P 414 -41.76 -72.95 41.52
C CYS P 414 -41.86 -73.72 42.84
N PRO P 415 -41.45 -74.99 42.85
CA PRO P 415 -41.36 -75.71 44.13
C PRO P 415 -40.02 -75.44 44.80
N GLY P 416 -40.09 -75.05 46.08
CA GLY P 416 -38.91 -74.73 46.82
C GLY P 416 -38.29 -73.42 46.37
N PRO P 417 -37.31 -72.92 47.13
CA PRO P 417 -36.72 -71.61 46.82
C PRO P 417 -35.59 -71.64 45.81
N SER P 418 -34.97 -72.79 45.58
CA SER P 418 -33.87 -72.90 44.62
C SER P 418 -34.45 -73.18 43.24
N PRO P 419 -34.38 -72.23 42.30
CA PRO P 419 -34.94 -72.47 40.97
C PRO P 419 -34.27 -73.60 40.23
N ALA P 420 -33.07 -74.01 40.65
CA ALA P 420 -32.32 -75.01 39.91
C ALA P 420 -33.08 -76.33 39.77
N ALA P 421 -34.01 -76.60 40.68
CA ALA P 421 -34.80 -77.82 40.62
C ALA P 421 -36.13 -77.63 39.92
N TRP P 422 -36.45 -76.41 39.51
CA TRP P 422 -37.73 -76.15 38.88
C TRP P 422 -37.77 -76.77 37.50
N PRO P 423 -38.95 -77.11 36.99
CA PRO P 423 -39.01 -77.85 35.72
C PRO P 423 -38.49 -77.06 34.53
N LEU P 424 -38.86 -75.79 34.41
CA LEU P 424 -38.41 -74.99 33.27
C LEU P 424 -36.92 -74.72 33.31
N THR P 425 -36.28 -74.82 34.47
CA THR P 425 -34.82 -74.76 34.51
C THR P 425 -34.25 -76.03 33.88
N GLY P 426 -33.35 -75.86 32.93
CA GLY P 426 -32.86 -76.98 32.15
C GLY P 426 -33.33 -76.96 30.72
N THR P 427 -33.94 -75.88 30.27
CA THR P 427 -34.30 -75.68 28.88
C THR P 427 -34.36 -74.20 28.59
N LYS P 428 -34.13 -73.85 27.34
CA LYS P 428 -33.94 -72.46 26.90
C LYS P 428 -35.19 -71.61 27.06
N LEU P 429 -36.33 -72.10 27.55
CA LEU P 429 -37.51 -71.25 27.68
C LEU P 429 -37.30 -70.14 28.70
N VAL P 430 -36.50 -70.39 29.72
CA VAL P 430 -36.20 -69.39 30.73
C VAL P 430 -34.71 -69.14 30.72
N ASP P 431 -34.33 -68.04 31.36
CA ASP P 431 -32.92 -67.72 31.53
C ASP P 431 -32.19 -68.89 32.18
N GLU P 432 -30.87 -68.96 31.97
CA GLU P 432 -30.08 -69.98 32.66
C GLU P 432 -30.26 -69.92 34.17
N GLY P 433 -30.57 -68.74 34.73
CA GLY P 433 -30.82 -68.65 36.15
C GLY P 433 -32.14 -69.28 36.56
N GLY P 434 -33.02 -69.54 35.61
CA GLY P 434 -34.30 -70.11 35.91
C GLY P 434 -35.31 -69.17 36.53
N ARG P 435 -34.99 -67.88 36.63
CA ARG P 435 -35.84 -66.95 37.34
C ARG P 435 -36.61 -65.99 36.44
N ASN P 436 -36.31 -65.95 35.14
CA ASN P 436 -37.02 -65.07 34.23
C ASN P 436 -37.31 -65.79 32.93
N TRP P 437 -38.46 -65.47 32.36
CA TRP P 437 -38.90 -66.07 31.10
C TRP P 437 -38.32 -65.25 29.96
N ARG P 438 -37.62 -65.93 29.05
CA ARG P 438 -36.90 -65.26 27.98
C ARG P 438 -37.84 -64.58 27.00
N ARG P 439 -37.47 -63.39 26.55
CA ARG P 439 -38.29 -62.66 25.60
C ARG P 439 -38.38 -63.42 24.28
N GLY P 440 -39.59 -63.50 23.73
CA GLY P 440 -39.82 -64.18 22.49
C GLY P 440 -40.44 -65.55 22.62
N GLY P 441 -40.27 -66.21 23.76
CA GLY P 441 -40.95 -67.46 23.99
C GLY P 441 -42.45 -67.28 24.03
N SER P 442 -43.17 -68.29 23.54
CA SER P 442 -44.62 -68.16 23.42
C SER P 442 -45.29 -69.41 23.96
N VAL P 443 -46.51 -69.20 24.47
CA VAL P 443 -47.35 -70.25 25.02
C VAL P 443 -48.56 -70.45 24.13
N TRP P 444 -48.90 -71.70 23.87
CA TRP P 444 -50.01 -72.08 23.00
C TRP P 444 -51.03 -72.79 23.86
N VAL P 445 -52.29 -72.35 23.81
CA VAL P 445 -53.38 -72.99 24.52
C VAL P 445 -54.48 -73.33 23.53
N THR P 446 -54.82 -74.61 23.41
CA THR P 446 -55.89 -75.04 22.54
C THR P 446 -56.95 -75.78 23.34
N LEU P 447 -58.20 -75.67 22.88
CA LEU P 447 -59.36 -76.16 23.60
C LEU P 447 -60.05 -77.22 22.76
N GLN P 448 -60.11 -78.43 23.28
CA GLN P 448 -60.87 -79.53 22.74
C GLN P 448 -62.28 -79.53 23.32
N PRO P 449 -63.24 -80.18 22.66
CA PRO P 449 -64.64 -80.05 23.07
C PRO P 449 -64.97 -80.44 24.50
N GLU P 450 -64.77 -81.71 24.88
CA GLU P 450 -65.32 -82.20 26.15
C GLU P 450 -64.41 -81.80 27.31
N GLY P 451 -64.19 -80.50 27.43
CA GLY P 451 -63.42 -79.98 28.55
C GLY P 451 -61.95 -80.33 28.52
N GLY P 452 -61.31 -80.28 27.35
CA GLY P 452 -59.89 -80.58 27.24
C GLY P 452 -59.09 -79.34 26.93
N VAL P 453 -57.98 -79.16 27.64
CA VAL P 453 -57.07 -78.05 27.44
C VAL P 453 -55.69 -78.61 27.19
N LEU P 454 -55.04 -78.16 26.12
CA LEU P 454 -53.69 -78.58 25.77
C LEU P 454 -52.80 -77.35 25.71
N VAL P 455 -51.71 -77.36 26.47
CA VAL P 455 -50.80 -76.23 26.54
C VAL P 455 -49.40 -76.68 26.12
N GLN P 456 -48.78 -75.85 25.28
CA GLN P 456 -47.45 -76.12 24.78
C GLN P 456 -46.64 -74.83 24.84
N ALA P 457 -45.32 -74.96 24.70
CA ALA P 457 -44.45 -73.81 24.73
C ALA P 457 -43.46 -73.90 23.59
N GLN P 458 -43.02 -72.74 23.12
CA GLN P 458 -42.12 -72.67 21.99
C GLN P 458 -41.12 -71.54 22.22
N THR P 459 -39.84 -71.86 22.10
CA THR P 459 -38.81 -70.85 22.26
C THR P 459 -38.85 -69.86 21.10
N GLY P 460 -38.20 -68.71 21.31
CA GLY P 460 -38.12 -67.71 20.27
C GLY P 460 -36.74 -67.63 19.64
N GLY P 461 -36.72 -67.18 18.39
CA GLY P 461 -35.49 -67.02 17.66
C GLY P 461 -35.50 -67.68 16.30
N VAL P 462 -34.31 -68.10 15.86
CA VAL P 462 -34.13 -68.64 14.53
C VAL P 462 -34.94 -69.91 14.36
N VAL P 463 -35.66 -70.00 13.24
CA VAL P 463 -36.57 -71.12 12.99
C VAL P 463 -35.83 -72.44 12.97
N GLY P 464 -34.53 -72.42 12.71
CA GLY P 464 -33.79 -73.67 12.62
C GLY P 464 -33.50 -74.33 13.94
N GLU P 465 -33.41 -73.55 15.02
CA GLU P 465 -33.06 -74.09 16.33
C GLU P 465 -34.19 -74.04 17.33
N GLN P 466 -35.39 -73.65 16.89
CA GLN P 466 -36.52 -73.56 17.81
C GLN P 466 -36.87 -74.93 18.37
N GLU P 467 -37.44 -74.91 19.58
CA GLU P 467 -37.90 -76.12 20.25
C GLU P 467 -39.40 -76.03 20.47
N SER P 468 -40.00 -77.16 20.83
CA SER P 468 -41.40 -77.22 21.19
C SER P 468 -41.59 -78.20 22.31
N TYR P 469 -42.26 -77.77 23.38
CA TYR P 469 -42.53 -78.62 24.52
C TYR P 469 -44.03 -78.74 24.73
N LEU P 470 -44.45 -79.96 25.08
CA LEU P 470 -45.83 -80.23 25.47
C LEU P 470 -45.89 -80.24 26.99
N LEU P 471 -46.61 -79.28 27.57
CA LEU P 471 -46.55 -79.08 29.00
C LEU P 471 -47.50 -79.97 29.77
N THR P 472 -48.81 -79.87 29.50
CA THR P 472 -49.79 -80.73 30.14
C THR P 472 -51.04 -80.78 29.29
N HIS P 473 -51.70 -81.95 29.31
CA HIS P 473 -52.96 -82.13 28.59
C HIS P 473 -54.00 -82.54 29.64
N VAL P 474 -54.65 -81.55 30.23
CA VAL P 474 -55.65 -81.80 31.26
C VAL P 474 -56.95 -82.22 30.57
N GLN P 475 -57.90 -82.72 31.36
CA GLN P 475 -59.17 -83.16 30.83
C GLN P 475 -60.28 -82.96 31.86
N GLY P 476 -61.50 -82.76 31.36
CA GLY P 476 -62.68 -82.73 32.19
C GLY P 476 -63.03 -81.40 32.80
N GLN P 477 -62.19 -80.37 32.63
CA GLN P 477 -62.46 -79.07 33.24
C GLN P 477 -63.26 -78.22 32.26
N GLU P 478 -64.58 -78.37 32.30
CA GLU P 478 -65.45 -77.46 31.58
C GLU P 478 -65.31 -76.04 32.10
N ALA P 479 -65.06 -75.90 33.40
CA ALA P 479 -64.91 -74.57 34.00
C ALA P 479 -63.74 -73.82 33.37
N LEU P 480 -62.58 -74.48 33.26
CA LEU P 480 -61.43 -73.80 32.68
C LEU P 480 -61.68 -73.41 31.23
N ALA P 481 -62.29 -74.32 30.46
CA ALA P 481 -62.58 -74.03 29.06
C ALA P 481 -63.49 -72.82 28.93
N GLY P 482 -64.61 -72.83 29.67
CA GLY P 482 -65.52 -71.69 29.60
C GLY P 482 -64.89 -70.41 30.10
N ALA P 483 -64.06 -70.50 31.14
CA ALA P 483 -63.44 -69.31 31.70
C ALA P 483 -62.47 -68.68 30.72
N VAL P 484 -61.64 -69.48 30.05
CA VAL P 484 -60.71 -68.89 29.09
C VAL P 484 -61.44 -68.42 27.84
N MET P 485 -62.43 -69.19 27.39
CA MET P 485 -63.19 -68.78 26.21
C MET P 485 -63.87 -67.43 26.45
N SER P 486 -64.35 -67.20 27.68
CA SER P 486 -64.94 -65.90 28.01
C SER P 486 -63.89 -64.83 28.23
N ALA P 487 -62.76 -65.17 28.86
CA ALA P 487 -61.69 -64.20 29.07
C ALA P 487 -61.18 -63.63 27.77
N PHE P 488 -61.22 -64.41 26.69
CA PHE P 488 -60.78 -63.88 25.40
C PHE P 488 -61.92 -63.37 24.53
N MET P 489 -63.10 -64.00 24.59
CA MET P 489 -64.20 -63.65 23.71
C MET P 489 -65.52 -63.40 24.42
N GLY P 490 -65.52 -63.30 25.75
CA GLY P 490 -66.75 -63.11 26.47
C GLY P 490 -67.21 -61.67 26.50
N PRO P 491 -68.25 -61.30 27.28
CA PRO P 491 -68.78 -59.95 27.25
C PRO P 491 -67.75 -58.97 27.79
N GLN P 492 -66.98 -59.40 28.78
CA GLN P 492 -65.92 -58.53 29.34
C GLN P 492 -64.58 -59.30 29.25
N PRO P 493 -63.80 -59.15 28.16
CA PRO P 493 -62.58 -59.90 28.00
C PRO P 493 -61.37 -59.15 28.50
N LEU P 494 -60.18 -59.60 28.10
CA LEU P 494 -58.93 -58.92 28.51
C LEU P 494 -58.60 -57.80 27.51
N ASP P 495 -59.14 -57.85 26.28
CA ASP P 495 -58.99 -56.74 25.34
C ASP P 495 -60.14 -56.82 24.35
N PRO P 496 -60.92 -55.75 24.20
CA PRO P 496 -62.20 -55.86 23.47
C PRO P 496 -62.04 -56.00 21.96
N GLU P 497 -61.18 -55.20 21.34
CA GLU P 497 -61.10 -55.23 19.88
C GLU P 497 -60.61 -56.58 19.38
N LEU P 498 -59.83 -57.29 20.21
CA LEU P 498 -59.46 -58.65 19.85
C LEU P 498 -60.70 -59.49 19.57
N ALA P 499 -61.62 -59.56 20.53
CA ALA P 499 -62.79 -60.43 20.37
C ALA P 499 -63.73 -59.88 19.32
N ALA P 500 -63.82 -58.57 19.17
CA ALA P 500 -64.65 -58.00 18.12
C ALA P 500 -64.16 -58.42 16.74
N ALA P 501 -62.86 -58.23 16.47
CA ALA P 501 -62.29 -58.64 15.21
C ALA P 501 -62.37 -60.15 15.02
N ALA P 502 -62.24 -60.90 16.12
CA ALA P 502 -62.39 -62.34 16.05
C ALA P 502 -63.76 -62.73 15.53
N ARG P 503 -64.81 -62.17 16.13
CA ARG P 503 -66.15 -62.49 15.66
C ARG P 503 -66.33 -62.07 14.21
N SER P 504 -65.79 -60.92 13.83
CA SER P 504 -65.96 -60.45 12.46
C SER P 504 -65.31 -61.40 11.46
N VAL P 505 -63.99 -61.58 11.55
CA VAL P 505 -63.35 -62.42 10.54
C VAL P 505 -63.60 -63.89 10.83
N LEU P 506 -64.39 -64.22 11.85
CA LEU P 506 -64.89 -65.58 11.98
C LEU P 506 -66.19 -65.75 11.21
N LEU P 507 -66.96 -64.68 11.12
CA LEU P 507 -68.05 -64.65 10.15
C LEU P 507 -67.50 -64.73 8.73
N VAL P 508 -66.33 -64.16 8.50
CA VAL P 508 -65.76 -64.09 7.15
C VAL P 508 -65.71 -65.45 6.44
N PRO P 509 -65.09 -66.49 6.99
CA PRO P 509 -64.95 -67.74 6.21
C PRO P 509 -66.22 -68.56 6.15
N ALA P 510 -67.19 -68.31 7.03
CA ALA P 510 -68.46 -69.01 6.97
C ALA P 510 -69.19 -68.74 5.67
N ASN P 511 -68.79 -67.72 4.92
CA ASN P 511 -69.39 -67.42 3.62
C ASN P 511 -68.68 -68.15 2.49
N GLY P 512 -67.88 -69.16 2.82
CA GLY P 512 -67.22 -69.96 1.80
C GLY P 512 -65.73 -69.73 1.71
N PHE P 513 -65.30 -68.49 1.89
CA PHE P 513 -63.90 -68.14 1.72
C PHE P 513 -63.09 -68.53 2.95
N THR P 514 -61.87 -68.03 3.01
CA THR P 514 -60.99 -68.18 4.16
C THR P 514 -60.10 -66.96 4.28
N ALA P 515 -59.76 -66.59 5.51
CA ALA P 515 -58.73 -65.58 5.71
C ALA P 515 -57.41 -66.12 5.19
N ALA P 516 -56.51 -65.22 4.81
CA ALA P 516 -55.24 -65.64 4.25
C ALA P 516 -55.50 -66.51 3.02
N ASN P 517 -55.91 -65.88 1.91
CA ASN P 517 -56.67 -66.56 0.88
C ASN P 517 -55.86 -67.66 0.20
N LYS P 518 -55.85 -68.85 0.80
CA LYS P 518 -55.09 -69.98 0.28
C LYS P 518 -55.85 -70.74 -0.79
N GLU P 519 -56.47 -70.03 -1.71
CA GLU P 519 -56.95 -70.64 -2.94
C GLU P 519 -56.82 -69.68 -4.11
N ARG P 520 -56.29 -68.48 -3.90
CA ARG P 520 -56.16 -67.46 -4.92
C ARG P 520 -57.48 -67.26 -5.67
N ASP P 521 -58.54 -67.02 -4.88
CA ASP P 521 -59.87 -66.80 -5.42
C ASP P 521 -60.02 -65.33 -5.81
N PRO P 522 -60.34 -65.02 -7.06
CA PRO P 522 -60.39 -63.62 -7.48
C PRO P 522 -61.48 -62.80 -6.82
N ASN P 523 -62.28 -63.38 -5.93
CA ASN P 523 -63.35 -62.64 -5.25
C ASN P 523 -63.26 -62.75 -3.75
N HIS P 524 -62.06 -62.88 -3.20
CA HIS P 524 -61.92 -62.82 -1.75
C HIS P 524 -62.23 -61.41 -1.26
N PRO P 525 -62.90 -61.27 -0.12
CA PRO P 525 -63.25 -59.93 0.35
C PRO P 525 -62.05 -59.10 0.76
N LEU P 526 -61.06 -59.70 1.43
CA LEU P 526 -59.90 -58.97 1.91
C LEU P 526 -58.81 -58.85 0.86
N TYR P 527 -58.24 -59.98 0.43
CA TYR P 527 -57.08 -60.01 -0.45
C TYR P 527 -57.44 -60.80 -1.70
N PRO P 528 -57.98 -60.14 -2.71
CA PRO P 528 -58.26 -60.83 -3.98
C PRO P 528 -56.96 -61.28 -4.62
N SER P 529 -57.10 -62.02 -5.71
CA SER P 529 -55.96 -62.39 -6.54
C SER P 529 -56.20 -61.95 -7.96
N PHE P 530 -55.36 -61.04 -8.45
CA PHE P 530 -55.51 -60.46 -9.76
C PHE P 530 -55.20 -61.48 -10.85
N THR P 531 -55.62 -61.17 -12.06
CA THR P 531 -55.17 -61.85 -13.25
C THR P 531 -53.96 -61.11 -13.82
N GLY P 532 -53.22 -61.77 -14.68
CA GLY P 532 -52.02 -61.16 -15.19
C GLY P 532 -52.23 -60.12 -16.28
N VAL P 533 -53.42 -60.05 -16.86
CA VAL P 533 -53.63 -59.25 -18.06
C VAL P 533 -53.68 -57.77 -17.71
N ARG P 534 -53.25 -56.93 -18.65
CA ARG P 534 -53.34 -55.48 -18.49
C ARG P 534 -54.68 -54.99 -19.00
N PRO P 535 -55.24 -53.95 -18.37
CA PRO P 535 -56.52 -53.41 -18.83
C PRO P 535 -56.36 -52.70 -20.17
N GLY P 536 -57.02 -53.23 -21.19
CA GLY P 536 -56.80 -52.76 -22.54
C GLY P 536 -57.25 -51.32 -22.73
N ARG P 537 -56.40 -50.55 -23.41
CA ARG P 537 -56.65 -49.14 -23.70
C ARG P 537 -57.00 -48.99 -25.16
N ALA P 538 -58.19 -48.47 -25.43
CA ALA P 538 -58.67 -48.40 -26.81
C ALA P 538 -57.88 -47.36 -27.60
N PRO P 539 -57.55 -47.64 -28.86
CA PRO P 539 -56.83 -46.67 -29.69
C PRO P 539 -57.78 -45.82 -30.53
N ARG P 540 -57.26 -44.66 -30.97
CA ARG P 540 -58.07 -43.77 -31.79
C ARG P 540 -57.94 -44.07 -33.27
N ASP P 541 -56.72 -44.33 -33.75
CA ASP P 541 -56.54 -44.67 -35.16
C ASP P 541 -57.11 -46.05 -35.44
N VAL P 542 -57.90 -46.17 -36.49
CA VAL P 542 -58.54 -47.45 -36.83
C VAL P 542 -57.50 -48.22 -37.65
N ALA P 543 -56.60 -48.87 -36.94
CA ALA P 543 -55.62 -49.76 -37.54
C ALA P 543 -55.52 -51.10 -36.84
N ALA P 544 -55.75 -51.16 -35.54
CA ALA P 544 -55.78 -52.44 -34.83
C ALA P 544 -57.15 -53.08 -34.86
N TYR P 545 -58.17 -52.37 -35.35
CA TYR P 545 -59.50 -52.95 -35.52
C TYR P 545 -59.41 -53.90 -36.72
N THR P 546 -59.08 -55.15 -36.41
CA THR P 546 -58.68 -56.08 -37.46
C THR P 546 -59.86 -56.64 -38.22
N LEU P 547 -60.84 -57.21 -37.50
CA LEU P 547 -62.01 -57.92 -38.04
C LEU P 547 -61.62 -59.23 -38.70
N ALA P 548 -60.34 -59.56 -38.78
CA ALA P 548 -59.92 -60.84 -39.30
C ALA P 548 -59.93 -61.94 -38.24
N GLY P 549 -60.19 -61.60 -36.98
CA GLY P 549 -60.23 -62.62 -35.95
C GLY P 549 -61.36 -63.61 -36.19
N GLY P 550 -61.13 -64.85 -35.77
CA GLY P 550 -62.06 -65.91 -36.05
C GLY P 550 -63.38 -65.81 -35.32
N ARG P 551 -63.36 -65.95 -34.00
CA ARG P 551 -64.59 -65.94 -33.21
C ARG P 551 -64.36 -65.13 -31.94
N THR P 552 -65.31 -64.25 -31.64
CA THR P 552 -65.26 -63.39 -30.48
C THR P 552 -66.32 -63.83 -29.48
N PRO P 553 -65.96 -64.00 -28.21
CA PRO P 553 -66.96 -64.37 -27.21
C PRO P 553 -67.97 -63.25 -27.03
N LEU P 554 -69.19 -63.62 -26.67
CA LEU P 554 -70.26 -62.65 -26.50
C LEU P 554 -70.21 -62.10 -25.08
N LEU P 555 -69.94 -60.81 -24.95
CA LEU P 555 -69.87 -60.13 -23.66
C LEU P 555 -70.86 -58.98 -23.56
N ALA P 556 -71.88 -58.96 -24.41
CA ALA P 556 -72.92 -57.96 -24.27
C ALA P 556 -73.95 -58.42 -23.25
N ALA P 557 -74.65 -57.45 -22.66
CA ALA P 557 -75.60 -57.72 -21.60
C ALA P 557 -76.92 -58.21 -22.21
N GLY P 558 -77.98 -58.20 -21.40
CA GLY P 558 -79.27 -58.71 -21.83
C GLY P 558 -79.75 -58.07 -23.11
N GLY P 559 -79.76 -58.84 -24.19
CA GLY P 559 -80.15 -58.35 -25.48
C GLY P 559 -81.09 -59.29 -26.19
N PRO P 560 -81.39 -59.00 -27.45
CA PRO P 560 -82.35 -59.82 -28.18
C PRO P 560 -81.83 -61.22 -28.47
N GLY P 561 -80.55 -61.32 -28.88
CA GLY P 561 -79.98 -62.62 -29.17
C GLY P 561 -79.84 -63.51 -27.96
N GLU P 562 -79.40 -62.95 -26.83
CA GLU P 562 -79.34 -63.69 -25.59
C GLU P 562 -80.70 -64.23 -25.18
N ALA P 563 -81.77 -63.50 -25.49
CA ALA P 563 -83.11 -63.94 -25.14
C ALA P 563 -83.47 -65.24 -25.84
N LYS P 564 -83.34 -65.28 -27.17
CA LYS P 564 -83.64 -66.52 -27.89
C LYS P 564 -82.65 -67.61 -27.55
N LEU P 565 -81.38 -67.26 -27.27
CA LEU P 565 -80.42 -68.24 -26.80
C LEU P 565 -80.96 -68.96 -25.57
N ALA P 566 -81.28 -68.19 -24.52
CA ALA P 566 -81.86 -68.76 -23.32
C ALA P 566 -83.15 -69.51 -23.62
N SER P 567 -83.90 -69.06 -24.63
CA SER P 567 -85.15 -69.74 -24.98
C SER P 567 -84.91 -71.16 -25.47
N GLU P 568 -84.08 -71.32 -26.51
CA GLU P 568 -83.84 -72.67 -27.03
C GLU P 568 -83.11 -73.54 -26.01
N LEU P 569 -82.17 -72.96 -25.26
CA LEU P 569 -81.47 -73.76 -24.27
C LEU P 569 -82.42 -74.18 -23.15
N ARG P 570 -83.36 -73.33 -22.79
CA ARG P 570 -84.36 -73.68 -21.79
C ARG P 570 -85.27 -74.79 -22.29
N THR P 571 -85.67 -74.71 -23.57
CA THR P 571 -86.48 -75.78 -24.14
C THR P 571 -85.76 -77.12 -24.05
N VAL P 572 -84.48 -77.14 -24.42
CA VAL P 572 -83.78 -78.42 -24.43
C VAL P 572 -83.52 -78.92 -23.02
N MET P 573 -83.30 -78.04 -22.02
CA MET P 573 -83.14 -78.57 -20.67
C MET P 573 -84.49 -78.97 -20.08
N GLU P 574 -85.59 -78.40 -20.58
CA GLU P 574 -86.91 -78.93 -20.25
C GLU P 574 -87.03 -80.37 -20.72
N ALA P 575 -86.67 -80.63 -21.97
CA ALA P 575 -86.66 -82.00 -22.48
C ALA P 575 -85.75 -82.89 -21.63
N ALA P 576 -84.60 -82.36 -21.22
CA ALA P 576 -83.65 -83.13 -20.41
C ALA P 576 -84.22 -83.47 -19.05
N LEU P 577 -84.86 -82.51 -18.38
CA LEU P 577 -85.47 -82.76 -17.09
C LEU P 577 -86.63 -83.74 -17.22
N ALA P 578 -87.36 -83.68 -18.33
CA ALA P 578 -88.41 -84.66 -18.55
C ALA P 578 -87.85 -86.07 -18.72
N ALA P 579 -86.72 -86.18 -19.44
CA ALA P 579 -86.09 -87.49 -19.58
C ALA P 579 -85.58 -87.99 -18.23
N ALA P 580 -85.04 -87.10 -17.41
CA ALA P 580 -84.60 -87.50 -16.07
C ALA P 580 -85.80 -87.93 -15.22
N ALA P 581 -86.95 -87.29 -15.42
CA ALA P 581 -88.14 -87.64 -14.65
C ALA P 581 -88.64 -89.03 -15.03
N ARG P 582 -88.70 -89.32 -16.33
CA ARG P 582 -89.12 -90.65 -16.74
C ARG P 582 -88.08 -91.69 -16.38
N ALA P 583 -86.80 -91.30 -16.31
CA ALA P 583 -85.77 -92.20 -15.80
C ALA P 583 -86.05 -92.54 -14.34
N GLU P 584 -86.35 -91.53 -13.51
CA GLU P 584 -86.82 -91.77 -12.15
C GLU P 584 -87.96 -92.77 -12.13
N ALA P 585 -88.96 -92.54 -12.99
CA ALA P 585 -90.16 -93.37 -13.01
C ALA P 585 -89.82 -94.83 -13.30
N GLU P 586 -89.26 -95.11 -14.47
CA GLU P 586 -88.97 -96.49 -14.81
C GLU P 586 -87.92 -97.13 -13.90
N ALA P 587 -87.00 -96.34 -13.33
CA ALA P 587 -86.05 -96.90 -12.39
C ALA P 587 -86.76 -97.42 -11.14
N LEU P 588 -87.60 -96.58 -10.51
CA LEU P 588 -88.33 -97.06 -9.34
C LEU P 588 -89.31 -98.16 -9.73
N ALA P 589 -89.80 -98.14 -10.97
CA ALA P 589 -90.72 -99.18 -11.42
C ALA P 589 -90.05 -100.54 -11.47
N ASP P 590 -88.90 -100.64 -12.14
CA ASP P 590 -88.18 -101.90 -12.20
C ASP P 590 -87.61 -102.27 -10.84
N ALA P 591 -87.39 -101.28 -9.98
CA ALA P 591 -86.97 -101.57 -8.61
C ALA P 591 -88.09 -102.23 -7.81
N ALA P 592 -89.31 -101.73 -7.96
CA ALA P 592 -90.45 -102.34 -7.27
C ALA P 592 -90.78 -103.71 -7.83
N THR P 593 -90.81 -103.83 -9.16
CA THR P 593 -91.14 -105.09 -9.81
C THR P 593 -90.00 -106.11 -9.76
N SER P 594 -88.96 -105.86 -8.98
CA SER P 594 -87.88 -106.81 -8.79
C SER P 594 -88.32 -107.89 -7.82
N PRO P 595 -87.99 -109.17 -8.09
CA PRO P 595 -88.33 -110.23 -7.11
C PRO P 595 -87.46 -110.10 -5.87
N SER P 596 -87.87 -109.20 -4.98
CA SER P 596 -87.08 -108.81 -3.81
C SER P 596 -86.94 -110.00 -2.86
N SER P 597 -85.69 -110.36 -2.55
CA SER P 597 -85.39 -111.35 -1.53
C SER P 597 -85.16 -110.63 -0.21
N THR P 598 -86.24 -110.37 0.53
CA THR P 598 -86.18 -109.53 1.72
C THR P 598 -86.86 -110.25 2.88
N SER P 599 -86.10 -110.51 3.94
CA SER P 599 -86.67 -111.03 5.16
C SER P 599 -87.14 -109.87 6.04
N SER P 600 -88.29 -110.04 6.69
CA SER P 600 -88.89 -108.95 7.45
C SER P 600 -88.08 -108.70 8.72
N ARG P 601 -87.08 -107.82 8.62
CA ARG P 601 -86.30 -107.36 9.75
C ARG P 601 -85.37 -106.25 9.27
N ALA P 602 -84.59 -105.70 10.20
CA ALA P 602 -83.59 -104.67 9.91
C ALA P 602 -84.24 -103.40 9.37
N ALA P 603 -85.09 -102.79 10.21
CA ALA P 603 -85.79 -101.57 9.82
C ALA P 603 -84.86 -100.40 9.51
N PRO P 604 -83.83 -100.09 10.30
CA PRO P 604 -82.90 -99.03 9.87
C PRO P 604 -82.11 -99.43 8.63
N ALA P 605 -81.75 -100.71 8.51
CA ALA P 605 -81.11 -101.17 7.28
C ALA P 605 -82.06 -101.13 6.11
N ALA P 606 -83.35 -101.39 6.33
CA ALA P 606 -84.33 -101.26 5.26
C ALA P 606 -84.48 -99.81 4.82
N ALA P 607 -84.51 -98.89 5.79
CA ALA P 607 -84.58 -97.48 5.46
C ALA P 607 -83.36 -97.05 4.66
N LEU P 608 -82.16 -97.42 5.12
CA LEU P 608 -80.94 -97.07 4.40
C LEU P 608 -80.94 -97.67 3.00
N ALA P 609 -81.42 -98.91 2.87
CA ALA P 609 -81.43 -99.56 1.57
C ALA P 609 -82.36 -98.87 0.59
N GLU P 610 -83.60 -98.59 1.02
CA GLU P 610 -84.54 -97.94 0.11
C GLU P 610 -84.09 -96.52 -0.19
N ALA P 611 -83.47 -95.85 0.79
CA ALA P 611 -82.97 -94.50 0.56
C ALA P 611 -81.87 -94.50 -0.49
N GLU P 612 -80.88 -95.38 -0.37
CA GLU P 612 -79.86 -95.42 -1.40
C GLU P 612 -80.36 -96.00 -2.71
N ALA P 613 -81.45 -96.76 -2.70
CA ALA P 613 -82.10 -97.09 -3.96
C ALA P 613 -82.63 -95.84 -4.64
N ALA P 614 -83.29 -94.97 -3.86
CA ALA P 614 -83.68 -93.65 -4.35
C ALA P 614 -82.47 -92.88 -4.87
N GLU P 615 -81.34 -93.00 -4.18
CA GLU P 615 -80.11 -92.33 -4.62
C GLU P 615 -79.63 -92.87 -5.96
N ALA P 616 -79.68 -94.20 -6.13
CA ALA P 616 -79.32 -94.79 -7.40
C ALA P 616 -80.25 -94.34 -8.53
N ARG P 617 -81.53 -94.17 -8.21
CA ARG P 617 -82.46 -93.66 -9.23
C ARG P 617 -82.17 -92.21 -9.55
N ARG P 618 -81.78 -91.43 -8.54
CA ARG P 618 -81.30 -90.08 -8.80
C ARG P 618 -80.09 -90.11 -9.72
N ALA P 619 -79.23 -91.11 -9.54
CA ALA P 619 -78.07 -91.24 -10.42
C ALA P 619 -78.50 -91.59 -11.84
N ARG P 620 -79.52 -92.44 -11.98
CA ARG P 620 -80.07 -92.71 -13.31
C ARG P 620 -80.52 -91.42 -13.97
N GLY P 621 -81.29 -90.62 -13.24
CA GLY P 621 -81.74 -89.33 -13.79
C GLY P 621 -80.58 -88.42 -14.13
N ARG P 622 -79.57 -88.36 -13.26
CA ARG P 622 -78.42 -87.50 -13.49
C ARG P 622 -77.67 -87.92 -14.75
N ALA P 623 -77.47 -89.22 -14.93
CA ALA P 623 -76.76 -89.71 -16.11
C ALA P 623 -77.56 -89.46 -17.38
N ALA P 624 -78.87 -89.71 -17.33
CA ALA P 624 -79.70 -89.47 -18.49
C ALA P 624 -79.68 -88.00 -18.89
N ALA P 625 -79.86 -87.11 -17.91
CA ALA P 625 -79.83 -85.68 -18.18
C ALA P 625 -78.46 -85.26 -18.68
N ALA P 626 -77.40 -85.82 -18.11
CA ALA P 626 -76.06 -85.50 -18.59
C ALA P 626 -75.90 -85.85 -20.06
N ALA P 627 -76.32 -87.05 -20.45
CA ALA P 627 -76.21 -87.46 -21.85
C ALA P 627 -77.01 -86.53 -22.76
N VAL P 628 -78.30 -86.35 -22.47
CA VAL P 628 -79.15 -85.60 -23.39
C VAL P 628 -78.74 -84.13 -23.44
N MET P 629 -78.34 -83.57 -22.30
CA MET P 629 -77.98 -82.16 -22.27
C MET P 629 -76.61 -81.93 -22.88
N ALA P 630 -75.70 -82.92 -22.77
CA ALA P 630 -74.43 -82.81 -23.48
C ALA P 630 -74.66 -82.84 -24.98
N GLU P 631 -75.56 -83.69 -25.45
CA GLU P 631 -75.98 -83.64 -26.84
C GLU P 631 -76.49 -82.24 -27.19
N GLY P 632 -77.39 -81.72 -26.37
CA GLY P 632 -77.91 -80.38 -26.62
C GLY P 632 -76.82 -79.33 -26.73
N LEU P 633 -75.85 -79.38 -25.81
CA LEU P 633 -74.77 -78.38 -25.80
C LEU P 633 -73.88 -78.49 -27.03
N ARG P 634 -73.42 -79.69 -27.38
CA ARG P 634 -72.61 -79.80 -28.59
C ARG P 634 -73.43 -79.47 -29.83
N ARG P 635 -74.76 -79.45 -29.71
CA ARG P 635 -75.58 -79.03 -30.84
C ARG P 635 -75.68 -77.51 -30.93
N LEU P 636 -75.89 -76.82 -29.79
CA LEU P 636 -76.17 -75.39 -29.80
C LEU P 636 -74.97 -74.52 -30.14
N GLY P 637 -73.76 -74.90 -29.75
CA GLY P 637 -72.60 -74.07 -29.96
C GLY P 637 -71.98 -73.58 -28.67
N PRO P 638 -70.97 -72.70 -28.77
CA PRO P 638 -70.18 -72.34 -27.59
C PRO P 638 -70.86 -71.33 -26.68
N ASP P 639 -71.57 -70.34 -27.23
CA ASP P 639 -72.18 -69.31 -26.42
C ASP P 639 -73.24 -69.89 -25.48
N ALA P 640 -73.91 -70.96 -25.91
CA ALA P 640 -74.85 -71.63 -25.03
C ALA P 640 -74.14 -72.29 -23.85
N VAL P 641 -72.97 -72.88 -24.10
CA VAL P 641 -72.16 -73.40 -23.00
C VAL P 641 -71.75 -72.28 -22.07
N ALA P 642 -71.38 -71.12 -22.62
CA ALA P 642 -71.02 -69.98 -21.78
C ALA P 642 -72.21 -69.54 -20.93
N MET P 643 -73.39 -69.49 -21.52
CA MET P 643 -74.58 -69.11 -20.77
C MET P 643 -74.87 -70.08 -19.64
N LEU P 644 -74.84 -71.38 -19.94
CA LEU P 644 -75.14 -72.39 -18.92
C LEU P 644 -74.09 -72.34 -17.81
N GLU P 645 -72.82 -72.17 -18.17
CA GLU P 645 -71.75 -72.09 -17.18
C GLU P 645 -71.92 -70.87 -16.29
N ARG P 646 -72.25 -69.72 -16.88
CA ARG P 646 -72.42 -68.51 -16.11
C ARG P 646 -73.60 -68.63 -15.15
N THR P 647 -74.70 -69.24 -15.63
CA THR P 647 -75.86 -69.42 -14.76
C THR P 647 -75.54 -70.38 -13.62
N ALA P 648 -74.81 -71.46 -13.93
CA ALA P 648 -74.38 -72.37 -12.88
C ALA P 648 -73.51 -71.66 -11.85
N ALA P 649 -72.66 -70.74 -12.31
CA ALA P 649 -71.83 -69.98 -11.40
C ALA P 649 -72.68 -69.09 -10.49
N GLU P 650 -73.49 -68.21 -11.09
CA GLU P 650 -74.23 -67.23 -10.30
C GLU P 650 -75.21 -67.90 -9.35
N ALA P 651 -75.83 -69.01 -9.76
CA ALA P 651 -76.84 -69.64 -8.94
C ALA P 651 -76.26 -70.31 -7.70
N GLU P 652 -75.02 -70.77 -7.75
CA GLU P 652 -74.43 -71.50 -6.64
C GLU P 652 -74.28 -70.61 -5.42
N ALA P 653 -74.77 -71.10 -4.28
CA ALA P 653 -74.57 -70.39 -3.03
C ALA P 653 -73.08 -70.34 -2.69
N PRO P 654 -72.61 -69.22 -2.14
CA PRO P 654 -71.16 -69.08 -1.90
C PRO P 654 -70.66 -69.75 -0.64
N GLN P 655 -71.54 -70.35 0.16
CA GLN P 655 -71.16 -70.79 1.50
C GLN P 655 -71.24 -72.29 1.72
N GLY P 656 -71.89 -73.05 0.83
CA GLY P 656 -72.14 -74.44 1.08
C GLY P 656 -72.22 -75.24 -0.20
N GLY P 657 -72.47 -76.54 -0.04
CA GLY P 657 -72.50 -77.43 -1.20
C GLY P 657 -73.56 -77.04 -2.21
N GLY P 658 -74.83 -77.07 -1.80
CA GLY P 658 -75.90 -76.68 -2.69
C GLY P 658 -77.01 -75.97 -1.96
N ALA P 659 -77.31 -74.74 -2.39
CA ALA P 659 -78.34 -73.92 -1.78
C ALA P 659 -78.82 -72.86 -2.75
N VAL P 660 -79.51 -71.84 -2.22
CA VAL P 660 -80.00 -70.69 -2.98
C VAL P 660 -79.04 -70.23 -4.08
N THR P 677 -86.20 -74.19 -11.40
CA THR P 677 -85.57 -73.22 -10.51
C THR P 677 -84.05 -73.28 -10.65
N SER P 678 -83.36 -72.46 -9.85
CA SER P 678 -81.90 -72.49 -9.84
C SER P 678 -81.39 -73.84 -9.38
N SER P 679 -82.08 -74.47 -8.43
CA SER P 679 -81.69 -75.80 -8.00
C SER P 679 -81.67 -76.76 -9.18
N ASP P 680 -82.71 -76.71 -10.03
CA ASP P 680 -82.77 -77.59 -11.19
C ASP P 680 -81.61 -77.35 -12.14
N ILE P 681 -81.31 -76.09 -12.43
CA ILE P 681 -80.33 -75.80 -13.47
C ILE P 681 -78.91 -76.06 -12.97
N PHE P 682 -78.61 -75.74 -11.71
CA PHE P 682 -77.25 -76.06 -11.25
C PHE P 682 -77.11 -77.55 -10.94
N SER P 683 -78.22 -78.26 -10.70
CA SER P 683 -78.11 -79.72 -10.66
C SER P 683 -77.84 -80.28 -12.05
N LEU P 684 -78.44 -79.67 -13.09
CA LEU P 684 -78.07 -80.03 -14.45
C LEU P 684 -76.61 -79.74 -14.72
N ALA P 685 -76.10 -78.67 -14.12
CA ALA P 685 -74.67 -78.36 -14.24
C ALA P 685 -73.82 -79.42 -13.57
N ARG P 686 -74.19 -79.82 -12.35
CA ARG P 686 -73.45 -80.88 -11.66
C ARG P 686 -73.64 -82.24 -12.33
N THR P 687 -74.62 -82.36 -13.23
CA THR P 687 -74.68 -83.55 -14.07
C THR P 687 -73.72 -83.43 -15.26
N LEU P 688 -73.65 -82.23 -15.84
CA LEU P 688 -72.65 -81.95 -16.88
C LEU P 688 -71.23 -82.00 -16.35
N GLU P 689 -71.05 -82.35 -15.07
CA GLU P 689 -69.75 -82.57 -14.45
C GLU P 689 -68.77 -83.29 -15.36
N MET Q 96 -64.19 -60.93 -10.46
CA MET Q 96 -63.09 -60.00 -10.70
C MET Q 96 -62.91 -59.05 -9.52
N ALA Q 97 -61.66 -58.84 -9.12
CA ALA Q 97 -61.35 -57.92 -8.04
C ALA Q 97 -61.82 -56.51 -8.39
N LYS Q 98 -62.15 -55.74 -7.35
CA LYS Q 98 -62.70 -54.41 -7.58
C LYS Q 98 -61.72 -53.53 -8.34
N ASP Q 99 -60.44 -53.61 -8.00
CA ASP Q 99 -59.46 -52.72 -8.58
C ASP Q 99 -59.35 -52.89 -10.09
N GLU Q 100 -59.45 -54.13 -10.58
CA GLU Q 100 -59.35 -54.36 -12.01
C GLU Q 100 -60.55 -53.79 -12.74
N VAL Q 101 -61.75 -53.95 -12.15
CA VAL Q 101 -62.93 -53.34 -12.73
C VAL Q 101 -62.76 -51.83 -12.81
N LYS Q 102 -62.26 -51.22 -11.74
CA LYS Q 102 -62.05 -49.78 -11.75
C LYS Q 102 -61.06 -49.38 -12.83
N ALA Q 103 -59.97 -50.14 -12.97
CA ALA Q 103 -58.99 -49.83 -14.01
C ALA Q 103 -59.55 -50.04 -15.41
N ARG Q 104 -60.59 -50.86 -15.57
CA ARG Q 104 -61.11 -51.11 -16.90
C ARG Q 104 -62.19 -50.11 -17.31
N LEU Q 105 -62.79 -49.41 -16.35
CA LEU Q 105 -63.82 -48.42 -16.67
C LEU Q 105 -63.27 -47.03 -16.90
N ALA Q 106 -62.04 -46.75 -16.46
CA ALA Q 106 -61.55 -45.39 -16.42
C ALA Q 106 -61.63 -44.62 -17.73
N PRO Q 107 -61.27 -45.18 -18.89
CA PRO Q 107 -61.20 -44.35 -20.10
C PRO Q 107 -62.51 -43.70 -20.52
N VAL Q 108 -63.63 -44.04 -19.90
CA VAL Q 108 -64.90 -43.41 -20.28
C VAL Q 108 -65.48 -42.60 -19.13
N PRO Q 109 -65.69 -41.29 -19.32
CA PRO Q 109 -66.16 -40.42 -18.24
C PRO Q 109 -67.67 -40.23 -18.25
N VAL Q 110 -68.15 -39.55 -17.21
CA VAL Q 110 -69.52 -39.05 -17.16
C VAL Q 110 -69.50 -37.62 -16.68
N TYR Q 111 -70.65 -36.96 -16.79
CA TYR Q 111 -70.80 -35.55 -16.44
C TYR Q 111 -71.82 -35.41 -15.33
N THR Q 112 -71.56 -34.51 -14.39
CA THR Q 112 -72.48 -34.22 -13.31
C THR Q 112 -72.50 -32.72 -13.07
N VAL Q 113 -73.58 -32.23 -12.47
CA VAL Q 113 -73.68 -30.84 -12.06
C VAL Q 113 -73.60 -30.79 -10.54
N ALA Q 114 -72.89 -29.79 -10.02
CA ALA Q 114 -72.66 -29.65 -8.60
C ALA Q 114 -72.64 -28.19 -8.18
N ASN Q 115 -72.42 -27.97 -6.89
CA ASN Q 115 -72.16 -26.65 -6.36
C ASN Q 115 -70.73 -26.26 -6.69
N PRO Q 116 -70.30 -25.04 -6.33
CA PRO Q 116 -68.86 -24.78 -6.38
C PRO Q 116 -68.09 -25.55 -5.33
N LYS Q 117 -68.72 -25.90 -4.21
CA LYS Q 117 -68.05 -26.53 -3.10
C LYS Q 117 -68.00 -28.04 -3.22
N ASN Q 118 -68.12 -28.58 -4.44
CA ASN Q 118 -67.98 -30.01 -4.70
C ASN Q 118 -69.03 -30.81 -3.94
N GLU Q 119 -70.30 -30.49 -4.20
CA GLU Q 119 -71.43 -31.18 -3.62
C GLU Q 119 -72.47 -31.44 -4.69
N PHE Q 120 -72.99 -32.66 -4.72
CA PHE Q 120 -74.01 -32.98 -5.70
C PHE Q 120 -75.28 -32.20 -5.42
N VAL Q 121 -75.99 -31.83 -6.48
CA VAL Q 121 -77.31 -31.24 -6.38
C VAL Q 121 -78.34 -32.34 -6.62
N LEU Q 122 -79.26 -32.49 -5.69
CA LEU Q 122 -80.20 -33.60 -5.66
C LEU Q 122 -81.61 -33.08 -5.95
N VAL Q 123 -82.43 -33.96 -6.52
CA VAL Q 123 -83.83 -33.67 -6.80
C VAL Q 123 -84.67 -34.47 -5.82
N ALA Q 124 -84.98 -33.88 -4.67
CA ALA Q 124 -85.84 -34.53 -3.70
C ALA Q 124 -87.29 -34.39 -4.12
N GLY Q 125 -88.05 -35.49 -4.00
CA GLY Q 125 -89.44 -35.54 -4.39
C GLY Q 125 -90.32 -35.77 -3.18
N GLU Q 126 -91.05 -36.88 -3.23
CA GLU Q 126 -91.96 -37.28 -2.18
C GLU Q 126 -91.23 -38.07 -1.10
N ASN Q 127 -91.72 -37.93 0.13
CA ASN Q 127 -91.18 -38.66 1.27
C ASN Q 127 -89.67 -38.52 1.37
N ASN Q 128 -89.16 -37.33 1.10
CA ASN Q 128 -87.74 -36.97 1.26
C ASN Q 128 -86.82 -38.06 0.69
N THR Q 129 -87.18 -38.49 -0.52
CA THR Q 129 -86.34 -39.38 -1.31
C THR Q 129 -85.74 -38.59 -2.46
N GLN Q 130 -84.42 -38.69 -2.59
CA GLN Q 130 -83.64 -37.76 -3.37
C GLN Q 130 -82.89 -38.51 -4.46
N LEU Q 131 -82.93 -37.99 -5.68
CA LEU Q 131 -82.36 -38.68 -6.83
C LEU Q 131 -81.20 -37.88 -7.41
N GLY Q 132 -80.08 -38.54 -7.61
CA GLY Q 132 -78.93 -37.96 -8.27
C GLY Q 132 -78.95 -38.23 -9.76
N PHE Q 133 -77.82 -37.96 -10.40
CA PHE Q 133 -77.77 -38.13 -11.85
C PHE Q 133 -76.33 -38.17 -12.32
N PHE Q 134 -76.13 -38.86 -13.44
CA PHE Q 134 -74.86 -38.85 -14.17
C PHE Q 134 -75.19 -38.96 -15.65
N PHE Q 135 -74.74 -38.00 -16.44
CA PHE Q 135 -75.12 -37.94 -17.84
C PHE Q 135 -73.92 -38.23 -18.74
N PHE Q 136 -74.14 -39.07 -19.73
CA PHE Q 136 -73.11 -39.37 -20.72
C PHE Q 136 -72.97 -38.30 -21.78
N ARG Q 137 -73.60 -37.15 -21.60
CA ARG Q 137 -73.45 -36.04 -22.52
C ARG Q 137 -73.69 -34.73 -21.78
N LYS Q 138 -72.86 -33.74 -22.05
CA LYS Q 138 -72.93 -32.47 -21.32
C LYS Q 138 -74.20 -31.70 -21.63
N GLU Q 139 -74.82 -31.92 -22.79
CA GLU Q 139 -76.08 -31.27 -23.11
C GLU Q 139 -77.14 -31.60 -22.08
N ASP Q 140 -77.11 -32.81 -21.52
CA ASP Q 140 -78.10 -33.20 -20.51
C ASP Q 140 -77.92 -32.40 -19.22
N ALA Q 141 -76.69 -32.30 -18.72
CA ALA Q 141 -76.45 -31.46 -17.55
C ALA Q 141 -76.79 -30.00 -17.85
N GLU Q 142 -76.53 -29.56 -19.07
CA GLU Q 142 -76.87 -28.19 -19.46
C GLU Q 142 -78.37 -27.98 -19.38
N ALA Q 143 -79.16 -28.93 -19.87
CA ALA Q 143 -80.61 -28.84 -19.76
C ALA Q 143 -81.04 -28.81 -18.31
N LEU Q 144 -80.42 -29.65 -17.48
CA LEU Q 144 -80.79 -29.70 -16.08
C LEU Q 144 -80.53 -28.36 -15.41
N ILE Q 145 -79.41 -27.72 -15.72
CA ILE Q 145 -79.07 -26.46 -15.06
C ILE Q 145 -79.95 -25.32 -15.59
N GLU Q 146 -80.22 -25.31 -16.89
CA GLU Q 146 -81.07 -24.24 -17.40
C GLU Q 146 -82.53 -24.44 -17.01
N LYS Q 147 -82.91 -25.64 -16.57
CA LYS Q 147 -84.19 -25.82 -15.91
C LYS Q 147 -84.14 -25.39 -14.46
N ILE Q 148 -82.99 -25.56 -13.79
CA ILE Q 148 -82.85 -25.09 -12.43
C ILE Q 148 -82.97 -23.56 -12.38
N ARG Q 149 -82.41 -22.88 -13.38
CA ARG Q 149 -82.37 -21.42 -13.36
C ARG Q 149 -83.77 -20.83 -13.39
N GLU Q 150 -84.70 -21.46 -14.12
CA GLU Q 150 -86.04 -20.91 -14.26
C GLU Q 150 -86.89 -21.08 -13.01
N GLU Q 151 -86.45 -21.86 -12.03
CA GLU Q 151 -87.17 -21.95 -10.77
C GLU Q 151 -86.29 -21.68 -9.56
N ASN Q 152 -84.98 -21.57 -9.73
CA ASN Q 152 -84.11 -21.06 -8.68
C ASN Q 152 -82.85 -20.48 -9.30
N PRO Q 153 -82.63 -19.18 -9.20
CA PRO Q 153 -81.45 -18.59 -9.85
C PRO Q 153 -80.20 -18.66 -8.98
N ARG Q 154 -80.38 -18.86 -7.68
CA ARG Q 154 -79.23 -18.93 -6.79
C ARG Q 154 -78.38 -20.16 -7.07
N LEU Q 155 -78.98 -21.34 -6.94
CA LEU Q 155 -78.26 -22.57 -7.20
C LEU Q 155 -77.70 -22.61 -8.62
N ALA Q 156 -78.51 -22.21 -9.60
CA ALA Q 156 -78.05 -22.20 -10.98
C ALA Q 156 -76.91 -21.21 -11.21
N ARG Q 157 -76.87 -20.11 -10.48
CA ARG Q 157 -75.75 -19.20 -10.59
C ARG Q 157 -74.51 -19.77 -9.91
N ASP Q 158 -74.70 -20.61 -8.91
CA ASP Q 158 -73.57 -21.24 -8.24
C ASP Q 158 -73.17 -22.56 -8.88
N SER Q 159 -74.10 -23.27 -9.52
CA SER Q 159 -73.83 -24.60 -10.01
C SER Q 159 -72.81 -24.60 -11.15
N LYS Q 160 -71.98 -25.63 -11.19
CA LYS Q 160 -71.01 -25.84 -12.25
C LYS Q 160 -71.10 -27.28 -12.71
N ILE Q 161 -70.36 -27.59 -13.78
CA ILE Q 161 -70.36 -28.90 -14.39
C ILE Q 161 -69.00 -29.54 -14.14
N LEU Q 162 -69.00 -30.79 -13.72
CA LEU Q 162 -67.79 -31.54 -13.44
C LEU Q 162 -67.77 -32.81 -14.29
N ARG Q 163 -66.59 -33.14 -14.79
CA ARG Q 163 -66.38 -34.32 -15.64
C ARG Q 163 -65.63 -35.35 -14.82
N VAL Q 164 -66.35 -36.38 -14.37
CA VAL Q 164 -65.77 -37.35 -13.45
C VAL Q 164 -65.55 -38.67 -14.18
N PRO Q 165 -64.39 -39.30 -14.04
CA PRO Q 165 -64.15 -40.60 -14.67
C PRO Q 165 -64.93 -41.69 -13.95
N MET Q 166 -65.41 -42.65 -14.73
CA MET Q 166 -66.40 -43.60 -14.22
C MET Q 166 -65.85 -44.45 -13.09
N ASP Q 167 -64.53 -44.51 -12.94
CA ASP Q 167 -63.91 -45.12 -11.76
C ASP Q 167 -64.55 -44.56 -10.48
N ASN Q 168 -64.60 -43.24 -10.36
CA ASN Q 168 -65.05 -42.62 -9.12
C ASN Q 168 -66.53 -42.86 -8.88
N VAL Q 169 -67.35 -42.82 -9.92
CA VAL Q 169 -68.77 -43.05 -9.73
C VAL Q 169 -69.04 -44.51 -9.38
N TYR Q 170 -68.29 -45.43 -10.02
CA TYR Q 170 -68.41 -46.83 -9.63
C TYR Q 170 -68.07 -46.99 -8.15
N GLU Q 171 -67.00 -46.32 -7.71
CA GLU Q 171 -66.68 -46.35 -6.28
C GLU Q 171 -67.82 -45.78 -5.45
N VAL Q 172 -68.44 -44.71 -5.94
CA VAL Q 172 -69.55 -44.09 -5.21
C VAL Q 172 -70.67 -45.10 -5.00
N PHE Q 173 -70.98 -45.90 -6.03
CA PHE Q 173 -72.05 -46.89 -5.88
C PHE Q 173 -71.72 -47.90 -4.79
N THR Q 174 -70.65 -48.66 -4.97
CA THR Q 174 -70.40 -49.85 -4.14
C THR Q 174 -69.56 -49.48 -2.92
N THR Q 175 -70.16 -48.66 -2.07
CA THR Q 175 -69.63 -48.37 -0.74
C THR Q 175 -70.81 -48.34 0.22
N PRO Q 176 -70.55 -48.23 1.52
CA PRO Q 176 -71.69 -48.01 2.42
C PRO Q 176 -72.30 -46.66 2.13
N ARG Q 177 -73.44 -46.66 1.44
CA ARG Q 177 -74.03 -45.40 1.02
C ARG Q 177 -74.54 -44.62 2.21
N GLU Q 178 -74.78 -45.31 3.33
CA GLU Q 178 -75.13 -44.63 4.57
C GLU Q 178 -73.92 -44.04 5.29
N GLN Q 179 -72.71 -44.25 4.76
CA GLN Q 179 -71.54 -43.66 5.39
C GLN Q 179 -71.49 -42.15 5.17
N THR Q 180 -71.63 -41.71 3.91
CA THR Q 180 -71.72 -40.29 3.62
C THR Q 180 -73.13 -39.76 3.82
N GLY Q 181 -74.08 -40.62 4.16
CA GLY Q 181 -75.46 -40.21 4.35
C GLY Q 181 -76.34 -40.68 3.21
N LEU Q 182 -77.34 -41.50 3.51
CA LEU Q 182 -78.31 -41.90 2.49
C LEU Q 182 -79.65 -42.16 3.15
N GLN Q 183 -80.63 -41.34 2.84
CA GLN Q 183 -82.01 -41.61 3.21
C GLN Q 183 -82.83 -41.78 1.95
N GLY Q 184 -82.23 -42.38 0.92
CA GLY Q 184 -82.88 -42.60 -0.35
C GLY Q 184 -82.23 -41.86 -1.49
N ILE Q 185 -80.92 -41.68 -1.42
CA ILE Q 185 -80.17 -40.97 -2.47
C ILE Q 185 -80.00 -41.97 -3.61
N HIS Q 186 -80.94 -41.93 -4.56
CA HIS Q 186 -80.96 -42.87 -5.67
C HIS Q 186 -80.16 -42.28 -6.82
N PHE Q 187 -78.97 -42.82 -7.06
CA PHE Q 187 -78.22 -42.49 -8.26
C PHE Q 187 -78.74 -43.31 -9.42
N ARG Q 188 -78.89 -42.67 -10.58
CA ARG Q 188 -79.27 -43.34 -11.81
C ARG Q 188 -78.45 -42.73 -12.94
N PHE Q 189 -78.56 -43.33 -14.12
CA PHE Q 189 -77.90 -42.81 -15.31
C PHE Q 189 -78.94 -42.29 -16.29
N MET Q 190 -78.46 -41.52 -17.26
CA MET Q 190 -79.32 -40.98 -18.30
C MET Q 190 -78.61 -41.11 -19.64
N PRO Q 191 -79.01 -42.06 -20.46
CA PRO Q 191 -78.46 -42.15 -21.81
C PRO Q 191 -79.17 -41.21 -22.77
N ASP Q 192 -78.42 -40.69 -23.72
CA ASP Q 192 -79.01 -39.85 -24.74
C ASP Q 192 -79.92 -40.67 -25.63
N MET Q 193 -81.08 -40.10 -25.96
CA MET Q 193 -82.14 -40.88 -26.61
C MET Q 193 -81.83 -41.20 -28.07
N LYS Q 194 -80.76 -40.65 -28.64
CA LYS Q 194 -80.35 -41.07 -29.98
C LYS Q 194 -79.96 -42.54 -29.98
N GLN Q 195 -79.04 -42.90 -29.10
CA GLN Q 195 -78.66 -44.30 -28.96
C GLN Q 195 -79.81 -45.13 -28.43
N VAL Q 196 -80.72 -44.54 -27.65
CA VAL Q 196 -81.89 -45.28 -27.21
C VAL Q 196 -82.76 -45.64 -28.42
N ALA Q 197 -82.91 -44.72 -29.37
CA ALA Q 197 -83.70 -45.03 -30.56
C ALA Q 197 -83.01 -46.07 -31.43
N HIS Q 198 -81.69 -45.92 -31.62
CA HIS Q 198 -80.93 -46.92 -32.35
C HIS Q 198 -81.12 -48.30 -31.73
N ALA Q 199 -80.94 -48.41 -30.41
CA ALA Q 199 -81.06 -49.68 -29.74
C ALA Q 199 -82.49 -50.21 -29.77
N LEU Q 200 -83.48 -49.32 -29.71
CA LEU Q 200 -84.87 -49.76 -29.76
C LEU Q 200 -85.18 -50.39 -31.11
N GLN Q 201 -84.74 -49.74 -32.19
CA GLN Q 201 -85.02 -50.31 -33.51
C GLN Q 201 -84.23 -51.59 -33.72
N LEU Q 202 -82.98 -51.64 -33.25
CA LEU Q 202 -82.20 -52.87 -33.35
C LEU Q 202 -82.87 -54.00 -32.58
N TYR Q 203 -83.39 -53.68 -31.39
CA TYR Q 203 -84.10 -54.61 -30.53
C TYR Q 203 -85.33 -55.17 -31.21
N LYS Q 204 -86.13 -54.27 -31.80
CA LYS Q 204 -87.40 -54.71 -32.36
C LYS Q 204 -87.22 -55.48 -33.66
N ASP Q 205 -86.25 -55.10 -34.50
CA ASP Q 205 -86.00 -55.81 -35.74
C ASP Q 205 -85.50 -57.23 -35.52
N ALA Q 206 -84.87 -57.52 -34.38
CA ALA Q 206 -84.30 -58.84 -34.14
C ALA Q 206 -85.36 -59.90 -33.90
N GLY Q 207 -86.63 -59.51 -33.78
CA GLY Q 207 -87.70 -60.47 -33.70
C GLY Q 207 -88.76 -60.17 -32.65
N VAL Q 208 -88.35 -59.56 -31.54
CA VAL Q 208 -89.30 -59.24 -30.47
C VAL Q 208 -89.47 -57.73 -30.41
N PRO Q 209 -90.51 -57.18 -31.04
CA PRO Q 209 -90.71 -55.72 -31.04
C PRO Q 209 -91.22 -55.26 -29.69
N THR Q 210 -90.53 -54.27 -29.11
CA THR Q 210 -90.90 -53.72 -27.82
C THR Q 210 -90.48 -52.25 -27.81
N ARG Q 211 -91.18 -51.45 -27.01
CA ARG Q 211 -90.84 -50.04 -26.82
C ARG Q 211 -90.37 -49.82 -25.39
N GLN Q 212 -89.56 -50.76 -24.90
CA GLN Q 212 -89.03 -50.70 -23.54
C GLN Q 212 -87.54 -50.98 -23.59
N PHE Q 213 -86.77 -50.11 -22.98
CA PHE Q 213 -85.33 -50.31 -22.85
C PHE Q 213 -84.92 -50.10 -21.41
N ILE Q 214 -83.93 -50.87 -20.96
CA ILE Q 214 -83.41 -50.77 -19.60
C ILE Q 214 -81.93 -50.46 -19.71
N GLY Q 215 -81.49 -49.39 -19.05
CA GLY Q 215 -80.08 -49.09 -18.93
C GLY Q 215 -79.51 -48.39 -20.15
N VAL Q 216 -78.19 -48.23 -20.11
CA VAL Q 216 -77.46 -47.51 -21.15
C VAL Q 216 -77.00 -48.50 -22.21
N PRO Q 217 -77.17 -48.21 -23.49
CA PRO Q 217 -76.77 -49.15 -24.54
C PRO Q 217 -75.27 -49.30 -24.66
N VAL Q 218 -74.85 -50.54 -24.87
CA VAL Q 218 -73.49 -50.87 -25.25
C VAL Q 218 -73.55 -51.72 -26.52
N PHE Q 219 -72.81 -51.32 -27.54
CA PHE Q 219 -72.82 -52.00 -28.82
C PHE Q 219 -71.54 -52.82 -28.97
N GLN Q 220 -71.67 -53.95 -29.68
CA GLN Q 220 -70.49 -54.70 -30.08
C GLN Q 220 -70.80 -55.47 -31.35
N ALA Q 221 -69.74 -55.88 -32.05
CA ALA Q 221 -69.87 -56.58 -33.33
C ALA Q 221 -68.92 -57.76 -33.34
N GLU Q 222 -69.47 -58.97 -33.42
CA GLU Q 222 -68.65 -60.16 -33.38
C GLU Q 222 -67.72 -60.21 -34.59
N GLY Q 223 -66.59 -60.89 -34.41
CA GLY Q 223 -65.54 -60.93 -35.40
C GLY Q 223 -64.54 -59.80 -35.28
N LEU Q 224 -64.98 -58.63 -34.82
CA LEU Q 224 -64.09 -57.48 -34.69
C LEU Q 224 -63.39 -57.50 -33.33
N THR Q 225 -62.08 -57.28 -33.35
CA THR Q 225 -61.30 -57.25 -32.13
C THR Q 225 -60.03 -56.44 -32.40
N VAL Q 226 -59.69 -55.55 -31.49
CA VAL Q 226 -58.48 -54.76 -31.62
C VAL Q 226 -57.33 -55.54 -31.01
N THR Q 227 -56.24 -55.68 -31.76
CA THR Q 227 -55.12 -56.52 -31.37
C THR Q 227 -53.90 -55.65 -31.12
N THR Q 228 -53.26 -55.86 -29.99
CA THR Q 228 -52.01 -55.21 -29.65
C THR Q 228 -50.86 -56.11 -30.10
N ARG Q 229 -49.65 -55.75 -29.71
CA ARG Q 229 -48.49 -56.55 -30.08
C ARG Q 229 -48.51 -57.94 -29.45
N ASP Q 230 -49.25 -58.13 -28.37
CA ASP Q 230 -49.22 -59.39 -27.66
C ASP Q 230 -50.56 -60.11 -27.63
N MET Q 231 -51.64 -59.42 -27.24
CA MET Q 231 -52.92 -60.05 -26.99
C MET Q 231 -54.02 -59.26 -27.66
N GLN Q 232 -55.07 -59.96 -28.06
CA GLN Q 232 -56.18 -59.37 -28.80
C GLN Q 232 -57.28 -58.99 -27.82
N TYR Q 233 -57.66 -57.72 -27.83
CA TYR Q 233 -58.76 -57.25 -27.01
C TYR Q 233 -60.03 -57.13 -27.83
N VAL Q 234 -61.17 -57.12 -27.14
CA VAL Q 234 -62.46 -56.93 -27.76
C VAL Q 234 -63.01 -55.58 -27.33
N PRO Q 235 -63.45 -54.73 -28.24
CA PRO Q 235 -63.92 -53.39 -27.88
C PRO Q 235 -65.42 -53.34 -27.64
N LEU Q 236 -65.81 -52.34 -26.86
CA LEU Q 236 -67.22 -52.03 -26.59
C LEU Q 236 -67.46 -50.56 -26.90
N PHE Q 237 -68.45 -50.29 -27.75
CA PHE Q 237 -68.75 -48.95 -28.23
C PHE Q 237 -70.02 -48.46 -27.56
N LEU Q 238 -69.93 -47.29 -26.92
CA LEU Q 238 -71.11 -46.70 -26.30
C LEU Q 238 -72.01 -46.01 -27.32
N CYS Q 239 -71.43 -45.44 -28.36
CA CYS Q 239 -72.18 -44.78 -29.41
C CYS Q 239 -72.08 -45.60 -30.70
N LYS Q 240 -73.23 -45.88 -31.32
CA LYS Q 240 -73.22 -46.66 -32.54
C LYS Q 240 -72.50 -45.96 -33.68
N GLU Q 241 -72.31 -44.64 -33.59
CA GLU Q 241 -71.66 -43.90 -34.67
C GLU Q 241 -70.22 -44.35 -34.86
N ASP Q 242 -69.42 -44.30 -33.79
CA ASP Q 242 -68.06 -44.83 -33.90
C ASP Q 242 -68.07 -46.32 -34.17
N LEU Q 243 -69.11 -47.03 -33.73
CA LEU Q 243 -69.25 -48.44 -34.03
C LEU Q 243 -69.20 -48.69 -35.53
N ASP Q 244 -70.10 -48.05 -36.29
CA ASP Q 244 -70.07 -48.29 -37.72
C ASP Q 244 -68.87 -47.61 -38.37
N ILE Q 245 -68.38 -46.50 -37.81
CA ILE Q 245 -67.17 -45.87 -38.33
C ILE Q 245 -66.02 -46.87 -38.37
N ALA Q 246 -65.91 -47.68 -37.32
CA ALA Q 246 -64.89 -48.72 -37.29
C ALA Q 246 -65.26 -49.90 -38.19
N VAL Q 247 -66.51 -50.35 -38.12
CA VAL Q 247 -66.86 -51.61 -38.77
C VAL Q 247 -66.88 -51.50 -40.29
N GLN Q 248 -67.17 -50.32 -40.85
CA GLN Q 248 -67.13 -50.20 -42.31
C GLN Q 248 -65.70 -50.32 -42.81
N SER Q 249 -64.75 -49.64 -42.16
CA SER Q 249 -63.35 -49.75 -42.53
C SER Q 249 -62.84 -51.16 -42.33
N ALA Q 250 -63.25 -51.81 -41.24
CA ALA Q 250 -62.83 -53.18 -40.98
C ALA Q 250 -63.37 -54.12 -42.06
N TYR Q 251 -64.65 -54.00 -42.38
CA TYR Q 251 -65.27 -54.81 -43.42
C TYR Q 251 -64.60 -54.60 -44.76
N VAL Q 252 -64.34 -53.35 -45.16
CA VAL Q 252 -63.76 -53.14 -46.47
C VAL Q 252 -62.33 -53.63 -46.52
N GLN Q 253 -61.59 -53.47 -45.42
CA GLN Q 253 -60.25 -54.05 -45.36
C GLN Q 253 -60.29 -55.56 -45.52
N ARG Q 254 -61.12 -56.23 -44.73
CA ARG Q 254 -61.14 -57.69 -44.76
C ARG Q 254 -61.67 -58.22 -46.08
N ASN Q 255 -62.62 -57.54 -46.70
CA ASN Q 255 -63.17 -58.06 -47.96
C ASN Q 255 -62.28 -57.72 -49.15
N ALA Q 256 -61.58 -56.59 -49.12
CA ALA Q 256 -60.49 -56.42 -50.07
C ALA Q 256 -59.46 -57.53 -49.91
N ALA Q 257 -59.21 -57.93 -48.65
CA ALA Q 257 -58.33 -59.05 -48.39
C ALA Q 257 -58.87 -60.33 -49.02
N GLN Q 258 -60.16 -60.61 -48.83
CA GLN Q 258 -60.79 -61.77 -49.45
C GLN Q 258 -60.70 -61.72 -50.97
N ILE Q 259 -60.78 -60.53 -51.56
CA ILE Q 259 -60.72 -60.40 -53.01
C ILE Q 259 -59.32 -60.71 -53.52
N LYS Q 260 -58.27 -60.15 -52.91
CA LYS Q 260 -56.98 -60.54 -53.50
C LYS Q 260 -56.52 -61.91 -53.01
N LEU Q 261 -57.12 -62.45 -51.94
CA LEU Q 261 -56.95 -63.87 -51.66
C LEU Q 261 -57.51 -64.70 -52.80
N TYR Q 262 -58.72 -64.37 -53.25
CA TYR Q 262 -59.28 -65.05 -54.41
C TYR Q 262 -58.48 -64.77 -55.67
N LYS Q 263 -57.79 -63.63 -55.76
CA LYS Q 263 -56.93 -63.38 -56.91
C LYS Q 263 -55.65 -64.20 -56.87
N ASP Q 264 -55.10 -64.47 -55.70
CA ASP Q 264 -54.05 -65.47 -55.58
C ASP Q 264 -54.58 -66.84 -56.00
N LYS Q 265 -55.78 -67.21 -55.53
CA LYS Q 265 -56.42 -68.42 -56.02
C LYS Q 265 -56.54 -68.42 -57.54
N ALA Q 266 -56.85 -67.25 -58.11
CA ALA Q 266 -57.12 -67.18 -59.55
C ALA Q 266 -55.85 -67.24 -60.37
N ASP Q 267 -54.75 -66.69 -59.86
CA ASP Q 267 -53.47 -66.82 -60.54
C ASP Q 267 -52.95 -68.24 -60.44
N LYS Q 268 -53.04 -68.83 -59.25
CA LYS Q 268 -52.70 -70.23 -59.12
C LYS Q 268 -53.62 -71.11 -59.96
N TYR Q 269 -54.82 -70.65 -60.26
CA TYR Q 269 -55.72 -71.39 -61.13
C TYR Q 269 -55.48 -71.12 -62.62
N GLN Q 270 -54.92 -69.97 -62.97
CA GLN Q 270 -54.34 -69.84 -64.29
C GLN Q 270 -53.22 -70.85 -64.48
N ALA Q 271 -52.41 -71.05 -63.44
CA ALA Q 271 -51.46 -72.15 -63.46
C ALA Q 271 -52.16 -73.50 -63.56
N ASP Q 272 -53.29 -73.66 -62.85
CA ASP Q 272 -54.07 -74.89 -62.94
C ASP Q 272 -54.49 -75.17 -64.38
N TYR Q 273 -55.09 -74.17 -65.04
CA TYR Q 273 -55.50 -74.31 -66.44
C TYR Q 273 -54.31 -74.55 -67.36
N ASP Q 274 -53.14 -73.99 -67.03
CA ASP Q 274 -51.93 -74.28 -67.79
C ASP Q 274 -51.57 -75.76 -67.70
N GLN Q 275 -51.40 -76.28 -66.49
CA GLN Q 275 -51.09 -77.70 -66.34
C GLN Q 275 -52.22 -78.57 -66.87
N ILE Q 276 -53.43 -78.02 -66.95
CA ILE Q 276 -54.57 -78.73 -67.52
C ILE Q 276 -54.40 -78.87 -69.02
N ALA Q 277 -54.01 -77.77 -69.69
CA ALA Q 277 -53.59 -77.87 -71.08
C ALA Q 277 -52.45 -78.87 -71.24
N SER Q 278 -51.62 -79.01 -70.20
CA SER Q 278 -50.64 -80.09 -70.19
C SER Q 278 -51.21 -81.41 -69.67
N GLN Q 279 -52.54 -81.55 -69.61
CA GLN Q 279 -53.15 -82.70 -68.95
C GLN Q 279 -54.38 -83.26 -69.68
N LEU Q 280 -54.82 -82.65 -70.79
CA LEU Q 280 -56.07 -83.06 -71.44
C LEU Q 280 -55.89 -83.76 -72.77
N GLU Q 281 -55.11 -83.21 -73.70
CA GLU Q 281 -54.94 -83.86 -74.99
C GLU Q 281 -53.51 -83.80 -75.52
N ALA Q 282 -52.53 -83.41 -74.68
CA ALA Q 282 -51.15 -83.38 -75.14
C ALA Q 282 -50.64 -84.77 -75.46
N ALA Q 283 -51.26 -85.81 -74.90
CA ALA Q 283 -50.92 -87.20 -75.17
C ALA Q 283 -52.11 -87.90 -75.83
N ALA Q 284 -51.99 -89.21 -76.00
CA ALA Q 284 -53.05 -89.98 -76.64
C ALA Q 284 -54.27 -90.09 -75.72
N ASN Q 285 -55.37 -90.58 -76.28
CA ASN Q 285 -56.65 -90.65 -75.61
C ASN Q 285 -56.69 -91.85 -74.66
N GLY Q 286 -57.47 -91.72 -73.59
CA GLY Q 286 -57.64 -92.84 -72.68
C GLY Q 286 -57.97 -92.48 -71.23
N ARG Q 287 -57.37 -93.22 -70.30
CA ARG Q 287 -57.71 -93.10 -68.89
C ARG Q 287 -57.20 -91.79 -68.30
N GLU Q 288 -55.90 -91.53 -68.45
CA GLU Q 288 -55.26 -90.39 -67.81
C GLU Q 288 -55.94 -89.09 -68.23
N ARG Q 289 -56.16 -88.93 -69.53
CA ARG Q 289 -56.68 -87.68 -70.07
C ARG Q 289 -58.11 -87.42 -69.63
N GLY Q 290 -58.98 -88.43 -69.62
CA GLY Q 290 -60.34 -88.23 -69.13
C GLY Q 290 -60.38 -87.96 -67.64
N GLY Q 291 -59.54 -88.68 -66.89
CA GLY Q 291 -59.43 -88.39 -65.47
C GLY Q 291 -59.01 -86.95 -65.20
N LEU Q 292 -58.10 -86.43 -66.01
CA LEU Q 292 -57.66 -85.06 -65.81
C LEU Q 292 -58.66 -84.03 -66.36
N GLU Q 293 -59.48 -84.42 -67.33
CA GLU Q 293 -60.67 -83.62 -67.65
C GLU Q 293 -61.57 -83.45 -66.44
N SER Q 294 -61.88 -84.55 -65.75
CA SER Q 294 -62.68 -84.47 -64.54
C SER Q 294 -61.96 -83.67 -63.47
N ARG Q 295 -60.62 -83.79 -63.41
CA ARG Q 295 -59.80 -82.93 -62.55
C ARG Q 295 -60.08 -81.46 -62.80
N LEU Q 296 -59.93 -81.02 -64.05
CA LEU Q 296 -60.16 -79.61 -64.39
C LEU Q 296 -61.57 -79.19 -64.02
N ALA Q 297 -62.55 -80.06 -64.29
CA ALA Q 297 -63.93 -79.76 -63.95
C ALA Q 297 -64.07 -79.45 -62.46
N LYS Q 298 -63.65 -80.40 -61.61
CA LYS Q 298 -63.81 -80.23 -60.17
C LYS Q 298 -63.00 -79.03 -59.67
N ALA Q 299 -61.83 -78.79 -60.28
CA ALA Q 299 -60.97 -77.71 -59.85
C ALA Q 299 -61.65 -76.36 -60.05
N ARG Q 300 -62.08 -76.08 -61.29
CA ARG Q 300 -62.74 -74.80 -61.52
C ARG Q 300 -64.09 -74.74 -60.81
N VAL Q 301 -64.73 -75.89 -60.59
CA VAL Q 301 -65.99 -75.91 -59.84
C VAL Q 301 -65.76 -75.37 -58.43
N LYS Q 302 -64.80 -75.94 -57.70
CA LYS Q 302 -64.55 -75.46 -56.35
C LYS Q 302 -64.02 -74.04 -56.34
N LEU Q 303 -63.24 -73.66 -57.37
CA LEU Q 303 -62.71 -72.30 -57.46
C LEU Q 303 -63.83 -71.28 -57.51
N GLU Q 304 -64.73 -71.40 -58.48
CA GLU Q 304 -65.80 -70.40 -58.53
C GLU Q 304 -66.90 -70.63 -57.51
N ALA Q 305 -66.99 -71.82 -56.89
CA ALA Q 305 -67.82 -71.95 -55.72
C ALA Q 305 -67.30 -71.09 -54.59
N ALA Q 306 -65.98 -71.09 -54.37
CA ALA Q 306 -65.39 -70.16 -53.41
C ALA Q 306 -65.53 -68.72 -53.87
N ARG Q 307 -65.57 -68.49 -55.18
CA ARG Q 307 -65.86 -67.15 -55.68
C ARG Q 307 -67.22 -66.65 -55.21
N ASP Q 308 -68.28 -67.41 -55.52
CA ASP Q 308 -69.62 -67.02 -55.09
C ASP Q 308 -69.74 -67.03 -53.58
N LYS Q 309 -68.89 -67.82 -52.90
CA LYS Q 309 -68.83 -67.79 -51.44
C LYS Q 309 -68.33 -66.43 -50.93
N VAL Q 310 -67.18 -66.00 -51.45
CA VAL Q 310 -66.64 -64.69 -51.07
C VAL Q 310 -67.60 -63.58 -51.50
N GLU Q 311 -68.33 -63.80 -52.59
CA GLU Q 311 -69.30 -62.79 -53.04
C GLU Q 311 -70.52 -62.77 -52.11
N SER Q 312 -70.93 -63.93 -51.61
CA SER Q 312 -72.05 -64.00 -50.68
C SER Q 312 -71.71 -63.40 -49.33
N VAL Q 313 -70.45 -63.52 -48.89
CA VAL Q 313 -70.05 -62.76 -47.71
C VAL Q 313 -69.87 -61.29 -48.07
N GLU Q 314 -69.45 -61.01 -49.31
CA GLU Q 314 -69.65 -59.67 -49.85
C GLU Q 314 -71.13 -59.31 -49.88
N ARG Q 315 -71.99 -60.28 -50.21
CA ARG Q 315 -73.43 -60.10 -50.12
C ARG Q 315 -73.93 -60.18 -48.68
N ALA Q 316 -73.16 -60.75 -47.76
CA ALA Q 316 -73.58 -60.85 -46.37
C ALA Q 316 -73.42 -59.49 -45.70
N PRO Q 317 -74.36 -59.08 -44.86
CA PRO Q 317 -74.25 -57.78 -44.20
C PRO Q 317 -73.04 -57.72 -43.28
N LEU Q 318 -72.77 -56.52 -42.81
CA LEU Q 318 -71.75 -56.28 -41.79
C LEU Q 318 -72.08 -57.13 -40.56
N PRO Q 319 -71.11 -57.50 -39.74
CA PRO Q 319 -71.37 -58.44 -38.65
C PRO Q 319 -72.55 -58.00 -37.78
N LYS Q 320 -73.32 -58.99 -37.31
CA LYS Q 320 -74.52 -58.75 -36.52
C LYS Q 320 -74.19 -57.95 -35.26
N VAL Q 321 -74.63 -56.70 -35.23
CA VAL Q 321 -74.39 -55.84 -34.08
C VAL Q 321 -75.32 -56.24 -32.94
N GLU Q 322 -74.74 -56.42 -31.76
CA GLU Q 322 -75.47 -56.83 -30.57
C GLU Q 322 -75.39 -55.74 -29.52
N VAL Q 323 -76.50 -55.52 -28.83
CA VAL Q 323 -76.64 -54.41 -27.88
C VAL Q 323 -76.96 -54.98 -26.51
N GLY Q 324 -76.49 -54.29 -25.47
CA GLY Q 324 -76.75 -54.69 -24.10
C GLY Q 324 -76.89 -53.48 -23.19
N SER Q 325 -77.16 -53.76 -21.93
CA SER Q 325 -77.28 -52.72 -20.90
C SER Q 325 -75.98 -52.59 -20.12
N PHE Q 326 -75.60 -51.35 -19.86
CA PHE Q 326 -74.34 -51.08 -19.16
C PHE Q 326 -74.36 -51.63 -17.74
N GLU Q 327 -75.46 -51.45 -17.03
CA GLU Q 327 -75.54 -51.90 -15.64
C GLU Q 327 -75.40 -53.41 -15.54
N GLU Q 328 -76.06 -54.14 -16.43
CA GLU Q 328 -75.89 -55.59 -16.43
C GLU Q 328 -74.46 -55.99 -16.74
N VAL Q 329 -73.82 -55.28 -17.69
CA VAL Q 329 -72.43 -55.57 -18.04
C VAL Q 329 -71.55 -55.42 -16.81
N VAL Q 330 -71.70 -54.32 -16.08
CA VAL Q 330 -70.80 -54.11 -14.94
C VAL Q 330 -71.16 -55.06 -13.80
N MET Q 331 -72.44 -55.41 -13.63
CA MET Q 331 -72.79 -56.35 -12.58
C MET Q 331 -72.20 -57.73 -12.86
N ARG Q 332 -72.15 -58.12 -14.14
CA ARG Q 332 -71.51 -59.38 -14.47
C ARG Q 332 -69.99 -59.27 -14.35
N MET Q 333 -69.44 -58.10 -14.69
CA MET Q 333 -68.00 -57.92 -14.61
C MET Q 333 -67.51 -58.06 -13.17
N THR Q 334 -68.22 -57.45 -12.22
CA THR Q 334 -67.78 -57.49 -10.84
C THR Q 334 -67.84 -58.91 -10.27
N ALA Q 335 -69.00 -59.54 -10.32
CA ALA Q 335 -69.16 -60.88 -9.75
C ALA Q 335 -68.82 -61.97 -10.76
N SER Q 336 -67.64 -61.88 -11.37
CA SER Q 336 -67.19 -62.84 -12.36
C SER Q 336 -66.06 -63.69 -11.80
N ALA Q 337 -65.99 -64.94 -12.26
CA ALA Q 337 -64.95 -65.87 -11.84
C ALA Q 337 -64.97 -67.07 -12.77
N GLY Q 338 -63.79 -67.55 -13.17
CA GLY Q 338 -63.69 -68.75 -13.97
C GLY Q 338 -63.43 -68.49 -15.44
N ASN Q 339 -64.22 -69.10 -16.31
CA ASN Q 339 -64.07 -68.89 -17.74
C ASN Q 339 -64.58 -67.52 -18.16
N GLU Q 340 -65.78 -67.15 -17.71
CA GLU Q 340 -66.30 -65.83 -18.01
C GLU Q 340 -65.40 -64.74 -17.45
N LEU Q 341 -64.67 -65.03 -16.38
CA LEU Q 341 -63.65 -64.10 -15.92
C LEU Q 341 -62.59 -63.88 -16.97
N ALA Q 342 -62.09 -64.97 -17.56
CA ALA Q 342 -61.10 -64.83 -18.62
C ALA Q 342 -61.67 -64.10 -19.82
N ALA Q 343 -62.96 -64.27 -20.09
CA ALA Q 343 -63.58 -63.52 -21.17
C ALA Q 343 -63.62 -62.04 -20.86
N TRP Q 344 -64.08 -61.68 -19.66
CA TRP Q 344 -64.17 -60.28 -19.27
C TRP Q 344 -62.80 -59.62 -19.18
N SER Q 345 -61.75 -60.39 -18.91
CA SER Q 345 -60.44 -59.80 -18.67
C SER Q 345 -59.83 -59.15 -19.90
N GLN Q 346 -60.53 -59.15 -21.03
CA GLN Q 346 -59.99 -58.57 -22.26
C GLN Q 346 -60.93 -57.56 -22.89
N VAL Q 347 -61.92 -57.08 -22.15
CA VAL Q 347 -62.83 -56.06 -22.67
C VAL Q 347 -62.17 -54.70 -22.56
N MET Q 348 -62.33 -53.88 -23.60
CA MET Q 348 -61.90 -52.49 -23.52
C MET Q 348 -63.05 -51.60 -23.97
N PHE Q 349 -63.32 -50.55 -23.21
CA PHE Q 349 -64.39 -49.60 -23.51
C PHE Q 349 -63.83 -48.45 -24.32
N VAL Q 350 -64.46 -48.14 -25.45
CA VAL Q 350 -64.03 -47.04 -26.30
C VAL Q 350 -64.77 -45.78 -25.87
N ALA Q 351 -64.16 -44.62 -26.10
CA ALA Q 351 -64.76 -43.37 -25.70
C ALA Q 351 -65.81 -42.92 -26.72
N PRO Q 352 -66.96 -42.46 -26.25
CA PRO Q 352 -67.95 -41.92 -27.19
C PRO Q 352 -67.39 -40.73 -27.94
N GLU Q 353 -67.63 -40.72 -29.26
CA GLU Q 353 -67.10 -39.70 -30.15
C GLU Q 353 -65.58 -39.58 -30.02
N LEU Q 354 -64.91 -40.72 -30.15
CA LEU Q 354 -63.46 -40.76 -30.15
C LEU Q 354 -62.90 -41.08 -31.53
N LEU Q 355 -63.52 -42.02 -32.23
CA LEU Q 355 -63.04 -42.46 -33.53
C LEU Q 355 -63.29 -41.45 -34.63
N ARG Q 356 -64.17 -40.47 -34.40
CA ARG Q 356 -64.49 -39.48 -35.42
C ARG Q 356 -63.41 -38.40 -35.50
N ASP Q 357 -62.98 -37.90 -34.36
CA ASP Q 357 -62.02 -36.80 -34.30
C ASP Q 357 -60.64 -37.30 -33.90
N MET R 1 31.66 -29.66 16.68
CA MET R 1 32.81 -30.07 15.87
C MET R 1 33.73 -28.89 15.61
N GLY R 2 33.58 -27.85 16.43
CA GLY R 2 34.50 -26.73 16.42
C GLY R 2 34.60 -26.01 15.10
N GLN R 3 33.48 -25.76 14.44
CA GLN R 3 33.49 -25.06 13.17
C GLN R 3 32.95 -23.64 13.25
N PHE R 4 32.28 -23.34 14.36
CA PHE R 4 31.57 -22.04 14.49
C PHE R 4 32.39 -21.03 15.22
N TYR R 5 33.71 -21.08 15.04
CA TYR R 5 34.57 -20.01 15.63
C TYR R 5 34.67 -18.94 14.58
N SER R 6 35.87 -18.70 14.06
CA SER R 6 36.04 -17.74 12.94
C SER R 6 35.40 -16.38 13.21
N ARG R 7 35.26 -15.56 12.17
CA ARG R 7 34.65 -14.23 12.33
C ARG R 7 33.40 -14.21 11.45
N GLU R 8 33.22 -15.26 10.67
CA GLU R 8 32.05 -15.37 9.77
C GLU R 8 30.81 -15.77 10.57
N PHE R 9 30.87 -15.86 11.90
CA PHE R 9 29.70 -16.37 12.65
C PHE R 9 29.33 -15.45 13.79
N ASP R 10 29.79 -14.20 13.78
CA ASP R 10 29.33 -13.23 14.77
C ASP R 10 28.03 -12.60 14.33
N GLY R 11 27.19 -12.26 15.30
CA GLY R 11 25.94 -11.58 15.04
C GLY R 11 24.69 -12.39 15.27
N ASP R 12 24.81 -13.66 15.65
CA ASP R 12 23.65 -14.49 15.94
C ASP R 12 23.70 -14.86 17.41
N PRO R 13 22.64 -14.59 18.19
CA PRO R 13 22.70 -14.85 19.63
C PRO R 13 22.84 -16.32 19.97
N TYR R 14 22.66 -17.22 19.03
CA TYR R 14 22.69 -18.64 19.36
C TYR R 14 24.00 -19.32 19.01
N VAL R 15 24.70 -18.86 17.97
CA VAL R 15 25.94 -19.51 17.58
C VAL R 15 27.01 -19.30 18.64
N ASP R 16 26.98 -18.16 19.33
CA ASP R 16 27.96 -17.92 20.38
C ASP R 16 27.77 -18.86 21.56
N LEU R 17 26.52 -19.16 21.92
CA LEU R 17 26.27 -20.11 23.00
C LEU R 17 26.75 -21.50 22.62
N MET R 18 26.77 -21.81 21.32
CA MET R 18 27.34 -23.06 20.86
C MET R 18 28.86 -22.99 20.74
N ARG R 19 29.41 -21.78 20.70
CA ARG R 19 30.87 -21.64 20.76
C ARG R 19 31.41 -22.08 22.11
N SER R 20 30.61 -21.93 23.16
CA SER R 20 31.02 -22.26 24.52
C SER R 20 30.52 -23.61 25.00
N LEU R 21 29.75 -24.32 24.19
CA LEU R 21 29.20 -25.62 24.57
C LEU R 21 29.24 -26.53 23.36
N PRO R 22 30.26 -27.39 23.22
CA PRO R 22 30.32 -28.26 22.04
C PRO R 22 29.23 -29.32 22.00
N GLU R 23 28.66 -29.68 23.14
CA GLU R 23 27.49 -30.56 23.13
C GLU R 23 26.33 -29.93 22.38
N ARG R 24 26.14 -28.62 22.55
CA ARG R 24 25.12 -27.92 21.79
C ARG R 24 25.39 -27.98 20.29
N GLU R 25 26.67 -27.90 19.91
CA GLU R 25 26.99 -27.99 18.49
C GLU R 25 26.75 -29.39 17.94
N LEU R 26 27.03 -30.41 18.74
CA LEU R 26 26.72 -31.77 18.31
C LEU R 26 25.23 -31.96 18.12
N VAL R 27 24.43 -31.49 19.09
CA VAL R 27 22.98 -31.57 18.95
C VAL R 27 22.52 -30.82 17.70
N TRP R 28 23.14 -29.66 17.45
CA TRP R 28 22.76 -28.86 16.29
C TRP R 28 23.03 -29.61 14.99
N TRP R 29 24.20 -30.24 14.87
CA TRP R 29 24.52 -30.97 13.65
C TRP R 29 23.59 -32.16 13.45
N ALA R 30 23.33 -32.91 14.52
CA ALA R 30 22.40 -34.04 14.42
C ALA R 30 21.04 -33.58 13.93
N GLN R 31 20.49 -32.54 14.54
CA GLN R 31 19.17 -32.08 14.15
C GLN R 31 19.19 -31.55 12.72
N LYS R 32 20.26 -30.88 12.33
CA LYS R 32 20.31 -30.30 10.99
C LYS R 32 20.43 -31.37 9.93
N VAL R 33 20.82 -32.58 10.31
CA VAL R 33 20.77 -33.65 9.31
C VAL R 33 19.41 -34.36 9.34
N ILE R 34 18.83 -34.49 10.52
CA ILE R 34 17.58 -35.25 10.63
C ILE R 34 16.44 -34.49 9.95
N TRP R 35 16.40 -33.18 10.10
CA TRP R 35 15.36 -32.40 9.46
C TRP R 35 15.40 -32.54 7.95
N LEU R 36 16.59 -32.59 7.37
CA LEU R 36 16.69 -32.76 5.92
C LEU R 36 16.25 -34.15 5.50
N ALA R 37 16.58 -35.17 6.29
CA ALA R 37 16.04 -36.50 5.99
C ALA R 37 14.52 -36.49 5.97
N GLU R 38 13.91 -35.81 6.93
CA GLU R 38 12.45 -35.77 7.01
C GLU R 38 11.86 -35.03 5.81
N GLY R 39 12.49 -33.95 5.38
CA GLY R 39 12.01 -33.25 4.20
C GLY R 39 12.07 -34.12 2.96
N PHE R 40 13.16 -34.86 2.78
CA PHE R 40 13.23 -35.81 1.68
C PHE R 40 12.08 -36.79 1.74
N THR R 41 11.78 -37.31 2.92
CA THR R 41 10.69 -38.29 3.02
C THR R 41 9.34 -37.67 2.64
N PHE R 42 9.05 -36.47 3.14
CA PHE R 42 7.81 -35.81 2.78
C PHE R 42 7.67 -35.68 1.27
N VAL R 43 8.70 -35.16 0.61
CA VAL R 43 8.59 -34.91 -0.82
C VAL R 43 8.47 -36.22 -1.59
N ASP R 44 9.16 -37.26 -1.12
CA ASP R 44 9.07 -38.56 -1.78
C ASP R 44 7.66 -39.12 -1.69
N HIS R 45 7.03 -39.01 -0.52
CA HIS R 45 5.65 -39.48 -0.40
C HIS R 45 4.72 -38.73 -1.32
N PHE R 46 4.86 -37.41 -1.38
CA PHE R 46 4.00 -36.65 -2.27
C PHE R 46 4.17 -37.09 -3.71
N ALA R 47 5.41 -37.18 -4.19
CA ALA R 47 5.64 -37.56 -5.57
C ALA R 47 5.23 -38.99 -5.86
N ARG R 48 5.17 -39.84 -4.84
CA ARG R 48 4.74 -41.21 -5.05
C ARG R 48 3.23 -41.31 -5.14
N THR R 49 2.52 -40.56 -4.30
CA THR R 49 1.09 -40.79 -4.15
C THR R 49 0.23 -39.80 -4.94
N TYR R 50 0.78 -38.69 -5.39
CA TYR R 50 -0.06 -37.72 -6.09
C TYR R 50 -0.43 -38.16 -7.49
N PRO R 51 0.47 -38.69 -8.33
CA PRO R 51 0.07 -39.11 -9.68
C PRO R 51 -1.04 -40.14 -9.72
N ARG R 52 -1.48 -40.67 -8.60
CA ARG R 52 -2.55 -41.66 -8.67
C ARG R 52 -3.90 -41.05 -8.94
N LEU R 53 -4.04 -39.73 -8.82
CA LEU R 53 -5.32 -39.12 -9.13
C LEU R 53 -5.47 -38.83 -10.60
N LEU R 54 -4.37 -38.70 -11.33
CA LEU R 54 -4.43 -38.32 -12.73
C LEU R 54 -4.49 -39.52 -13.67
N GLN R 55 -4.56 -40.73 -13.16
CA GLN R 55 -4.63 -41.92 -14.01
C GLN R 55 -6.06 -42.20 -14.40
N HIS R 56 -6.33 -42.23 -15.70
CA HIS R 56 -7.63 -42.60 -16.22
C HIS R 56 -7.49 -43.86 -17.05
N LYS R 57 -8.58 -44.60 -17.18
CA LYS R 57 -8.59 -45.88 -17.86
C LYS R 57 -9.57 -45.86 -19.03
N CYS R 58 -9.30 -46.70 -20.02
CA CYS R 58 -10.21 -46.84 -21.14
C CYS R 58 -11.53 -47.39 -20.64
N GLN R 59 -12.64 -46.86 -21.15
CA GLN R 59 -13.91 -47.28 -20.59
C GLN R 59 -14.51 -48.46 -21.33
N ARG R 60 -13.93 -48.89 -22.43
CA ARG R 60 -14.47 -50.06 -23.12
C ARG R 60 -13.87 -51.35 -22.59
N CYS R 61 -12.55 -51.41 -22.47
CA CYS R 61 -11.88 -52.58 -21.94
C CYS R 61 -11.65 -52.52 -20.44
N LYS R 62 -11.97 -51.39 -19.81
CA LYS R 62 -11.78 -51.21 -18.38
C LYS R 62 -10.31 -51.40 -18.00
N GLY R 63 -9.42 -50.83 -18.80
CA GLY R 63 -8.03 -50.84 -18.47
C GLY R 63 -7.31 -52.14 -18.68
N ALA R 64 -7.91 -53.07 -19.42
CA ALA R 64 -7.22 -54.30 -19.77
C ALA R 64 -6.45 -54.17 -21.07
N GLY R 65 -6.92 -53.31 -21.97
CA GLY R 65 -6.27 -53.12 -23.24
C GLY R 65 -6.48 -54.25 -24.22
N VAL R 66 -7.43 -55.14 -23.98
CA VAL R 66 -7.54 -56.39 -24.70
C VAL R 66 -8.95 -56.92 -24.52
N MET R 67 -9.55 -57.35 -25.63
CA MET R 67 -10.89 -57.92 -25.62
C MET R 67 -10.81 -59.36 -26.11
N THR R 68 -11.92 -60.08 -26.04
CA THR R 68 -11.94 -61.47 -26.42
C THR R 68 -12.27 -61.64 -27.89
N CYS R 69 -11.84 -62.76 -28.46
CA CYS R 69 -12.30 -63.20 -29.78
C CYS R 69 -13.37 -64.25 -29.58
N PRO R 70 -14.66 -63.93 -29.72
CA PRO R 70 -15.70 -64.86 -29.25
C PRO R 70 -15.74 -66.19 -29.99
N ALA R 71 -15.39 -66.21 -31.28
CA ALA R 71 -15.41 -67.44 -32.04
C ALA R 71 -14.57 -68.53 -31.39
N CYS R 72 -13.50 -68.16 -30.71
CA CYS R 72 -12.62 -69.12 -30.06
C CYS R 72 -13.07 -69.47 -28.65
N LEU R 73 -14.36 -69.30 -28.34
CA LEU R 73 -14.90 -69.69 -27.04
C LEU R 73 -15.53 -71.06 -27.04
N GLY R 74 -16.25 -71.44 -28.09
CA GLY R 74 -16.89 -72.73 -28.16
C GLY R 74 -15.96 -73.84 -28.62
N GLY R 111 -4.66 -73.46 -39.49
CA GLY R 111 -6.10 -73.56 -39.71
C GLY R 111 -6.91 -73.08 -38.52
N GLY R 112 -6.38 -72.10 -37.81
CA GLY R 112 -7.06 -71.53 -36.66
C GLY R 112 -7.54 -70.12 -36.94
N CYS R 113 -7.85 -69.39 -35.87
CA CYS R 113 -8.24 -68.00 -36.02
C CYS R 113 -7.04 -67.18 -36.46
N ARG R 114 -7.23 -66.37 -37.51
CA ARG R 114 -6.17 -65.53 -38.04
C ARG R 114 -6.19 -64.13 -37.46
N VAL R 115 -7.21 -63.81 -36.66
CA VAL R 115 -7.39 -62.47 -36.15
C VAL R 115 -6.80 -62.27 -34.76
N CYS R 116 -6.63 -63.34 -33.99
CA CYS R 116 -6.44 -63.21 -32.55
C CYS R 116 -5.05 -63.70 -32.17
N GLY R 117 -4.12 -62.76 -31.98
CA GLY R 117 -2.88 -63.02 -31.28
C GLY R 117 -2.03 -64.14 -31.81
N THR R 118 -0.91 -64.41 -31.15
CA THR R 118 -0.09 -65.57 -31.42
C THR R 118 0.17 -66.32 -30.12
N ALA R 119 0.31 -67.63 -30.23
CA ALA R 119 0.54 -68.46 -29.05
C ALA R 119 1.82 -68.04 -28.33
N CYS R 120 1.96 -68.50 -27.09
CA CYS R 120 3.16 -68.18 -26.30
C CYS R 120 4.10 -69.39 -26.32
N ALA R 121 5.20 -69.35 -25.56
CA ALA R 121 6.21 -70.44 -25.60
C ALA R 121 5.83 -71.59 -24.67
N TRP R 122 5.33 -71.29 -23.50
CA TRP R 122 4.94 -72.31 -22.50
C TRP R 122 3.55 -72.82 -22.82
N ASP R 123 3.09 -72.63 -24.05
CA ASP R 123 1.78 -73.19 -24.46
C ASP R 123 2.00 -74.58 -25.02
N ALA R 124 3.12 -74.80 -25.72
CA ALA R 124 3.48 -76.15 -26.22
C ALA R 124 3.60 -77.06 -25.03
N GLU R 125 2.60 -77.90 -24.79
CA GLU R 125 2.58 -78.68 -23.57
C GLU R 125 3.47 -79.90 -23.65
N GLU R 127 6.70 -79.68 -24.34
CA GLU R 127 8.05 -79.26 -24.04
C GLU R 127 8.18 -78.74 -22.62
N TRP R 128 7.19 -79.04 -21.79
CA TRP R 128 7.16 -78.46 -20.45
C TRP R 128 8.29 -79.00 -19.59
N MET R 129 8.42 -80.32 -19.52
CA MET R 129 9.37 -80.90 -18.59
C MET R 129 10.82 -80.69 -19.02
N GLU R 130 11.06 -80.52 -20.32
CA GLU R 130 12.41 -80.20 -20.79
C GLU R 130 12.82 -78.80 -20.36
N ARG R 131 11.93 -77.83 -20.55
CA ARG R 131 12.22 -76.49 -20.08
C ARG R 131 12.41 -76.45 -18.58
N TRP R 132 11.61 -77.20 -17.84
CA TRP R 132 11.81 -77.21 -16.41
C TRP R 132 13.13 -77.86 -16.04
N GLY R 133 13.55 -78.88 -16.77
CA GLY R 133 14.85 -79.48 -16.51
C GLY R 133 15.99 -78.50 -16.71
N GLU R 134 16.00 -77.80 -17.84
CA GLU R 134 17.03 -76.79 -18.06
C GLU R 134 17.03 -75.76 -16.94
N TRP R 135 15.85 -75.30 -16.53
CA TRP R 135 15.80 -74.24 -15.54
C TRP R 135 16.30 -74.73 -14.19
N GLU R 136 15.94 -75.94 -13.79
CA GLU R 136 16.42 -76.40 -12.50
C GLU R 136 17.91 -76.70 -12.53
N SER R 137 18.45 -77.11 -13.69
CA SER R 137 19.90 -77.22 -13.81
C SER R 137 20.57 -75.87 -13.59
N ARG R 138 20.14 -74.84 -14.31
CA ARG R 138 20.74 -73.53 -14.14
C ARG R 138 20.56 -73.01 -12.72
N LEU R 139 19.48 -73.40 -12.06
CA LEU R 139 19.24 -72.91 -10.71
C LEU R 139 20.10 -73.62 -9.68
N ALA R 140 20.46 -74.88 -9.91
CA ALA R 140 21.30 -75.59 -8.95
C ALA R 140 22.67 -74.94 -8.80
N TYR R 141 23.11 -74.17 -9.80
CA TYR R 141 24.36 -73.44 -9.71
C TYR R 141 24.33 -72.43 -8.57
N TYR R 142 23.47 -71.44 -8.66
CA TYR R 142 23.40 -70.38 -7.67
C TYR R 142 23.02 -70.88 -6.29
N ASP R 143 22.24 -71.96 -6.22
CA ASP R 143 21.64 -72.39 -4.97
C ASP R 143 22.66 -72.51 -3.85
N LYS R 144 22.53 -71.67 -2.83
CA LYS R 144 23.45 -71.66 -1.71
C LYS R 144 22.79 -72.11 -0.42
N ALA R 145 21.76 -72.96 -0.52
CA ALA R 145 21.08 -73.43 0.68
C ALA R 145 21.98 -74.40 1.46
N THR R 146 22.57 -75.37 0.77
CA THR R 146 23.44 -76.36 1.39
C THR R 146 24.85 -75.86 1.59
N GLY R 147 25.07 -74.55 1.53
CA GLY R 147 26.38 -73.94 1.65
C GLY R 147 27.22 -74.40 2.84
N PRO R 148 26.66 -74.41 4.05
CA PRO R 148 27.51 -74.79 5.21
C PRO R 148 28.05 -76.21 5.15
N LEU R 149 27.26 -77.17 4.68
CA LEU R 149 27.77 -78.54 4.58
C LEU R 149 28.88 -78.64 3.55
N MET R 150 28.68 -78.07 2.37
CA MET R 150 29.74 -78.04 1.37
C MET R 150 30.98 -77.33 1.91
N ASP R 151 30.78 -76.30 2.74
CA ASP R 151 31.92 -75.57 3.27
C ASP R 151 32.73 -76.41 4.24
N GLU R 152 32.06 -77.08 5.17
CA GLU R 152 32.78 -77.92 6.11
C GLU R 152 33.46 -79.09 5.40
N TRP R 153 32.82 -79.65 4.38
CA TRP R 153 33.46 -80.74 3.64
C TRP R 153 34.65 -80.25 2.84
N TYR R 154 34.55 -79.06 2.25
CA TYR R 154 35.67 -78.50 1.51
C TYR R 154 36.84 -78.19 2.43
N GLU R 155 36.56 -77.67 3.63
CA GLU R 155 37.63 -77.42 4.58
C GLU R 155 38.25 -78.71 5.08
N ASP R 156 37.46 -79.77 5.24
CA ASP R 156 37.98 -81.08 5.61
C ASP R 156 38.81 -81.71 4.50
N VAL R 157 38.47 -81.47 3.24
CA VAL R 157 39.21 -82.07 2.14
C VAL R 157 40.38 -81.21 1.70
N LEU R 158 40.47 -79.98 2.17
CA LEU R 158 41.65 -79.16 1.88
C LEU R 158 42.75 -79.41 2.92
N ASN R 159 42.45 -79.19 4.19
CA ASN R 159 43.43 -79.45 5.25
C ASN R 159 43.81 -80.92 5.28
N ALA R 160 42.87 -81.79 5.63
CA ALA R 160 43.10 -83.23 5.75
C ALA R 160 44.31 -83.55 6.63
N GLY R 161 44.61 -82.67 7.58
CA GLY R 161 45.76 -82.87 8.44
C GLY R 161 45.52 -82.60 9.91
N ASN R 162 44.36 -82.04 10.25
CA ASN R 162 44.09 -81.68 11.64
C ASN R 162 43.65 -82.90 12.45
N LEU R 163 42.63 -83.61 11.95
CA LEU R 163 42.14 -84.86 12.56
C LEU R 163 41.81 -84.67 14.04
N GLU R 164 40.84 -83.80 14.31
CA GLU R 164 40.34 -83.61 15.67
C GLU R 164 39.22 -84.59 16.00
N GLU R 165 39.49 -85.86 15.73
CA GLU R 165 38.45 -86.87 15.76
C GLU R 165 38.10 -87.28 17.19
N ASP R 166 37.21 -88.26 17.29
CA ASP R 166 36.89 -88.89 18.56
C ASP R 166 36.64 -90.38 18.32
N PRO R 168 35.48 -93.71 17.22
CA PRO R 168 34.69 -94.28 16.12
C PRO R 168 33.53 -95.15 16.61
N PRO R 169 32.47 -95.26 15.80
CA PRO R 169 31.28 -95.98 16.23
C PRO R 169 31.45 -97.50 16.11
N VAL R 170 30.75 -98.22 17.00
CA VAL R 170 30.76 -99.68 16.98
C VAL R 170 30.12 -100.14 15.69
N GLU R 171 30.92 -100.73 14.80
CA GLU R 171 30.50 -101.03 13.44
C GLU R 171 29.88 -102.41 13.35
N ASP R 172 28.65 -102.46 12.85
CA ASP R 172 28.07 -103.71 12.38
C ASP R 172 28.45 -103.91 10.91
N ASP R 173 28.68 -105.14 10.54
CA ASP R 173 29.19 -105.34 9.20
C ASP R 173 28.13 -105.93 8.29
N PRO R 174 28.24 -105.72 6.98
CA PRO R 174 27.17 -106.12 6.07
C PRO R 174 27.03 -107.63 6.05
N PRO R 175 25.88 -108.16 5.62
CA PRO R 175 25.76 -109.61 5.46
C PRO R 175 26.75 -110.11 4.43
N GLY R 176 27.26 -111.31 4.66
CA GLY R 176 27.99 -112.00 3.63
C GLY R 176 27.07 -112.27 2.46
N PRO R 177 27.63 -112.55 1.29
CA PRO R 177 26.79 -112.83 0.12
C PRO R 177 26.05 -114.15 0.28
N GLU R 178 25.38 -114.55 -0.79
CA GLU R 178 24.61 -115.79 -0.88
C GLU R 178 23.34 -115.76 -0.03
N VAL R 179 22.93 -114.58 0.45
CA VAL R 179 21.64 -114.44 1.11
C VAL R 179 20.80 -113.49 0.24
N THR R 180 19.89 -114.08 -0.55
CA THR R 180 19.09 -113.30 -1.49
C THR R 180 17.88 -112.71 -0.77
N GLY R 181 17.61 -111.45 -1.03
CA GLY R 181 16.53 -110.76 -0.35
C GLY R 181 16.68 -109.26 -0.54
N ARG R 182 15.69 -108.53 -0.04
CA ARG R 182 15.69 -107.08 -0.22
C ARG R 182 16.50 -106.38 0.86
N TRP R 183 16.27 -106.75 2.13
CA TRP R 183 17.03 -106.17 3.22
C TRP R 183 18.53 -106.38 3.02
N ALA R 184 18.90 -107.56 2.54
CA ALA R 184 20.30 -107.83 2.24
C ALA R 184 20.85 -106.86 1.20
N GLU R 185 20.08 -106.60 0.14
CA GLU R 185 20.54 -105.68 -0.89
C GLU R 185 20.70 -104.27 -0.33
N HIS R 186 19.73 -103.82 0.47
CA HIS R 186 19.84 -102.51 1.10
C HIS R 186 21.13 -102.40 1.89
N ASP R 187 21.37 -103.35 2.80
CA ASP R 187 22.55 -103.27 3.65
C ASP R 187 23.83 -103.37 2.83
N ARG R 188 23.87 -104.26 1.85
CA ARG R 188 25.08 -104.44 1.07
C ARG R 188 25.43 -103.18 0.29
N ALA R 189 24.45 -102.58 -0.37
CA ALA R 189 24.74 -101.34 -1.10
C ALA R 189 25.05 -100.20 -0.14
N LEU R 190 24.51 -100.24 1.07
CA LEU R 190 24.76 -99.16 2.01
C LEU R 190 26.18 -99.23 2.57
N HIS R 191 26.70 -100.43 2.79
CA HIS R 191 28.01 -100.56 3.42
C HIS R 191 29.16 -100.23 2.48
N LYS R 192 29.02 -100.48 1.19
CA LYS R 192 30.04 -100.07 0.21
C LYS R 192 29.98 -98.56 0.00
N ASP R 193 30.22 -97.82 1.09
CA ASP R 193 29.95 -96.40 1.14
C ASP R 193 31.19 -95.53 0.89
N LYS R 194 32.38 -96.05 1.17
CA LYS R 194 33.56 -95.20 1.15
C LYS R 194 34.32 -95.32 -0.16
N LYS R 195 34.39 -96.54 -0.71
CA LYS R 195 35.06 -96.71 -1.99
C LYS R 195 34.27 -96.07 -3.13
N ARG R 196 32.94 -96.15 -3.08
CA ARG R 196 32.12 -95.50 -4.10
C ARG R 196 32.25 -93.98 -4.02
N MET R 197 32.17 -93.42 -2.82
CA MET R 197 32.36 -91.99 -2.66
C MET R 197 33.77 -91.57 -3.08
N ALA R 198 34.74 -92.45 -2.85
CA ALA R 198 36.10 -92.16 -3.31
C ALA R 198 36.17 -92.08 -4.82
N ALA R 199 35.51 -93.02 -5.50
CA ALA R 199 35.47 -92.97 -6.96
C ALA R 199 34.77 -91.71 -7.44
N LEU R 200 33.71 -91.31 -6.75
CA LEU R 200 33.02 -90.08 -7.08
C LEU R 200 33.94 -88.87 -6.94
N MET R 201 34.71 -88.82 -5.86
CA MET R 201 35.67 -87.74 -5.68
C MET R 201 36.76 -87.77 -6.75
N ARG R 202 37.11 -88.97 -7.21
CA ARG R 202 38.18 -89.08 -8.20
C ARG R 202 37.72 -88.65 -9.58
N ARG R 203 36.44 -88.90 -9.91
CA ARG R 203 35.95 -88.48 -11.22
C ARG R 203 35.64 -86.99 -11.25
N TRP R 204 34.71 -86.54 -10.42
CA TRP R 204 34.36 -85.14 -10.29
C TRP R 204 35.01 -84.61 -9.01
N GLY R 205 35.58 -83.42 -9.08
CA GLY R 205 36.19 -82.84 -7.90
C GLY R 205 35.14 -82.38 -6.90
N HIS R 206 35.63 -81.69 -5.88
CA HIS R 206 34.72 -80.95 -5.03
C HIS R 206 34.04 -79.88 -5.87
N PRO R 207 32.73 -79.64 -5.68
CA PRO R 207 32.02 -78.73 -6.59
C PRO R 207 32.62 -77.35 -6.70
N TYR R 208 33.28 -76.85 -5.67
CA TYR R 208 33.85 -75.51 -5.75
C TYR R 208 35.06 -75.46 -6.68
N ASP R 209 35.70 -76.58 -6.92
CA ASP R 209 36.89 -76.62 -7.78
C ASP R 209 36.54 -76.71 -9.25
N ALA R 210 35.48 -77.43 -9.59
CA ALA R 210 34.99 -77.51 -10.95
C ALA R 210 34.12 -76.33 -11.35
N ASP R 211 33.92 -75.38 -10.43
CA ASP R 211 33.08 -74.21 -10.67
C ASP R 211 31.63 -74.59 -10.87
N ALA R 212 31.29 -75.83 -10.55
CA ALA R 212 29.93 -76.32 -10.73
C ALA R 212 28.92 -75.56 -9.90
N ASN R 213 29.31 -75.11 -8.72
CA ASN R 213 28.46 -74.30 -7.87
C ASN R 213 29.18 -72.99 -7.61
N LEU R 214 28.46 -72.02 -7.06
CA LEU R 214 29.05 -70.71 -6.78
C LEU R 214 30.21 -70.85 -5.81
N GLY R 215 31.03 -69.80 -5.70
CA GLY R 215 32.28 -69.84 -4.99
C GLY R 215 32.21 -70.14 -3.51
N TYR R 216 33.34 -70.00 -2.82
CA TYR R 216 33.45 -70.49 -1.45
C TYR R 216 32.76 -69.55 -0.46
N GLN R 217 33.16 -68.29 -0.42
CA GLN R 217 32.59 -67.33 0.51
C GLN R 217 32.31 -66.01 -0.20
N ILE R 218 31.58 -66.11 -1.32
CA ILE R 218 31.32 -64.92 -2.13
C ILE R 218 30.24 -64.06 -1.49
N VAL R 219 29.22 -64.70 -0.90
CA VAL R 219 28.04 -63.99 -0.41
C VAL R 219 27.81 -64.33 1.06
N ASP R 220 27.37 -63.34 1.83
CA ASP R 220 27.09 -63.52 3.25
C ASP R 220 25.73 -62.90 3.57
N PRO R 221 24.81 -63.68 4.12
CA PRO R 221 23.43 -63.18 4.30
C PRO R 221 23.30 -62.04 5.29
N THR R 222 24.35 -61.68 6.00
CA THR R 222 24.25 -60.66 7.04
C THR R 222 25.31 -59.57 6.91
N ALA R 223 25.89 -59.39 5.73
CA ALA R 223 26.94 -58.38 5.60
C ALA R 223 26.38 -57.05 5.14
N SER R 224 25.88 -57.00 3.91
CA SER R 224 25.26 -55.82 3.31
C SER R 224 24.89 -56.19 1.88
N MET R 225 24.03 -55.38 1.28
CA MET R 225 23.71 -55.59 -0.13
C MET R 225 24.86 -55.13 -1.03
N GLY R 226 25.49 -54.02 -0.68
CA GLY R 226 26.53 -53.48 -1.55
C GLY R 226 27.73 -54.40 -1.66
N GLU R 227 28.17 -54.95 -0.54
CA GLU R 227 29.30 -55.87 -0.57
C GLU R 227 28.98 -57.12 -1.39
N ASN R 228 27.74 -57.59 -1.30
CA ASN R 228 27.38 -58.81 -2.02
C ASN R 228 27.26 -58.56 -3.51
N VAL R 229 26.77 -57.40 -3.93
CA VAL R 229 26.76 -57.14 -5.37
C VAL R 229 28.17 -56.86 -5.86
N TRP R 230 29.04 -56.31 -5.01
CA TRP R 230 30.42 -56.16 -5.43
C TRP R 230 31.06 -57.53 -5.68
N ASN R 231 30.93 -58.42 -4.70
CA ASN R 231 31.54 -59.75 -4.86
C ASN R 231 30.95 -60.50 -6.04
N MET R 232 29.66 -60.33 -6.31
CA MET R 232 29.07 -61.10 -7.41
C MET R 232 29.34 -60.47 -8.76
N ALA R 233 29.61 -59.17 -8.82
CA ALA R 233 29.89 -58.53 -10.08
C ALA R 233 31.37 -58.63 -10.48
N GLN R 234 32.13 -59.52 -9.84
CA GLN R 234 33.58 -59.46 -9.97
C GLN R 234 34.08 -60.16 -11.23
N VAL R 235 33.91 -61.48 -11.30
CA VAL R 235 34.34 -62.19 -12.50
C VAL R 235 33.23 -63.11 -12.94
N TYR R 236 32.31 -62.59 -13.75
CA TYR R 236 31.18 -63.35 -14.27
C TYR R 236 30.67 -64.36 -13.26
N ASN R 237 30.48 -63.90 -12.03
CA ASN R 237 29.96 -64.77 -10.99
C ASN R 237 28.45 -64.92 -11.10
N SER R 238 27.79 -64.00 -11.79
CA SER R 238 26.36 -64.06 -11.98
C SER R 238 25.96 -65.00 -13.09
N LEU R 239 26.93 -65.53 -13.84
CA LEU R 239 26.66 -66.44 -14.93
C LEU R 239 27.10 -67.84 -14.57
N PRO R 240 26.36 -68.87 -14.99
CA PRO R 240 26.77 -70.23 -14.74
C PRO R 240 27.97 -70.59 -15.61
N PRO R 241 28.61 -71.75 -15.36
CA PRO R 241 29.76 -72.12 -16.20
C PRO R 241 29.42 -72.24 -17.67
N GLU R 242 28.24 -72.76 -18.00
CA GLU R 242 27.91 -73.03 -19.39
C GLU R 242 27.93 -71.77 -20.25
N LEU R 243 27.65 -70.61 -19.67
CA LEU R 243 27.57 -69.36 -20.42
C LEU R 243 28.73 -68.43 -20.14
N ASN R 244 29.61 -68.79 -19.21
CA ASN R 244 30.76 -67.95 -18.93
C ASN R 244 31.68 -67.92 -20.15
N PRO R 245 31.93 -66.74 -20.73
CA PRO R 245 32.72 -66.68 -21.97
C PRO R 245 34.19 -67.01 -21.79
N LEU R 246 34.76 -66.73 -20.62
CA LEU R 246 36.15 -67.09 -20.35
C LEU R 246 36.42 -68.56 -20.59
N ARG R 247 35.46 -69.43 -20.31
CA ARG R 247 35.63 -70.86 -20.54
C ARG R 247 35.93 -71.17 -22.00
N THR R 248 35.56 -70.27 -22.92
CA THR R 248 35.66 -70.55 -24.35
C THR R 248 36.53 -69.54 -25.09
N GLN R 249 37.00 -68.48 -24.43
CA GLN R 249 37.64 -67.39 -25.15
C GLN R 249 38.94 -67.80 -25.85
N HIS R 250 39.38 -69.06 -25.73
CA HIS R 250 40.67 -69.40 -26.28
C HIS R 250 40.62 -70.11 -27.62
N LEU R 251 39.67 -71.01 -27.86
CA LEU R 251 39.61 -71.70 -29.13
C LEU R 251 38.26 -71.47 -29.80
N ALA R 252 38.28 -70.78 -30.93
CA ALA R 252 37.15 -70.71 -31.85
C ALA R 252 37.63 -70.18 -33.20
N ASP R 253 37.61 -71.01 -34.23
CA ASP R 253 38.11 -70.62 -35.54
C ASP R 253 37.54 -71.59 -36.57
N ARG R 254 38.17 -71.59 -37.75
CA ARG R 254 37.57 -72.06 -39.00
C ARG R 254 36.75 -73.34 -38.87
N GLY R 255 37.05 -74.17 -37.88
CA GLY R 255 36.43 -75.48 -37.77
C GLY R 255 34.92 -75.46 -37.82
N GLY R 256 34.29 -74.81 -36.84
CA GLY R 256 32.85 -74.69 -36.82
C GLY R 256 32.36 -73.26 -36.91
N GLY R 257 33.17 -72.33 -36.39
CA GLY R 257 32.76 -70.94 -36.32
C GLY R 257 31.51 -70.72 -35.49
N ASN R 258 31.27 -71.56 -34.49
CA ASN R 258 29.99 -71.57 -33.79
C ASN R 258 30.09 -71.53 -32.28
N THR R 259 31.11 -72.14 -31.68
CA THR R 259 31.09 -72.32 -30.23
C THR R 259 31.03 -71.00 -29.49
N GLN R 260 31.83 -70.02 -29.91
CA GLN R 260 31.76 -68.70 -29.29
C GLN R 260 30.57 -67.89 -29.80
N ALA R 261 29.90 -68.35 -30.85
CA ALA R 261 28.68 -67.70 -31.32
C ALA R 261 27.46 -68.31 -30.65
N ALA R 262 27.38 -69.63 -30.62
CA ALA R 262 26.26 -70.31 -29.97
C ALA R 262 26.33 -70.25 -28.45
N VAL R 263 27.23 -69.45 -27.89
CA VAL R 263 27.23 -69.21 -26.46
C VAL R 263 26.77 -67.79 -26.14
N GLU R 264 27.24 -66.81 -26.91
CA GLU R 264 26.68 -65.48 -26.78
C GLU R 264 25.27 -65.41 -27.35
N ALA R 265 24.86 -66.39 -28.14
CA ALA R 265 23.48 -66.45 -28.61
C ALA R 265 22.60 -67.24 -27.67
N ALA R 266 23.17 -67.82 -26.61
CA ALA R 266 22.35 -68.41 -25.57
C ALA R 266 22.29 -67.51 -24.34
N ARG R 267 23.40 -66.85 -24.02
CA ARG R 267 23.39 -65.92 -22.90
C ARG R 267 22.41 -64.79 -23.12
N SER R 268 22.23 -64.39 -24.39
CA SER R 268 21.26 -63.36 -24.70
C SER R 268 19.84 -63.81 -24.38
N ALA R 269 19.46 -65.01 -24.82
CA ALA R 269 18.14 -65.52 -24.49
C ALA R 269 17.96 -65.64 -22.99
N PHE R 270 19.01 -66.03 -22.28
CA PHE R 270 18.95 -66.12 -20.84
C PHE R 270 18.59 -64.79 -20.21
N ASP R 271 19.30 -63.73 -20.61
CA ASP R 271 19.06 -62.43 -20.00
C ASP R 271 17.69 -61.87 -20.39
N ALA R 272 17.23 -62.20 -21.59
CA ALA R 272 15.87 -61.81 -21.97
C ALA R 272 14.84 -62.46 -21.05
N GLN R 273 15.02 -63.75 -20.76
CA GLN R 273 14.11 -64.40 -19.81
C GLN R 273 14.13 -63.70 -18.47
N VAL R 274 15.30 -63.32 -17.99
CA VAL R 274 15.35 -62.69 -16.66
C VAL R 274 14.63 -61.35 -16.65
N VAL R 275 14.86 -60.53 -17.68
CA VAL R 275 14.18 -59.23 -17.70
C VAL R 275 12.67 -59.41 -17.83
N MET R 276 12.22 -60.38 -18.61
CA MET R 276 10.79 -60.65 -18.69
C MET R 276 10.22 -61.03 -17.33
N GLU R 277 10.96 -61.79 -16.55
CA GLU R 277 10.47 -62.12 -15.22
C GLU R 277 10.32 -60.87 -14.36
N ALA R 278 11.27 -59.96 -14.45
CA ALA R 278 11.13 -58.71 -13.69
C ALA R 278 9.88 -57.94 -14.10
N ALA R 279 9.63 -57.88 -15.41
CA ALA R 279 8.44 -57.16 -15.88
C ALA R 279 7.15 -57.80 -15.37
N LEU R 280 7.05 -59.12 -15.45
CA LEU R 280 5.87 -59.80 -14.95
C LEU R 280 5.65 -59.53 -13.47
N LEU R 281 6.73 -59.49 -12.68
CA LEU R 281 6.53 -59.28 -11.25
C LEU R 281 6.15 -57.85 -10.94
N GLN R 282 6.59 -56.89 -11.74
CA GLN R 282 6.11 -55.52 -11.55
C GLN R 282 4.63 -55.41 -11.89
N ASN R 283 4.18 -56.11 -12.93
CA ASN R 283 2.76 -56.13 -13.24
C ASN R 283 1.96 -56.74 -12.10
N LEU R 284 2.44 -57.84 -11.53
CA LEU R 284 1.71 -58.47 -10.44
C LEU R 284 1.67 -57.58 -9.21
N GLU R 285 2.76 -56.89 -8.92
CA GLU R 285 2.75 -56.02 -7.75
C GLU R 285 1.82 -54.85 -7.95
N ALA R 286 1.66 -54.36 -9.18
CA ALA R 286 0.68 -53.32 -9.42
C ALA R 286 -0.74 -53.86 -9.31
N ALA R 287 -0.97 -55.06 -9.83
CA ALA R 287 -2.30 -55.64 -9.76
C ALA R 287 -2.66 -56.14 -8.37
N ALA R 288 -1.72 -56.21 -7.44
CA ALA R 288 -2.06 -56.64 -6.09
C ALA R 288 -2.96 -55.62 -5.43
N GLN R 289 -2.65 -54.34 -5.60
CA GLN R 289 -3.58 -53.25 -5.32
C GLN R 289 -4.52 -53.14 -6.50
N ASP R 290 -5.24 -52.05 -6.66
CA ASP R 290 -6.11 -51.98 -7.82
C ASP R 290 -5.52 -50.99 -8.81
N LEU R 291 -4.23 -51.01 -8.93
CA LEU R 291 -3.65 -50.02 -9.82
C LEU R 291 -3.56 -50.55 -11.24
N PRO R 292 -3.46 -49.67 -12.22
CA PRO R 292 -3.25 -50.14 -13.59
C PRO R 292 -1.79 -50.50 -13.83
N LYS R 293 -1.59 -51.54 -14.62
CA LYS R 293 -0.32 -52.20 -14.86
C LYS R 293 0.60 -51.33 -15.68
N PRO R 294 1.90 -51.33 -15.38
CA PRO R 294 2.81 -50.42 -16.07
C PRO R 294 3.26 -50.89 -17.43
N HIS R 295 3.35 -52.20 -17.63
CA HIS R 295 3.89 -52.77 -18.86
C HIS R 295 2.75 -53.35 -19.67
N ARG R 296 2.52 -52.78 -20.84
CA ARG R 296 1.47 -53.24 -21.74
C ARG R 296 2.05 -54.27 -22.70
N LEU R 297 1.60 -55.48 -22.61
CA LEU R 297 2.10 -56.58 -23.41
C LEU R 297 1.17 -56.87 -24.56
N PRO R 298 1.67 -57.43 -25.66
CA PRO R 298 0.83 -57.64 -26.83
C PRO R 298 -0.17 -58.75 -26.59
N PRO R 299 -1.22 -58.83 -27.40
CA PRO R 299 -2.26 -59.84 -27.16
C PRO R 299 -1.74 -61.26 -27.36
N THR R 300 -2.53 -62.22 -26.92
CA THR R 300 -2.16 -63.62 -27.01
C THR R 300 -3.22 -64.39 -27.78
N ALA R 301 -3.11 -65.71 -27.77
CA ALA R 301 -3.79 -66.56 -28.74
C ALA R 301 -5.29 -66.58 -28.62
N GLY R 302 -5.89 -65.90 -27.65
CA GLY R 302 -7.33 -65.98 -27.56
C GLY R 302 -7.99 -64.62 -27.54
N THR R 303 -7.19 -63.56 -27.66
CA THR R 303 -7.66 -62.21 -27.44
C THR R 303 -7.18 -61.30 -28.56
N VAL R 304 -7.95 -60.25 -28.79
CA VAL R 304 -7.61 -59.22 -29.77
C VAL R 304 -7.42 -57.92 -29.02
N ALA R 305 -6.87 -56.92 -29.70
CA ALA R 305 -6.62 -55.64 -29.06
C ALA R 305 -7.85 -54.77 -29.10
N CYS R 306 -8.03 -53.96 -28.07
CA CYS R 306 -9.15 -53.05 -28.02
C CYS R 306 -9.03 -52.02 -29.14
N ASN R 307 -10.15 -51.59 -29.68
CA ASN R 307 -10.10 -50.66 -30.80
C ASN R 307 -10.51 -49.25 -30.43
N GLU R 308 -10.77 -48.96 -29.16
CA GLU R 308 -10.89 -47.58 -28.74
C GLU R 308 -9.54 -47.02 -28.36
N CYS R 309 -8.91 -47.57 -27.34
CA CYS R 309 -7.49 -47.40 -27.15
C CYS R 309 -6.78 -48.26 -28.18
N GLY R 310 -5.50 -48.03 -28.39
CA GLY R 310 -4.84 -48.93 -29.30
C GLY R 310 -4.41 -50.22 -28.68
N GLY R 311 -4.78 -50.44 -27.43
CA GLY R 311 -4.14 -51.39 -26.56
C GLY R 311 -3.38 -50.75 -25.43
N ALA R 312 -3.17 -49.44 -25.49
CA ALA R 312 -2.70 -48.69 -24.35
C ALA R 312 -3.84 -48.51 -23.38
N ALA R 313 -3.78 -49.20 -22.26
CA ALA R 313 -4.97 -49.36 -21.46
C ALA R 313 -5.38 -48.12 -20.69
N TRP R 314 -4.46 -47.22 -20.37
CA TRP R 314 -4.76 -46.11 -19.48
C TRP R 314 -3.80 -44.97 -19.80
N GLY R 315 -3.92 -43.88 -19.06
CA GLY R 315 -3.05 -42.75 -19.31
C GLY R 315 -3.15 -41.70 -18.22
N TYR R 316 -2.42 -40.61 -18.42
CA TYR R 316 -2.43 -39.45 -17.53
C TYR R 316 -3.11 -38.29 -18.23
N SER R 317 -3.82 -37.45 -17.47
CA SER R 317 -4.70 -36.51 -18.14
C SER R 317 -4.78 -35.09 -17.62
N PHE R 318 -4.13 -34.75 -16.51
CA PHE R 318 -4.19 -33.40 -15.97
C PHE R 318 -5.57 -33.06 -15.41
N PHE R 319 -6.56 -33.91 -15.67
CA PHE R 319 -7.87 -33.81 -15.05
C PHE R 319 -7.97 -34.84 -13.93
N PRO R 320 -8.42 -34.46 -12.74
CA PRO R 320 -8.10 -35.24 -11.54
C PRO R 320 -8.81 -36.58 -11.36
N ASN R 321 -9.67 -37.04 -12.25
CA ASN R 321 -10.28 -38.37 -12.10
C ASN R 321 -10.96 -38.52 -10.75
N THR R 322 -12.07 -37.81 -10.62
CA THR R 322 -12.84 -37.74 -9.39
C THR R 322 -13.22 -39.08 -8.80
N ALA R 323 -13.33 -40.13 -9.62
CA ALA R 323 -13.74 -41.43 -9.08
C ALA R 323 -12.73 -41.96 -8.10
N VAL R 324 -11.45 -41.67 -8.32
CA VAL R 324 -10.42 -42.04 -7.35
C VAL R 324 -10.41 -41.07 -6.19
N MET R 325 -10.61 -39.78 -6.46
CA MET R 325 -10.51 -38.76 -5.43
C MET R 325 -11.59 -38.92 -4.38
N PHE R 326 -12.75 -39.46 -4.75
CA PHE R 326 -13.82 -39.69 -3.80
C PHE R 326 -14.00 -41.16 -3.47
N GLY R 327 -13.24 -42.04 -4.10
CA GLY R 327 -13.30 -43.44 -3.74
C GLY R 327 -14.55 -44.13 -4.21
N LEU R 328 -14.87 -43.98 -5.49
CA LEU R 328 -16.04 -44.61 -6.08
C LEU R 328 -15.66 -45.48 -7.26
N GLU R 329 -14.45 -46.04 -7.26
CA GLU R 329 -14.00 -46.77 -8.43
C GLU R 329 -14.31 -48.25 -8.31
N ARG R 330 -15.01 -48.64 -7.29
CA ARG R 330 -15.43 -50.03 -7.31
C ARG R 330 -16.95 -50.14 -7.24
N PRO R 331 -17.52 -51.10 -7.94
CA PRO R 331 -18.92 -50.98 -8.38
C PRO R 331 -20.03 -51.58 -7.53
N PHE R 332 -19.84 -51.91 -6.25
CA PHE R 332 -20.98 -52.36 -5.44
C PHE R 332 -21.65 -53.65 -5.91
N TRP R 333 -21.15 -54.78 -5.44
CA TRP R 333 -21.51 -56.13 -5.86
C TRP R 333 -22.92 -56.37 -6.36
N GLY R 334 -23.93 -55.85 -5.67
CA GLY R 334 -25.31 -56.07 -6.12
C GLY R 334 -25.57 -55.56 -7.52
N ASP R 335 -24.97 -54.43 -7.88
CA ASP R 335 -25.14 -53.87 -9.21
C ASP R 335 -24.62 -54.82 -10.27
N THR R 336 -23.41 -55.34 -10.08
CA THR R 336 -22.83 -56.27 -11.03
C THR R 336 -23.64 -57.54 -11.12
N LEU R 337 -24.10 -58.06 -9.98
CA LEU R 337 -24.96 -59.23 -10.01
C LEU R 337 -26.19 -59.00 -10.87
N ALA R 338 -26.83 -57.84 -10.70
CA ALA R 338 -28.02 -57.55 -11.50
C ALA R 338 -27.69 -57.47 -12.97
N ARG R 339 -26.61 -56.77 -13.31
CA ARG R 339 -26.27 -56.58 -14.72
C ARG R 339 -25.97 -57.91 -15.39
N LEU R 340 -25.21 -58.77 -14.74
CA LEU R 340 -24.90 -60.06 -15.33
C LEU R 340 -26.14 -60.94 -15.43
N SER R 341 -26.93 -61.02 -14.36
CA SER R 341 -28.11 -61.87 -14.43
C SER R 341 -29.06 -61.42 -15.51
N LYS R 342 -29.08 -60.14 -15.84
CA LYS R 342 -29.89 -59.70 -16.96
C LYS R 342 -29.20 -59.87 -18.30
N TYR R 343 -27.89 -60.03 -18.31
CA TYR R 343 -27.20 -60.26 -19.58
C TYR R 343 -27.29 -61.72 -20.01
N TRP R 344 -27.26 -62.66 -19.08
CA TRP R 344 -27.28 -64.07 -19.41
C TRP R 344 -28.69 -64.62 -19.57
N ASN R 345 -29.71 -63.76 -19.62
CA ASN R 345 -31.09 -64.20 -19.71
C ASN R 345 -31.79 -63.36 -20.78
N PRO R 346 -31.55 -63.66 -22.05
CA PRO R 346 -32.27 -62.94 -23.11
C PRO R 346 -33.73 -63.32 -23.11
N THR R 347 -34.57 -62.33 -23.34
CA THR R 347 -36.02 -62.48 -23.24
C THR R 347 -36.63 -62.56 -24.62
N GLN R 348 -37.63 -63.42 -24.77
CA GLN R 348 -38.40 -63.58 -26.00
C GLN R 348 -39.78 -62.98 -25.79
N VAL R 349 -40.08 -61.89 -26.49
CA VAL R 349 -41.39 -61.25 -26.34
C VAL R 349 -42.35 -61.79 -27.39
N ALA R 350 -41.86 -61.98 -28.61
CA ALA R 350 -42.69 -62.55 -29.65
C ALA R 350 -43.04 -64.00 -29.30
N ASP R 351 -44.05 -64.52 -29.98
CA ASP R 351 -44.39 -65.92 -29.82
C ASP R 351 -44.28 -66.64 -31.15
N PRO R 352 -43.62 -67.80 -31.18
CA PRO R 352 -43.43 -68.50 -32.47
C PRO R 352 -44.72 -68.91 -33.14
N ALA R 353 -45.88 -68.69 -32.51
CA ALA R 353 -47.14 -68.96 -33.18
C ALA R 353 -47.46 -67.89 -34.21
N ARG R 354 -47.49 -66.63 -33.79
CA ARG R 354 -47.75 -65.53 -34.72
C ARG R 354 -46.69 -65.47 -35.80
N THR R 355 -45.45 -65.21 -35.41
CA THR R 355 -44.33 -65.25 -36.34
C THR R 355 -43.93 -66.70 -36.57
N GLY R 356 -43.98 -67.15 -37.81
CA GLY R 356 -43.76 -68.55 -38.10
C GLY R 356 -42.32 -69.00 -37.92
N GLN R 357 -41.79 -68.82 -36.72
CA GLN R 357 -40.41 -69.16 -36.41
C GLN R 357 -40.40 -70.48 -35.63
N LEU R 358 -39.95 -71.54 -36.26
CA LEU R 358 -40.00 -72.87 -35.66
C LEU R 358 -38.71 -73.25 -34.94
N LEU R 359 -37.59 -72.73 -35.36
CA LEU R 359 -36.30 -73.10 -34.79
C LEU R 359 -35.69 -71.92 -34.05
N PRO R 360 -34.89 -72.18 -33.02
CA PRO R 360 -34.11 -71.11 -32.41
C PRO R 360 -33.13 -70.52 -33.41
N TYR R 361 -32.57 -69.37 -33.05
CA TYR R 361 -31.68 -68.68 -33.95
C TYR R 361 -30.44 -69.51 -34.23
N GLY R 362 -29.74 -69.18 -35.30
CA GLY R 362 -28.57 -69.88 -35.73
C GLY R 362 -28.69 -70.27 -37.18
N GLU R 363 -27.66 -70.91 -37.70
CA GLU R 363 -27.64 -71.35 -39.08
C GLU R 363 -27.61 -72.87 -39.15
N GLY R 364 -28.15 -73.41 -40.24
CA GLY R 364 -28.18 -74.84 -40.45
C GLY R 364 -28.84 -75.58 -39.30
N GLY R 365 -30.06 -75.16 -38.95
CA GLY R 365 -30.75 -75.79 -37.84
C GLY R 365 -31.31 -77.16 -38.18
N LEU R 366 -31.52 -77.42 -39.48
CA LEU R 366 -32.16 -78.67 -39.88
C LEU R 366 -31.26 -79.86 -39.61
N ARG R 367 -30.01 -79.82 -40.09
CA ARG R 367 -29.07 -80.88 -39.76
C ARG R 367 -28.84 -80.96 -38.26
N ARG R 368 -28.92 -79.83 -37.56
CA ARG R 368 -28.80 -79.82 -36.12
C ARG R 368 -30.00 -80.48 -35.44
N LEU R 369 -31.13 -80.57 -36.15
CA LEU R 369 -32.37 -81.07 -35.59
C LEU R 369 -32.55 -82.58 -35.76
N LEU R 370 -31.76 -83.21 -36.62
CA LEU R 370 -31.87 -84.64 -36.84
C LEU R 370 -31.59 -85.43 -35.57
N ALA R 383 -21.18 -93.22 -26.98
CA ALA R 383 -21.52 -94.54 -26.44
C ALA R 383 -21.97 -94.43 -24.99
N LEU R 384 -21.08 -94.84 -24.08
CA LEU R 384 -21.39 -94.84 -22.62
C LEU R 384 -20.83 -93.57 -21.97
N GLU R 385 -20.69 -92.51 -22.74
CA GLU R 385 -20.17 -91.24 -22.19
C GLU R 385 -21.04 -90.80 -21.01
N ALA R 386 -22.30 -91.20 -21.00
CA ALA R 386 -23.21 -90.74 -19.93
C ALA R 386 -22.92 -91.49 -18.64
N VAL R 387 -22.22 -92.63 -18.72
CA VAL R 387 -22.02 -93.44 -17.49
C VAL R 387 -20.63 -93.14 -16.92
N VAL R 388 -19.63 -92.97 -17.78
CA VAL R 388 -18.24 -92.80 -17.28
C VAL R 388 -17.63 -91.50 -17.78
N GLY R 389 -18.45 -90.47 -18.02
CA GLY R 389 -17.91 -89.16 -18.41
C GLY R 389 -17.29 -89.16 -19.79
N LYS R 390 -16.73 -88.04 -20.21
CA LYS R 390 -16.10 -87.93 -21.55
C LYS R 390 -14.63 -88.30 -21.44
N ALA R 391 -13.99 -88.63 -22.57
CA ALA R 391 -12.57 -88.89 -22.43
C ALA R 391 -11.79 -87.59 -22.56
N PRO R 392 -10.84 -87.33 -21.65
CA PRO R 392 -10.06 -86.10 -21.73
C PRO R 392 -9.04 -86.19 -22.86
N ALA R 393 -9.11 -85.25 -23.79
CA ALA R 393 -8.14 -85.21 -24.88
C ALA R 393 -7.24 -83.99 -24.68
N THR R 394 -6.32 -84.15 -23.74
CA THR R 394 -5.12 -83.34 -23.67
C THR R 394 -3.95 -84.14 -23.14
N THR R 395 -4.14 -85.45 -22.87
CA THR R 395 -3.18 -86.27 -22.16
C THR R 395 -2.86 -87.56 -22.89
N GLY R 396 -3.10 -87.61 -24.20
CA GLY R 396 -2.74 -88.81 -24.94
C GLY R 396 -1.25 -89.04 -24.98
N ARG R 397 -0.46 -87.97 -24.95
CA ARG R 397 0.98 -88.06 -25.11
C ARG R 397 1.66 -88.86 -24.01
N TYR R 398 0.97 -89.19 -22.92
CA TYR R 398 1.56 -89.97 -21.86
C TYR R 398 1.16 -91.43 -21.90
N ARG R 399 0.16 -91.78 -22.70
CA ARG R 399 -0.41 -93.13 -22.71
C ARG R 399 0.67 -94.20 -22.63
N ARG R 400 1.61 -94.17 -23.58
CA ARG R 400 2.65 -95.18 -23.65
C ARG R 400 3.33 -95.39 -22.30
N ASP R 401 3.83 -94.33 -21.68
CA ASP R 401 4.54 -94.48 -20.42
C ASP R 401 3.67 -95.17 -19.39
N LEU R 402 2.40 -94.77 -19.31
CA LEU R 402 1.49 -95.39 -18.36
C LEU R 402 1.49 -96.89 -18.50
N GLU R 403 1.40 -97.38 -19.74
CA GLU R 403 1.38 -98.81 -19.98
C GLU R 403 2.65 -99.47 -19.44
N LEU R 404 3.80 -98.84 -19.67
CA LEU R 404 5.04 -99.36 -19.11
C LEU R 404 4.94 -99.48 -17.60
N LEU R 405 4.40 -98.44 -16.96
CA LEU R 405 4.31 -98.45 -15.50
C LEU R 405 3.40 -99.55 -14.99
N LEU R 406 2.67 -100.23 -15.88
CA LEU R 406 1.85 -101.35 -15.46
C LEU R 406 2.47 -102.70 -15.79
N ALA R 407 3.42 -102.74 -16.73
CA ALA R 407 4.06 -104.00 -17.09
C ALA R 407 5.29 -104.29 -16.24
N HIS R 408 5.80 -103.30 -15.53
CA HIS R 408 7.03 -103.44 -14.75
C HIS R 408 6.80 -102.84 -13.38
N PRO R 409 6.10 -103.54 -12.50
CA PRO R 409 5.81 -102.97 -11.17
C PRO R 409 7.05 -102.61 -10.38
N GLU R 410 8.15 -103.35 -10.57
CA GLU R 410 9.37 -103.08 -9.83
C GLU R 410 9.88 -101.66 -9.98
N LEU R 411 9.41 -100.93 -11.00
CA LEU R 411 9.84 -99.55 -11.17
C LEU R 411 9.32 -98.62 -10.09
N ARG R 412 8.36 -99.07 -9.28
CA ARG R 412 7.81 -98.25 -8.21
C ARG R 412 8.59 -98.35 -6.91
N ASP R 413 9.85 -98.76 -6.98
CA ASP R 413 10.63 -98.98 -5.78
C ASP R 413 11.09 -97.66 -5.18
N GLY R 414 11.05 -97.57 -3.85
CA GLY R 414 11.37 -96.34 -3.16
C GLY R 414 12.81 -95.89 -3.30
N ALA R 415 13.67 -96.73 -3.86
CA ALA R 415 15.08 -96.40 -3.95
C ALA R 415 15.43 -95.66 -5.23
N LEU R 416 14.60 -95.76 -6.25
CA LEU R 416 14.90 -95.22 -7.58
C LEU R 416 14.26 -93.86 -7.75
N ARG R 417 14.92 -92.98 -8.51
CA ARG R 417 14.42 -91.65 -8.80
C ARG R 417 14.98 -91.20 -10.15
N VAL R 418 14.19 -91.36 -11.21
CA VAL R 418 14.63 -91.08 -12.57
C VAL R 418 14.54 -89.57 -12.82
N PRO R 419 15.10 -89.05 -13.92
CA PRO R 419 14.99 -87.60 -14.19
C PRO R 419 13.58 -87.08 -14.33
N GLY R 420 12.81 -87.60 -15.29
CA GLY R 420 11.45 -87.13 -15.49
C GLY R 420 11.18 -86.61 -16.90
N GLY R 421 10.05 -87.01 -17.46
CA GLY R 421 9.72 -86.74 -18.84
C GLY R 421 8.77 -87.79 -19.39
N TRP R 422 8.45 -87.64 -20.66
CA TRP R 422 7.48 -88.54 -21.27
C TRP R 422 8.00 -89.27 -22.50
N GLY R 423 8.74 -88.62 -23.38
CA GLY R 423 9.17 -89.24 -24.61
C GLY R 423 10.18 -90.34 -24.36
N PRO R 424 10.50 -91.10 -25.41
CA PRO R 424 11.60 -92.08 -25.30
C PRO R 424 12.94 -91.46 -24.97
N GLU R 425 13.02 -90.14 -24.88
CA GLU R 425 14.25 -89.45 -24.52
C GLU R 425 14.29 -89.01 -23.07
N GLY R 426 13.31 -89.42 -22.26
CA GLY R 426 13.24 -88.90 -20.91
C GLY R 426 12.83 -89.89 -19.84
N GLY R 427 13.53 -89.84 -18.71
CA GLY R 427 13.12 -90.52 -17.50
C GLY R 427 12.97 -92.03 -17.58
N LEU R 428 11.73 -92.49 -17.46
CA LEU R 428 11.47 -93.92 -17.28
C LEU R 428 12.03 -94.74 -18.42
N GLN R 429 11.76 -94.35 -19.66
CA GLN R 429 12.20 -95.16 -20.79
C GLN R 429 13.70 -95.17 -20.92
N THR R 430 14.38 -94.09 -20.52
CA THR R 430 15.83 -94.10 -20.53
C THR R 430 16.38 -95.16 -19.58
N TYR R 431 15.88 -95.18 -18.35
CA TYR R 431 16.30 -96.20 -17.39
C TYR R 431 15.98 -97.60 -17.89
N LEU R 432 14.80 -97.79 -18.49
CA LEU R 432 14.41 -99.11 -18.94
C LEU R 432 15.29 -99.60 -20.08
N ARG R 433 15.52 -98.75 -21.08
CA ARG R 433 16.41 -99.10 -22.18
C ARG R 433 17.81 -99.39 -21.66
N GLY R 434 18.29 -98.58 -20.73
CA GLY R 434 19.61 -98.83 -20.15
C GLY R 434 19.68 -100.18 -19.48
N GLN R 435 18.65 -100.53 -18.71
CA GLN R 435 18.66 -101.80 -18.00
C GLN R 435 18.67 -102.97 -18.96
N GLN R 436 17.76 -102.95 -19.95
CA GLN R 436 17.72 -104.06 -20.90
C GLN R 436 19.02 -104.15 -21.69
N GLU R 437 19.58 -103.01 -22.10
CA GLU R 437 20.79 -103.03 -22.91
C GLU R 437 21.99 -103.52 -22.11
N GLU R 438 22.09 -103.15 -20.84
CA GLU R 438 23.26 -103.57 -20.07
C GLU R 438 23.12 -105.02 -19.63
N GLN R 439 21.90 -105.47 -19.36
CA GLN R 439 21.74 -106.89 -19.07
C GLN R 439 22.03 -107.73 -20.31
N ALA R 440 21.70 -107.23 -21.49
CA ALA R 440 22.06 -107.95 -22.71
C ALA R 440 23.57 -107.95 -22.94
N ARG R 441 24.22 -106.81 -22.68
CA ARG R 441 25.68 -106.73 -22.80
C ARG R 441 26.33 -107.76 -21.87
N MET R 442 25.91 -107.79 -20.61
CA MET R 442 26.49 -108.75 -19.68
C MET R 442 26.14 -110.18 -20.05
N GLN R 443 24.95 -110.42 -20.59
CA GLN R 443 24.61 -111.76 -21.04
C GLN R 443 25.55 -112.23 -22.14
N ARG R 444 25.82 -111.36 -23.12
CA ARG R 444 26.75 -111.73 -24.19
C ARG R 444 28.16 -111.88 -23.67
N ARG R 445 28.53 -111.12 -22.63
CA ARG R 445 29.86 -111.26 -22.06
C ARG R 445 30.01 -112.52 -21.21
N ARG R 446 28.90 -113.09 -20.72
CA ARG R 446 28.99 -114.33 -19.96
C ARG R 446 29.38 -115.51 -20.86
N ASP R 447 28.75 -115.62 -22.03
CA ASP R 447 28.94 -116.78 -22.89
C ASP R 447 30.29 -116.80 -23.59
N LEU R 448 30.85 -115.64 -23.93
CA LEU R 448 32.12 -115.61 -24.64
C LEU R 448 33.23 -116.22 -23.79
N ALA R 449 33.12 -116.11 -22.48
CA ALA R 449 34.06 -116.75 -21.57
C ALA R 449 33.49 -118.07 -21.08
N PRO S 14 17.96 -50.01 18.32
CA PRO S 14 18.69 -51.28 18.37
C PRO S 14 17.95 -52.43 17.70
N ARG S 15 18.06 -52.53 16.37
CA ARG S 15 17.46 -53.60 15.58
C ARG S 15 15.94 -53.66 15.78
N LEU S 16 15.29 -52.58 15.33
CA LEU S 16 13.83 -52.48 15.44
C LEU S 16 13.15 -53.68 14.81
N ALA S 17 13.73 -54.25 13.77
CA ALA S 17 13.20 -55.48 13.18
C ALA S 17 13.06 -56.60 14.18
N ALA S 18 13.64 -56.46 15.37
CA ALA S 18 13.37 -57.37 16.47
C ALA S 18 12.48 -56.73 17.54
N VAL S 19 12.46 -55.40 17.62
CA VAL S 19 11.65 -54.74 18.63
C VAL S 19 10.16 -54.80 18.30
N MET S 20 9.80 -54.73 17.02
CA MET S 20 8.38 -54.71 16.66
C MET S 20 7.66 -55.99 17.08
N PRO S 21 8.18 -57.19 16.81
CA PRO S 21 7.53 -58.38 17.36
C PRO S 21 7.48 -58.37 18.87
N ASP S 22 8.51 -57.87 19.56
CA ASP S 22 8.45 -57.81 21.00
C ASP S 22 7.40 -56.83 21.47
N ALA S 23 7.22 -55.72 20.74
CA ALA S 23 6.19 -54.77 21.12
C ALA S 23 4.80 -55.38 20.99
N VAL S 24 4.52 -56.06 19.88
CA VAL S 24 3.19 -56.64 19.72
C VAL S 24 2.99 -57.79 20.71
N TYR S 25 4.06 -58.52 21.03
CA TYR S 25 3.94 -59.60 22.01
C TYR S 25 3.66 -59.05 23.39
N ALA S 26 4.34 -57.98 23.77
CA ALA S 26 4.06 -57.33 25.05
C ALA S 26 2.62 -56.88 25.10
N LEU S 27 2.12 -56.25 24.03
CA LEU S 27 0.74 -55.80 24.03
C LEU S 27 -0.22 -56.97 24.22
N VAL S 28 -0.06 -58.04 23.44
CA VAL S 28 -0.96 -59.18 23.52
C VAL S 28 -0.94 -59.79 24.92
N GLN S 29 0.25 -60.10 25.42
CA GLN S 29 0.34 -60.78 26.71
C GLN S 29 -0.14 -59.89 27.84
N GLY S 30 0.19 -58.59 27.80
CA GLY S 30 -0.26 -57.69 28.84
C GLY S 30 -1.76 -57.53 28.85
N THR S 31 -2.38 -57.44 27.68
CA THR S 31 -3.83 -57.37 27.62
C THR S 31 -4.45 -58.64 28.17
N HIS S 32 -3.88 -59.80 27.86
CA HIS S 32 -4.44 -61.04 28.37
C HIS S 32 -4.35 -61.11 29.90
N LYS S 33 -3.20 -60.70 30.44
CA LYS S 33 -3.03 -60.75 31.89
C LYS S 33 -3.95 -59.76 32.59
N LEU S 34 -4.04 -58.54 32.07
CA LEU S 34 -4.98 -57.57 32.62
C LEU S 34 -6.40 -58.09 32.58
N GLY S 35 -6.76 -58.75 31.48
CA GLY S 35 -8.10 -59.28 31.35
C GLY S 35 -8.39 -60.36 32.37
N GLU S 36 -7.45 -61.29 32.55
CA GLU S 36 -7.71 -62.36 33.51
C GLU S 36 -7.75 -61.81 34.94
N TYR S 37 -6.87 -60.85 35.24
CA TYR S 37 -6.96 -60.16 36.53
C TYR S 37 -8.36 -59.62 36.75
N ALA S 38 -8.80 -58.71 35.87
CA ALA S 38 -10.11 -58.08 36.05
C ALA S 38 -11.26 -59.06 35.95
N HIS S 39 -11.03 -60.26 35.41
CA HIS S 39 -12.08 -61.26 35.31
C HIS S 39 -12.20 -62.12 36.55
N ASP S 40 -11.10 -62.41 37.23
CA ASP S 40 -11.21 -63.14 38.49
C ASP S 40 -11.45 -62.23 39.69
N LEU S 41 -11.68 -60.94 39.48
CA LEU S 41 -12.11 -60.08 40.57
C LEU S 41 -13.64 -59.99 40.64
N VAL S 42 -14.28 -59.60 39.54
CA VAL S 42 -15.74 -59.55 39.51
C VAL S 42 -16.31 -60.95 39.66
N PHE S 43 -15.58 -61.95 39.18
CA PHE S 43 -15.93 -63.35 39.39
C PHE S 43 -14.80 -64.06 40.09
N PRO S 44 -14.85 -64.18 41.42
CA PRO S 44 -13.79 -64.90 42.12
C PRO S 44 -13.74 -66.34 41.67
N PRO S 45 -12.55 -66.92 41.55
CA PRO S 45 -12.42 -68.28 41.03
C PRO S 45 -12.94 -69.30 42.04
N THR S 46 -13.44 -70.43 41.53
CA THR S 46 -13.96 -71.47 42.40
C THR S 46 -12.83 -72.06 43.25
N PRO S 47 -13.06 -72.22 44.55
CA PRO S 47 -11.97 -72.66 45.43
C PRO S 47 -11.58 -74.11 45.23
N GLU S 48 -12.36 -74.90 44.50
CA GLU S 48 -12.08 -76.32 44.30
C GLU S 48 -11.79 -76.69 42.85
N ASP S 49 -12.49 -76.11 41.88
CA ASP S 49 -12.19 -76.41 40.48
C ASP S 49 -10.87 -75.80 40.02
N LEU S 50 -10.21 -75.00 40.87
CA LEU S 50 -8.79 -74.74 40.64
C LEU S 50 -8.00 -76.04 40.66
N ARG S 51 -8.47 -77.05 41.36
CA ARG S 51 -7.92 -78.40 41.22
C ARG S 51 -8.39 -79.07 39.93
N LYS S 52 -9.58 -78.74 39.44
CA LYS S 52 -10.06 -79.40 38.23
C LYS S 52 -9.28 -78.93 37.00
N LEU S 53 -9.00 -77.63 36.90
CA LEU S 53 -8.17 -77.17 35.79
C LEU S 53 -6.75 -77.72 35.92
N GLU S 54 -6.28 -77.91 37.15
CA GLU S 54 -4.99 -78.57 37.36
C GLU S 54 -5.01 -79.99 36.81
N GLN S 55 -6.10 -80.71 37.07
CA GLN S 55 -6.26 -82.06 36.51
C GLN S 55 -6.34 -82.02 34.99
N GLN S 56 -7.01 -81.00 34.44
CA GLN S 56 -7.13 -80.89 32.99
C GLN S 56 -5.77 -80.70 32.33
N VAL S 57 -4.94 -79.83 32.91
CA VAL S 57 -3.59 -79.69 32.35
C VAL S 57 -2.72 -80.88 32.72
N ASN S 58 -3.07 -81.61 33.78
CA ASN S 58 -2.35 -82.83 34.14
C ASN S 58 -2.56 -83.95 33.13
N ALA S 59 -3.75 -84.02 32.55
CA ALA S 59 -4.05 -85.10 31.60
C ALA S 59 -3.35 -84.94 30.25
N THR S 60 -2.59 -83.86 30.05
CA THR S 60 -2.01 -83.56 28.75
C THR S 60 -0.51 -83.73 28.68
N ILE S 61 0.15 -84.02 29.79
CA ILE S 61 1.62 -84.11 29.80
C ILE S 61 2.03 -85.43 29.15
N PRO S 62 3.12 -85.48 28.39
CA PRO S 62 3.60 -86.76 27.86
C PRO S 62 3.98 -87.72 28.96
N ARG S 63 4.28 -88.96 28.56
CA ARG S 63 4.65 -89.97 29.54
C ARG S 63 6.14 -89.89 29.90
N GLU S 64 6.97 -89.41 28.97
CA GLU S 64 8.40 -89.31 29.22
C GLU S 64 8.72 -88.47 30.45
N PHE S 65 7.74 -87.78 31.02
CA PHE S 65 7.98 -86.92 32.17
C PHE S 65 7.53 -87.55 33.49
N ASP S 66 6.72 -88.61 33.46
CA ASP S 66 6.23 -89.15 34.72
C ASP S 66 7.34 -89.71 35.60
N ARG S 67 8.41 -90.24 34.99
CA ARG S 67 9.54 -90.72 35.77
C ARG S 67 10.18 -89.60 36.58
N VAL S 68 10.06 -88.36 36.12
CA VAL S 68 10.52 -87.22 36.89
C VAL S 68 9.45 -86.76 37.87
N ARG S 69 8.19 -86.78 37.44
CA ARG S 69 7.13 -86.08 38.14
C ARG S 69 7.04 -86.50 39.59
N GLN S 70 6.82 -87.80 39.84
CA GLN S 70 6.72 -88.28 41.22
C GLN S 70 7.97 -87.97 42.01
N ARG S 71 9.15 -88.02 41.36
CA ARG S 71 10.39 -87.71 42.05
C ARG S 71 10.41 -86.29 42.61
N TYR S 72 9.64 -85.38 42.04
CA TYR S 72 9.55 -84.04 42.58
C TYR S 72 8.70 -83.96 43.83
N ALA S 73 7.71 -84.87 43.98
CA ALA S 73 6.89 -84.87 45.17
C ALA S 73 7.69 -85.29 46.39
N GLU S 74 8.49 -86.35 46.26
CA GLU S 74 9.25 -86.89 47.39
C GLU S 74 10.65 -86.31 47.50
N GLY S 75 10.83 -85.00 47.41
CA GLY S 75 12.08 -84.38 47.81
C GLY S 75 13.26 -84.67 46.90
N LYS S 76 13.38 -85.94 46.48
CA LYS S 76 14.53 -86.50 45.80
C LYS S 76 15.08 -85.64 44.67
N ILE S 77 14.25 -84.77 44.09
CA ILE S 77 14.48 -84.32 42.72
C ILE S 77 15.75 -83.48 42.62
N ALA S 78 15.79 -82.34 43.30
CA ALA S 78 16.81 -81.35 42.97
C ALA S 78 16.85 -80.20 43.96
N ASN S 79 17.75 -79.23 43.73
CA ASN S 79 17.72 -77.98 44.50
C ASN S 79 16.95 -76.91 43.74
N ASP S 80 17.52 -76.40 42.64
CA ASP S 80 16.75 -75.70 41.62
C ASP S 80 17.24 -75.92 40.20
N GLU S 81 18.50 -76.24 39.98
CA GLU S 81 19.08 -76.39 38.65
C GLU S 81 19.25 -77.83 38.24
N GLN S 82 19.60 -78.70 39.20
CA GLN S 82 19.57 -80.14 38.96
C GLN S 82 18.25 -80.58 38.35
N LEU S 83 17.18 -79.82 38.60
CA LEU S 83 15.88 -80.08 37.98
C LEU S 83 15.86 -79.56 36.55
N GLU S 86 17.26 -81.75 34.44
CA GLU S 86 16.58 -83.03 34.47
C GLU S 86 15.47 -83.05 33.44
N LEU S 87 14.76 -81.93 33.33
CA LEU S 87 13.68 -81.83 32.36
C LEU S 87 14.19 -81.89 30.93
N GLU S 88 15.43 -81.46 30.69
CA GLU S 88 15.98 -81.48 29.34
C GLU S 88 16.10 -82.91 28.81
N ASP S 89 16.44 -83.86 29.67
CA ASP S 89 16.60 -85.23 29.22
C ASP S 89 15.27 -85.83 28.79
N ALA S 90 14.26 -85.72 29.66
CA ALA S 90 12.92 -86.17 29.28
C ALA S 90 12.45 -85.45 28.02
N SER S 91 12.75 -84.15 27.92
CA SER S 91 12.31 -83.38 26.77
C SER S 91 12.91 -83.93 25.48
N PHE S 92 14.22 -84.17 25.47
CA PHE S 92 14.84 -84.65 24.25
C PHE S 92 14.46 -86.09 23.95
N ASN S 93 14.16 -86.89 24.98
CA ASN S 93 13.63 -88.22 24.72
C ASN S 93 12.29 -88.13 24.00
N TRP S 94 11.39 -87.27 24.50
CA TRP S 94 10.12 -87.06 23.82
C TRP S 94 10.32 -86.52 22.41
N TYR S 95 11.29 -85.62 22.25
CA TYR S 95 11.56 -85.02 20.94
C TYR S 95 12.01 -86.08 19.93
N ARG S 96 12.92 -86.96 20.33
CA ARG S 96 13.38 -87.98 19.40
C ARG S 96 12.30 -89.01 19.13
N ARG S 97 11.47 -89.31 20.13
CA ARG S 97 10.32 -90.17 19.88
C ARG S 97 9.40 -89.55 18.84
N GLN S 98 9.18 -88.24 18.92
CA GLN S 98 8.32 -87.58 17.95
C GLN S 98 8.92 -87.62 16.56
N LEU S 99 10.23 -87.40 16.45
CA LEU S 99 10.89 -87.54 15.15
C LEU S 99 10.65 -88.93 14.57
N ARG S 100 10.84 -89.97 15.38
CA ARG S 100 10.63 -91.32 14.88
C ARG S 100 9.19 -91.53 14.43
N THR S 101 8.23 -91.14 15.28
CA THR S 101 6.82 -91.34 14.93
C THR S 101 6.48 -90.63 13.63
N SER S 102 6.95 -89.39 13.45
CA SER S 102 6.68 -88.66 12.23
C SER S 102 7.25 -89.38 11.01
N VAL S 103 8.51 -89.76 11.05
CA VAL S 103 9.14 -90.31 9.86
C VAL S 103 8.72 -91.75 9.61
N VAL S 104 9.06 -92.66 10.52
CA VAL S 104 8.98 -94.10 10.27
C VAL S 104 7.76 -94.73 10.91
N GLY S 105 6.96 -93.95 11.63
CA GLY S 105 5.72 -94.45 12.17
C GLY S 105 5.73 -94.58 13.68
N ALA S 106 4.54 -94.85 14.21
CA ALA S 106 4.33 -94.91 15.65
C ALA S 106 4.84 -96.21 16.25
N ASP S 108 2.83 -98.92 17.05
CA ASP S 108 2.05 -100.08 16.63
C ASP S 108 1.38 -99.89 15.27
N GLU S 109 2.18 -99.53 14.27
CA GLU S 109 1.66 -99.37 12.91
C GLU S 109 2.82 -99.47 11.93
N GLU S 110 2.59 -100.14 10.81
CA GLU S 110 3.61 -100.37 9.81
C GLU S 110 3.69 -99.16 8.87
N LEU S 111 4.37 -99.33 7.74
CA LEU S 111 4.47 -98.23 6.78
C LEU S 111 3.15 -97.96 6.07
N GLU S 112 2.37 -99.01 5.79
CA GLU S 112 1.08 -98.82 5.15
C GLU S 112 0.17 -97.93 5.99
N ASP S 113 0.24 -98.05 7.31
CA ASP S 113 -0.62 -97.24 8.15
C ASP S 113 -0.18 -95.77 8.12
N VAL S 114 1.12 -95.52 7.98
CA VAL S 114 1.58 -94.15 7.78
C VAL S 114 1.10 -93.63 6.44
N ALA S 115 1.13 -94.46 5.39
CA ALA S 115 0.67 -94.02 4.08
C ALA S 115 -0.81 -93.65 4.12
N VAL S 116 -1.63 -94.47 4.76
CA VAL S 116 -3.05 -94.15 4.84
C VAL S 116 -3.31 -93.02 5.83
N ARG S 117 -2.34 -92.73 6.71
CA ARG S 117 -2.50 -91.59 7.59
C ARG S 117 -2.23 -90.29 6.85
N LYS S 118 -1.18 -90.22 6.07
CA LYS S 118 -0.82 -88.99 5.39
C LYS S 118 -1.45 -88.84 4.01
N LEU S 119 -2.24 -89.82 3.58
CA LEU S 119 -3.06 -89.67 2.38
C LEU S 119 -4.52 -89.40 2.72
N ARG S 120 -4.87 -89.39 4.00
CA ARG S 120 -6.23 -89.13 4.46
C ARG S 120 -7.24 -90.01 3.74
N LEU S 121 -6.94 -91.31 3.67
CA LEU S 121 -7.83 -92.25 3.03
C LEU S 121 -8.95 -92.73 3.95
N GLU S 122 -8.77 -92.63 5.26
CA GLU S 122 -9.73 -93.15 6.20
C GLU S 122 -10.44 -92.04 6.93
N PRO S 123 -11.77 -92.00 6.89
CA PRO S 123 -12.49 -90.92 7.54
C PRO S 123 -12.44 -91.09 9.05
N PRO S 124 -12.70 -90.02 9.81
CA PRO S 124 -12.94 -90.19 11.24
C PRO S 124 -14.18 -91.04 11.47
N ALA S 125 -14.06 -92.01 12.36
CA ALA S 125 -15.11 -93.00 12.58
C ALA S 125 -16.35 -92.31 13.13
N LEU S 126 -17.41 -92.26 12.32
CA LEU S 126 -18.67 -91.65 12.71
C LEU S 126 -19.69 -92.65 13.22
N GLN S 127 -19.72 -93.86 12.62
CA GLN S 127 -20.70 -94.86 13.03
C GLN S 127 -20.48 -95.28 14.48
N ALA S 128 -19.21 -95.40 14.88
CA ALA S 128 -18.91 -95.85 16.25
C ALA S 128 -19.34 -94.83 17.29
N SER S 129 -19.06 -93.55 17.05
CA SER S 129 -19.40 -92.50 18.01
C SER S 129 -20.90 -92.27 18.15
N LEU S 130 -21.74 -93.06 17.49
CA LEU S 130 -23.18 -92.98 17.66
C LEU S 130 -23.82 -94.34 17.38
N SER T 15 33.50 -101.25 -27.61
CA SER T 15 34.06 -102.00 -26.49
C SER T 15 34.98 -101.14 -25.65
N GLU T 16 35.13 -101.48 -24.38
CA GLU T 16 36.09 -100.86 -23.46
C GLU T 16 35.85 -99.35 -23.35
N ASP T 17 34.72 -99.02 -22.75
CA ASP T 17 34.39 -97.62 -22.44
C ASP T 17 35.46 -96.96 -21.57
N VAL T 19 35.35 -95.21 -18.59
CA VAL T 19 35.32 -95.37 -17.13
C VAL T 19 35.87 -96.73 -16.73
N GLU T 20 35.67 -97.73 -17.60
CA GLU T 20 36.17 -99.07 -17.35
C GLU T 20 37.68 -99.13 -17.29
N GLN T 21 38.38 -98.06 -17.61
CA GLN T 21 39.84 -98.07 -17.61
C GLN T 21 40.41 -97.42 -16.35
N GLU T 22 39.96 -96.20 -16.02
CA GLU T 22 40.51 -95.50 -14.87
C GLU T 22 40.19 -96.22 -13.58
N PHE T 23 39.07 -96.95 -13.56
CA PHE T 23 38.66 -97.69 -12.36
C PHE T 23 38.75 -99.20 -12.53
N GLY T 24 38.05 -99.76 -13.52
CA GLY T 24 38.14 -101.18 -13.83
C GLY T 24 38.02 -102.13 -12.65
N GLY T 25 39.02 -102.99 -12.49
CA GLY T 25 39.00 -104.02 -11.46
C GLY T 25 39.09 -103.53 -10.05
N ASP T 26 39.28 -102.22 -9.83
CA ASP T 26 39.26 -101.68 -8.49
C ASP T 26 37.88 -101.74 -7.86
N TYR T 27 36.84 -101.95 -8.67
CA TYR T 27 35.49 -102.10 -8.18
C TYR T 27 34.81 -103.23 -8.94
N GLU T 29 31.02 -104.72 -10.66
CA GLU T 29 30.17 -104.18 -11.72
C GLU T 29 29.15 -103.24 -11.10
N ALA T 30 28.86 -103.47 -9.83
CA ALA T 30 27.92 -102.60 -9.11
C ALA T 30 28.40 -101.16 -9.10
N SER T 31 29.63 -100.93 -8.64
CA SER T 31 30.14 -99.56 -8.58
C SER T 31 30.40 -99.01 -9.96
N LEU T 32 30.64 -99.87 -10.96
CA LEU T 32 30.86 -99.37 -12.30
C LEU T 32 29.57 -98.82 -12.89
N GLU T 33 28.46 -99.56 -12.76
CA GLU T 33 27.17 -99.01 -13.17
C GLU T 33 26.77 -97.83 -12.31
N TYR T 34 27.16 -97.84 -11.04
CA TYR T 34 26.98 -96.69 -10.16
C TYR T 34 27.58 -95.44 -10.79
N ILE T 35 28.82 -95.55 -11.28
CA ILE T 35 29.48 -94.39 -11.88
C ILE T 35 28.95 -94.10 -13.28
N ARG T 36 28.44 -95.11 -13.98
CA ARG T 36 28.04 -94.93 -15.37
C ARG T 36 26.75 -94.13 -15.53
N ALA T 37 25.94 -94.01 -14.49
CA ALA T 37 24.64 -93.36 -14.62
C ALA T 37 24.57 -91.99 -13.98
N LEU T 38 25.61 -91.17 -14.11
CA LEU T 38 25.64 -89.87 -13.44
C LEU T 38 26.16 -88.74 -14.31
N GLY T 39 26.48 -88.99 -15.58
CA GLY T 39 26.99 -87.96 -16.45
C GLY T 39 28.16 -88.45 -17.28
N PRO T 40 28.39 -87.82 -18.44
CA PRO T 40 29.34 -88.40 -19.40
C PRO T 40 30.78 -88.50 -18.89
N LYS T 41 31.50 -87.39 -18.75
CA LYS T 41 32.65 -87.40 -17.85
C LYS T 41 32.71 -86.18 -16.95
N LYS T 42 32.99 -85.03 -17.56
CA LYS T 42 33.07 -83.74 -16.88
C LYS T 42 33.04 -82.66 -17.95
N GLY T 43 31.90 -82.03 -18.17
CA GLY T 43 31.78 -81.16 -19.32
C GLY T 43 31.45 -79.72 -19.01
N ALA T 44 30.51 -79.17 -19.78
CA ALA T 44 30.16 -77.76 -19.63
C ALA T 44 29.70 -77.38 -18.23
N PRO T 45 28.85 -78.13 -17.54
CA PRO T 45 28.44 -77.72 -16.18
C PRO T 45 29.59 -77.61 -15.21
N PHE T 46 30.73 -78.23 -15.49
CA PHE T 46 31.87 -78.26 -14.57
C PHE T 46 33.07 -77.51 -15.13
N ALA T 47 32.81 -76.47 -15.93
CA ALA T 47 33.82 -75.52 -16.40
C ALA T 47 34.80 -76.11 -17.40
N GLU T 48 34.58 -77.35 -17.84
CA GLU T 48 35.46 -77.97 -18.81
C GLU T 48 34.93 -77.71 -20.22
N VAL T 49 35.45 -78.44 -21.20
CA VAL T 49 35.03 -78.32 -22.58
C VAL T 49 34.45 -79.65 -23.03
N ASP T 50 33.26 -79.60 -23.62
CA ASP T 50 32.60 -80.82 -24.05
C ASP T 50 33.41 -81.51 -25.14
N PRO T 51 33.31 -82.84 -25.25
CA PRO T 51 33.90 -83.52 -26.41
C PRO T 51 33.24 -83.13 -27.72
N ALA T 52 31.91 -83.02 -27.75
CA ALA T 52 31.24 -82.55 -28.95
C ALA T 52 31.48 -81.07 -29.17
N GLU T 53 31.93 -80.37 -28.13
CA GLU T 53 32.40 -78.99 -28.28
C GLU T 53 33.80 -78.93 -28.86
N GLN T 54 34.70 -79.77 -28.37
CA GLN T 54 36.08 -79.77 -28.85
C GLN T 54 36.18 -80.31 -30.27
N ALA T 55 35.31 -81.27 -30.62
CA ALA T 55 35.35 -81.91 -31.92
C ALA T 55 35.02 -80.96 -33.06
N ALA T 56 34.71 -79.70 -32.79
CA ALA T 56 34.42 -78.74 -33.85
C ALA T 56 35.57 -77.79 -34.11
N ALA T 57 36.49 -77.63 -33.16
CA ALA T 57 37.60 -76.70 -33.31
C ALA T 57 38.67 -77.18 -34.30
N LEU T 58 38.50 -78.35 -34.88
CA LEU T 58 39.56 -78.85 -35.74
C LEU T 58 39.22 -78.64 -37.22
N PRO T 59 40.21 -78.30 -38.03
CA PRO T 59 39.97 -77.95 -39.43
C PRO T 59 39.88 -79.20 -40.28
N PRO T 60 39.56 -79.06 -41.57
CA PRO T 60 39.57 -80.24 -42.44
C PRO T 60 40.97 -80.83 -42.52
N SER T 61 41.02 -82.16 -42.45
CA SER T 61 42.28 -82.88 -42.45
C SER T 61 42.73 -83.14 -43.89
N GLN T 62 43.79 -83.93 -44.05
CA GLN T 62 44.48 -83.99 -45.33
C GLN T 62 43.69 -84.74 -46.40
N ALA T 63 42.75 -85.60 -45.99
CA ALA T 63 41.96 -86.32 -46.99
C ALA T 63 41.14 -85.35 -47.83
N GLU T 64 40.37 -84.49 -47.17
CA GLU T 64 39.54 -83.54 -47.90
C GLU T 64 40.39 -82.53 -48.65
N CYS T 65 41.51 -82.11 -48.07
CA CYS T 65 42.39 -81.14 -48.73
C CYS T 65 43.00 -81.74 -49.99
N GLU T 66 43.41 -83.00 -49.94
CA GLU T 66 43.93 -83.66 -51.13
C GLU T 66 42.85 -83.92 -52.17
N ALA T 67 41.64 -84.28 -51.75
CA ALA T 67 40.54 -84.39 -52.71
C ALA T 67 40.29 -83.05 -53.40
N ALA T 68 40.35 -81.96 -52.62
CA ALA T 68 40.21 -80.63 -53.20
C ALA T 68 41.35 -80.31 -54.16
N LYS T 69 42.57 -80.72 -53.82
CA LYS T 69 43.71 -80.46 -54.70
C LYS T 69 43.58 -81.24 -56.01
N ALA T 70 43.06 -82.47 -55.95
CA ALA T 70 42.85 -83.25 -57.16
C ALA T 70 41.75 -82.63 -58.02
N VAL T 71 40.66 -82.20 -57.38
CA VAL T 71 39.63 -81.46 -58.11
C VAL T 71 40.19 -80.17 -58.67
N LEU T 72 41.19 -79.57 -58.01
CA LEU T 72 41.81 -78.35 -58.53
C LEU T 72 42.64 -78.64 -59.76
N GLU T 73 43.37 -79.74 -59.75
CA GLU T 73 44.04 -80.20 -60.97
C GLU T 73 43.04 -80.38 -62.10
N ASN T 74 41.92 -81.05 -61.81
CA ASN T 74 40.87 -81.20 -62.82
C ASN T 74 40.37 -79.83 -63.30
N TYR T 75 40.22 -78.89 -62.37
CA TYR T 75 39.68 -77.58 -62.71
C TYR T 75 40.61 -76.82 -63.63
N LYS T 76 41.91 -76.82 -63.34
CA LYS T 76 42.85 -76.15 -64.25
C LYS T 76 42.86 -76.84 -65.61
N ARG T 77 42.79 -78.18 -65.62
CA ARG T 77 42.74 -78.90 -66.89
C ARG T 77 41.55 -78.44 -67.73
N ASP T 78 40.35 -78.43 -67.15
CA ASP T 78 39.18 -78.03 -67.92
C ASP T 78 39.14 -76.53 -68.19
N ILE T 79 39.83 -75.72 -67.38
CA ILE T 79 39.87 -74.29 -67.67
C ILE T 79 40.74 -74.02 -68.89
N ASP T 80 41.89 -74.69 -68.99
CA ASP T 80 42.67 -74.58 -70.22
C ASP T 80 41.96 -75.26 -71.39
N ALA T 81 41.17 -76.30 -71.13
CA ALA T 81 40.35 -76.90 -72.17
C ALA T 81 39.35 -75.89 -72.74
N LEU T 82 38.63 -75.19 -71.86
CA LEU T 82 37.79 -74.09 -72.27
C LEU T 82 38.59 -73.02 -73.01
N LYS T 83 39.80 -72.73 -72.55
CA LYS T 83 40.69 -71.83 -73.28
C LYS T 83 40.87 -72.27 -74.72
N THR T 84 40.91 -73.58 -74.96
CA THR T 84 41.05 -74.11 -76.31
C THR T 84 39.74 -74.19 -77.08
N TYR T 85 38.69 -73.51 -76.61
CA TYR T 85 37.40 -73.57 -77.29
C TYR T 85 37.14 -72.33 -78.13
N ARG T 86 36.42 -72.53 -79.23
CA ARG T 86 35.94 -71.46 -80.10
C ARG T 86 34.51 -71.79 -80.49
N PRO T 87 33.64 -70.77 -80.57
CA PRO T 87 32.22 -71.02 -80.82
C PRO T 87 31.97 -71.49 -82.24
N SER T 88 30.89 -72.27 -82.38
CA SER T 88 30.55 -72.91 -83.63
C SER T 88 29.91 -71.90 -84.58
N GLU T 89 29.29 -72.40 -85.65
CA GLU T 89 28.78 -71.54 -86.71
C GLU T 89 27.50 -70.84 -86.28
N GLN T 90 26.45 -71.60 -85.98
CA GLN T 90 25.18 -71.01 -85.61
C GLN T 90 25.19 -70.39 -84.22
N GLU T 91 26.18 -70.73 -83.40
CA GLU T 91 26.25 -70.18 -82.06
C GLU T 91 26.40 -68.67 -82.09
N ARG T 92 27.22 -68.16 -83.01
CA ARG T 92 27.37 -66.72 -83.14
C ARG T 92 26.04 -66.05 -83.46
N ALA T 93 25.28 -66.60 -84.40
CA ALA T 93 24.00 -66.02 -84.78
C ALA T 93 23.01 -66.08 -83.63
N ALA T 94 23.00 -67.20 -82.90
CA ALA T 94 22.07 -67.34 -81.78
C ALA T 94 22.39 -66.33 -80.68
N ILE T 95 23.66 -66.25 -80.27
CA ILE T 95 24.05 -65.30 -79.24
C ILE T 95 23.81 -63.86 -79.71
N ASP T 96 24.00 -63.59 -81.00
CA ASP T 96 23.77 -62.24 -81.48
C ASP T 96 22.28 -61.90 -81.53
N ALA T 97 21.43 -62.90 -81.78
CA ALA T 97 19.99 -62.65 -81.72
C ALA T 97 19.55 -62.37 -80.28
N ARG T 98 20.08 -63.16 -79.33
CA ARG T 98 19.86 -62.84 -77.93
C ARG T 98 20.33 -61.43 -77.61
N ARG T 99 21.49 -61.04 -78.14
CA ARG T 99 22.01 -59.70 -77.91
C ARG T 99 21.10 -58.63 -78.49
N ALA T 100 20.54 -58.89 -79.67
CA ALA T 100 19.63 -57.92 -80.28
C ALA T 100 18.36 -57.75 -79.46
N LEU T 101 17.78 -58.88 -79.01
CA LEU T 101 16.62 -58.80 -78.13
C LEU T 101 16.95 -58.04 -76.85
N ALA T 102 18.16 -58.25 -76.32
CA ALA T 102 18.61 -57.50 -75.15
C ALA T 102 18.83 -56.03 -75.46
N LEU T 103 19.16 -55.69 -76.71
CA LEU T 103 19.30 -54.30 -77.11
C LEU T 103 17.95 -53.61 -77.11
N GLU T 104 16.94 -54.26 -77.70
CA GLU T 104 15.60 -53.73 -77.76
C GLU T 104 14.76 -54.11 -76.55
N ALA T 105 15.40 -54.31 -75.40
CA ALA T 105 14.74 -54.79 -74.19
C ALA T 105 14.52 -53.65 -73.21
N THR T 106 13.40 -53.69 -72.52
CA THR T 106 13.11 -52.88 -71.35
C THR T 106 13.02 -53.78 -70.12
N PRO T 107 13.18 -53.22 -68.91
CA PRO T 107 13.09 -54.06 -67.71
C PRO T 107 11.82 -54.88 -67.61
N GLU T 108 10.66 -54.25 -67.81
CA GLU T 108 9.40 -54.96 -67.69
C GLU T 108 9.31 -56.11 -68.68
N GLU T 109 9.66 -55.87 -69.95
CA GLU T 109 9.51 -56.95 -70.92
C GLU T 109 10.58 -58.02 -70.74
N LEU T 110 11.78 -57.66 -70.29
CA LEU T 110 12.77 -58.71 -70.05
C LEU T 110 12.29 -59.63 -68.93
N THR T 111 11.70 -59.06 -67.89
CA THR T 111 11.08 -59.89 -66.86
C THR T 111 9.93 -60.69 -67.46
N TRP T 112 9.23 -60.10 -68.43
CA TRP T 112 8.15 -60.82 -69.11
C TRP T 112 8.67 -62.09 -69.76
N LEU T 113 9.75 -62.00 -70.52
CA LEU T 113 10.29 -63.21 -71.15
C LEU T 113 10.91 -64.15 -70.12
N LYS T 114 11.44 -63.62 -69.01
CA LYS T 114 11.93 -64.53 -67.97
C LYS T 114 10.80 -65.38 -67.41
N MET T 115 9.67 -64.75 -67.09
CA MET T 115 8.53 -65.50 -66.60
C MET T 115 7.98 -66.43 -67.67
N ARG T 116 8.04 -66.01 -68.94
CA ARG T 116 7.65 -66.88 -70.04
C ARG T 116 8.48 -68.15 -70.05
N GLU T 117 9.80 -68.00 -69.99
CA GLU T 117 10.69 -69.14 -69.86
C GLU T 117 10.28 -70.04 -68.71
N TYR T 118 10.16 -69.48 -67.51
CA TYR T 118 9.89 -70.31 -66.34
C TYR T 118 8.58 -71.08 -66.49
N TYR T 119 7.51 -70.41 -66.93
CA TYR T 119 6.23 -71.10 -67.00
C TYR T 119 6.20 -72.12 -68.13
N ALA T 120 6.83 -71.80 -69.27
CA ALA T 120 6.89 -72.77 -70.36
C ALA T 120 7.62 -74.03 -69.93
N THR T 121 8.76 -73.90 -69.24
CA THR T 121 9.47 -75.11 -68.81
C THR T 121 8.75 -75.76 -67.64
N GLN T 122 7.94 -75.01 -66.91
CA GLN T 122 7.12 -75.61 -65.87
C GLN T 122 6.09 -76.56 -66.47
N ARG T 123 5.42 -76.13 -67.55
CA ARG T 123 4.44 -77.00 -68.18
C ARG T 123 5.07 -78.21 -68.85
N ALA T 124 6.39 -78.24 -68.97
CA ALA T 124 7.08 -79.35 -69.60
C ALA T 124 8.08 -79.99 -68.66
N UNK U 3 13.76 -31.98 -55.98
CA UNK U 3 13.21 -32.02 -54.63
C UNK U 3 13.87 -30.98 -53.76
N UNK U 4 14.28 -31.39 -52.55
CA UNK U 4 14.94 -30.46 -51.63
C UNK U 4 16.25 -29.94 -52.22
N UNK U 5 16.85 -30.71 -53.13
CA UNK U 5 17.99 -30.19 -53.88
C UNK U 5 17.64 -28.92 -54.64
N UNK U 6 16.45 -28.90 -55.26
CA UNK U 6 15.98 -27.69 -55.93
C UNK U 6 15.82 -26.55 -54.94
N UNK U 7 15.27 -26.82 -53.76
CA UNK U 7 15.09 -25.77 -52.76
C UNK U 7 16.43 -25.19 -52.32
N UNK U 8 17.41 -26.05 -52.03
CA UNK U 8 18.70 -25.56 -51.57
C UNK U 8 19.46 -24.82 -52.67
N UNK U 9 19.41 -25.33 -53.90
CA UNK U 9 20.05 -24.62 -55.01
C UNK U 9 19.38 -23.26 -55.23
N UNK U 10 18.06 -23.20 -55.12
CA UNK U 10 17.35 -21.93 -55.28
C UNK U 10 17.72 -20.96 -54.17
N UNK U 11 17.86 -21.46 -52.94
CA UNK U 11 18.23 -20.58 -51.83
C UNK U 11 19.65 -20.07 -51.99
N UNK U 12 20.55 -20.92 -52.49
CA UNK U 12 21.91 -20.47 -52.75
C UNK U 12 21.98 -19.48 -53.91
N UNK U 13 21.06 -19.61 -54.87
CA UNK U 13 21.01 -18.65 -55.96
C UNK U 13 20.42 -17.31 -55.50
N UNK U 14 19.47 -17.37 -54.57
CA UNK U 14 18.92 -16.13 -54.01
C UNK U 14 19.96 -15.42 -53.15
N UNK U 15 20.67 -16.17 -52.31
CA UNK U 15 21.72 -15.55 -51.50
C UNK U 15 22.87 -15.06 -52.37
N UNK U 16 23.39 -15.91 -53.25
CA UNK U 16 24.45 -15.52 -54.17
C UNK U 16 23.88 -15.14 -55.53
N UNK U 31 34.20 -21.42 -54.56
CA UNK U 31 33.38 -22.40 -55.26
C UNK U 31 32.02 -22.56 -54.59
N UNK U 32 31.17 -21.54 -54.73
CA UNK U 32 29.87 -21.53 -54.07
C UNK U 32 28.89 -22.51 -54.71
N UNK U 33 28.70 -22.44 -56.03
CA UNK U 33 27.82 -23.38 -56.70
C UNK U 33 28.38 -24.79 -56.64
N UNK U 34 29.70 -24.91 -56.68
CA UNK U 34 30.32 -26.25 -56.58
C UNK U 34 30.13 -26.84 -55.20
N UNK U 35 30.29 -26.04 -54.15
CA UNK U 35 30.04 -26.54 -52.80
C UNK U 35 28.56 -26.85 -52.60
N UNK U 36 27.69 -26.06 -53.23
CA UNK U 36 26.26 -26.38 -53.20
C UNK U 36 25.99 -27.72 -53.86
N UNK U 37 26.67 -28.01 -54.97
CA UNK U 37 26.51 -29.30 -55.62
C UNK U 37 27.02 -30.43 -54.74
N UNK U 38 28.18 -30.23 -54.10
CA UNK U 38 28.74 -31.25 -53.23
C UNK U 38 27.87 -31.50 -52.00
N UNK U 39 27.13 -30.48 -51.56
CA UNK U 39 26.23 -30.67 -50.42
C UNK U 39 24.89 -31.26 -50.87
N UNK U 40 24.47 -30.97 -52.10
CA UNK U 40 23.24 -31.55 -52.61
C UNK U 40 23.40 -33.00 -53.01
N UNK U 41 24.63 -33.42 -53.33
CA UNK U 41 24.84 -34.84 -53.61
C UNK U 41 24.71 -35.69 -52.36
N UNK U 42 24.97 -35.13 -51.19
CA UNK U 42 24.86 -35.86 -49.94
C UNK U 42 23.65 -35.40 -49.13
N UNK U 44 21.24 -34.16 -47.15
CA UNK U 44 21.62 -32.88 -47.75
C UNK U 44 20.91 -31.73 -47.05
N UNK U 45 19.80 -32.04 -46.38
CA UNK U 45 19.04 -31.04 -45.65
C UNK U 45 19.91 -30.33 -44.60
N UNK U 46 21.05 -30.90 -44.24
CA UNK U 46 21.95 -30.24 -43.31
C UNK U 46 22.44 -28.91 -43.88
N UNK U 47 22.48 -28.79 -45.21
CA UNK U 47 22.82 -27.49 -45.80
C UNK U 47 21.77 -26.44 -45.49
N UNK U 48 20.50 -26.78 -45.69
CA UNK U 48 19.42 -25.85 -45.36
C UNK U 48 19.44 -25.51 -43.87
N UNK U 49 19.67 -26.52 -43.03
CA UNK U 49 19.72 -26.28 -41.58
C UNK U 49 20.88 -25.37 -41.21
N UNK U 50 22.06 -25.57 -41.80
CA UNK U 50 23.20 -24.72 -41.50
C UNK U 50 22.97 -23.30 -41.98
N UNK U 51 22.31 -23.16 -43.14
CA UNK U 51 21.98 -21.81 -43.61
C UNK U 51 21.00 -21.12 -42.66
N UNK U 52 19.99 -21.84 -42.20
CA UNK U 52 19.03 -21.26 -41.24
C UNK U 52 19.73 -20.86 -39.95
N UNK U 53 20.65 -21.71 -39.47
CA UNK U 53 21.39 -21.38 -38.27
C UNK U 53 22.29 -20.17 -38.48
N UNK U 54 22.89 -20.05 -39.67
CA UNK U 54 23.71 -18.87 -39.97
C UNK U 54 22.86 -17.62 -39.98
N UNK U 55 21.65 -17.71 -40.53
CA UNK U 55 20.74 -16.56 -40.53
C UNK U 55 20.39 -16.17 -39.10
N UNK U 56 20.10 -17.16 -38.25
CA UNK U 56 19.75 -16.85 -36.87
C UNK U 56 20.93 -16.23 -36.12
N UNK U 57 22.15 -16.71 -36.41
CA UNK U 57 23.33 -16.12 -35.79
C UNK U 57 23.55 -14.69 -36.26
N UNK U 58 23.38 -14.43 -37.55
CA UNK U 58 23.52 -13.06 -38.05
C UNK U 58 22.46 -12.15 -37.46
N UNK U 59 21.25 -12.67 -37.25
CA UNK U 59 20.19 -11.87 -36.64
C UNK U 59 20.52 -11.55 -35.18
N UNK U 60 20.81 -12.58 -34.39
CA UNK U 60 21.15 -12.35 -32.99
C UNK U 60 22.45 -11.59 -32.83
N UNK U 61 23.22 -11.42 -33.91
CA UNK U 61 24.42 -10.60 -33.85
C UNK U 61 24.08 -9.13 -33.69
N UNK U 62 22.98 -8.68 -34.29
CA UNK U 62 22.60 -7.27 -34.28
C UNK U 62 22.30 -6.80 -32.86
N UNK U 64 23.56 -7.61 -28.39
CA UNK U 64 23.11 -8.86 -27.83
C UNK U 64 24.19 -9.94 -27.93
N UNK U 65 25.45 -9.50 -27.83
CA UNK U 65 26.57 -10.44 -27.93
C UNK U 65 26.58 -11.46 -26.81
N UNK U 66 25.84 -11.22 -25.72
CA UNK U 66 25.85 -12.13 -24.59
C UNK U 66 25.29 -13.49 -24.98
N UNK U 67 24.15 -13.50 -25.69
CA UNK U 67 23.53 -14.77 -26.05
C UNK U 67 24.35 -15.54 -27.06
N UNK U 68 24.92 -14.85 -28.05
CA UNK U 68 25.77 -15.52 -29.02
C UNK U 68 27.01 -16.10 -28.34
N UNK U 69 27.60 -15.35 -27.41
CA UNK U 69 28.76 -15.86 -26.68
C UNK U 69 28.39 -17.07 -25.84
N UNK U 70 27.22 -17.06 -25.22
CA UNK U 70 26.78 -18.19 -24.42
C UNK U 70 26.57 -19.42 -25.30
N UNK U 71 25.96 -19.23 -26.47
CA UNK U 71 25.74 -20.35 -27.38
C UNK U 71 27.07 -20.90 -27.89
N UNK U 72 28.02 -20.02 -28.18
CA UNK U 72 29.35 -20.49 -28.58
C UNK U 72 30.00 -21.29 -27.47
N UNK U 73 29.87 -20.83 -26.23
CA UNK U 73 30.41 -21.59 -25.10
C UNK U 73 29.78 -22.97 -25.00
N UNK U 74 28.45 -23.04 -25.13
CA UNK U 74 27.77 -24.32 -25.02
C UNK U 74 28.16 -25.26 -26.14
N UNK U 75 28.32 -24.72 -27.36
CA UNK U 75 28.71 -25.56 -28.48
C UNK U 75 30.14 -26.06 -28.32
N UNK U 76 31.04 -25.20 -27.84
CA UNK U 76 32.42 -25.63 -27.59
C UNK U 76 32.46 -26.72 -26.53
N UNK U 77 31.69 -26.56 -25.45
CA UNK U 77 31.64 -27.59 -24.42
C UNK U 77 31.10 -28.89 -24.98
N UNK U 78 30.06 -28.82 -25.83
CA UNK U 78 29.51 -30.01 -26.45
C UNK U 78 30.55 -30.71 -27.31
N UNK U 79 31.27 -29.96 -28.12
CA UNK U 79 32.29 -30.54 -28.99
C UNK U 79 33.39 -31.21 -28.17
N UNK U 80 33.87 -30.52 -27.13
CA UNK U 80 34.94 -31.07 -26.30
C UNK U 80 34.48 -32.35 -25.60
N UNK U 81 33.26 -32.36 -25.07
CA UNK U 81 32.76 -33.57 -24.42
C UNK U 81 32.57 -34.70 -25.40
N UNK U 82 32.11 -34.40 -26.62
CA UNK U 82 31.92 -35.44 -27.62
C UNK U 82 33.25 -36.04 -28.05
N UNK U 83 34.27 -35.21 -28.19
CA UNK U 83 35.57 -35.72 -28.61
C UNK U 83 36.27 -36.48 -27.49
N UNK U 84 36.10 -36.03 -26.24
CA UNK U 84 36.76 -36.72 -25.13
C UNK U 84 36.03 -38.01 -24.78
N UNK U 85 34.73 -38.10 -25.09
CA UNK U 85 33.97 -39.30 -24.79
C UNK U 85 34.44 -40.52 -25.58
N UNK U 86 35.41 -40.36 -26.47
CA UNK U 86 35.95 -41.47 -27.24
C UNK U 86 36.63 -42.49 -26.33
N UNK V 29 -79.17 -50.47 -9.44
CA UNK V 29 -80.19 -50.83 -10.42
C UNK V 29 -80.15 -49.88 -11.61
N UNK V 30 -81.19 -49.92 -12.44
CA UNK V 30 -81.29 -49.12 -13.64
C UNK V 30 -82.60 -48.35 -13.65
N UNK V 31 -82.91 -47.75 -14.79
CA UNK V 31 -84.14 -47.02 -14.98
C UNK V 31 -84.72 -47.38 -16.34
N UNK V 32 -85.97 -47.83 -16.35
CA UNK V 32 -86.64 -48.19 -17.59
C UNK V 32 -86.88 -46.94 -18.43
N TYR V 33 -86.86 -47.13 -19.74
CA TYR V 33 -87.04 -46.02 -20.67
C TYR V 33 -88.02 -46.43 -21.75
N UNK V 34 -88.72 -45.45 -22.31
CA UNK V 34 -89.69 -45.68 -23.38
C UNK V 34 -89.71 -44.43 -24.27
N UNK V 35 -89.16 -44.54 -25.48
CA UNK V 35 -89.08 -43.41 -26.39
C UNK V 35 -90.41 -43.29 -27.14
N UNK V 36 -91.39 -42.71 -26.46
CA UNK V 36 -92.70 -42.47 -27.06
C UNK V 36 -92.61 -41.40 -28.14
N UNK V 40 -90.85 -37.10 -27.06
CA UNK V 40 -90.88 -37.32 -25.62
C UNK V 40 -90.48 -38.75 -25.29
N UNK V 41 -89.58 -38.90 -24.32
CA UNK V 41 -89.07 -40.21 -23.91
C UNK V 41 -89.34 -40.40 -22.43
N UNK V 42 -90.43 -41.09 -22.11
CA UNK V 42 -90.78 -41.38 -20.73
C UNK V 42 -89.76 -42.31 -20.09
N UNK V 43 -89.75 -42.33 -18.76
CA UNK V 43 -88.82 -43.17 -18.02
C UNK V 43 -89.50 -43.68 -16.77
N UNK V 44 -88.75 -44.46 -16.00
CA UNK V 44 -89.24 -45.02 -14.75
C UNK V 44 -88.07 -45.42 -13.87
N UNK V 45 -88.17 -45.13 -12.58
CA UNK V 45 -87.12 -45.43 -11.61
C UNK V 45 -87.66 -46.38 -10.55
N UNK V 46 -86.73 -46.93 -9.75
CA UNK V 46 -87.07 -47.89 -8.71
C UNK V 46 -87.92 -47.26 -7.62
N UNK V 60 -87.76 -39.89 -9.09
CA UNK V 60 -89.05 -40.56 -8.89
C UNK V 60 -89.57 -41.17 -10.19
N UNK V 61 -90.20 -40.34 -11.01
CA UNK V 61 -90.73 -40.75 -12.31
C UNK V 61 -90.31 -39.67 -13.31
N UNK V 62 -89.16 -39.84 -13.92
CA UNK V 62 -88.61 -38.83 -14.81
C UNK V 62 -89.41 -38.77 -16.11
N UNK V 63 -89.31 -37.63 -16.78
CA UNK V 63 -89.84 -37.48 -18.14
C UNK V 63 -88.97 -36.43 -18.82
N UNK V 64 -87.93 -36.90 -19.50
CA UNK V 64 -86.98 -36.01 -20.17
C UNK V 64 -87.59 -35.51 -21.47
N UNK V 65 -88.64 -34.71 -21.33
CA UNK V 65 -89.33 -34.14 -22.48
C UNK V 65 -88.36 -33.28 -23.27
N UNK V 66 -88.00 -33.74 -24.47
CA UNK V 66 -87.04 -33.04 -25.31
C UNK V 66 -87.58 -31.69 -25.75
N UNK V 70 -84.87 -29.57 -23.14
CA UNK V 70 -85.68 -29.36 -21.95
C UNK V 70 -85.64 -30.56 -21.02
N VAL V 71 -86.37 -30.48 -19.91
CA VAL V 71 -86.46 -31.58 -18.96
C VAL V 71 -87.67 -31.31 -18.07
N HIS V 72 -88.26 -32.38 -17.55
CA HIS V 72 -89.40 -32.28 -16.63
C HIS V 72 -89.33 -33.47 -15.70
N VAL V 73 -88.72 -33.29 -14.54
CA VAL V 73 -88.54 -34.40 -13.57
C VAL V 73 -89.81 -34.43 -12.73
N PHE V 74 -90.79 -35.19 -13.21
CA PHE V 74 -92.06 -35.31 -12.51
C PHE V 74 -91.87 -36.03 -11.18
N ARG V 75 -92.96 -36.14 -10.42
CA ARG V 75 -92.94 -36.76 -9.10
C ARG V 75 -94.11 -37.72 -8.97
N LYS V 76 -93.90 -38.80 -8.22
CA LYS V 76 -94.97 -39.75 -7.93
C LYS V 76 -94.64 -40.60 -6.70
N UNK V 150 -88.58 -28.32 -8.28
CA UNK V 150 -88.60 -29.15 -7.08
C UNK V 150 -87.23 -29.76 -6.82
N UNK V 151 -86.20 -29.21 -7.47
CA UNK V 151 -84.84 -29.68 -7.28
C UNK V 151 -84.16 -28.87 -6.18
N UNK V 152 -84.78 -28.79 -5.01
CA UNK V 152 -84.29 -27.97 -3.91
C UNK V 152 -83.65 -28.88 -2.87
N UNK V 153 -82.37 -29.19 -3.08
CA UNK V 153 -81.58 -29.97 -2.13
C UNK V 153 -80.13 -29.92 -2.60
N UNK V 154 -79.24 -30.44 -1.76
CA UNK V 154 -77.82 -30.51 -2.07
C UNK V 154 -77.22 -31.61 -1.22
N UNK V 155 -76.29 -32.35 -1.82
CA UNK V 155 -75.70 -33.50 -1.15
C UNK V 155 -74.88 -33.05 0.07
N UNK V 156 -74.56 -34.01 0.91
CA UNK V 156 -73.74 -33.77 2.09
C UNK V 156 -72.82 -34.96 2.33
#